data_8ZB7
#
_entry.id   8ZB7
#
loop_
_entity.id
_entity.type
_entity.pdbx_description
1 polymer Myosin-7
2 polymer 'Actin, alpha cardiac muscle 1'
3 polymer 'Tropomyosin alpha-1 chain'
4 non-polymer "ADENOSINE-5'-DIPHOSPHATE"
#
loop_
_entity_poly.entity_id
_entity_poly.type
_entity_poly.pdbx_seq_one_letter_code
_entity_poly.pdbx_strand_id
1 'polypeptide(L)'
;MAVFGAAAPYLRKSEKERLEAQTRPFDLKKDVFVPDDKQEFVKAKIVSREGGKVTAETEYGKTVTVKEDQVMQQNPPKFD
KIEDMAMLTFLHEPAVLYNLKDRYGSWMIYTYSGLFCVTVNPYKWLPVYTPEVVAAYRGKKRSEAPPHIFSISDNAYQYM
LTDRENQSILITGESGAGKTVNTKRVIQYFAVIAAIGDRSKKDQSPGKGTLEDQIIQANPALEAFGNAKTVRNDNSSRFG
KFIRIHFGATGKLASADIETYLLEKSRVIFQLKAERDYHIFYQILSNKKPELLDMLLITNNPYDYAFISQGETTVASIDD
AEELMATDNAFDVLGFTSEEKNSMYKLTGAIMHFGNMKFKLKQREEQAEPDGTEEADKSAYLMGLNSADLLKGLCHPRVK
VGNEYVTKGQNVQQVIYATGALAKAVYERMFNWMVTRINATLETKQPRQYFIGVLDIAGFEIFDFNSFEQLCINFTNEKL
QQFFNHHMFVLEQEEYKKEGIEWTFIDFGMDLQACIDLIEKPMGIMSILEEECMFPKATDMTFKAKLFDNHLGKSANFQK
PRNIKGKPEAHFSLIHYAGIVDYNIIGWLQKNKDPLNETVVGLYQKSSLKLLSTLFANYAGADAPIEKGKGKAKKGSSFQ
TVSALHRENLNKLMTNLRSTHPHFVRCIIPNETKSPGVMDNPLVMHQLRCNGVLEGIRICRKGFPNRILYGDFRQRYRIL
NPAAIPEGQFIDSRKGAEKLLSSLDIDHNQYKFGHTKVFFKAGLLGLLEEMRDERL
;
M,G,H,I,J,K
2 'polypeptide(L)'
;TTALVCDNGSGLVKAGFAGDDAPRAVFPSIVGRPRHQGVMVGMGQKDSYVGDEAQSKRGILTLKYPIEHGIITNWDDMEK
IWHHTFYNELRVAPEEHPTLLTEAPLNPKANREKMTQIMFETFNVPAMYVAIQAVLSLYASGRTTGIVLDSGDGVTHNVP
IYEGYALPHAIMRLDLAGRDLTDYLMKILTERGYSFVTTAEREIVRDIKEKLCYVALDFENEMATAASSSSLEKSYELPD
GQVITIGNERFRCPETLFQPSFIGMESAGIHETTYNSIMKCDIDIRKDLYANNVLSGGTTMYPGIADRMQKEITALAPST
MKIKIIAPPERKYSVWIGGSILASLSTFQQMWISKQEYDEAGPSIVHRKCF
;
B,C,D,E,F,A
3 'polypeptide(L)'
;SLQKKLKGTEDELDKYSEALKDAQEKLELAEKKATDAEADVASLNRRIQLVEEELDRAQERLATALQKLEEAEKAADESE
RGMKVIESRAQKDEEKMEIQEIQLKEAKHIAEDADRKYEEVARKLVIIESDLERAEERAELSEGKCAELEEELKTVTNNL
KSLEAQ
;
O,P,L,N
#
loop_
_chem_comp.id
_chem_comp.type
_chem_comp.name
_chem_comp.formula
ADP non-polymer ADENOSINE-5'-DIPHOSPHATE 'C10 H15 N5 O10 P2'
#
# COMPACT_ATOMS: atom_id res chain seq x y z
N MET A 1 -48.33 -11.89 91.80
CA MET A 1 -47.44 -10.78 91.50
C MET A 1 -46.18 -10.85 92.36
N ALA A 2 -46.11 -11.86 93.22
CA ALA A 2 -44.92 -12.12 94.02
C ALA A 2 -43.89 -12.99 93.31
N VAL A 3 -44.29 -13.67 92.22
CA VAL A 3 -43.38 -14.54 91.48
C VAL A 3 -42.23 -13.75 90.88
N PHE A 4 -42.37 -12.42 90.79
CA PHE A 4 -41.37 -11.56 90.17
C PHE A 4 -40.40 -10.97 91.19
N GLY A 5 -40.16 -11.69 92.28
CA GLY A 5 -39.14 -11.30 93.26
C GLY A 5 -39.25 -9.84 93.66
N ALA A 6 -38.08 -9.19 93.74
CA ALA A 6 -38.01 -7.78 94.08
C ALA A 6 -38.16 -6.87 92.88
N ALA A 7 -38.01 -7.39 91.67
CA ALA A 7 -38.14 -6.57 90.46
C ALA A 7 -39.58 -6.35 90.04
N ALA A 8 -40.53 -7.02 90.69
CA ALA A 8 -41.93 -6.96 90.30
C ALA A 8 -42.44 -5.55 89.98
N PRO A 9 -42.16 -4.50 90.75
CA PRO A 9 -42.66 -3.17 90.34
C PRO A 9 -42.11 -2.72 88.99
N TYR A 10 -40.79 -2.75 88.82
CA TYR A 10 -40.21 -2.29 87.56
C TYR A 10 -40.65 -3.15 86.39
N LEU A 11 -40.81 -4.46 86.62
CA LEU A 11 -41.23 -5.34 85.54
C LEU A 11 -42.69 -5.10 85.17
N ARG A 12 -43.55 -4.87 86.16
CA ARG A 12 -44.97 -4.58 85.91
C ARG A 12 -45.63 -4.01 87.16
N LYS A 13 -46.33 -2.89 87.02
CA LYS A 13 -47.03 -2.30 88.14
C LYS A 13 -48.28 -3.10 88.49
N SER A 14 -48.67 -3.04 89.76
CA SER A 14 -49.78 -3.82 90.26
C SER A 14 -51.10 -3.35 89.68
N GLU A 15 -52.07 -4.27 89.63
CA GLU A 15 -53.41 -3.93 89.16
C GLU A 15 -54.04 -2.86 90.04
N LYS A 16 -53.77 -2.91 91.34
CA LYS A 16 -54.32 -1.91 92.25
C LYS A 16 -53.84 -0.52 91.86
N GLU A 17 -52.53 -0.36 91.71
CA GLU A 17 -52.00 0.94 91.28
C GLU A 17 -52.47 1.32 89.89
N ARG A 18 -52.64 0.33 89.01
CA ARG A 18 -53.21 0.61 87.69
C ARG A 18 -54.57 1.28 87.83
N LEU A 19 -55.45 0.69 88.64
CA LEU A 19 -56.79 1.25 88.80
C LEU A 19 -56.74 2.60 89.52
N GLU A 20 -55.84 2.75 90.50
CA GLU A 20 -55.74 4.03 91.20
C GLU A 20 -55.23 5.13 90.28
N ALA A 21 -54.49 4.77 89.23
CA ALA A 21 -54.09 5.73 88.21
C ALA A 21 -55.12 5.90 87.11
N GLN A 22 -56.04 4.94 86.96
CA GLN A 22 -57.07 5.07 85.93
C GLN A 22 -57.94 6.29 86.18
N THR A 23 -58.23 6.58 87.44
CA THR A 23 -59.09 7.70 87.79
C THR A 23 -58.35 9.00 87.51
N ARG A 24 -58.62 9.62 86.36
CA ARG A 24 -58.00 10.89 86.02
C ARG A 24 -58.82 11.55 84.92
N PRO A 25 -59.11 12.84 85.03
CA PRO A 25 -59.91 13.50 83.99
C PRO A 25 -59.10 13.71 82.72
N PHE A 26 -59.75 13.46 81.59
CA PHE A 26 -59.13 13.68 80.28
C PHE A 26 -60.24 14.01 79.29
N ASP A 27 -60.15 15.18 78.67
CA ASP A 27 -61.15 15.61 77.69
C ASP A 27 -60.75 15.08 76.32
N LEU A 28 -61.63 14.26 75.74
CA LEU A 28 -61.37 13.64 74.44
C LEU A 28 -61.50 14.62 73.28
N LYS A 29 -61.95 15.85 73.53
CA LYS A 29 -62.21 16.77 72.44
C LYS A 29 -61.13 17.85 72.33
N LYS A 30 -60.66 18.39 73.45
CA LYS A 30 -59.79 19.56 73.42
C LYS A 30 -58.44 19.35 74.10
N ASP A 31 -58.05 18.09 74.33
CA ASP A 31 -56.72 17.76 74.82
C ASP A 31 -55.95 16.90 73.83
N VAL A 32 -56.25 17.05 72.54
CA VAL A 32 -55.70 16.22 71.48
C VAL A 32 -54.23 16.55 71.28
N PHE A 33 -53.51 15.70 70.53
CA PHE A 33 -52.11 15.98 70.25
C PHE A 33 -51.96 17.16 69.30
N VAL A 34 -50.97 17.99 69.58
CA VAL A 34 -50.78 19.26 68.90
C VAL A 34 -49.34 19.42 68.48
N PRO A 35 -49.06 19.84 67.25
CA PRO A 35 -47.67 20.09 66.83
C PRO A 35 -47.03 21.17 67.69
N ASP A 36 -45.71 21.11 67.77
CA ASP A 36 -44.93 21.99 68.64
C ASP A 36 -43.75 22.54 67.87
N ASP A 37 -43.11 23.56 68.46
CA ASP A 37 -41.89 24.16 67.93
C ASP A 37 -40.64 23.59 68.61
N LYS A 38 -40.55 23.72 69.93
CA LYS A 38 -39.37 23.22 70.64
C LYS A 38 -39.27 21.70 70.54
N GLN A 39 -40.41 21.03 70.54
CA GLN A 39 -40.51 19.60 70.27
C GLN A 39 -41.50 19.40 69.12
N GLU A 40 -41.88 18.14 68.89
CA GLU A 40 -42.79 17.86 67.78
C GLU A 40 -44.24 17.96 68.21
N PHE A 41 -44.56 17.44 69.39
CA PHE A 41 -45.92 17.36 69.89
C PHE A 41 -45.84 17.48 71.41
N VAL A 42 -46.67 18.35 71.98
CA VAL A 42 -46.62 18.60 73.40
C VAL A 42 -48.02 18.49 73.98
N LYS A 43 -48.08 18.17 75.26
CA LYS A 43 -49.35 18.05 75.96
C LYS A 43 -49.94 19.44 76.16
N ALA A 44 -51.16 19.65 75.69
CA ALA A 44 -51.78 20.96 75.77
C ALA A 44 -53.30 20.78 75.74
N LYS A 45 -54.00 21.89 75.94
CA LYS A 45 -55.44 21.93 75.88
C LYS A 45 -55.86 23.03 74.91
N ILE A 46 -56.98 22.82 74.21
CA ILE A 46 -57.53 23.81 73.30
C ILE A 46 -58.74 24.46 73.95
N VAL A 47 -58.84 25.79 73.81
CA VAL A 47 -59.99 26.49 74.38
C VAL A 47 -61.22 26.30 73.52
N SER A 48 -61.08 26.39 72.20
CA SER A 48 -62.22 26.24 71.29
C SER A 48 -61.70 26.07 69.87
N ARG A 49 -62.58 25.57 69.00
CA ARG A 49 -62.27 25.39 67.59
C ARG A 49 -62.88 26.57 66.83
N GLU A 50 -62.22 27.73 66.94
CA GLU A 50 -62.69 28.95 66.32
C GLU A 50 -62.22 28.97 64.86
N GLY A 51 -63.03 28.33 64.01
CA GLY A 51 -62.75 28.33 62.58
C GLY A 51 -61.41 27.69 62.29
N GLY A 52 -60.51 28.49 61.70
CA GLY A 52 -59.13 28.11 61.53
C GLY A 52 -58.23 28.50 62.68
N LYS A 53 -58.78 28.98 63.79
CA LYS A 53 -58.02 29.43 64.93
C LYS A 53 -58.32 28.56 66.13
N VAL A 54 -57.27 28.02 66.75
CA VAL A 54 -57.34 27.33 68.02
C VAL A 54 -56.22 27.88 68.89
N THR A 55 -56.28 27.56 70.18
CA THR A 55 -55.27 28.04 71.12
C THR A 55 -54.89 26.90 72.05
N ALA A 56 -53.63 26.46 71.96
CA ALA A 56 -53.14 25.35 72.77
C ALA A 56 -52.50 25.90 74.04
N GLU A 57 -53.06 25.54 75.18
CA GLU A 57 -52.50 25.90 76.48
C GLU A 57 -51.69 24.71 76.98
N THR A 58 -50.37 24.78 76.81
CA THR A 58 -49.48 23.71 77.23
C THR A 58 -49.11 23.86 78.70
N GLU A 59 -48.25 22.97 79.18
CA GLU A 59 -47.74 23.07 80.53
C GLU A 59 -46.77 24.24 80.68
N TYR A 60 -46.03 24.58 79.63
CA TYR A 60 -45.03 25.64 79.69
C TYR A 60 -45.64 27.04 79.72
N GLY A 61 -46.96 27.15 79.63
CA GLY A 61 -47.61 28.46 79.62
C GLY A 61 -47.78 29.07 78.26
N LYS A 62 -47.57 28.31 77.19
CA LYS A 62 -47.67 28.86 75.85
C LYS A 62 -49.08 28.69 75.30
N THR A 63 -49.45 29.58 74.38
CA THR A 63 -50.80 29.68 73.81
C THR A 63 -50.75 29.77 72.30
N VAL A 64 -49.99 28.87 71.65
CA VAL A 64 -49.82 28.94 70.21
C VAL A 64 -51.06 28.41 69.50
N THR A 65 -51.28 28.89 68.28
CA THR A 65 -52.33 28.40 67.39
C THR A 65 -51.74 27.45 66.37
N VAL A 66 -52.43 26.33 66.15
CA VAL A 66 -52.03 25.36 65.12
C VAL A 66 -53.22 25.12 64.20
N LYS A 67 -52.92 24.68 62.99
CA LYS A 67 -53.95 24.58 61.97
C LYS A 67 -54.79 23.33 62.18
N GLU A 68 -56.07 23.42 61.81
CA GLU A 68 -57.02 22.34 62.04
C GLU A 68 -56.69 21.08 61.24
N ASP A 69 -55.70 21.12 60.37
CA ASP A 69 -55.32 19.98 59.56
C ASP A 69 -54.17 19.17 60.15
N GLN A 70 -53.66 19.55 61.32
CA GLN A 70 -52.50 18.87 61.90
C GLN A 70 -52.76 18.49 63.35
N VAL A 71 -54.01 18.27 63.73
CA VAL A 71 -54.37 17.90 65.08
C VAL A 71 -54.96 16.49 65.09
N MET A 72 -54.67 15.76 66.16
CA MET A 72 -55.11 14.38 66.27
C MET A 72 -55.24 14.02 67.74
N GLN A 73 -56.15 13.10 68.02
CA GLN A 73 -56.55 12.81 69.40
C GLN A 73 -55.36 12.29 70.21
N GLN A 74 -55.50 12.37 71.52
CA GLN A 74 -54.54 11.79 72.46
C GLN A 74 -55.08 10.46 72.97
N ASN A 75 -54.17 9.57 73.33
CA ASN A 75 -54.54 8.25 73.80
C ASN A 75 -55.42 8.37 75.04
N PRO A 76 -56.51 7.60 75.13
CA PRO A 76 -57.37 7.68 76.31
C PRO A 76 -56.63 7.19 77.55
N PRO A 77 -57.05 7.63 78.74
CA PRO A 77 -56.37 7.17 79.96
C PRO A 77 -56.58 5.70 80.25
N LYS A 78 -57.77 5.17 79.95
CA LYS A 78 -58.04 3.76 80.18
C LYS A 78 -57.21 2.84 79.30
N PHE A 79 -56.39 3.41 78.41
CA PHE A 79 -55.56 2.61 77.53
C PHE A 79 -54.15 3.19 77.42
N ASP A 80 -53.83 4.23 78.19
CA ASP A 80 -52.44 4.62 78.39
C ASP A 80 -51.68 3.52 79.13
N LYS A 81 -50.35 3.66 79.15
CA LYS A 81 -49.45 2.72 79.80
C LYS A 81 -49.60 1.29 79.27
N ILE A 82 -50.10 1.15 78.05
CA ILE A 82 -50.36 -0.16 77.49
C ILE A 82 -49.05 -0.87 77.18
N GLU A 83 -48.98 -2.16 77.48
CA GLU A 83 -47.75 -2.91 77.25
C GLU A 83 -47.49 -3.08 75.76
N ASP A 84 -48.53 -3.34 74.98
CA ASP A 84 -48.40 -3.60 73.55
C ASP A 84 -48.83 -2.37 72.78
N MET A 85 -47.87 -1.69 72.15
CA MET A 85 -48.18 -0.50 71.38
C MET A 85 -49.17 -0.81 70.27
N ALA A 86 -49.16 -2.05 69.76
CA ALA A 86 -50.06 -2.43 68.69
C ALA A 86 -51.51 -2.41 69.13
N MET A 87 -51.78 -2.59 70.42
CA MET A 87 -53.14 -2.59 70.94
C MET A 87 -53.63 -1.20 71.31
N LEU A 88 -52.85 -0.16 71.05
CA LEU A 88 -53.29 1.19 71.33
C LEU A 88 -54.57 1.51 70.57
N THR A 89 -55.45 2.26 71.22
CA THR A 89 -56.72 2.61 70.58
C THR A 89 -56.52 3.58 69.43
N PHE A 90 -55.48 4.41 69.48
CA PHE A 90 -55.18 5.36 68.42
C PHE A 90 -53.69 5.34 68.14
N LEU A 91 -53.32 4.95 66.93
CA LEU A 91 -51.92 4.74 66.55
C LEU A 91 -51.41 5.96 65.80
N HIS A 92 -50.70 6.82 66.52
CA HIS A 92 -50.09 8.02 65.95
C HIS A 92 -48.58 7.95 66.15
N GLU A 93 -47.87 8.89 65.53
CA GLU A 93 -46.42 8.94 65.73
C GLU A 93 -46.09 9.41 67.13
N PRO A 94 -46.45 10.63 67.57
CA PRO A 94 -46.06 11.06 68.91
C PRO A 94 -46.82 10.34 70.01
N ALA A 95 -47.88 9.61 69.67
CA ALA A 95 -48.61 8.83 70.65
C ALA A 95 -47.69 7.81 71.32
N VAL A 96 -46.99 7.02 70.50
CA VAL A 96 -46.09 6.01 71.04
C VAL A 96 -44.90 6.68 71.72
N LEU A 97 -44.47 7.84 71.22
CA LEU A 97 -43.40 8.57 71.87
C LEU A 97 -43.78 8.90 73.31
N TYR A 98 -44.96 9.47 73.51
CA TYR A 98 -45.36 9.82 74.88
C TYR A 98 -45.66 8.57 75.70
N ASN A 99 -46.14 7.50 75.06
CA ASN A 99 -46.32 6.23 75.77
C ASN A 99 -45.00 5.78 76.39
N LEU A 100 -43.96 5.63 75.57
CA LEU A 100 -42.66 5.23 76.09
C LEU A 100 -42.09 6.28 77.03
N LYS A 101 -42.43 7.55 76.83
CA LYS A 101 -41.95 8.60 77.72
C LYS A 101 -42.47 8.39 79.13
N ASP A 102 -43.79 8.25 79.27
CA ASP A 102 -44.36 7.99 80.59
C ASP A 102 -43.91 6.63 81.13
N ARG A 103 -43.62 5.67 80.25
CA ARG A 103 -43.20 4.37 80.75
C ARG A 103 -41.78 4.41 81.30
N TYR A 104 -40.91 5.22 80.71
CA TYR A 104 -39.56 5.36 81.24
C TYR A 104 -39.50 6.34 82.43
N GLY A 105 -40.42 7.31 82.49
CA GLY A 105 -40.54 8.10 83.69
C GLY A 105 -41.02 7.29 84.88
N SER A 106 -42.04 6.45 84.65
CA SER A 106 -42.50 5.44 85.60
C SER A 106 -41.53 4.27 85.70
N TRP A 107 -40.44 4.30 84.94
CA TRP A 107 -39.35 3.32 85.07
C TRP A 107 -39.82 1.91 84.73
N MET A 108 -40.47 1.77 83.59
CA MET A 108 -40.70 0.47 82.96
C MET A 108 -39.88 0.44 81.68
N ILE A 109 -38.85 -0.39 81.65
CA ILE A 109 -37.91 -0.41 80.54
C ILE A 109 -38.55 -1.05 79.31
N TYR A 110 -38.91 -2.32 79.42
CA TYR A 110 -39.28 -3.11 78.26
C TYR A 110 -40.73 -2.85 77.89
N THR A 111 -41.00 -2.86 76.58
CA THR A 111 -42.35 -2.63 76.08
C THR A 111 -42.56 -3.41 74.80
N TYR A 112 -43.66 -4.15 74.75
CA TYR A 112 -44.04 -4.89 73.54
C TYR A 112 -44.63 -3.92 72.52
N SER A 113 -44.31 -4.15 71.26
CA SER A 113 -44.82 -3.32 70.16
C SER A 113 -45.17 -4.20 68.97
N GLY A 114 -45.91 -5.27 69.24
CA GLY A 114 -46.30 -6.21 68.19
C GLY A 114 -45.30 -7.35 68.05
N LEU A 115 -44.58 -7.38 66.93
CA LEU A 115 -43.55 -8.38 66.71
C LEU A 115 -42.17 -7.91 67.16
N PHE A 116 -42.07 -6.71 67.69
CA PHE A 116 -40.81 -6.16 68.18
C PHE A 116 -40.68 -6.38 69.68
N CYS A 117 -39.52 -5.98 70.21
CA CYS A 117 -39.27 -5.85 71.64
C CYS A 117 -38.40 -4.61 71.83
N VAL A 118 -38.99 -3.55 72.36
CA VAL A 118 -38.31 -2.26 72.47
C VAL A 118 -37.74 -2.14 73.88
N THR A 119 -36.53 -1.60 73.98
CA THR A 119 -35.82 -1.51 75.26
C THR A 119 -35.05 -0.20 75.32
N VAL A 120 -35.50 0.71 76.16
CA VAL A 120 -34.73 1.90 76.48
C VAL A 120 -33.84 1.56 77.67
N ASN A 121 -32.55 1.88 77.54
CA ASN A 121 -31.61 1.46 78.57
C ASN A 121 -31.80 2.29 79.83
N PRO A 122 -31.95 1.65 80.99
CA PRO A 122 -31.85 2.39 82.25
C PRO A 122 -30.39 2.65 82.59
N TYR A 123 -30.15 3.82 83.18
CA TYR A 123 -28.79 4.25 83.47
C TYR A 123 -28.31 3.84 84.86
N LYS A 124 -29.19 3.27 85.69
CA LYS A 124 -28.80 2.82 87.02
C LYS A 124 -29.21 1.35 87.19
N TRP A 125 -28.58 0.70 88.16
CA TRP A 125 -28.82 -0.72 88.39
C TRP A 125 -30.26 -0.96 88.84
N LEU A 126 -30.84 -2.05 88.36
CA LEU A 126 -32.16 -2.50 88.78
C LEU A 126 -32.11 -3.96 89.19
N PRO A 127 -33.01 -4.38 90.08
CA PRO A 127 -33.15 -5.81 90.41
C PRO A 127 -33.75 -6.64 89.28
N VAL A 128 -34.05 -6.04 88.13
CA VAL A 128 -34.65 -6.78 87.03
C VAL A 128 -33.67 -7.75 86.39
N TYR A 129 -32.37 -7.61 86.66
CA TYR A 129 -31.35 -8.49 86.12
C TYR A 129 -30.84 -9.48 87.15
N THR A 130 -31.53 -9.62 88.27
CA THR A 130 -31.15 -10.61 89.27
C THR A 130 -31.55 -12.01 88.79
N PRO A 131 -30.78 -13.04 89.14
CA PRO A 131 -31.06 -14.39 88.62
C PRO A 131 -32.40 -14.96 89.05
N GLU A 132 -33.05 -14.33 90.04
CA GLU A 132 -34.32 -14.88 90.53
C GLU A 132 -35.41 -14.78 89.47
N VAL A 133 -35.53 -13.63 88.80
CA VAL A 133 -36.53 -13.51 87.75
C VAL A 133 -36.17 -14.41 86.57
N VAL A 134 -34.87 -14.58 86.33
CA VAL A 134 -34.42 -15.48 85.27
C VAL A 134 -34.95 -16.89 85.52
N ALA A 135 -34.67 -17.43 86.71
CA ALA A 135 -35.10 -18.79 87.01
C ALA A 135 -36.61 -18.89 87.14
N ALA A 136 -37.26 -17.84 87.65
CA ALA A 136 -38.70 -17.88 87.91
C ALA A 136 -39.54 -17.62 86.68
N TYR A 137 -38.95 -17.11 85.59
CA TYR A 137 -39.73 -16.97 84.38
C TYR A 137 -40.04 -18.32 83.75
N ARG A 138 -39.19 -19.32 83.99
CA ARG A 138 -39.36 -20.62 83.36
C ARG A 138 -40.72 -21.21 83.73
N GLY A 139 -41.60 -21.29 82.74
CA GLY A 139 -42.96 -21.78 82.94
C GLY A 139 -44.05 -20.76 82.67
N LYS A 140 -43.71 -19.53 82.30
CA LYS A 140 -44.68 -18.50 81.98
C LYS A 140 -44.64 -18.19 80.49
N LYS A 141 -45.77 -17.74 79.96
CA LYS A 141 -45.96 -17.59 78.52
C LYS A 141 -45.66 -16.16 78.06
N ARG A 142 -45.47 -16.04 76.74
CA ARG A 142 -45.19 -14.73 76.14
C ARG A 142 -46.42 -13.84 76.13
N SER A 143 -47.59 -14.41 75.83
CA SER A 143 -48.79 -13.60 75.64
C SER A 143 -49.19 -12.88 76.92
N GLU A 144 -48.87 -13.45 78.08
CA GLU A 144 -49.30 -12.90 79.37
C GLU A 144 -48.20 -12.19 80.12
N ALA A 145 -46.98 -12.72 80.13
CA ALA A 145 -45.92 -12.12 80.90
C ALA A 145 -45.58 -10.74 80.37
N PRO A 146 -45.23 -9.80 81.24
CA PRO A 146 -44.92 -8.43 80.79
C PRO A 146 -43.65 -8.42 79.96
N PRO A 147 -43.45 -7.39 79.13
CA PRO A 147 -42.34 -7.42 78.17
C PRO A 147 -40.98 -7.45 78.84
N HIS A 148 -40.07 -8.22 78.24
CA HIS A 148 -38.67 -8.33 78.62
C HIS A 148 -37.99 -9.21 77.58
N ILE A 149 -36.68 -9.02 77.43
CA ILE A 149 -35.95 -9.80 76.44
C ILE A 149 -35.79 -11.26 76.87
N PHE A 150 -35.88 -11.57 78.17
CA PHE A 150 -35.88 -12.96 78.58
C PHE A 150 -37.07 -13.70 77.98
N SER A 151 -38.20 -13.01 77.85
CA SER A 151 -39.38 -13.59 77.23
C SER A 151 -39.07 -14.06 75.81
N ILE A 152 -38.64 -13.13 74.96
CA ILE A 152 -38.38 -13.48 73.56
C ILE A 152 -37.23 -14.47 73.45
N SER A 153 -36.27 -14.43 74.37
CA SER A 153 -35.20 -15.42 74.38
C SER A 153 -35.78 -16.82 74.58
N ASP A 154 -36.63 -16.98 75.59
CA ASP A 154 -37.25 -18.27 75.85
C ASP A 154 -38.17 -18.67 74.70
N ASN A 155 -38.87 -17.71 74.11
CA ASN A 155 -39.76 -18.02 73.01
C ASN A 155 -38.98 -18.52 71.80
N ALA A 156 -37.83 -17.88 71.52
CA ALA A 156 -36.95 -18.37 70.47
C ALA A 156 -36.45 -19.77 70.80
N TYR A 157 -36.06 -20.00 72.05
CA TYR A 157 -35.57 -21.31 72.44
C TYR A 157 -36.61 -22.39 72.19
N GLN A 158 -37.83 -22.18 72.71
CA GLN A 158 -38.86 -23.19 72.57
C GLN A 158 -39.33 -23.31 71.13
N TYR A 159 -39.32 -22.22 70.36
CA TYR A 159 -39.59 -22.31 68.93
C TYR A 159 -38.57 -23.20 68.25
N MET A 160 -37.29 -23.01 68.56
CA MET A 160 -36.26 -23.88 68.04
C MET A 160 -36.56 -25.33 68.39
N LEU A 161 -36.95 -25.58 69.65
CA LEU A 161 -37.10 -26.96 70.10
C LEU A 161 -38.35 -27.60 69.53
N THR A 162 -39.36 -26.81 69.16
CA THR A 162 -40.57 -27.42 68.62
C THR A 162 -40.51 -27.55 67.10
N ASP A 163 -39.93 -26.57 66.41
CA ASP A 163 -39.91 -26.59 64.96
C ASP A 163 -38.64 -27.20 64.39
N ARG A 164 -37.63 -27.46 65.24
CA ARG A 164 -36.36 -28.05 64.80
C ARG A 164 -35.71 -27.18 63.73
N GLU A 165 -35.58 -25.88 64.04
CA GLU A 165 -35.03 -24.91 63.11
C GLU A 165 -34.22 -23.89 63.90
N ASN A 166 -33.48 -23.05 63.16
CA ASN A 166 -32.73 -21.99 63.78
C ASN A 166 -33.60 -20.76 63.97
N GLN A 167 -33.21 -19.91 64.91
CA GLN A 167 -33.89 -18.63 65.14
C GLN A 167 -32.85 -17.53 65.07
N SER A 168 -33.31 -16.30 64.92
CA SER A 168 -32.41 -15.17 64.75
C SER A 168 -32.86 -13.99 65.59
N ILE A 169 -31.94 -13.46 66.38
CA ILE A 169 -32.19 -12.29 67.23
C ILE A 169 -31.50 -11.10 66.59
N LEU A 170 -32.28 -10.07 66.29
CA LEU A 170 -31.78 -8.91 65.56
C LEU A 170 -31.81 -7.69 66.48
N ILE A 171 -30.76 -7.53 67.27
CA ILE A 171 -30.64 -6.40 68.19
C ILE A 171 -30.25 -5.17 67.40
N THR A 172 -31.05 -4.11 67.53
CA THR A 172 -30.97 -2.96 66.65
C THR A 172 -30.85 -1.68 67.46
N GLY A 173 -29.68 -1.06 67.41
CA GLY A 173 -29.45 0.15 68.17
C GLY A 173 -28.08 0.70 67.85
N GLU A 174 -27.76 1.82 68.48
CA GLU A 174 -26.48 2.48 68.28
C GLU A 174 -25.45 1.94 69.26
N SER A 175 -24.21 1.83 68.79
CA SER A 175 -23.13 1.43 69.67
C SER A 175 -22.94 2.47 70.76
N GLY A 176 -22.85 2.00 72.01
CA GLY A 176 -22.84 2.89 73.14
C GLY A 176 -24.20 3.20 73.73
N ALA A 177 -25.27 2.62 73.17
CA ALA A 177 -26.60 2.72 73.76
C ALA A 177 -27.00 1.46 74.51
N GLY A 178 -26.07 0.56 74.79
CA GLY A 178 -26.33 -0.61 75.58
C GLY A 178 -26.38 -1.92 74.83
N LYS A 179 -25.99 -1.95 73.55
CA LYS A 179 -26.10 -3.15 72.76
C LYS A 179 -25.20 -4.26 73.30
N THR A 180 -23.95 -3.92 73.62
CA THR A 180 -23.02 -4.90 74.16
C THR A 180 -23.60 -5.60 75.38
N VAL A 181 -24.05 -4.82 76.36
CA VAL A 181 -24.52 -5.41 77.61
C VAL A 181 -25.86 -6.10 77.41
N ASN A 182 -26.66 -5.64 76.45
CA ASN A 182 -27.90 -6.34 76.14
C ASN A 182 -27.60 -7.75 75.63
N THR A 183 -26.68 -7.85 74.66
CA THR A 183 -26.26 -9.16 74.19
C THR A 183 -25.60 -9.98 75.28
N LYS A 184 -24.90 -9.32 76.20
CA LYS A 184 -24.26 -10.03 77.31
C LYS A 184 -25.32 -10.69 78.19
N ARG A 185 -26.37 -9.95 78.53
CA ARG A 185 -27.42 -10.54 79.35
C ARG A 185 -28.20 -11.60 78.58
N VAL A 186 -28.30 -11.44 77.25
CA VAL A 186 -28.88 -12.50 76.43
C VAL A 186 -28.09 -13.79 76.57
N ILE A 187 -26.77 -13.71 76.41
CA ILE A 187 -25.96 -14.91 76.44
C ILE A 187 -25.93 -15.48 77.86
N GLN A 188 -26.01 -14.63 78.88
CA GLN A 188 -26.16 -15.13 80.23
C GLN A 188 -27.43 -15.94 80.39
N TYR A 189 -28.55 -15.38 79.94
CA TYR A 189 -29.82 -16.11 80.06
C TYR A 189 -29.75 -17.44 79.30
N PHE A 190 -29.09 -17.44 78.14
CA PHE A 190 -29.00 -18.67 77.37
C PHE A 190 -28.14 -19.71 78.09
N ALA A 191 -27.04 -19.28 78.69
CA ALA A 191 -26.25 -20.20 79.51
C ALA A 191 -27.06 -20.71 80.70
N VAL A 192 -27.89 -19.84 81.28
CA VAL A 192 -28.69 -20.21 82.44
C VAL A 192 -29.67 -21.32 82.06
N ILE A 193 -30.42 -21.11 80.98
CA ILE A 193 -31.35 -22.12 80.51
C ILE A 193 -30.63 -23.30 79.87
N ALA A 194 -29.32 -23.18 79.67
CA ALA A 194 -28.48 -24.29 79.22
C ALA A 194 -28.96 -24.89 77.89
N LEU A 211 -19.75 -20.08 77.61
CA LEU A 211 -18.56 -19.58 76.92
C LEU A 211 -18.63 -18.07 76.76
N GLU A 212 -19.52 -17.45 77.54
CA GLU A 212 -19.72 -16.01 77.47
C GLU A 212 -18.44 -15.26 77.84
N ASP A 213 -17.72 -15.76 78.84
CA ASP A 213 -16.47 -15.11 79.25
C ASP A 213 -15.50 -15.01 78.09
N GLN A 214 -15.43 -16.06 77.27
CA GLN A 214 -14.55 -16.04 76.10
C GLN A 214 -15.03 -15.02 75.07
N ILE A 215 -16.35 -14.90 74.89
CA ILE A 215 -16.90 -13.90 73.98
C ILE A 215 -16.45 -12.51 74.40
N ILE A 216 -16.68 -12.16 75.66
CA ILE A 216 -16.32 -10.83 76.13
C ILE A 216 -14.81 -10.64 76.11
N GLN A 217 -14.05 -11.72 76.33
CA GLN A 217 -12.60 -11.62 76.36
C GLN A 217 -12.03 -11.32 74.98
N ALA A 218 -12.56 -11.97 73.95
CA ALA A 218 -12.09 -11.72 72.60
C ALA A 218 -12.76 -10.51 71.95
N ASN A 219 -13.79 -9.95 72.60
CA ASN A 219 -14.46 -8.78 72.04
C ASN A 219 -13.55 -7.57 71.79
N PRO A 220 -12.63 -7.19 72.67
CA PRO A 220 -11.79 -6.01 72.37
C PRO A 220 -11.06 -6.08 71.05
N ALA A 221 -10.75 -7.29 70.57
CA ALA A 221 -10.11 -7.42 69.26
C ALA A 221 -11.02 -6.88 68.16
N LEU A 222 -12.27 -7.34 68.14
CA LEU A 222 -13.22 -6.84 67.14
C LEU A 222 -13.50 -5.36 67.36
N GLU A 223 -13.60 -4.94 68.61
CA GLU A 223 -13.80 -3.52 68.90
C GLU A 223 -12.69 -2.68 68.30
N ALA A 224 -11.47 -3.20 68.30
CA ALA A 224 -10.38 -2.49 67.65
C ALA A 224 -10.54 -2.53 66.14
N PHE A 225 -10.61 -3.73 65.58
CA PHE A 225 -10.45 -3.92 64.14
C PHE A 225 -11.71 -3.64 63.35
N GLY A 226 -12.80 -3.23 64.00
CA GLY A 226 -14.02 -2.97 63.25
C GLY A 226 -14.84 -1.82 63.75
N ASN A 227 -14.24 -0.93 64.54
CA ASN A 227 -14.93 0.24 65.05
C ASN A 227 -14.16 1.50 64.69
N ALA A 228 -14.89 2.55 64.38
CA ALA A 228 -14.28 3.82 64.04
C ALA A 228 -15.21 4.95 64.46
N LYS A 229 -14.64 6.12 64.65
CA LYS A 229 -15.39 7.28 65.11
C LYS A 229 -16.19 7.87 63.96
N THR A 230 -17.51 7.85 64.09
CA THR A 230 -18.39 8.67 63.27
C THR A 230 -18.81 9.90 64.07
N VAL A 231 -19.73 10.68 63.50
CA VAL A 231 -20.16 11.90 64.18
C VAL A 231 -21.17 11.57 65.26
N ARG A 232 -22.12 10.69 64.98
CA ARG A 232 -23.13 10.35 65.97
C ARG A 232 -22.59 9.48 67.09
N ASN A 233 -21.43 8.85 66.88
CA ASN A 233 -20.87 7.96 67.89
C ASN A 233 -19.35 7.91 67.76
N ASP A 234 -18.67 7.79 68.89
CA ASP A 234 -17.21 7.67 68.90
C ASP A 234 -16.73 6.24 68.94
N ASN A 235 -17.62 5.26 69.06
CA ASN A 235 -17.25 3.85 69.01
C ASN A 235 -18.22 3.09 68.14
N SER A 236 -18.49 3.64 66.96
CA SER A 236 -19.44 3.03 66.03
C SER A 236 -18.87 1.77 65.41
N SER A 237 -19.72 0.76 65.27
CA SER A 237 -19.33 -0.47 64.60
C SER A 237 -19.59 -0.34 63.10
N ARG A 238 -18.62 -0.79 62.31
CA ARG A 238 -18.73 -0.75 60.86
C ARG A 238 -19.06 -2.11 60.26
N PHE A 239 -18.52 -3.18 60.81
CA PHE A 239 -18.80 -4.51 60.31
C PHE A 239 -20.05 -5.08 60.96
N GLY A 240 -20.68 -6.01 60.24
CA GLY A 240 -21.86 -6.69 60.75
C GLY A 240 -21.59 -7.89 61.61
N LYS A 241 -21.21 -7.68 62.87
CA LYS A 241 -21.00 -8.78 63.79
C LYS A 241 -22.27 -9.62 63.94
N PHE A 242 -22.07 -10.92 64.14
CA PHE A 242 -23.21 -11.85 64.20
C PHE A 242 -22.72 -13.12 64.87
N ILE A 243 -23.21 -13.40 66.07
CA ILE A 243 -22.78 -14.55 66.85
C ILE A 243 -23.82 -15.65 66.72
N ARG A 244 -23.39 -16.82 66.25
CA ARG A 244 -24.22 -18.01 66.19
C ARG A 244 -24.00 -18.83 67.45
N ILE A 245 -25.07 -19.05 68.21
CA ILE A 245 -25.03 -19.87 69.42
C ILE A 245 -25.64 -21.21 69.08
N HIS A 246 -24.80 -22.21 68.85
CA HIS A 246 -25.31 -23.53 68.53
C HIS A 246 -25.84 -24.23 69.78
N PHE A 247 -26.45 -25.39 69.56
CA PHE A 247 -26.92 -26.24 70.64
C PHE A 247 -26.77 -27.69 70.20
N GLY A 248 -27.21 -28.60 71.07
CA GLY A 248 -27.18 -30.01 70.78
C GLY A 248 -28.55 -30.53 70.40
N ALA A 249 -28.67 -31.86 70.44
CA ALA A 249 -29.97 -32.50 70.27
C ALA A 249 -30.84 -32.30 71.49
N THR A 250 -30.25 -32.36 72.67
CA THR A 250 -30.94 -32.13 73.94
C THR A 250 -31.10 -30.66 74.26
N GLY A 251 -30.94 -29.78 73.27
CA GLY A 251 -31.11 -28.36 73.51
C GLY A 251 -30.18 -27.79 74.54
N LYS A 252 -29.04 -28.43 74.78
CA LYS A 252 -28.08 -27.97 75.77
C LYS A 252 -26.90 -27.29 75.08
N LEU A 253 -26.26 -26.38 75.82
CA LEU A 253 -25.22 -25.54 75.26
C LEU A 253 -24.10 -26.38 74.67
N ALA A 254 -23.84 -26.20 73.37
CA ALA A 254 -22.84 -26.98 72.67
C ALA A 254 -21.61 -26.17 72.30
N SER A 255 -21.79 -25.08 71.54
CA SER A 255 -20.68 -24.25 71.10
C SER A 255 -21.24 -22.96 70.50
N ALA A 256 -20.34 -22.04 70.20
CA ALA A 256 -20.71 -20.73 69.65
C ALA A 256 -19.90 -20.45 68.40
N ASP A 257 -20.55 -19.86 67.39
CA ASP A 257 -19.92 -19.50 66.13
C ASP A 257 -20.13 -18.01 65.88
N ILE A 258 -19.26 -17.44 65.05
CA ILE A 258 -19.28 -16.01 64.77
C ILE A 258 -18.91 -15.79 63.32
N GLU A 259 -19.58 -14.83 62.69
CA GLU A 259 -19.30 -14.46 61.30
C GLU A 259 -19.33 -12.95 61.18
N THR A 260 -18.51 -12.44 60.26
CA THR A 260 -18.46 -11.01 59.98
C THR A 260 -18.99 -10.75 58.58
N TYR A 261 -19.76 -9.67 58.45
CA TYR A 261 -20.40 -9.31 57.20
C TYR A 261 -20.21 -7.83 56.94
N LEU A 262 -20.15 -7.48 55.65
CA LEU A 262 -20.34 -6.10 55.21
C LEU A 262 -19.35 -5.13 55.84
N LEU A 263 -18.16 -5.61 56.19
CA LEU A 263 -17.15 -4.71 56.73
C LEU A 263 -16.77 -3.68 55.68
N GLU A 264 -16.92 -2.40 56.00
CA GLU A 264 -16.67 -1.35 55.03
C GLU A 264 -15.18 -1.17 54.81
N LYS A 265 -14.77 -1.24 53.55
CA LYS A 265 -13.36 -1.08 53.19
C LYS A 265 -12.97 0.36 52.90
N SER A 266 -13.92 1.19 52.46
CA SER A 266 -13.59 2.57 52.11
C SER A 266 -12.98 3.35 53.26
N ARG A 267 -13.26 2.94 54.50
CA ARG A 267 -12.71 3.67 55.65
C ARG A 267 -11.21 3.56 55.69
N VAL A 268 -10.64 2.43 55.27
CA VAL A 268 -9.21 2.23 55.37
C VAL A 268 -8.43 3.23 54.53
N ILE A 269 -9.08 3.89 53.58
CA ILE A 269 -8.42 4.80 52.66
C ILE A 269 -8.98 6.21 52.78
N PHE A 270 -10.28 6.38 52.57
CA PHE A 270 -10.90 7.70 52.58
C PHE A 270 -11.70 7.88 53.85
N GLN A 271 -11.52 9.04 54.51
CA GLN A 271 -12.27 9.43 55.67
C GLN A 271 -12.89 10.80 55.43
N LEU A 272 -14.07 11.01 56.00
CA LEU A 272 -14.79 12.25 55.81
C LEU A 272 -14.09 13.40 56.53
N LYS A 273 -14.73 14.58 56.47
CA LYS A 273 -14.16 15.76 57.12
C LYS A 273 -14.27 15.67 58.63
N ALA A 274 -15.28 14.97 59.15
CA ALA A 274 -15.59 14.99 60.57
C ALA A 274 -15.37 13.65 61.27
N GLU A 275 -14.75 12.67 60.62
CA GLU A 275 -14.64 11.34 61.19
C GLU A 275 -13.23 10.80 61.02
N ARG A 276 -12.93 9.75 61.78
CA ARG A 276 -11.61 9.14 61.79
C ARG A 276 -11.62 7.80 61.07
N ASP A 277 -10.43 7.25 60.92
CA ASP A 277 -10.26 5.88 60.42
C ASP A 277 -10.56 4.92 61.57
N TYR A 278 -10.22 3.65 61.40
CA TYR A 278 -10.42 2.68 62.45
C TYR A 278 -9.54 3.01 63.66
N HIS A 279 -9.93 2.46 64.81
CA HIS A 279 -9.24 2.79 66.06
C HIS A 279 -7.79 2.30 66.07
N ILE A 280 -7.49 1.23 65.34
CA ILE A 280 -6.23 0.53 65.54
C ILE A 280 -5.05 1.42 65.20
N PHE A 281 -5.17 2.17 64.10
CA PHE A 281 -4.06 3.02 63.68
C PHE A 281 -3.71 4.04 64.74
N TYR A 282 -4.72 4.58 65.41
CA TYR A 282 -4.49 5.54 66.47
C TYR A 282 -3.93 4.86 67.72
N GLN A 283 -4.46 3.70 68.06
CA GLN A 283 -3.94 2.96 69.21
C GLN A 283 -2.46 2.62 69.02
N ILE A 284 -2.08 2.21 67.82
CA ILE A 284 -0.66 2.02 67.52
C ILE A 284 0.07 3.34 67.59
N LEU A 285 -0.57 4.42 67.14
CA LEU A 285 0.04 5.74 67.22
C LEU A 285 0.19 6.24 68.64
N SER A 286 -0.43 5.58 69.61
CA SER A 286 -0.15 5.86 71.02
C SER A 286 1.27 5.42 71.33
N ASN A 287 2.11 6.36 71.78
CA ASN A 287 3.51 6.05 71.99
C ASN A 287 3.77 5.17 73.19
N LYS A 288 2.73 4.75 73.92
CA LYS A 288 2.96 3.93 75.11
C LYS A 288 3.67 2.62 74.79
N LYS A 289 3.67 2.19 73.53
CA LYS A 289 4.52 1.11 73.05
C LYS A 289 5.56 1.69 72.10
N PRO A 290 6.67 2.24 72.61
CA PRO A 290 7.70 2.75 71.70
C PRO A 290 8.41 1.66 70.93
N GLU A 291 8.35 0.41 71.38
CA GLU A 291 8.97 -0.67 70.63
C GLU A 291 8.25 -0.88 69.31
N LEU A 292 6.92 -0.75 69.28
CA LEU A 292 6.20 -0.88 68.02
C LEU A 292 6.60 0.21 67.05
N LEU A 293 6.70 1.45 67.53
CA LEU A 293 7.05 2.54 66.64
C LEU A 293 8.48 2.41 66.12
N ASP A 294 9.43 2.07 66.99
CA ASP A 294 10.79 2.00 66.48
C ASP A 294 11.06 0.71 65.71
N MET A 295 10.16 -0.28 65.78
CA MET A 295 10.29 -1.44 64.92
C MET A 295 9.49 -1.31 63.62
N LEU A 296 8.55 -0.37 63.56
CA LEU A 296 7.77 -0.14 62.36
C LEU A 296 8.10 1.16 61.64
N LEU A 297 9.09 1.92 62.11
CA LEU A 297 9.48 3.17 61.48
C LEU A 297 8.34 4.18 61.48
N ILE A 298 7.47 4.08 62.47
CA ILE A 298 6.31 4.96 62.58
C ILE A 298 6.71 6.18 63.39
N THR A 299 6.77 7.33 62.72
CA THR A 299 6.99 8.59 63.42
C THR A 299 5.75 8.96 64.21
N ASN A 300 5.94 9.63 65.35
CA ASN A 300 4.83 9.92 66.25
C ASN A 300 3.76 10.79 65.61
N ASN A 301 4.12 11.58 64.60
CA ASN A 301 3.22 12.60 64.08
C ASN A 301 2.13 11.97 63.22
N PRO A 302 0.86 12.06 63.63
CA PRO A 302 -0.22 11.43 62.83
C PRO A 302 -0.50 12.14 61.52
N TYR A 303 -0.17 13.42 61.40
CA TYR A 303 -0.32 14.12 60.12
C TYR A 303 0.60 13.54 59.06
N ASP A 304 1.55 12.70 59.45
CA ASP A 304 2.57 12.24 58.51
C ASP A 304 1.99 11.31 57.47
N TYR A 305 0.96 10.56 57.83
CA TYR A 305 0.48 9.45 57.01
C TYR A 305 -0.83 9.81 56.32
N ALA A 306 -0.81 9.74 54.98
CA ALA A 306 -1.86 10.36 54.17
C ALA A 306 -3.16 9.57 54.20
N PHE A 307 -3.09 8.24 54.33
CA PHE A 307 -4.32 7.46 54.40
C PHE A 307 -5.18 7.85 55.58
N ILE A 308 -4.58 8.39 56.64
CA ILE A 308 -5.26 8.66 57.89
C ILE A 308 -5.49 10.15 58.11
N SER A 309 -4.49 10.98 57.76
CA SER A 309 -4.51 12.39 58.12
C SER A 309 -5.71 13.15 57.55
N GLN A 310 -6.38 12.62 56.53
CA GLN A 310 -7.52 13.33 55.98
C GLN A 310 -8.74 13.27 56.90
N GLY A 311 -8.81 12.30 57.80
CA GLY A 311 -9.87 12.25 58.79
C GLY A 311 -9.53 13.04 60.03
N GLU A 312 -10.42 12.93 61.02
CA GLU A 312 -10.16 13.57 62.32
C GLU A 312 -8.94 12.92 62.96
N THR A 313 -7.93 13.74 63.24
CA THR A 313 -6.66 13.20 63.72
C THR A 313 -6.83 12.52 65.07
N THR A 314 -7.22 13.29 66.08
CA THR A 314 -7.45 12.74 67.41
C THR A 314 -8.66 13.40 68.04
N VAL A 315 -9.42 12.62 68.80
CA VAL A 315 -10.60 13.10 69.51
C VAL A 315 -10.62 12.53 70.91
N ALA A 316 -11.38 13.18 71.78
CA ALA A 316 -11.55 12.74 73.15
C ALA A 316 -12.51 11.56 73.21
N SER A 317 -12.21 10.51 72.45
CA SER A 317 -13.08 9.36 72.38
C SER A 317 -12.89 8.46 73.59
N ILE A 318 -11.70 7.89 73.74
CA ILE A 318 -11.36 6.98 74.81
C ILE A 318 -9.88 7.15 75.13
N ASP A 319 -9.43 6.47 76.17
CA ASP A 319 -8.00 6.35 76.46
C ASP A 319 -7.40 5.34 75.50
N ASP A 320 -6.92 5.84 74.35
CA ASP A 320 -6.48 4.96 73.28
C ASP A 320 -5.26 4.14 73.67
N ALA A 321 -4.36 4.71 74.47
CA ALA A 321 -3.21 3.95 74.96
C ALA A 321 -3.66 2.76 75.79
N GLU A 322 -4.55 3.02 76.75
CA GLU A 322 -5.08 1.92 77.55
C GLU A 322 -5.80 0.91 76.68
N GLU A 323 -6.48 1.36 75.64
CA GLU A 323 -7.19 0.40 74.79
C GLU A 323 -6.21 -0.46 74.00
N LEU A 324 -5.12 0.14 73.54
CA LEU A 324 -4.02 -0.63 72.97
C LEU A 324 -3.56 -1.71 73.95
N MET A 325 -3.40 -1.33 75.22
CA MET A 325 -2.95 -2.32 76.21
C MET A 325 -3.99 -3.42 76.41
N ALA A 326 -5.27 -3.05 76.48
CA ALA A 326 -6.33 -4.04 76.67
C ALA A 326 -6.37 -5.01 75.50
N THR A 327 -6.17 -4.51 74.29
CA THR A 327 -6.14 -5.38 73.13
C THR A 327 -4.93 -6.29 73.14
N ASP A 328 -3.76 -5.76 73.50
CA ASP A 328 -2.57 -6.61 73.59
C ASP A 328 -2.77 -7.70 74.65
N ASN A 329 -3.41 -7.36 75.76
CA ASN A 329 -3.70 -8.36 76.78
C ASN A 329 -4.63 -9.42 76.26
N ALA A 330 -5.73 -9.00 75.60
CA ALA A 330 -6.65 -9.96 75.01
C ALA A 330 -5.95 -10.84 73.99
N PHE A 331 -4.99 -10.28 73.25
CA PHE A 331 -4.23 -11.06 72.28
C PHE A 331 -3.40 -12.12 72.99
N ASP A 332 -2.57 -11.69 73.95
CA ASP A 332 -1.70 -12.64 74.64
C ASP A 332 -2.50 -13.72 75.35
N VAL A 333 -3.71 -13.40 75.80
CA VAL A 333 -4.53 -14.45 76.41
C VAL A 333 -5.38 -15.19 75.39
N LEU A 334 -5.30 -14.83 74.12
CA LEU A 334 -5.93 -15.63 73.09
C LEU A 334 -4.92 -16.62 72.51
N GLY A 335 -5.44 -17.60 71.76
CA GLY A 335 -4.66 -18.76 71.39
C GLY A 335 -3.40 -18.47 70.60
N PHE A 336 -3.27 -17.26 70.06
CA PHE A 336 -2.21 -17.02 69.09
C PHE A 336 -0.99 -16.38 69.74
N THR A 337 0.16 -16.66 69.13
CA THR A 337 1.45 -16.38 69.73
C THR A 337 1.76 -14.89 69.72
N SER A 338 2.93 -14.53 70.24
CA SER A 338 3.38 -13.15 70.23
C SER A 338 3.91 -12.74 68.87
N GLU A 339 4.59 -13.64 68.16
CA GLU A 339 5.03 -13.35 66.79
C GLU A 339 3.85 -12.96 65.92
N GLU A 340 2.70 -13.58 66.16
CA GLU A 340 1.52 -13.33 65.33
C GLU A 340 0.96 -11.94 65.58
N LYS A 341 0.92 -11.50 66.85
CA LYS A 341 0.56 -10.12 67.14
C LYS A 341 1.59 -9.17 66.51
N ASN A 342 2.86 -9.55 66.55
CA ASN A 342 3.90 -8.73 65.95
C ASN A 342 3.67 -8.56 64.46
N SER A 343 3.33 -9.66 63.78
CA SER A 343 3.05 -9.59 62.35
C SER A 343 1.80 -8.76 62.08
N MET A 344 0.77 -8.90 62.91
CA MET A 344 -0.43 -8.09 62.74
C MET A 344 -0.08 -6.60 62.81
N TYR A 345 0.66 -6.20 63.83
CA TYR A 345 1.02 -4.80 64.00
C TYR A 345 1.85 -4.32 62.82
N LYS A 346 2.82 -5.12 62.40
CA LYS A 346 3.68 -4.68 61.30
C LYS A 346 2.90 -4.59 60.00
N LEU A 347 1.96 -5.52 59.77
CA LEU A 347 1.14 -5.46 58.57
C LEU A 347 0.31 -4.18 58.54
N THR A 348 -0.28 -3.82 59.67
CA THR A 348 -1.02 -2.56 59.74
C THR A 348 -0.11 -1.38 59.47
N GLY A 349 1.11 -1.42 59.98
CA GLY A 349 2.07 -0.37 59.66
C GLY A 349 2.43 -0.31 58.19
N ALA A 350 2.45 -1.45 57.52
CA ALA A 350 2.72 -1.47 56.08
C ALA A 350 1.57 -0.84 55.32
N ILE A 351 0.33 -1.20 55.70
CA ILE A 351 -0.84 -0.52 55.13
C ILE A 351 -0.71 0.98 55.31
N MET A 352 -0.22 1.40 56.47
CA MET A 352 -0.03 2.83 56.71
C MET A 352 1.05 3.41 55.80
N HIS A 353 2.11 2.65 55.56
CA HIS A 353 3.18 3.11 54.68
C HIS A 353 2.79 3.14 53.21
N PHE A 354 1.73 2.44 52.81
CA PHE A 354 1.33 2.51 51.41
C PHE A 354 0.93 3.91 50.97
N GLY A 355 0.36 4.71 51.87
CA GLY A 355 -0.26 5.95 51.46
C GLY A 355 0.70 7.02 50.97
N ASN A 356 1.95 6.99 51.40
CA ASN A 356 2.87 8.08 51.09
C ASN A 356 3.64 7.86 49.80
N MET A 357 3.38 6.77 49.08
CA MET A 357 4.04 6.54 47.80
C MET A 357 3.80 7.68 46.83
N LYS A 358 4.77 7.95 45.98
CA LYS A 358 4.70 9.05 45.04
C LYS A 358 5.04 8.56 43.64
N PHE A 359 4.20 8.91 42.67
CA PHE A 359 4.40 8.49 41.30
C PHE A 359 4.33 9.70 40.37
N LYS A 360 5.11 9.65 39.30
CA LYS A 360 5.13 10.71 38.31
C LYS A 360 4.99 10.09 36.92
N LEU A 361 4.47 10.89 35.99
CA LEU A 361 4.46 10.45 34.61
C LEU A 361 5.89 10.44 34.06
N LYS A 362 6.09 9.69 33.00
CA LYS A 362 7.43 9.54 32.45
C LYS A 362 7.78 10.76 31.61
N GLN A 363 8.88 10.64 30.87
CA GLN A 363 9.46 11.75 30.13
C GLN A 363 8.53 12.27 29.05
N ARG A 364 8.30 11.46 28.02
CA ARG A 364 7.46 11.83 26.90
C ARG A 364 6.48 10.70 26.61
N GLU A 365 5.87 10.17 27.66
CA GLU A 365 4.96 9.05 27.56
C GLU A 365 3.86 9.22 28.59
N GLU A 366 2.97 8.24 28.67
CA GLU A 366 1.88 8.22 29.63
C GLU A 366 2.07 7.19 30.72
N GLN A 367 3.30 6.75 30.95
CA GLN A 367 3.57 5.71 31.93
C GLN A 367 3.95 6.30 33.28
N ALA A 368 3.53 5.62 34.35
CA ALA A 368 3.86 6.01 35.71
C ALA A 368 5.18 5.40 36.13
N GLU A 369 6.00 6.21 36.81
CA GLU A 369 7.26 5.75 37.37
C GLU A 369 7.44 6.38 38.74
N PRO A 370 8.04 5.66 39.68
CA PRO A 370 8.20 6.21 41.03
C PRO A 370 9.39 7.15 41.09
N ASP A 371 9.20 8.27 41.78
CA ASP A 371 10.29 9.19 42.09
C ASP A 371 10.82 8.97 43.49
N GLY A 372 9.93 8.87 44.48
CA GLY A 372 10.34 8.54 45.83
C GLY A 372 10.36 7.03 46.02
N THR A 373 11.46 6.55 46.58
CA THR A 373 11.67 5.11 46.72
C THR A 373 11.86 4.67 48.16
N GLU A 374 11.98 5.59 49.10
CA GLU A 374 12.34 5.24 50.47
C GLU A 374 11.22 4.51 51.18
N GLU A 375 10.01 5.08 51.14
CA GLU A 375 8.86 4.39 51.70
C GLU A 375 8.59 3.09 50.98
N ALA A 376 8.88 3.03 49.68
CA ALA A 376 8.77 1.76 48.95
C ALA A 376 9.72 0.72 49.55
N ASP A 377 10.99 1.10 49.74
CA ASP A 377 11.95 0.19 50.33
C ASP A 377 11.52 -0.28 51.71
N LYS A 378 11.05 0.64 52.55
CA LYS A 378 10.73 0.24 53.92
C LYS A 378 9.46 -0.60 53.95
N SER A 379 8.48 -0.28 53.10
CA SER A 379 7.27 -1.09 53.06
C SER A 379 7.58 -2.49 52.54
N ALA A 380 8.50 -2.61 51.59
CA ALA A 380 8.89 -3.94 51.12
C ALA A 380 9.65 -4.70 52.20
N TYR A 381 10.56 -4.03 52.89
CA TYR A 381 11.30 -4.67 53.97
C TYR A 381 10.37 -5.14 55.07
N LEU A 382 9.25 -4.44 55.26
CA LEU A 382 8.27 -4.90 56.23
C LEU A 382 7.48 -6.08 55.68
N MET A 383 6.95 -5.93 54.46
CA MET A 383 6.02 -6.90 53.90
C MET A 383 6.69 -8.22 53.57
N GLY A 384 8.01 -8.25 53.41
CA GLY A 384 8.68 -9.47 53.01
C GLY A 384 8.77 -9.64 51.52
N LEU A 385 8.83 -8.56 50.76
CA LEU A 385 9.04 -8.58 49.33
C LEU A 385 10.25 -7.74 48.98
N ASN A 386 10.61 -7.74 47.70
CA ASN A 386 11.68 -6.89 47.20
C ASN A 386 11.10 -5.56 46.76
N SER A 387 11.84 -4.48 47.02
CA SER A 387 11.32 -3.15 46.73
C SER A 387 11.25 -2.90 45.23
N ALA A 388 12.34 -3.16 44.51
CA ALA A 388 12.31 -3.01 43.06
C ALA A 388 11.25 -3.90 42.45
N ASP A 389 11.06 -5.10 42.99
CA ASP A 389 10.08 -6.01 42.43
C ASP A 389 8.65 -5.52 42.68
N LEU A 390 8.38 -4.96 43.85
CA LEU A 390 7.05 -4.43 44.11
C LEU A 390 6.78 -3.19 43.26
N LEU A 391 7.79 -2.34 43.09
CA LEU A 391 7.62 -1.17 42.23
C LEU A 391 7.36 -1.58 40.80
N LYS A 392 8.05 -2.62 40.32
CA LYS A 392 7.81 -3.11 38.97
C LYS A 392 6.42 -3.72 38.85
N GLY A 393 5.97 -4.43 39.89
CA GLY A 393 4.64 -5.01 39.85
C GLY A 393 3.53 -3.97 39.92
N LEU A 394 3.82 -2.80 40.47
CA LEU A 394 2.81 -1.75 40.47
C LEU A 394 2.83 -0.95 39.17
N CYS A 395 4.00 -0.66 38.63
CA CYS A 395 4.03 0.15 37.42
C CYS A 395 3.70 -0.66 36.16
N HIS A 396 3.99 -1.97 36.14
CA HIS A 396 3.86 -2.77 34.94
C HIS A 396 3.21 -4.12 35.24
N PRO A 397 1.90 -4.15 35.42
CA PRO A 397 1.23 -5.44 35.61
C PRO A 397 1.38 -6.30 34.37
N ARG A 398 1.36 -7.61 34.58
CA ARG A 398 1.36 -8.56 33.47
C ARG A 398 0.06 -9.34 33.50
N VAL A 399 -0.59 -9.42 32.35
CA VAL A 399 -1.88 -10.08 32.21
C VAL A 399 -1.74 -11.24 31.23
N LYS A 400 -2.64 -12.20 31.34
CA LYS A 400 -2.58 -13.43 30.56
C LYS A 400 -3.50 -13.34 29.35
N VAL A 401 -2.90 -13.42 28.15
CA VAL A 401 -3.64 -13.42 26.90
C VAL A 401 -3.46 -14.79 26.27
N GLY A 402 -4.45 -15.67 26.46
CA GLY A 402 -4.34 -17.01 25.96
C GLY A 402 -3.24 -17.79 26.65
N ASN A 403 -2.14 -18.04 25.94
CA ASN A 403 -1.03 -18.80 26.48
C ASN A 403 0.21 -17.95 26.71
N GLU A 404 0.08 -16.63 26.67
CA GLU A 404 1.21 -15.73 26.84
C GLU A 404 0.88 -14.68 27.88
N TYR A 405 1.91 -13.96 28.32
CA TYR A 405 1.75 -12.83 29.22
C TYR A 405 2.26 -11.57 28.52
N VAL A 406 1.45 -10.52 28.53
CA VAL A 406 1.85 -9.24 28.00
C VAL A 406 1.69 -8.19 29.10
N THR A 407 2.60 -7.21 29.09
CA THR A 407 2.61 -6.19 30.13
C THR A 407 1.60 -5.09 29.84
N LYS A 408 0.84 -4.74 30.86
CA LYS A 408 -0.17 -3.69 30.79
C LYS A 408 0.43 -2.37 31.25
N GLY A 409 -0.04 -1.28 30.64
CA GLY A 409 0.42 0.05 31.00
C GLY A 409 -0.46 0.70 32.05
N GLN A 410 0.14 1.56 32.86
CA GLN A 410 -0.58 2.26 33.92
C GLN A 410 -0.12 3.71 33.97
N ASN A 411 -1.04 4.60 34.35
CA ASN A 411 -0.73 5.98 34.66
C ASN A 411 -0.92 6.18 36.16
N VAL A 412 -0.78 7.44 36.60
CA VAL A 412 -0.76 7.72 38.03
C VAL A 412 -2.09 7.40 38.68
N GLN A 413 -3.19 7.81 38.05
CA GLN A 413 -4.50 7.51 38.63
C GLN A 413 -4.71 6.02 38.77
N GLN A 414 -4.34 5.26 37.74
CA GLN A 414 -4.55 3.81 37.78
C GLN A 414 -3.71 3.16 38.87
N VAL A 415 -2.44 3.55 38.98
CA VAL A 415 -1.60 2.93 40.00
C VAL A 415 -2.05 3.32 41.39
N ILE A 416 -2.61 4.53 41.56
CA ILE A 416 -3.10 4.93 42.87
C ILE A 416 -4.34 4.15 43.24
N TYR A 417 -5.27 3.97 42.29
CA TYR A 417 -6.43 3.14 42.56
C TYR A 417 -6.02 1.72 42.91
N ALA A 418 -5.01 1.20 42.23
CA ALA A 418 -4.54 -0.15 42.52
C ALA A 418 -3.96 -0.23 43.92
N THR A 419 -3.18 0.78 44.32
CA THR A 419 -2.60 0.79 45.66
C THR A 419 -3.69 0.80 46.72
N GLY A 420 -4.69 1.67 46.54
CA GLY A 420 -5.78 1.72 47.48
C GLY A 420 -6.54 0.41 47.58
N ALA A 421 -6.79 -0.23 46.44
CA ALA A 421 -7.51 -1.50 46.45
C ALA A 421 -6.67 -2.58 47.10
N LEU A 422 -5.36 -2.56 46.90
CA LEU A 422 -4.48 -3.53 47.55
C LEU A 422 -4.52 -3.37 49.05
N ALA A 423 -4.44 -2.13 49.54
CA ALA A 423 -4.49 -1.90 50.98
C ALA A 423 -5.82 -2.35 51.57
N LYS A 424 -6.93 -1.94 50.95
CA LYS A 424 -8.23 -2.39 51.44
C LYS A 424 -8.31 -3.91 51.46
N ALA A 425 -7.78 -4.56 50.43
CA ALA A 425 -7.86 -6.00 50.35
C ALA A 425 -7.07 -6.66 51.46
N VAL A 426 -5.82 -6.24 51.66
CA VAL A 426 -4.99 -6.89 52.68
C VAL A 426 -5.56 -6.66 54.06
N TYR A 427 -6.10 -5.46 54.31
CA TYR A 427 -6.72 -5.21 55.61
C TYR A 427 -7.91 -6.13 55.84
N GLU A 428 -8.84 -6.17 54.89
CA GLU A 428 -10.01 -7.01 55.03
C GLU A 428 -9.63 -8.48 55.15
N ARG A 429 -8.58 -8.90 54.45
CA ARG A 429 -8.13 -10.29 54.52
C ARG A 429 -7.62 -10.63 55.91
N MET A 430 -6.72 -9.79 56.44
CA MET A 430 -6.24 -9.98 57.80
C MET A 430 -7.39 -9.99 58.80
N PHE A 431 -8.39 -9.14 58.59
CA PHE A 431 -9.53 -9.11 59.49
C PHE A 431 -10.30 -10.43 59.48
N ASN A 432 -10.64 -10.92 58.29
CA ASN A 432 -11.40 -12.16 58.21
C ASN A 432 -10.61 -13.31 58.82
N TRP A 433 -9.30 -13.34 58.59
CA TRP A 433 -8.50 -14.42 59.14
C TRP A 433 -8.38 -14.31 60.66
N MET A 434 -8.34 -13.09 61.18
CA MET A 434 -8.36 -12.90 62.63
C MET A 434 -9.65 -13.44 63.22
N VAL A 435 -10.76 -13.21 62.54
CA VAL A 435 -12.03 -13.76 63.03
C VAL A 435 -12.00 -15.28 62.99
N THR A 436 -11.39 -15.86 61.95
CA THR A 436 -11.26 -17.31 61.91
C THR A 436 -10.44 -17.83 63.08
N ARG A 437 -9.35 -17.13 63.42
CA ARG A 437 -8.54 -17.52 64.56
C ARG A 437 -9.33 -17.43 65.85
N ILE A 438 -10.10 -16.35 66.01
CA ILE A 438 -10.96 -16.20 67.19
C ILE A 438 -11.91 -17.37 67.31
N ASN A 439 -12.56 -17.73 66.20
CA ASN A 439 -13.51 -18.83 66.25
C ASN A 439 -12.82 -20.15 66.54
N ALA A 440 -11.58 -20.31 66.06
CA ALA A 440 -10.84 -21.53 66.36
C ALA A 440 -10.52 -21.62 67.85
N THR A 441 -10.12 -20.51 68.46
CA THR A 441 -9.91 -20.48 69.90
C THR A 441 -11.20 -20.86 70.63
N LEU A 442 -12.32 -20.26 70.23
CA LEU A 442 -13.60 -20.53 70.90
C LEU A 442 -14.04 -21.98 70.68
N GLU A 443 -13.59 -22.62 69.62
CA GLU A 443 -14.22 -23.85 69.14
C GLU A 443 -14.14 -24.97 70.19
N THR A 444 -15.29 -25.59 70.45
CA THR A 444 -15.39 -26.76 71.30
C THR A 444 -15.86 -27.94 70.47
N LYS A 445 -15.36 -29.13 70.81
CA LYS A 445 -15.61 -30.32 70.00
C LYS A 445 -17.00 -30.90 70.19
N GLN A 446 -17.80 -30.35 71.10
CA GLN A 446 -19.14 -30.86 71.31
C GLN A 446 -19.94 -30.77 70.02
N PRO A 447 -20.77 -31.78 69.72
CA PRO A 447 -21.62 -31.68 68.53
C PRO A 447 -22.51 -30.45 68.57
N ARG A 448 -22.61 -29.78 67.42
CA ARG A 448 -23.33 -28.52 67.31
C ARG A 448 -24.56 -28.73 66.42
N GLN A 449 -25.74 -28.73 67.03
CA GLN A 449 -27.02 -28.79 66.33
C GLN A 449 -27.53 -27.36 66.09
N TYR A 450 -28.82 -27.25 65.78
CA TYR A 450 -29.46 -25.97 65.47
C TYR A 450 -29.00 -24.86 66.39
N PHE A 451 -28.81 -23.67 65.82
CA PHE A 451 -28.30 -22.52 66.54
C PHE A 451 -29.35 -21.42 66.59
N ILE A 452 -29.08 -20.42 67.42
CA ILE A 452 -29.89 -19.21 67.48
C ILE A 452 -28.93 -18.03 67.40
N GLY A 453 -28.92 -17.35 66.27
CA GLY A 453 -27.96 -16.29 66.04
C GLY A 453 -28.45 -14.93 66.52
N VAL A 454 -27.49 -14.11 66.93
CA VAL A 454 -27.74 -12.72 67.31
C VAL A 454 -26.91 -11.82 66.41
N LEU A 455 -27.53 -10.77 65.89
CA LEU A 455 -26.96 -9.97 64.81
C LEU A 455 -26.78 -8.53 65.27
N ASP A 456 -25.59 -7.98 65.02
CA ASP A 456 -25.27 -6.60 65.33
C ASP A 456 -24.87 -5.90 64.03
N ILE A 457 -25.64 -4.88 63.65
CA ILE A 457 -25.50 -4.24 62.35
C ILE A 457 -25.56 -2.74 62.52
N ALA A 458 -25.04 -2.02 61.53
CA ALA A 458 -25.11 -0.57 61.54
C ALA A 458 -26.56 -0.11 61.40
N GLY A 459 -26.79 1.16 61.71
CA GLY A 459 -28.12 1.72 61.73
C GLY A 459 -28.42 2.58 60.49
N PHE A 460 -29.70 2.89 60.34
CA PHE A 460 -30.14 3.66 59.19
C PHE A 460 -29.71 5.11 59.34
N GLU A 461 -28.40 5.34 59.27
CA GLU A 461 -27.86 6.64 59.64
C GLU A 461 -28.27 7.71 58.65
N ILE A 462 -28.68 8.86 59.18
CA ILE A 462 -28.98 10.04 58.40
C ILE A 462 -28.08 11.16 58.88
N PHE A 463 -27.67 12.02 57.97
CA PHE A 463 -26.84 13.16 58.28
C PHE A 463 -27.30 14.32 57.40
N ASP A 464 -26.46 15.33 57.28
CA ASP A 464 -26.66 16.40 56.31
C ASP A 464 -25.69 16.32 55.14
N PHE A 465 -24.71 15.42 55.18
CA PHE A 465 -23.78 15.17 54.10
C PHE A 465 -23.64 13.67 53.86
N ASN A 466 -24.78 13.00 53.71
CA ASN A 466 -24.79 11.59 53.35
C ASN A 466 -23.94 11.37 52.10
N SER A 467 -23.33 10.18 52.03
CA SER A 467 -22.40 9.90 50.95
C SER A 467 -22.57 8.45 50.52
N PHE A 468 -21.58 7.95 49.79
CA PHE A 468 -21.66 6.60 49.23
C PHE A 468 -21.79 5.55 50.32
N GLU A 469 -21.00 5.68 51.38
CA GLU A 469 -21.03 4.70 52.46
C GLU A 469 -22.38 4.69 53.15
N GLN A 470 -22.94 5.88 53.39
CA GLN A 470 -24.26 5.94 54.00
C GLN A 470 -25.32 5.36 53.07
N LEU A 471 -25.14 5.52 51.76
CA LEU A 471 -26.06 4.88 50.83
C LEU A 471 -25.98 3.37 50.94
N CYS A 472 -24.77 2.83 51.06
CA CYS A 472 -24.61 1.39 51.22
C CYS A 472 -25.27 0.91 52.50
N ILE A 473 -25.05 1.64 53.60
CA ILE A 473 -25.64 1.27 54.88
C ILE A 473 -27.16 1.28 54.78
N ASN A 474 -27.73 2.33 54.19
CA ASN A 474 -29.17 2.42 54.08
C ASN A 474 -29.73 1.35 53.16
N PHE A 475 -28.97 0.95 52.13
CA PHE A 475 -29.42 -0.13 51.28
C PHE A 475 -29.50 -1.44 52.06
N THR A 476 -28.49 -1.70 52.89
CA THR A 476 -28.52 -2.88 53.75
C THR A 476 -29.75 -2.84 54.66
N ASN A 477 -29.95 -1.71 55.32
CA ASN A 477 -31.08 -1.60 56.25
C ASN A 477 -32.41 -1.68 55.53
N GLU A 478 -32.45 -1.27 54.26
CA GLU A 478 -33.64 -1.47 53.46
C GLU A 478 -33.92 -2.95 53.25
N LYS A 479 -32.89 -3.72 52.90
CA LYS A 479 -33.11 -5.16 52.75
C LYS A 479 -33.62 -5.76 54.06
N LEU A 480 -33.02 -5.35 55.18
CA LEU A 480 -33.44 -5.89 56.48
C LEU A 480 -34.89 -5.52 56.79
N GLN A 481 -35.26 -4.26 56.60
CA GLN A 481 -36.61 -3.81 56.94
C GLN A 481 -37.64 -4.49 56.04
N GLN A 482 -37.33 -4.65 54.76
CA GLN A 482 -38.24 -5.36 53.87
C GLN A 482 -38.38 -6.82 54.31
N PHE A 483 -37.28 -7.42 54.76
CA PHE A 483 -37.33 -8.79 55.26
C PHE A 483 -38.26 -8.90 56.46
N PHE A 484 -38.09 -8.02 57.44
CA PHE A 484 -38.96 -8.03 58.60
C PHE A 484 -40.41 -7.78 58.21
N ASN A 485 -40.62 -6.87 57.26
CA ASN A 485 -41.98 -6.54 56.85
C ASN A 485 -42.67 -7.75 56.24
N HIS A 486 -41.96 -8.48 55.37
CA HIS A 486 -42.54 -9.70 54.82
C HIS A 486 -42.76 -10.74 55.90
N HIS A 487 -41.83 -10.83 56.85
CA HIS A 487 -41.99 -11.76 57.97
C HIS A 487 -43.28 -11.47 58.73
N MET A 488 -43.49 -10.20 59.11
CA MET A 488 -44.70 -9.81 59.80
C MET A 488 -45.94 -10.02 58.94
N PHE A 489 -45.80 -9.88 57.61
CA PHE A 489 -46.93 -10.18 56.73
C PHE A 489 -47.34 -11.64 56.88
N VAL A 490 -46.37 -12.54 56.81
CA VAL A 490 -46.71 -13.96 56.92
C VAL A 490 -47.23 -14.27 58.32
N LEU A 491 -46.73 -13.57 59.33
CA LEU A 491 -47.25 -13.75 60.69
C LEU A 491 -48.70 -13.31 60.80
N GLU A 492 -49.06 -12.21 60.16
CA GLU A 492 -50.44 -11.76 60.20
C GLU A 492 -51.34 -12.70 59.41
N GLN A 493 -50.83 -13.23 58.29
CA GLN A 493 -51.58 -14.26 57.58
C GLN A 493 -51.76 -15.50 58.45
N GLU A 494 -50.78 -15.81 59.29
CA GLU A 494 -50.92 -16.92 60.23
C GLU A 494 -52.00 -16.64 61.27
N GLU A 495 -51.99 -15.43 61.84
CA GLU A 495 -53.06 -15.05 62.76
C GLU A 495 -54.43 -15.17 62.09
N TYR A 496 -54.54 -14.73 60.85
CA TYR A 496 -55.82 -14.75 60.15
C TYR A 496 -56.26 -16.18 59.83
N LYS A 497 -55.34 -17.02 59.37
CA LYS A 497 -55.71 -18.40 59.07
C LYS A 497 -56.01 -19.19 60.33
N LYS A 498 -55.48 -18.76 61.48
CA LYS A 498 -55.91 -19.33 62.76
C LYS A 498 -57.33 -18.88 63.09
N GLU A 499 -57.58 -17.57 63.03
CA GLU A 499 -58.87 -17.03 63.40
C GLU A 499 -59.96 -17.39 62.39
N GLY A 500 -59.59 -17.99 61.26
CA GLY A 500 -60.58 -18.32 60.27
C GLY A 500 -61.17 -17.13 59.56
N ILE A 501 -60.49 -15.99 59.61
CA ILE A 501 -60.96 -14.76 58.98
C ILE A 501 -59.84 -14.27 58.07
N GLU A 502 -60.02 -14.42 56.76
CA GLU A 502 -58.94 -14.24 55.80
C GLU A 502 -59.34 -13.20 54.76
N TRP A 503 -58.67 -12.06 54.78
CA TRP A 503 -58.95 -10.94 53.88
C TRP A 503 -57.65 -10.21 53.60
N THR A 504 -57.70 -9.28 52.64
CA THR A 504 -56.59 -8.36 52.33
C THR A 504 -55.31 -9.13 51.99
N PHE A 505 -55.37 -9.87 50.89
CA PHE A 505 -54.33 -10.81 50.50
C PHE A 505 -53.13 -10.15 49.82
N ILE A 506 -52.94 -8.84 49.97
CA ILE A 506 -51.76 -8.18 49.43
C ILE A 506 -50.62 -8.28 50.44
N ASP A 507 -49.41 -8.52 49.96
CA ASP A 507 -48.26 -8.60 50.83
C ASP A 507 -47.78 -7.20 51.21
N PHE A 508 -46.93 -7.15 52.23
CA PHE A 508 -46.44 -5.90 52.79
C PHE A 508 -44.99 -5.62 52.44
N GLY A 509 -44.41 -6.35 51.49
CA GLY A 509 -43.01 -6.19 51.17
C GLY A 509 -42.73 -5.37 49.94
N MET A 510 -43.56 -5.53 48.91
CA MET A 510 -43.29 -4.90 47.63
C MET A 510 -43.30 -3.38 47.73
N ASP A 511 -44.15 -2.83 48.62
CA ASP A 511 -44.21 -1.39 48.80
C ASP A 511 -42.86 -0.82 49.20
N LEU A 512 -42.00 -1.64 49.79
CA LEU A 512 -40.63 -1.25 50.07
C LEU A 512 -39.64 -1.73 49.01
N GLN A 513 -39.90 -2.89 48.41
CA GLN A 513 -39.02 -3.39 47.35
C GLN A 513 -38.92 -2.38 46.21
N ALA A 514 -39.99 -1.63 45.96
CA ALA A 514 -39.95 -0.61 44.91
C ALA A 514 -38.79 0.36 45.12
N CYS A 515 -38.40 0.60 46.37
CA CYS A 515 -37.22 1.44 46.60
C CYS A 515 -35.93 0.67 46.43
N ILE A 516 -35.93 -0.64 46.69
CA ILE A 516 -34.73 -1.44 46.47
C ILE A 516 -34.38 -1.46 44.99
N ASP A 517 -35.40 -1.60 44.13
CA ASP A 517 -35.18 -1.67 42.69
C ASP A 517 -34.48 -0.44 42.14
N LEU A 518 -34.34 0.62 42.93
CA LEU A 518 -33.66 1.83 42.53
C LEU A 518 -32.19 1.83 42.91
N ILE A 519 -31.70 0.74 43.51
CA ILE A 519 -30.30 0.63 43.88
C ILE A 519 -29.64 -0.55 43.19
N GLU A 520 -30.23 -1.74 43.30
CA GLU A 520 -29.59 -2.94 42.81
C GLU A 520 -29.90 -3.24 41.36
N LYS A 521 -31.11 -2.95 40.89
CA LYS A 521 -31.54 -3.41 39.59
C LYS A 521 -30.72 -2.76 38.49
N PRO A 522 -30.61 -3.41 37.34
CA PRO A 522 -29.90 -2.81 36.21
C PRO A 522 -30.53 -1.48 35.82
N MET A 523 -29.66 -0.52 35.47
CA MET A 523 -29.99 0.88 35.29
C MET A 523 -30.35 1.57 36.59
N GLY A 524 -30.25 0.88 37.73
CA GLY A 524 -30.35 1.51 39.02
C GLY A 524 -29.09 2.27 39.36
N ILE A 525 -29.07 2.83 40.56
CA ILE A 525 -27.99 3.75 40.93
C ILE A 525 -26.66 3.02 40.96
N MET A 526 -26.62 1.82 41.52
CA MET A 526 -25.36 1.10 41.59
C MET A 526 -24.87 0.67 40.21
N SER A 527 -25.78 0.24 39.34
CA SER A 527 -25.36 -0.14 38.00
C SER A 527 -24.86 1.05 37.21
N ILE A 528 -25.52 2.19 37.36
CA ILE A 528 -25.06 3.41 36.69
C ILE A 528 -23.70 3.81 37.22
N LEU A 529 -23.47 3.65 38.52
CA LEU A 529 -22.18 4.01 39.08
C LEU A 529 -21.08 3.10 38.56
N GLU A 530 -21.35 1.79 38.49
CA GLU A 530 -20.37 0.86 37.94
C GLU A 530 -20.05 1.20 36.49
N GLU A 531 -21.09 1.39 35.68
CA GLU A 531 -20.87 1.77 34.29
C GLU A 531 -20.06 3.04 34.19
N GLU A 532 -20.33 4.01 35.07
CA GLU A 532 -19.64 5.29 34.97
C GLU A 532 -18.18 5.17 35.37
N CYS A 533 -17.86 4.35 36.36
CA CYS A 533 -16.45 4.17 36.66
C CYS A 533 -15.77 3.23 35.69
N MET A 534 -16.53 2.59 34.79
CA MET A 534 -15.93 1.86 33.68
C MET A 534 -15.71 2.73 32.45
N PHE A 535 -16.56 3.72 32.21
CA PHE A 535 -16.47 4.55 31.02
C PHE A 535 -15.17 5.36 31.00
N PRO A 536 -14.70 5.76 29.81
CA PRO A 536 -13.40 6.45 29.72
C PRO A 536 -13.21 7.73 30.53
N LYS A 537 -13.98 8.78 30.27
CA LYS A 537 -13.69 10.09 30.84
C LYS A 537 -14.82 10.56 31.74
N ALA A 538 -15.38 9.66 32.54
CA ALA A 538 -16.57 10.00 33.30
C ALA A 538 -16.22 10.95 34.44
N THR A 539 -17.19 11.80 34.80
CA THR A 539 -17.04 12.80 35.84
C THR A 539 -18.31 12.78 36.68
N ASP A 540 -18.27 13.47 37.81
CA ASP A 540 -19.41 13.48 38.72
C ASP A 540 -20.62 14.17 38.08
N MET A 541 -20.38 15.23 37.31
CA MET A 541 -21.51 15.88 36.65
C MET A 541 -22.16 14.96 35.63
N THR A 542 -21.36 14.18 34.91
CA THR A 542 -21.91 13.21 33.98
C THR A 542 -22.67 12.10 34.70
N PHE A 543 -22.14 11.65 35.83
CA PHE A 543 -22.85 10.69 36.66
C PHE A 543 -24.22 11.23 37.06
N LYS A 544 -24.26 12.47 37.54
CA LYS A 544 -25.52 13.08 37.93
C LYS A 544 -26.47 13.19 36.74
N ALA A 545 -25.95 13.61 35.59
CA ALA A 545 -26.78 13.74 34.40
C ALA A 545 -27.38 12.40 34.00
N LYS A 546 -26.61 11.33 34.10
CA LYS A 546 -27.14 10.01 33.73
C LYS A 546 -28.18 9.56 34.73
N LEU A 547 -27.93 9.76 36.03
CA LEU A 547 -28.94 9.45 37.03
C LEU A 547 -30.26 10.13 36.70
N PHE A 548 -30.19 11.44 36.42
CA PHE A 548 -31.42 12.19 36.16
C PHE A 548 -32.07 11.73 34.86
N ASP A 549 -31.30 11.66 33.78
CA ASP A 549 -31.84 11.26 32.49
C ASP A 549 -32.51 9.90 32.56
N ASN A 550 -32.04 9.03 33.44
CA ASN A 550 -32.53 7.67 33.43
C ASN A 550 -33.55 7.39 34.54
N HIS A 551 -33.72 8.30 35.50
CA HIS A 551 -34.70 8.02 36.55
C HIS A 551 -35.72 9.12 36.79
N LEU A 552 -35.35 10.37 36.56
CA LEU A 552 -36.17 11.50 36.99
C LEU A 552 -37.56 11.43 36.38
N GLY A 553 -38.57 11.33 37.24
CA GLY A 553 -39.94 11.30 36.77
C GLY A 553 -40.37 9.92 36.31
N LYS A 554 -39.51 9.24 35.57
CA LYS A 554 -39.81 7.90 35.10
C LYS A 554 -39.87 6.91 36.26
N SER A 555 -39.28 7.24 37.39
CA SER A 555 -39.32 6.44 38.61
C SER A 555 -40.39 6.99 39.54
N ALA A 556 -40.51 6.37 40.72
CA ALA A 556 -41.48 6.82 41.70
C ALA A 556 -40.86 7.44 42.95
N ASN A 557 -39.70 6.92 43.40
CA ASN A 557 -39.07 7.40 44.62
C ASN A 557 -37.92 8.35 44.36
N PHE A 558 -37.24 8.23 43.22
CA PHE A 558 -36.16 9.15 42.90
C PHE A 558 -36.74 10.52 42.60
N GLN A 559 -36.12 11.55 43.13
CA GLN A 559 -36.65 12.90 42.95
C GLN A 559 -35.57 13.93 43.29
N LYS A 560 -35.90 15.19 43.01
CA LYS A 560 -34.97 16.29 43.17
C LYS A 560 -34.46 16.38 44.61
N PRO A 561 -33.35 17.07 44.83
CA PRO A 561 -32.91 17.35 46.20
C PRO A 561 -33.72 18.50 46.78
N ARG A 562 -33.41 18.83 48.03
CA ARG A 562 -34.01 19.96 48.71
C ARG A 562 -32.94 20.74 49.44
N ASN A 563 -33.03 22.07 49.37
CA ASN A 563 -32.09 22.96 50.04
C ASN A 563 -32.84 23.64 51.18
N ILE A 564 -32.54 23.25 52.41
CA ILE A 564 -33.21 23.76 53.59
C ILE A 564 -32.17 24.35 54.54
N LYS A 565 -32.52 25.48 55.16
CA LYS A 565 -31.71 26.15 56.18
C LYS A 565 -30.25 26.29 55.76
N GLY A 566 -30.01 26.39 54.46
CA GLY A 566 -28.65 26.53 53.96
C GLY A 566 -27.78 25.32 54.22
N LYS A 567 -28.33 24.12 54.02
CA LYS A 567 -27.55 22.90 54.14
C LYS A 567 -26.36 22.93 53.19
N PRO A 568 -25.34 22.08 53.42
CA PRO A 568 -24.14 22.14 52.58
C PRO A 568 -24.42 21.97 51.10
N GLU A 569 -24.99 20.82 50.70
CA GLU A 569 -25.21 20.51 49.30
C GLU A 569 -25.95 19.19 49.21
N ALA A 570 -26.69 19.02 48.12
CA ALA A 570 -27.33 17.75 47.81
C ALA A 570 -27.57 17.70 46.32
N HIS A 571 -27.29 16.54 45.72
CA HIS A 571 -27.42 16.38 44.28
C HIS A 571 -28.67 15.62 43.87
N PHE A 572 -29.13 14.68 44.69
CA PHE A 572 -30.41 14.05 44.44
C PHE A 572 -30.93 13.52 45.76
N SER A 573 -32.20 13.14 45.78
CA SER A 573 -32.83 12.63 46.98
C SER A 573 -33.61 11.37 46.67
N LEU A 574 -33.37 10.34 47.46
CA LEU A 574 -34.19 9.15 47.50
C LEU A 574 -35.11 9.24 48.71
N ILE A 575 -36.18 8.45 48.68
CA ILE A 575 -37.03 8.26 49.84
C ILE A 575 -36.89 6.82 50.28
N HIS A 576 -36.74 6.62 51.57
CA HIS A 576 -36.68 5.29 52.16
C HIS A 576 -37.84 5.12 53.13
N TYR A 577 -37.85 4.02 53.86
CA TYR A 577 -38.82 3.86 54.93
C TYR A 577 -38.56 4.88 56.04
N ALA A 578 -37.30 5.25 56.27
CA ALA A 578 -36.93 6.13 57.36
C ALA A 578 -36.92 7.59 56.97
N GLY A 579 -37.51 7.95 55.84
CA GLY A 579 -37.66 9.33 55.45
C GLY A 579 -36.95 9.63 54.15
N ILE A 580 -37.08 10.89 53.72
CA ILE A 580 -36.41 11.38 52.54
C ILE A 580 -34.96 11.67 52.88
N VAL A 581 -34.04 11.07 52.13
CA VAL A 581 -32.60 11.26 52.35
C VAL A 581 -32.01 11.91 51.13
N ASP A 582 -31.22 12.96 51.33
CA ASP A 582 -30.53 13.64 50.25
C ASP A 582 -29.08 13.20 50.25
N TYR A 583 -28.61 12.72 49.10
CA TYR A 583 -27.28 12.16 48.96
C TYR A 583 -26.42 13.08 48.11
N ASN A 584 -25.11 13.01 48.34
CA ASN A 584 -24.15 13.82 47.62
C ASN A 584 -23.33 12.94 46.68
N ILE A 585 -23.03 13.46 45.49
CA ILE A 585 -22.37 12.67 44.46
C ILE A 585 -20.85 12.74 44.60
N ILE A 586 -20.32 13.90 44.93
CA ILE A 586 -18.89 14.20 44.80
C ILE A 586 -18.02 13.11 45.42
N GLY A 587 -17.19 12.47 44.60
CA GLY A 587 -16.23 11.48 45.05
C GLY A 587 -16.61 10.03 44.82
N TRP A 588 -17.83 9.76 44.39
CA TRP A 588 -18.30 8.38 44.31
C TRP A 588 -17.51 7.58 43.28
N LEU A 589 -17.31 8.14 42.08
CA LEU A 589 -16.52 7.44 41.07
C LEU A 589 -15.15 7.07 41.59
N GLN A 590 -14.43 8.04 42.15
CA GLN A 590 -13.09 7.76 42.62
C GLN A 590 -13.07 6.76 43.77
N LYS A 591 -14.11 6.76 44.61
CA LYS A 591 -14.06 5.89 45.78
C LYS A 591 -14.64 4.51 45.53
N ASN A 592 -15.34 4.31 44.42
CA ASN A 592 -15.94 3.00 44.16
C ASN A 592 -14.98 2.04 43.45
N LYS A 593 -13.91 2.55 42.86
CA LYS A 593 -13.00 1.70 42.09
C LYS A 593 -12.24 0.75 43.00
N ASP A 594 -12.15 -0.52 42.59
CA ASP A 594 -11.45 -1.54 43.36
C ASP A 594 -10.64 -2.43 42.41
N PRO A 595 -9.69 -1.85 41.66
CA PRO A 595 -8.87 -2.67 40.77
C PRO A 595 -7.74 -3.35 41.52
N LEU A 596 -7.89 -4.65 41.73
CA LEU A 596 -6.86 -5.42 42.42
C LEU A 596 -5.75 -5.82 41.46
N ASN A 597 -4.51 -5.72 41.92
CA ASN A 597 -3.34 -5.92 41.08
C ASN A 597 -2.85 -7.36 41.25
N GLU A 598 -2.99 -8.15 40.19
CA GLU A 598 -2.76 -9.59 40.27
C GLU A 598 -1.29 -9.92 40.44
N THR A 599 -0.40 -9.15 39.83
CA THR A 599 1.02 -9.43 39.98
C THR A 599 1.46 -9.22 41.41
N VAL A 600 1.02 -8.11 42.03
CA VAL A 600 1.39 -7.86 43.41
C VAL A 600 0.70 -8.87 44.33
N VAL A 601 -0.48 -9.34 43.97
CA VAL A 601 -1.11 -10.40 44.77
C VAL A 601 -0.26 -11.68 44.71
N GLY A 602 0.28 -11.99 43.54
CA GLY A 602 1.19 -13.12 43.46
C GLY A 602 2.45 -12.91 44.28
N LEU A 603 2.99 -11.68 44.26
CA LEU A 603 4.09 -11.35 45.15
C LEU A 603 3.75 -11.63 46.59
N TYR A 604 2.54 -11.25 47.03
CA TYR A 604 2.14 -11.55 48.40
C TYR A 604 2.06 -13.05 48.64
N GLN A 605 1.54 -13.79 47.67
CA GLN A 605 1.53 -15.25 47.79
C GLN A 605 2.93 -15.79 47.96
N LYS A 606 3.94 -15.11 47.43
CA LYS A 606 5.33 -15.54 47.52
C LYS A 606 6.11 -14.80 48.60
N SER A 607 5.42 -14.34 49.65
CA SER A 607 6.07 -13.56 50.70
C SER A 607 6.87 -14.47 51.63
N SER A 608 7.53 -13.84 52.61
CA SER A 608 8.27 -14.54 53.65
C SER A 608 7.65 -14.30 55.02
N LEU A 609 6.32 -14.23 55.08
CA LEU A 609 5.60 -13.83 56.29
C LEU A 609 4.36 -14.70 56.49
N LYS A 610 3.47 -14.25 57.36
CA LYS A 610 2.11 -14.80 57.41
C LYS A 610 1.24 -14.27 56.28
N LEU A 611 1.66 -13.19 55.63
CA LEU A 611 0.90 -12.59 54.54
C LEU A 611 0.51 -13.60 53.48
N LEU A 612 1.37 -14.58 53.24
CA LEU A 612 1.10 -15.58 52.22
C LEU A 612 -0.10 -16.44 52.57
N SER A 613 -0.50 -16.49 53.85
CA SER A 613 -1.72 -17.19 54.19
C SER A 613 -2.94 -16.32 53.89
N THR A 614 -2.89 -15.05 54.25
CA THR A 614 -4.03 -14.18 53.99
C THR A 614 -4.31 -14.06 52.51
N LEU A 615 -3.26 -13.93 51.70
CA LEU A 615 -3.41 -13.83 50.25
C LEU A 615 -3.18 -15.17 49.58
N PHE A 616 -3.64 -16.26 50.22
CA PHE A 616 -3.29 -17.61 49.78
C PHE A 616 -3.50 -17.80 48.29
N ALA A 617 -4.65 -17.38 47.78
CA ALA A 617 -4.94 -17.45 46.35
C ALA A 617 -6.11 -16.51 46.10
N ASN A 618 -5.88 -15.41 45.40
CA ASN A 618 -6.96 -14.52 45.07
C ASN A 618 -6.66 -13.79 43.78
N TYR A 619 -7.72 -13.31 43.14
CA TYR A 619 -7.62 -12.65 41.85
C TYR A 619 -8.00 -11.18 41.98
N GLY A 629 -13.79 -20.22 30.03
CA GLY A 629 -13.60 -21.65 29.95
C GLY A 629 -14.70 -22.41 30.66
N LYS A 630 -15.40 -23.27 29.92
CA LYS A 630 -16.51 -24.08 30.42
C LYS A 630 -17.63 -23.23 30.98
N GLY A 631 -17.54 -21.91 30.82
CA GLY A 631 -18.50 -21.01 31.41
C GLY A 631 -17.89 -20.38 32.65
N LYS A 632 -17.35 -19.18 32.51
CA LYS A 632 -16.63 -18.55 33.59
C LYS A 632 -17.19 -17.15 33.85
N ALA A 633 -17.57 -16.93 35.09
CA ALA A 633 -18.02 -15.62 35.56
C ALA A 633 -16.88 -14.79 36.11
N LYS A 634 -15.64 -15.06 35.68
CA LYS A 634 -14.49 -14.37 36.22
C LYS A 634 -14.51 -12.93 35.73
N LYS A 635 -15.03 -12.03 36.56
CA LYS A 635 -14.90 -10.61 36.24
C LYS A 635 -13.45 -10.21 36.38
N GLY A 636 -13.01 -9.32 35.51
CA GLY A 636 -11.62 -8.95 35.48
C GLY A 636 -11.17 -8.31 36.77
N SER A 637 -9.88 -8.01 36.82
CA SER A 637 -9.35 -7.29 37.97
C SER A 637 -9.78 -5.83 37.94
N SER A 638 -9.93 -5.27 36.75
CA SER A 638 -10.32 -3.88 36.63
C SER A 638 -11.81 -3.67 36.77
N PHE A 639 -12.62 -4.66 36.41
CA PHE A 639 -14.08 -4.52 36.49
C PHE A 639 -14.58 -4.89 37.88
N GLN A 640 -13.98 -4.27 38.88
CA GLN A 640 -14.30 -4.54 40.27
C GLN A 640 -14.80 -3.27 40.92
N THR A 641 -15.91 -3.36 41.65
CA THR A 641 -16.48 -2.20 42.30
C THR A 641 -16.97 -2.56 43.69
N VAL A 642 -16.66 -1.67 44.64
CA VAL A 642 -17.08 -1.83 46.02
C VAL A 642 -18.58 -2.08 46.09
N SER A 643 -19.34 -1.39 45.26
CA SER A 643 -20.79 -1.57 45.26
C SER A 643 -21.17 -2.98 44.84
N ALA A 644 -20.45 -3.55 43.88
CA ALA A 644 -20.79 -4.90 43.42
C ALA A 644 -20.43 -5.94 44.47
N LEU A 645 -19.24 -5.83 45.05
CA LEU A 645 -18.87 -6.74 46.14
C LEU A 645 -19.86 -6.63 47.28
N HIS A 646 -20.32 -5.41 47.57
CA HIS A 646 -21.28 -5.20 48.65
C HIS A 646 -22.61 -5.84 48.33
N ARG A 647 -23.07 -5.72 47.08
CA ARG A 647 -24.33 -6.36 46.71
C ARG A 647 -24.23 -7.87 46.84
N GLU A 648 -23.09 -8.45 46.45
CA GLU A 648 -22.90 -9.89 46.61
C GLU A 648 -22.95 -10.30 48.08
N ASN A 649 -22.23 -9.57 48.93
CA ASN A 649 -22.20 -9.90 50.35
C ASN A 649 -23.58 -9.78 50.97
N LEU A 650 -24.32 -8.73 50.60
CA LEU A 650 -25.68 -8.58 51.12
C LEU A 650 -26.56 -9.72 50.66
N ASN A 651 -26.39 -10.16 49.42
CA ASN A 651 -27.17 -11.29 48.94
C ASN A 651 -26.92 -12.51 49.81
N LYS A 652 -25.65 -12.80 50.10
CA LYS A 652 -25.37 -14.02 50.87
C LYS A 652 -25.77 -13.89 52.33
N LEU A 653 -25.71 -12.68 52.90
CA LEU A 653 -26.23 -12.48 54.24
C LEU A 653 -27.73 -12.72 54.29
N MET A 654 -28.46 -12.21 53.30
CA MET A 654 -29.89 -12.51 53.23
C MET A 654 -30.13 -14.00 53.09
N THR A 655 -29.31 -14.69 52.30
CA THR A 655 -29.48 -16.13 52.18
C THR A 655 -29.20 -16.85 53.48
N ASN A 656 -28.33 -16.33 54.33
CA ASN A 656 -28.13 -16.96 55.63
C ASN A 656 -29.26 -16.66 56.60
N LEU A 657 -29.83 -15.46 56.54
CA LEU A 657 -30.90 -15.13 57.48
C LEU A 657 -32.25 -15.74 57.10
N ARG A 658 -32.56 -15.80 55.81
CA ARG A 658 -33.89 -16.17 55.37
C ARG A 658 -34.23 -17.63 55.64
N SER A 659 -33.28 -18.40 56.16
CA SER A 659 -33.53 -19.79 56.53
C SER A 659 -33.88 -19.96 58.00
N THR A 660 -33.88 -18.86 58.78
CA THR A 660 -34.13 -18.93 60.21
C THR A 660 -35.32 -18.05 60.57
N HIS A 661 -36.13 -18.52 61.52
CA HIS A 661 -37.25 -17.73 62.00
C HIS A 661 -36.74 -16.57 62.85
N PRO A 662 -37.01 -15.33 62.48
CA PRO A 662 -36.31 -14.20 63.09
C PRO A 662 -37.04 -13.59 64.27
N HIS A 663 -36.26 -12.88 65.09
CA HIS A 663 -36.80 -12.10 66.19
C HIS A 663 -36.01 -10.80 66.29
N PHE A 664 -36.69 -9.74 66.74
CA PHE A 664 -36.20 -8.38 66.60
C PHE A 664 -36.18 -7.66 67.94
N VAL A 665 -35.08 -6.96 68.19
CA VAL A 665 -34.87 -6.23 69.44
C VAL A 665 -34.48 -4.80 69.10
N ARG A 666 -35.20 -3.84 69.68
CA ARG A 666 -35.01 -2.43 69.37
C ARG A 666 -34.50 -1.70 70.60
N CYS A 667 -33.34 -1.06 70.48
CA CYS A 667 -32.72 -0.34 71.58
C CYS A 667 -32.75 1.16 71.29
N ILE A 668 -33.25 1.94 72.25
CA ILE A 668 -33.37 3.38 72.11
C ILE A 668 -32.61 4.05 73.24
N ILE A 669 -31.83 5.07 72.90
CA ILE A 669 -31.26 5.94 73.92
C ILE A 669 -32.31 6.96 74.35
N PRO A 670 -32.50 7.18 75.65
CA PRO A 670 -33.55 8.13 76.07
C PRO A 670 -33.10 9.57 75.92
N ASN A 671 -31.83 9.83 76.17
CA ASN A 671 -31.28 11.16 76.06
C ASN A 671 -29.78 11.08 75.83
N GLU A 672 -29.24 12.11 75.19
CA GLU A 672 -27.81 12.13 74.91
C GLU A 672 -26.99 12.29 76.18
N THR A 673 -27.55 12.95 77.18
CA THR A 673 -26.86 13.10 78.45
C THR A 673 -27.02 11.82 79.26
N LYS A 674 -26.03 11.54 80.11
CA LYS A 674 -26.09 10.35 80.93
C LYS A 674 -27.09 10.50 82.08
N SER A 675 -27.69 11.66 82.24
CA SER A 675 -28.72 11.87 83.24
C SER A 675 -29.99 11.12 82.85
N PRO A 676 -30.48 10.20 83.68
CA PRO A 676 -31.71 9.48 83.35
C PRO A 676 -32.96 10.35 83.48
N GLY A 677 -34.11 9.75 83.25
CA GLY A 677 -35.39 10.43 83.44
C GLY A 677 -35.72 11.44 82.37
N VAL A 678 -34.90 12.49 82.27
CA VAL A 678 -35.11 13.50 81.25
C VAL A 678 -34.66 12.95 79.90
N MET A 679 -35.44 13.22 78.86
CA MET A 679 -35.22 12.62 77.56
C MET A 679 -35.03 13.71 76.52
N ASP A 680 -35.07 13.33 75.25
CA ASP A 680 -35.01 14.27 74.14
C ASP A 680 -35.97 13.74 73.07
N ASN A 681 -37.13 14.39 72.95
CA ASN A 681 -38.12 13.98 71.94
C ASN A 681 -37.57 13.93 70.52
N PRO A 682 -36.74 14.85 70.04
CA PRO A 682 -36.20 14.68 68.70
C PRO A 682 -35.37 13.42 68.55
N LEU A 683 -34.56 13.08 69.56
CA LEU A 683 -33.79 11.85 69.48
C LEU A 683 -34.68 10.63 69.51
N VAL A 684 -35.77 10.69 70.29
CA VAL A 684 -36.70 9.56 70.29
C VAL A 684 -37.34 9.38 68.92
N MET A 685 -37.82 10.48 68.32
CA MET A 685 -38.41 10.37 66.98
C MET A 685 -37.40 9.85 65.98
N HIS A 686 -36.17 10.33 66.06
CA HIS A 686 -35.14 9.88 65.14
C HIS A 686 -34.93 8.39 65.24
N GLN A 687 -34.83 7.87 66.47
CA GLN A 687 -34.65 6.44 66.64
C GLN A 687 -35.86 5.67 66.13
N LEU A 688 -37.06 6.17 66.39
CA LEU A 688 -38.26 5.46 65.96
C LEU A 688 -38.33 5.36 64.43
N ARG A 689 -38.10 6.48 63.75
CA ARG A 689 -38.13 6.48 62.29
C ARG A 689 -37.03 5.61 61.72
N CYS A 690 -35.78 5.86 62.12
CA CYS A 690 -34.67 5.10 61.57
C CYS A 690 -34.71 3.63 61.95
N ASN A 691 -35.51 3.27 62.96
CA ASN A 691 -35.58 1.89 63.39
C ASN A 691 -36.70 1.13 62.72
N GLY A 692 -37.80 1.80 62.40
CA GLY A 692 -38.89 1.12 61.71
C GLY A 692 -39.99 0.61 62.60
N VAL A 693 -39.98 0.96 63.89
CA VAL A 693 -41.14 0.70 64.73
C VAL A 693 -42.35 1.43 64.17
N LEU A 694 -42.15 2.66 63.70
CA LEU A 694 -43.23 3.41 63.08
C LEU A 694 -43.71 2.72 61.82
N GLU A 695 -42.80 2.11 61.06
CA GLU A 695 -43.23 1.38 59.87
C GLU A 695 -44.01 0.13 60.26
N GLY A 696 -43.63 -0.53 61.34
CA GLY A 696 -44.41 -1.66 61.82
C GLY A 696 -45.83 -1.26 62.19
N ILE A 697 -45.95 -0.20 63.00
CA ILE A 697 -47.30 0.25 63.38
C ILE A 697 -48.06 0.72 62.17
N ARG A 698 -47.36 1.21 61.15
CA ARG A 698 -48.05 1.67 59.95
C ARG A 698 -48.56 0.49 59.13
N ILE A 699 -47.78 -0.58 59.02
CA ILE A 699 -48.29 -1.79 58.39
C ILE A 699 -49.50 -2.31 59.15
N CYS A 700 -49.48 -2.20 60.48
CA CYS A 700 -50.66 -2.57 61.25
C CYS A 700 -51.85 -1.68 60.94
N ARG A 701 -51.60 -0.38 60.75
CA ARG A 701 -52.68 0.60 60.63
C ARG A 701 -53.56 0.39 59.40
N LYS A 702 -53.17 -0.53 58.51
CA LYS A 702 -54.01 -0.79 57.34
C LYS A 702 -55.03 -1.89 57.58
N GLY A 703 -54.84 -2.73 58.60
CA GLY A 703 -55.80 -3.76 58.92
C GLY A 703 -56.68 -3.38 60.10
N PHE A 704 -56.84 -4.29 61.05
CA PHE A 704 -57.53 -3.99 62.31
C PHE A 704 -56.55 -4.23 63.45
N PRO A 705 -55.95 -3.19 63.99
CA PRO A 705 -54.92 -3.39 65.02
C PRO A 705 -55.50 -3.64 66.40
N ASN A 706 -56.67 -3.06 66.69
CA ASN A 706 -57.35 -3.29 67.96
C ASN A 706 -58.14 -4.59 67.85
N ARG A 707 -57.68 -5.61 68.55
CA ARG A 707 -58.20 -6.97 68.42
C ARG A 707 -58.49 -7.52 69.80
N ILE A 708 -59.77 -7.65 70.14
CA ILE A 708 -60.20 -8.05 71.47
C ILE A 708 -61.26 -9.12 71.37
N LEU A 709 -61.28 -10.02 72.35
CA LEU A 709 -62.22 -11.12 72.41
C LEU A 709 -63.63 -10.61 72.71
N TYR A 710 -64.58 -11.54 72.79
CA TYR A 710 -65.97 -11.19 73.02
C TYR A 710 -66.32 -11.07 74.50
N GLY A 711 -65.69 -11.86 75.36
CA GLY A 711 -66.08 -11.87 76.76
C GLY A 711 -65.80 -10.56 77.47
N ASP A 712 -64.56 -10.09 77.38
CA ASP A 712 -64.22 -8.81 77.99
C ASP A 712 -64.93 -7.67 77.29
N PHE A 713 -65.14 -7.81 75.97
CA PHE A 713 -65.97 -6.86 75.24
C PHE A 713 -67.34 -6.71 75.88
N ARG A 714 -67.98 -7.83 76.20
CA ARG A 714 -69.27 -7.79 76.89
C ARG A 714 -69.11 -7.14 78.26
N GLN A 715 -68.20 -7.67 79.09
CA GLN A 715 -68.05 -7.17 80.46
C GLN A 715 -67.75 -5.68 80.51
N ARG A 716 -67.25 -5.10 79.41
CA ARG A 716 -66.95 -3.67 79.41
C ARG A 716 -67.96 -2.81 78.66
N TYR A 717 -68.80 -3.41 77.79
CA TYR A 717 -69.71 -2.59 76.98
C TYR A 717 -71.14 -3.11 77.01
N ARG A 718 -71.49 -3.95 77.97
CA ARG A 718 -72.85 -4.48 78.03
C ARG A 718 -73.84 -3.50 78.64
N ILE A 719 -73.36 -2.56 79.47
CA ILE A 719 -74.26 -1.61 80.10
C ILE A 719 -74.83 -0.62 79.09
N LEU A 720 -74.22 -0.52 77.91
CA LEU A 720 -74.79 0.29 76.84
C LEU A 720 -76.15 -0.26 76.41
N ASN A 721 -76.25 -1.58 76.28
CA ASN A 721 -77.51 -2.25 75.96
C ASN A 721 -77.59 -3.50 76.82
N PRO A 722 -77.94 -3.35 78.10
CA PRO A 722 -77.90 -4.51 79.01
C PRO A 722 -79.02 -5.49 78.72
N ALA A 723 -78.67 -6.78 78.76
CA ALA A 723 -79.63 -7.85 78.52
C ALA A 723 -79.91 -8.63 79.80
N SER A 733 -73.58 -15.92 71.63
CA SER A 733 -72.83 -14.71 71.94
C SER A 733 -72.77 -13.80 70.73
N ARG A 734 -73.09 -14.36 69.56
CA ARG A 734 -73.10 -13.56 68.35
C ARG A 734 -74.38 -12.74 68.24
N LYS A 735 -75.50 -13.28 68.76
CA LYS A 735 -76.77 -12.57 68.60
C LYS A 735 -76.84 -11.34 69.50
N GLY A 736 -76.43 -11.46 70.76
CA GLY A 736 -76.43 -10.29 71.64
C GLY A 736 -75.39 -9.26 71.25
N ALA A 737 -74.19 -9.72 70.88
CA ALA A 737 -73.17 -8.82 70.36
C ALA A 737 -73.67 -8.09 69.13
N GLU A 738 -74.33 -8.81 68.21
CA GLU A 738 -74.81 -8.18 66.99
C GLU A 738 -75.93 -7.19 67.28
N LYS A 739 -76.82 -7.52 68.22
CA LYS A 739 -77.87 -6.59 68.61
C LYS A 739 -77.28 -5.31 69.16
N LEU A 740 -76.28 -5.44 70.04
CA LEU A 740 -75.62 -4.26 70.60
C LEU A 740 -74.92 -3.46 69.50
N LEU A 741 -74.29 -4.14 68.55
CA LEU A 741 -73.57 -3.43 67.50
C LEU A 741 -74.52 -2.69 66.58
N SER A 742 -75.62 -3.33 66.19
CA SER A 742 -76.61 -2.63 65.37
C SER A 742 -77.23 -1.48 66.13
N SER A 743 -77.39 -1.61 67.46
CA SER A 743 -77.88 -0.53 68.29
C SER A 743 -76.77 0.40 68.78
N LEU A 744 -75.55 0.27 68.26
CA LEU A 744 -74.48 1.22 68.49
C LEU A 744 -74.09 1.99 67.23
N ASP A 745 -74.84 1.83 66.15
CA ASP A 745 -74.61 2.58 64.90
C ASP A 745 -73.19 2.38 64.39
N ILE A 746 -72.76 1.13 64.31
CA ILE A 746 -71.46 0.78 63.76
C ILE A 746 -71.64 0.28 62.34
N ASP A 747 -70.82 0.78 61.43
CA ASP A 747 -70.91 0.35 60.04
C ASP A 747 -70.26 -1.04 59.88
N HIS A 748 -70.60 -1.69 58.77
CA HIS A 748 -70.11 -3.05 58.55
C HIS A 748 -68.61 -3.08 58.33
N ASN A 749 -68.12 -2.28 57.37
CA ASN A 749 -66.72 -2.30 57.00
C ASN A 749 -65.80 -1.82 58.11
N GLN A 750 -66.33 -1.21 59.16
CA GLN A 750 -65.50 -0.67 60.22
C GLN A 750 -65.07 -1.73 61.23
N TYR A 751 -65.82 -2.82 61.36
CA TYR A 751 -65.47 -3.91 62.26
C TYR A 751 -65.49 -5.21 61.49
N LYS A 752 -64.66 -6.15 61.91
CA LYS A 752 -64.60 -7.48 61.30
C LYS A 752 -64.98 -8.50 62.35
N PHE A 753 -66.04 -9.26 62.08
CA PHE A 753 -66.60 -10.19 63.06
C PHE A 753 -65.81 -11.49 63.05
N GLY A 754 -65.14 -11.78 64.17
CA GLY A 754 -64.39 -13.01 64.34
C GLY A 754 -65.13 -13.99 65.25
N HIS A 755 -64.57 -15.19 65.33
CA HIS A 755 -65.23 -16.26 66.09
C HIS A 755 -64.69 -16.41 67.50
N THR A 756 -63.52 -15.85 67.81
CA THR A 756 -63.08 -15.71 69.19
C THR A 756 -62.88 -14.25 69.57
N LYS A 757 -62.42 -13.42 68.63
CA LYS A 757 -62.26 -11.99 68.84
C LYS A 757 -62.88 -11.24 67.68
N VAL A 758 -63.56 -10.14 67.98
CA VAL A 758 -64.17 -9.28 66.97
C VAL A 758 -63.32 -8.02 66.83
N PHE A 759 -62.94 -7.70 65.59
CA PHE A 759 -61.88 -6.74 65.32
C PHE A 759 -62.44 -5.34 65.09
N PHE A 760 -61.83 -4.36 65.76
CA PHE A 760 -62.27 -2.96 65.69
C PHE A 760 -61.10 -2.04 65.40
N LYS A 761 -61.42 -0.85 64.92
CA LYS A 761 -60.42 0.15 64.57
C LYS A 761 -60.40 1.29 65.60
N ALA A 762 -59.54 2.27 65.32
CA ALA A 762 -59.35 3.41 66.21
C ALA A 762 -60.65 4.18 66.42
N GLY A 763 -61.34 4.50 65.33
CA GLY A 763 -62.59 5.24 65.45
C GLY A 763 -63.65 4.47 66.22
N LEU A 764 -63.71 3.16 66.02
CA LEU A 764 -64.67 2.34 66.74
C LEU A 764 -64.37 2.34 68.24
N LEU A 765 -63.09 2.19 68.60
CA LEU A 765 -62.73 2.27 70.02
C LEU A 765 -63.08 3.64 70.60
N GLY A 766 -62.81 4.71 69.87
CA GLY A 766 -63.14 6.04 70.38
C GLY A 766 -64.63 6.22 70.59
N LEU A 767 -65.43 5.77 69.62
CA LEU A 767 -66.88 5.94 69.73
C LEU A 767 -67.46 5.09 70.85
N LEU A 768 -66.98 3.85 70.99
CA LEU A 768 -67.46 3.02 72.10
C LEU A 768 -67.05 3.60 73.45
N GLU A 769 -65.84 4.15 73.54
CA GLU A 769 -65.40 4.86 74.74
C GLU A 769 -66.33 6.01 75.06
N GLU A 770 -66.68 6.81 74.03
CA GLU A 770 -67.52 7.97 74.27
C GLU A 770 -68.91 7.58 74.73
N MET A 771 -69.50 6.55 74.10
CA MET A 771 -70.84 6.16 74.49
C MET A 771 -70.86 5.48 75.86
N ARG A 772 -69.78 4.78 76.23
CA ARG A 772 -69.66 4.35 77.63
C ARG A 772 -69.60 5.54 78.57
N ASP A 773 -68.80 6.56 78.23
CA ASP A 773 -68.65 7.70 79.10
C ASP A 773 -69.99 8.41 79.33
N GLU A 774 -70.78 8.56 78.27
CA GLU A 774 -72.10 9.16 78.44
C GLU A 774 -73.06 8.20 79.12
N ARG A 775 -72.85 6.89 78.98
CA ARG A 775 -73.63 5.91 79.73
C ARG A 775 -73.41 6.08 81.23
N LEU A 776 -72.20 6.43 81.63
CA LEU A 776 -71.90 6.72 83.03
C LEU A 776 -72.23 8.17 83.36
N THR B 1 -36.89 43.70 47.42
CA THR B 1 -36.35 42.57 46.67
C THR B 1 -35.33 43.01 45.62
N THR B 2 -34.99 42.10 44.73
CA THR B 2 -33.98 42.33 43.72
C THR B 2 -34.57 42.12 42.34
N ALA B 3 -34.08 42.87 41.37
CA ALA B 3 -34.54 42.78 39.99
C ALA B 3 -33.41 42.29 39.10
N LEU B 4 -33.79 41.56 38.06
CA LEU B 4 -32.86 41.04 37.08
C LEU B 4 -32.83 41.94 35.85
N VAL B 5 -31.63 42.18 35.33
CA VAL B 5 -31.45 43.02 34.17
C VAL B 5 -30.83 42.14 33.09
N CYS B 6 -31.67 41.65 32.18
CA CYS B 6 -31.23 40.79 31.08
C CYS B 6 -31.20 41.60 29.80
N ASP B 7 -30.02 41.77 29.23
CA ASP B 7 -29.82 42.46 27.95
C ASP B 7 -29.55 41.42 26.88
N ASN B 8 -30.58 41.05 26.12
CA ASN B 8 -30.40 40.01 25.11
C ASN B 8 -29.62 40.51 23.91
N GLY B 9 -30.16 41.49 23.21
CA GLY B 9 -29.55 41.88 21.96
C GLY B 9 -29.57 40.72 21.00
N SER B 10 -28.47 40.50 20.29
CA SER B 10 -28.39 39.37 19.38
C SER B 10 -26.92 39.08 19.16
N GLY B 11 -26.41 38.01 19.73
CA GLY B 11 -25.02 37.71 19.67
C GLY B 11 -24.31 37.72 21.01
N LEU B 12 -24.90 38.33 22.03
CA LEU B 12 -24.33 38.28 23.37
C LEU B 12 -25.44 38.49 24.38
N VAL B 13 -25.79 37.45 25.10
CA VAL B 13 -26.68 37.60 26.25
C VAL B 13 -25.83 38.05 27.43
N LYS B 14 -26.29 39.08 28.12
CA LYS B 14 -25.59 39.56 29.30
C LYS B 14 -26.60 39.94 30.36
N ALA B 15 -26.53 39.26 31.50
CA ALA B 15 -27.53 39.38 32.55
C ALA B 15 -26.83 39.63 33.88
N GLY B 16 -27.63 39.80 34.93
CA GLY B 16 -27.10 40.15 36.21
C GLY B 16 -28.21 40.63 37.12
N PHE B 17 -27.82 41.29 38.19
CA PHE B 17 -28.76 41.83 39.15
C PHE B 17 -28.78 43.35 39.11
N ALA B 18 -29.96 43.92 39.34
CA ALA B 18 -30.07 45.37 39.43
C ALA B 18 -29.34 45.87 40.66
N GLY B 19 -28.58 46.93 40.49
CA GLY B 19 -27.77 47.47 41.55
C GLY B 19 -26.31 47.08 41.47
N ASP B 20 -25.96 46.14 40.61
CA ASP B 20 -24.57 45.79 40.41
C ASP B 20 -23.91 46.76 39.45
N ASP B 21 -22.59 46.68 39.38
CA ASP B 21 -21.81 47.58 38.55
C ASP B 21 -21.55 47.02 37.16
N ALA B 22 -21.80 45.74 36.93
CA ALA B 22 -21.48 45.10 35.66
C ALA B 22 -22.31 43.83 35.56
N PRO B 23 -22.51 43.32 34.35
CA PRO B 23 -23.23 42.05 34.21
C PRO B 23 -22.45 40.91 34.84
N ARG B 24 -23.19 39.98 35.43
CA ARG B 24 -22.55 38.84 36.05
C ARG B 24 -22.26 37.73 35.06
N ALA B 25 -23.15 37.53 34.10
CA ALA B 25 -23.01 36.47 33.10
C ALA B 25 -23.01 37.10 31.73
N VAL B 26 -21.98 36.81 30.94
CA VAL B 26 -21.89 37.28 29.57
C VAL B 26 -21.46 36.11 28.71
N PHE B 27 -22.30 35.71 27.76
CA PHE B 27 -22.01 34.55 26.94
C PHE B 27 -22.73 34.72 25.60
N PRO B 28 -22.27 34.04 24.55
CA PRO B 28 -22.94 34.17 23.26
C PRO B 28 -24.33 33.57 23.29
N SER B 29 -25.22 34.14 22.50
CA SER B 29 -26.59 33.65 22.42
C SER B 29 -26.73 32.71 21.22
N ILE B 30 -26.13 31.55 21.37
CA ILE B 30 -26.11 30.53 20.33
C ILE B 30 -26.67 29.25 20.91
N VAL B 31 -27.24 28.42 20.05
CA VAL B 31 -27.73 27.11 20.43
C VAL B 31 -27.23 26.12 19.40
N GLY B 32 -26.34 25.22 19.82
CA GLY B 32 -25.77 24.25 18.93
C GLY B 32 -26.44 22.90 19.03
N ARG B 33 -26.41 22.15 17.94
CA ARG B 33 -26.92 20.80 17.90
C ARG B 33 -25.92 19.91 17.17
N PRO B 34 -25.74 18.68 17.63
CA PRO B 34 -24.73 17.82 16.99
C PRO B 34 -25.18 17.42 15.59
N ARG B 35 -24.26 17.49 14.64
CA ARG B 35 -24.58 17.17 13.26
C ARG B 35 -23.98 15.86 12.78
N HIS B 36 -23.28 15.13 13.63
CA HIS B 36 -22.80 13.79 13.34
C HIS B 36 -23.59 12.81 14.20
N GLN B 37 -23.26 11.52 14.10
CA GLN B 37 -24.19 10.52 14.60
C GLN B 37 -23.86 9.98 15.98
N GLY B 38 -22.59 9.90 16.36
CA GLY B 38 -22.27 9.50 17.71
C GLY B 38 -22.16 7.99 17.83
N VAL B 39 -20.97 7.51 18.17
CA VAL B 39 -20.68 6.08 18.16
C VAL B 39 -20.52 5.53 19.57
N MET B 40 -19.88 6.28 20.45
CA MET B 40 -19.62 5.79 21.80
C MET B 40 -20.91 5.76 22.59
N VAL B 41 -21.43 4.57 22.84
CA VAL B 41 -22.61 4.46 23.69
C VAL B 41 -22.17 4.66 25.13
N GLY B 42 -23.07 5.16 25.95
CA GLY B 42 -22.72 5.50 27.31
C GLY B 42 -22.19 6.91 27.48
N MET B 43 -21.89 7.60 26.38
CA MET B 43 -21.52 9.00 26.51
C MET B 43 -22.67 9.80 27.09
N GLY B 44 -23.91 9.40 26.79
CA GLY B 44 -25.06 10.15 27.23
C GLY B 44 -25.06 11.54 26.65
N GLN B 45 -24.82 11.62 25.34
CA GLN B 45 -24.81 12.92 24.68
C GLN B 45 -26.17 13.59 24.83
N LYS B 46 -26.14 14.87 25.18
CA LYS B 46 -27.33 15.70 25.12
C LYS B 46 -27.58 16.15 23.68
N ASP B 47 -28.73 16.78 23.46
CA ASP B 47 -29.14 17.08 22.10
C ASP B 47 -28.96 18.53 21.70
N SER B 48 -28.73 19.43 22.65
CA SER B 48 -28.54 20.82 22.30
C SER B 48 -27.70 21.48 23.37
N TYR B 49 -26.67 22.20 22.95
CA TYR B 49 -25.78 22.93 23.84
C TYR B 49 -26.06 24.41 23.65
N VAL B 50 -26.40 25.08 24.73
CA VAL B 50 -26.69 26.51 24.67
C VAL B 50 -25.58 27.26 25.39
N GLY B 51 -25.24 28.42 24.86
CA GLY B 51 -24.37 29.32 25.57
C GLY B 51 -22.89 29.10 25.29
N ASP B 52 -22.10 29.25 26.34
CA ASP B 52 -20.65 29.13 26.25
C ASP B 52 -20.20 27.69 26.13
N GLU B 53 -21.05 26.75 26.50
CA GLU B 53 -20.75 25.34 26.29
C GLU B 53 -20.69 25.02 24.81
N ALA B 54 -21.56 25.64 24.01
CA ALA B 54 -21.58 25.39 22.58
C ALA B 54 -20.34 25.90 21.87
N GLN B 55 -19.64 26.87 22.45
CA GLN B 55 -18.42 27.37 21.85
C GLN B 55 -17.24 26.42 21.99
N SER B 56 -17.28 25.52 22.97
CA SER B 56 -16.20 24.55 23.10
C SER B 56 -16.41 23.37 22.16
N LYS B 57 -17.64 23.00 21.88
CA LYS B 57 -17.96 21.94 20.95
C LYS B 57 -18.28 22.48 19.56
N ARG B 58 -17.66 23.59 19.15
CA ARG B 58 -17.91 24.10 17.80
C ARG B 58 -17.64 23.04 16.75
N GLY B 59 -16.62 22.21 16.96
CA GLY B 59 -16.20 21.32 15.90
C GLY B 59 -17.24 20.32 15.47
N ILE B 60 -18.18 19.97 16.35
CA ILE B 60 -19.15 18.93 16.05
C ILE B 60 -20.58 19.43 16.09
N LEU B 61 -20.80 20.71 16.36
CA LEU B 61 -22.13 21.27 16.42
C LEU B 61 -22.37 22.15 15.22
N THR B 62 -23.64 22.45 14.98
CA THR B 62 -24.05 23.47 14.04
C THR B 62 -24.74 24.58 14.83
N LEU B 63 -24.19 25.77 14.77
CA LEU B 63 -24.60 26.87 15.64
C LEU B 63 -25.64 27.73 14.97
N LYS B 64 -26.66 28.12 15.72
CA LYS B 64 -27.72 28.98 15.23
C LYS B 64 -27.95 30.12 16.19
N TYR B 65 -28.16 31.28 15.67
CA TYR B 65 -28.58 32.39 16.51
C TYR B 65 -30.09 32.52 16.46
N PRO B 66 -30.77 32.58 17.61
CA PRO B 66 -32.22 32.72 17.59
C PRO B 66 -32.72 34.14 17.40
N ILE B 67 -31.85 35.12 17.20
CA ILE B 67 -32.24 36.52 17.03
C ILE B 67 -31.48 37.06 15.83
N GLU B 68 -32.21 37.42 14.76
CA GLU B 68 -31.53 37.80 13.53
C GLU B 68 -31.12 39.27 13.51
N HIS B 69 -32.09 40.18 13.47
CA HIS B 69 -31.83 41.62 13.55
C HIS B 69 -32.78 42.13 14.62
N GLY B 70 -32.38 42.02 15.87
CA GLY B 70 -33.26 42.47 16.92
C GLY B 70 -34.43 41.55 17.14
N ILE B 71 -35.06 41.06 16.08
CA ILE B 71 -36.27 40.26 16.22
C ILE B 71 -35.87 38.82 16.50
N ILE B 72 -36.75 38.11 17.20
CA ILE B 72 -36.52 36.71 17.54
C ILE B 72 -37.22 35.84 16.51
N THR B 73 -36.50 34.86 15.97
CA THR B 73 -37.05 34.00 14.94
C THR B 73 -37.26 32.58 15.39
N ASN B 74 -36.57 32.12 16.43
CA ASN B 74 -36.73 30.78 16.96
C ASN B 74 -37.13 30.91 18.41
N TRP B 75 -38.42 30.75 18.68
CA TRP B 75 -38.91 30.99 20.03
C TRP B 75 -38.51 29.86 20.96
N ASP B 76 -38.39 28.63 20.45
CA ASP B 76 -37.92 27.54 21.29
C ASP B 76 -36.48 27.73 21.70
N ASP B 77 -35.63 28.13 20.74
CA ASP B 77 -34.24 28.42 21.08
C ASP B 77 -34.14 29.56 22.06
N MET B 78 -34.94 30.61 21.88
CA MET B 78 -34.86 31.72 22.83
C MET B 78 -35.30 31.29 24.22
N GLU B 79 -36.29 30.39 24.28
CA GLU B 79 -36.71 29.88 25.57
C GLU B 79 -35.59 29.10 26.23
N LYS B 80 -34.85 28.31 25.45
CA LYS B 80 -33.70 27.59 26.00
C LYS B 80 -32.64 28.56 26.50
N ILE B 81 -32.39 29.63 25.77
CA ILE B 81 -31.37 30.59 26.17
C ILE B 81 -31.77 31.26 27.48
N TRP B 82 -33.05 31.62 27.60
CA TRP B 82 -33.49 32.25 28.84
C TRP B 82 -33.40 31.27 30.00
N HIS B 83 -33.79 30.02 29.78
CA HIS B 83 -33.69 29.02 30.84
C HIS B 83 -32.25 28.84 31.28
N HIS B 84 -31.32 28.78 30.33
CA HIS B 84 -29.91 28.67 30.67
C HIS B 84 -29.45 29.87 31.48
N THR B 85 -29.83 31.07 31.04
CA THR B 85 -29.41 32.27 31.75
C THR B 85 -29.92 32.28 33.17
N PHE B 86 -31.17 31.89 33.38
CA PHE B 86 -31.74 31.95 34.72
C PHE B 86 -31.15 30.90 35.63
N TYR B 87 -31.06 29.65 35.17
CA TYR B 87 -30.76 28.57 36.08
C TYR B 87 -29.31 28.15 36.10
N ASN B 88 -28.57 28.29 35.01
CA ASN B 88 -27.21 27.77 34.97
C ASN B 88 -26.14 28.84 35.07
N GLU B 89 -26.38 30.03 34.54
CA GLU B 89 -25.38 31.09 34.65
C GLU B 89 -25.60 31.95 35.89
N LEU B 90 -26.84 32.29 36.21
CA LEU B 90 -27.13 33.11 37.38
C LEU B 90 -27.52 32.31 38.60
N ARG B 91 -28.15 31.15 38.40
CA ARG B 91 -28.56 30.27 39.50
C ARG B 91 -29.52 30.99 40.45
N VAL B 92 -30.65 31.43 39.88
CA VAL B 92 -31.71 32.09 40.65
C VAL B 92 -33.03 31.55 40.13
N ALA B 93 -34.05 31.63 40.99
CA ALA B 93 -35.38 31.19 40.59
C ALA B 93 -36.18 32.38 40.12
N PRO B 94 -36.66 32.41 38.88
CA PRO B 94 -37.37 33.57 38.36
C PRO B 94 -38.77 33.77 38.91
N GLU B 95 -39.18 33.04 39.94
CA GLU B 95 -40.50 33.25 40.51
C GLU B 95 -40.53 34.46 41.43
N GLU B 96 -39.39 34.82 42.02
CA GLU B 96 -39.36 35.90 42.99
C GLU B 96 -38.48 37.05 42.52
N HIS B 97 -38.41 37.26 41.21
CA HIS B 97 -37.53 38.29 40.68
C HIS B 97 -38.17 39.02 39.52
N PRO B 98 -38.40 40.32 39.63
CA PRO B 98 -38.80 41.10 38.46
C PRO B 98 -37.68 41.12 37.44
N THR B 99 -38.05 41.14 36.16
CA THR B 99 -37.09 41.05 35.08
C THR B 99 -37.26 42.23 34.14
N LEU B 100 -36.15 42.91 33.85
CA LEU B 100 -36.14 44.03 32.92
C LEU B 100 -35.52 43.56 31.61
N LEU B 101 -36.30 43.58 30.55
CA LEU B 101 -35.84 43.16 29.22
C LEU B 101 -35.62 44.40 28.37
N THR B 102 -34.82 44.26 27.32
CA THR B 102 -34.57 45.37 26.42
C THR B 102 -34.80 44.95 24.98
N GLU B 103 -35.17 45.91 24.13
CA GLU B 103 -35.18 45.69 22.70
C GLU B 103 -34.85 46.99 21.99
N ALA B 104 -34.67 46.88 20.69
CA ALA B 104 -34.31 48.02 19.85
C ALA B 104 -35.56 48.74 19.37
N PRO B 105 -35.43 50.02 19.02
CA PRO B 105 -36.59 50.76 18.51
C PRO B 105 -37.07 50.18 17.20
N LEU B 106 -38.38 50.32 16.97
CA LEU B 106 -38.99 50.00 15.68
C LEU B 106 -38.87 48.51 15.36
N ASN B 107 -39.24 47.68 16.31
CA ASN B 107 -39.36 46.25 16.05
C ASN B 107 -40.80 45.84 15.90
N PRO B 108 -41.07 44.69 15.30
CA PRO B 108 -42.42 44.15 15.29
C PRO B 108 -43.04 44.15 16.67
N LYS B 109 -44.36 44.21 16.69
CA LYS B 109 -45.07 44.33 17.95
C LYS B 109 -45.23 42.97 18.61
N ALA B 110 -45.37 41.92 17.80
CA ALA B 110 -45.56 40.59 18.35
C ALA B 110 -44.29 40.07 18.98
N ASN B 111 -43.12 40.55 18.55
CA ASN B 111 -41.89 40.19 19.22
C ASN B 111 -41.97 40.50 20.70
N ARG B 112 -42.26 41.75 21.02
CA ARG B 112 -42.35 42.20 22.41
C ARG B 112 -43.53 41.57 23.12
N GLU B 113 -44.66 41.42 22.43
CA GLU B 113 -45.82 40.79 23.06
C GLU B 113 -45.53 39.36 23.48
N LYS B 114 -44.93 38.57 22.59
CA LYS B 114 -44.67 37.18 22.91
C LYS B 114 -43.54 37.05 23.91
N MET B 115 -42.58 37.96 23.90
CA MET B 115 -41.58 37.99 24.96
C MET B 115 -42.25 38.11 26.30
N THR B 116 -43.19 39.04 26.42
CA THR B 116 -43.94 39.19 27.68
C THR B 116 -44.71 37.93 28.02
N GLN B 117 -45.41 37.36 27.04
CA GLN B 117 -46.21 36.18 27.31
C GLN B 117 -45.35 35.04 27.83
N ILE B 118 -44.18 34.84 27.25
CA ILE B 118 -43.28 33.80 27.75
C ILE B 118 -42.83 34.11 29.16
N MET B 119 -42.36 35.34 29.40
CA MET B 119 -41.82 35.67 30.70
C MET B 119 -42.87 35.54 31.80
N PHE B 120 -44.15 35.64 31.47
CA PHE B 120 -45.16 35.44 32.52
C PHE B 120 -45.67 34.00 32.59
N GLU B 121 -45.91 33.34 31.46
CA GLU B 121 -46.47 31.99 31.52
C GLU B 121 -45.41 30.94 31.80
N THR B 122 -44.34 30.93 31.01
CA THR B 122 -43.34 29.88 31.14
C THR B 122 -42.52 30.05 32.40
N PHE B 123 -42.02 31.26 32.65
CA PHE B 123 -41.10 31.48 33.76
C PHE B 123 -41.76 32.01 35.01
N ASN B 124 -42.99 32.50 34.93
CA ASN B 124 -43.78 32.89 36.10
C ASN B 124 -43.11 33.99 36.91
N VAL B 125 -42.49 34.95 36.23
CA VAL B 125 -41.86 36.07 36.93
C VAL B 125 -42.97 36.90 37.57
N PRO B 126 -42.70 37.62 38.64
CA PRO B 126 -43.76 38.40 39.29
C PRO B 126 -44.08 39.69 38.55
N ALA B 127 -43.09 40.25 37.88
CA ALA B 127 -43.28 41.48 37.12
C ALA B 127 -42.27 41.50 35.99
N MET B 128 -42.44 42.46 35.09
CA MET B 128 -41.48 42.61 34.00
C MET B 128 -41.69 43.97 33.34
N TYR B 129 -40.74 44.33 32.48
CA TYR B 129 -40.76 45.60 31.79
C TYR B 129 -39.79 45.50 30.62
N VAL B 130 -40.10 46.20 29.54
CA VAL B 130 -39.27 46.20 28.35
C VAL B 130 -38.80 47.62 28.09
N ALA B 131 -37.49 47.79 28.01
CA ALA B 131 -36.89 49.12 27.85
C ALA B 131 -36.22 49.21 26.50
N ILE B 132 -35.99 50.44 26.06
CA ILE B 132 -35.34 50.68 24.77
C ILE B 132 -33.83 50.76 24.99
N GLN B 133 -33.08 50.13 24.10
CA GLN B 133 -31.65 49.98 24.34
C GLN B 133 -30.89 51.29 24.31
N ALA B 134 -31.47 52.35 23.76
CA ALA B 134 -30.74 53.61 23.67
C ALA B 134 -30.99 54.51 24.88
N VAL B 135 -32.21 54.47 25.41
CA VAL B 135 -32.49 55.21 26.64
C VAL B 135 -31.59 54.72 27.76
N LEU B 136 -31.35 53.42 27.83
CA LEU B 136 -30.51 52.88 28.89
C LEU B 136 -29.06 53.30 28.70
N SER B 137 -28.59 53.36 27.45
CA SER B 137 -27.26 53.88 27.19
C SER B 137 -27.14 55.31 27.71
N LEU B 138 -28.19 56.10 27.50
CA LEU B 138 -28.12 57.49 27.92
C LEU B 138 -28.16 57.60 29.44
N TYR B 139 -28.90 56.72 30.10
CA TYR B 139 -28.85 56.63 31.56
C TYR B 139 -27.43 56.37 32.03
N ALA B 140 -26.81 55.30 31.52
CA ALA B 140 -25.47 54.92 31.97
C ALA B 140 -24.41 55.95 31.59
N SER B 141 -24.64 56.77 30.59
CA SER B 141 -23.66 57.78 30.25
C SER B 141 -23.73 59.02 31.12
N GLY B 142 -24.72 59.11 32.01
CA GLY B 142 -24.83 60.27 32.87
C GLY B 142 -25.31 61.53 32.20
N ARG B 143 -25.94 61.42 31.04
CA ARG B 143 -26.53 62.55 30.34
C ARG B 143 -28.03 62.55 30.57
N THR B 144 -28.67 63.61 30.10
CA THR B 144 -30.09 63.64 29.96
C THR B 144 -30.51 64.18 28.62
N THR B 145 -29.57 64.65 27.81
CA THR B 145 -29.80 64.97 26.41
C THR B 145 -28.84 64.16 25.57
N GLY B 146 -28.75 64.45 24.29
CA GLY B 146 -27.80 63.78 23.43
C GLY B 146 -28.45 62.78 22.50
N ILE B 147 -27.78 62.54 21.39
CA ILE B 147 -28.20 61.56 20.40
C ILE B 147 -27.29 60.35 20.52
N VAL B 148 -27.89 59.17 20.67
CA VAL B 148 -27.15 57.96 20.99
C VAL B 148 -27.16 57.04 19.79
N LEU B 149 -25.97 56.56 19.42
CA LEU B 149 -25.79 55.63 18.31
C LEU B 149 -25.43 54.27 18.88
N ASP B 150 -26.42 53.40 18.98
CA ASP B 150 -26.23 52.10 19.64
C ASP B 150 -26.08 51.02 18.57
N SER B 151 -24.85 50.77 18.16
CA SER B 151 -24.56 49.78 17.13
C SER B 151 -24.26 48.45 17.82
N GLY B 152 -25.25 47.58 17.87
CA GLY B 152 -25.06 46.28 18.49
C GLY B 152 -24.43 45.27 17.57
N ASP B 153 -25.05 44.10 17.46
CA ASP B 153 -24.59 43.04 16.56
C ASP B 153 -25.57 42.70 15.47
N GLY B 154 -26.84 43.07 15.63
CA GLY B 154 -27.79 42.85 14.57
C GLY B 154 -28.35 44.14 14.00
N VAL B 155 -28.43 45.18 14.81
CA VAL B 155 -29.11 46.41 14.43
C VAL B 155 -28.33 47.61 14.93
N THR B 156 -28.34 48.68 14.14
CA THR B 156 -27.80 49.97 14.51
C THR B 156 -28.94 50.98 14.54
N HIS B 157 -28.95 51.88 15.51
CA HIS B 157 -30.00 52.87 15.54
C HIS B 157 -29.55 54.14 16.24
N ASN B 158 -30.15 55.25 15.84
CA ASN B 158 -30.01 56.56 16.47
C ASN B 158 -31.28 56.89 17.22
N VAL B 159 -31.15 57.42 18.41
CA VAL B 159 -32.31 57.89 19.17
C VAL B 159 -31.97 59.24 19.78
N PRO B 160 -32.44 60.35 19.24
CA PRO B 160 -32.15 61.66 19.84
C PRO B 160 -33.06 61.91 21.03
N ILE B 161 -32.48 62.36 22.13
CA ILE B 161 -33.19 62.63 23.36
C ILE B 161 -32.76 64.01 23.84
N TYR B 162 -33.71 64.78 24.35
CA TYR B 162 -33.43 66.12 24.86
C TYR B 162 -34.19 66.32 26.15
N GLU B 163 -33.46 66.57 27.23
CA GLU B 163 -34.04 66.82 28.55
C GLU B 163 -34.95 65.70 28.99
N GLY B 164 -34.69 64.48 28.52
CA GLY B 164 -35.52 63.35 28.86
C GLY B 164 -36.71 63.12 27.97
N TYR B 165 -36.86 63.89 26.90
CA TYR B 165 -37.93 63.70 25.94
C TYR B 165 -37.35 63.13 24.66
N ALA B 166 -37.85 61.98 24.25
CA ALA B 166 -37.40 61.35 23.02
C ALA B 166 -38.25 61.81 21.86
N LEU B 167 -37.61 62.08 20.73
CA LEU B 167 -38.31 62.54 19.56
C LEU B 167 -38.51 61.39 18.58
N PRO B 168 -39.64 60.69 18.65
CA PRO B 168 -39.74 59.43 17.90
C PRO B 168 -39.67 59.60 16.41
N HIS B 169 -40.06 60.76 15.89
CA HIS B 169 -40.06 60.93 14.45
C HIS B 169 -38.65 61.05 13.88
N ALA B 170 -37.63 61.20 14.73
CA ALA B 170 -36.26 61.32 14.27
C ALA B 170 -35.44 60.08 14.54
N ILE B 171 -36.08 59.01 14.99
CA ILE B 171 -35.37 57.77 15.27
C ILE B 171 -35.07 57.07 13.96
N MET B 172 -33.80 56.75 13.75
CA MET B 172 -33.36 56.00 12.59
C MET B 172 -32.98 54.60 13.02
N ARG B 173 -33.17 53.64 12.14
CA ARG B 173 -32.77 52.27 12.40
C ARG B 173 -32.14 51.70 11.14
N LEU B 174 -30.98 51.09 11.28
CA LEU B 174 -30.24 50.55 10.15
C LEU B 174 -29.87 49.12 10.45
N ASP B 175 -30.15 48.20 9.53
CA ASP B 175 -29.93 46.78 9.76
C ASP B 175 -28.54 46.32 9.37
N LEU B 176 -27.56 47.20 9.45
CA LEU B 176 -26.16 46.85 9.22
C LEU B 176 -25.43 46.88 10.54
N ALA B 177 -24.74 45.80 10.86
CA ALA B 177 -24.15 45.67 12.18
C ALA B 177 -23.00 44.67 12.14
N GLY B 178 -22.62 44.18 13.33
CA GLY B 178 -21.46 43.33 13.43
C GLY B 178 -21.58 42.02 12.69
N ARG B 179 -22.78 41.45 12.60
CA ARG B 179 -22.94 40.21 11.87
C ARG B 179 -22.69 40.40 10.39
N ASP B 180 -23.14 41.52 9.84
CA ASP B 180 -22.86 41.81 8.43
C ASP B 180 -21.40 42.16 8.22
N LEU B 181 -20.75 42.78 9.20
CA LEU B 181 -19.32 43.01 9.06
C LEU B 181 -18.56 41.69 9.08
N THR B 182 -19.01 40.74 9.89
CA THR B 182 -18.38 39.43 9.90
C THR B 182 -18.56 38.72 8.57
N ASP B 183 -19.75 38.79 7.99
CA ASP B 183 -19.94 38.17 6.69
C ASP B 183 -19.11 38.84 5.61
N TYR B 184 -18.99 40.16 5.67
CA TYR B 184 -18.16 40.84 4.68
C TYR B 184 -16.69 40.47 4.84
N LEU B 185 -16.23 40.30 6.07
CA LEU B 185 -14.84 39.91 6.26
C LEU B 185 -14.62 38.48 5.81
N MET B 186 -15.57 37.58 6.08
CA MET B 186 -15.48 36.24 5.52
C MET B 186 -15.36 36.29 4.02
N LYS B 187 -16.12 37.17 3.37
CA LYS B 187 -16.10 37.22 1.92
C LYS B 187 -14.78 37.79 1.39
N ILE B 188 -14.26 38.85 2.00
CA ILE B 188 -13.04 39.45 1.43
C ILE B 188 -11.78 38.74 1.86
N LEU B 189 -11.83 37.90 2.90
CA LEU B 189 -10.67 37.07 3.18
C LEU B 189 -10.41 36.07 2.06
N THR B 190 -11.44 35.71 1.30
CA THR B 190 -11.29 34.76 0.22
C THR B 190 -10.29 35.22 -0.81
N GLU B 191 -10.20 36.52 -1.05
CA GLU B 191 -9.26 36.99 -2.06
C GLU B 191 -7.81 36.86 -1.65
N ARG B 192 -7.54 36.34 -0.46
CA ARG B 192 -6.18 36.01 -0.07
C ARG B 192 -5.92 34.51 -0.06
N GLY B 193 -6.97 33.70 -0.15
CA GLY B 193 -6.82 32.26 -0.20
C GLY B 193 -7.35 31.54 1.01
N TYR B 194 -7.82 32.23 2.03
CA TYR B 194 -8.41 31.59 3.18
C TYR B 194 -9.92 31.50 2.97
N SER B 195 -10.49 30.35 3.31
CA SER B 195 -11.92 30.13 3.14
C SER B 195 -12.51 29.64 4.45
N PHE B 196 -13.46 30.38 4.99
CA PHE B 196 -14.21 29.98 6.17
C PHE B 196 -15.68 29.92 5.77
N VAL B 197 -16.27 28.73 5.80
CA VAL B 197 -17.62 28.52 5.32
C VAL B 197 -18.56 28.02 6.41
N THR B 198 -18.05 27.22 7.34
CA THR B 198 -18.86 26.63 8.38
C THR B 198 -19.36 27.68 9.37
N THR B 199 -20.54 27.43 9.96
CA THR B 199 -21.03 28.26 11.03
C THR B 199 -20.09 28.28 12.22
N ALA B 200 -19.18 27.32 12.30
CA ALA B 200 -18.20 27.27 13.37
C ALA B 200 -16.92 28.01 13.02
N GLU B 201 -16.68 28.29 11.74
CA GLU B 201 -15.59 29.16 11.36
C GLU B 201 -16.03 30.61 11.26
N ARG B 202 -17.33 30.85 11.23
CA ARG B 202 -17.80 32.21 11.44
C ARG B 202 -17.31 32.78 12.77
N GLU B 203 -17.22 31.94 13.81
CA GLU B 203 -16.73 32.41 15.09
C GLU B 203 -15.25 32.76 15.03
N ILE B 204 -14.47 31.96 14.31
CA ILE B 204 -13.06 32.28 14.13
C ILE B 204 -12.92 33.61 13.41
N VAL B 205 -13.77 33.86 12.42
CA VAL B 205 -13.68 35.12 11.69
C VAL B 205 -14.10 36.28 12.58
N ARG B 206 -15.07 36.07 13.45
CA ARG B 206 -15.47 37.12 14.36
C ARG B 206 -14.34 37.48 15.32
N ASP B 207 -13.62 36.47 15.80
CA ASP B 207 -12.48 36.76 16.66
C ASP B 207 -11.37 37.50 15.90
N ILE B 208 -11.12 37.11 14.65
CA ILE B 208 -10.17 37.86 13.83
C ILE B 208 -10.58 39.32 13.75
N LYS B 209 -11.85 39.56 13.46
CA LYS B 209 -12.34 40.93 13.32
C LYS B 209 -12.10 41.71 14.59
N GLU B 210 -12.57 41.18 15.72
CA GLU B 210 -12.40 41.87 17.00
C GLU B 210 -10.95 42.16 17.30
N LYS B 211 -10.05 41.25 16.96
CA LYS B 211 -8.68 41.43 17.39
C LYS B 211 -7.83 42.26 16.44
N LEU B 212 -8.18 42.33 15.16
CA LEU B 212 -7.28 42.98 14.21
C LEU B 212 -7.88 44.15 13.45
N CYS B 213 -9.20 44.30 13.40
CA CYS B 213 -9.77 45.33 12.54
C CYS B 213 -9.79 46.69 13.25
N TYR B 214 -9.76 47.74 12.44
CA TYR B 214 -9.79 49.10 12.94
C TYR B 214 -10.31 50.01 11.83
N VAL B 215 -10.74 51.20 12.22
CA VAL B 215 -11.33 52.16 11.30
C VAL B 215 -10.25 53.14 10.85
N ALA B 216 -10.10 53.30 9.55
CA ALA B 216 -9.12 54.22 9.02
C ALA B 216 -9.63 55.65 9.13
N LEU B 217 -8.72 56.59 9.41
CA LEU B 217 -9.13 57.98 9.44
C LEU B 217 -9.39 58.51 8.04
N ASP B 218 -8.56 58.12 7.09
CA ASP B 218 -8.73 58.46 5.69
C ASP B 218 -8.64 57.19 4.87
N PHE B 219 -9.76 56.80 4.27
CA PHE B 219 -9.81 55.48 3.63
C PHE B 219 -8.89 55.41 2.44
N GLU B 220 -8.86 56.46 1.61
CA GLU B 220 -8.06 56.41 0.40
C GLU B 220 -6.56 56.44 0.74
N ASN B 221 -6.18 57.22 1.73
CA ASN B 221 -4.77 57.27 2.08
C ASN B 221 -4.31 55.99 2.74
N GLU B 222 -5.16 55.38 3.57
CA GLU B 222 -4.80 54.07 4.11
C GLU B 222 -4.75 53.02 3.02
N MET B 223 -5.61 53.12 2.02
CA MET B 223 -5.57 52.19 0.90
C MET B 223 -4.25 52.32 0.15
N ALA B 224 -3.83 53.56 -0.12
CA ALA B 224 -2.55 53.77 -0.79
C ALA B 224 -1.38 53.30 0.07
N THR B 225 -1.48 53.48 1.38
CA THR B 225 -0.42 53.03 2.28
C THR B 225 -0.29 51.52 2.24
N ALA B 226 -1.42 50.81 2.31
CA ALA B 226 -1.37 49.36 2.25
C ALA B 226 -0.88 48.88 0.90
N ALA B 227 -1.20 49.61 -0.16
CA ALA B 227 -0.69 49.24 -1.47
C ALA B 227 0.82 49.40 -1.55
N SER B 228 1.35 50.50 -1.03
CA SER B 228 2.77 50.78 -1.19
C SER B 228 3.62 49.98 -0.20
N SER B 229 3.45 50.24 1.08
CA SER B 229 4.30 49.60 2.08
C SER B 229 3.74 48.23 2.44
N SER B 230 4.27 47.64 3.51
CA SER B 230 3.70 46.43 4.08
C SER B 230 3.72 46.48 5.59
N SER B 231 3.66 47.69 6.16
CA SER B 231 3.72 47.89 7.59
C SER B 231 2.38 47.64 8.28
N LEU B 232 1.31 47.43 7.53
CA LEU B 232 -0.01 47.22 8.11
C LEU B 232 -0.33 45.77 8.37
N GLU B 233 0.40 44.85 7.76
CA GLU B 233 0.03 43.44 7.81
C GLU B 233 0.31 42.85 9.18
N LYS B 234 -0.73 42.31 9.80
CA LYS B 234 -0.61 41.59 11.06
C LYS B 234 -1.02 40.15 10.83
N SER B 235 -0.50 39.25 11.65
CA SER B 235 -0.74 37.83 11.51
C SER B 235 -1.63 37.33 12.63
N TYR B 236 -2.48 36.37 12.31
CA TYR B 236 -3.37 35.75 13.27
C TYR B 236 -3.11 34.26 13.28
N GLU B 237 -3.43 33.62 14.40
CA GLU B 237 -3.08 32.24 14.65
C GLU B 237 -4.35 31.42 14.75
N LEU B 238 -4.63 30.63 13.72
CA LEU B 238 -5.85 29.86 13.66
C LEU B 238 -5.86 28.79 14.76
N PRO B 239 -7.01 28.19 15.05
CA PRO B 239 -7.07 27.23 16.16
C PRO B 239 -6.22 25.99 15.96
N ASP B 240 -5.54 25.82 14.82
CA ASP B 240 -4.75 24.64 14.56
C ASP B 240 -3.40 24.95 13.94
N GLY B 241 -2.88 26.14 14.17
CA GLY B 241 -1.66 26.55 13.49
C GLY B 241 -1.99 27.33 12.25
N GLN B 242 -1.20 27.15 11.19
CA GLN B 242 -1.39 27.83 9.91
C GLN B 242 -1.72 29.30 10.11
N VAL B 243 -0.74 30.05 10.61
CA VAL B 243 -0.87 31.50 10.75
C VAL B 243 -1.30 32.12 9.44
N ILE B 244 -2.29 33.02 9.52
CA ILE B 244 -2.74 33.79 8.37
C ILE B 244 -2.33 35.24 8.57
N THR B 245 -2.05 35.92 7.46
CA THR B 245 -1.66 37.32 7.49
C THR B 245 -2.62 38.14 6.66
N ILE B 246 -3.23 39.14 7.29
CA ILE B 246 -4.18 40.01 6.62
C ILE B 246 -3.63 41.43 6.63
N GLY B 247 -3.78 42.11 5.50
CA GLY B 247 -3.27 43.46 5.39
C GLY B 247 -4.39 44.46 5.17
N ASN B 248 -4.60 44.81 3.90
CA ASN B 248 -5.66 45.71 3.49
C ASN B 248 -6.97 45.41 4.21
N GLU B 249 -7.29 44.14 4.43
CA GLU B 249 -8.58 43.75 4.98
C GLU B 249 -8.83 44.28 6.37
N ARG B 250 -7.81 44.79 7.05
CA ARG B 250 -8.00 45.20 8.44
C ARG B 250 -8.93 46.38 8.56
N PHE B 251 -8.89 47.30 7.61
CA PHE B 251 -9.75 48.47 7.66
C PHE B 251 -10.81 48.50 6.55
N ARG B 252 -10.77 47.57 5.60
CA ARG B 252 -11.86 47.48 4.64
C ARG B 252 -13.10 46.89 5.28
N CYS B 253 -12.94 46.12 6.35
CA CYS B 253 -14.11 45.51 6.98
C CYS B 253 -14.96 46.55 7.70
N PRO B 254 -14.46 47.29 8.69
CA PRO B 254 -15.33 48.23 9.39
C PRO B 254 -15.66 49.48 8.60
N GLU B 255 -14.97 49.72 7.50
CA GLU B 255 -15.35 50.80 6.60
C GLU B 255 -16.72 50.59 6.01
N THR B 256 -17.21 49.35 5.97
CA THR B 256 -18.56 49.09 5.54
C THR B 256 -19.59 49.84 6.36
N LEU B 257 -19.23 50.27 7.57
CA LEU B 257 -20.16 51.05 8.37
C LEU B 257 -20.35 52.44 7.77
N PHE B 258 -19.32 53.00 7.18
CA PHE B 258 -19.38 54.31 6.59
C PHE B 258 -19.67 54.29 5.10
N GLN B 259 -19.66 53.12 4.48
CA GLN B 259 -20.00 52.96 3.07
C GLN B 259 -20.79 51.68 2.90
N PRO B 260 -22.07 51.69 3.25
CA PRO B 260 -22.84 50.46 3.18
C PRO B 260 -23.04 49.93 1.78
N SER B 261 -22.49 50.61 0.78
CA SER B 261 -22.54 50.09 -0.58
C SER B 261 -21.60 48.92 -0.77
N PHE B 262 -20.65 48.73 0.13
CA PHE B 262 -19.74 47.60 0.02
C PHE B 262 -20.50 46.28 0.09
N ILE B 263 -21.53 46.20 0.92
CA ILE B 263 -22.35 45.02 1.02
C ILE B 263 -23.67 45.20 0.27
N GLY B 264 -23.70 46.08 -0.72
CA GLY B 264 -24.85 46.19 -1.58
C GLY B 264 -26.03 46.92 -1.00
N MET B 265 -25.96 47.39 0.24
CA MET B 265 -27.03 48.20 0.77
C MET B 265 -27.01 49.58 0.12
N GLU B 266 -28.18 50.21 0.07
CA GLU B 266 -28.28 51.54 -0.50
C GLU B 266 -28.23 52.64 0.55
N SER B 267 -28.32 52.29 1.82
CA SER B 267 -28.45 53.29 2.88
C SER B 267 -27.21 54.16 2.97
N ALA B 268 -27.30 55.16 3.83
CA ALA B 268 -26.18 56.05 4.06
C ALA B 268 -25.36 55.55 5.25
N GLY B 269 -24.14 56.06 5.36
CA GLY B 269 -23.25 55.63 6.40
C GLY B 269 -23.74 55.96 7.78
N ILE B 270 -22.94 55.56 8.76
CA ILE B 270 -23.24 55.85 10.17
C ILE B 270 -23.22 57.35 10.42
N HIS B 271 -22.19 58.02 9.91
CA HIS B 271 -22.07 59.46 10.12
C HIS B 271 -23.23 60.21 9.49
N GLU B 272 -23.61 59.82 8.28
CA GLU B 272 -24.66 60.52 7.58
C GLU B 272 -26.02 60.23 8.20
N THR B 273 -26.24 59.01 8.68
CA THR B 273 -27.48 58.74 9.38
C THR B 273 -27.57 59.53 10.68
N THR B 274 -26.47 59.66 11.40
CA THR B 274 -26.47 60.48 12.61
C THR B 274 -26.79 61.93 12.29
N TYR B 275 -26.14 62.48 11.27
CA TYR B 275 -26.38 63.87 10.91
C TYR B 275 -27.82 64.09 10.43
N ASN B 276 -28.38 63.13 9.69
CA ASN B 276 -29.76 63.27 9.25
C ASN B 276 -30.72 63.19 10.42
N SER B 277 -30.44 62.33 11.40
CA SER B 277 -31.27 62.31 12.60
C SER B 277 -31.19 63.64 13.34
N ILE B 278 -30.02 64.27 13.34
CA ILE B 278 -29.92 65.61 13.92
C ILE B 278 -30.82 66.58 13.17
N MET B 279 -30.56 66.77 11.88
CA MET B 279 -31.31 67.72 11.09
C MET B 279 -32.79 67.40 11.04
N LYS B 280 -33.20 66.21 11.46
CA LYS B 280 -34.61 65.90 11.56
C LYS B 280 -35.27 66.56 12.76
N CYS B 281 -34.49 66.93 13.77
CA CYS B 281 -35.03 67.43 15.02
C CYS B 281 -35.27 68.94 14.90
N ASP B 282 -35.78 69.55 15.97
CA ASP B 282 -36.01 70.98 15.97
C ASP B 282 -34.69 71.71 15.80
N ILE B 283 -34.75 73.04 15.63
CA ILE B 283 -33.54 73.80 15.40
C ILE B 283 -32.91 74.28 16.70
N ASP B 284 -33.65 74.27 17.80
CA ASP B 284 -33.15 74.81 19.05
C ASP B 284 -32.30 73.82 19.82
N ILE B 285 -32.43 72.52 19.56
CA ILE B 285 -31.71 71.51 20.31
C ILE B 285 -30.55 70.92 19.53
N ARG B 286 -30.38 71.33 18.28
CA ARG B 286 -29.34 70.73 17.45
C ARG B 286 -27.95 70.98 18.01
N LYS B 287 -27.73 72.10 18.70
CA LYS B 287 -26.41 72.38 19.23
C LYS B 287 -26.04 71.39 20.33
N ASP B 288 -26.96 71.14 21.26
CA ASP B 288 -26.69 70.16 22.31
C ASP B 288 -26.56 68.76 21.73
N LEU B 289 -27.38 68.42 20.74
CA LEU B 289 -27.24 67.12 20.10
C LEU B 289 -25.87 66.98 19.47
N TYR B 290 -25.38 68.02 18.79
CA TYR B 290 -24.03 67.99 18.25
C TYR B 290 -23.01 67.77 19.35
N ALA B 291 -23.23 68.38 20.50
CA ALA B 291 -22.25 68.27 21.56
C ALA B 291 -22.31 66.96 22.32
N ASN B 292 -23.33 66.13 22.12
CA ASN B 292 -23.50 64.94 22.95
C ASN B 292 -23.72 63.67 22.14
N ASN B 293 -22.83 63.39 21.19
CA ASN B 293 -22.92 62.14 20.42
C ASN B 293 -22.41 60.97 21.27
N VAL B 294 -23.31 60.11 21.70
CA VAL B 294 -22.99 59.02 22.61
C VAL B 294 -22.96 57.71 21.82
N LEU B 295 -21.80 57.03 21.83
CA LEU B 295 -21.66 55.73 21.18
C LEU B 295 -21.80 54.62 22.20
N SER B 296 -22.47 53.54 21.82
CA SER B 296 -22.55 52.38 22.69
C SER B 296 -22.63 51.13 21.83
N GLY B 297 -22.48 49.98 22.47
CA GLY B 297 -22.57 48.71 21.79
C GLY B 297 -21.24 48.25 21.23
N GLY B 298 -21.18 46.96 20.92
CA GLY B 298 -19.92 46.33 20.57
C GLY B 298 -19.34 46.79 19.25
N THR B 299 -20.18 47.12 18.27
CA THR B 299 -19.67 47.52 16.98
C THR B 299 -19.08 48.92 16.98
N THR B 300 -19.32 49.71 18.03
CA THR B 300 -18.69 51.00 18.17
C THR B 300 -17.33 50.92 18.83
N MET B 301 -16.73 49.73 18.87
CA MET B 301 -15.54 49.51 19.67
C MET B 301 -14.27 49.41 18.84
N TYR B 302 -14.34 49.63 17.54
CA TYR B 302 -13.14 49.57 16.75
C TYR B 302 -12.21 50.74 17.11
N PRO B 303 -10.90 50.55 17.00
CA PRO B 303 -9.99 51.67 17.16
C PRO B 303 -10.15 52.68 16.03
N GLY B 304 -10.29 53.94 16.39
CA GLY B 304 -10.38 55.00 15.42
C GLY B 304 -11.78 55.35 14.99
N ILE B 305 -12.79 54.67 15.50
CA ILE B 305 -14.15 54.92 15.03
C ILE B 305 -14.64 56.26 15.54
N ALA B 306 -14.27 56.64 16.77
CA ALA B 306 -14.69 57.93 17.29
C ALA B 306 -14.03 59.07 16.53
N ASP B 307 -12.75 58.94 16.23
CA ASP B 307 -12.08 59.99 15.47
C ASP B 307 -12.65 60.10 14.07
N ARG B 308 -12.86 58.97 13.41
CA ARG B 308 -13.42 59.01 12.06
C ARG B 308 -14.81 59.61 12.07
N MET B 309 -15.63 59.22 13.04
CA MET B 309 -17.00 59.71 13.06
C MET B 309 -17.04 61.20 13.34
N GLN B 310 -16.20 61.67 14.26
CA GLN B 310 -16.13 63.10 14.52
C GLN B 310 -15.67 63.85 13.28
N LYS B 311 -14.68 63.33 12.57
CA LYS B 311 -14.22 64.01 11.37
C LYS B 311 -15.32 64.12 10.33
N GLU B 312 -16.04 63.03 10.10
CA GLU B 312 -17.09 63.05 9.08
C GLU B 312 -18.22 63.99 9.48
N ILE B 313 -18.76 63.82 10.68
CA ILE B 313 -19.89 64.64 11.10
C ILE B 313 -19.48 66.10 11.27
N THR B 314 -18.20 66.38 11.49
CA THR B 314 -17.73 67.76 11.53
C THR B 314 -17.68 68.34 10.13
N ALA B 315 -17.25 67.55 9.14
CA ALA B 315 -17.32 68.01 7.77
C ALA B 315 -18.76 68.25 7.34
N LEU B 316 -19.71 67.53 7.94
CA LEU B 316 -21.11 67.70 7.57
C LEU B 316 -21.73 68.93 8.22
N ALA B 317 -21.58 69.06 9.54
CA ALA B 317 -22.24 70.12 10.29
C ALA B 317 -21.67 71.49 9.91
N PRO B 318 -22.35 72.57 10.31
CA PRO B 318 -21.79 73.91 10.07
C PRO B 318 -20.51 74.13 10.86
N SER B 319 -19.67 75.03 10.35
CA SER B 319 -18.33 75.21 10.88
C SER B 319 -18.30 75.92 12.22
N THR B 320 -19.44 76.38 12.73
CA THR B 320 -19.46 77.11 13.99
C THR B 320 -19.91 76.26 15.16
N MET B 321 -20.09 74.95 14.96
CA MET B 321 -20.62 74.08 16.01
C MET B 321 -19.49 73.23 16.58
N LYS B 322 -19.59 72.93 17.87
CA LYS B 322 -18.64 72.06 18.54
C LYS B 322 -19.18 70.64 18.55
N ILE B 323 -18.52 69.75 17.82
CA ILE B 323 -18.90 68.35 17.73
C ILE B 323 -18.09 67.56 18.74
N LYS B 324 -18.75 66.72 19.51
CA LYS B 324 -18.07 65.84 20.43
C LYS B 324 -18.64 64.44 20.31
N ILE B 325 -17.79 63.45 20.53
CA ILE B 325 -18.19 62.04 20.47
C ILE B 325 -17.83 61.41 21.79
N ILE B 326 -18.85 60.95 22.52
CA ILE B 326 -18.65 60.37 23.84
C ILE B 326 -18.47 58.87 23.67
N ALA B 327 -17.26 58.38 23.90
CA ALA B 327 -16.92 56.98 23.69
C ALA B 327 -16.25 56.44 24.94
N PRO B 328 -17.03 56.00 25.92
CA PRO B 328 -16.44 55.43 27.14
C PRO B 328 -15.73 54.13 26.82
N PRO B 329 -14.78 53.71 27.66
CA PRO B 329 -14.16 52.40 27.45
C PRO B 329 -15.10 51.24 27.70
N GLU B 330 -16.07 51.37 28.58
CA GLU B 330 -17.06 50.31 28.78
C GLU B 330 -18.30 50.55 27.93
N ARG B 331 -18.09 50.80 26.64
CA ARG B 331 -19.19 51.00 25.71
C ARG B 331 -20.05 49.75 25.61
N LYS B 332 -19.42 48.59 25.43
CA LYS B 332 -20.15 47.38 25.10
C LYS B 332 -21.23 47.06 26.12
N TYR B 333 -21.06 47.49 27.36
CA TYR B 333 -22.00 47.14 28.41
C TYR B 333 -22.88 48.31 28.84
N SER B 334 -22.91 49.38 28.06
CA SER B 334 -23.64 50.57 28.47
C SER B 334 -25.12 50.29 28.63
N VAL B 335 -25.69 49.49 27.73
CA VAL B 335 -27.11 49.18 27.83
C VAL B 335 -27.41 48.45 29.13
N TRP B 336 -26.56 47.48 29.50
CA TRP B 336 -26.82 46.75 30.73
C TRP B 336 -26.63 47.65 31.94
N ILE B 337 -25.59 48.48 31.93
CA ILE B 337 -25.36 49.37 33.07
C ILE B 337 -26.55 50.31 33.26
N GLY B 338 -27.01 50.91 32.18
CA GLY B 338 -28.17 51.77 32.27
C GLY B 338 -29.40 51.04 32.73
N GLY B 339 -29.58 49.79 32.27
CA GLY B 339 -30.71 49.03 32.72
C GLY B 339 -30.67 48.76 34.21
N SER B 340 -29.48 48.49 34.74
CA SER B 340 -29.35 48.27 36.17
C SER B 340 -29.67 49.53 36.95
N ILE B 341 -29.14 50.67 36.52
CA ILE B 341 -29.47 51.94 37.15
C ILE B 341 -30.98 52.15 37.16
N LEU B 342 -31.60 51.99 36.00
CA LEU B 342 -33.03 52.25 35.88
C LEU B 342 -33.84 51.33 36.77
N ALA B 343 -33.50 50.04 36.81
CA ALA B 343 -34.27 49.12 37.62
C ALA B 343 -34.05 49.36 39.11
N SER B 344 -32.90 49.90 39.48
CA SER B 344 -32.66 50.18 40.89
C SER B 344 -33.26 51.50 41.34
N LEU B 345 -33.59 52.40 40.41
CA LEU B 345 -34.27 53.63 40.79
C LEU B 345 -35.51 53.33 41.62
N SER B 346 -35.84 54.25 42.52
CA SER B 346 -36.99 54.03 43.40
C SER B 346 -38.29 54.46 42.74
N THR B 347 -38.27 55.55 41.97
CA THR B 347 -39.49 56.00 41.31
C THR B 347 -39.97 55.00 40.27
N PHE B 348 -39.12 54.08 39.86
CA PHE B 348 -39.44 53.11 38.83
C PHE B 348 -40.28 51.95 39.34
N GLN B 349 -40.36 51.74 40.65
CA GLN B 349 -41.06 50.58 41.17
C GLN B 349 -42.55 50.60 40.86
N GLN B 350 -43.09 51.75 40.45
CA GLN B 350 -44.47 51.83 40.02
C GLN B 350 -44.65 51.58 38.53
N MET B 351 -43.57 51.31 37.81
CA MET B 351 -43.62 51.16 36.37
C MET B 351 -43.61 49.72 35.90
N TRP B 352 -43.33 48.76 36.78
CA TRP B 352 -43.35 47.36 36.40
C TRP B 352 -44.73 46.97 35.90
N ILE B 353 -44.77 45.93 35.09
CA ILE B 353 -46.02 45.31 34.66
C ILE B 353 -46.23 44.12 35.58
N SER B 354 -47.15 44.24 36.53
CA SER B 354 -47.36 43.17 37.48
C SER B 354 -48.03 41.98 36.81
N LYS B 355 -47.99 40.84 37.49
CA LYS B 355 -48.58 39.64 36.92
C LYS B 355 -50.09 39.70 36.92
N GLN B 356 -50.69 40.25 37.98
CA GLN B 356 -52.13 40.38 38.00
C GLN B 356 -52.61 41.35 36.93
N GLU B 357 -51.86 42.43 36.73
CA GLU B 357 -52.18 43.36 35.65
C GLU B 357 -52.20 42.64 34.30
N TYR B 358 -51.24 41.73 34.09
CA TYR B 358 -51.20 40.98 32.84
C TYR B 358 -52.37 40.02 32.74
N ASP B 359 -52.60 39.22 33.78
CA ASP B 359 -53.76 38.32 33.77
C ASP B 359 -55.05 39.08 33.52
N GLU B 360 -55.09 40.35 33.92
CA GLU B 360 -56.27 41.16 33.67
C GLU B 360 -56.37 41.56 32.21
N ALA B 361 -55.30 42.10 31.64
CA ALA B 361 -55.41 42.82 30.37
C ALA B 361 -54.86 42.08 29.15
N GLY B 362 -54.18 40.95 29.33
CA GLY B 362 -53.59 40.25 28.21
C GLY B 362 -52.21 40.78 27.87
N PRO B 363 -51.53 40.14 26.92
CA PRO B 363 -50.21 40.64 26.50
C PRO B 363 -50.25 42.02 25.86
N SER B 364 -51.43 42.54 25.53
CA SER B 364 -51.53 43.88 25.00
C SER B 364 -51.12 44.94 26.00
N ILE B 365 -50.98 44.57 27.28
CA ILE B 365 -50.60 45.52 28.31
C ILE B 365 -49.22 46.11 28.09
N VAL B 366 -48.44 45.56 27.17
CA VAL B 366 -47.06 45.98 27.03
C VAL B 366 -46.97 47.29 26.26
N HIS B 367 -47.60 47.35 25.09
CA HIS B 367 -47.60 48.60 24.33
C HIS B 367 -48.43 49.67 25.01
N ARG B 368 -49.40 49.26 25.82
CA ARG B 368 -50.28 50.18 26.50
C ARG B 368 -49.47 51.13 27.38
N LYS B 369 -50.14 52.17 27.89
CA LYS B 369 -49.49 53.18 28.71
C LYS B 369 -48.66 52.58 29.83
N CYS B 370 -48.93 51.33 30.21
CA CYS B 370 -48.02 50.58 31.07
C CYS B 370 -46.91 49.97 30.19
N PHE B 371 -46.07 50.86 29.67
CA PHE B 371 -45.18 50.61 28.55
C PHE B 371 -44.15 49.49 28.73
N THR C 1 -12.30 -66.22 11.26
CA THR C 1 -11.30 -66.50 10.23
C THR C 1 -10.05 -65.65 10.44
N THR C 2 -8.90 -66.19 10.04
CA THR C 2 -7.64 -65.51 10.24
C THR C 2 -6.93 -65.33 8.91
N ALA C 3 -6.05 -64.34 8.87
CA ALA C 3 -5.34 -63.98 7.65
C ALA C 3 -3.90 -64.46 7.72
N LEU C 4 -3.33 -64.70 6.55
CA LEU C 4 -1.93 -65.11 6.42
C LEU C 4 -1.10 -63.91 6.04
N VAL C 5 0.07 -63.79 6.63
CA VAL C 5 0.99 -62.71 6.32
C VAL C 5 2.24 -63.32 5.71
N CYS C 6 2.39 -63.15 4.40
CA CYS C 6 3.50 -63.73 3.65
C CYS C 6 4.41 -62.62 3.18
N ASP C 7 5.53 -62.44 3.85
CA ASP C 7 6.53 -61.44 3.47
C ASP C 7 7.56 -62.12 2.58
N ASN C 8 7.19 -62.29 1.31
CA ASN C 8 8.01 -63.11 0.41
C ASN C 8 9.41 -62.56 0.24
N GLY C 9 9.60 -61.26 0.42
CA GLY C 9 10.93 -60.70 0.42
C GLY C 9 11.65 -61.02 -0.87
N SER C 10 12.98 -61.11 -0.77
CA SER C 10 13.79 -61.52 -1.91
C SER C 10 15.04 -62.19 -1.35
N GLY C 11 14.98 -63.50 -1.17
CA GLY C 11 16.05 -64.21 -0.49
C GLY C 11 15.63 -64.90 0.78
N LEU C 12 14.47 -64.57 1.33
CA LEU C 12 13.88 -65.31 2.46
C LEU C 12 12.38 -65.13 2.40
N VAL C 13 11.65 -66.23 2.45
CA VAL C 13 10.20 -66.20 2.57
C VAL C 13 9.88 -66.30 4.05
N LYS C 14 9.10 -65.37 4.56
CA LYS C 14 8.64 -65.38 5.94
C LYS C 14 7.13 -65.40 5.92
N ALA C 15 6.54 -66.45 6.48
CA ALA C 15 5.10 -66.62 6.47
C ALA C 15 4.62 -66.92 7.87
N GLY C 16 3.31 -66.91 8.04
CA GLY C 16 2.74 -67.08 9.36
C GLY C 16 1.29 -66.64 9.34
N PHE C 17 0.72 -66.52 10.53
CA PHE C 17 -0.66 -66.11 10.70
C PHE C 17 -0.72 -64.71 11.28
N ALA C 18 -1.73 -63.96 10.87
CA ALA C 18 -1.91 -62.62 11.39
C ALA C 18 -2.38 -62.70 12.83
N GLY C 19 -1.65 -62.04 13.72
CA GLY C 19 -1.91 -62.10 15.13
C GLY C 19 -0.84 -62.80 15.92
N ASP C 20 0.13 -63.42 15.26
CA ASP C 20 1.24 -64.03 15.96
C ASP C 20 2.34 -63.00 16.20
N ASP C 21 3.31 -63.39 17.02
CA ASP C 21 4.38 -62.49 17.40
C ASP C 21 5.60 -62.62 16.50
N ALA C 22 5.68 -63.66 15.69
CA ALA C 22 6.82 -63.90 14.82
C ALA C 22 6.39 -64.78 13.68
N PRO C 23 7.12 -64.76 12.56
CA PRO C 23 6.77 -65.65 11.46
C PRO C 23 6.95 -67.10 11.84
N ARG C 24 6.05 -67.94 11.36
CA ARG C 24 6.11 -69.35 11.69
C ARG C 24 7.09 -70.10 10.78
N ALA C 25 7.13 -69.75 9.52
CA ALA C 25 7.95 -70.42 8.52
C ALA C 25 8.94 -69.42 7.93
N VAL C 26 10.22 -69.70 8.05
CA VAL C 26 11.27 -68.87 7.49
C VAL C 26 12.25 -69.77 6.77
N PHE C 27 12.34 -69.62 5.46
CA PHE C 27 13.21 -70.47 4.64
C PHE C 27 13.66 -69.65 3.45
N PRO C 28 14.76 -70.04 2.81
CA PRO C 28 15.23 -69.28 1.64
C PRO C 28 14.30 -69.44 0.47
N SER C 29 14.15 -68.39 -0.31
CA SER C 29 13.32 -68.44 -1.51
C SER C 29 14.20 -68.91 -2.66
N ILE C 30 14.35 -70.23 -2.74
CA ILE C 30 15.28 -70.87 -3.67
C ILE C 30 14.56 -72.04 -4.31
N VAL C 31 14.79 -72.23 -5.60
CA VAL C 31 14.35 -73.42 -6.30
C VAL C 31 15.57 -74.09 -6.90
N GLY C 32 15.79 -75.34 -6.55
CA GLY C 32 16.95 -76.09 -7.01
C GLY C 32 16.53 -77.18 -7.97
N ARG C 33 17.36 -77.42 -8.97
CA ARG C 33 17.15 -78.48 -9.92
C ARG C 33 18.44 -79.26 -10.06
N PRO C 34 18.37 -80.57 -10.24
CA PRO C 34 19.59 -81.36 -10.32
C PRO C 34 20.30 -81.15 -11.64
N ARG C 35 21.62 -81.05 -11.59
CA ARG C 35 22.39 -80.83 -12.80
C ARG C 35 23.21 -82.04 -13.23
N HIS C 36 23.26 -83.10 -12.43
CA HIS C 36 23.92 -84.33 -12.80
C HIS C 36 22.87 -85.33 -13.27
N GLN C 37 23.31 -86.52 -13.66
CA GLN C 37 22.43 -87.40 -14.42
C GLN C 37 21.56 -88.29 -13.55
N GLY C 38 22.15 -88.95 -12.55
CA GLY C 38 21.35 -89.80 -11.70
C GLY C 38 21.33 -91.23 -12.18
N VAL C 39 21.95 -92.12 -11.42
CA VAL C 39 22.25 -93.47 -11.86
C VAL C 39 21.39 -94.50 -11.15
N MET C 40 21.15 -94.34 -9.86
CA MET C 40 20.42 -95.35 -9.12
C MET C 40 18.96 -95.37 -9.54
N VAL C 41 18.58 -96.44 -10.21
CA VAL C 41 17.17 -96.66 -10.55
C VAL C 41 16.41 -97.01 -9.29
N GLY C 42 15.18 -96.52 -9.19
CA GLY C 42 14.39 -96.69 -7.99
C GLY C 42 14.57 -95.58 -6.99
N MET C 43 15.52 -94.69 -7.21
CA MET C 43 15.65 -93.52 -6.34
C MET C 43 14.39 -92.67 -6.38
N GLY C 44 13.70 -92.66 -7.51
CA GLY C 44 12.45 -91.94 -7.63
C GLY C 44 12.55 -90.46 -7.35
N GLN C 45 13.73 -89.89 -7.54
CA GLN C 45 13.95 -88.50 -7.17
C GLN C 45 13.13 -87.56 -8.02
N LYS C 46 12.84 -86.40 -7.45
CA LYS C 46 11.97 -85.40 -8.03
C LYS C 46 12.76 -84.37 -8.84
N ASP C 47 12.04 -83.52 -9.55
CA ASP C 47 12.66 -82.68 -10.56
C ASP C 47 13.12 -81.34 -10.02
N SER C 48 12.49 -80.84 -8.97
CA SER C 48 12.85 -79.54 -8.42
C SER C 48 12.59 -79.51 -6.93
N TYR C 49 13.57 -79.06 -6.19
CA TYR C 49 13.47 -78.93 -4.74
C TYR C 49 13.31 -77.47 -4.36
N VAL C 50 12.48 -77.22 -3.38
CA VAL C 50 12.10 -75.86 -3.02
C VAL C 50 12.47 -75.57 -1.58
N GLY C 51 12.94 -74.36 -1.33
CA GLY C 51 13.02 -73.87 0.03
C GLY C 51 14.17 -74.44 0.80
N ASP C 52 13.91 -74.76 2.07
CA ASP C 52 14.95 -75.21 2.98
C ASP C 52 15.46 -76.58 2.61
N GLU C 53 14.67 -77.37 1.91
CA GLU C 53 15.12 -78.68 1.49
C GLU C 53 16.26 -78.55 0.49
N ALA C 54 16.15 -77.60 -0.44
CA ALA C 54 17.15 -77.43 -1.49
C ALA C 54 18.52 -77.03 -0.95
N GLN C 55 18.60 -76.58 0.29
CA GLN C 55 19.89 -76.27 0.88
C GLN C 55 20.58 -77.50 1.43
N SER C 56 19.84 -78.59 1.69
CA SER C 56 20.48 -79.82 2.10
C SER C 56 21.11 -80.53 0.92
N LYS C 57 20.41 -80.59 -0.21
CA LYS C 57 20.94 -81.15 -1.44
C LYS C 57 21.65 -80.12 -2.28
N ARG C 58 22.23 -79.12 -1.61
CA ARG C 58 22.81 -77.98 -2.30
C ARG C 58 23.94 -78.37 -3.23
N GLY C 59 24.67 -79.45 -2.92
CA GLY C 59 25.81 -79.82 -3.73
C GLY C 59 25.47 -80.45 -5.06
N ILE C 60 24.24 -80.93 -5.21
CA ILE C 60 23.82 -81.64 -6.41
C ILE C 60 23.04 -80.69 -7.31
N LEU C 61 22.44 -79.67 -6.72
CA LEU C 61 21.49 -78.81 -7.41
C LEU C 61 22.18 -77.56 -7.92
N THR C 62 21.47 -76.87 -8.82
CA THR C 62 21.82 -75.53 -9.25
C THR C 62 20.70 -74.59 -8.81
N LEU C 63 21.03 -73.63 -7.97
CA LEU C 63 20.02 -72.87 -7.23
C LEU C 63 19.64 -71.61 -7.98
N LYS C 64 18.34 -71.41 -8.14
CA LYS C 64 17.80 -70.21 -8.75
C LYS C 64 17.10 -69.37 -7.71
N TYR C 65 17.11 -68.06 -7.91
CA TYR C 65 16.31 -67.15 -7.12
C TYR C 65 15.21 -66.60 -8.00
N PRO C 66 13.94 -66.80 -7.65
CA PRO C 66 12.87 -66.29 -8.51
C PRO C 66 12.62 -64.80 -8.41
N ILE C 67 13.29 -64.10 -7.49
CA ILE C 67 13.11 -62.66 -7.31
C ILE C 67 14.48 -62.01 -7.39
N GLU C 68 14.64 -61.05 -8.30
CA GLU C 68 15.97 -60.51 -8.55
C GLU C 68 16.26 -59.27 -7.72
N HIS C 69 15.55 -58.18 -7.98
CA HIS C 69 15.66 -56.97 -7.16
C HIS C 69 14.24 -56.59 -6.81
N GLY C 70 13.66 -57.24 -5.82
CA GLY C 70 12.27 -56.99 -5.55
C GLY C 70 11.36 -57.59 -6.60
N ILE C 71 11.73 -57.39 -7.86
CA ILE C 71 10.93 -57.84 -8.99
C ILE C 71 10.97 -59.34 -9.11
N ILE C 72 9.87 -59.94 -9.54
CA ILE C 72 9.81 -61.36 -9.80
C ILE C 72 10.10 -61.62 -11.27
N THR C 73 11.11 -62.44 -11.53
CA THR C 73 11.54 -62.72 -12.89
C THR C 73 10.97 -64.04 -13.39
N ASN C 74 11.10 -65.10 -12.62
CA ASN C 74 10.53 -66.40 -12.95
C ASN C 74 9.20 -66.58 -12.22
N TRP C 75 8.14 -66.84 -12.97
CA TRP C 75 6.83 -66.92 -12.35
C TRP C 75 6.42 -68.35 -12.01
N ASP C 76 6.88 -69.34 -12.76
CA ASP C 76 6.52 -70.72 -12.47
C ASP C 76 7.12 -71.18 -11.16
N ASP C 77 8.41 -70.94 -10.95
CA ASP C 77 8.97 -71.34 -9.68
C ASP C 77 8.56 -70.42 -8.54
N MET C 78 8.07 -69.22 -8.83
CA MET C 78 7.46 -68.45 -7.76
C MET C 78 6.15 -69.07 -7.32
N GLU C 79 5.35 -69.57 -8.26
CA GLU C 79 4.19 -70.36 -7.86
C GLU C 79 4.62 -71.57 -7.06
N LYS C 80 5.77 -72.16 -7.40
CA LYS C 80 6.29 -73.27 -6.61
C LYS C 80 6.62 -72.84 -5.19
N ILE C 81 7.27 -71.69 -5.04
CA ILE C 81 7.59 -71.17 -3.71
C ILE C 81 6.31 -70.99 -2.89
N TRP C 82 5.29 -70.39 -3.51
CA TRP C 82 4.06 -70.14 -2.76
C TRP C 82 3.36 -71.44 -2.40
N HIS C 83 3.34 -72.39 -3.33
CA HIS C 83 2.73 -73.69 -3.05
C HIS C 83 3.44 -74.37 -1.89
N HIS C 84 4.77 -74.37 -1.91
CA HIS C 84 5.51 -74.94 -0.79
C HIS C 84 5.17 -74.23 0.51
N THR C 85 5.10 -72.91 0.48
CA THR C 85 4.80 -72.14 1.68
C THR C 85 3.43 -72.50 2.25
N PHE C 86 2.43 -72.58 1.38
CA PHE C 86 1.09 -72.83 1.87
C PHE C 86 0.93 -74.26 2.37
N TYR C 87 1.42 -75.25 1.63
CA TYR C 87 1.06 -76.62 1.92
C TYR C 87 2.10 -77.37 2.73
N ASN C 88 3.38 -77.06 2.63
CA ASN C 88 4.39 -77.85 3.30
C ASN C 88 4.96 -77.18 4.53
N GLU C 89 4.92 -75.87 4.63
CA GLU C 89 5.45 -75.19 5.81
C GLU C 89 4.36 -74.77 6.77
N LEU C 90 3.23 -74.28 6.27
CA LEU C 90 2.13 -73.87 7.12
C LEU C 90 1.02 -74.91 7.21
N ARG C 91 0.82 -75.70 6.16
CA ARG C 91 -0.23 -76.72 6.12
C ARG C 91 -1.60 -76.08 6.33
N VAL C 92 -1.96 -75.20 5.40
CA VAL C 92 -3.24 -74.51 5.42
C VAL C 92 -3.81 -74.54 4.01
N ALA C 93 -5.12 -74.55 3.92
CA ALA C 93 -5.78 -74.48 2.63
C ALA C 93 -6.11 -73.03 2.33
N PRO C 94 -5.50 -72.42 1.31
CA PRO C 94 -5.70 -70.99 1.07
C PRO C 94 -7.05 -70.61 0.53
N GLU C 95 -8.01 -71.53 0.43
CA GLU C 95 -9.34 -71.16 -0.01
C GLU C 95 -10.16 -70.48 1.06
N GLU C 96 -9.68 -70.46 2.31
CA GLU C 96 -10.44 -69.85 3.39
C GLU C 96 -9.59 -68.90 4.23
N HIS C 97 -8.45 -68.47 3.71
CA HIS C 97 -7.58 -67.56 4.43
C HIS C 97 -7.30 -66.35 3.55
N PRO C 98 -7.61 -65.14 4.00
CA PRO C 98 -7.10 -63.95 3.31
C PRO C 98 -5.59 -63.91 3.41
N THR C 99 -4.96 -63.32 2.41
CA THR C 99 -3.51 -63.31 2.33
C THR C 99 -3.02 -61.89 2.15
N LEU C 100 -2.09 -61.47 2.99
CA LEU C 100 -1.46 -60.17 2.90
C LEU C 100 -0.04 -60.34 2.41
N LEU C 101 0.30 -59.66 1.32
CA LEU C 101 1.64 -59.75 0.73
C LEU C 101 2.27 -58.38 0.70
N THR C 102 3.59 -58.36 0.66
CA THR C 102 4.34 -57.11 0.71
C THR C 102 5.06 -56.89 -0.60
N GLU C 103 5.53 -55.66 -0.79
CA GLU C 103 6.24 -55.29 -2.00
C GLU C 103 7.00 -54.01 -1.74
N ALA C 104 8.10 -53.84 -2.46
CA ALA C 104 8.91 -52.64 -2.31
C ALA C 104 8.33 -51.48 -3.09
N PRO C 105 8.65 -50.25 -2.70
CA PRO C 105 8.17 -49.10 -3.46
C PRO C 105 8.82 -49.03 -4.83
N LEU C 106 8.12 -48.36 -5.75
CA LEU C 106 8.66 -48.05 -7.07
C LEU C 106 9.01 -49.31 -7.85
N ASN C 107 8.09 -50.24 -7.88
CA ASN C 107 8.21 -51.47 -8.64
C ASN C 107 7.34 -51.41 -9.88
N PRO C 108 7.55 -52.28 -10.86
CA PRO C 108 6.64 -52.34 -12.00
C PRO C 108 5.22 -52.64 -11.55
N LYS C 109 4.26 -52.24 -12.37
CA LYS C 109 2.87 -52.51 -12.04
C LYS C 109 2.49 -53.95 -12.35
N ALA C 110 3.10 -54.53 -13.37
CA ALA C 110 2.77 -55.90 -13.73
C ALA C 110 3.14 -56.86 -12.62
N ASN C 111 4.10 -56.52 -11.78
CA ASN C 111 4.42 -57.34 -10.63
C ASN C 111 3.19 -57.54 -9.76
N ARG C 112 2.60 -56.45 -9.30
CA ARG C 112 1.39 -56.54 -8.47
C ARG C 112 0.26 -57.21 -9.22
N GLU C 113 0.08 -56.86 -10.50
CA GLU C 113 -1.06 -57.38 -11.22
C GLU C 113 -0.99 -58.89 -11.36
N LYS C 114 0.16 -59.42 -11.75
CA LYS C 114 0.32 -60.86 -11.83
C LYS C 114 0.26 -61.52 -10.47
N MET C 115 0.80 -60.87 -9.44
CA MET C 115 0.73 -61.45 -8.11
C MET C 115 -0.70 -61.69 -7.69
N THR C 116 -1.58 -60.71 -7.92
CA THR C 116 -2.96 -60.89 -7.50
C THR C 116 -3.71 -61.83 -8.43
N GLN C 117 -3.40 -61.79 -9.72
CA GLN C 117 -3.99 -62.76 -10.62
C GLN C 117 -3.71 -64.18 -10.16
N ILE C 118 -2.47 -64.45 -9.79
CA ILE C 118 -2.09 -65.78 -9.32
C ILE C 118 -2.80 -66.10 -8.01
N MET C 119 -2.76 -65.17 -7.07
CA MET C 119 -3.34 -65.46 -5.76
C MET C 119 -4.84 -65.67 -5.84
N PHE C 120 -5.50 -65.14 -6.86
CA PHE C 120 -6.94 -65.34 -6.96
C PHE C 120 -7.31 -66.54 -7.83
N GLU C 121 -6.52 -66.87 -8.85
CA GLU C 121 -6.91 -67.93 -9.75
C GLU C 121 -6.22 -69.26 -9.46
N THR C 122 -4.92 -69.24 -9.18
CA THR C 122 -4.23 -70.48 -8.88
C THR C 122 -4.54 -70.97 -7.48
N PHE C 123 -4.56 -70.08 -6.50
CA PHE C 123 -4.77 -70.47 -5.12
C PHE C 123 -6.15 -70.18 -4.58
N ASN C 124 -6.94 -69.37 -5.27
CA ASN C 124 -8.36 -69.15 -4.95
C ASN C 124 -8.58 -68.54 -3.59
N VAL C 125 -7.64 -67.73 -3.10
CA VAL C 125 -7.79 -67.11 -1.79
C VAL C 125 -9.04 -66.25 -1.81
N PRO C 126 -9.74 -66.07 -0.69
CA PRO C 126 -10.95 -65.27 -0.71
C PRO C 126 -10.70 -63.79 -0.80
N ALA C 127 -9.57 -63.32 -0.25
CA ALA C 127 -9.22 -61.91 -0.32
C ALA C 127 -7.70 -61.81 -0.36
N MET C 128 -7.21 -60.63 -0.71
CA MET C 128 -5.78 -60.41 -0.70
C MET C 128 -5.50 -58.92 -0.68
N TYR C 129 -4.25 -58.57 -0.40
CA TYR C 129 -3.86 -57.18 -0.25
C TYR C 129 -2.35 -57.10 -0.35
N VAL C 130 -1.85 -56.09 -1.05
CA VAL C 130 -0.42 -55.89 -1.23
C VAL C 130 -0.02 -54.62 -0.49
N ALA C 131 0.95 -54.74 0.40
CA ALA C 131 1.34 -53.64 1.26
C ALA C 131 2.78 -53.23 0.99
N ILE C 132 3.10 -52.00 1.34
CA ILE C 132 4.47 -51.53 1.19
C ILE C 132 5.27 -51.94 2.41
N GLN C 133 6.54 -52.28 2.21
CA GLN C 133 7.32 -52.87 3.28
C GLN C 133 7.67 -51.85 4.36
N ALA C 134 7.99 -50.63 3.96
CA ALA C 134 8.43 -49.63 4.93
C ALA C 134 7.30 -49.23 5.87
N VAL C 135 6.08 -49.16 5.35
CA VAL C 135 4.94 -48.82 6.21
C VAL C 135 4.76 -49.88 7.28
N LEU C 136 4.85 -51.15 6.90
CA LEU C 136 4.72 -52.22 7.88
C LEU C 136 5.85 -52.18 8.88
N SER C 137 7.04 -51.81 8.44
CA SER C 137 8.14 -51.68 9.37
C SER C 137 7.86 -50.62 10.40
N LEU C 138 7.24 -49.52 9.99
CA LEU C 138 6.91 -48.47 10.96
C LEU C 138 5.83 -48.93 11.93
N TYR C 139 4.80 -49.62 11.43
CA TYR C 139 3.80 -50.23 12.29
C TYR C 139 4.47 -51.05 13.39
N ALA C 140 5.37 -51.96 13.00
CA ALA C 140 6.02 -52.81 13.99
C ALA C 140 6.92 -52.04 14.93
N SER C 141 7.57 -50.98 14.44
CA SER C 141 8.42 -50.18 15.32
C SER C 141 7.62 -49.35 16.31
N GLY C 142 6.34 -49.14 16.07
CA GLY C 142 5.52 -48.45 17.04
C GLY C 142 5.51 -46.94 16.88
N ARG C 143 6.20 -46.40 15.89
CA ARG C 143 6.14 -45.00 15.56
C ARG C 143 4.88 -44.69 14.77
N THR C 144 4.68 -43.42 14.50
CA THR C 144 3.75 -43.00 13.47
C THR C 144 4.35 -41.97 12.54
N THR C 145 5.51 -41.40 12.89
CA THR C 145 6.34 -40.64 11.97
C THR C 145 7.69 -41.32 11.88
N GLY C 146 8.59 -40.75 11.10
CA GLY C 146 9.90 -41.32 11.01
C GLY C 146 10.25 -41.74 9.60
N ILE C 147 11.53 -41.68 9.29
CA ILE C 147 12.05 -42.08 7.98
C ILE C 147 12.64 -43.48 8.12
N VAL C 148 12.12 -44.42 7.37
CA VAL C 148 12.49 -45.82 7.51
C VAL C 148 13.38 -46.24 6.36
N LEU C 149 14.51 -46.87 6.70
CA LEU C 149 15.46 -47.43 5.76
C LEU C 149 15.33 -48.94 5.79
N ASP C 150 14.82 -49.53 4.73
CA ASP C 150 14.51 -50.96 4.72
C ASP C 150 15.44 -51.66 3.74
N SER C 151 16.58 -52.10 4.24
CA SER C 151 17.59 -52.75 3.43
C SER C 151 17.36 -54.25 3.47
N GLY C 152 16.79 -54.79 2.41
CA GLY C 152 16.55 -56.22 2.36
C GLY C 152 17.69 -56.98 1.73
N ASP C 153 17.38 -57.89 0.81
CA ASP C 153 18.41 -58.62 0.09
C ASP C 153 18.46 -58.26 -1.39
N GLY C 154 17.41 -57.66 -1.93
CA GLY C 154 17.46 -57.20 -3.29
C GLY C 154 17.48 -55.70 -3.43
N VAL C 155 16.79 -55.00 -2.54
CA VAL C 155 16.52 -53.58 -2.70
C VAL C 155 16.65 -52.86 -1.37
N THR C 156 17.14 -51.63 -1.42
CA THR C 156 17.19 -50.73 -0.28
C THR C 156 16.35 -49.52 -0.61
N HIS C 157 15.51 -49.09 0.33
CA HIS C 157 14.71 -47.91 0.08
C HIS C 157 14.50 -47.11 1.36
N ASN C 158 14.26 -45.81 1.18
CA ASN C 158 13.89 -44.88 2.24
C ASN C 158 12.46 -44.44 1.99
N VAL C 159 11.64 -44.42 3.04
CA VAL C 159 10.27 -43.94 2.89
C VAL C 159 9.94 -43.01 4.04
N PRO C 160 9.99 -41.70 3.84
CA PRO C 160 9.69 -40.78 4.95
C PRO C 160 8.20 -40.66 5.17
N ILE C 161 7.77 -40.87 6.41
CA ILE C 161 6.37 -40.82 6.80
C ILE C 161 6.25 -39.86 7.97
N TYR C 162 5.27 -38.97 7.91
CA TYR C 162 5.02 -38.03 8.99
C TYR C 162 3.55 -38.10 9.37
N GLU C 163 3.29 -38.35 10.64
CA GLU C 163 1.94 -38.31 11.19
C GLU C 163 1.00 -39.26 10.48
N GLY C 164 1.55 -40.28 9.85
CA GLY C 164 0.74 -41.20 9.09
C GLY C 164 0.56 -40.87 7.62
N TYR C 165 1.22 -39.83 7.13
CA TYR C 165 1.14 -39.46 5.73
C TYR C 165 2.49 -39.70 5.09
N ALA C 166 2.52 -40.51 4.05
CA ALA C 166 3.76 -40.76 3.33
C ALA C 166 3.94 -39.74 2.23
N LEU C 167 5.17 -39.25 2.08
CA LEU C 167 5.51 -38.24 1.10
C LEU C 167 6.14 -38.92 -0.10
N PRO C 168 5.37 -39.26 -1.13
CA PRO C 168 5.90 -40.14 -2.17
C PRO C 168 6.99 -39.53 -3.01
N HIS C 169 7.03 -38.21 -3.13
CA HIS C 169 8.07 -37.60 -3.92
C HIS C 169 9.44 -37.71 -3.29
N ALA C 170 9.52 -38.08 -2.01
CA ALA C 170 10.79 -38.19 -1.32
C ALA C 170 11.22 -39.63 -1.13
N ILE C 171 10.49 -40.59 -1.71
CA ILE C 171 10.86 -41.98 -1.61
C ILE C 171 12.08 -42.24 -2.49
N MET C 172 13.10 -42.83 -1.90
CA MET C 172 14.30 -43.22 -2.63
C MET C 172 14.36 -44.73 -2.69
N ARG C 173 14.89 -45.25 -3.79
CA ARG C 173 15.08 -46.68 -3.94
C ARG C 173 16.45 -46.91 -4.51
N LEU C 174 17.16 -47.87 -3.95
CA LEU C 174 18.52 -48.18 -4.37
C LEU C 174 18.63 -49.67 -4.58
N ASP C 175 19.28 -50.08 -5.65
CA ASP C 175 19.40 -51.50 -5.97
C ASP C 175 20.67 -52.13 -5.43
N LEU C 176 21.24 -51.58 -4.37
CA LEU C 176 22.37 -52.18 -3.69
C LEU C 176 21.88 -52.84 -2.40
N ALA C 177 22.24 -54.10 -2.20
CA ALA C 177 21.64 -54.84 -1.10
C ALA C 177 22.54 -56.01 -0.73
N GLY C 178 21.95 -56.96 0.01
CA GLY C 178 22.73 -58.09 0.52
C GLY C 178 23.30 -58.98 -0.56
N ARG C 179 22.59 -59.15 -1.67
CA ARG C 179 23.12 -60.02 -2.72
C ARG C 179 24.30 -59.37 -3.42
N ASP C 180 24.27 -58.06 -3.60
CA ASP C 180 25.43 -57.36 -4.15
C ASP C 180 26.59 -57.40 -3.18
N LEU C 181 26.30 -57.36 -1.88
CA LEU C 181 27.38 -57.49 -0.92
C LEU C 181 27.98 -58.90 -0.95
N THR C 182 27.15 -59.91 -1.14
CA THR C 182 27.66 -61.27 -1.28
C THR C 182 28.54 -61.39 -2.51
N ASP C 183 28.13 -60.79 -3.62
CA ASP C 183 28.95 -60.87 -4.82
C ASP C 183 30.26 -60.12 -4.65
N TYR C 184 30.23 -58.98 -3.98
CA TYR C 184 31.48 -58.27 -3.74
C TYR C 184 32.40 -59.07 -2.82
N LEU C 185 31.83 -59.77 -1.85
CA LEU C 185 32.66 -60.58 -0.97
C LEU C 185 33.25 -61.77 -1.70
N MET C 186 32.47 -62.43 -2.55
CA MET C 186 33.01 -63.46 -3.41
C MET C 186 34.18 -62.93 -4.22
N LYS C 187 34.02 -61.76 -4.83
CA LYS C 187 35.05 -61.22 -5.70
C LYS C 187 36.26 -60.75 -4.91
N ILE C 188 36.07 -60.36 -3.65
CA ILE C 188 37.17 -59.82 -2.86
C ILE C 188 37.94 -60.89 -2.11
N LEU C 189 37.33 -62.05 -1.86
CA LEU C 189 38.07 -63.15 -1.24
C LEU C 189 39.10 -63.72 -2.19
N THR C 190 38.87 -63.61 -3.49
CA THR C 190 39.79 -64.14 -4.48
C THR C 190 41.22 -63.64 -4.29
N GLU C 191 41.38 -62.40 -3.86
CA GLU C 191 42.72 -61.84 -3.74
C GLU C 191 43.48 -62.50 -2.60
N ARG C 192 42.79 -63.21 -1.73
CA ARG C 192 43.45 -63.93 -0.65
C ARG C 192 43.68 -65.40 -0.98
N GLY C 193 43.11 -65.90 -2.07
CA GLY C 193 43.43 -67.23 -2.52
C GLY C 193 42.25 -68.16 -2.62
N TYR C 194 41.12 -67.78 -2.05
CA TYR C 194 39.94 -68.64 -2.04
C TYR C 194 39.06 -68.32 -3.22
N SER C 195 38.50 -69.35 -3.83
CA SER C 195 37.66 -69.20 -5.01
C SER C 195 36.31 -69.86 -4.76
N PHE C 196 35.25 -69.08 -4.90
CA PHE C 196 33.88 -69.58 -4.81
C PHE C 196 33.15 -69.12 -6.05
N VAL C 197 32.74 -70.07 -6.88
CA VAL C 197 32.16 -69.76 -8.19
C VAL C 197 30.75 -70.32 -8.33
N THR C 198 30.49 -71.51 -7.79
CA THR C 198 29.20 -72.16 -7.95
C THR C 198 28.10 -71.41 -7.21
N THR C 199 26.87 -71.55 -7.71
CA THR C 199 25.72 -71.05 -6.97
C THR C 199 25.58 -71.73 -5.61
N ALA C 200 26.18 -72.89 -5.44
CA ALA C 200 26.19 -73.55 -4.14
C ALA C 200 27.27 -73.00 -3.23
N GLU C 201 28.30 -72.39 -3.79
CA GLU C 201 29.30 -71.71 -2.97
C GLU C 201 28.89 -70.29 -2.65
N ARG C 202 27.99 -69.69 -3.42
CA ARG C 202 27.47 -68.39 -3.03
C ARG C 202 26.77 -68.47 -1.69
N GLU C 203 26.15 -69.59 -1.36
CA GLU C 203 25.50 -69.72 -0.06
C GLU C 203 26.53 -69.81 1.06
N ILE C 204 27.65 -70.48 0.82
CA ILE C 204 28.71 -70.51 1.82
C ILE C 204 29.25 -69.11 2.04
N VAL C 205 29.36 -68.33 0.98
CA VAL C 205 29.88 -66.97 1.13
C VAL C 205 28.89 -66.10 1.87
N ARG C 206 27.60 -66.30 1.62
CA ARG C 206 26.59 -65.57 2.38
C ARG C 206 26.69 -65.89 3.86
N ASP C 207 26.94 -67.14 4.18
CA ASP C 207 27.11 -67.51 5.58
C ASP C 207 28.34 -66.85 6.20
N ILE C 208 29.46 -66.83 5.47
CA ILE C 208 30.64 -66.15 5.95
C ILE C 208 30.33 -64.68 6.24
N LYS C 209 29.63 -64.03 5.31
CA LYS C 209 29.29 -62.63 5.48
C LYS C 209 28.48 -62.43 6.75
N GLU C 210 27.39 -63.18 6.89
CA GLU C 210 26.53 -63.04 8.06
C GLU C 210 27.31 -63.23 9.36
N LYS C 211 28.23 -64.18 9.39
CA LYS C 211 28.84 -64.51 10.66
C LYS C 211 30.11 -63.76 10.97
N LEU C 212 30.72 -63.07 10.00
CA LEU C 212 32.00 -62.42 10.28
C LEU C 212 32.08 -60.96 9.88
N CYS C 213 31.18 -60.45 9.06
CA CYS C 213 31.37 -59.08 8.59
C CYS C 213 30.84 -58.09 9.62
N TYR C 214 31.34 -56.86 9.53
CA TYR C 214 30.91 -55.78 10.41
C TYR C 214 31.28 -54.46 9.78
N VAL C 215 30.60 -53.41 10.23
CA VAL C 215 30.81 -52.07 9.68
C VAL C 215 31.83 -51.35 10.53
N ALA C 216 32.84 -50.78 9.89
CA ALA C 216 33.85 -50.03 10.60
C ALA C 216 33.33 -48.64 10.92
N LEU C 217 33.68 -48.13 12.10
CA LEU C 217 33.27 -46.77 12.41
C LEU C 217 34.10 -45.75 11.64
N ASP C 218 35.38 -46.04 11.45
CA ASP C 218 36.25 -45.18 10.64
C ASP C 218 37.01 -46.07 9.67
N PHE C 219 36.73 -45.91 8.39
CA PHE C 219 37.22 -46.87 7.40
C PHE C 219 38.73 -46.78 7.24
N GLU C 220 39.27 -45.57 7.17
CA GLU C 220 40.71 -45.44 6.96
C GLU C 220 41.50 -45.93 8.17
N ASN C 221 41.01 -45.63 9.37
CA ASN C 221 41.70 -46.10 10.56
C ASN C 221 41.62 -47.60 10.68
N GLU C 222 40.50 -48.21 10.30
CA GLU C 222 40.42 -49.67 10.32
C GLU C 222 41.33 -50.28 9.26
N MET C 223 41.46 -49.63 8.10
CA MET C 223 42.37 -50.14 7.10
C MET C 223 43.81 -50.09 7.59
N ALA C 224 44.18 -49.02 8.27
CA ALA C 224 45.53 -48.95 8.85
C ALA C 224 45.71 -50.00 9.94
N THR C 225 44.70 -50.19 10.79
CA THR C 225 44.80 -51.19 11.83
C THR C 225 44.98 -52.59 11.25
N ALA C 226 44.29 -52.88 10.16
CA ALA C 226 44.48 -54.19 9.53
C ALA C 226 45.83 -54.29 8.85
N ALA C 227 46.31 -53.19 8.27
CA ALA C 227 47.62 -53.22 7.60
C ALA C 227 48.76 -53.33 8.58
N SER C 228 48.53 -53.03 9.86
CA SER C 228 49.60 -53.10 10.84
C SER C 228 49.44 -54.29 11.78
N SER C 229 48.34 -54.37 12.50
CA SER C 229 48.12 -55.42 13.48
C SER C 229 47.79 -56.74 12.78
N SER C 230 47.36 -57.70 13.60
CA SER C 230 46.70 -58.89 13.09
C SER C 230 45.52 -59.27 13.97
N SER C 231 45.09 -58.40 14.87
CA SER C 231 44.01 -58.67 15.80
C SER C 231 42.63 -58.67 15.15
N LEU C 232 42.57 -58.52 13.83
CA LEU C 232 41.31 -58.52 13.11
C LEU C 232 41.00 -59.84 12.44
N GLU C 233 42.02 -60.66 12.17
CA GLU C 233 41.81 -61.92 11.47
C GLU C 233 40.94 -62.86 12.28
N LYS C 234 39.92 -63.40 11.63
CA LYS C 234 39.12 -64.47 12.18
C LYS C 234 39.07 -65.61 11.18
N SER C 235 38.85 -66.82 11.67
CA SER C 235 38.89 -68.01 10.84
C SER C 235 37.51 -68.63 10.76
N TYR C 236 37.19 -69.18 9.60
CA TYR C 236 35.92 -69.82 9.34
C TYR C 236 36.19 -71.21 8.80
N GLU C 237 35.25 -72.11 9.03
CA GLU C 237 35.43 -73.53 8.71
C GLU C 237 34.48 -73.92 7.60
N LEU C 238 35.03 -74.19 6.42
CA LEU C 238 34.23 -74.56 5.28
C LEU C 238 33.54 -75.89 5.54
N PRO C 239 32.57 -76.27 4.71
CA PRO C 239 31.87 -77.54 4.95
C PRO C 239 32.75 -78.76 4.92
N ASP C 240 33.95 -78.69 4.36
CA ASP C 240 34.84 -79.83 4.24
C ASP C 240 36.15 -79.62 4.98
N GLY C 241 36.10 -79.04 6.17
CA GLY C 241 37.34 -78.66 6.81
C GLY C 241 37.84 -77.41 6.14
N GLN C 242 39.13 -77.33 5.85
CA GLN C 242 39.67 -76.24 5.04
C GLN C 242 39.34 -74.88 5.67
N VAL C 243 39.93 -74.63 6.83
CA VAL C 243 39.74 -73.36 7.50
C VAL C 243 40.29 -72.22 6.63
N ILE C 244 39.56 -71.11 6.58
CA ILE C 244 39.98 -69.92 5.86
C ILE C 244 40.00 -68.74 6.82
N THR C 245 40.94 -67.83 6.60
CA THR C 245 41.12 -66.66 7.46
C THR C 245 40.99 -65.39 6.65
N ILE C 246 40.26 -64.42 7.19
CA ILE C 246 39.98 -63.17 6.51
C ILE C 246 40.29 -62.00 7.43
N GLY C 247 40.85 -60.95 6.87
CA GLY C 247 41.15 -59.74 7.62
C GLY C 247 40.37 -58.54 7.16
N ASN C 248 41.01 -57.69 6.34
CA ASN C 248 40.39 -56.53 5.71
C ASN C 248 38.98 -56.81 5.24
N GLU C 249 38.78 -57.96 4.60
CA GLU C 249 37.52 -58.29 3.98
C GLU C 249 36.37 -58.28 4.96
N ARG C 250 36.64 -58.31 6.26
CA ARG C 250 35.56 -58.33 7.23
C ARG C 250 34.76 -57.05 7.19
N PHE C 251 35.44 -55.91 7.08
CA PHE C 251 34.76 -54.64 7.02
C PHE C 251 34.81 -53.98 5.65
N ARG C 252 35.61 -54.50 4.72
CA ARG C 252 35.54 -53.95 3.37
C ARG C 252 34.27 -54.36 2.65
N CYS C 253 33.64 -55.45 3.05
CA CYS C 253 32.41 -55.88 2.36
C CYS C 253 31.25 -54.95 2.65
N PRO C 254 30.81 -54.75 3.91
CA PRO C 254 29.64 -53.90 4.13
C PRO C 254 29.92 -52.43 3.94
N GLU C 255 31.17 -52.03 3.76
CA GLU C 255 31.48 -50.66 3.40
C GLU C 255 30.96 -50.29 2.01
N THR C 256 30.59 -51.27 1.21
CA THR C 256 29.97 -50.97 -0.08
C THR C 256 28.66 -50.25 0.10
N LEU C 257 28.00 -50.43 1.24
CA LEU C 257 26.76 -49.71 1.49
C LEU C 257 27.00 -48.22 1.62
N PHE C 258 28.17 -47.82 2.13
CA PHE C 258 28.48 -46.43 2.30
C PHE C 258 29.34 -45.86 1.20
N GLN C 259 29.88 -46.72 0.33
CA GLN C 259 30.65 -46.27 -0.84
C GLN C 259 30.32 -47.14 -2.03
N PRO C 260 29.14 -46.97 -2.62
CA PRO C 260 28.72 -47.85 -3.72
C PRO C 260 29.65 -47.82 -4.92
N SER C 261 30.65 -46.94 -4.95
CA SER C 261 31.62 -46.97 -6.02
C SER C 261 32.52 -48.18 -5.93
N PHE C 262 32.48 -48.94 -4.84
CA PHE C 262 33.29 -50.15 -4.76
C PHE C 262 32.83 -51.17 -5.78
N ILE C 263 31.53 -51.31 -5.98
CA ILE C 263 31.00 -52.20 -6.98
C ILE C 263 30.63 -51.45 -8.26
N GLY C 264 31.21 -50.28 -8.47
CA GLY C 264 31.04 -49.59 -9.72
C GLY C 264 29.72 -48.86 -9.89
N MET C 265 28.97 -48.65 -8.82
CA MET C 265 27.76 -47.86 -8.94
C MET C 265 28.08 -46.37 -8.83
N GLU C 266 27.19 -45.56 -9.36
CA GLU C 266 27.34 -44.11 -9.35
C GLU C 266 26.67 -43.46 -8.15
N SER C 267 25.70 -44.13 -7.54
CA SER C 267 24.87 -43.53 -6.51
C SER C 267 25.67 -43.26 -5.24
N ALA C 268 24.98 -42.74 -4.24
CA ALA C 268 25.58 -42.38 -2.96
C ALA C 268 25.18 -43.38 -1.88
N GLY C 269 25.91 -43.34 -0.77
CA GLY C 269 25.72 -44.30 0.29
C GLY C 269 24.34 -44.21 0.90
N ILE C 270 24.05 -45.17 1.77
CA ILE C 270 22.75 -45.18 2.40
C ILE C 270 22.58 -43.99 3.32
N HIS C 271 23.67 -43.53 3.93
CA HIS C 271 23.58 -42.35 4.78
C HIS C 271 23.22 -41.12 3.96
N GLU C 272 23.82 -40.99 2.78
CA GLU C 272 23.58 -39.82 1.96
C GLU C 272 22.20 -39.88 1.31
N THR C 273 21.72 -41.05 0.92
CA THR C 273 20.36 -41.07 0.41
C THR C 273 19.34 -40.85 1.51
N THR C 274 19.62 -41.28 2.74
CA THR C 274 18.72 -40.95 3.84
C THR C 274 18.67 -39.44 4.06
N TYR C 275 19.83 -38.80 4.10
CA TYR C 275 19.86 -37.36 4.26
C TYR C 275 19.16 -36.64 3.11
N ASN C 276 19.33 -37.13 1.88
CA ASN C 276 18.70 -36.47 0.74
C ASN C 276 17.20 -36.66 0.76
N SER C 277 16.73 -37.83 1.17
CA SER C 277 15.29 -38.01 1.30
C SER C 277 14.72 -37.14 2.38
N ILE C 278 15.48 -36.87 3.45
CA ILE C 278 15.01 -35.92 4.45
C ILE C 278 14.95 -34.52 3.87
N MET C 279 16.00 -34.10 3.17
CA MET C 279 16.02 -32.75 2.61
C MET C 279 15.00 -32.56 1.50
N LYS C 280 14.48 -33.62 0.93
CA LYS C 280 13.38 -33.46 -0.02
C LYS C 280 12.06 -33.15 0.69
N CYS C 281 11.98 -33.38 1.99
CA CYS C 281 10.73 -33.21 2.71
C CYS C 281 10.57 -31.77 3.18
N ASP C 282 9.37 -31.42 3.62
CA ASP C 282 9.08 -30.07 4.04
C ASP C 282 9.94 -29.69 5.23
N ILE C 283 10.16 -28.39 5.42
CA ILE C 283 11.14 -27.95 6.40
C ILE C 283 10.64 -28.13 7.82
N ASP C 284 9.35 -28.34 8.01
CA ASP C 284 8.78 -28.39 9.34
C ASP C 284 8.93 -29.76 9.99
N ILE C 285 9.06 -30.82 9.21
CA ILE C 285 9.07 -32.18 9.73
C ILE C 285 10.46 -32.77 9.78
N ARG C 286 11.47 -32.02 9.38
CA ARG C 286 12.81 -32.57 9.38
C ARG C 286 13.33 -32.83 10.79
N LYS C 287 12.85 -32.09 11.78
CA LYS C 287 13.21 -32.39 13.16
C LYS C 287 12.81 -33.82 13.52
N ASP C 288 11.53 -34.13 13.34
CA ASP C 288 11.05 -35.46 13.71
C ASP C 288 11.70 -36.53 12.86
N LEU C 289 11.91 -36.26 11.58
CA LEU C 289 12.56 -37.25 10.74
C LEU C 289 13.98 -37.54 11.22
N TYR C 290 14.73 -36.50 11.56
CA TYR C 290 16.07 -36.71 12.11
C TYR C 290 16.01 -37.52 13.39
N ALA C 291 14.99 -37.28 14.21
CA ALA C 291 14.94 -37.95 15.50
C ALA C 291 14.33 -39.35 15.44
N ASN C 292 13.80 -39.78 14.31
CA ASN C 292 13.09 -41.06 14.23
C ASN C 292 13.54 -41.88 13.05
N ASN C 293 14.84 -42.07 12.90
CA ASN C 293 15.40 -42.76 11.74
C ASN C 293 15.43 -44.26 12.00
N VAL C 294 14.49 -44.99 11.39
CA VAL C 294 14.21 -46.38 11.73
C VAL C 294 14.88 -47.31 10.73
N LEU C 295 15.62 -48.29 11.23
CA LEU C 295 16.26 -49.30 10.40
C LEU C 295 15.47 -50.59 10.43
N SER C 296 15.45 -51.31 9.32
CA SER C 296 14.84 -52.63 9.31
C SER C 296 15.43 -53.42 8.15
N GLY C 297 15.17 -54.72 8.14
CA GLY C 297 15.65 -55.60 7.11
C GLY C 297 16.99 -56.24 7.43
N GLY C 298 17.29 -57.32 6.73
CA GLY C 298 18.44 -58.14 7.06
C GLY C 298 19.77 -57.42 6.89
N THR C 299 19.91 -56.65 5.82
CA THR C 299 21.19 -56.00 5.55
C THR C 299 21.53 -54.91 6.56
N THR C 300 20.63 -54.58 7.46
CA THR C 300 20.93 -53.62 8.52
C THR C 300 21.43 -54.30 9.77
N MET C 301 21.79 -55.58 9.70
CA MET C 301 22.11 -56.36 10.89
C MET C 301 23.60 -56.40 11.21
N TYR C 302 24.45 -55.76 10.42
CA TYR C 302 25.86 -55.81 10.72
C TYR C 302 26.15 -55.07 12.02
N PRO C 303 27.04 -55.59 12.86
CA PRO C 303 27.43 -54.85 14.05
C PRO C 303 28.17 -53.58 13.68
N GLY C 304 27.67 -52.45 14.16
CA GLY C 304 28.28 -51.17 13.91
C GLY C 304 27.55 -50.33 12.88
N ILE C 305 26.52 -50.88 12.23
CA ILE C 305 25.82 -50.15 11.19
C ILE C 305 25.13 -48.92 11.78
N ALA C 306 24.50 -49.07 12.95
CA ALA C 306 23.77 -47.95 13.53
C ALA C 306 24.71 -46.85 13.99
N ASP C 307 25.82 -47.22 14.64
CA ASP C 307 26.77 -46.20 15.07
C ASP C 307 27.38 -45.48 13.89
N ARG C 308 27.76 -46.23 12.85
CA ARG C 308 28.34 -45.60 11.66
C ARG C 308 27.33 -44.65 11.02
N MET C 309 26.09 -45.09 10.88
CA MET C 309 25.13 -44.29 10.17
C MET C 309 24.76 -43.05 10.97
N GLN C 310 24.70 -43.18 12.29
CA GLN C 310 24.49 -42.00 13.12
C GLN C 310 25.64 -41.02 12.98
N LYS C 311 26.87 -41.50 12.97
CA LYS C 311 28.00 -40.60 12.79
C LYS C 311 27.90 -39.86 11.47
N GLU C 312 27.56 -40.57 10.40
CA GLU C 312 27.49 -39.94 9.08
C GLU C 312 26.38 -38.90 9.01
N ILE C 313 25.16 -39.30 9.37
CA ILE C 313 24.04 -38.37 9.29
C ILE C 313 24.25 -37.19 10.23
N THR C 314 24.93 -37.39 11.35
CA THR C 314 25.22 -36.29 12.23
C THR C 314 26.20 -35.32 11.61
N ALA C 315 27.22 -35.82 10.93
CA ALA C 315 28.14 -34.93 10.25
C ALA C 315 27.50 -34.24 9.06
N LEU C 316 26.40 -34.77 8.54
CA LEU C 316 25.71 -34.12 7.44
C LEU C 316 24.71 -33.07 7.89
N ALA C 317 23.90 -33.38 8.89
CA ALA C 317 22.83 -32.50 9.34
C ALA C 317 23.41 -31.30 10.08
N PRO C 318 22.60 -30.27 10.33
CA PRO C 318 23.06 -29.15 11.15
C PRO C 318 23.36 -29.57 12.58
N SER C 319 24.16 -28.73 13.24
CA SER C 319 24.67 -29.08 14.56
C SER C 319 23.61 -29.02 15.65
N THR C 320 22.48 -28.39 15.39
CA THR C 320 21.47 -28.23 16.42
C THR C 320 20.61 -29.47 16.60
N MET C 321 20.62 -30.39 15.64
CA MET C 321 19.65 -31.47 15.61
C MET C 321 20.09 -32.64 16.48
N LYS C 322 19.11 -33.41 16.93
CA LYS C 322 19.34 -34.68 17.60
C LYS C 322 19.07 -35.80 16.62
N ILE C 323 20.12 -36.47 16.17
CA ILE C 323 20.01 -37.60 15.25
C ILE C 323 19.92 -38.86 16.09
N LYS C 324 18.93 -39.69 15.80
CA LYS C 324 18.77 -40.94 16.50
C LYS C 324 18.49 -42.06 15.51
N ILE C 325 19.15 -43.19 15.69
CA ILE C 325 18.96 -44.34 14.82
C ILE C 325 18.29 -45.42 15.63
N ILE C 326 17.08 -45.79 15.24
CA ILE C 326 16.30 -46.79 15.94
C ILE C 326 16.54 -48.14 15.26
N ALA C 327 17.18 -49.06 15.98
CA ALA C 327 17.58 -50.34 15.43
C ALA C 327 17.25 -51.44 16.43
N PRO C 328 16.05 -51.98 16.37
CA PRO C 328 15.65 -53.03 17.32
C PRO C 328 16.45 -54.30 17.11
N PRO C 329 16.49 -55.20 18.09
CA PRO C 329 17.13 -56.49 17.86
C PRO C 329 16.33 -57.40 16.95
N GLU C 330 15.01 -57.35 16.98
CA GLU C 330 14.21 -58.12 16.04
C GLU C 330 14.01 -57.34 14.75
N ARG C 331 15.12 -56.81 14.26
CA ARG C 331 15.10 -55.87 13.16
C ARG C 331 14.68 -56.55 11.87
N LYS C 332 15.33 -57.67 11.54
CA LYS C 332 15.14 -58.29 10.24
C LYS C 332 13.76 -58.91 10.07
N TYR C 333 12.89 -58.91 11.08
CA TYR C 333 11.54 -59.41 10.92
C TYR C 333 10.50 -58.31 11.04
N SER C 334 10.92 -57.05 11.01
CA SER C 334 10.01 -55.95 11.29
C SER C 334 8.91 -55.87 10.26
N VAL C 335 9.22 -56.13 8.99
CA VAL C 335 8.18 -56.08 7.97
C VAL C 335 7.10 -57.10 8.26
N TRP C 336 7.48 -58.30 8.66
CA TRP C 336 6.49 -59.31 8.95
C TRP C 336 5.69 -58.96 10.20
N ILE C 337 6.37 -58.48 11.24
CA ILE C 337 5.66 -58.14 12.47
C ILE C 337 4.63 -57.05 12.20
N GLY C 338 5.02 -56.01 11.49
CA GLY C 338 4.09 -54.97 11.12
C GLY C 338 2.96 -55.48 10.24
N GLY C 339 3.26 -56.42 9.34
CA GLY C 339 2.20 -56.97 8.53
C GLY C 339 1.17 -57.72 9.34
N SER C 340 1.63 -58.46 10.36
CA SER C 340 0.70 -59.16 11.23
C SER C 340 -0.15 -58.18 12.01
N ILE C 341 0.48 -57.17 12.62
CA ILE C 341 -0.26 -56.11 13.30
C ILE C 341 -1.34 -55.57 12.38
N LEU C 342 -0.96 -55.16 11.17
CA LEU C 342 -1.90 -54.53 10.26
C LEU C 342 -3.06 -55.44 9.92
N ALA C 343 -2.79 -56.66 9.46
CA ALA C 343 -3.87 -57.55 9.11
C ALA C 343 -4.73 -57.90 10.31
N SER C 344 -4.23 -57.69 11.52
CA SER C 344 -4.99 -57.97 12.73
C SER C 344 -5.91 -56.83 13.16
N LEU C 345 -5.91 -55.71 12.44
CA LEU C 345 -6.74 -54.58 12.84
C LEU C 345 -8.17 -54.75 12.37
N SER C 346 -9.11 -54.46 13.26
CA SER C 346 -10.52 -54.49 12.86
C SER C 346 -10.83 -53.40 11.85
N THR C 347 -10.11 -52.28 11.90
CA THR C 347 -10.28 -51.20 10.94
C THR C 347 -9.83 -51.61 9.55
N PHE C 348 -9.08 -52.68 9.42
CA PHE C 348 -8.50 -53.10 8.15
C PHE C 348 -9.41 -54.04 7.39
N GLN C 349 -10.38 -54.66 8.05
CA GLN C 349 -11.14 -55.73 7.43
C GLN C 349 -12.05 -55.26 6.32
N GLN C 350 -12.13 -53.96 6.05
CA GLN C 350 -12.85 -53.46 4.89
C GLN C 350 -11.92 -52.89 3.84
N MET C 351 -10.62 -53.15 3.95
CA MET C 351 -9.67 -52.71 2.96
C MET C 351 -9.04 -53.86 2.19
N TRP C 352 -9.48 -55.09 2.43
CA TRP C 352 -9.07 -56.19 1.58
C TRP C 352 -9.63 -55.99 0.17
N ILE C 353 -9.14 -56.80 -0.76
CA ILE C 353 -9.72 -56.91 -2.09
C ILE C 353 -10.44 -58.24 -2.14
N SER C 354 -11.73 -58.21 -2.44
CA SER C 354 -12.51 -59.44 -2.37
C SER C 354 -12.39 -60.21 -3.68
N LYS C 355 -12.94 -61.43 -3.66
CA LYS C 355 -12.94 -62.26 -4.84
C LYS C 355 -13.85 -61.68 -5.93
N GLN C 356 -15.09 -61.35 -5.56
CA GLN C 356 -16.01 -60.80 -6.55
C GLN C 356 -15.58 -59.42 -7.02
N GLU C 357 -14.99 -58.62 -6.14
CA GLU C 357 -14.42 -57.34 -6.54
C GLU C 357 -13.44 -57.55 -7.68
N TYR C 358 -12.53 -58.49 -7.53
CA TYR C 358 -11.57 -58.79 -8.59
C TYR C 358 -12.27 -59.34 -9.82
N ASP C 359 -13.19 -60.28 -9.64
CA ASP C 359 -13.85 -60.89 -10.79
C ASP C 359 -14.58 -59.86 -11.62
N GLU C 360 -15.05 -58.78 -11.01
CA GLU C 360 -15.76 -57.77 -11.76
C GLU C 360 -14.86 -56.68 -12.31
N ALA C 361 -13.73 -56.38 -11.66
CA ALA C 361 -12.91 -55.27 -12.10
C ALA C 361 -11.59 -55.67 -12.75
N GLY C 362 -11.31 -56.95 -12.89
CA GLY C 362 -10.06 -57.38 -13.47
C GLY C 362 -8.89 -57.20 -12.51
N PRO C 363 -7.70 -57.63 -12.90
CA PRO C 363 -6.53 -57.44 -12.04
C PRO C 363 -6.12 -55.99 -11.87
N SER C 364 -6.67 -55.06 -12.66
CA SER C 364 -6.30 -53.66 -12.54
C SER C 364 -6.75 -53.06 -11.21
N ILE C 365 -7.58 -53.76 -10.45
CA ILE C 365 -8.12 -53.23 -9.21
C ILE C 365 -7.07 -53.11 -8.13
N VAL C 366 -5.85 -53.57 -8.38
CA VAL C 366 -4.83 -53.57 -7.34
C VAL C 366 -4.32 -52.16 -7.12
N HIS C 367 -4.19 -51.38 -8.17
CA HIS C 367 -3.65 -50.04 -8.04
C HIS C 367 -4.68 -49.03 -7.55
N ARG C 368 -5.96 -49.35 -7.64
CA ARG C 368 -7.01 -48.42 -7.24
C ARG C 368 -7.09 -48.35 -5.72
N LYS C 369 -8.12 -47.68 -5.21
CA LYS C 369 -8.23 -47.36 -3.79
C LYS C 369 -7.98 -48.57 -2.92
N CYS C 370 -8.51 -49.74 -3.31
CA CYS C 370 -8.07 -50.96 -2.67
C CYS C 370 -6.64 -51.19 -3.14
N PHE C 371 -5.72 -50.63 -2.39
CA PHE C 371 -4.32 -50.47 -2.76
C PHE C 371 -3.54 -51.77 -2.71
N THR D 1 -6.95 39.17 -37.52
CA THR D 1 -6.50 38.46 -36.33
C THR D 1 -7.67 37.80 -35.61
N THR D 2 -7.39 36.71 -34.92
CA THR D 2 -8.41 35.98 -34.20
C THR D 2 -7.98 35.79 -32.76
N ALA D 3 -8.96 35.71 -31.87
CA ALA D 3 -8.68 35.45 -30.46
C ALA D 3 -8.95 33.99 -30.13
N LEU D 4 -8.18 33.46 -29.20
CA LEU D 4 -8.38 32.12 -28.67
C LEU D 4 -9.26 32.20 -27.44
N VAL D 5 -10.04 31.15 -27.23
CA VAL D 5 -10.94 31.08 -26.09
C VAL D 5 -10.62 29.79 -25.35
N CYS D 6 -9.84 29.89 -24.28
CA CYS D 6 -9.44 28.73 -23.50
C CYS D 6 -10.21 28.73 -22.18
N ASP D 7 -11.17 27.82 -22.06
CA ASP D 7 -11.93 27.63 -20.82
C ASP D 7 -11.33 26.48 -20.04
N ASN D 8 -10.57 26.81 -19.00
CA ASN D 8 -9.81 25.77 -18.30
C ASN D 8 -10.72 24.91 -17.44
N GLY D 9 -11.33 25.50 -16.43
CA GLY D 9 -12.07 24.63 -15.55
C GLY D 9 -11.15 23.67 -14.81
N SER D 10 -11.77 22.84 -13.98
CA SER D 10 -11.03 21.99 -13.07
C SER D 10 -11.27 20.55 -13.50
N GLY D 11 -10.61 20.14 -14.57
CA GLY D 11 -10.77 18.76 -14.97
C GLY D 11 -11.18 18.53 -16.41
N LEU D 12 -11.31 19.58 -17.20
CA LEU D 12 -11.54 19.42 -18.63
C LEU D 12 -11.15 20.71 -19.32
N VAL D 13 -10.03 20.71 -20.02
CA VAL D 13 -9.62 21.88 -20.78
C VAL D 13 -10.34 21.84 -22.11
N LYS D 14 -10.92 22.97 -22.50
CA LYS D 14 -11.60 23.08 -23.79
C LYS D 14 -11.29 24.44 -24.39
N ALA D 15 -10.72 24.43 -25.59
CA ALA D 15 -10.19 25.62 -26.22
C ALA D 15 -10.61 25.65 -27.68
N GLY D 16 -10.26 26.73 -28.36
CA GLY D 16 -10.70 26.92 -29.73
C GLY D 16 -10.45 28.35 -30.18
N PHE D 17 -11.14 28.73 -31.23
CA PHE D 17 -11.03 30.07 -31.79
C PHE D 17 -12.31 30.84 -31.55
N ALA D 18 -12.17 32.15 -31.41
CA ALA D 18 -13.33 33.02 -31.22
C ALA D 18 -14.08 33.16 -32.53
N GLY D 19 -15.33 32.77 -32.53
CA GLY D 19 -16.15 32.81 -33.72
C GLY D 19 -16.58 31.46 -34.22
N ASP D 20 -16.44 30.41 -33.42
CA ASP D 20 -16.89 29.08 -33.78
C ASP D 20 -18.07 28.70 -32.91
N ASP D 21 -18.73 27.62 -33.30
CA ASP D 21 -19.90 27.15 -32.57
C ASP D 21 -19.54 26.22 -31.43
N ALA D 22 -18.29 25.83 -31.29
CA ALA D 22 -17.90 24.80 -30.34
C ALA D 22 -16.39 24.81 -30.22
N PRO D 23 -15.85 24.29 -29.13
CA PRO D 23 -14.40 24.13 -29.01
C PRO D 23 -13.92 23.00 -29.89
N ARG D 24 -12.73 23.14 -30.44
CA ARG D 24 -12.15 22.11 -31.28
C ARG D 24 -11.15 21.26 -30.55
N ALA D 25 -10.99 21.45 -29.24
CA ALA D 25 -9.99 20.72 -28.47
C ALA D 25 -10.53 20.58 -27.06
N VAL D 26 -11.06 19.40 -26.74
CA VAL D 26 -11.58 19.11 -25.42
C VAL D 26 -10.86 17.87 -24.90
N PHE D 27 -10.14 18.02 -23.80
CA PHE D 27 -9.39 16.92 -23.24
C PHE D 27 -9.27 17.13 -21.74
N PRO D 28 -9.02 16.07 -20.97
CA PRO D 28 -8.87 16.24 -19.53
C PRO D 28 -7.63 17.02 -19.19
N SER D 29 -7.69 17.76 -18.09
CA SER D 29 -6.56 18.56 -17.64
C SER D 29 -5.82 17.76 -16.56
N ILE D 30 -5.10 16.75 -17.02
CA ILE D 30 -4.34 15.86 -16.17
C ILE D 30 -2.92 15.81 -16.70
N VAL D 31 -1.97 15.62 -15.79
CA VAL D 31 -0.57 15.45 -16.13
C VAL D 31 -0.10 14.17 -15.47
N GLY D 32 0.23 13.17 -16.26
CA GLY D 32 0.67 11.90 -15.75
C GLY D 32 2.18 11.77 -15.76
N ARG D 33 2.70 11.04 -14.78
CA ARG D 33 4.11 10.73 -14.72
C ARG D 33 4.27 9.24 -14.44
N PRO D 34 5.21 8.58 -15.09
CA PRO D 34 5.37 7.14 -14.88
C PRO D 34 5.82 6.84 -13.47
N ARG D 35 5.26 5.80 -12.89
CA ARG D 35 5.57 5.43 -11.52
C ARG D 35 6.29 4.09 -11.39
N HIS D 36 6.58 3.43 -12.50
CA HIS D 36 7.25 2.14 -12.49
C HIS D 36 8.65 2.27 -13.06
N GLN D 37 9.34 1.14 -13.19
CA GLN D 37 10.79 1.17 -13.32
C GLN D 37 11.23 1.61 -14.72
N GLY D 38 10.89 0.83 -15.74
CA GLY D 38 11.31 1.14 -17.09
C GLY D 38 12.51 0.33 -17.49
N VAL D 39 12.29 -0.74 -18.26
CA VAL D 39 13.30 -1.74 -18.50
C VAL D 39 13.79 -1.74 -19.95
N MET D 40 12.91 -1.49 -20.90
CA MET D 40 13.31 -1.56 -22.29
C MET D 40 14.19 -0.38 -22.64
N VAL D 41 15.46 -0.63 -22.84
CA VAL D 41 16.39 0.39 -23.33
C VAL D 41 16.02 0.71 -24.77
N GLY D 42 16.23 1.96 -25.16
CA GLY D 42 15.87 2.39 -26.49
C GLY D 42 14.40 2.70 -26.68
N MET D 43 13.58 2.46 -25.66
CA MET D 43 12.18 2.84 -25.74
C MET D 43 12.04 4.35 -25.83
N GLY D 44 12.99 5.09 -25.26
CA GLY D 44 13.01 6.54 -25.38
C GLY D 44 11.80 7.22 -24.81
N GLN D 45 11.22 6.67 -23.75
CA GLN D 45 9.98 7.19 -23.19
C GLN D 45 10.19 8.54 -22.52
N LYS D 46 9.11 9.31 -22.46
CA LYS D 46 9.11 10.65 -21.89
C LYS D 46 8.91 10.59 -20.39
N ASP D 47 8.89 11.76 -19.77
CA ASP D 47 8.77 11.84 -18.32
C ASP D 47 7.42 12.33 -17.85
N SER D 48 6.61 12.91 -18.73
CA SER D 48 5.30 13.40 -18.31
C SER D 48 4.40 13.48 -19.53
N TYR D 49 3.24 12.85 -19.44
CA TYR D 49 2.23 12.91 -20.48
C TYR D 49 1.11 13.83 -20.00
N VAL D 50 0.60 14.65 -20.90
CA VAL D 50 -0.45 15.58 -20.55
C VAL D 50 -1.64 15.33 -21.46
N GLY D 51 -2.82 15.62 -20.95
CA GLY D 51 -4.02 15.57 -21.75
C GLY D 51 -4.57 14.19 -22.03
N ASP D 52 -5.06 14.00 -23.25
CA ASP D 52 -5.70 12.75 -23.63
C ASP D 52 -4.71 11.62 -23.79
N GLU D 53 -3.44 11.95 -24.01
CA GLU D 53 -2.41 10.93 -24.09
C GLU D 53 -2.24 10.22 -22.76
N ALA D 54 -2.33 10.96 -21.65
CA ALA D 54 -2.22 10.38 -20.33
C ALA D 54 -3.39 9.46 -20.00
N GLN D 55 -4.50 9.57 -20.71
CA GLN D 55 -5.62 8.68 -20.48
C GLN D 55 -5.43 7.31 -21.10
N SER D 56 -4.59 7.19 -22.12
CA SER D 56 -4.34 5.88 -22.70
C SER D 56 -3.33 5.09 -21.91
N LYS D 57 -2.52 5.74 -21.09
CA LYS D 57 -1.49 5.10 -20.30
C LYS D 57 -1.77 5.27 -18.82
N ARG D 58 -3.03 5.14 -18.42
CA ARG D 58 -3.37 5.26 -17.01
C ARG D 58 -2.73 4.14 -16.20
N GLY D 59 -2.67 2.93 -16.74
CA GLY D 59 -2.13 1.84 -15.97
C GLY D 59 -0.66 1.97 -15.63
N ILE D 60 0.00 2.99 -16.16
CA ILE D 60 1.43 3.19 -15.89
C ILE D 60 1.72 4.48 -15.19
N LEU D 61 0.86 5.49 -15.29
CA LEU D 61 1.12 6.81 -14.77
C LEU D 61 0.39 7.03 -13.46
N THR D 62 0.82 8.06 -12.75
CA THR D 62 0.09 8.61 -11.62
C THR D 62 -0.44 9.97 -12.05
N LEU D 63 -1.75 10.14 -11.97
CA LEU D 63 -2.41 11.28 -12.58
C LEU D 63 -2.62 12.38 -11.57
N LYS D 64 -2.23 13.59 -11.94
CA LYS D 64 -2.39 14.77 -11.11
C LYS D 64 -3.34 15.73 -11.80
N TYR D 65 -4.12 16.41 -11.03
CA TYR D 65 -4.87 17.55 -11.54
C TYR D 65 -4.21 18.83 -11.05
N PRO D 66 -3.85 19.76 -11.93
CA PRO D 66 -3.21 21.00 -11.48
C PRO D 66 -4.16 22.05 -10.94
N ILE D 67 -5.47 21.82 -10.95
CA ILE D 67 -6.46 22.78 -10.48
C ILE D 67 -7.38 22.07 -9.51
N GLU D 68 -7.38 22.50 -8.25
CA GLU D 68 -8.16 21.76 -7.25
C GLU D 68 -9.62 22.20 -7.19
N HIS D 69 -9.87 23.43 -6.76
CA HIS D 69 -11.23 23.98 -6.72
C HIS D 69 -11.14 25.33 -7.39
N GLY D 70 -11.16 25.35 -8.72
CA GLY D 70 -10.95 26.60 -9.39
C GLY D 70 -9.51 27.05 -9.32
N ILE D 71 -8.92 26.95 -8.14
CA ILE D 71 -7.59 27.47 -7.89
C ILE D 71 -6.53 26.56 -8.50
N ILE D 72 -5.52 27.16 -9.09
CA ILE D 72 -4.39 26.43 -9.66
C ILE D 72 -3.37 26.22 -8.56
N THR D 73 -3.03 24.96 -8.30
CA THR D 73 -2.11 24.62 -7.23
C THR D 73 -0.77 24.10 -7.72
N ASN D 74 -0.59 23.91 -9.02
CA ASN D 74 0.66 23.42 -9.56
C ASN D 74 0.95 24.21 -10.83
N TRP D 75 1.82 25.20 -10.72
CA TRP D 75 2.02 26.10 -11.84
C TRP D 75 2.85 25.47 -12.94
N ASP D 76 3.77 24.57 -12.59
CA ASP D 76 4.51 23.86 -13.62
C ASP D 76 3.59 22.98 -14.46
N ASP D 77 2.73 22.21 -13.79
CA ASP D 77 1.75 21.40 -14.51
C ASP D 77 0.83 22.26 -15.35
N MET D 78 0.39 23.40 -14.82
CA MET D 78 -0.52 24.22 -15.61
C MET D 78 0.17 24.80 -16.83
N GLU D 79 1.44 25.16 -16.69
CA GLU D 79 2.19 25.65 -17.83
C GLU D 79 2.33 24.56 -18.88
N LYS D 80 2.52 23.31 -18.45
CA LYS D 80 2.54 22.19 -19.40
C LYS D 80 1.19 22.04 -20.10
N ILE D 81 0.10 22.15 -19.35
CA ILE D 81 -1.23 22.03 -19.93
C ILE D 81 -1.43 23.09 -21.00
N TRP D 82 -1.04 24.32 -20.71
CA TRP D 82 -1.25 25.39 -21.67
C TRP D 82 -0.37 25.20 -22.89
N HIS D 83 0.88 24.78 -22.69
CA HIS D 83 1.76 24.52 -23.82
C HIS D 83 1.17 23.45 -24.73
N HIS D 84 0.67 22.36 -24.14
CA HIS D 84 0.03 21.33 -24.93
C HIS D 84 -1.16 21.87 -25.69
N THR D 85 -2.00 22.65 -25.03
CA THR D 85 -3.19 23.17 -25.69
C THR D 85 -2.83 24.06 -26.86
N PHE D 86 -1.81 24.90 -26.70
CA PHE D 86 -1.46 25.81 -27.77
C PHE D 86 -0.81 25.10 -28.94
N TYR D 87 0.13 24.19 -28.67
CA TYR D 87 0.97 23.69 -29.74
C TYR D 87 0.56 22.34 -30.28
N ASN D 88 -0.05 21.48 -29.49
CA ASN D 88 -0.35 20.13 -29.95
C ASN D 88 -1.81 19.90 -30.28
N GLU D 89 -2.73 20.48 -29.52
CA GLU D 89 -4.14 20.30 -29.85
C GLU D 89 -4.62 21.35 -30.85
N LEU D 90 -4.18 22.60 -30.72
CA LEU D 90 -4.62 23.66 -31.60
C LEU D 90 -3.65 23.96 -32.73
N ARG D 91 -2.34 23.86 -32.49
CA ARG D 91 -1.32 24.15 -33.47
C ARG D 91 -1.38 25.59 -33.93
N VAL D 92 -1.16 26.49 -32.99
CA VAL D 92 -1.12 27.92 -33.26
C VAL D 92 0.04 28.52 -32.48
N ALA D 93 0.55 29.64 -32.98
CA ALA D 93 1.62 30.33 -32.28
C ALA D 93 1.00 31.37 -31.35
N PRO D 94 1.14 31.23 -30.05
CA PRO D 94 0.40 32.10 -29.14
C PRO D 94 0.93 33.51 -29.07
N GLU D 95 2.01 33.82 -29.80
CA GLU D 95 2.51 35.17 -29.83
C GLU D 95 1.79 36.04 -30.84
N GLU D 96 0.82 35.51 -31.56
CA GLU D 96 0.09 36.27 -32.56
C GLU D 96 -1.41 36.11 -32.37
N HIS D 97 -1.84 35.74 -31.17
CA HIS D 97 -3.25 35.54 -30.90
C HIS D 97 -3.62 36.08 -29.53
N PRO D 98 -4.58 36.99 -29.43
CA PRO D 98 -5.13 37.32 -28.10
C PRO D 98 -5.81 36.10 -27.51
N THR D 99 -5.80 36.03 -26.18
CA THR D 99 -6.30 34.87 -25.48
C THR D 99 -7.28 35.29 -24.40
N LEU D 100 -8.46 34.69 -24.42
CA LEU D 100 -9.49 34.94 -23.41
C LEU D 100 -9.54 33.75 -22.46
N LEU D 101 -9.31 34.00 -21.19
CA LEU D 101 -9.33 32.96 -20.17
C LEU D 101 -10.51 33.18 -19.24
N THR D 102 -10.88 32.15 -18.50
CA THR D 102 -12.02 32.24 -17.59
C THR D 102 -11.59 31.82 -16.20
N GLU D 103 -12.38 32.24 -15.21
CA GLU D 103 -12.19 31.75 -13.86
C GLU D 103 -13.50 31.93 -13.10
N ALA D 104 -13.59 31.27 -11.95
CA ALA D 104 -14.78 31.31 -11.15
C ALA D 104 -14.80 32.55 -10.26
N PRO D 105 -15.98 32.98 -9.83
CA PRO D 105 -16.04 34.11 -8.90
C PRO D 105 -15.41 33.76 -7.57
N LEU D 106 -14.89 34.78 -6.90
CA LEU D 106 -14.40 34.66 -5.54
C LEU D 106 -13.25 33.68 -5.43
N ASN D 107 -12.25 33.84 -6.28
CA ASN D 107 -10.99 33.14 -6.17
C ASN D 107 -9.92 34.06 -5.61
N PRO D 108 -8.79 33.51 -5.18
CA PRO D 108 -7.67 34.37 -4.79
C PRO D 108 -7.27 35.31 -5.90
N LYS D 109 -6.59 36.39 -5.52
CA LYS D 109 -6.13 37.34 -6.52
C LYS D 109 -4.85 36.88 -7.18
N ALA D 110 -4.00 36.17 -6.44
CA ALA D 110 -2.73 35.75 -7.01
C ALA D 110 -2.95 34.71 -8.11
N ASN D 111 -4.02 33.94 -8.03
CA ASN D 111 -4.36 33.03 -9.11
C ASN D 111 -4.43 33.78 -10.44
N ARG D 112 -5.26 34.81 -10.47
CA ARG D 112 -5.48 35.60 -11.68
C ARG D 112 -4.22 36.36 -12.08
N GLU D 113 -3.51 36.93 -11.10
CA GLU D 113 -2.32 37.71 -11.41
C GLU D 113 -1.22 36.83 -12.00
N LYS D 114 -0.94 35.70 -11.37
CA LYS D 114 0.06 34.78 -11.89
C LYS D 114 -0.35 34.20 -13.22
N MET D 115 -1.65 34.00 -13.44
CA MET D 115 -2.12 33.55 -14.74
C MET D 115 -1.72 34.53 -15.83
N THR D 116 -2.00 35.82 -15.62
CA THR D 116 -1.65 36.77 -16.67
C THR D 116 -0.15 36.94 -16.80
N GLN D 117 0.57 36.86 -15.68
CA GLN D 117 2.02 36.94 -15.77
C GLN D 117 2.58 35.82 -16.63
N ILE D 118 2.07 34.60 -16.45
CA ILE D 118 2.48 33.49 -17.31
C ILE D 118 2.14 33.77 -18.75
N MET D 119 0.89 34.16 -19.01
CA MET D 119 0.45 34.34 -20.38
C MET D 119 1.21 35.44 -21.10
N PHE D 120 1.79 36.39 -20.37
CA PHE D 120 2.55 37.44 -21.05
C PHE D 120 4.03 37.11 -21.14
N GLU D 121 4.64 36.60 -20.06
CA GLU D 121 6.07 36.35 -20.09
C GLU D 121 6.41 35.04 -20.81
N THR D 122 5.78 33.95 -20.41
CA THR D 122 6.13 32.65 -20.98
C THR D 122 5.59 32.48 -22.39
N PHE D 123 4.28 32.56 -22.55
CA PHE D 123 3.68 32.29 -23.84
C PHE D 123 3.62 33.51 -24.74
N ASN D 124 3.77 34.71 -24.17
CA ASN D 124 4.09 35.90 -24.94
C ASN D 124 2.94 36.36 -25.85
N VAL D 125 1.71 36.20 -25.38
CA VAL D 125 0.53 36.58 -26.15
C VAL D 125 0.54 38.09 -26.34
N PRO D 126 -0.13 38.63 -27.34
CA PRO D 126 -0.16 40.09 -27.50
C PRO D 126 -1.14 40.77 -26.56
N ALA D 127 -2.21 40.05 -26.19
CA ALA D 127 -3.22 40.58 -25.29
C ALA D 127 -3.86 39.43 -24.57
N MET D 128 -4.58 39.74 -23.49
CA MET D 128 -5.30 38.69 -22.78
C MET D 128 -6.35 39.33 -21.90
N TYR D 129 -7.21 38.48 -21.35
CA TYR D 129 -8.36 38.93 -20.60
C TYR D 129 -8.95 37.75 -19.86
N VAL D 130 -9.40 37.96 -18.63
CA VAL D 130 -10.01 36.92 -17.82
C VAL D 130 -11.47 37.27 -17.57
N ALA D 131 -12.35 36.30 -17.78
CA ALA D 131 -13.78 36.52 -17.71
C ALA D 131 -14.41 35.60 -16.69
N ILE D 132 -15.52 36.02 -16.13
CA ILE D 132 -16.23 35.18 -15.17
C ILE D 132 -17.06 34.17 -15.92
N GLN D 133 -17.09 32.95 -15.42
CA GLN D 133 -17.71 31.87 -16.18
C GLN D 133 -19.22 32.04 -16.28
N ALA D 134 -19.85 32.53 -15.21
CA ALA D 134 -21.30 32.67 -15.22
C ALA D 134 -21.76 33.72 -16.23
N VAL D 135 -21.01 34.80 -16.37
CA VAL D 135 -21.37 35.82 -17.35
C VAL D 135 -21.35 35.23 -18.76
N LEU D 136 -20.36 34.40 -19.05
CA LEU D 136 -20.28 33.81 -20.38
C LEU D 136 -21.39 32.79 -20.59
N SER D 137 -21.76 32.06 -19.54
CA SER D 137 -22.93 31.20 -19.65
C SER D 137 -24.14 32.01 -20.03
N LEU D 138 -24.26 33.22 -19.49
CA LEU D 138 -25.45 34.02 -19.76
C LEU D 138 -25.43 34.59 -21.17
N TYR D 139 -24.24 34.96 -21.67
CA TYR D 139 -24.11 35.30 -23.09
C TYR D 139 -24.58 34.17 -23.98
N ALA D 140 -24.06 32.97 -23.76
CA ALA D 140 -24.42 31.84 -24.63
C ALA D 140 -25.88 31.46 -24.49
N SER D 141 -26.50 31.73 -23.35
CA SER D 141 -27.91 31.39 -23.18
C SER D 141 -28.85 32.30 -23.94
N GLY D 142 -28.37 33.41 -24.49
CA GLY D 142 -29.24 34.31 -25.20
C GLY D 142 -30.06 35.22 -24.33
N ARG D 143 -29.63 35.47 -23.10
CA ARG D 143 -30.34 36.31 -22.17
C ARG D 143 -29.47 37.47 -21.74
N THR D 144 -30.09 38.38 -21.00
CA THR D 144 -29.37 39.45 -20.34
C THR D 144 -29.82 39.58 -18.90
N THR D 145 -30.67 38.67 -18.44
CA THR D 145 -31.20 38.66 -17.09
C THR D 145 -31.37 37.21 -16.67
N GLY D 146 -30.98 36.89 -15.44
CA GLY D 146 -31.20 35.56 -14.92
C GLY D 146 -30.16 35.21 -13.89
N ILE D 147 -30.49 34.23 -13.06
CA ILE D 147 -29.57 33.69 -12.07
C ILE D 147 -29.00 32.39 -12.62
N VAL D 148 -27.68 32.36 -12.79
CA VAL D 148 -27.01 31.25 -13.46
C VAL D 148 -26.31 30.38 -12.43
N LEU D 149 -26.57 29.07 -12.50
CA LEU D 149 -25.96 28.06 -11.64
C LEU D 149 -24.94 27.29 -12.46
N ASP D 150 -23.66 27.51 -12.18
CA ASP D 150 -22.58 26.97 -13.00
C ASP D 150 -21.84 25.90 -12.20
N SER D 151 -22.31 24.67 -12.29
CA SER D 151 -21.70 23.56 -11.57
C SER D 151 -20.64 22.93 -12.47
N GLY D 152 -19.38 23.20 -12.18
CA GLY D 152 -18.31 22.64 -12.98
C GLY D 152 -17.83 21.30 -12.47
N ASP D 153 -16.52 21.16 -12.27
CA ASP D 153 -15.94 19.96 -11.70
C ASP D 153 -15.22 20.21 -10.39
N GLY D 154 -14.96 21.46 -10.04
CA GLY D 154 -14.39 21.75 -8.75
C GLY D 154 -15.20 22.72 -7.93
N VAL D 155 -16.00 23.55 -8.58
CA VAL D 155 -16.68 24.63 -7.89
C VAL D 155 -18.07 24.83 -8.50
N THR D 156 -19.03 25.14 -7.64
CA THR D 156 -20.38 25.52 -8.03
C THR D 156 -20.62 26.95 -7.59
N HIS D 157 -21.32 27.74 -8.41
CA HIS D 157 -21.63 29.09 -7.99
C HIS D 157 -22.91 29.56 -8.65
N ASN D 158 -23.56 30.51 -7.98
CA ASN D 158 -24.70 31.26 -8.48
C ASN D 158 -24.27 32.69 -8.71
N VAL D 159 -24.68 33.28 -9.83
CA VAL D 159 -24.39 34.68 -10.09
C VAL D 159 -25.64 35.34 -10.64
N PRO D 160 -26.39 36.09 -9.84
CA PRO D 160 -27.59 36.75 -10.36
C PRO D 160 -27.23 37.98 -11.16
N ILE D 161 -27.87 38.14 -12.31
CA ILE D 161 -27.63 39.26 -13.21
C ILE D 161 -28.98 39.80 -13.64
N TYR D 162 -29.09 41.12 -13.72
CA TYR D 162 -30.32 41.76 -14.15
C TYR D 162 -29.99 42.88 -15.12
N GLU D 163 -30.53 42.80 -16.33
CA GLU D 163 -30.31 43.80 -17.36
C GLU D 163 -28.83 44.06 -17.61
N GLY D 164 -28.00 43.05 -17.41
CA GLY D 164 -26.59 43.23 -17.62
C GLY D 164 -25.81 43.76 -16.44
N TYR D 165 -26.44 43.97 -15.30
CA TYR D 165 -25.78 44.41 -14.08
C TYR D 165 -25.68 43.23 -13.14
N ALA D 166 -24.47 42.92 -12.69
CA ALA D 166 -24.26 41.79 -11.80
C ALA D 166 -24.26 42.27 -10.36
N LEU D 167 -24.93 41.51 -9.51
CA LEU D 167 -25.12 41.91 -8.12
C LEU D 167 -24.10 41.18 -7.25
N PRO D 168 -22.95 41.77 -6.98
CA PRO D 168 -21.85 40.98 -6.41
C PRO D 168 -22.11 40.51 -4.99
N HIS D 169 -22.96 41.20 -4.24
CA HIS D 169 -23.20 40.80 -2.87
C HIS D 169 -24.07 39.56 -2.76
N ALA D 170 -24.70 39.13 -3.86
CA ALA D 170 -25.56 37.96 -3.84
C ALA D 170 -24.92 36.76 -4.51
N ILE D 171 -23.65 36.85 -4.87
CA ILE D 171 -22.95 35.73 -5.46
C ILE D 171 -22.65 34.69 -4.38
N MET D 172 -23.01 33.45 -4.65
CA MET D 172 -22.71 32.34 -3.77
C MET D 172 -21.70 31.44 -4.45
N ARG D 173 -20.78 30.89 -3.69
CA ARG D 173 -19.82 29.93 -4.20
C ARG D 173 -19.79 28.74 -3.27
N LEU D 174 -19.82 27.54 -3.85
CA LEU D 174 -19.85 26.31 -3.07
C LEU D 174 -18.80 25.37 -3.64
N ASP D 175 -18.04 24.73 -2.75
CA ASP D 175 -16.94 23.87 -3.18
C ASP D 175 -17.35 22.41 -3.28
N LEU D 176 -18.59 22.14 -3.67
CA LEU D 176 -19.07 20.80 -3.93
C LEU D 176 -19.36 20.67 -5.41
N ALA D 177 -18.78 19.67 -6.05
CA ALA D 177 -18.86 19.58 -7.49
C ALA D 177 -18.63 18.14 -7.93
N GLY D 178 -18.31 17.96 -9.21
CA GLY D 178 -18.18 16.63 -9.76
C GLY D 178 -17.07 15.81 -9.15
N ARG D 179 -15.99 16.45 -8.74
CA ARG D 179 -14.89 15.71 -8.12
C ARG D 179 -15.32 15.11 -6.80
N ASP D 180 -16.07 15.87 -6.01
CA ASP D 180 -16.58 15.34 -4.76
C ASP D 180 -17.64 14.28 -4.99
N LEU D 181 -18.42 14.42 -6.06
CA LEU D 181 -19.37 13.35 -6.37
C LEU D 181 -18.65 12.07 -6.76
N THR D 182 -17.55 12.18 -7.49
CA THR D 182 -16.77 11.00 -7.81
C THR D 182 -16.18 10.35 -6.57
N ASP D 183 -15.67 11.16 -5.65
CA ASP D 183 -15.12 10.59 -4.43
C ASP D 183 -16.19 9.91 -3.60
N TYR D 184 -17.38 10.50 -3.55
CA TYR D 184 -18.46 9.86 -2.80
C TYR D 184 -18.92 8.57 -3.46
N LEU D 185 -18.93 8.54 -4.79
CA LEU D 185 -19.33 7.31 -5.46
C LEU D 185 -18.30 6.22 -5.26
N MET D 186 -17.01 6.57 -5.30
CA MET D 186 -16.00 5.58 -4.92
C MET D 186 -16.23 5.08 -3.52
N LYS D 187 -16.60 5.96 -2.60
CA LYS D 187 -16.73 5.51 -1.22
C LYS D 187 -17.94 4.61 -1.04
N ILE D 188 -19.04 4.87 -1.74
CA ILE D 188 -20.22 4.04 -1.52
C ILE D 188 -20.28 2.83 -2.44
N LEU D 189 -19.41 2.74 -3.43
CA LEU D 189 -19.34 1.51 -4.19
C LEU D 189 -18.78 0.36 -3.37
N THR D 190 -17.97 0.66 -2.36
CA THR D 190 -17.40 -0.40 -1.52
C THR D 190 -18.45 -1.15 -0.73
N GLU D 191 -19.69 -0.69 -0.68
CA GLU D 191 -20.72 -1.44 0.00
C GLU D 191 -21.08 -2.71 -0.74
N ARG D 192 -20.77 -2.80 -2.03
CA ARG D 192 -21.04 -4.00 -2.78
C ARG D 192 -19.78 -4.80 -3.09
N GLY D 193 -18.62 -4.34 -2.65
CA GLY D 193 -17.40 -5.11 -2.78
C GLY D 193 -16.45 -4.61 -3.83
N TYR D 194 -16.83 -3.63 -4.63
CA TYR D 194 -15.93 -3.04 -5.60
C TYR D 194 -15.07 -2.01 -4.90
N SER D 195 -13.77 -2.02 -5.20
CA SER D 195 -12.83 -1.08 -4.60
C SER D 195 -12.01 -0.44 -5.70
N PHE D 196 -12.06 0.88 -5.78
CA PHE D 196 -11.26 1.65 -6.72
C PHE D 196 -10.46 2.66 -5.90
N VAL D 197 -9.15 2.44 -5.79
CA VAL D 197 -8.28 3.24 -4.94
C VAL D 197 -7.28 4.06 -5.74
N THR D 198 -6.83 3.54 -6.88
CA THR D 198 -5.82 4.20 -7.68
C THR D 198 -6.36 5.47 -8.34
N THR D 199 -5.46 6.42 -8.59
CA THR D 199 -5.83 7.60 -9.35
C THR D 199 -6.30 7.24 -10.76
N ALA D 200 -5.87 6.09 -11.26
CA ALA D 200 -6.33 5.63 -12.56
C ALA D 200 -7.68 4.95 -12.47
N GLU D 201 -8.06 4.46 -11.29
CA GLU D 201 -9.40 3.93 -11.10
C GLU D 201 -10.41 5.02 -10.79
N ARG D 202 -9.95 6.17 -10.33
CA ARG D 202 -10.84 7.33 -10.22
C ARG D 202 -11.48 7.66 -11.56
N GLU D 203 -10.75 7.48 -12.66
CA GLU D 203 -11.31 7.76 -13.98
C GLU D 203 -12.35 6.73 -14.38
N ILE D 204 -12.13 5.47 -14.04
CA ILE D 204 -13.16 4.46 -14.28
C ILE D 204 -14.43 4.84 -13.54
N VAL D 205 -14.29 5.31 -12.30
CA VAL D 205 -15.46 5.66 -11.52
C VAL D 205 -16.15 6.88 -12.09
N ARG D 206 -15.39 7.81 -12.64
CA ARG D 206 -16.00 8.98 -13.25
C ARG D 206 -16.82 8.59 -14.47
N ASP D 207 -16.31 7.66 -15.28
CA ASP D 207 -17.08 7.21 -16.43
C ASP D 207 -18.33 6.47 -15.98
N ILE D 208 -18.23 5.65 -14.93
CA ILE D 208 -19.42 5.01 -14.38
C ILE D 208 -20.46 6.06 -14.02
N LYS D 209 -20.04 7.09 -13.28
CA LYS D 209 -20.97 8.11 -12.84
C LYS D 209 -21.65 8.77 -14.01
N GLU D 210 -20.86 9.23 -14.99
CA GLU D 210 -21.43 9.89 -16.16
C GLU D 210 -22.43 9.01 -16.88
N LYS D 211 -22.16 7.72 -17.00
CA LYS D 211 -23.02 6.89 -17.81
C LYS D 211 -24.25 6.37 -17.08
N LEU D 212 -24.22 6.25 -15.75
CA LEU D 212 -25.30 5.57 -15.07
C LEU D 212 -26.04 6.40 -14.06
N CYS D 213 -25.49 7.50 -13.56
CA CYS D 213 -26.13 8.20 -12.46
C CYS D 213 -27.22 9.14 -12.96
N TYR D 214 -28.19 9.39 -12.10
CA TYR D 214 -29.29 10.29 -12.39
C TYR D 214 -29.83 10.83 -11.07
N VAL D 215 -30.58 11.92 -11.17
CA VAL D 215 -31.16 12.57 -10.00
C VAL D 215 -32.58 12.08 -9.82
N ALA D 216 -32.91 11.64 -8.62
CA ALA D 216 -34.24 11.16 -8.32
C ALA D 216 -35.18 12.34 -8.11
N LEU D 217 -36.42 12.19 -8.51
CA LEU D 217 -37.39 13.24 -8.25
C LEU D 217 -37.78 13.26 -6.79
N ASP D 218 -38.04 12.10 -6.22
CA ASP D 218 -38.34 11.95 -4.80
C ASP D 218 -37.37 10.94 -4.21
N PHE D 219 -36.50 11.41 -3.33
CA PHE D 219 -35.40 10.56 -2.87
C PHE D 219 -35.91 9.42 -2.02
N GLU D 220 -36.89 9.67 -1.15
CA GLU D 220 -37.37 8.63 -0.27
C GLU D 220 -38.14 7.57 -1.03
N ASN D 221 -38.95 7.99 -2.00
CA ASN D 221 -39.69 7.00 -2.78
C ASN D 221 -38.75 6.21 -3.67
N GLU D 222 -37.70 6.83 -4.19
CA GLU D 222 -36.75 6.05 -4.97
C GLU D 222 -35.96 5.08 -4.10
N MET D 223 -35.63 5.48 -2.87
CA MET D 223 -34.98 4.53 -1.97
C MET D 223 -35.90 3.36 -1.66
N ALA D 224 -37.19 3.64 -1.46
CA ALA D 224 -38.13 2.57 -1.18
C ALA D 224 -38.28 1.63 -2.38
N THR D 225 -38.36 2.19 -3.59
CA THR D 225 -38.54 1.33 -4.75
C THR D 225 -37.29 0.53 -5.05
N ALA D 226 -36.11 1.07 -4.73
CA ALA D 226 -34.89 0.31 -4.92
C ALA D 226 -34.78 -0.80 -3.89
N ALA D 227 -35.23 -0.54 -2.66
CA ALA D 227 -35.25 -1.60 -1.67
C ALA D 227 -36.23 -2.70 -2.05
N SER D 228 -37.38 -2.34 -2.60
CA SER D 228 -38.40 -3.36 -2.88
C SER D 228 -38.09 -4.11 -4.16
N SER D 229 -38.14 -3.42 -5.30
CA SER D 229 -38.02 -4.10 -6.58
C SER D 229 -36.54 -4.30 -6.92
N SER D 230 -36.27 -4.62 -8.18
CA SER D 230 -34.90 -4.69 -8.67
C SER D 230 -34.79 -4.10 -10.07
N SER D 231 -35.72 -3.23 -10.44
CA SER D 231 -35.78 -2.66 -11.79
C SER D 231 -34.80 -1.51 -12.01
N LEU D 232 -34.10 -1.07 -10.97
CA LEU D 232 -33.13 -0.01 -11.09
C LEU D 232 -31.72 -0.51 -11.33
N GLU D 233 -31.48 -1.79 -11.08
CA GLU D 233 -30.14 -2.36 -11.20
C GLU D 233 -29.65 -2.23 -12.63
N LYS D 234 -28.46 -1.69 -12.81
CA LYS D 234 -27.86 -1.55 -14.11
C LYS D 234 -26.42 -2.00 -14.04
N SER D 235 -25.94 -2.63 -15.11
CA SER D 235 -24.61 -3.21 -15.12
C SER D 235 -23.65 -2.38 -15.94
N TYR D 236 -22.38 -2.43 -15.57
CA TYR D 236 -21.31 -1.72 -16.25
C TYR D 236 -20.14 -2.68 -16.40
N GLU D 237 -19.44 -2.57 -17.51
CA GLU D 237 -18.37 -3.50 -17.83
C GLU D 237 -17.04 -2.79 -17.72
N LEU D 238 -16.25 -3.18 -16.73
CA LEU D 238 -14.96 -2.56 -16.47
C LEU D 238 -14.04 -2.83 -17.65
N PRO D 239 -12.85 -2.22 -17.67
CA PRO D 239 -11.93 -2.47 -18.79
C PRO D 239 -11.55 -3.93 -18.96
N ASP D 240 -11.96 -4.81 -18.06
CA ASP D 240 -11.70 -6.24 -18.19
C ASP D 240 -12.99 -7.04 -18.23
N GLY D 241 -13.83 -6.92 -17.23
CA GLY D 241 -14.99 -7.74 -17.08
C GLY D 241 -15.51 -7.57 -15.67
N GLN D 242 -15.84 -8.68 -15.03
CA GLN D 242 -16.53 -8.69 -13.74
C GLN D 242 -17.54 -7.55 -13.68
N VAL D 243 -18.47 -7.59 -14.63
CA VAL D 243 -19.47 -6.53 -14.74
C VAL D 243 -20.04 -6.23 -13.37
N ILE D 244 -20.04 -4.96 -13.02
CA ILE D 244 -20.50 -4.52 -11.71
C ILE D 244 -21.98 -4.15 -11.83
N THR D 245 -22.75 -4.45 -10.79
CA THR D 245 -24.17 -4.17 -10.75
C THR D 245 -24.40 -3.05 -9.75
N ILE D 246 -25.02 -1.97 -10.20
CA ILE D 246 -25.20 -0.76 -9.42
C ILE D 246 -26.68 -0.61 -9.11
N GLY D 247 -27.00 -0.47 -7.84
CA GLY D 247 -28.39 -0.34 -7.44
C GLY D 247 -28.79 1.09 -7.15
N ASN D 248 -29.14 1.38 -5.90
CA ASN D 248 -29.60 2.71 -5.56
C ASN D 248 -28.48 3.74 -5.54
N GLU D 249 -27.23 3.33 -5.56
CA GLU D 249 -26.22 4.36 -5.68
C GLU D 249 -26.14 4.95 -7.06
N ARG D 250 -27.05 4.58 -7.96
CA ARG D 250 -27.19 5.34 -9.19
C ARG D 250 -27.69 6.74 -8.90
N PHE D 251 -28.59 6.87 -7.95
CA PHE D 251 -29.14 8.16 -7.59
C PHE D 251 -28.71 8.66 -6.22
N ARG D 252 -28.09 7.82 -5.39
CA ARG D 252 -27.52 8.33 -4.16
C ARG D 252 -26.29 9.19 -4.39
N CYS D 253 -25.62 9.04 -5.54
CA CYS D 253 -24.45 9.86 -5.79
C CYS D 253 -24.80 11.31 -6.05
N PRO D 254 -25.59 11.65 -7.07
CA PRO D 254 -25.84 13.06 -7.34
C PRO D 254 -26.78 13.71 -6.34
N GLU D 255 -27.43 12.94 -5.48
CA GLU D 255 -28.21 13.50 -4.39
C GLU D 255 -27.33 14.25 -3.40
N THR D 256 -26.02 14.04 -3.43
CA THR D 256 -25.13 14.84 -2.60
C THR D 256 -25.21 16.31 -2.95
N LEU D 257 -25.65 16.65 -4.16
CA LEU D 257 -25.78 18.06 -4.52
C LEU D 257 -26.93 18.70 -3.76
N PHE D 258 -27.97 17.95 -3.45
CA PHE D 258 -29.11 18.49 -2.74
C PHE D 258 -29.06 18.20 -1.25
N GLN D 259 -28.16 17.32 -0.81
CA GLN D 259 -27.95 17.06 0.61
C GLN D 259 -26.47 16.96 0.91
N PRO D 260 -25.78 18.09 0.96
CA PRO D 260 -24.32 18.05 1.14
C PRO D 260 -23.88 17.49 2.48
N SER D 261 -24.83 17.13 3.34
CA SER D 261 -24.48 16.45 4.57
C SER D 261 -24.01 15.04 4.31
N PHE D 262 -24.26 14.50 3.12
CA PHE D 262 -23.81 13.15 2.80
C PHE D 262 -22.30 13.05 2.84
N ILE D 263 -21.61 14.08 2.35
CA ILE D 263 -20.17 14.11 2.41
C ILE D 263 -19.68 14.99 3.56
N GLY D 264 -20.51 15.18 4.58
CA GLY D 264 -20.06 15.87 5.77
C GLY D 264 -19.83 17.34 5.60
N MET D 265 -20.52 17.98 4.67
CA MET D 265 -20.47 19.43 4.57
C MET D 265 -21.64 20.03 5.33
N GLU D 266 -21.43 21.26 5.79
CA GLU D 266 -22.45 21.95 6.58
C GLU D 266 -23.44 22.70 5.70
N SER D 267 -23.04 23.07 4.49
CA SER D 267 -23.80 23.98 3.66
C SER D 267 -25.12 23.35 3.21
N ALA D 268 -25.89 24.10 2.44
CA ALA D 268 -27.18 23.67 1.95
C ALA D 268 -27.10 23.33 0.46
N GLY D 269 -28.12 22.64 -0.02
CA GLY D 269 -28.12 22.14 -1.37
C GLY D 269 -28.07 23.25 -2.40
N ILE D 270 -27.98 22.84 -3.66
CA ILE D 270 -27.89 23.84 -4.71
C ILE D 270 -29.21 24.53 -4.91
N HIS D 271 -30.33 23.83 -4.71
CA HIS D 271 -31.63 24.48 -4.78
C HIS D 271 -31.77 25.56 -3.73
N GLU D 272 -31.26 25.30 -2.54
CA GLU D 272 -31.39 26.25 -1.46
C GLU D 272 -30.40 27.39 -1.56
N THR D 273 -29.19 27.17 -2.07
CA THR D 273 -28.35 28.33 -2.30
C THR D 273 -28.85 29.17 -3.46
N THR D 274 -29.49 28.56 -4.45
CA THR D 274 -30.11 29.35 -5.51
C THR D 274 -31.22 30.23 -4.96
N TYR D 275 -32.12 29.64 -4.18
CA TYR D 275 -33.17 30.43 -3.56
C TYR D 275 -32.62 31.49 -2.63
N ASN D 276 -31.52 31.21 -1.93
CA ASN D 276 -30.96 32.20 -1.02
C ASN D 276 -30.33 33.34 -1.78
N SER D 277 -29.69 33.07 -2.91
CA SER D 277 -29.19 34.16 -3.74
C SER D 277 -30.34 35.02 -4.24
N ILE D 278 -31.44 34.40 -4.65
CA ILE D 278 -32.62 35.16 -5.04
C ILE D 278 -33.04 36.09 -3.92
N MET D 279 -33.38 35.52 -2.75
CA MET D 279 -33.85 36.35 -1.65
C MET D 279 -32.79 37.32 -1.15
N LYS D 280 -31.54 37.11 -1.53
CA LYS D 280 -30.49 38.07 -1.25
C LYS D 280 -30.54 39.24 -2.20
N CYS D 281 -31.09 39.05 -3.39
CA CYS D 281 -31.18 40.13 -4.37
C CYS D 281 -32.25 41.12 -3.92
N ASP D 282 -32.56 42.08 -4.76
CA ASP D 282 -33.59 43.07 -4.46
C ASP D 282 -34.94 42.38 -4.48
N ILE D 283 -36.01 43.16 -4.37
CA ILE D 283 -37.35 42.61 -4.45
C ILE D 283 -37.99 42.85 -5.80
N ASP D 284 -37.53 43.84 -6.56
CA ASP D 284 -38.16 44.18 -7.81
C ASP D 284 -37.72 43.30 -8.96
N ILE D 285 -36.68 42.49 -8.78
CA ILE D 285 -36.14 41.65 -9.83
C ILE D 285 -36.31 40.17 -9.53
N ARG D 286 -36.85 39.81 -8.38
CA ARG D 286 -36.95 38.41 -8.02
C ARG D 286 -37.87 37.64 -8.96
N LYS D 287 -38.87 38.29 -9.55
CA LYS D 287 -39.75 37.58 -10.46
C LYS D 287 -39.01 37.18 -11.73
N ASP D 288 -38.28 38.11 -12.32
CA ASP D 288 -37.48 37.79 -13.49
C ASP D 288 -36.44 36.73 -13.18
N LEU D 289 -35.81 36.82 -12.00
CA LEU D 289 -34.82 35.82 -11.64
C LEU D 289 -35.45 34.44 -11.46
N TYR D 290 -36.63 34.37 -10.84
CA TYR D 290 -37.33 33.10 -10.76
C TYR D 290 -37.63 32.56 -12.14
N ALA D 291 -37.92 33.43 -13.08
CA ALA D 291 -38.30 32.98 -14.41
C ALA D 291 -37.12 32.73 -15.34
N ASN D 292 -35.90 33.02 -14.92
CA ASN D 292 -34.75 32.85 -15.82
C ASN D 292 -33.61 32.11 -15.14
N ASN D 293 -33.91 30.98 -14.54
CA ASN D 293 -32.92 30.23 -13.78
C ASN D 293 -32.12 29.33 -14.72
N VAL D 294 -30.87 29.70 -15.00
CA VAL D 294 -30.08 29.10 -16.07
C VAL D 294 -29.06 28.14 -15.48
N LEU D 295 -29.05 26.91 -15.98
CA LEU D 295 -28.07 25.90 -15.59
C LEU D 295 -26.97 25.79 -16.63
N SER D 296 -25.75 25.52 -16.18
CA SER D 296 -24.66 25.26 -17.11
C SER D 296 -23.61 24.44 -16.41
N GLY D 297 -22.62 23.99 -17.18
CA GLY D 297 -21.55 23.19 -16.64
C GLY D 297 -21.89 21.71 -16.61
N GLY D 298 -20.83 20.90 -16.47
CA GLY D 298 -20.98 19.46 -16.64
C GLY D 298 -21.76 18.76 -15.54
N THR D 299 -21.66 19.24 -14.31
CA THR D 299 -22.37 18.59 -13.21
C THR D 299 -23.86 18.84 -13.25
N THR D 300 -24.34 19.70 -14.14
CA THR D 300 -25.77 19.89 -14.33
C THR D 300 -26.34 18.98 -15.39
N MET D 301 -25.63 17.92 -15.74
CA MET D 301 -25.99 17.09 -16.88
C MET D 301 -26.67 15.79 -16.50
N TYR D 302 -26.97 15.59 -15.23
CA TYR D 302 -27.63 14.37 -14.83
C TYR D 302 -29.07 14.37 -15.34
N PRO D 303 -29.60 13.21 -15.72
CA PRO D 303 -31.02 13.12 -16.05
C PRO D 303 -31.87 13.37 -14.81
N GLY D 304 -32.74 14.38 -14.89
CA GLY D 304 -33.67 14.66 -13.84
C GLY D 304 -33.32 15.82 -12.95
N ILE D 305 -32.16 16.44 -13.17
CA ILE D 305 -31.73 17.50 -12.26
C ILE D 305 -32.58 18.74 -12.46
N ALA D 306 -32.99 19.02 -13.70
CA ALA D 306 -33.84 20.18 -13.95
C ALA D 306 -35.19 20.02 -13.28
N ASP D 307 -35.81 18.85 -13.43
CA ASP D 307 -37.10 18.64 -12.80
C ASP D 307 -36.99 18.66 -11.28
N ARG D 308 -35.92 18.07 -10.73
CA ARG D 308 -35.76 18.09 -9.29
C ARG D 308 -35.58 19.50 -8.77
N MET D 309 -34.74 20.29 -9.44
CA MET D 309 -34.49 21.63 -8.95
C MET D 309 -35.72 22.49 -9.09
N GLN D 310 -36.52 22.27 -10.13
CA GLN D 310 -37.76 23.01 -10.24
C GLN D 310 -38.71 22.63 -9.13
N LYS D 311 -38.82 21.35 -8.81
CA LYS D 311 -39.70 20.97 -7.70
C LYS D 311 -39.26 21.64 -6.41
N GLU D 312 -37.96 21.64 -6.14
CA GLU D 312 -37.49 22.21 -4.87
C GLU D 312 -37.69 23.71 -4.83
N ILE D 313 -37.24 24.43 -5.85
CA ILE D 313 -37.37 25.88 -5.85
C ILE D 313 -38.84 26.29 -5.85
N THR D 314 -39.71 25.50 -6.49
CA THR D 314 -41.13 25.83 -6.46
C THR D 314 -41.70 25.63 -5.07
N ALA D 315 -41.26 24.60 -4.36
CA ALA D 315 -41.72 24.42 -2.98
C ALA D 315 -41.21 25.54 -2.09
N LEU D 316 -40.07 26.14 -2.43
CA LEU D 316 -39.51 27.19 -1.59
C LEU D 316 -40.16 28.54 -1.86
N ALA D 317 -40.28 28.93 -3.12
CA ALA D 317 -40.74 30.25 -3.50
C ALA D 317 -42.23 30.41 -3.23
N PRO D 318 -42.75 31.63 -3.27
CA PRO D 318 -44.19 31.82 -3.10
C PRO D 318 -44.99 31.15 -4.21
N SER D 319 -46.26 30.88 -3.90
CA SER D 319 -47.08 30.09 -4.80
C SER D 319 -47.50 30.87 -6.03
N THR D 320 -47.49 32.19 -5.96
CA THR D 320 -47.96 32.99 -7.08
C THR D 320 -46.91 33.19 -8.16
N MET D 321 -45.72 32.62 -8.01
CA MET D 321 -44.61 32.85 -8.91
C MET D 321 -44.39 31.63 -9.78
N LYS D 322 -44.09 31.86 -11.05
CA LYS D 322 -43.81 30.75 -11.96
C LYS D 322 -42.31 30.56 -12.09
N ILE D 323 -41.83 29.41 -11.64
CA ILE D 323 -40.42 29.05 -11.67
C ILE D 323 -40.12 28.37 -12.99
N LYS D 324 -38.98 28.69 -13.57
CA LYS D 324 -38.59 28.13 -14.85
C LYS D 324 -37.11 27.84 -14.80
N ILE D 325 -36.71 26.69 -15.34
CA ILE D 325 -35.31 26.30 -15.31
C ILE D 325 -34.86 26.01 -16.73
N ILE D 326 -33.89 26.78 -17.20
CA ILE D 326 -33.39 26.69 -18.55
C ILE D 326 -32.20 25.77 -18.55
N ALA D 327 -32.29 24.67 -19.28
CA ALA D 327 -31.25 23.65 -19.31
C ALA D 327 -31.05 23.20 -20.75
N PRO D 328 -30.23 23.91 -21.50
CA PRO D 328 -29.96 23.52 -22.89
C PRO D 328 -29.28 22.17 -22.95
N PRO D 329 -29.30 21.51 -24.11
CA PRO D 329 -28.55 20.26 -24.22
C PRO D 329 -27.05 20.48 -24.31
N GLU D 330 -26.59 21.61 -24.84
CA GLU D 330 -25.16 21.91 -24.82
C GLU D 330 -24.78 22.72 -23.58
N ARG D 331 -25.22 22.26 -22.41
CA ARG D 331 -24.83 22.92 -21.17
C ARG D 331 -23.35 22.80 -20.89
N LYS D 332 -22.76 21.64 -21.15
CA LYS D 332 -21.38 21.44 -20.72
C LYS D 332 -20.44 22.46 -21.36
N TYR D 333 -20.80 23.02 -22.50
CA TYR D 333 -19.91 23.93 -23.22
C TYR D 333 -20.38 25.37 -23.19
N SER D 334 -21.36 25.70 -22.35
CA SER D 334 -21.95 27.03 -22.40
C SER D 334 -20.94 28.11 -22.13
N VAL D 335 -20.03 27.89 -21.17
CA VAL D 335 -19.04 28.90 -20.87
C VAL D 335 -18.17 29.16 -22.10
N TRP D 336 -17.83 28.11 -22.84
CA TRP D 336 -17.00 28.32 -24.01
C TRP D 336 -17.78 29.03 -25.12
N ILE D 337 -19.03 28.65 -25.33
CA ILE D 337 -19.86 29.33 -26.33
C ILE D 337 -19.89 30.82 -26.02
N GLY D 338 -20.21 31.16 -24.79
CA GLY D 338 -20.29 32.56 -24.42
C GLY D 338 -18.97 33.28 -24.54
N GLY D 339 -17.88 32.60 -24.22
CA GLY D 339 -16.57 33.21 -24.39
C GLY D 339 -16.27 33.53 -25.83
N SER D 340 -16.64 32.62 -26.74
CA SER D 340 -16.43 32.86 -28.16
C SER D 340 -17.24 34.05 -28.63
N ILE D 341 -18.52 34.09 -28.26
CA ILE D 341 -19.37 35.22 -28.60
C ILE D 341 -18.74 36.52 -28.13
N LEU D 342 -18.42 36.59 -26.84
CA LEU D 342 -17.88 37.81 -26.26
C LEU D 342 -16.61 38.25 -26.95
N ALA D 343 -15.69 37.33 -27.19
CA ALA D 343 -14.44 37.72 -27.82
C ALA D 343 -14.63 38.13 -29.27
N SER D 344 -15.69 37.65 -29.92
CA SER D 344 -15.92 38.08 -31.29
C SER D 344 -16.65 39.42 -31.38
N LEU D 345 -17.37 39.82 -30.34
CA LEU D 345 -17.99 41.15 -30.31
C LEU D 345 -16.97 42.24 -30.64
N SER D 346 -17.35 43.14 -31.55
CA SER D 346 -16.46 44.22 -31.93
C SER D 346 -16.32 45.26 -30.84
N THR D 347 -17.33 45.40 -29.98
CA THR D 347 -17.22 46.33 -28.86
C THR D 347 -16.12 45.91 -27.91
N PHE D 348 -15.87 44.61 -27.83
CA PHE D 348 -14.94 44.07 -26.85
C PHE D 348 -13.49 44.38 -27.18
N GLN D 349 -13.18 44.73 -28.43
CA GLN D 349 -11.79 44.87 -28.82
C GLN D 349 -11.07 46.00 -28.10
N GLN D 350 -11.78 46.85 -27.38
CA GLN D 350 -11.17 47.88 -26.56
C GLN D 350 -10.99 47.43 -25.12
N MET D 351 -11.41 46.21 -24.78
CA MET D 351 -11.35 45.73 -23.42
C MET D 351 -10.17 44.81 -23.15
N TRP D 352 -9.44 44.41 -24.17
CA TRP D 352 -8.27 43.55 -23.96
C TRP D 352 -7.25 44.28 -23.11
N ILE D 353 -6.41 43.49 -22.45
CA ILE D 353 -5.25 44.01 -21.74
C ILE D 353 -4.06 43.86 -22.68
N SER D 354 -3.63 44.97 -23.28
CA SER D 354 -2.52 44.88 -24.22
C SER D 354 -1.23 44.60 -23.47
N LYS D 355 -0.20 44.21 -24.23
CA LYS D 355 1.08 43.88 -23.61
C LYS D 355 1.78 45.11 -23.10
N GLN D 356 1.61 46.26 -23.75
CA GLN D 356 2.27 47.47 -23.28
C GLN D 356 1.66 47.93 -21.97
N GLU D 357 0.33 47.88 -21.84
CA GLU D 357 -0.29 48.20 -20.57
C GLU D 357 0.28 47.35 -19.46
N TYR D 358 0.45 46.05 -19.71
CA TYR D 358 1.02 45.17 -18.70
C TYR D 358 2.45 45.58 -18.38
N ASP D 359 3.27 45.76 -19.41
CA ASP D 359 4.67 46.12 -19.19
C ASP D 359 4.79 47.38 -18.35
N GLU D 360 3.87 48.31 -18.52
CA GLU D 360 3.99 49.57 -17.79
C GLU D 360 3.33 49.54 -16.41
N ALA D 361 2.38 48.63 -16.17
CA ALA D 361 1.65 48.65 -14.91
C ALA D 361 1.81 47.42 -14.04
N GLY D 362 2.53 46.39 -14.47
CA GLY D 362 2.65 45.18 -13.70
C GLY D 362 1.43 44.29 -13.82
N PRO D 363 1.47 43.11 -13.21
CA PRO D 363 0.28 42.22 -13.23
C PRO D 363 -0.90 42.76 -12.45
N SER D 364 -0.75 43.86 -11.71
CA SER D 364 -1.89 44.45 -11.03
C SER D 364 -2.95 44.97 -11.99
N ILE D 365 -2.61 45.13 -13.27
CA ILE D 365 -3.54 45.65 -14.25
C ILE D 365 -4.76 44.77 -14.44
N VAL D 366 -4.79 43.60 -13.79
CA VAL D 366 -5.84 42.65 -14.10
C VAL D 366 -7.08 42.90 -13.27
N HIS D 367 -6.91 43.30 -12.01
CA HIS D 367 -8.06 43.65 -11.20
C HIS D 367 -8.55 45.06 -11.47
N ARG D 368 -7.79 45.85 -12.21
CA ARG D 368 -8.13 47.22 -12.52
C ARG D 368 -9.33 47.22 -13.47
N LYS D 369 -9.71 48.42 -13.94
CA LYS D 369 -10.82 48.53 -14.87
C LYS D 369 -10.65 47.60 -16.07
N CYS D 370 -9.40 47.34 -16.45
CA CYS D 370 -9.09 46.23 -17.33
C CYS D 370 -9.26 44.98 -16.48
N PHE D 371 -10.50 44.49 -16.46
CA PHE D 371 -10.91 43.45 -15.53
C PHE D 371 -10.41 42.07 -15.94
N THR E 1 33.78 -2.28 -32.63
CA THR E 1 33.92 -3.60 -32.02
C THR E 1 32.58 -4.30 -31.87
N THR E 2 32.62 -5.59 -31.56
CA THR E 2 31.41 -6.39 -31.43
C THR E 2 31.29 -6.91 -30.00
N ALA E 3 30.06 -7.08 -29.56
CA ALA E 3 29.77 -7.63 -28.24
C ALA E 3 29.36 -9.09 -28.37
N LEU E 4 29.70 -9.88 -27.37
CA LEU E 4 29.27 -11.25 -27.27
C LEU E 4 27.98 -11.33 -26.48
N VAL E 5 27.18 -12.34 -26.78
CA VAL E 5 25.91 -12.55 -26.10
C VAL E 5 25.91 -13.99 -25.61
N CYS E 6 26.15 -14.18 -24.32
CA CYS E 6 26.24 -15.50 -23.72
C CYS E 6 25.01 -15.72 -22.85
N ASP E 7 24.07 -16.52 -23.34
CA ASP E 7 22.86 -16.84 -22.59
C ASP E 7 23.10 -18.13 -21.81
N ASN E 8 23.60 -17.97 -20.58
CA ASN E 8 24.02 -19.14 -19.81
C ASN E 8 22.86 -20.10 -19.56
N GLY E 9 21.71 -19.58 -19.18
CA GLY E 9 20.64 -20.50 -18.92
C GLY E 9 21.01 -21.44 -17.80
N SER E 10 20.36 -22.60 -17.78
CA SER E 10 20.66 -23.61 -16.76
C SER E 10 20.45 -24.97 -17.41
N GLY E 11 21.50 -25.49 -18.03
CA GLY E 11 21.37 -26.72 -18.77
C GLY E 11 21.60 -26.62 -20.26
N LEU E 12 21.88 -25.43 -20.79
CA LEU E 12 22.23 -25.29 -22.20
C LEU E 12 22.86 -23.92 -22.39
N VAL E 13 24.13 -23.90 -22.79
CA VAL E 13 24.83 -22.64 -23.03
C VAL E 13 24.59 -22.22 -24.46
N LYS E 14 24.28 -20.94 -24.66
CA LYS E 14 24.04 -20.39 -25.98
C LYS E 14 24.83 -19.11 -26.11
N ALA E 15 25.80 -19.09 -27.01
CA ALA E 15 26.67 -17.95 -27.18
C ALA E 15 26.77 -17.59 -28.65
N GLY E 16 27.28 -16.39 -28.92
CA GLY E 16 27.34 -15.90 -30.27
C GLY E 16 27.84 -14.48 -30.27
N PHE E 17 27.60 -13.78 -31.38
CA PHE E 17 27.97 -12.39 -31.51
C PHE E 17 26.72 -11.52 -31.58
N ALA E 18 26.85 -10.29 -31.13
CA ALA E 18 25.73 -9.35 -31.18
C ALA E 18 25.56 -8.87 -32.61
N GLY E 19 24.40 -9.13 -33.17
CA GLY E 19 24.13 -8.79 -34.55
C GLY E 19 23.88 -9.97 -35.44
N ASP E 20 23.77 -11.17 -34.90
CA ASP E 20 23.48 -12.36 -35.67
C ASP E 20 22.04 -12.77 -35.44
N ASP E 21 21.56 -13.67 -36.28
CA ASP E 21 20.18 -14.12 -36.18
C ASP E 21 20.01 -15.30 -35.22
N ALA E 22 21.10 -15.93 -34.80
CA ALA E 22 21.02 -17.13 -33.99
C ALA E 22 22.36 -17.32 -33.30
N PRO E 23 22.40 -18.10 -32.23
CA PRO E 23 23.68 -18.41 -31.60
C PRO E 23 24.46 -19.39 -32.44
N ARG E 24 25.78 -19.27 -32.39
CA ARG E 24 26.63 -20.17 -33.16
C ARG E 24 27.26 -21.25 -32.31
N ALA E 25 26.93 -21.31 -31.02
CA ALA E 25 27.51 -22.31 -30.13
C ALA E 25 26.42 -22.67 -29.12
N VAL E 26 25.76 -23.79 -29.35
CA VAL E 26 24.77 -24.32 -28.43
C VAL E 26 25.24 -25.70 -28.00
N PHE E 27 25.55 -25.84 -26.72
CA PHE E 27 26.02 -27.11 -26.19
C PHE E 27 25.55 -27.23 -24.76
N PRO E 28 25.50 -28.44 -24.22
CA PRO E 28 25.03 -28.60 -22.84
C PRO E 28 25.97 -27.96 -21.84
N SER E 29 25.38 -27.54 -20.72
CA SER E 29 26.12 -26.89 -19.66
C SER E 29 26.48 -27.91 -18.58
N ILE E 30 27.34 -28.85 -18.97
CA ILE E 30 27.74 -29.94 -18.10
C ILE E 30 29.25 -29.99 -18.05
N VAL E 31 29.76 -30.51 -16.94
CA VAL E 31 31.18 -30.78 -16.78
C VAL E 31 31.32 -32.20 -16.24
N GLY E 32 32.03 -33.03 -16.98
CA GLY E 32 32.17 -34.44 -16.64
C GLY E 32 33.58 -34.74 -16.15
N ARG E 33 33.69 -35.66 -15.21
CA ARG E 33 34.96 -36.15 -14.72
C ARG E 33 34.95 -37.67 -14.75
N PRO E 34 36.07 -38.30 -15.07
CA PRO E 34 36.09 -39.76 -15.15
C PRO E 34 35.93 -40.39 -13.77
N ARG E 35 35.20 -41.49 -13.72
CA ARG E 35 34.95 -42.17 -12.46
C ARG E 35 35.62 -43.53 -12.35
N HIS E 36 36.21 -44.04 -13.43
CA HIS E 36 36.93 -45.29 -13.40
C HIS E 36 38.42 -45.00 -13.36
N GLN E 37 39.24 -46.06 -13.35
CA GLN E 37 40.63 -45.88 -12.99
C GLN E 37 41.50 -45.46 -14.18
N GLY E 38 41.42 -46.18 -15.29
CA GLY E 38 42.23 -45.81 -16.43
C GLY E 38 43.53 -46.56 -16.47
N VAL E 39 43.65 -47.48 -17.43
CA VAL E 39 44.70 -48.48 -17.42
C VAL E 39 45.73 -48.23 -18.52
N MET E 40 45.29 -47.81 -19.70
CA MET E 40 46.22 -47.64 -20.80
C MET E 40 47.15 -46.48 -20.53
N VAL E 41 48.41 -46.79 -20.27
CA VAL E 41 49.44 -45.77 -20.13
C VAL E 41 49.69 -45.15 -21.49
N GLY E 42 50.00 -43.86 -21.51
CA GLY E 42 50.16 -43.15 -22.76
C GLY E 42 48.88 -42.61 -23.34
N MET E 43 47.74 -42.97 -22.76
CA MET E 43 46.48 -42.40 -23.19
C MET E 43 46.48 -40.89 -22.95
N GLY E 44 47.15 -40.45 -21.89
CA GLY E 44 47.27 -39.02 -21.60
C GLY E 44 45.95 -38.31 -21.46
N GLN E 45 44.94 -38.98 -20.91
CA GLN E 45 43.60 -38.43 -20.90
C GLN E 45 43.49 -37.27 -19.93
N LYS E 46 42.52 -36.40 -20.21
CA LYS E 46 42.28 -35.20 -19.42
C LYS E 46 41.57 -35.56 -18.13
N ASP E 47 41.36 -34.55 -17.29
CA ASP E 47 40.72 -34.78 -16.01
C ASP E 47 39.29 -34.28 -15.94
N SER E 48 38.87 -33.46 -16.90
CA SER E 48 37.50 -32.95 -16.90
C SER E 48 37.14 -32.53 -18.30
N TYR E 49 36.01 -33.01 -18.78
CA TYR E 49 35.50 -32.68 -20.10
C TYR E 49 34.32 -31.73 -19.96
N VAL E 50 34.23 -30.77 -20.86
CA VAL E 50 33.23 -29.72 -20.79
C VAL E 50 32.38 -29.76 -22.04
N GLY E 51 31.09 -29.51 -21.87
CA GLY E 51 30.26 -29.26 -23.03
C GLY E 51 29.88 -30.52 -23.78
N ASP E 52 30.02 -30.45 -25.10
CA ASP E 52 29.52 -31.49 -25.99
C ASP E 52 30.43 -32.72 -26.00
N GLU E 53 31.65 -32.58 -25.52
CA GLU E 53 32.56 -33.71 -25.45
C GLU E 53 32.15 -34.66 -24.32
N ALA E 54 31.67 -34.11 -23.21
CA ALA E 54 31.21 -34.94 -22.11
C ALA E 54 30.03 -35.81 -22.53
N GLN E 55 29.17 -35.31 -23.41
CA GLN E 55 28.07 -36.12 -23.89
C GLN E 55 28.53 -37.27 -24.78
N SER E 56 29.70 -37.15 -25.38
CA SER E 56 30.24 -38.30 -26.09
C SER E 56 30.85 -39.30 -25.12
N LYS E 57 31.58 -38.82 -24.12
CA LYS E 57 32.17 -39.70 -23.13
C LYS E 57 31.24 -39.99 -21.96
N ARG E 58 29.93 -39.87 -22.13
CA ARG E 58 28.99 -40.12 -21.03
C ARG E 58 29.29 -41.38 -20.25
N GLY E 59 29.46 -42.51 -20.94
CA GLY E 59 29.55 -43.77 -20.24
C GLY E 59 30.74 -43.89 -19.30
N ILE E 60 31.66 -42.95 -19.34
CA ILE E 60 32.85 -43.00 -18.53
C ILE E 60 32.89 -41.92 -17.45
N LEU E 61 32.08 -40.87 -17.56
CA LEU E 61 32.16 -39.70 -16.72
C LEU E 61 30.96 -39.63 -15.77
N THR E 62 31.10 -38.77 -14.76
CA THR E 62 29.99 -38.30 -13.94
C THR E 62 29.67 -36.89 -14.37
N LEU E 63 28.45 -36.67 -14.85
CA LEU E 63 28.07 -35.38 -15.38
C LEU E 63 27.46 -34.52 -14.28
N LYS E 64 28.00 -33.33 -14.09
CA LYS E 64 27.48 -32.39 -13.11
C LYS E 64 27.09 -31.10 -13.80
N TYR E 65 25.99 -30.54 -13.39
CA TYR E 65 25.55 -29.24 -13.84
C TYR E 65 25.99 -28.19 -12.85
N PRO E 66 26.65 -27.12 -13.29
CA PRO E 66 27.06 -26.08 -12.34
C PRO E 66 26.00 -25.05 -12.02
N ILE E 67 24.78 -25.18 -12.53
CA ILE E 67 23.70 -24.24 -12.27
C ILE E 67 22.47 -25.04 -11.87
N GLU E 68 21.97 -24.81 -10.65
CA GLU E 68 20.85 -25.62 -10.18
C GLU E 68 19.50 -25.07 -10.63
N HIS E 69 19.12 -23.91 -10.12
CA HIS E 69 17.88 -23.24 -10.53
C HIS E 69 18.28 -21.81 -10.80
N GLY E 70 18.81 -21.53 -11.97
CA GLY E 70 19.29 -20.19 -12.21
C GLY E 70 20.57 -19.90 -11.46
N ILE E 71 20.61 -20.32 -10.20
CA ILE E 71 21.73 -20.04 -9.31
C ILE E 71 22.92 -20.91 -9.66
N ILE E 72 24.10 -20.32 -9.65
CA ILE E 72 25.33 -21.06 -9.87
C ILE E 72 25.83 -21.60 -8.53
N THR E 73 26.12 -22.88 -8.49
CA THR E 73 26.57 -23.53 -7.27
C THR E 73 28.01 -23.94 -7.28
N ASN E 74 28.61 -24.14 -8.44
CA ASN E 74 29.99 -24.56 -8.57
C ASN E 74 30.72 -23.53 -9.41
N TRP E 75 31.47 -22.64 -8.76
CA TRP E 75 32.06 -21.54 -9.49
C TRP E 75 33.26 -21.97 -10.33
N ASP E 76 33.99 -22.98 -9.88
CA ASP E 76 35.09 -23.49 -10.69
C ASP E 76 34.57 -24.16 -11.95
N ASP E 77 33.52 -24.97 -11.82
CA ASP E 77 32.90 -25.56 -12.99
C ASP E 77 32.36 -24.50 -13.94
N MET E 78 31.69 -23.48 -13.41
CA MET E 78 31.15 -22.45 -14.29
C MET E 78 32.26 -21.69 -14.98
N GLU E 79 33.39 -21.49 -14.31
CA GLU E 79 34.51 -20.83 -14.95
C GLU E 79 35.07 -21.69 -16.07
N LYS E 80 35.10 -23.00 -15.88
CA LYS E 80 35.49 -23.89 -16.97
C LYS E 80 34.54 -23.79 -18.14
N ILE E 81 33.24 -23.74 -17.86
CA ILE E 81 32.25 -23.60 -18.92
C ILE E 81 32.51 -22.34 -19.73
N TRP E 82 32.76 -21.23 -19.04
CA TRP E 82 32.97 -19.97 -19.75
C TRP E 82 34.25 -20.01 -20.56
N HIS E 83 35.31 -20.60 -20.00
CA HIS E 83 36.57 -20.70 -20.73
C HIS E 83 36.37 -21.52 -22.00
N HIS E 84 35.68 -22.65 -21.90
CA HIS E 84 35.38 -23.44 -23.07
C HIS E 84 34.59 -22.63 -24.09
N THR E 85 33.59 -21.90 -23.64
CA THR E 85 32.76 -21.13 -24.56
C THR E 85 33.56 -20.08 -25.29
N PHE E 86 34.44 -19.38 -24.57
CA PHE E 86 35.19 -18.30 -25.21
C PHE E 86 36.24 -18.84 -26.17
N TYR E 87 36.98 -19.88 -25.76
CA TYR E 87 38.17 -20.23 -26.52
C TYR E 87 37.97 -21.39 -27.48
N ASN E 88 37.07 -22.32 -27.20
CA ASN E 88 36.94 -23.49 -28.05
C ASN E 88 35.74 -23.47 -28.97
N GLU E 89 34.62 -22.92 -28.55
CA GLU E 89 33.45 -22.87 -29.43
C GLU E 89 33.43 -21.60 -30.27
N LEU E 90 33.73 -20.46 -29.67
CA LEU E 90 33.72 -19.19 -30.39
C LEU E 90 35.08 -18.78 -30.94
N ARG E 91 36.16 -19.12 -30.24
CA ARG E 91 37.51 -18.81 -30.69
C ARG E 91 37.73 -17.31 -30.78
N VAL E 92 37.52 -16.64 -29.65
CA VAL E 92 37.67 -15.20 -29.55
C VAL E 92 38.46 -14.90 -28.28
N ALA E 93 39.05 -13.72 -28.25
CA ALA E 93 39.77 -13.30 -27.06
C ALA E 93 38.87 -12.40 -26.23
N PRO E 94 38.48 -12.81 -25.02
CA PRO E 94 37.47 -12.05 -24.30
C PRO E 94 37.95 -10.70 -23.80
N GLU E 95 39.21 -10.35 -23.95
CA GLU E 95 39.69 -9.04 -23.55
C GLU E 95 39.50 -8.00 -24.64
N GLU E 96 38.78 -8.32 -25.71
CA GLU E 96 38.52 -7.37 -26.78
C GLU E 96 37.03 -7.21 -27.04
N HIS E 97 36.17 -7.91 -26.29
CA HIS E 97 34.77 -7.94 -26.60
C HIS E 97 33.96 -7.65 -25.34
N PRO E 98 33.01 -6.73 -25.39
CA PRO E 98 32.04 -6.63 -24.31
C PRO E 98 31.20 -7.90 -24.28
N THR E 99 30.67 -8.21 -23.12
CA THR E 99 29.91 -9.45 -22.93
C THR E 99 28.60 -9.13 -22.25
N LEU E 100 27.50 -9.56 -22.84
CA LEU E 100 26.18 -9.40 -22.24
C LEU E 100 25.75 -10.75 -21.68
N LEU E 101 25.50 -10.79 -20.39
CA LEU E 101 25.08 -12.00 -19.70
C LEU E 101 23.61 -11.90 -19.35
N THR E 102 22.95 -13.03 -19.14
CA THR E 102 21.55 -13.03 -18.79
C THR E 102 21.35 -13.70 -17.45
N GLU E 103 20.25 -13.36 -16.79
CA GLU E 103 19.94 -13.92 -15.48
C GLU E 103 18.43 -13.92 -15.31
N ALA E 104 17.95 -14.79 -14.45
CA ALA E 104 16.52 -14.85 -14.16
C ALA E 104 16.15 -13.87 -13.06
N PRO E 105 14.90 -13.45 -13.00
CA PRO E 105 14.48 -12.55 -11.92
C PRO E 105 14.56 -13.23 -10.57
N LEU E 106 14.80 -12.41 -9.55
CA LEU E 106 14.70 -12.85 -8.16
C LEU E 106 15.72 -13.92 -7.81
N ASN E 107 16.94 -13.76 -8.27
CA ASN E 107 18.05 -14.59 -7.83
C ASN E 107 18.81 -13.90 -6.72
N PRO E 108 19.67 -14.62 -6.01
CA PRO E 108 20.55 -13.97 -5.04
C PRO E 108 21.37 -12.88 -5.70
N LYS E 109 21.84 -11.95 -4.89
CA LYS E 109 22.65 -10.87 -5.42
C LYS E 109 24.10 -11.27 -5.57
N ALA E 110 24.57 -12.19 -4.73
CA ALA E 110 25.94 -12.63 -4.83
C ALA E 110 26.18 -13.38 -6.13
N ASN E 111 25.15 -14.03 -6.67
CA ASN E 111 25.28 -14.65 -7.99
C ASN E 111 25.75 -13.63 -9.00
N ARG E 112 25.03 -12.53 -9.12
CA ARG E 112 25.32 -11.50 -10.11
C ARG E 112 26.64 -10.81 -9.80
N GLU E 113 26.93 -10.56 -8.52
CA GLU E 113 28.16 -9.87 -8.18
C GLU E 113 29.38 -10.73 -8.49
N LYS E 114 29.34 -12.01 -8.14
CA LYS E 114 30.45 -12.90 -8.42
C LYS E 114 30.60 -13.13 -9.91
N MET E 115 29.50 -13.17 -10.65
CA MET E 115 29.59 -13.27 -12.10
C MET E 115 30.35 -12.08 -12.68
N THR E 116 30.01 -10.87 -12.24
CA THR E 116 30.73 -9.69 -12.70
C THR E 116 32.19 -9.74 -12.31
N GLN E 117 32.48 -10.11 -11.07
CA GLN E 117 33.86 -10.18 -10.63
C GLN E 117 34.66 -11.16 -11.47
N ILE E 118 34.09 -12.31 -11.81
CA ILE E 118 34.78 -13.26 -12.66
C ILE E 118 35.04 -12.67 -14.03
N MET E 119 34.02 -12.07 -14.63
CA MET E 119 34.16 -11.57 -16.00
C MET E 119 35.17 -10.44 -16.09
N PHE E 120 35.40 -9.71 -15.00
CA PHE E 120 36.39 -8.65 -15.07
C PHE E 120 37.78 -9.08 -14.62
N GLU E 121 37.89 -9.93 -13.61
CA GLU E 121 39.21 -10.32 -13.13
C GLU E 121 39.80 -11.48 -13.92
N THR E 122 39.04 -12.57 -14.09
CA THR E 122 39.57 -13.75 -14.75
C THR E 122 39.65 -13.57 -16.25
N PHE E 123 38.53 -13.23 -16.89
CA PHE E 123 38.50 -13.16 -18.34
C PHE E 123 38.84 -11.79 -18.88
N ASN E 124 38.76 -10.75 -18.06
CA ASN E 124 39.37 -9.46 -18.35
C ASN E 124 38.65 -8.70 -19.47
N VAL E 125 37.34 -8.91 -19.59
CA VAL E 125 36.55 -8.28 -20.64
C VAL E 125 36.57 -6.77 -20.45
N PRO E 126 36.32 -5.97 -21.49
CA PRO E 126 36.34 -4.52 -21.29
C PRO E 126 35.08 -3.99 -20.64
N ALA E 127 33.93 -4.58 -20.95
CA ALA E 127 32.67 -4.14 -20.38
C ALA E 127 31.80 -5.37 -20.19
N MET E 128 30.72 -5.23 -19.43
CA MET E 128 29.79 -6.32 -19.27
C MET E 128 28.47 -5.79 -18.78
N TYR E 129 27.44 -6.62 -18.89
CA TYR E 129 26.10 -6.21 -18.55
C TYR E 129 25.29 -7.46 -18.29
N VAL E 130 24.45 -7.44 -17.26
CA VAL E 130 23.61 -8.57 -16.90
C VAL E 130 22.16 -8.17 -17.17
N ALA E 131 21.47 -8.96 -17.99
CA ALA E 131 20.14 -8.62 -18.42
C ALA E 131 19.14 -9.68 -17.94
N ILE E 132 17.87 -9.30 -17.88
CA ILE E 132 16.83 -10.22 -17.45
C ILE E 132 16.32 -10.98 -18.65
N GLN E 133 16.06 -12.27 -18.48
CA GLN E 133 15.76 -13.12 -19.61
C GLN E 133 14.42 -12.76 -20.25
N ALA E 134 13.44 -12.39 -19.45
CA ALA E 134 12.11 -12.12 -19.98
C ALA E 134 12.08 -10.84 -20.80
N VAL E 135 12.81 -9.81 -20.37
CA VAL E 135 12.87 -8.59 -21.16
C VAL E 135 13.46 -8.85 -22.53
N LEU E 136 14.53 -9.63 -22.58
CA LEU E 136 15.16 -9.94 -23.86
C LEU E 136 14.25 -10.78 -24.72
N SER E 137 13.48 -11.67 -24.10
CA SER E 137 12.50 -12.42 -24.86
C SER E 137 11.48 -11.49 -25.50
N LEU E 138 11.07 -10.45 -24.79
CA LEU E 138 10.10 -9.52 -25.35
C LEU E 138 10.70 -8.68 -26.46
N TYR E 139 11.98 -8.30 -26.35
CA TYR E 139 12.67 -7.70 -27.48
C TYR E 139 12.59 -8.59 -28.72
N ALA E 140 12.96 -9.85 -28.57
CA ALA E 140 12.96 -10.74 -29.74
C ALA E 140 11.57 -10.99 -30.28
N SER E 141 10.54 -10.90 -29.45
CA SER E 141 9.20 -11.16 -29.92
C SER E 141 8.61 -10.03 -30.73
N GLY E 142 9.21 -8.85 -30.73
CA GLY E 142 8.69 -7.72 -31.46
C GLY E 142 7.63 -6.92 -30.74
N ARG E 143 7.28 -7.29 -29.52
CA ARG E 143 6.29 -6.57 -28.73
C ARG E 143 6.96 -5.45 -27.94
N THR E 144 6.14 -4.68 -27.26
CA THR E 144 6.60 -3.79 -26.22
C THR E 144 5.77 -3.88 -24.97
N THR E 145 4.60 -4.52 -25.02
CA THR E 145 3.84 -4.92 -23.85
C THR E 145 3.74 -6.43 -23.85
N GLY E 146 3.04 -6.97 -22.88
CA GLY E 146 2.82 -8.40 -22.86
C GLY E 146 3.43 -9.06 -21.65
N ILE E 147 2.82 -10.15 -21.22
CA ILE E 147 3.29 -10.92 -20.09
C ILE E 147 4.03 -12.14 -20.61
N VAL E 148 5.28 -12.25 -20.30
CA VAL E 148 6.14 -13.29 -20.86
C VAL E 148 6.34 -14.40 -19.84
N LEU E 149 6.25 -15.64 -20.31
CA LEU E 149 6.41 -16.83 -19.48
C LEU E 149 7.64 -17.58 -19.99
N ASP E 150 8.76 -17.44 -19.30
CA ASP E 150 10.03 -17.97 -19.77
C ASP E 150 10.36 -19.22 -18.98
N SER E 151 9.97 -20.37 -19.52
CA SER E 151 10.20 -21.65 -18.87
C SER E 151 11.48 -22.25 -19.44
N GLY E 152 12.57 -22.13 -18.72
CA GLY E 152 13.81 -22.70 -19.18
C GLY E 152 14.01 -24.12 -18.70
N ASP E 153 15.19 -24.42 -18.15
CA ASP E 153 15.44 -25.72 -17.56
C ASP E 153 15.64 -25.68 -16.05
N GLY E 154 15.99 -24.53 -15.50
CA GLY E 154 16.02 -24.40 -14.07
C GLY E 154 14.77 -23.77 -13.49
N VAL E 155 14.37 -22.61 -14.01
CA VAL E 155 13.30 -21.84 -13.42
C VAL E 155 12.24 -21.52 -14.45
N THR E 156 11.06 -21.16 -13.95
CA THR E 156 9.97 -20.63 -14.75
C THR E 156 9.57 -19.29 -14.14
N HIS E 157 9.33 -18.28 -14.98
CA HIS E 157 8.93 -17.00 -14.41
C HIS E 157 8.05 -16.24 -15.38
N ASN E 158 7.14 -15.45 -14.81
CA ASN E 158 6.30 -14.51 -15.54
C ASN E 158 6.79 -13.11 -15.23
N VAL E 159 6.89 -12.28 -16.25
CA VAL E 159 7.30 -10.89 -16.06
C VAL E 159 6.39 -10.00 -16.88
N PRO E 160 5.38 -9.35 -16.29
CA PRO E 160 4.49 -8.49 -17.06
C PRO E 160 5.15 -7.16 -17.37
N ILE E 161 5.09 -6.75 -18.63
CA ILE E 161 5.65 -5.49 -19.09
C ILE E 161 4.58 -4.75 -19.86
N TYR E 162 4.49 -3.44 -19.64
CA TYR E 162 3.53 -2.61 -20.35
C TYR E 162 4.22 -1.34 -20.82
N GLU E 163 4.20 -1.11 -22.13
CA GLU E 163 4.82 0.06 -22.74
C GLU E 163 6.29 0.18 -22.36
N GLY E 164 6.95 -0.93 -22.14
CA GLY E 164 8.34 -0.87 -21.75
C GLY E 164 8.58 -0.65 -20.28
N TYR E 165 7.55 -0.64 -19.45
CA TYR E 165 7.70 -0.56 -18.00
C TYR E 165 7.37 -1.90 -17.40
N ALA E 166 8.28 -2.42 -16.59
CA ALA E 166 8.04 -3.70 -15.93
C ALA E 166 7.46 -3.47 -14.54
N LEU E 167 6.58 -4.34 -14.14
CA LEU E 167 5.86 -4.21 -12.90
C LEU E 167 6.43 -5.20 -11.89
N PRO E 168 7.43 -4.81 -11.10
CA PRO E 168 8.18 -5.81 -10.34
C PRO E 168 7.37 -6.50 -9.28
N HIS E 169 6.37 -5.85 -8.72
CA HIS E 169 5.56 -6.49 -7.70
C HIS E 169 4.74 -7.64 -8.25
N ALA E 170 4.59 -7.73 -9.57
CA ALA E 170 3.81 -8.79 -10.18
C ALA E 170 4.67 -9.87 -10.80
N ILE E 171 5.98 -9.82 -10.61
CA ILE E 171 6.86 -10.86 -11.12
C ILE E 171 6.68 -12.11 -10.30
N MET E 172 6.51 -13.24 -10.96
CA MET E 172 6.38 -14.53 -10.30
C MET E 172 7.51 -15.42 -10.74
N ARG E 173 8.00 -16.25 -9.83
CA ARG E 173 9.06 -17.19 -10.15
C ARG E 173 8.73 -18.53 -9.53
N LEU E 174 8.82 -19.58 -10.33
CA LEU E 174 8.52 -20.93 -9.90
C LEU E 174 9.73 -21.79 -10.19
N ASP E 175 10.05 -22.71 -9.29
CA ASP E 175 11.22 -23.55 -9.45
C ASP E 175 10.89 -24.91 -10.03
N LEU E 176 9.94 -24.98 -10.94
CA LEU E 176 9.59 -26.19 -11.66
C LEU E 176 9.96 -25.97 -13.12
N ALA E 177 10.69 -26.91 -13.70
CA ALA E 177 11.16 -26.69 -15.06
C ALA E 177 11.51 -28.04 -15.69
N GLY E 178 12.29 -28.00 -16.75
CA GLY E 178 12.61 -29.21 -17.49
C GLY E 178 13.38 -30.23 -16.69
N ARG E 179 14.22 -29.79 -15.76
CA ARG E 179 14.96 -30.73 -14.95
C ARG E 179 14.03 -31.52 -14.04
N ASP E 180 13.05 -30.86 -13.45
CA ASP E 180 12.08 -31.57 -12.64
C ASP E 180 11.19 -32.45 -13.47
N LEU E 181 10.88 -32.05 -14.70
CA LEU E 181 10.12 -32.94 -15.57
C LEU E 181 10.93 -34.19 -15.92
N THR E 182 12.22 -34.03 -16.15
CA THR E 182 13.07 -35.20 -16.40
C THR E 182 13.10 -36.13 -15.21
N ASP E 183 13.20 -35.58 -14.01
CA ASP E 183 13.22 -36.44 -12.83
C ASP E 183 11.90 -37.16 -12.64
N TYR E 184 10.80 -36.47 -12.91
CA TYR E 184 9.50 -37.13 -12.80
C TYR E 184 9.35 -38.22 -13.84
N LEU E 185 9.90 -38.01 -15.05
CA LEU E 185 9.79 -39.05 -16.05
C LEU E 185 10.66 -40.25 -15.70
N MET E 186 11.88 -40.01 -15.22
CA MET E 186 12.69 -41.10 -14.69
C MET E 186 11.92 -41.90 -13.65
N LYS E 187 11.21 -41.20 -12.78
CA LYS E 187 10.49 -41.90 -11.72
C LYS E 187 9.31 -42.70 -12.24
N ILE E 188 8.49 -42.12 -13.11
CA ILE E 188 7.30 -42.86 -13.55
C ILE E 188 7.59 -43.85 -14.66
N LEU E 189 8.79 -43.83 -15.23
CA LEU E 189 9.13 -44.86 -16.20
C LEU E 189 9.42 -46.20 -15.55
N THR E 190 9.55 -46.24 -14.23
CA THR E 190 9.78 -47.49 -13.54
C THR E 190 8.51 -48.32 -13.41
N GLU E 191 7.35 -47.76 -13.72
CA GLU E 191 6.13 -48.56 -13.70
C GLU E 191 6.10 -49.58 -14.81
N ARG E 192 6.94 -49.45 -15.82
CA ARG E 192 7.00 -50.43 -16.88
C ARG E 192 8.29 -51.21 -16.88
N GLY E 193 9.14 -51.05 -15.88
CA GLY E 193 10.32 -51.85 -15.72
C GLY E 193 11.60 -51.18 -16.10
N TYR E 194 11.54 -50.14 -16.93
CA TYR E 194 12.77 -49.46 -17.30
C TYR E 194 13.31 -48.69 -16.11
N SER E 195 14.62 -48.83 -15.88
CA SER E 195 15.28 -48.18 -14.77
C SER E 195 16.43 -47.34 -15.31
N PHE E 196 16.41 -46.05 -15.01
CA PHE E 196 17.50 -45.14 -15.38
C PHE E 196 17.91 -44.43 -14.10
N VAL E 197 19.11 -44.76 -13.59
CA VAL E 197 19.57 -44.25 -12.32
C VAL E 197 20.85 -43.43 -12.45
N THR E 198 21.73 -43.82 -13.36
CA THR E 198 23.01 -43.15 -13.51
C THR E 198 22.82 -41.69 -13.90
N THR E 199 23.81 -40.86 -13.62
CA THR E 199 23.79 -39.47 -14.05
C THR E 199 23.88 -39.33 -15.55
N ALA E 200 24.22 -40.40 -16.27
CA ALA E 200 24.28 -40.39 -17.72
C ALA E 200 23.08 -41.03 -18.38
N GLU E 201 22.24 -41.70 -17.61
CA GLU E 201 20.95 -42.11 -18.14
C GLU E 201 19.92 -40.99 -18.02
N ARG E 202 20.21 -39.96 -17.24
CA ARG E 202 19.34 -38.80 -17.24
C ARG E 202 19.35 -38.12 -18.60
N GLU E 203 20.46 -38.18 -19.32
CA GLU E 203 20.49 -37.60 -20.66
C GLU E 203 19.64 -38.40 -21.63
N ILE E 204 19.62 -39.72 -21.49
CA ILE E 204 18.76 -40.54 -22.32
C ILE E 204 17.30 -40.23 -22.02
N VAL E 205 16.97 -40.06 -20.73
CA VAL E 205 15.59 -39.74 -20.39
C VAL E 205 15.20 -38.36 -20.90
N ARG E 206 16.13 -37.42 -20.89
CA ARG E 206 15.84 -36.11 -21.44
C ARG E 206 15.57 -36.19 -22.93
N ASP E 207 16.31 -37.02 -23.63
CA ASP E 207 16.05 -37.22 -25.05
C ASP E 207 14.67 -37.83 -25.28
N ILE E 208 14.32 -38.84 -24.49
CA ILE E 208 12.99 -39.44 -24.60
C ILE E 208 11.93 -38.37 -24.41
N LYS E 209 12.10 -37.53 -23.38
CA LYS E 209 11.12 -36.49 -23.10
C LYS E 209 10.95 -35.57 -24.29
N GLU E 210 12.07 -35.02 -24.78
CA GLU E 210 12.01 -34.11 -25.91
C GLU E 210 11.34 -34.73 -27.12
N LYS E 211 11.61 -36.01 -27.39
CA LYS E 211 11.13 -36.57 -28.65
C LYS E 211 9.73 -37.15 -28.56
N LEU E 212 9.24 -37.52 -27.39
CA LEU E 212 7.96 -38.21 -27.32
C LEU E 212 6.89 -37.52 -26.50
N CYS E 213 7.26 -36.61 -25.60
CA CYS E 213 6.25 -36.08 -24.70
C CYS E 213 5.45 -34.97 -25.37
N TYR E 214 4.22 -34.78 -24.89
CA TYR E 214 3.34 -33.75 -25.41
C TYR E 214 2.31 -33.43 -24.35
N VAL E 215 1.66 -32.28 -24.50
CA VAL E 215 0.69 -31.82 -23.53
C VAL E 215 -0.71 -32.22 -24.00
N ALA E 216 -1.49 -32.80 -23.11
CA ALA E 216 -2.84 -33.20 -23.45
C ALA E 216 -3.77 -32.01 -23.35
N LEU E 217 -4.67 -31.86 -24.31
CA LEU E 217 -5.63 -30.77 -24.21
C LEU E 217 -6.65 -31.02 -23.11
N ASP E 218 -6.90 -32.28 -22.79
CA ASP E 218 -7.76 -32.62 -21.67
C ASP E 218 -7.18 -33.87 -21.02
N PHE E 219 -6.95 -33.80 -19.72
CA PHE E 219 -6.15 -34.82 -19.07
C PHE E 219 -6.95 -36.07 -18.76
N GLU E 220 -8.20 -35.95 -18.30
CA GLU E 220 -8.99 -37.13 -18.01
C GLU E 220 -9.36 -37.87 -19.28
N ASN E 221 -9.64 -37.14 -20.35
CA ASN E 221 -10.01 -37.81 -21.58
C ASN E 221 -8.82 -38.56 -22.17
N GLU E 222 -7.63 -37.99 -22.08
CA GLU E 222 -6.45 -38.72 -22.54
C GLU E 222 -6.12 -39.88 -21.62
N MET E 223 -6.36 -39.74 -20.32
CA MET E 223 -6.20 -40.87 -19.42
C MET E 223 -7.09 -42.03 -19.85
N ALA E 224 -8.37 -41.74 -20.12
CA ALA E 224 -9.28 -42.79 -20.56
C ALA E 224 -8.89 -43.35 -21.92
N THR E 225 -8.46 -42.49 -22.83
CA THR E 225 -8.05 -42.95 -24.16
C THR E 225 -6.88 -43.90 -24.06
N ALA E 226 -5.91 -43.60 -23.19
CA ALA E 226 -4.78 -44.50 -23.03
C ALA E 226 -5.18 -45.77 -22.31
N ALA E 227 -6.12 -45.68 -21.37
CA ALA E 227 -6.58 -46.89 -20.69
C ALA E 227 -7.31 -47.83 -21.64
N SER E 228 -8.00 -47.29 -22.63
CA SER E 228 -8.77 -48.14 -23.53
C SER E 228 -7.95 -48.57 -24.76
N SER E 229 -7.51 -47.60 -25.55
CA SER E 229 -6.88 -47.87 -26.83
C SER E 229 -5.41 -48.25 -26.63
N SER E 230 -4.67 -48.28 -27.74
CA SER E 230 -3.22 -48.25 -27.70
C SER E 230 -2.68 -47.35 -28.81
N SER E 231 -3.51 -46.45 -29.33
CA SER E 231 -3.15 -45.62 -30.47
C SER E 231 -2.17 -44.52 -30.12
N LEU E 232 -2.01 -44.22 -28.83
CA LEU E 232 -1.09 -43.17 -28.40
C LEU E 232 0.21 -43.71 -27.86
N GLU E 233 0.45 -45.01 -27.98
CA GLU E 233 1.64 -45.64 -27.44
C GLU E 233 2.73 -45.71 -28.49
N LYS E 234 3.92 -45.24 -28.14
CA LYS E 234 5.00 -45.06 -29.09
C LYS E 234 6.27 -45.68 -28.55
N SER E 235 7.24 -45.92 -29.42
CA SER E 235 8.44 -46.66 -29.08
C SER E 235 9.69 -45.79 -29.26
N TYR E 236 10.76 -46.19 -28.61
CA TYR E 236 12.03 -45.47 -28.62
C TYR E 236 13.15 -46.48 -28.51
N GLU E 237 14.28 -46.18 -29.13
CA GLU E 237 15.38 -47.13 -29.22
C GLU E 237 16.59 -46.58 -28.48
N LEU E 238 16.98 -47.27 -27.42
CA LEU E 238 18.04 -46.83 -26.54
C LEU E 238 19.38 -46.88 -27.26
N PRO E 239 20.44 -46.30 -26.68
CA PRO E 239 21.76 -46.42 -27.31
C PRO E 239 22.27 -47.83 -27.36
N ASP E 240 21.61 -48.74 -26.68
CA ASP E 240 22.04 -50.13 -26.54
C ASP E 240 21.27 -51.07 -27.45
N GLY E 241 20.15 -50.61 -28.02
CA GLY E 241 19.15 -51.49 -28.58
C GLY E 241 17.93 -51.53 -27.69
N GLN E 242 17.29 -52.69 -27.61
CA GLN E 242 16.23 -52.95 -26.64
C GLN E 242 15.23 -51.80 -26.55
N VAL E 243 14.45 -51.60 -27.60
CA VAL E 243 13.45 -50.53 -27.65
C VAL E 243 12.55 -50.55 -26.42
N ILE E 244 12.14 -49.37 -25.98
CA ILE E 244 11.19 -49.21 -24.88
C ILE E 244 9.92 -48.60 -25.45
N THR E 245 8.80 -48.96 -24.85
CA THR E 245 7.49 -48.47 -25.28
C THR E 245 6.88 -47.57 -24.21
N ILE E 246 6.48 -46.38 -24.62
CA ILE E 246 5.98 -45.34 -23.72
C ILE E 246 4.48 -45.24 -23.94
N GLY E 247 3.72 -45.38 -22.87
CA GLY E 247 2.28 -45.34 -22.98
C GLY E 247 1.70 -43.99 -22.60
N ASN E 248 0.86 -43.98 -21.57
CA ASN E 248 0.23 -42.72 -21.17
C ASN E 248 1.18 -41.76 -20.50
N GLU E 249 2.38 -42.19 -20.15
CA GLU E 249 3.31 -41.24 -19.58
C GLU E 249 3.97 -40.36 -20.62
N ARG E 250 3.48 -40.39 -21.86
CA ARG E 250 3.89 -39.38 -22.81
C ARG E 250 3.35 -38.02 -22.42
N PHE E 251 2.16 -37.97 -21.85
CA PHE E 251 1.54 -36.72 -21.48
C PHE E 251 1.39 -36.55 -19.98
N ARG E 252 1.75 -37.55 -19.18
CA ARG E 252 1.80 -37.35 -17.74
C ARG E 252 3.03 -36.59 -17.32
N CYS E 253 4.09 -36.61 -18.13
CA CYS E 253 5.30 -35.87 -17.77
C CYS E 253 5.07 -34.36 -17.82
N PRO E 254 4.69 -33.76 -18.96
CA PRO E 254 4.53 -32.31 -18.98
C PRO E 254 3.30 -31.81 -18.27
N GLU E 255 2.37 -32.69 -17.91
CA GLU E 255 1.22 -32.30 -17.10
C GLU E 255 1.64 -31.85 -15.71
N THR E 256 2.85 -32.17 -15.29
CA THR E 256 3.35 -31.64 -14.04
C THR E 256 3.43 -30.12 -14.06
N LEU E 257 3.54 -29.51 -15.22
CA LEU E 257 3.57 -28.06 -15.29
C LEU E 257 2.24 -27.46 -14.91
N PHE E 258 1.15 -28.15 -15.19
CA PHE E 258 -0.17 -27.66 -14.85
C PHE E 258 -0.70 -28.23 -13.55
N GLN E 259 -0.05 -29.26 -13.01
CA GLN E 259 -0.43 -29.83 -11.72
C GLN E 259 0.82 -30.12 -10.91
N PRO E 260 1.46 -29.08 -10.38
CA PRO E 260 2.72 -29.30 -9.65
C PRO E 260 2.58 -30.18 -8.42
N SER E 261 1.37 -30.59 -8.06
CA SER E 261 1.22 -31.56 -6.99
C SER E 261 1.71 -32.94 -7.38
N PHE E 262 1.91 -33.19 -8.68
CA PHE E 262 2.43 -34.48 -9.11
C PHE E 262 3.81 -34.74 -8.51
N ILE E 263 4.65 -33.73 -8.46
CA ILE E 263 5.95 -33.86 -7.84
C ILE E 263 5.94 -33.31 -6.41
N GLY E 264 4.78 -33.26 -5.79
CA GLY E 264 4.72 -32.88 -4.39
C GLY E 264 4.96 -31.41 -4.12
N MET E 265 4.87 -30.55 -5.13
CA MET E 265 4.98 -29.13 -4.87
C MET E 265 3.63 -28.57 -4.45
N GLU E 266 3.69 -27.46 -3.73
CA GLU E 266 2.49 -26.81 -3.21
C GLU E 266 1.87 -25.86 -4.20
N SER E 267 2.66 -25.29 -5.10
CA SER E 267 2.26 -24.14 -5.90
C SER E 267 1.22 -24.52 -6.94
N ALA E 268 0.89 -23.56 -7.80
CA ALA E 268 -0.11 -23.73 -8.83
C ALA E 268 0.54 -23.76 -10.20
N GLY E 269 -0.21 -24.25 -11.18
CA GLY E 269 0.33 -24.46 -12.50
C GLY E 269 0.76 -23.17 -13.16
N ILE E 270 1.38 -23.32 -14.32
CA ILE E 270 1.85 -22.15 -15.04
C ILE E 270 0.66 -21.34 -15.54
N HIS E 271 -0.43 -22.02 -15.92
CA HIS E 271 -1.62 -21.32 -16.37
C HIS E 271 -2.23 -20.48 -15.28
N GLU E 272 -1.98 -20.82 -14.02
CA GLU E 272 -2.55 -20.10 -12.91
C GLU E 272 -1.62 -19.06 -12.34
N THR E 273 -0.31 -19.28 -12.37
CA THR E 273 0.58 -18.18 -12.01
C THR E 273 0.55 -17.08 -13.06
N THR E 274 0.35 -17.41 -14.34
CA THR E 274 0.20 -16.37 -15.34
C THR E 274 -1.02 -15.51 -15.05
N TYR E 275 -2.15 -16.14 -14.77
CA TYR E 275 -3.37 -15.41 -14.47
C TYR E 275 -3.23 -14.61 -13.18
N ASN E 276 -2.52 -15.15 -12.19
CA ASN E 276 -2.35 -14.41 -10.94
C ASN E 276 -1.44 -13.21 -11.14
N SER E 277 -0.45 -13.32 -12.01
CA SER E 277 0.35 -12.15 -12.34
C SER E 277 -0.50 -11.09 -13.02
N ILE E 278 -1.33 -11.50 -13.97
CA ILE E 278 -2.28 -10.56 -14.59
C ILE E 278 -3.08 -9.85 -13.50
N MET E 279 -3.82 -10.63 -12.70
CA MET E 279 -4.68 -10.04 -11.71
C MET E 279 -3.94 -9.26 -10.64
N LYS E 280 -2.63 -9.43 -10.54
CA LYS E 280 -1.85 -8.58 -9.65
C LYS E 280 -1.42 -7.30 -10.31
N CYS E 281 -1.46 -7.23 -11.63
CA CYS E 281 -1.18 -5.98 -12.32
C CYS E 281 -2.37 -5.04 -12.16
N ASP E 282 -2.33 -3.90 -12.84
CA ASP E 282 -3.36 -2.88 -12.72
C ASP E 282 -4.65 -3.41 -13.37
N ILE E 283 -5.65 -2.55 -13.51
CA ILE E 283 -6.91 -3.01 -14.06
C ILE E 283 -7.03 -2.60 -15.52
N ASP E 284 -6.34 -1.54 -15.90
CA ASP E 284 -6.48 -0.99 -17.23
C ASP E 284 -5.32 -1.34 -18.16
N ILE E 285 -4.49 -2.31 -17.77
CA ILE E 285 -3.57 -2.95 -18.71
C ILE E 285 -3.83 -4.43 -18.84
N ARG E 286 -4.81 -4.96 -18.12
CA ARG E 286 -5.06 -6.38 -18.15
C ARG E 286 -5.55 -6.85 -19.51
N LYS E 287 -6.27 -6.02 -20.26
CA LYS E 287 -6.73 -6.46 -21.57
C LYS E 287 -5.55 -6.67 -22.52
N ASP E 288 -4.62 -5.72 -22.54
CA ASP E 288 -3.43 -5.88 -23.35
C ASP E 288 -2.62 -7.09 -22.92
N LEU E 289 -2.47 -7.27 -21.61
CA LEU E 289 -1.70 -8.43 -21.15
C LEU E 289 -2.37 -9.73 -21.56
N TYR E 290 -3.69 -9.82 -21.44
CA TYR E 290 -4.39 -11.01 -21.92
C TYR E 290 -4.14 -11.24 -23.40
N ALA E 291 -4.06 -10.16 -24.17
CA ALA E 291 -3.90 -10.34 -25.60
C ALA E 291 -2.46 -10.57 -26.04
N ASN E 292 -1.47 -10.41 -25.16
CA ASN E 292 -0.06 -10.49 -25.57
C ASN E 292 0.72 -11.46 -24.70
N ASN E 293 0.20 -12.66 -24.52
CA ASN E 293 0.81 -13.62 -23.61
C ASN E 293 1.91 -14.41 -24.32
N VAL E 294 3.17 -14.10 -24.04
CA VAL E 294 4.31 -14.54 -24.83
C VAL E 294 5.01 -15.70 -24.16
N LEU E 295 5.29 -16.76 -24.90
CA LEU E 295 6.00 -17.94 -24.41
C LEU E 295 7.42 -17.96 -24.94
N SER E 296 8.35 -18.41 -24.11
CA SER E 296 9.72 -18.61 -24.57
C SER E 296 10.38 -19.65 -23.71
N GLY E 297 11.56 -20.09 -24.12
CA GLY E 297 12.30 -21.10 -23.39
C GLY E 297 11.96 -22.52 -23.82
N GLY E 298 12.89 -23.41 -23.54
CA GLY E 298 12.81 -24.76 -24.06
C GLY E 298 11.65 -25.58 -23.52
N THR E 299 11.25 -25.35 -22.28
CA THR E 299 10.17 -26.14 -21.70
C THR E 299 8.80 -25.76 -22.25
N THR E 300 8.72 -24.74 -23.09
CA THR E 300 7.48 -24.40 -23.76
C THR E 300 7.38 -25.02 -25.13
N MET E 301 8.28 -25.94 -25.47
CA MET E 301 8.34 -26.51 -26.81
C MET E 301 7.49 -27.75 -26.97
N TYR E 302 6.72 -28.13 -25.97
CA TYR E 302 5.91 -29.32 -26.10
C TYR E 302 4.80 -29.09 -27.11
N PRO E 303 4.41 -30.12 -27.84
CA PRO E 303 3.23 -30.01 -28.69
C PRO E 303 1.97 -29.87 -27.85
N GLY E 304 1.16 -28.87 -28.19
CA GLY E 304 -0.11 -28.67 -27.52
C GLY E 304 -0.07 -27.79 -26.32
N ILE E 305 1.10 -27.28 -25.93
CA ILE E 305 1.17 -26.49 -24.71
C ILE E 305 0.51 -25.13 -24.90
N ALA E 306 0.61 -24.56 -26.09
CA ALA E 306 -0.06 -23.29 -26.33
C ALA E 306 -1.58 -23.45 -26.31
N ASP E 307 -2.09 -24.50 -26.95
CA ASP E 307 -3.53 -24.71 -26.92
C ASP E 307 -4.02 -24.98 -25.52
N ARG E 308 -3.27 -25.74 -24.73
CA ARG E 308 -3.67 -25.99 -23.35
C ARG E 308 -3.66 -24.72 -22.53
N MET E 309 -2.58 -23.94 -22.65
CA MET E 309 -2.50 -22.69 -21.92
C MET E 309 -3.65 -21.78 -22.26
N GLN E 310 -4.03 -21.72 -23.54
CA GLN E 310 -5.13 -20.87 -23.94
C GLN E 310 -6.45 -21.36 -23.37
N LYS E 311 -6.69 -22.67 -23.42
CA LYS E 311 -7.92 -23.19 -22.85
C LYS E 311 -8.02 -22.85 -21.37
N GLU E 312 -6.91 -22.99 -20.64
CA GLU E 312 -6.95 -22.75 -19.20
C GLU E 312 -7.15 -21.27 -18.88
N ILE E 313 -6.31 -20.41 -19.46
CA ILE E 313 -6.43 -18.99 -19.18
C ILE E 313 -7.78 -18.45 -19.64
N THR E 314 -8.35 -19.03 -20.70
CA THR E 314 -9.65 -18.61 -21.16
C THR E 314 -10.73 -19.01 -20.17
N ALA E 315 -10.63 -20.20 -19.61
CA ALA E 315 -11.58 -20.58 -18.58
C ALA E 315 -11.42 -19.77 -17.30
N LEU E 316 -10.24 -19.19 -17.08
CA LEU E 316 -10.03 -18.39 -15.88
C LEU E 316 -10.52 -16.96 -16.04
N ALA E 317 -10.11 -16.28 -17.11
CA ALA E 317 -10.40 -14.88 -17.28
C ALA E 317 -11.88 -14.65 -17.60
N PRO E 318 -12.35 -13.41 -17.48
CA PRO E 318 -13.73 -13.11 -17.86
C PRO E 318 -14.02 -13.45 -19.31
N SER E 319 -15.29 -13.70 -19.58
CA SER E 319 -15.72 -14.25 -20.85
C SER E 319 -15.74 -13.24 -21.98
N THR E 320 -15.33 -12.00 -21.75
CA THR E 320 -15.47 -10.97 -22.77
C THR E 320 -14.15 -10.49 -23.33
N MET E 321 -13.05 -11.21 -23.10
CA MET E 321 -11.75 -10.76 -23.55
C MET E 321 -11.10 -11.81 -24.45
N LYS E 322 -10.40 -11.31 -25.47
CA LYS E 322 -9.68 -12.17 -26.38
C LYS E 322 -8.33 -12.53 -25.78
N ILE E 323 -8.16 -13.81 -25.46
CA ILE E 323 -6.94 -14.32 -24.87
C ILE E 323 -6.14 -14.97 -25.97
N LYS E 324 -4.91 -14.54 -26.14
CA LYS E 324 -4.09 -14.95 -27.27
C LYS E 324 -2.71 -15.32 -26.75
N ILE E 325 -2.14 -16.39 -27.28
CA ILE E 325 -0.86 -16.90 -26.80
C ILE E 325 0.11 -16.94 -27.95
N ILE E 326 1.20 -16.20 -27.82
CA ILE E 326 2.20 -16.05 -28.85
C ILE E 326 3.30 -17.07 -28.61
N ALA E 327 3.47 -18.00 -29.54
CA ALA E 327 4.42 -19.09 -29.38
C ALA E 327 5.17 -19.28 -30.68
N PRO E 328 6.25 -18.56 -30.90
CA PRO E 328 7.01 -18.67 -32.14
C PRO E 328 7.67 -20.03 -32.25
N PRO E 329 8.05 -20.45 -33.46
CA PRO E 329 8.79 -21.70 -33.58
C PRO E 329 10.20 -21.62 -33.04
N GLU E 330 10.85 -20.47 -33.09
CA GLU E 330 12.17 -20.31 -32.50
C GLU E 330 12.07 -19.81 -31.06
N ARG E 331 11.22 -20.47 -30.28
CA ARG E 331 11.05 -20.11 -28.89
C ARG E 331 12.32 -20.34 -28.10
N LYS E 332 12.93 -21.51 -28.27
CA LYS E 332 14.03 -21.90 -27.40
C LYS E 332 15.16 -20.87 -27.41
N TYR E 333 15.30 -20.11 -28.48
CA TYR E 333 16.41 -19.19 -28.61
C TYR E 333 15.98 -17.73 -28.47
N SER E 334 14.78 -17.48 -27.96
CA SER E 334 14.25 -16.13 -27.91
C SER E 334 15.10 -15.23 -27.03
N VAL E 335 15.54 -15.73 -25.89
CA VAL E 335 16.35 -14.91 -24.99
C VAL E 335 17.63 -14.49 -25.68
N TRP E 336 18.27 -15.40 -26.40
CA TRP E 336 19.50 -15.05 -27.07
C TRP E 336 19.25 -14.05 -28.20
N ILE E 337 18.19 -14.27 -28.97
CA ILE E 337 17.90 -13.35 -30.08
C ILE E 337 17.67 -11.95 -29.55
N GLY E 338 16.85 -11.83 -28.52
CA GLY E 338 16.63 -10.53 -27.92
C GLY E 338 17.89 -9.92 -27.35
N GLY E 339 18.76 -10.75 -26.78
CA GLY E 339 20.02 -10.23 -26.28
C GLY E 339 20.88 -9.65 -27.38
N SER E 340 20.89 -10.30 -28.54
CA SER E 340 21.66 -9.79 -29.67
C SER E 340 21.09 -8.47 -30.15
N ILE E 341 19.76 -8.39 -30.28
CA ILE E 341 19.11 -7.14 -30.65
C ILE E 341 19.53 -6.02 -29.69
N LEU E 342 19.38 -6.28 -28.39
CA LEU E 342 19.68 -5.25 -27.39
C LEU E 342 21.12 -4.81 -27.46
N ALA E 343 22.06 -5.76 -27.52
CA ALA E 343 23.45 -5.36 -27.53
C ALA E 343 23.85 -4.67 -28.83
N SER E 344 23.09 -4.86 -29.90
CA SER E 344 23.40 -4.12 -31.12
C SER E 344 22.78 -2.73 -31.14
N LEU E 345 21.72 -2.50 -30.36
CA LEU E 345 21.14 -1.16 -30.28
C LEU E 345 22.21 -0.13 -29.96
N SER E 346 22.27 0.92 -30.78
CA SER E 346 23.25 1.98 -30.54
C SER E 346 22.96 2.75 -29.27
N THR E 347 21.70 2.83 -28.86
CA THR E 347 21.36 3.48 -27.61
C THR E 347 21.95 2.77 -26.42
N PHE E 348 22.20 1.47 -26.54
CA PHE E 348 22.65 0.65 -25.43
C PHE E 348 24.12 0.84 -25.11
N GLN E 349 24.90 1.37 -26.04
CA GLN E 349 26.34 1.45 -25.83
C GLN E 349 26.73 2.37 -24.68
N GLN E 350 25.77 2.98 -24.02
CA GLN E 350 26.02 3.78 -22.83
C GLN E 350 25.55 3.09 -21.57
N MET E 351 24.99 1.89 -21.67
CA MET E 351 24.53 1.15 -20.51
C MET E 351 25.52 0.09 -20.06
N TRP E 352 26.60 -0.12 -20.78
CA TRP E 352 27.59 -1.09 -20.35
C TRP E 352 28.20 -0.67 -19.02
N ILE E 353 28.71 -1.65 -18.29
CA ILE E 353 29.52 -1.40 -17.11
C ILE E 353 30.97 -1.46 -17.56
N SER E 354 31.60 -0.30 -17.73
CA SER E 354 32.98 -0.30 -18.19
C SER E 354 33.89 -0.84 -17.09
N LYS E 355 35.14 -1.12 -17.48
CA LYS E 355 36.07 -1.71 -16.53
C LYS E 355 36.55 -0.70 -15.50
N GLN E 356 36.67 0.57 -15.89
CA GLN E 356 37.12 1.58 -14.94
C GLN E 356 36.06 1.84 -13.89
N GLU E 357 34.78 1.89 -14.29
CA GLU E 357 33.71 2.00 -13.31
C GLU E 357 33.80 0.89 -12.27
N TYR E 358 34.04 -0.34 -12.72
CA TYR E 358 34.17 -1.45 -11.79
C TYR E 358 35.39 -1.26 -10.89
N ASP E 359 36.55 -0.98 -11.48
CA ASP E 359 37.76 -0.81 -10.69
C ASP E 359 37.59 0.26 -9.62
N GLU E 360 36.74 1.24 -9.86
CA GLU E 360 36.60 2.29 -8.87
C GLU E 360 35.46 2.05 -7.88
N ALA E 361 34.45 1.27 -8.25
CA ALA E 361 33.29 1.11 -7.38
C ALA E 361 33.05 -0.31 -6.87
N GLY E 362 33.94 -1.26 -7.17
CA GLY E 362 33.75 -2.61 -6.70
C GLY E 362 32.67 -3.35 -7.47
N PRO E 363 32.46 -4.63 -7.15
CA PRO E 363 31.40 -5.39 -7.82
C PRO E 363 30.00 -4.94 -7.45
N SER E 364 29.84 -4.03 -6.50
CA SER E 364 28.50 -3.57 -6.13
C SER E 364 27.87 -2.73 -7.22
N ILE E 365 28.62 -2.35 -8.24
CA ILE E 365 28.14 -1.44 -9.27
C ILE E 365 27.18 -2.16 -10.18
N VAL E 366 26.93 -3.44 -9.93
CA VAL E 366 26.07 -4.19 -10.82
C VAL E 366 24.61 -3.94 -10.50
N HIS E 367 24.29 -3.65 -9.25
CA HIS E 367 22.91 -3.48 -8.83
C HIS E 367 22.39 -2.07 -9.01
N ARG E 368 23.20 -1.18 -9.59
CA ARG E 368 22.81 0.20 -9.80
C ARG E 368 21.81 0.25 -10.94
N LYS E 369 21.49 1.46 -11.43
CA LYS E 369 20.47 1.63 -12.47
C LYS E 369 20.71 0.74 -13.69
N CYS E 370 21.87 0.09 -13.76
CA CYS E 370 22.15 -1.01 -14.67
C CYS E 370 21.68 -2.35 -14.10
N PHE E 371 20.42 -2.37 -13.68
CA PHE E 371 19.81 -3.53 -13.02
C PHE E 371 18.53 -3.95 -13.72
N THR F 1 -26.66 -13.54 32.97
CA THR F 1 -26.01 -13.98 31.75
C THR F 1 -24.86 -13.08 31.36
N THR F 2 -23.86 -13.64 30.68
CA THR F 2 -22.70 -12.89 30.26
C THR F 2 -22.53 -12.98 28.75
N ALA F 3 -21.86 -12.00 28.19
CA ALA F 3 -21.67 -11.91 26.75
C ALA F 3 -20.31 -12.44 26.35
N LEU F 4 -20.19 -12.79 25.08
CA LEU F 4 -18.96 -13.27 24.46
C LEU F 4 -18.43 -12.19 23.55
N VAL F 5 -17.16 -11.85 23.70
CA VAL F 5 -16.52 -10.87 22.85
C VAL F 5 -15.55 -11.61 21.95
N CYS F 6 -15.94 -11.81 20.70
CA CYS F 6 -15.13 -12.52 19.73
C CYS F 6 -14.64 -11.54 18.68
N ASP F 7 -13.39 -11.13 18.80
CA ASP F 7 -12.77 -10.24 17.82
C ASP F 7 -12.08 -11.11 16.78
N ASN F 8 -12.83 -11.50 15.75
CA ASN F 8 -12.36 -12.52 14.83
C ASN F 8 -11.15 -12.08 14.04
N GLY F 9 -10.91 -10.78 13.94
CA GLY F 9 -9.73 -10.27 13.27
C GLY F 9 -9.58 -10.84 11.88
N SER F 10 -8.35 -10.85 11.38
CA SER F 10 -8.05 -11.46 10.09
C SER F 10 -6.63 -12.00 10.18
N GLY F 11 -6.47 -13.22 10.65
CA GLY F 11 -5.17 -13.73 10.98
C GLY F 11 -4.95 -14.04 12.43
N LEU F 12 -5.88 -13.66 13.31
CA LEU F 12 -5.84 -14.08 14.70
C LEU F 12 -7.25 -13.96 15.27
N VAL F 13 -7.75 -15.04 15.81
CA VAL F 13 -9.03 -15.01 16.50
C VAL F 13 -8.77 -14.78 17.98
N LYS F 14 -9.51 -13.86 18.58
CA LYS F 14 -9.40 -13.56 19.99
C LYS F 14 -10.79 -13.60 20.58
N ALA F 15 -11.01 -14.50 21.53
CA ALA F 15 -12.32 -14.66 22.14
C ALA F 15 -12.18 -14.66 23.64
N GLY F 16 -13.32 -14.59 24.32
CA GLY F 16 -13.32 -14.49 25.76
C GLY F 16 -14.70 -14.08 26.23
N PHE F 17 -14.77 -13.73 27.50
CA PHE F 17 -16.02 -13.30 28.11
C PHE F 17 -15.97 -11.81 28.39
N ALA F 18 -17.12 -11.16 28.27
CA ALA F 18 -17.21 -9.75 28.60
C ALA F 18 -17.04 -9.56 30.09
N GLY F 19 -16.17 -8.64 30.47
CA GLY F 19 -15.83 -8.47 31.86
C GLY F 19 -14.47 -9.00 32.23
N ASP F 20 -13.75 -9.61 31.31
CA ASP F 20 -12.39 -10.05 31.55
C ASP F 20 -11.42 -8.92 31.24
N ASP F 21 -10.19 -9.12 31.67
CA ASP F 21 -9.14 -8.15 31.39
C ASP F 21 -8.37 -8.49 30.12
N ALA F 22 -8.63 -9.63 29.51
CA ALA F 22 -7.85 -10.10 28.37
C ALA F 22 -8.60 -11.25 27.72
N PRO F 23 -8.32 -11.51 26.44
CA PRO F 23 -8.96 -12.64 25.78
C PRO F 23 -8.51 -13.96 26.38
N ARG F 24 -9.41 -14.92 26.42
CA ARG F 24 -9.06 -16.22 26.96
C ARG F 24 -8.44 -17.11 25.88
N ALA F 25 -8.95 -17.04 24.67
CA ALA F 25 -8.51 -17.89 23.57
C ALA F 25 -7.93 -17.01 22.48
N VAL F 26 -6.67 -17.24 22.13
CA VAL F 26 -6.00 -16.52 21.06
C VAL F 26 -5.27 -17.53 20.20
N PHE F 27 -5.69 -17.67 18.95
CA PHE F 27 -5.12 -18.67 18.06
C PHE F 27 -5.24 -18.15 16.64
N PRO F 28 -4.43 -18.65 15.71
CA PRO F 28 -4.53 -18.18 14.32
C PRO F 28 -5.82 -18.63 13.67
N SER F 29 -6.36 -17.77 12.80
CA SER F 29 -7.58 -18.09 12.06
C SER F 29 -7.18 -18.81 10.79
N ILE F 30 -6.92 -20.10 10.93
CA ILE F 30 -6.37 -20.93 9.88
C ILE F 30 -7.14 -22.23 9.82
N VAL F 31 -7.40 -22.71 8.61
CA VAL F 31 -7.96 -24.03 8.40
C VAL F 31 -7.02 -24.80 7.48
N GLY F 32 -6.51 -25.92 7.95
CA GLY F 32 -5.57 -26.73 7.20
C GLY F 32 -6.21 -28.02 6.73
N ARG F 33 -5.84 -28.45 5.54
CA ARG F 33 -6.30 -29.72 5.01
C ARG F 33 -5.10 -30.52 4.53
N PRO F 34 -5.09 -31.82 4.74
CA PRO F 34 -3.93 -32.62 4.36
C PRO F 34 -3.79 -32.69 2.85
N ARG F 35 -2.56 -32.61 2.37
CA ARG F 35 -2.31 -32.62 0.94
C ARG F 35 -1.56 -33.85 0.45
N HIS F 36 -1.16 -34.74 1.34
CA HIS F 36 -0.56 -36.01 0.97
C HIS F 36 -1.59 -37.11 1.14
N GLN F 37 -1.18 -38.36 0.89
CA GLN F 37 -2.19 -39.39 0.71
C GLN F 37 -2.58 -40.10 2.00
N GLY F 38 -1.61 -40.53 2.80
CA GLY F 38 -1.96 -41.15 4.06
C GLY F 38 -1.99 -42.66 3.99
N VAL F 39 -0.98 -43.30 4.56
CA VAL F 39 -0.77 -44.73 4.39
C VAL F 39 -1.11 -45.52 5.64
N MET F 40 -0.78 -45.00 6.82
CA MET F 40 -1.10 -45.69 8.06
C MET F 40 -2.60 -45.87 8.15
N VAL F 41 -3.05 -47.11 8.08
CA VAL F 41 -4.46 -47.43 8.14
C VAL F 41 -4.81 -47.67 9.60
N GLY F 42 -5.91 -47.07 10.05
CA GLY F 42 -6.42 -47.27 11.38
C GLY F 42 -6.23 -46.09 12.30
N MET F 43 -5.24 -45.24 12.01
CA MET F 43 -5.04 -44.09 12.87
C MET F 43 -6.16 -43.07 12.72
N GLY F 44 -6.99 -43.19 11.69
CA GLY F 44 -8.17 -42.36 11.56
C GLY F 44 -7.85 -40.89 11.42
N GLN F 45 -7.25 -40.50 10.29
CA GLN F 45 -7.01 -39.10 10.05
C GLN F 45 -8.33 -38.36 9.84
N LYS F 46 -8.37 -37.11 10.27
CA LYS F 46 -9.47 -36.21 9.97
C LYS F 46 -9.16 -35.41 8.73
N ASP F 47 -10.14 -34.64 8.26
CA ASP F 47 -10.04 -34.00 6.96
C ASP F 47 -9.68 -32.53 7.02
N SER F 48 -9.78 -31.89 8.18
CA SER F 48 -9.49 -30.47 8.27
C SER F 48 -9.13 -30.14 9.69
N TYR F 49 -7.97 -29.54 9.87
CA TYR F 49 -7.53 -29.06 11.17
C TYR F 49 -7.69 -27.56 11.20
N VAL F 50 -8.23 -27.05 12.30
CA VAL F 50 -8.52 -25.63 12.43
C VAL F 50 -7.86 -25.11 13.69
N GLY F 51 -7.21 -23.95 13.56
CA GLY F 51 -6.70 -23.27 14.73
C GLY F 51 -5.23 -23.50 15.02
N ASP F 52 -4.93 -23.71 16.31
CA ASP F 52 -3.56 -23.91 16.75
C ASP F 52 -3.07 -25.31 16.48
N GLU F 53 -3.97 -26.23 16.20
CA GLU F 53 -3.57 -27.58 15.83
C GLU F 53 -3.00 -27.62 14.43
N ALA F 54 -3.59 -26.85 13.51
CA ALA F 54 -3.09 -26.76 12.15
C ALA F 54 -1.68 -26.21 12.10
N GLN F 55 -1.24 -25.51 13.13
CA GLN F 55 0.14 -25.05 13.18
C GLN F 55 1.08 -26.14 13.66
N SER F 56 0.58 -27.11 14.42
CA SER F 56 1.41 -28.25 14.78
C SER F 56 1.55 -29.20 13.62
N LYS F 57 0.44 -29.55 12.98
CA LYS F 57 0.47 -30.39 11.79
C LYS F 57 0.85 -29.61 10.56
N ARG F 58 1.47 -28.46 10.73
CA ARG F 58 1.67 -27.51 9.64
C ARG F 58 2.46 -28.11 8.50
N GLY F 59 3.31 -29.10 8.77
CA GLY F 59 4.20 -29.59 7.74
C GLY F 59 3.54 -30.41 6.66
N ILE F 60 2.31 -30.88 6.87
CA ILE F 60 1.68 -31.75 5.90
C ILE F 60 0.33 -31.21 5.47
N LEU F 61 0.06 -29.93 5.75
CA LEU F 61 -1.21 -29.32 5.45
C LEU F 61 -1.01 -28.16 4.48
N THR F 62 -2.10 -27.76 3.84
CA THR F 62 -2.19 -26.49 3.12
C THR F 62 -3.02 -25.56 3.97
N LEU F 63 -2.43 -24.47 4.44
CA LEU F 63 -3.10 -23.56 5.34
C LEU F 63 -3.84 -22.50 4.56
N LYS F 64 -5.13 -22.38 4.81
CA LYS F 64 -5.97 -21.37 4.19
C LYS F 64 -6.41 -20.36 5.25
N TYR F 65 -6.42 -19.09 4.87
CA TYR F 65 -7.04 -18.07 5.71
C TYR F 65 -8.44 -17.81 5.20
N PRO F 66 -9.48 -17.98 6.02
CA PRO F 66 -10.84 -17.80 5.52
C PRO F 66 -11.23 -16.35 5.32
N ILE F 67 -10.36 -15.40 5.65
CA ILE F 67 -10.68 -13.98 5.64
C ILE F 67 -9.50 -13.22 5.08
N GLU F 68 -9.73 -12.43 4.03
CA GLU F 68 -8.63 -11.92 3.22
C GLU F 68 -8.18 -10.52 3.62
N HIS F 69 -9.03 -9.51 3.43
CA HIS F 69 -8.75 -8.15 3.89
C HIS F 69 -9.99 -7.73 4.64
N GLY F 70 -10.12 -8.15 5.89
CA GLY F 70 -11.33 -7.81 6.60
C GLY F 70 -12.50 -8.65 6.12
N ILE F 71 -12.58 -8.88 4.82
CA ILE F 71 -13.72 -9.54 4.21
C ILE F 71 -13.58 -11.05 4.33
N ILE F 72 -14.67 -11.74 4.63
CA ILE F 72 -14.66 -13.19 4.69
C ILE F 72 -14.91 -13.73 3.29
N THR F 73 -14.02 -14.60 2.83
CA THR F 73 -14.13 -15.17 1.50
C THR F 73 -14.53 -16.64 1.48
N ASN F 74 -14.43 -17.34 2.60
CA ASN F 74 -14.78 -18.75 2.68
C ASN F 74 -15.71 -18.94 3.87
N TRP F 75 -17.00 -19.08 3.60
CA TRP F 75 -17.95 -19.10 4.70
C TRP F 75 -17.95 -20.44 5.42
N ASP F 76 -17.65 -21.53 4.73
CA ASP F 76 -17.56 -22.82 5.39
C ASP F 76 -16.37 -22.86 6.33
N ASP F 77 -15.21 -22.40 5.87
CA ASP F 77 -14.07 -22.28 6.76
C ASP F 77 -14.36 -21.37 7.93
N MET F 78 -15.07 -20.27 7.71
CA MET F 78 -15.33 -19.38 8.83
C MET F 78 -16.28 -20.02 9.83
N GLU F 79 -17.25 -20.81 9.37
CA GLU F 79 -18.09 -21.53 10.31
C GLU F 79 -17.30 -22.55 11.10
N LYS F 80 -16.31 -23.18 10.47
CA LYS F 80 -15.44 -24.08 11.23
C LYS F 80 -14.64 -23.31 12.28
N ILE F 81 -14.13 -22.14 11.92
CA ILE F 81 -13.39 -21.33 12.87
C ILE F 81 -14.26 -21.00 14.07
N TRP F 82 -15.48 -20.55 13.82
CA TRP F 82 -16.36 -20.15 14.91
C TRP F 82 -16.76 -21.34 15.76
N HIS F 83 -17.03 -22.48 15.14
CA HIS F 83 -17.37 -23.68 15.90
C HIS F 83 -16.22 -24.08 16.80
N HIS F 84 -15.00 -24.08 16.26
CA HIS F 84 -13.84 -24.38 17.08
C HIS F 84 -13.72 -23.41 18.25
N THR F 85 -13.94 -22.12 17.98
CA THR F 85 -13.82 -21.12 19.03
C THR F 85 -14.83 -21.35 20.14
N PHE F 86 -16.08 -21.60 19.77
CA PHE F 86 -17.11 -21.75 20.80
C PHE F 86 -16.93 -23.03 21.59
N TYR F 87 -16.67 -24.15 20.93
CA TYR F 87 -16.74 -25.42 21.61
C TYR F 87 -15.41 -25.95 22.09
N ASN F 88 -14.33 -25.79 21.33
CA ASN F 88 -13.08 -26.43 21.67
C ASN F 88 -12.07 -25.49 22.31
N GLU F 89 -12.36 -24.21 22.43
CA GLU F 89 -11.45 -23.26 23.07
C GLU F 89 -12.08 -22.59 24.29
N LEU F 90 -13.33 -22.16 24.18
CA LEU F 90 -14.04 -21.57 25.31
C LEU F 90 -14.92 -22.57 26.04
N ARG F 91 -15.40 -23.60 25.34
CA ARG F 91 -16.23 -24.64 25.94
C ARG F 91 -17.53 -24.05 26.50
N VAL F 92 -18.22 -23.30 25.66
CA VAL F 92 -19.48 -22.69 26.03
C VAL F 92 -20.52 -23.07 24.99
N ALA F 93 -21.78 -22.92 25.37
CA ALA F 93 -22.86 -23.22 24.45
C ALA F 93 -23.46 -21.92 23.97
N PRO F 94 -23.35 -21.58 22.69
CA PRO F 94 -23.80 -20.26 22.23
C PRO F 94 -25.30 -20.07 22.22
N GLU F 95 -26.09 -21.05 22.63
CA GLU F 95 -27.52 -20.86 22.71
C GLU F 95 -27.91 -20.01 23.91
N GLU F 96 -26.97 -19.69 24.79
CA GLU F 96 -27.27 -19.00 26.03
C GLU F 96 -26.31 -17.85 26.29
N HIS F 97 -25.67 -17.33 25.25
CA HIS F 97 -24.72 -16.25 25.39
C HIS F 97 -24.88 -15.25 24.27
N PRO F 98 -25.09 -13.97 24.57
CA PRO F 98 -24.98 -12.94 23.54
C PRO F 98 -23.54 -12.85 23.05
N THR F 99 -23.39 -12.46 21.79
CA THR F 99 -22.08 -12.45 21.15
C THR F 99 -21.85 -11.11 20.47
N LEU F 100 -20.78 -10.44 20.85
CA LEU F 100 -20.37 -9.20 20.19
C LEU F 100 -19.26 -9.49 19.21
N LEU F 101 -19.47 -9.13 17.95
CA LEU F 101 -18.51 -9.36 16.89
C LEU F 101 -17.98 -8.03 16.39
N THR F 102 -16.81 -8.06 15.78
CA THR F 102 -16.10 -6.84 15.44
C THR F 102 -15.77 -6.84 13.95
N GLU F 103 -15.85 -5.65 13.33
CA GLU F 103 -15.65 -5.53 11.90
C GLU F 103 -14.95 -4.22 11.60
N ALA F 104 -14.27 -4.17 10.47
CA ALA F 104 -13.55 -2.98 10.06
C ALA F 104 -14.48 -2.03 9.31
N PRO F 105 -14.15 -0.75 9.26
CA PRO F 105 -14.98 0.19 8.51
C PRO F 105 -14.92 -0.07 7.03
N LEU F 106 -16.00 0.30 6.34
CA LEU F 106 -16.05 0.31 4.89
C LEU F 106 -15.88 -1.08 4.29
N ASN F 107 -16.53 -2.05 4.88
CA ASN F 107 -16.59 -3.37 4.26
C ASN F 107 -17.88 -3.54 3.50
N PRO F 108 -17.99 -4.56 2.66
CA PRO F 108 -19.28 -4.88 2.05
C PRO F 108 -20.34 -5.09 3.10
N LYS F 109 -21.59 -4.97 2.67
CA LYS F 109 -22.69 -5.14 3.60
C LYS F 109 -23.09 -6.59 3.73
N ALA F 110 -22.89 -7.38 2.68
CA ALA F 110 -23.20 -8.80 2.76
C ALA F 110 -22.32 -9.48 3.79
N ASN F 111 -21.16 -8.91 4.10
CA ASN F 111 -20.32 -9.46 5.15
C ASN F 111 -21.09 -9.49 6.47
N ARG F 112 -21.57 -8.33 6.92
CA ARG F 112 -22.32 -8.27 8.17
C ARG F 112 -23.61 -9.07 8.07
N GLU F 113 -24.28 -9.00 6.92
CA GLU F 113 -25.57 -9.68 6.81
C GLU F 113 -25.41 -11.18 6.98
N LYS F 114 -24.45 -11.78 6.27
CA LYS F 114 -24.23 -13.20 6.41
C LYS F 114 -23.67 -13.55 7.77
N MET F 115 -22.86 -12.67 8.36
CA MET F 115 -22.35 -12.93 9.70
C MET F 115 -23.48 -13.10 10.69
N THR F 116 -24.44 -12.18 10.68
CA THR F 116 -25.54 -12.28 11.63
C THR F 116 -26.49 -13.41 11.28
N GLN F 117 -26.71 -13.66 9.99
CA GLN F 117 -27.53 -14.80 9.61
C GLN F 117 -26.94 -16.08 10.18
N ILE F 118 -25.63 -16.25 10.07
CA ILE F 118 -24.98 -17.44 10.62
C ILE F 118 -25.12 -17.48 12.13
N MET F 119 -24.84 -16.37 12.79
CA MET F 119 -24.86 -16.38 14.25
C MET F 119 -26.26 -16.68 14.79
N PHE F 120 -27.30 -16.31 14.04
CA PHE F 120 -28.63 -16.58 14.56
C PHE F 120 -29.15 -17.94 14.16
N GLU F 121 -28.78 -18.45 12.99
CA GLU F 121 -29.34 -19.70 12.51
C GLU F 121 -28.47 -20.90 12.80
N THR F 122 -27.18 -20.84 12.46
CA THR F 122 -26.30 -21.97 12.72
C THR F 122 -26.01 -22.12 14.21
N PHE F 123 -25.74 -21.02 14.90
CA PHE F 123 -25.33 -21.10 16.30
C PHE F 123 -26.43 -20.73 17.28
N ASN F 124 -27.50 -20.09 16.83
CA ASN F 124 -28.70 -19.89 17.64
C ASN F 124 -28.45 -19.01 18.86
N VAL F 125 -27.52 -18.05 18.74
CA VAL F 125 -27.23 -17.15 19.84
C VAL F 125 -28.49 -16.37 20.17
N PRO F 126 -28.69 -15.94 21.42
CA PRO F 126 -29.91 -15.17 21.73
C PRO F 126 -29.86 -13.75 21.22
N ALA F 127 -28.69 -13.15 21.13
CA ALA F 127 -28.54 -11.80 20.64
C ALA F 127 -27.16 -11.67 20.03
N MET F 128 -26.95 -10.59 19.29
CA MET F 128 -25.62 -10.34 18.76
C MET F 128 -25.52 -8.88 18.33
N TYR F 129 -24.31 -8.45 18.01
CA TYR F 129 -24.03 -7.06 17.71
C TYR F 129 -22.68 -6.99 17.00
N VAL F 130 -22.56 -6.08 16.06
CA VAL F 130 -21.34 -5.90 15.29
C VAL F 130 -20.80 -4.51 15.52
N ALA F 131 -19.56 -4.42 16.00
CA ALA F 131 -18.97 -3.15 16.37
C ALA F 131 -17.79 -2.84 15.47
N ILE F 132 -17.38 -1.59 15.46
CA ILE F 132 -16.24 -1.16 14.66
C ILE F 132 -14.98 -1.28 15.52
N GLN F 133 -13.88 -1.72 14.91
CA GLN F 133 -12.69 -1.99 15.68
C GLN F 133 -12.10 -0.73 16.29
N ALA F 134 -12.13 0.37 15.56
CA ALA F 134 -11.49 1.59 16.04
C ALA F 134 -12.21 2.17 17.25
N VAL F 135 -13.54 2.13 17.24
CA VAL F 135 -14.29 2.61 18.40
C VAL F 135 -13.91 1.83 19.64
N LEU F 136 -13.75 0.52 19.50
CA LEU F 136 -13.41 -0.30 20.66
C LEU F 136 -11.98 -0.02 21.11
N SER F 137 -11.08 0.24 20.18
CA SER F 137 -9.74 0.67 20.58
C SER F 137 -9.82 1.92 21.43
N LEU F 138 -10.69 2.84 21.06
CA LEU F 138 -10.72 4.11 21.78
C LEU F 138 -11.40 3.96 23.13
N TYR F 139 -12.36 3.04 23.25
CA TYR F 139 -12.83 2.63 24.58
C TYR F 139 -11.68 2.13 25.45
N ALA F 140 -10.96 1.13 24.96
CA ALA F 140 -9.90 0.52 25.77
C ALA F 140 -8.77 1.49 26.07
N SER F 141 -8.60 2.54 25.27
CA SER F 141 -7.54 3.50 25.55
C SER F 141 -7.91 4.52 26.62
N GLY F 142 -9.16 4.54 27.06
CA GLY F 142 -9.57 5.53 28.04
C GLY F 142 -9.69 6.94 27.51
N ARG F 143 -9.99 7.10 26.23
CA ARG F 143 -10.21 8.39 25.61
C ARG F 143 -11.67 8.51 25.23
N THR F 144 -12.04 9.71 24.85
CA THR F 144 -13.31 9.94 24.19
C THR F 144 -13.15 10.74 22.92
N THR F 145 -11.98 11.33 22.68
CA THR F 145 -11.61 11.91 21.41
C THR F 145 -10.35 11.21 20.92
N GLY F 146 -9.91 11.57 19.73
CA GLY F 146 -8.68 11.02 19.22
C GLY F 146 -8.82 10.35 17.88
N ILE F 147 -7.76 10.35 17.09
CA ILE F 147 -7.74 9.68 15.80
C ILE F 147 -7.00 8.36 15.98
N VAL F 148 -7.70 7.27 15.76
CA VAL F 148 -7.18 5.94 16.03
C VAL F 148 -6.73 5.29 14.73
N LEU F 149 -5.53 4.74 14.73
CA LEU F 149 -4.93 4.05 13.58
C LEU F 149 -4.82 2.58 13.92
N ASP F 150 -5.71 1.77 13.38
CA ASP F 150 -5.82 0.37 13.75
C ASP F 150 -5.26 -0.49 12.62
N SER F 151 -4.02 -0.93 12.79
CA SER F 151 -3.34 -1.71 11.77
C SER F 151 -3.38 -3.17 12.18
N GLY F 152 -4.28 -3.93 11.57
CA GLY F 152 -4.39 -5.33 11.89
C GLY F 152 -3.48 -6.20 11.05
N ASP F 153 -4.05 -7.23 10.43
CA ASP F 153 -3.30 -8.11 9.56
C ASP F 153 -3.80 -8.09 8.12
N GLY F 154 -5.01 -7.62 7.87
CA GLY F 154 -5.46 -7.45 6.51
C GLY F 154 -5.67 -6.01 6.12
N VAL F 155 -6.12 -5.18 7.05
CA VAL F 155 -6.57 -3.83 6.73
C VAL F 155 -6.01 -2.85 7.75
N THR F 156 -5.68 -1.65 7.29
CA THR F 156 -5.30 -0.54 8.13
C THR F 156 -6.34 0.57 7.95
N HIS F 157 -6.71 1.24 9.03
CA HIS F 157 -7.68 2.31 8.87
C HIS F 157 -7.51 3.35 9.96
N ASN F 158 -7.89 4.59 9.62
CA ASN F 158 -7.97 5.70 10.55
C ASN F 158 -9.44 6.03 10.79
N VAL F 159 -9.81 6.29 12.04
CA VAL F 159 -11.16 6.70 12.33
C VAL F 159 -11.10 7.86 13.32
N PRO F 160 -11.29 9.10 12.88
CA PRO F 160 -11.23 10.22 13.82
C PRO F 160 -12.53 10.36 14.58
N ILE F 161 -12.42 10.37 15.91
CA ILE F 161 -13.55 10.50 16.80
C ILE F 161 -13.30 11.70 17.69
N TYR F 162 -14.33 12.53 17.86
CA TYR F 162 -14.24 13.68 18.74
C TYR F 162 -15.45 13.72 19.65
N GLU F 163 -15.20 13.65 20.95
CA GLU F 163 -16.25 13.81 21.95
C GLU F 163 -17.30 12.73 21.84
N GLY F 164 -16.94 11.58 21.32
CA GLY F 164 -17.90 10.51 21.12
C GLY F 164 -18.62 10.51 19.80
N TYR F 165 -18.40 11.50 18.96
CA TYR F 165 -18.99 11.56 17.64
C TYR F 165 -17.92 11.23 16.61
N ALA F 166 -18.24 10.33 15.69
CA ALA F 166 -17.30 9.94 14.66
C ALA F 166 -17.56 10.71 13.38
N LEU F 167 -16.48 11.02 12.66
CA LEU F 167 -16.50 11.82 11.46
C LEU F 167 -16.42 10.87 10.27
N PRO F 168 -17.55 10.36 9.75
CA PRO F 168 -17.46 9.28 8.78
C PRO F 168 -16.83 9.69 7.47
N HIS F 169 -17.00 10.94 7.06
CA HIS F 169 -16.40 11.38 5.83
C HIS F 169 -14.88 11.44 5.90
N ALA F 170 -14.30 11.32 7.08
CA ALA F 170 -12.86 11.39 7.25
C ALA F 170 -12.25 10.02 7.53
N ILE F 171 -13.06 8.97 7.50
CA ILE F 171 -12.53 7.63 7.70
C ILE F 171 -11.75 7.21 6.48
N MET F 172 -10.52 6.79 6.68
CA MET F 172 -9.66 6.32 5.61
C MET F 172 -9.33 4.85 5.86
N ARG F 173 -9.33 4.06 4.81
CA ARG F 173 -9.05 2.65 4.90
C ARG F 173 -7.99 2.30 3.87
N LEU F 174 -7.00 1.52 4.27
CA LEU F 174 -5.89 1.15 3.42
C LEU F 174 -5.72 -0.35 3.49
N ASP F 175 -5.52 -1.00 2.35
CA ASP F 175 -5.43 -2.46 2.32
C ASP F 175 -4.00 -2.96 2.38
N LEU F 176 -3.13 -2.27 3.10
CA LEU F 176 -1.76 -2.71 3.35
C LEU F 176 -1.62 -3.03 4.82
N ALA F 177 -1.10 -4.22 5.13
CA ALA F 177 -1.08 -4.66 6.50
C ALA F 177 -0.02 -5.72 6.68
N GLY F 178 -0.12 -6.49 7.77
CA GLY F 178 0.89 -7.48 8.09
C GLY F 178 1.04 -8.58 7.07
N ARG F 179 -0.05 -8.96 6.40
CA ARG F 179 0.06 -10.01 5.40
C ARG F 179 0.88 -9.55 4.21
N ASP F 180 0.68 -8.31 3.77
CA ASP F 180 1.50 -7.77 2.70
C ASP F 180 2.92 -7.54 3.15
N LEU F 181 3.13 -7.22 4.43
CA LEU F 181 4.51 -7.12 4.91
C LEU F 181 5.19 -8.47 4.91
N THR F 182 4.46 -9.53 5.25
CA THR F 182 5.04 -10.87 5.18
C THR F 182 5.39 -11.24 3.76
N ASP F 183 4.51 -10.95 2.82
CA ASP F 183 4.81 -11.27 1.43
C ASP F 183 6.01 -10.49 0.93
N TYR F 184 6.10 -9.22 1.31
CA TYR F 184 7.27 -8.45 0.91
C TYR F 184 8.54 -8.99 1.55
N LEU F 185 8.45 -9.46 2.78
CA LEU F 185 9.65 -9.99 3.42
C LEU F 185 10.09 -11.29 2.79
N MET F 186 9.16 -12.16 2.40
CA MET F 186 9.52 -13.32 1.61
C MET F 186 10.27 -12.90 0.35
N LYS F 187 9.62 -12.07 -0.46
CA LYS F 187 10.19 -11.64 -1.72
C LYS F 187 11.52 -10.94 -1.53
N ILE F 188 11.76 -10.33 -0.39
CA ILE F 188 12.99 -9.58 -0.20
C ILE F 188 14.08 -10.44 0.42
N LEU F 189 13.72 -11.49 1.15
CA LEU F 189 14.70 -12.46 1.62
C LEU F 189 15.24 -13.28 0.48
N THR F 190 14.43 -13.50 -0.56
CA THR F 190 14.91 -14.32 -1.67
C THR F 190 16.20 -13.78 -2.29
N GLU F 191 16.52 -12.52 -2.08
CA GLU F 191 17.72 -11.94 -2.68
C GLU F 191 18.96 -12.17 -1.85
N ARG F 192 18.83 -12.80 -0.69
CA ARG F 192 19.98 -13.18 0.10
C ARG F 192 20.26 -14.67 0.01
N GLY F 193 19.38 -15.44 -0.60
CA GLY F 193 19.64 -16.83 -0.86
C GLY F 193 18.61 -17.78 -0.31
N TYR F 194 17.77 -17.30 0.60
CA TYR F 194 16.77 -18.14 1.22
C TYR F 194 15.47 -18.03 0.44
N SER F 195 14.78 -19.15 0.29
CA SER F 195 13.52 -19.18 -0.44
C SER F 195 12.47 -19.87 0.41
N PHE F 196 11.37 -19.18 0.65
CA PHE F 196 10.21 -19.73 1.34
C PHE F 196 9.03 -19.57 0.40
N VAL F 197 8.42 -20.69 0.00
CA VAL F 197 7.39 -20.66 -1.02
C VAL F 197 6.06 -21.22 -0.53
N THR F 198 6.08 -22.25 0.30
CA THR F 198 4.83 -22.89 0.70
C THR F 198 4.09 -22.07 1.74
N THR F 199 2.79 -22.37 1.87
CA THR F 199 1.98 -21.72 2.90
C THR F 199 2.47 -22.05 4.29
N ALA F 200 3.18 -23.16 4.45
CA ALA F 200 3.77 -23.50 5.74
C ALA F 200 5.07 -22.78 6.00
N GLU F 201 5.71 -22.24 4.96
CA GLU F 201 6.87 -21.39 5.16
C GLU F 201 6.48 -19.94 5.31
N ARG F 202 5.30 -19.55 4.85
CA ARG F 202 4.80 -18.23 5.16
C ARG F 202 4.73 -17.99 6.67
N GLU F 203 4.40 -19.02 7.44
CA GLU F 203 4.34 -18.88 8.89
C GLU F 203 5.73 -18.68 9.49
N ILE F 204 6.72 -19.38 8.97
CA ILE F 204 8.08 -19.18 9.44
C ILE F 204 8.54 -17.76 9.15
N VAL F 205 8.16 -17.24 7.98
CA VAL F 205 8.55 -15.87 7.64
C VAL F 205 7.84 -14.86 8.53
N ARG F 206 6.58 -15.13 8.86
CA ARG F 206 5.87 -14.24 9.76
C ARG F 206 6.53 -14.23 11.13
N ASP F 207 7.01 -15.38 11.58
CA ASP F 207 7.72 -15.42 12.85
C ASP F 207 9.02 -14.64 12.78
N ILE F 208 9.77 -14.78 11.70
CA ILE F 208 10.99 -13.98 11.52
C ILE F 208 10.67 -12.51 11.61
N LYS F 209 9.59 -12.09 10.93
CA LYS F 209 9.22 -10.68 10.93
C LYS F 209 8.94 -10.18 12.33
N GLU F 210 8.01 -10.84 13.01
CA GLU F 210 7.69 -10.47 14.39
C GLU F 210 8.92 -10.40 15.27
N LYS F 211 9.85 -11.31 15.09
CA LYS F 211 10.94 -11.42 16.05
C LYS F 211 12.13 -10.53 15.74
N LEU F 212 12.32 -10.11 14.49
CA LEU F 212 13.54 -9.39 14.15
C LEU F 212 13.34 -8.05 13.49
N CYS F 213 12.14 -7.71 13.01
CA CYS F 213 11.99 -6.49 12.25
C CYS F 213 11.72 -5.30 13.16
N TYR F 214 12.07 -4.13 12.67
CA TYR F 214 11.87 -2.88 13.40
C TYR F 214 11.80 -1.74 12.39
N VAL F 215 11.35 -0.59 12.86
CA VAL F 215 11.18 0.59 12.02
C VAL F 215 12.36 1.52 12.23
N ALA F 216 13.01 1.90 11.15
CA ALA F 216 14.13 2.81 11.23
C ALA F 216 13.63 4.23 11.47
N LEU F 217 14.36 4.99 12.28
CA LEU F 217 13.97 6.38 12.47
C LEU F 217 14.30 7.21 11.24
N ASP F 218 15.43 6.94 10.61
CA ASP F 218 15.81 7.58 9.36
C ASP F 218 16.22 6.51 8.37
N PHE F 219 15.46 6.38 7.28
CA PHE F 219 15.64 5.24 6.40
C PHE F 219 16.97 5.32 5.66
N GLU F 220 17.32 6.50 5.14
CA GLU F 220 18.55 6.61 4.37
C GLU F 220 19.77 6.40 5.26
N ASN F 221 19.74 6.93 6.48
CA ASN F 221 20.88 6.75 7.35
C ASN F 221 21.00 5.31 7.81
N GLU F 222 19.88 4.62 8.02
CA GLU F 222 19.99 3.21 8.37
C GLU F 222 20.44 2.38 7.19
N MET F 223 20.07 2.78 5.97
CA MET F 223 20.58 2.05 4.80
C MET F 223 22.09 2.22 4.66
N ALA F 224 22.58 3.44 4.85
CA ALA F 224 24.03 3.64 4.82
C ALA F 224 24.73 2.90 5.95
N THR F 225 24.13 2.89 7.14
CA THR F 225 24.71 2.17 8.27
C THR F 225 24.81 0.69 7.97
N ALA F 226 23.77 0.10 7.38
CA ALA F 226 23.84 -1.32 7.04
C ALA F 226 24.84 -1.56 5.91
N ALA F 227 24.96 -0.62 4.98
CA ALA F 227 25.90 -0.80 3.88
C ALA F 227 27.34 -0.70 4.34
N SER F 228 27.62 0.00 5.43
CA SER F 228 29.00 0.16 5.89
C SER F 228 29.34 -0.77 7.04
N SER F 229 28.60 -0.71 8.14
CA SER F 229 28.85 -1.54 9.29
C SER F 229 28.40 -2.98 9.04
N SER F 230 28.40 -3.77 10.11
CA SER F 230 27.71 -5.05 10.10
C SER F 230 27.04 -5.30 11.45
N SER F 231 26.82 -4.25 12.24
CA SER F 231 26.26 -4.36 13.57
C SER F 231 24.76 -4.56 13.58
N LEU F 232 24.12 -4.54 12.42
CA LEU F 232 22.68 -4.65 12.31
C LEU F 232 22.20 -6.07 12.12
N GLU F 233 23.08 -7.00 11.76
CA GLU F 233 22.66 -8.33 11.35
C GLU F 233 22.38 -9.21 12.55
N LYS F 234 21.20 -9.81 12.56
CA LYS F 234 20.83 -10.83 13.53
C LYS F 234 20.72 -12.15 12.81
N SER F 235 20.76 -13.22 13.58
CA SER F 235 20.58 -14.56 13.06
C SER F 235 19.29 -15.16 13.59
N TYR F 236 18.69 -16.03 12.81
CA TYR F 236 17.46 -16.70 13.18
C TYR F 236 17.63 -18.18 12.92
N GLU F 237 16.93 -18.98 13.68
CA GLU F 237 17.11 -20.43 13.69
C GLU F 237 15.87 -21.09 13.11
N LEU F 238 15.97 -21.59 11.90
CA LEU F 238 14.84 -22.21 11.23
C LEU F 238 14.42 -23.46 11.99
N PRO F 239 13.25 -24.03 11.73
CA PRO F 239 12.81 -25.18 12.49
C PRO F 239 13.54 -26.47 12.15
N ASP F 240 14.65 -26.39 11.44
CA ASP F 240 15.48 -27.56 11.19
C ASP F 240 16.97 -27.26 11.29
N GLY F 241 17.36 -26.17 11.91
CA GLY F 241 18.75 -25.78 11.95
C GLY F 241 19.01 -24.72 10.90
N GLN F 242 20.21 -24.72 10.32
CA GLN F 242 20.58 -23.84 9.22
C GLN F 242 20.12 -22.39 9.48
N VAL F 243 20.79 -21.77 10.44
CA VAL F 243 20.56 -20.38 10.78
C VAL F 243 20.64 -19.49 9.54
N ILE F 244 19.81 -18.46 9.50
CA ILE F 244 19.82 -17.46 8.45
C ILE F 244 20.16 -16.13 9.08
N THR F 245 20.93 -15.31 8.38
CA THR F 245 21.32 -14.00 8.88
C THR F 245 20.78 -12.92 7.94
N ILE F 246 20.04 -11.98 8.50
CA ILE F 246 19.41 -10.93 7.72
C ILE F 246 19.96 -9.58 8.18
N GLY F 247 20.22 -8.71 7.22
CA GLY F 247 20.80 -7.42 7.52
C GLY F 247 19.79 -6.31 7.40
N ASN F 248 19.90 -5.50 6.35
CA ASN F 248 18.97 -4.38 6.22
C ASN F 248 17.55 -4.82 5.93
N GLU F 249 17.30 -6.11 5.72
CA GLU F 249 15.93 -6.56 5.58
C GLU F 249 15.12 -6.36 6.84
N ARG F 250 15.78 -6.11 7.97
CA ARG F 250 15.07 -6.00 9.24
C ARG F 250 14.21 -4.74 9.26
N PHE F 251 14.76 -3.62 8.79
CA PHE F 251 14.01 -2.38 8.75
C PHE F 251 13.49 -2.06 7.37
N ARG F 252 13.84 -2.85 6.36
CA ARG F 252 13.32 -2.63 5.03
C ARG F 252 11.94 -3.21 4.84
N CYS F 253 11.54 -4.16 5.69
CA CYS F 253 10.19 -4.72 5.56
C CYS F 253 9.12 -3.78 6.08
N PRO F 254 9.16 -3.33 7.35
CA PRO F 254 8.08 -2.47 7.83
C PRO F 254 8.14 -1.06 7.28
N GLU F 255 9.21 -0.69 6.59
CA GLU F 255 9.24 0.57 5.87
C GLU F 255 8.22 0.61 4.75
N THR F 256 7.70 -0.53 4.33
CA THR F 256 6.61 -0.53 3.36
C THR F 256 5.38 0.18 3.88
N LEU F 257 5.21 0.26 5.20
CA LEU F 257 4.07 0.98 5.74
C LEU F 257 4.18 2.47 5.47
N PHE F 258 5.40 3.00 5.39
CA PHE F 258 5.61 4.40 5.15
C PHE F 258 5.94 4.71 3.71
N GLN F 259 6.26 3.71 2.91
CA GLN F 259 6.48 3.89 1.48
C GLN F 259 5.81 2.75 0.72
N PRO F 260 4.50 2.74 0.64
CA PRO F 260 3.81 1.62 0.02
C PRO F 260 4.09 1.46 -1.47
N SER F 261 4.94 2.31 -2.03
CA SER F 261 5.40 2.06 -3.38
C SER F 261 6.36 0.89 -3.45
N PHE F 262 6.88 0.43 -2.31
CA PHE F 262 7.76 -0.73 -2.31
C PHE F 262 7.04 -1.97 -2.83
N ILE F 263 5.77 -2.13 -2.50
CA ILE F 263 4.99 -3.24 -3.00
C ILE F 263 4.07 -2.79 -4.13
N GLY F 264 4.43 -1.71 -4.82
CA GLY F 264 3.70 -1.32 -6.00
C GLY F 264 2.34 -0.71 -5.75
N MET F 265 2.03 -0.32 -4.53
CA MET F 265 0.81 0.43 -4.28
C MET F 265 1.08 1.91 -4.54
N GLU F 266 0.03 2.63 -4.89
CA GLU F 266 0.21 4.03 -5.20
C GLU F 266 -0.03 4.92 -3.98
N SER F 267 -0.75 4.43 -2.98
CA SER F 267 -1.24 5.28 -1.92
C SER F 267 -0.09 5.81 -1.07
N ALA F 268 -0.44 6.53 -0.01
CA ALA F 268 0.52 7.18 0.84
C ALA F 268 0.69 6.40 2.13
N GLY F 269 1.78 6.68 2.83
CA GLY F 269 2.09 5.98 4.05
C GLY F 269 1.04 6.19 5.10
N ILE F 270 1.20 5.46 6.20
CA ILE F 270 0.26 5.61 7.30
C ILE F 270 0.41 6.98 7.94
N HIS F 271 1.62 7.51 7.98
CA HIS F 271 1.84 8.83 8.54
C HIS F 271 1.14 9.90 7.74
N GLU F 272 0.91 9.64 6.46
CA GLU F 272 0.29 10.62 5.60
C GLU F 272 -1.21 10.44 5.50
N THR F 273 -1.71 9.21 5.56
CA THR F 273 -3.16 9.07 5.63
C THR F 273 -3.69 9.55 6.97
N THR F 274 -2.92 9.40 8.05
CA THR F 274 -3.35 9.97 9.33
C THR F 274 -3.49 11.48 9.24
N TYR F 275 -2.48 12.14 8.69
CA TYR F 275 -2.53 13.59 8.54
C TYR F 275 -3.65 14.01 7.61
N ASN F 276 -3.91 13.24 6.55
CA ASN F 276 -4.99 13.61 5.63
C ASN F 276 -6.36 13.46 6.28
N SER F 277 -6.54 12.45 7.12
CA SER F 277 -7.79 12.34 7.85
C SER F 277 -7.97 13.52 8.79
N ILE F 278 -6.89 13.90 9.48
CA ILE F 278 -6.97 15.08 10.34
C ILE F 278 -7.36 16.31 9.54
N MET F 279 -6.73 16.52 8.40
CA MET F 279 -7.04 17.71 7.60
C MET F 279 -8.41 17.64 6.96
N LYS F 280 -9.01 16.46 6.85
CA LYS F 280 -10.41 16.42 6.45
C LYS F 280 -11.31 16.84 7.61
N CYS F 281 -10.88 16.60 8.84
CA CYS F 281 -11.73 16.95 9.96
C CYS F 281 -11.83 18.47 10.13
N ASP F 282 -12.85 18.89 10.88
CA ASP F 282 -13.13 20.30 11.07
C ASP F 282 -11.99 21.01 11.80
N ILE F 283 -11.82 22.29 11.52
CA ILE F 283 -10.61 22.99 11.96
C ILE F 283 -10.56 23.14 13.47
N ASP F 284 -11.68 23.04 14.15
CA ASP F 284 -11.69 23.30 15.58
C ASP F 284 -11.25 22.11 16.41
N ILE F 285 -11.20 20.90 15.83
CA ILE F 285 -10.85 19.70 16.58
C ILE F 285 -9.50 19.15 16.18
N ARG F 286 -8.80 19.79 15.26
CA ARG F 286 -7.53 19.25 14.80
C ARG F 286 -6.47 19.27 15.87
N LYS F 287 -6.51 20.24 16.79
CA LYS F 287 -5.52 20.25 17.87
C LYS F 287 -5.68 19.05 18.78
N ASP F 288 -6.92 18.76 19.18
CA ASP F 288 -7.16 17.58 20.00
C ASP F 288 -6.78 16.30 19.27
N LEU F 289 -7.08 16.22 17.98
CA LEU F 289 -6.69 15.03 17.24
C LEU F 289 -5.19 14.87 17.19
N TYR F 290 -4.46 15.96 16.92
CA TYR F 290 -3.01 15.90 16.95
C TYR F 290 -2.51 15.42 18.31
N ALA F 291 -3.20 15.78 19.37
CA ALA F 291 -2.74 15.40 20.70
C ALA F 291 -3.17 14.00 21.12
N ASN F 292 -4.08 13.35 20.40
CA ASN F 292 -4.63 12.07 20.86
C ASN F 292 -4.54 11.00 19.79
N ASN F 293 -3.37 10.82 19.21
CA ASN F 293 -3.20 9.90 18.09
C ASN F 293 -2.92 8.49 18.61
N VAL F 294 -3.91 7.61 18.50
CA VAL F 294 -3.91 6.31 19.19
C VAL F 294 -3.55 5.20 18.21
N LEU F 295 -2.64 4.32 18.60
CA LEU F 295 -2.24 3.18 17.80
C LEU F 295 -2.79 1.90 18.41
N SER F 296 -3.24 0.98 17.56
CA SER F 296 -3.67 -0.33 18.05
C SER F 296 -3.52 -1.35 16.94
N GLY F 297 -3.54 -2.61 17.32
CA GLY F 297 -3.43 -3.68 16.36
C GLY F 297 -2.00 -4.18 16.21
N GLY F 298 -1.89 -5.43 15.73
CA GLY F 298 -0.61 -6.11 15.76
C GLY F 298 0.47 -5.48 14.91
N THR F 299 0.10 -4.83 13.81
CA THR F 299 1.11 -4.24 12.94
C THR F 299 1.68 -2.94 13.48
N THR F 300 1.05 -2.34 14.47
CA THR F 300 1.63 -1.17 15.13
C THR F 300 2.62 -1.54 16.19
N MET F 301 3.11 -2.77 16.19
CA MET F 301 3.88 -3.29 17.31
C MET F 301 5.37 -3.37 17.02
N TYR F 302 5.83 -2.88 15.90
CA TYR F 302 7.25 -2.88 15.64
C TYR F 302 7.97 -1.93 16.58
N PRO F 303 9.22 -2.22 16.93
CA PRO F 303 10.00 -1.25 17.69
C PRO F 303 10.32 -0.03 16.84
N GLY F 304 10.01 1.14 17.37
CA GLY F 304 10.35 2.38 16.71
C GLY F 304 9.26 2.98 15.86
N ILE F 305 8.11 2.33 15.77
CA ILE F 305 7.06 2.84 14.89
C ILE F 305 6.44 4.10 15.47
N ALA F 306 6.31 4.17 16.79
CA ALA F 306 5.75 5.37 17.41
C ALA F 306 6.67 6.56 17.21
N ASP F 307 7.97 6.38 17.42
CA ASP F 307 8.90 7.47 17.21
C ASP F 307 8.95 7.90 15.76
N ARG F 308 8.92 6.93 14.84
CA ARG F 308 8.92 7.29 13.43
C ARG F 308 7.69 8.08 13.06
N MET F 309 6.51 7.63 13.50
CA MET F 309 5.30 8.31 13.12
C MET F 309 5.20 9.68 13.75
N GLN F 310 5.72 9.84 14.96
CA GLN F 310 5.75 11.17 15.54
C GLN F 310 6.67 12.09 14.76
N LYS F 311 7.84 11.60 14.37
CA LYS F 311 8.72 12.44 13.56
C LYS F 311 8.03 12.86 12.26
N GLU F 312 7.34 11.94 11.61
CA GLU F 312 6.72 12.25 10.33
C GLU F 312 5.56 13.22 10.49
N ILE F 313 4.61 12.89 11.36
CA ILE F 313 3.45 13.76 11.56
C ILE F 313 3.88 15.13 12.07
N THR F 314 4.96 15.19 12.85
CA THR F 314 5.45 16.47 13.31
C THR F 314 6.02 17.29 12.17
N ALA F 315 6.75 16.64 11.26
CA ALA F 315 7.23 17.38 10.09
C ALA F 315 6.09 17.82 9.19
N LEU F 316 4.96 17.13 9.25
CA LEU F 316 3.83 17.49 8.39
C LEU F 316 2.99 18.62 8.97
N ALA F 317 2.61 18.51 10.23
CA ALA F 317 1.70 19.45 10.87
C ALA F 317 2.38 20.80 11.07
N PRO F 318 1.60 21.83 11.39
CA PRO F 318 2.22 23.13 11.70
C PRO F 318 3.11 23.05 12.92
N SER F 319 4.11 23.92 12.94
CA SER F 319 5.17 23.83 13.93
C SER F 319 4.77 24.32 15.30
N THR F 320 3.50 24.64 15.53
CA THR F 320 3.04 25.11 16.82
C THR F 320 2.09 24.14 17.50
N MET F 321 2.05 22.89 17.07
CA MET F 321 1.14 21.90 17.61
C MET F 321 1.92 20.87 18.43
N LYS F 322 1.23 20.25 19.38
CA LYS F 322 1.81 19.18 20.18
C LYS F 322 1.34 17.86 19.61
N ILE F 323 2.18 17.24 18.79
CA ILE F 323 1.91 15.92 18.26
C ILE F 323 2.26 14.89 19.32
N LYS F 324 1.37 13.95 19.55
CA LYS F 324 1.55 12.98 20.60
C LYS F 324 0.97 11.65 20.15
N ILE F 325 1.71 10.57 20.34
CA ILE F 325 1.28 9.27 19.85
C ILE F 325 1.17 8.30 21.01
N ILE F 326 -0.03 7.78 21.21
CA ILE F 326 -0.34 6.90 22.31
C ILE F 326 -0.19 5.47 21.82
N ALA F 327 0.76 4.74 22.40
CA ALA F 327 1.06 3.38 21.99
C ALA F 327 1.21 2.52 23.24
N PRO F 328 0.12 1.99 23.77
CA PRO F 328 0.21 1.15 24.96
C PRO F 328 0.96 -0.13 24.66
N PRO F 329 1.48 -0.81 25.69
CA PRO F 329 2.11 -2.11 25.45
C PRO F 329 1.13 -3.21 25.08
N GLU F 330 -0.11 -3.14 25.55
CA GLU F 330 -1.11 -4.12 25.14
C GLU F 330 -1.91 -3.60 23.94
N ARG F 331 -1.18 -3.12 22.94
CA ARG F 331 -1.80 -2.61 21.72
C ARG F 331 -2.56 -3.72 21.01
N LYS F 332 -1.93 -4.88 20.84
CA LYS F 332 -2.49 -5.91 19.97
C LYS F 332 -3.89 -6.32 20.40
N TYR F 333 -4.21 -6.19 21.69
CA TYR F 333 -5.49 -6.65 22.18
C TYR F 333 -6.44 -5.52 22.50
N SER F 334 -6.17 -4.31 22.02
CA SER F 334 -6.99 -3.16 22.37
C SER F 334 -8.42 -3.33 21.89
N VAL F 335 -8.61 -3.85 20.69
CA VAL F 335 -9.96 -4.03 20.18
C VAL F 335 -10.74 -4.99 21.07
N TRP F 336 -10.12 -6.07 21.51
CA TRP F 336 -10.83 -7.01 22.36
C TRP F 336 -11.13 -6.40 23.71
N ILE F 337 -10.17 -5.68 24.29
CA ILE F 337 -10.38 -5.08 25.60
C ILE F 337 -11.54 -4.10 25.54
N GLY F 338 -11.53 -3.22 24.54
CA GLY F 338 -12.64 -2.31 24.37
C GLY F 338 -13.96 -3.02 24.14
N GLY F 339 -13.93 -4.12 23.40
CA GLY F 339 -15.15 -4.87 23.20
C GLY F 339 -15.71 -5.42 24.49
N SER F 340 -14.83 -5.89 25.38
CA SER F 340 -15.28 -6.40 26.67
C SER F 340 -15.88 -5.28 27.51
N ILE F 341 -15.19 -4.15 27.57
CA ILE F 341 -15.74 -2.99 28.27
C ILE F 341 -17.13 -2.65 27.75
N LEU F 342 -17.26 -2.52 26.43
CA LEU F 342 -18.53 -2.12 25.84
C LEU F 342 -19.63 -3.11 26.16
N ALA F 343 -19.37 -4.40 25.98
CA ALA F 343 -20.41 -5.39 26.23
C ALA F 343 -20.76 -5.48 27.70
N SER F 344 -19.85 -5.07 28.60
CA SER F 344 -20.20 -5.09 30.01
C SER F 344 -20.93 -3.84 30.45
N LEU F 345 -20.81 -2.74 29.71
CA LEU F 345 -21.56 -1.54 30.05
C LEU F 345 -23.03 -1.87 30.22
N SER F 346 -23.66 -1.22 31.20
CA SER F 346 -25.06 -1.50 31.44
C SER F 346 -25.97 -0.76 30.49
N THR F 347 -25.55 0.40 29.98
CA THR F 347 -26.32 1.09 28.97
C THR F 347 -26.45 0.27 27.70
N PHE F 348 -25.47 -0.57 27.40
CA PHE F 348 -25.44 -1.32 26.16
C PHE F 348 -26.49 -2.42 26.08
N GLN F 349 -27.13 -2.76 27.19
CA GLN F 349 -27.95 -3.97 27.21
C GLN F 349 -29.24 -3.84 26.42
N GLN F 350 -29.61 -2.65 25.97
CA GLN F 350 -30.75 -2.51 25.08
C GLN F 350 -30.33 -2.18 23.66
N MET F 351 -29.06 -2.39 23.32
CA MET F 351 -28.59 -2.17 21.97
C MET F 351 -28.20 -3.46 21.26
N TRP F 352 -28.35 -4.61 21.92
CA TRP F 352 -28.21 -5.87 21.22
C TRP F 352 -29.30 -6.02 20.18
N ILE F 353 -29.04 -6.89 19.21
CA ILE F 353 -30.05 -7.31 18.25
C ILE F 353 -30.59 -8.64 18.73
N SER F 354 -31.85 -8.68 19.12
CA SER F 354 -32.37 -9.91 19.69
C SER F 354 -32.82 -10.87 18.60
N LYS F 355 -33.05 -12.11 18.99
CA LYS F 355 -33.53 -13.12 18.05
C LYS F 355 -34.91 -12.76 17.53
N GLN F 356 -35.74 -12.17 18.37
CA GLN F 356 -37.07 -11.76 17.95
C GLN F 356 -36.98 -10.68 16.87
N GLU F 357 -36.17 -9.65 17.10
CA GLU F 357 -36.00 -8.61 16.10
C GLU F 357 -35.54 -9.19 14.77
N TYR F 358 -34.63 -10.17 14.82
CA TYR F 358 -34.15 -10.79 13.58
C TYR F 358 -35.27 -11.55 12.88
N ASP F 359 -35.93 -12.47 13.59
CA ASP F 359 -37.02 -13.21 12.98
C ASP F 359 -38.09 -12.27 12.45
N GLU F 360 -38.17 -11.05 12.99
CA GLU F 360 -39.15 -10.10 12.53
C GLU F 360 -38.71 -9.43 11.24
N ALA F 361 -37.48 -8.93 11.17
CA ALA F 361 -37.07 -8.02 10.11
C ALA F 361 -36.02 -8.56 9.16
N GLY F 362 -35.63 -9.82 9.27
CA GLY F 362 -34.61 -10.37 8.40
C GLY F 362 -33.23 -9.89 8.76
N PRO F 363 -32.21 -10.33 8.03
CA PRO F 363 -30.84 -9.89 8.31
C PRO F 363 -30.60 -8.43 8.02
N SER F 364 -31.55 -7.72 7.41
CA SER F 364 -31.37 -6.30 7.17
C SER F 364 -31.30 -5.48 8.45
N ILE F 365 -31.73 -6.05 9.57
CA ILE F 365 -31.75 -5.35 10.83
C ILE F 365 -30.37 -4.92 11.30
N VAL F 366 -29.32 -5.39 10.61
CA VAL F 366 -27.97 -5.14 11.09
C VAL F 366 -27.56 -3.69 10.86
N HIS F 367 -28.02 -3.09 9.77
CA HIS F 367 -27.60 -1.75 9.42
C HIS F 367 -28.49 -0.67 9.99
N ARG F 368 -29.52 -1.05 10.76
CA ARG F 368 -30.44 -0.09 11.34
C ARG F 368 -29.75 0.62 12.50
N LYS F 369 -30.53 1.42 13.26
CA LYS F 369 -30.00 2.11 14.42
C LYS F 369 -29.35 1.13 15.39
N CYS F 370 -29.85 -0.10 15.45
CA CYS F 370 -29.11 -1.23 15.97
C CYS F 370 -28.04 -1.62 14.94
N PHE F 371 -26.97 -0.83 14.95
CA PHE F 371 -25.91 -0.90 13.97
C PHE F 371 -25.09 -2.19 14.10
N SER G 1 48.46 -107.39 12.05
CA SER G 1 47.14 -107.80 12.53
C SER G 1 46.54 -106.76 13.45
N LEU G 2 46.11 -107.24 14.62
CA LEU G 2 45.52 -106.36 15.62
C LEU G 2 46.52 -105.32 16.12
N GLN G 3 47.81 -105.56 15.91
CA GLN G 3 48.84 -104.65 16.41
C GLN G 3 48.81 -103.32 15.68
N LYS G 4 48.71 -103.35 14.34
CA LYS G 4 48.72 -102.09 13.59
C LYS G 4 47.55 -101.22 13.99
N LYS G 5 46.34 -101.78 13.99
CA LYS G 5 45.17 -101.00 14.37
C LYS G 5 45.24 -100.58 15.84
N LEU G 6 45.79 -101.43 16.70
CA LEU G 6 45.90 -101.08 18.11
C LEU G 6 46.79 -99.86 18.29
N LYS G 7 47.99 -99.89 17.72
CA LYS G 7 48.92 -98.78 17.90
C LYS G 7 48.46 -97.55 17.12
N GLY G 8 47.74 -97.72 16.02
CA GLY G 8 47.17 -96.57 15.34
C GLY G 8 46.11 -95.87 16.18
N THR G 9 45.21 -96.67 16.78
CA THR G 9 44.26 -96.11 17.74
C THR G 9 44.99 -95.44 18.90
N GLU G 10 46.10 -96.04 19.34
CA GLU G 10 46.88 -95.43 20.41
C GLU G 10 47.42 -94.07 20.00
N ASP G 11 48.00 -93.97 18.80
CA ASP G 11 48.58 -92.71 18.34
C ASP G 11 47.50 -91.64 18.18
N GLU G 12 46.36 -92.00 17.57
CA GLU G 12 45.31 -91.00 17.42
C GLU G 12 44.67 -90.66 18.77
N LEU G 13 44.68 -91.57 19.72
CA LEU G 13 44.19 -91.26 21.06
C LEU G 13 45.11 -90.28 21.76
N ASP G 14 46.43 -90.49 21.67
CA ASP G 14 47.36 -89.52 22.21
C ASP G 14 47.20 -88.18 21.54
N LYS G 15 47.02 -88.16 20.22
CA LYS G 15 46.87 -86.88 19.50
C LYS G 15 45.58 -86.19 19.88
N TYR G 16 44.51 -86.95 20.12
CA TYR G 16 43.27 -86.35 20.61
C TYR G 16 43.43 -85.84 22.03
N SER G 17 44.25 -86.51 22.84
CA SER G 17 44.59 -85.96 24.15
C SER G 17 45.35 -84.66 24.00
N GLU G 18 46.24 -84.56 23.01
CA GLU G 18 46.89 -83.29 22.72
C GLU G 18 45.87 -82.24 22.33
N ALA G 19 44.87 -82.62 21.54
CA ALA G 19 43.80 -81.70 21.18
C ALA G 19 43.06 -81.25 22.44
N LEU G 20 42.85 -82.16 23.39
CA LEU G 20 42.25 -81.80 24.66
C LEU G 20 43.10 -80.79 25.41
N LYS G 21 44.42 -81.03 25.45
CA LYS G 21 45.32 -80.11 26.14
C LYS G 21 45.24 -78.71 25.54
N ASP G 22 45.39 -78.62 24.22
CA ASP G 22 45.38 -77.30 23.60
C ASP G 22 44.02 -76.64 23.73
N ALA G 23 42.94 -77.43 23.63
CA ALA G 23 41.59 -76.87 23.77
C ALA G 23 41.38 -76.32 25.17
N GLN G 24 41.92 -77.00 26.19
CA GLN G 24 41.82 -76.49 27.55
C GLN G 24 42.65 -75.22 27.72
N GLU G 25 43.83 -75.16 27.10
CA GLU G 25 44.60 -73.93 27.15
C GLU G 25 43.82 -72.77 26.54
N LYS G 26 43.16 -73.04 25.42
CA LYS G 26 42.30 -72.03 24.81
C LYS G 26 41.15 -71.65 25.73
N LEU G 27 40.65 -72.62 26.50
CA LEU G 27 39.60 -72.33 27.46
C LEU G 27 40.10 -71.36 28.54
N GLU G 28 41.31 -71.61 29.05
CA GLU G 28 41.86 -70.72 30.07
C GLU G 28 42.06 -69.30 29.52
N LEU G 29 42.66 -69.19 28.34
CA LEU G 29 42.86 -67.86 27.76
C LEU G 29 41.53 -67.18 27.45
N ALA G 30 40.52 -67.95 27.05
CA ALA G 30 39.21 -67.39 26.78
C ALA G 30 38.57 -66.85 28.05
N GLU G 31 38.67 -67.62 29.15
CA GLU G 31 38.19 -67.13 30.43
C GLU G 31 38.88 -65.83 30.81
N LYS G 32 40.20 -65.77 30.65
CA LYS G 32 40.94 -64.55 30.99
C LYS G 32 40.44 -63.37 30.18
N LYS G 33 40.39 -63.50 28.86
CA LYS G 33 40.00 -62.36 28.03
C LYS G 33 38.57 -61.93 28.32
N ALA G 34 37.67 -62.89 28.56
CA ALA G 34 36.29 -62.56 28.88
C ALA G 34 36.20 -61.78 30.19
N THR G 35 36.91 -62.23 31.23
CA THR G 35 36.82 -61.55 32.53
C THR G 35 37.45 -60.17 32.49
N ASP G 36 38.58 -60.02 31.80
CA ASP G 36 39.20 -58.70 31.68
C ASP G 36 38.31 -57.74 30.90
N ALA G 37 37.75 -58.21 29.79
CA ALA G 37 36.80 -57.38 29.06
C ALA G 37 35.62 -57.01 29.92
N GLU G 38 35.16 -57.93 30.77
CA GLU G 38 34.02 -57.65 31.64
C GLU G 38 34.36 -56.54 32.63
N ALA G 39 35.55 -56.60 33.25
CA ALA G 39 35.91 -55.52 34.16
C ALA G 39 35.98 -54.18 33.43
N ASP G 40 36.60 -54.16 32.25
CA ASP G 40 36.69 -52.92 31.49
C ASP G 40 35.32 -52.37 31.17
N VAL G 41 34.42 -53.22 30.65
CA VAL G 41 33.10 -52.77 30.28
C VAL G 41 32.31 -52.34 31.50
N ALA G 42 32.62 -52.90 32.68
CA ALA G 42 31.99 -52.41 33.90
C ALA G 42 32.38 -50.97 34.16
N SER G 43 33.69 -50.69 34.15
CA SER G 43 34.16 -49.31 34.30
C SER G 43 33.47 -48.40 33.29
N LEU G 44 33.40 -48.84 32.05
CA LEU G 44 32.92 -47.98 30.99
C LEU G 44 31.41 -47.75 31.09
N ASN G 45 30.65 -48.81 31.38
CA ASN G 45 29.21 -48.69 31.53
C ASN G 45 28.80 -47.97 32.80
N ARG G 46 29.71 -47.81 33.76
CA ARG G 46 29.36 -46.96 34.88
C ARG G 46 29.76 -45.50 34.66
N ARG G 47 30.78 -45.23 33.84
CA ARG G 47 31.17 -43.84 33.63
C ARG G 47 30.47 -43.17 32.45
N ILE G 48 29.86 -43.94 31.54
CA ILE G 48 29.12 -43.34 30.43
C ILE G 48 28.00 -42.43 30.94
N GLN G 49 27.35 -42.83 32.04
CA GLN G 49 26.28 -42.00 32.58
C GLN G 49 26.82 -40.66 33.09
N LEU G 50 27.98 -40.68 33.74
CA LEU G 50 28.60 -39.43 34.17
C LEU G 50 28.93 -38.55 32.98
N VAL G 51 29.46 -39.15 31.90
CA VAL G 51 29.75 -38.38 30.69
C VAL G 51 28.48 -37.74 30.13
N GLU G 52 27.39 -38.51 30.08
CA GLU G 52 26.14 -38.00 29.53
C GLU G 52 25.56 -36.88 30.39
N GLU G 53 25.70 -36.98 31.71
CA GLU G 53 25.21 -35.90 32.56
C GLU G 53 26.10 -34.67 32.45
N GLU G 54 27.40 -34.86 32.25
CA GLU G 54 28.28 -33.73 31.98
C GLU G 54 27.81 -32.95 30.77
N LEU G 55 27.55 -33.66 29.67
CA LEU G 55 27.11 -32.95 28.46
C LEU G 55 25.72 -32.35 28.64
N ASP G 56 24.85 -33.02 29.41
CA ASP G 56 23.55 -32.46 29.74
C ASP G 56 23.68 -31.10 30.42
N ARG G 57 24.46 -31.03 31.50
CA ARG G 57 24.64 -29.77 32.21
C ARG G 57 25.30 -28.71 31.33
N ALA G 58 26.31 -29.10 30.54
CA ALA G 58 26.97 -28.15 29.66
C ALA G 58 26.00 -27.53 28.66
N GLN G 59 25.14 -28.37 28.07
CA GLN G 59 24.16 -27.86 27.12
C GLN G 59 23.14 -26.95 27.80
N GLU G 60 22.70 -27.33 29.02
CA GLU G 60 21.76 -26.50 29.75
C GLU G 60 22.34 -25.10 29.99
N ARG G 61 23.56 -25.04 30.52
CA ARG G 61 24.14 -23.73 30.81
C ARG G 61 24.43 -22.95 29.55
N LEU G 62 24.81 -23.63 28.46
CA LEU G 62 24.92 -22.98 27.17
C LEU G 62 23.63 -22.26 26.79
N ALA G 63 22.51 -22.98 26.84
CA ALA G 63 21.25 -22.38 26.43
C ALA G 63 20.85 -21.23 27.34
N THR G 64 21.09 -21.37 28.65
CA THR G 64 20.72 -20.31 29.58
C THR G 64 21.55 -19.05 29.33
N ALA G 65 22.86 -19.22 29.12
CA ALA G 65 23.69 -18.07 28.78
C ALA G 65 23.23 -17.42 27.49
N LEU G 66 22.79 -18.24 26.52
CA LEU G 66 22.30 -17.69 25.27
C LEU G 66 21.07 -16.81 25.49
N GLN G 67 20.09 -17.32 26.24
CA GLN G 67 18.88 -16.53 26.45
C GLN G 67 19.18 -15.27 27.25
N LYS G 68 20.13 -15.34 28.19
CA LYS G 68 20.51 -14.13 28.90
C LYS G 68 21.15 -13.11 27.96
N LEU G 69 22.00 -13.57 27.05
CA LEU G 69 22.57 -12.69 26.02
C LEU G 69 21.46 -12.03 25.22
N GLU G 70 20.44 -12.80 24.84
CA GLU G 70 19.32 -12.25 24.09
C GLU G 70 18.66 -11.11 24.87
N GLU G 71 18.39 -11.36 26.16
CA GLU G 71 17.72 -10.34 26.96
C GLU G 71 18.57 -9.08 27.08
N ALA G 72 19.86 -9.26 27.35
CA ALA G 72 20.75 -8.11 27.50
C ALA G 72 20.82 -7.32 26.20
N GLU G 73 20.88 -8.01 25.07
CA GLU G 73 20.95 -7.32 23.79
C GLU G 73 19.67 -6.55 23.52
N LYS G 74 18.52 -7.13 23.86
CA LYS G 74 17.26 -6.40 23.75
C LYS G 74 17.32 -5.10 24.53
N ALA G 75 17.71 -5.19 25.80
CA ALA G 75 17.77 -3.99 26.63
C ALA G 75 18.74 -2.96 26.05
N ALA G 76 19.90 -3.41 25.61
CA ALA G 76 20.93 -2.49 25.15
C ALA G 76 20.52 -1.78 23.85
N ASP G 77 19.94 -2.52 22.91
CA ASP G 77 19.54 -1.88 21.66
C ASP G 77 18.32 -0.98 21.86
N GLU G 78 17.40 -1.35 22.77
CA GLU G 78 16.33 -0.42 23.08
C GLU G 78 16.90 0.86 23.68
N SER G 79 17.89 0.75 24.55
CA SER G 79 18.54 1.94 25.10
C SER G 79 19.21 2.76 24.02
N GLU G 80 19.81 2.09 23.04
CA GLU G 80 20.41 2.80 21.90
C GLU G 80 19.35 3.59 21.14
N ARG G 81 18.23 2.95 20.81
CA ARG G 81 17.14 3.65 20.14
C ARG G 81 16.67 4.85 20.97
N GLY G 82 16.55 4.66 22.28
CA GLY G 82 16.12 5.74 23.14
C GLY G 82 17.10 6.90 23.14
N MET G 83 18.39 6.61 23.22
CA MET G 83 19.37 7.69 23.23
C MET G 83 19.43 8.40 21.88
N LYS G 84 19.16 7.68 20.79
CA LYS G 84 19.15 8.33 19.49
C LYS G 84 17.95 9.24 19.34
N VAL G 85 16.78 8.77 19.76
CA VAL G 85 15.61 9.64 19.71
C VAL G 85 15.79 10.82 20.68
N ILE G 86 16.53 10.62 21.77
CA ILE G 86 16.77 11.71 22.72
C ILE G 86 17.71 12.75 22.12
N GLU G 87 18.80 12.31 21.50
CA GLU G 87 19.73 13.30 20.93
C GLU G 87 19.09 14.04 19.77
N SER G 88 18.26 13.37 18.98
CA SER G 88 17.49 14.08 17.96
C SER G 88 16.54 15.09 18.59
N ARG G 89 15.84 14.68 19.66
CA ARG G 89 15.03 15.64 20.41
C ARG G 89 15.87 16.83 20.86
N ALA G 90 17.13 16.58 21.22
CA ALA G 90 17.96 17.65 21.74
C ALA G 90 18.39 18.62 20.65
N GLN G 91 18.75 18.11 19.46
CA GLN G 91 19.06 19.01 18.35
C GLN G 91 17.83 19.81 17.92
N LYS G 92 16.67 19.16 17.86
CA LYS G 92 15.44 19.90 17.56
C LYS G 92 15.18 20.96 18.62
N ASP G 93 15.38 20.60 19.88
CA ASP G 93 15.31 21.56 20.97
C ASP G 93 16.23 22.74 20.70
N GLU G 94 17.48 22.47 20.32
CA GLU G 94 18.47 23.53 20.15
C GLU G 94 18.10 24.44 19.00
N GLU G 95 17.57 23.88 17.91
CA GLU G 95 17.22 24.74 16.77
C GLU G 95 15.98 25.58 17.08
N LYS G 96 14.97 24.98 17.72
CA LYS G 96 13.88 25.79 18.26
C LYS G 96 14.41 26.86 19.20
N MET G 97 15.43 26.53 19.99
CA MET G 97 16.02 27.49 20.92
C MET G 97 16.61 28.68 20.18
N GLU G 98 17.42 28.41 19.15
CA GLU G 98 18.03 29.52 18.42
C GLU G 98 16.96 30.38 17.76
N ILE G 99 15.93 29.75 17.16
CA ILE G 99 14.85 30.51 16.55
C ILE G 99 14.14 31.39 17.57
N GLN G 100 13.84 30.83 18.75
CA GLN G 100 13.07 31.59 19.73
C GLN G 100 13.92 32.64 20.41
N GLU G 101 15.23 32.39 20.56
CA GLU G 101 16.11 33.44 21.05
C GLU G 101 16.19 34.58 20.05
N ILE G 102 16.19 34.26 18.75
CA ILE G 102 16.25 35.32 17.74
C ILE G 102 14.97 36.14 17.73
N GLN G 103 13.81 35.48 17.79
CA GLN G 103 12.57 36.25 17.88
C GLN G 103 12.47 36.99 19.20
N LEU G 104 13.15 36.50 20.25
CA LEU G 104 13.23 37.22 21.51
C LEU G 104 14.02 38.50 21.35
N LYS G 105 15.18 38.44 20.70
CA LYS G 105 15.95 39.65 20.48
C LYS G 105 15.18 40.62 19.60
N GLU G 106 14.47 40.11 18.59
CA GLU G 106 13.64 40.98 17.76
C GLU G 106 12.58 41.68 18.58
N ALA G 107 11.83 40.91 19.37
CA ALA G 107 10.78 41.49 20.20
C ALA G 107 11.33 42.50 21.18
N LYS G 108 12.50 42.21 21.78
CA LYS G 108 13.04 43.14 22.77
C LYS G 108 13.53 44.42 22.11
N HIS G 109 14.21 44.31 20.97
CA HIS G 109 14.65 45.52 20.26
C HIS G 109 13.46 46.35 19.83
N ILE G 110 12.43 45.71 19.26
CA ILE G 110 11.27 46.47 18.79
C ILE G 110 10.50 47.06 19.96
N ALA G 111 10.49 46.38 21.11
CA ALA G 111 9.79 46.91 22.27
C ALA G 111 10.54 48.11 22.85
N GLU G 112 11.87 48.06 22.86
CA GLU G 112 12.62 49.19 23.40
C GLU G 112 12.58 50.38 22.44
N ASP G 113 12.65 50.12 21.13
CA ASP G 113 12.46 51.20 20.18
C ASP G 113 11.05 51.77 20.29
N ALA G 114 10.06 50.92 20.60
CA ALA G 114 8.70 51.41 20.82
C ALA G 114 8.60 52.27 22.07
N ASP G 115 9.33 51.90 23.13
CA ASP G 115 9.42 52.76 24.31
C ASP G 115 9.98 54.12 23.93
N ARG G 116 11.05 54.14 23.14
CA ARG G 116 11.64 55.40 22.69
C ARG G 116 10.63 56.23 21.92
N LYS G 117 9.98 55.64 20.91
CA LYS G 117 9.10 56.43 20.07
C LYS G 117 7.82 56.79 20.79
N TYR G 118 7.38 55.98 21.74
CA TYR G 118 6.24 56.37 22.56
C TYR G 118 6.58 57.58 23.41
N GLU G 119 7.77 57.60 24.01
CA GLU G 119 8.19 58.78 24.77
C GLU G 119 8.24 60.01 23.88
N GLU G 120 8.81 59.86 22.68
CA GLU G 120 8.94 61.02 21.80
C GLU G 120 7.58 61.51 21.32
N VAL G 121 6.64 60.59 21.07
CA VAL G 121 5.31 61.03 20.66
C VAL G 121 4.53 61.58 21.84
N ALA G 122 4.83 61.15 23.07
CA ALA G 122 4.20 61.80 24.23
C ALA G 122 4.69 63.23 24.37
N ARG G 123 5.98 63.45 24.15
CA ARG G 123 6.49 64.82 24.17
C ARG G 123 5.85 65.66 23.08
N LYS G 124 5.90 65.17 21.84
CA LYS G 124 5.24 65.86 20.73
C LYS G 124 3.77 66.09 21.02
N LEU G 125 3.13 65.15 21.70
CA LEU G 125 1.72 65.27 22.06
C LEU G 125 1.51 66.47 22.96
N VAL G 126 2.34 66.58 24.01
CA VAL G 126 2.20 67.71 24.93
C VAL G 126 2.48 69.03 24.20
N ILE G 127 3.49 69.05 23.33
CA ILE G 127 3.83 70.29 22.64
C ILE G 127 2.69 70.73 21.75
N ILE G 128 2.13 69.80 20.96
CA ILE G 128 1.04 70.13 20.06
C ILE G 128 -0.19 70.54 20.87
N GLU G 129 -0.41 69.91 22.02
CA GLU G 129 -1.48 70.34 22.91
C GLU G 129 -1.31 71.79 23.32
N SER G 130 -0.10 72.18 23.70
CA SER G 130 0.14 73.58 24.08
C SER G 130 -0.11 74.52 22.91
N ASP G 131 0.37 74.15 21.71
CA ASP G 131 0.16 75.00 20.54
C ASP G 131 -1.32 75.18 20.24
N LEU G 132 -2.09 74.09 20.27
CA LEU G 132 -3.51 74.18 19.99
C LEU G 132 -4.23 74.97 21.08
N GLU G 133 -3.86 74.78 22.34
CA GLU G 133 -4.52 75.49 23.42
C GLU G 133 -4.35 77.00 23.27
N ARG G 134 -3.11 77.45 23.04
CA ARG G 134 -2.92 78.88 22.84
C ARG G 134 -3.58 79.37 21.56
N ALA G 135 -3.63 78.53 20.51
CA ALA G 135 -4.34 78.94 19.31
C ALA G 135 -5.83 79.12 19.57
N GLU G 136 -6.39 78.29 20.46
CA GLU G 136 -7.81 78.43 20.78
C GLU G 136 -8.08 79.67 21.60
N GLU G 137 -7.19 79.99 22.55
CA GLU G 137 -7.33 81.25 23.28
C GLU G 137 -7.25 82.44 22.32
N ARG G 138 -6.30 82.37 21.37
CA ARG G 138 -6.17 83.41 20.36
C ARG G 138 -7.43 83.53 19.53
N ALA G 139 -8.04 82.39 19.18
CA ALA G 139 -9.28 82.43 18.41
C ALA G 139 -10.40 83.08 19.21
N GLU G 140 -10.46 82.78 20.51
CA GLU G 140 -11.47 83.42 21.36
C GLU G 140 -11.27 84.93 21.39
N LEU G 141 -10.04 85.40 21.58
CA LEU G 141 -9.83 86.83 21.66
C LEU G 141 -10.12 87.51 20.33
N SER G 142 -9.74 86.87 19.22
CA SER G 142 -9.98 87.46 17.91
C SER G 142 -11.47 87.51 17.60
N GLU G 143 -12.22 86.48 17.98
CA GLU G 143 -13.66 86.52 17.73
C GLU G 143 -14.36 87.53 18.64
N GLY G 144 -13.89 87.70 19.88
CA GLY G 144 -14.46 88.72 20.73
C GLY G 144 -14.24 90.12 20.17
N LYS G 145 -13.03 90.38 19.70
CA LYS G 145 -12.75 91.65 19.04
C LYS G 145 -13.59 91.80 17.77
N CYS G 146 -13.77 90.72 17.02
CA CYS G 146 -14.62 90.77 15.83
C CYS G 146 -16.05 91.15 16.18
N ALA G 147 -16.60 90.54 17.22
CA ALA G 147 -17.97 90.83 17.63
C ALA G 147 -18.11 92.29 18.04
N GLU G 148 -17.22 92.77 18.91
CA GLU G 148 -17.32 94.15 19.35
C GLU G 148 -17.15 95.12 18.19
N LEU G 149 -16.27 94.80 17.24
CA LEU G 149 -16.01 95.71 16.13
C LEU G 149 -17.17 95.74 15.15
N GLU G 150 -17.78 94.59 14.88
CA GLU G 150 -18.96 94.57 14.02
C GLU G 150 -20.10 95.35 14.66
N GLU G 151 -20.32 95.15 15.95
CA GLU G 151 -21.35 95.92 16.65
C GLU G 151 -21.08 97.41 16.56
N GLU G 152 -19.81 97.81 16.75
CA GLU G 152 -19.48 99.22 16.71
C GLU G 152 -19.64 99.80 15.31
N LEU G 153 -19.30 99.04 14.29
CA LEU G 153 -19.57 99.46 12.92
C LEU G 153 -21.05 99.70 12.69
N LYS G 154 -21.89 98.75 13.12
CA LYS G 154 -23.33 98.91 12.97
C LYS G 154 -23.81 100.18 13.67
N THR G 155 -23.33 100.43 14.88
CA THR G 155 -23.78 101.60 15.61
C THR G 155 -23.34 102.90 14.94
N VAL G 156 -22.08 102.96 14.49
CA VAL G 156 -21.62 104.21 13.90
C VAL G 156 -22.25 104.44 12.53
N THR G 157 -22.59 103.36 11.81
CA THR G 157 -23.30 103.57 10.55
C THR G 157 -24.74 104.00 10.80
N ASN G 158 -25.34 103.54 11.90
CA ASN G 158 -26.64 104.08 12.32
C ASN G 158 -26.53 105.59 12.58
N ASN G 159 -25.50 105.99 13.33
CA ASN G 159 -25.33 107.41 13.63
C ASN G 159 -25.12 108.23 12.36
N LEU G 160 -24.30 107.74 11.42
CA LEU G 160 -24.01 108.52 10.23
C LEU G 160 -25.21 108.58 9.29
N LYS G 161 -25.98 107.49 9.17
CA LYS G 161 -27.17 107.57 8.33
C LYS G 161 -28.19 108.52 8.94
N SER G 162 -28.34 108.54 10.26
CA SER G 162 -29.24 109.50 10.88
C SER G 162 -28.77 110.93 10.62
N LEU G 163 -27.47 111.17 10.79
CA LEU G 163 -26.96 112.53 10.63
C LEU G 163 -27.10 113.01 9.18
N GLU G 164 -26.87 112.12 8.22
CA GLU G 164 -27.03 112.51 6.82
C GLU G 164 -28.49 112.68 6.45
N ALA G 165 -29.38 111.91 7.08
CA ALA G 165 -30.81 112.16 6.91
C ALA G 165 -31.18 113.54 7.42
N GLN G 166 -30.53 113.99 8.49
CA GLN G 166 -30.63 115.37 9.01
C GLN G 166 -32.05 115.93 9.03
N SER H 1 43.97 -114.11 24.25
CA SER H 1 44.08 -113.56 25.60
C SER H 1 44.17 -112.04 25.57
N LEU H 2 44.54 -111.49 24.42
CA LEU H 2 44.69 -110.05 24.25
C LEU H 2 43.36 -109.33 24.11
N GLN H 3 42.24 -110.06 24.11
CA GLN H 3 40.94 -109.44 23.90
C GLN H 3 40.60 -108.50 25.05
N LYS H 4 41.04 -108.82 26.26
CA LYS H 4 40.83 -107.90 27.38
C LYS H 4 41.61 -106.60 27.16
N LYS H 5 42.82 -106.70 26.64
CA LYS H 5 43.59 -105.52 26.27
C LYS H 5 42.81 -104.69 25.23
N LEU H 6 42.28 -105.36 24.20
CA LEU H 6 41.52 -104.66 23.18
C LEU H 6 40.32 -103.94 23.77
N LYS H 7 39.58 -104.62 24.65
CA LYS H 7 38.39 -104.02 25.23
C LYS H 7 38.73 -102.83 26.11
N GLY H 8 39.77 -102.96 26.92
CA GLY H 8 40.18 -101.84 27.76
C GLY H 8 40.59 -100.63 26.92
N THR H 9 41.28 -100.88 25.81
CA THR H 9 41.62 -99.80 24.91
C THR H 9 40.37 -99.14 24.33
N GLU H 10 39.38 -99.95 23.97
CA GLU H 10 38.13 -99.39 23.48
C GLU H 10 37.46 -98.51 24.53
N ASP H 11 37.49 -98.94 25.80
CA ASP H 11 36.86 -98.16 26.86
C ASP H 11 37.56 -96.83 27.06
N GLU H 12 38.89 -96.85 27.18
CA GLU H 12 39.61 -95.59 27.36
C GLU H 12 39.47 -94.70 26.14
N LEU H 13 39.37 -95.29 24.94
CA LEU H 13 39.10 -94.51 23.74
C LEU H 13 37.76 -93.81 23.82
N ASP H 14 36.71 -94.53 24.21
CA ASP H 14 35.40 -93.92 24.33
C ASP H 14 35.42 -92.78 25.34
N LYS H 15 36.08 -92.99 26.47
CA LYS H 15 36.19 -91.93 27.47
C LYS H 15 36.88 -90.70 26.87
N TYR H 16 37.98 -90.91 26.15
CA TYR H 16 38.71 -89.79 25.58
C TYR H 16 37.90 -89.08 24.51
N SER H 17 37.07 -89.81 23.77
CA SER H 17 36.21 -89.17 22.77
C SER H 17 35.16 -88.29 23.44
N GLU H 18 34.54 -88.78 24.52
CA GLU H 18 33.60 -87.95 25.26
C GLU H 18 34.28 -86.72 25.81
N ALA H 19 35.49 -86.89 26.36
CA ALA H 19 36.24 -85.76 26.89
C ALA H 19 36.50 -84.72 25.81
N LEU H 20 36.94 -85.17 24.63
CA LEU H 20 37.21 -84.26 23.52
C LEU H 20 35.95 -83.53 23.10
N LYS H 21 34.82 -84.23 23.05
CA LYS H 21 33.57 -83.59 22.66
C LYS H 21 33.19 -82.48 23.65
N ASP H 22 33.29 -82.78 24.95
CA ASP H 22 32.94 -81.78 25.96
C ASP H 22 33.89 -80.58 25.89
N ALA H 23 35.18 -80.83 25.65
CA ALA H 23 36.13 -79.73 25.57
C ALA H 23 35.87 -78.87 24.34
N GLN H 24 35.53 -79.47 23.21
CA GLN H 24 35.14 -78.68 22.05
C GLN H 24 33.91 -77.84 22.34
N GLU H 25 32.94 -78.42 23.05
CA GLU H 25 31.71 -77.67 23.36
C GLU H 25 32.03 -76.45 24.21
N LYS H 26 32.79 -76.65 25.29
CA LYS H 26 33.13 -75.52 26.14
C LYS H 26 33.97 -74.51 25.38
N LEU H 27 34.85 -74.97 24.49
CA LEU H 27 35.69 -74.06 23.74
C LEU H 27 34.87 -73.16 22.84
N GLU H 28 33.99 -73.74 22.03
CA GLU H 28 33.18 -72.92 21.15
C GLU H 28 32.28 -71.98 21.94
N LEU H 29 31.76 -72.45 23.08
CA LEU H 29 30.94 -71.57 23.92
C LEU H 29 31.72 -70.33 24.35
N ALA H 30 32.83 -70.56 25.06
CA ALA H 30 33.62 -69.44 25.56
C ALA H 30 34.08 -68.54 24.43
N GLU H 31 34.35 -69.10 23.25
CA GLU H 31 34.84 -68.28 22.14
C GLU H 31 33.75 -67.37 21.62
N LYS H 32 32.54 -67.90 21.39
CA LYS H 32 31.42 -67.03 21.06
C LYS H 32 31.26 -65.92 22.09
N LYS H 33 31.37 -66.27 23.38
CA LYS H 33 31.13 -65.27 24.41
C LYS H 33 32.19 -64.19 24.38
N ALA H 34 33.46 -64.57 24.23
CA ALA H 34 34.54 -63.60 24.19
C ALA H 34 34.41 -62.69 22.97
N THR H 35 34.08 -63.26 21.81
CA THR H 35 33.90 -62.41 20.62
C THR H 35 32.77 -61.43 20.81
N ASP H 36 31.63 -61.89 21.35
CA ASP H 36 30.51 -60.98 21.55
C ASP H 36 30.87 -59.87 22.53
N ALA H 37 31.54 -60.22 23.62
CA ALA H 37 31.95 -59.22 24.60
C ALA H 37 32.91 -58.21 23.99
N GLU H 38 33.84 -58.67 23.14
CA GLU H 38 34.77 -57.75 22.49
C GLU H 38 34.04 -56.82 21.53
N ALA H 39 33.06 -57.35 20.79
CA ALA H 39 32.24 -56.50 19.94
C ALA H 39 31.58 -55.39 20.75
N ASP H 40 30.97 -55.78 21.87
CA ASP H 40 30.28 -54.79 22.70
C ASP H 40 31.26 -53.74 23.24
N VAL H 41 32.41 -54.17 23.73
CA VAL H 41 33.34 -53.21 24.34
C VAL H 41 33.91 -52.27 23.28
N ALA H 42 34.20 -52.79 22.07
CA ALA H 42 34.72 -51.92 21.03
C ALA H 42 33.68 -50.89 20.60
N SER H 43 32.44 -51.35 20.37
CA SER H 43 31.36 -50.44 20.04
C SER H 43 31.24 -49.33 21.08
N LEU H 44 31.05 -49.72 22.34
CA LEU H 44 30.83 -48.74 23.38
C LEU H 44 32.05 -47.86 23.62
N ASN H 45 33.25 -48.37 23.36
CA ASN H 45 34.45 -47.54 23.49
C ASN H 45 34.48 -46.45 22.44
N ARG H 46 34.20 -46.82 21.18
CA ARG H 46 34.07 -45.81 20.14
C ARG H 46 33.02 -44.77 20.52
N ARG H 47 31.92 -45.24 21.10
CA ARG H 47 30.89 -44.33 21.58
C ARG H 47 31.43 -43.41 22.68
N ILE H 48 32.31 -43.94 23.54
CA ILE H 48 32.89 -43.12 24.60
C ILE H 48 33.77 -42.03 24.01
N GLN H 49 34.56 -42.37 23.00
CA GLN H 49 35.38 -41.33 22.37
C GLN H 49 34.50 -40.29 21.70
N LEU H 50 33.38 -40.72 21.11
CA LEU H 50 32.47 -39.77 20.49
C LEU H 50 31.86 -38.83 21.52
N VAL H 51 31.40 -39.37 22.66
CA VAL H 51 30.85 -38.48 23.67
C VAL H 51 31.95 -37.65 24.32
N GLU H 52 33.21 -38.09 24.23
CA GLU H 52 34.30 -37.29 24.75
C GLU H 52 34.56 -36.07 23.88
N GLU H 53 34.65 -36.28 22.56
CA GLU H 53 34.75 -35.13 21.67
C GLU H 53 33.50 -34.26 21.75
N GLU H 54 32.35 -34.87 22.03
CA GLU H 54 31.14 -34.10 22.28
C GLU H 54 31.31 -33.18 23.48
N LEU H 55 31.79 -33.72 24.59
CA LEU H 55 32.07 -32.91 25.77
C LEU H 55 33.09 -31.82 25.45
N ASP H 56 34.06 -32.12 24.60
CA ASP H 56 35.09 -31.13 24.30
C ASP H 56 34.51 -29.96 23.50
N ARG H 57 33.81 -30.25 22.41
CA ARG H 57 33.16 -29.18 21.65
C ARG H 57 32.12 -28.47 22.50
N ALA H 58 31.50 -29.20 23.44
CA ALA H 58 30.55 -28.60 24.37
C ALA H 58 31.24 -27.58 25.25
N GLN H 59 32.39 -27.93 25.81
CA GLN H 59 33.14 -26.97 26.61
C GLN H 59 33.65 -25.82 25.75
N GLU H 60 33.90 -26.06 24.46
CA GLU H 60 34.36 -25.00 23.58
C GLU H 60 33.30 -23.93 23.38
N ARG H 61 32.15 -24.33 22.80
CA ARG H 61 31.08 -23.35 22.65
C ARG H 61 30.55 -22.91 24.01
N LEU H 62 30.84 -23.66 25.07
CA LEU H 62 30.50 -23.24 26.42
C LEU H 62 31.34 -22.05 26.83
N ALA H 63 32.66 -22.14 26.64
CA ALA H 63 33.54 -21.04 26.97
C ALA H 63 33.22 -19.82 26.13
N THR H 64 32.88 -20.02 24.86
CA THR H 64 32.49 -18.88 24.04
C THR H 64 31.17 -18.29 24.54
N ALA H 65 30.24 -19.13 24.99
CA ALA H 65 29.00 -18.63 25.57
C ALA H 65 29.27 -17.83 26.83
N LEU H 66 30.23 -18.27 27.64
CA LEU H 66 30.54 -17.56 28.87
C LEU H 66 31.23 -16.24 28.60
N GLN H 67 32.15 -16.20 27.63
CA GLN H 67 32.80 -14.93 27.31
C GLN H 67 31.81 -13.98 26.65
N LYS H 68 30.88 -14.52 25.85
CA LYS H 68 29.79 -13.72 25.34
C LYS H 68 28.93 -13.19 26.47
N LEU H 69 28.73 -14.00 27.52
CA LEU H 69 27.96 -13.54 28.67
C LEU H 69 28.68 -12.40 29.39
N GLU H 70 30.01 -12.51 29.53
CA GLU H 70 30.78 -11.43 30.15
C GLU H 70 30.64 -10.14 29.36
N GLU H 71 30.97 -10.17 28.07
CA GLU H 71 30.89 -8.95 27.26
C GLU H 71 29.43 -8.50 27.11
N ALA H 72 28.47 -9.42 27.25
CA ALA H 72 27.07 -9.07 27.13
C ALA H 72 26.58 -8.33 28.36
N GLU H 73 27.00 -8.78 29.54
CA GLU H 73 26.73 -8.01 30.74
C GLU H 73 27.47 -6.68 30.71
N LYS H 74 28.62 -6.64 30.04
CA LYS H 74 29.29 -5.36 29.80
C LYS H 74 28.40 -4.43 29.00
N ALA H 75 27.88 -4.92 27.86
CA ALA H 75 26.95 -4.12 27.07
C ALA H 75 25.72 -3.73 27.86
N ALA H 76 25.25 -4.61 28.74
CA ALA H 76 24.04 -4.33 29.51
C ALA H 76 24.27 -3.24 30.55
N ASP H 77 25.39 -3.31 31.28
CA ASP H 77 25.67 -2.26 32.26
C ASP H 77 25.93 -0.94 31.57
N GLU H 78 26.54 -0.99 30.38
CA GLU H 78 26.67 0.24 29.59
C GLU H 78 25.31 0.78 29.19
N SER H 79 24.40 -0.11 28.80
CA SER H 79 23.05 0.32 28.46
C SER H 79 22.38 1.02 29.64
N GLU H 80 22.48 0.43 30.84
CA GLU H 80 21.78 0.99 31.99
C GLU H 80 22.42 2.31 32.44
N ARG H 81 23.75 2.37 32.50
CA ARG H 81 24.38 3.63 32.89
C ARG H 81 24.11 4.72 31.86
N GLY H 82 24.19 4.38 30.57
CA GLY H 82 23.89 5.34 29.54
C GLY H 82 22.47 5.84 29.62
N MET H 83 21.51 4.93 29.86
CA MET H 83 20.13 5.41 29.93
C MET H 83 19.92 6.29 31.15
N LYS H 84 20.63 6.03 32.25
CA LYS H 84 20.52 6.92 33.40
C LYS H 84 21.04 8.31 33.06
N VAL H 85 22.24 8.39 32.47
CA VAL H 85 22.79 9.71 32.17
C VAL H 85 21.94 10.43 31.14
N ILE H 86 21.34 9.67 30.21
CA ILE H 86 20.57 10.28 29.15
C ILE H 86 19.19 10.69 29.64
N GLU H 87 18.61 9.99 30.61
CA GLU H 87 17.35 10.46 31.19
C GLU H 87 17.57 11.69 32.05
N SER H 88 18.72 11.78 32.73
CA SER H 88 19.03 13.02 33.43
C SER H 88 19.17 14.18 32.45
N ARG H 89 19.95 13.98 31.37
CA ARG H 89 20.08 15.00 30.35
C ARG H 89 18.73 15.37 29.77
N ALA H 90 17.86 14.37 29.55
CA ALA H 90 16.54 14.63 29.03
C ALA H 90 15.78 15.57 29.96
N GLN H 91 15.59 15.16 31.21
CA GLN H 91 14.84 15.97 32.15
C GLN H 91 15.38 17.40 32.20
N LYS H 92 16.70 17.55 32.16
CA LYS H 92 17.29 18.89 32.07
C LYS H 92 16.79 19.61 30.81
N ASP H 93 16.78 18.91 29.68
CA ASP H 93 16.35 19.53 28.41
C ASP H 93 14.91 20.00 28.47
N GLU H 94 14.03 19.21 29.10
CA GLU H 94 12.63 19.62 29.14
C GLU H 94 12.42 20.76 30.12
N GLU H 95 13.16 20.77 31.23
CA GLU H 95 13.14 21.94 32.09
C GLU H 95 13.50 23.19 31.29
N LYS H 96 14.57 23.10 30.50
CA LYS H 96 15.03 24.24 29.72
C LYS H 96 14.00 24.64 28.67
N MET H 97 13.42 23.66 27.97
CA MET H 97 12.50 23.99 26.89
C MET H 97 11.18 24.55 27.43
N GLU H 98 10.72 24.10 28.59
CA GLU H 98 9.50 24.68 29.15
C GLU H 98 9.76 26.10 29.64
N ILE H 99 10.89 26.33 30.32
CA ILE H 99 11.16 27.69 30.78
C ILE H 99 11.29 28.63 29.59
N GLN H 100 11.89 28.17 28.48
CA GLN H 100 12.00 29.01 27.30
C GLN H 100 10.69 29.14 26.53
N GLU H 101 9.80 28.15 26.60
CA GLU H 101 8.48 28.35 26.00
C GLU H 101 7.70 29.42 26.73
N ILE H 102 7.72 29.37 28.06
CA ILE H 102 7.07 30.43 28.84
C ILE H 102 7.71 31.78 28.54
N GLN H 103 9.04 31.81 28.37
CA GLN H 103 9.69 33.08 28.08
C GLN H 103 9.33 33.59 26.70
N LEU H 104 9.13 32.68 25.73
CA LEU H 104 8.66 33.08 24.41
C LEU H 104 7.28 33.70 24.48
N LYS H 105 6.39 33.11 25.28
CA LYS H 105 5.07 33.69 25.45
C LYS H 105 5.15 35.08 26.09
N GLU H 106 5.98 35.21 27.14
CA GLU H 106 6.21 36.53 27.74
C GLU H 106 6.68 37.54 26.70
N ALA H 107 7.62 37.13 25.85
CA ALA H 107 8.18 38.04 24.86
C ALA H 107 7.14 38.49 23.84
N LYS H 108 6.34 37.54 23.34
CA LYS H 108 5.31 37.92 22.39
C LYS H 108 4.25 38.81 23.03
N HIS H 109 3.97 38.58 24.31
CA HIS H 109 3.00 39.42 25.01
C HIS H 109 3.52 40.85 25.16
N ILE H 110 4.80 40.99 25.52
CA ILE H 110 5.38 42.32 25.61
C ILE H 110 5.42 42.98 24.24
N ALA H 111 5.65 42.18 23.19
CA ALA H 111 5.69 42.73 21.83
C ALA H 111 4.34 43.31 21.45
N GLU H 112 3.27 42.54 21.64
CA GLU H 112 1.95 43.08 21.33
C GLU H 112 1.62 44.28 22.21
N ASP H 113 2.08 44.27 23.47
CA ASP H 113 1.87 45.40 24.36
C ASP H 113 2.44 46.67 23.75
N ALA H 114 3.75 46.67 23.50
CA ALA H 114 4.40 47.85 22.97
C ALA H 114 3.83 48.25 21.63
N ASP H 115 3.52 47.27 20.77
CA ASP H 115 3.03 47.59 19.44
C ASP H 115 1.68 48.28 19.51
N ARG H 116 0.75 47.74 20.30
CA ARG H 116 -0.54 48.38 20.45
C ARG H 116 -0.40 49.77 21.03
N LYS H 117 0.47 49.93 22.04
CA LYS H 117 0.65 51.24 22.66
C LYS H 117 1.12 52.26 21.63
N TYR H 118 2.15 51.91 20.86
CA TYR H 118 2.69 52.88 19.91
C TYR H 118 1.74 53.14 18.75
N GLU H 119 0.99 52.13 18.29
CA GLU H 119 0.05 52.41 17.21
C GLU H 119 -1.07 53.32 17.68
N GLU H 120 -1.56 53.11 18.90
CA GLU H 120 -2.54 54.02 19.46
C GLU H 120 -2.00 55.44 19.53
N VAL H 121 -0.76 55.60 20.02
CA VAL H 121 -0.22 56.95 20.17
C VAL H 121 0.05 57.56 18.81
N ALA H 122 0.36 56.75 17.79
CA ALA H 122 0.54 57.29 16.45
C ALA H 122 -0.77 57.77 15.86
N ARG H 123 -1.85 57.01 16.07
CA ARG H 123 -3.18 57.50 15.73
C ARG H 123 -3.42 58.86 16.37
N LYS H 124 -3.15 58.96 17.67
CA LYS H 124 -3.33 60.23 18.36
C LYS H 124 -2.48 61.33 17.74
N LEU H 125 -1.25 61.00 17.33
CA LEU H 125 -0.39 62.01 16.74
C LEU H 125 -0.97 62.54 15.44
N VAL H 126 -1.42 61.62 14.58
CA VAL H 126 -2.01 62.05 13.31
C VAL H 126 -3.23 62.93 13.55
N ILE H 127 -4.09 62.55 14.49
CA ILE H 127 -5.30 63.33 14.68
C ILE H 127 -4.99 64.68 15.32
N ILE H 128 -4.01 64.74 16.22
CA ILE H 128 -3.71 66.01 16.87
C ILE H 128 -3.02 66.96 15.90
N GLU H 129 -2.13 66.44 15.04
CA GLU H 129 -1.53 67.33 14.06
C GLU H 129 -2.57 67.79 13.05
N SER H 130 -3.53 66.92 12.72
CA SER H 130 -4.66 67.35 11.91
C SER H 130 -5.38 68.51 12.57
N ASP H 131 -5.65 68.39 13.87
CA ASP H 131 -6.29 69.49 14.59
C ASP H 131 -5.46 70.76 14.47
N LEU H 132 -4.15 70.65 14.66
CA LEU H 132 -3.30 71.83 14.69
C LEU H 132 -3.29 72.54 13.33
N GLU H 133 -3.24 71.79 12.23
CA GLU H 133 -3.17 72.44 10.93
C GLU H 133 -4.34 73.38 10.73
N ARG H 134 -5.56 72.85 10.78
CA ARG H 134 -6.71 73.73 10.53
C ARG H 134 -6.96 74.71 11.66
N ALA H 135 -6.49 74.42 12.88
CA ALA H 135 -6.53 75.44 13.92
C ALA H 135 -5.71 76.65 13.51
N GLU H 136 -4.47 76.42 13.06
CA GLU H 136 -3.62 77.51 12.59
C GLU H 136 -4.25 78.23 11.40
N GLU H 137 -4.80 77.45 10.46
CA GLU H 137 -5.42 78.05 9.28
C GLU H 137 -6.54 79.00 9.68
N ARG H 138 -7.53 78.50 10.44
CA ARG H 138 -8.64 79.33 10.83
C ARG H 138 -8.19 80.48 11.72
N ALA H 139 -7.10 80.31 12.46
CA ALA H 139 -6.54 81.42 13.23
C ALA H 139 -6.07 82.53 12.30
N GLU H 140 -5.35 82.19 11.24
CA GLU H 140 -4.90 83.19 10.29
C GLU H 140 -6.08 83.83 9.56
N LEU H 141 -7.12 83.05 9.28
CA LEU H 141 -8.30 83.62 8.64
C LEU H 141 -8.99 84.61 9.56
N SER H 142 -9.12 84.28 10.84
CA SER H 142 -9.69 85.21 11.81
C SER H 142 -8.83 86.46 11.94
N GLU H 143 -7.51 86.30 11.87
CA GLU H 143 -6.62 87.47 11.89
C GLU H 143 -6.88 88.37 10.69
N GLY H 144 -6.98 87.79 9.50
CA GLY H 144 -7.26 88.59 8.32
C GLY H 144 -8.59 89.31 8.42
N LYS H 145 -9.64 88.59 8.84
CA LYS H 145 -10.94 89.24 9.00
C LYS H 145 -10.88 90.35 10.04
N CYS H 146 -10.10 90.16 11.11
CA CYS H 146 -9.93 91.21 12.11
C CYS H 146 -9.22 92.42 11.52
N ALA H 147 -8.28 92.19 10.61
CA ALA H 147 -7.63 93.31 9.93
C ALA H 147 -8.62 94.07 9.06
N GLU H 148 -9.52 93.35 8.40
CA GLU H 148 -10.56 94.00 7.61
C GLU H 148 -11.47 94.84 8.50
N LEU H 149 -11.88 94.29 9.65
CA LEU H 149 -12.67 95.07 10.59
C LEU H 149 -11.92 96.31 11.04
N GLU H 150 -10.61 96.17 11.28
CA GLU H 150 -9.80 97.31 11.70
C GLU H 150 -9.84 98.42 10.66
N GLU H 151 -9.53 98.09 9.40
CA GLU H 151 -9.46 99.12 8.38
C GLU H 151 -10.83 99.73 8.12
N GLU H 152 -11.89 98.90 8.14
CA GLU H 152 -13.24 99.42 7.97
C GLU H 152 -13.60 100.36 9.11
N LEU H 153 -13.19 100.03 10.34
CA LEU H 153 -13.46 100.90 11.48
C LEU H 153 -12.75 102.23 11.32
N LYS H 154 -11.48 102.21 10.94
CA LYS H 154 -10.76 103.48 10.76
C LYS H 154 -11.45 104.33 9.70
N THR H 155 -11.85 103.72 8.58
CA THR H 155 -12.47 104.50 7.51
C THR H 155 -13.82 105.06 7.95
N VAL H 156 -14.64 104.27 8.64
CA VAL H 156 -15.96 104.77 9.02
C VAL H 156 -15.82 105.86 10.07
N THR H 157 -14.86 105.73 10.98
CA THR H 157 -14.63 106.80 11.95
C THR H 157 -14.13 108.06 11.27
N ASN H 158 -13.29 107.91 10.24
CA ASN H 158 -12.85 109.09 9.50
C ASN H 158 -14.02 109.80 8.83
N ASN H 159 -14.90 109.03 8.18
CA ASN H 159 -16.09 109.61 7.59
C ASN H 159 -16.96 110.29 8.64
N LEU H 160 -17.11 109.66 9.80
CA LEU H 160 -17.96 110.22 10.84
C LEU H 160 -17.37 111.50 11.43
N LYS H 161 -16.05 111.56 11.59
CA LYS H 161 -15.44 112.77 12.13
C LYS H 161 -15.48 113.91 11.11
N SER H 162 -15.24 113.59 9.83
CA SER H 162 -15.32 114.62 8.81
C SER H 162 -16.74 115.16 8.68
N LEU H 163 -17.74 114.29 8.78
CA LEU H 163 -19.12 114.73 8.79
C LEU H 163 -19.47 115.44 10.08
N GLU H 164 -18.74 115.14 11.16
CA GLU H 164 -19.02 115.67 12.49
C GLU H 164 -18.69 117.15 12.63
N ALA H 165 -18.03 117.75 11.63
CA ALA H 165 -17.75 119.18 11.69
C ALA H 165 -19.04 119.98 11.83
N GLN H 166 -20.04 119.64 11.03
CA GLN H 166 -21.34 120.28 11.13
C GLN H 166 -22.45 119.23 11.07
N MET I 1 -55.35 -74.33 55.87
CA MET I 1 -54.40 -73.29 56.19
C MET I 1 -53.57 -73.65 57.42
N ALA I 2 -53.86 -74.82 58.00
CA ALA I 2 -53.08 -75.34 59.11
C ALA I 2 -51.88 -76.14 58.66
N VAL I 3 -51.83 -76.55 57.38
CA VAL I 3 -50.70 -77.33 56.87
C VAL I 3 -49.40 -76.56 56.95
N PHE I 4 -49.47 -75.25 57.10
CA PHE I 4 -48.31 -74.37 57.13
C PHE I 4 -47.81 -74.10 58.54
N GLY I 5 -48.01 -75.04 59.46
CA GLY I 5 -47.47 -74.95 60.81
C GLY I 5 -47.70 -73.61 61.45
N ALA I 6 -46.66 -73.11 62.11
CA ALA I 6 -46.71 -71.81 62.77
C ALA I 6 -46.36 -70.65 61.83
N ALA I 7 -45.76 -70.94 60.68
CA ALA I 7 -45.38 -69.89 59.74
C ALA I 7 -46.54 -69.45 58.86
N ALA I 8 -47.67 -70.15 58.93
CA ALA I 8 -48.82 -69.86 58.07
C ALA I 8 -49.14 -68.38 57.89
N PRO I 9 -49.17 -67.54 58.92
CA PRO I 9 -49.45 -66.11 58.66
C PRO I 9 -48.42 -65.45 57.76
N TYR I 10 -47.13 -65.56 58.10
CA TYR I 10 -46.09 -64.93 57.31
C TYR I 10 -46.06 -65.49 55.89
N LEU I 11 -46.31 -66.79 55.74
CA LEU I 11 -46.27 -67.39 54.42
C LEU I 11 -47.46 -66.94 53.59
N ARG I 12 -48.65 -66.83 54.20
CA ARG I 12 -49.85 -66.36 53.51
C ARG I 12 -50.95 -66.00 54.50
N LYS I 13 -51.52 -64.80 54.35
CA LYS I 13 -52.59 -64.38 55.24
C LYS I 13 -53.89 -65.11 54.88
N SER I 14 -54.75 -65.26 55.88
CA SER I 14 -55.98 -66.02 55.74
C SER I 14 -56.96 -65.31 54.82
N GLU I 15 -57.84 -66.11 54.20
CA GLU I 15 -58.88 -65.54 53.34
C GLU I 15 -59.79 -64.62 54.13
N LYS I 16 -60.06 -64.96 55.39
CA LYS I 16 -60.91 -64.11 56.22
C LYS I 16 -60.30 -62.73 56.36
N GLU I 17 -59.03 -62.67 56.76
CA GLU I 17 -58.36 -61.37 56.87
C GLU I 17 -58.25 -60.67 55.53
N ARG I 18 -58.07 -61.43 54.45
CA ARG I 18 -58.07 -60.85 53.11
C ARG I 18 -59.36 -60.08 52.88
N LEU I 19 -60.50 -60.73 53.13
CA LEU I 19 -61.78 -60.09 52.90
C LEU I 19 -62.00 -58.93 53.86
N GLU I 20 -61.56 -59.06 55.11
CA GLU I 20 -61.72 -57.97 56.06
C GLU I 20 -60.88 -56.77 55.68
N ALA I 21 -59.79 -56.97 54.93
CA ALA I 21 -59.01 -55.88 54.40
C ALA I 21 -59.53 -55.38 53.05
N GLN I 22 -60.32 -56.20 52.35
CA GLN I 22 -60.87 -55.77 51.07
C GLN I 22 -61.75 -54.54 51.23
N THR I 23 -62.52 -54.48 52.32
CA THR I 23 -63.43 -53.37 52.55
C THR I 23 -62.62 -52.12 52.88
N ARG I 24 -62.41 -51.27 51.88
CA ARG I 24 -61.69 -50.02 52.09
C ARG I 24 -62.01 -49.07 50.94
N PRO I 25 -62.30 -47.80 51.22
CA PRO I 25 -62.61 -46.87 50.14
C PRO I 25 -61.37 -46.50 49.34
N PHE I 26 -61.52 -46.45 48.03
CA PHE I 26 -60.43 -46.03 47.14
C PHE I 26 -61.06 -45.40 45.91
N ASP I 27 -60.72 -44.15 45.63
CA ASP I 27 -61.25 -43.45 44.48
C ASP I 27 -60.36 -43.71 43.27
N LEU I 28 -60.93 -44.31 42.23
CA LEU I 28 -60.20 -44.68 41.04
C LEU I 28 -59.85 -43.48 40.17
N LYS I 29 -60.35 -42.29 40.49
CA LYS I 29 -60.13 -41.14 39.62
C LYS I 29 -59.10 -40.17 40.17
N LYS I 30 -59.10 -39.91 41.47
CA LYS I 30 -58.28 -38.86 42.04
C LYS I 30 -57.31 -39.34 43.12
N ASP I 31 -57.05 -40.64 43.20
CA ASP I 31 -56.03 -41.20 44.08
C ASP I 31 -54.93 -41.91 43.28
N VAL I 32 -54.71 -41.48 42.05
CA VAL I 32 -53.80 -42.13 41.12
C VAL I 32 -52.35 -41.92 41.57
N PHE I 33 -51.41 -42.66 40.98
CA PHE I 33 -50.01 -42.47 41.33
C PHE I 33 -49.49 -41.14 40.79
N VAL I 34 -48.67 -40.48 41.61
CA VAL I 34 -48.22 -39.13 41.35
C VAL I 34 -46.72 -39.03 41.57
N PRO I 35 -45.98 -38.41 40.65
CA PRO I 35 -44.54 -38.22 40.87
C PRO I 35 -44.27 -37.40 42.12
N ASP I 36 -43.09 -37.60 42.69
CA ASP I 36 -42.71 -37.00 43.96
C ASP I 36 -41.31 -36.42 43.85
N ASP I 37 -40.94 -35.60 44.85
CA ASP I 37 -39.60 -35.04 44.97
C ASP I 37 -38.72 -35.85 45.92
N LYS I 38 -39.16 -36.01 47.18
CA LYS I 38 -38.36 -36.75 48.15
C LYS I 38 -38.25 -38.22 47.76
N GLN I 39 -39.30 -38.76 47.17
CA GLN I 39 -39.31 -40.09 46.57
C GLN I 39 -39.77 -39.96 45.13
N GLU I 40 -40.04 -41.09 44.48
CA GLU I 40 -40.45 -41.07 43.08
C GLU I 40 -41.95 -40.90 42.94
N PHE I 41 -42.72 -41.61 43.75
CA PHE I 41 -44.17 -41.67 43.68
C PHE I 41 -44.68 -41.86 45.09
N VAL I 42 -45.65 -41.04 45.48
CA VAL I 42 -46.18 -41.09 46.83
C VAL I 42 -47.69 -41.18 46.78
N LYS I 43 -48.26 -41.73 47.84
CA LYS I 43 -49.69 -41.88 47.95
C LYS I 43 -50.29 -40.50 48.23
N ALA I 44 -51.24 -40.09 47.39
CA ALA I 44 -51.83 -38.76 47.52
C ALA I 44 -53.20 -38.78 46.87
N LYS I 45 -53.92 -37.67 47.05
CA LYS I 45 -55.22 -37.47 46.43
C LYS I 45 -55.20 -36.17 45.65
N ILE I 46 -55.97 -36.12 44.56
CA ILE I 46 -56.10 -34.92 43.74
C ILE I 46 -57.46 -34.30 44.01
N VAL I 47 -57.49 -32.96 44.14
CA VAL I 47 -58.75 -32.28 44.38
C VAL I 47 -59.56 -32.17 43.09
N SER I 48 -58.89 -31.83 41.99
CA SER I 48 -59.59 -31.68 40.71
C SER I 48 -58.55 -31.62 39.59
N ARG I 49 -59.03 -31.85 38.36
CA ARG I 49 -58.19 -31.75 37.17
C ARG I 49 -58.44 -30.39 36.53
N GLU I 50 -57.86 -29.36 37.14
CA GLU I 50 -58.04 -27.99 36.67
C GLU I 50 -57.04 -27.73 35.54
N GLY I 51 -57.44 -28.10 34.34
CA GLY I 51 -56.63 -27.84 33.15
C GLY I 51 -55.28 -28.53 33.26
N GLY I 52 -54.22 -27.72 33.25
CA GLY I 52 -52.89 -28.20 33.54
C GLY I 52 -52.50 -28.14 35.00
N LYS I 53 -53.45 -27.84 35.89
CA LYS I 53 -53.19 -27.71 37.31
C LYS I 53 -53.94 -28.77 38.08
N VAL I 54 -53.22 -29.52 38.91
CA VAL I 54 -53.81 -30.45 39.87
C VAL I 54 -53.12 -30.19 41.20
N THR I 55 -53.67 -30.75 42.27
CA THR I 55 -53.11 -30.58 43.61
C THR I 55 -53.13 -31.92 44.32
N ALA I 56 -51.96 -32.45 44.63
CA ALA I 56 -51.83 -33.74 45.29
C ALA I 56 -51.74 -33.52 46.80
N GLU I 57 -52.71 -34.04 47.54
CA GLU I 57 -52.69 -34.02 48.99
C GLU I 57 -52.17 -35.35 49.48
N THR I 58 -50.89 -35.38 49.85
CA THR I 58 -50.25 -36.60 50.32
C THR I 58 -50.48 -36.77 51.81
N GLU I 59 -49.89 -37.84 52.37
CA GLU I 59 -49.94 -38.06 53.81
C GLU I 59 -49.11 -37.05 54.57
N TYR I 60 -48.01 -36.58 53.98
CA TYR I 60 -47.10 -35.65 54.66
C TYR I 60 -47.66 -34.24 54.75
N GLY I 61 -48.84 -33.97 54.20
CA GLY I 61 -49.41 -32.65 54.24
C GLY I 61 -49.02 -31.75 53.08
N LYS I 62 -48.42 -32.29 52.03
CA LYS I 62 -47.98 -31.48 50.92
C LYS I 62 -49.05 -31.40 49.85
N THR I 63 -49.02 -30.31 49.08
CA THR I 63 -50.04 -29.97 48.09
C THR I 63 -49.40 -29.58 46.76
N VAL I 64 -48.46 -30.40 46.29
CA VAL I 64 -47.74 -30.06 45.06
C VAL I 64 -48.61 -30.31 43.83
N THR I 65 -48.32 -29.58 42.77
CA THR I 65 -48.94 -29.76 41.46
C THR I 65 -48.00 -30.55 40.55
N VAL I 66 -48.56 -31.53 39.84
CA VAL I 66 -47.81 -32.30 38.86
C VAL I 66 -48.54 -32.23 37.53
N LYS I 67 -47.80 -32.45 36.45
CA LYS I 67 -48.34 -32.24 35.12
C LYS I 67 -49.21 -33.42 34.71
N GLU I 68 -50.24 -33.13 33.91
CA GLU I 68 -51.22 -34.14 33.52
C GLU I 68 -50.62 -35.23 32.64
N ASP I 69 -49.36 -35.11 32.25
CA ASP I 69 -48.71 -36.10 31.41
C ASP I 69 -47.89 -37.13 32.19
N GLN I 70 -47.88 -37.04 33.52
CA GLN I 70 -47.05 -37.94 34.34
C GLN I 70 -47.86 -38.57 35.46
N VAL I 71 -49.16 -38.74 35.26
CA VAL I 71 -50.03 -39.33 36.26
C VAL I 71 -50.59 -40.65 35.73
N MET I 72 -50.75 -41.60 36.63
CA MET I 72 -51.21 -42.94 36.25
C MET I 72 -51.93 -43.56 37.45
N GLN I 73 -52.89 -44.43 37.15
CA GLN I 73 -53.79 -44.95 38.16
C GLN I 73 -53.02 -45.73 39.23
N GLN I 74 -53.67 -45.91 40.37
CA GLN I 74 -53.16 -46.75 41.44
C GLN I 74 -53.88 -48.10 41.40
N ASN I 75 -53.19 -49.14 41.88
CA ASN I 75 -53.74 -50.47 41.86
C ASN I 75 -55.03 -50.52 42.66
N PRO I 76 -56.07 -51.18 42.16
CA PRO I 76 -57.32 -51.26 42.91
C PRO I 76 -57.14 -52.06 44.18
N PRO I 77 -57.99 -51.83 45.19
CA PRO I 77 -57.85 -52.58 46.45
C PRO I 77 -58.18 -54.05 46.29
N LYS I 78 -59.16 -54.40 45.46
CA LYS I 78 -59.52 -55.79 45.24
C LYS I 78 -58.41 -56.58 44.56
N PHE I 79 -57.31 -55.94 44.21
CA PHE I 79 -56.19 -56.62 43.55
C PHE I 79 -54.85 -56.18 44.11
N ASP I 80 -54.85 -55.35 45.16
CA ASP I 80 -53.65 -55.15 45.96
C ASP I 80 -53.25 -56.45 46.67
N LYS I 81 -52.03 -56.43 47.22
CA LYS I 81 -51.48 -57.58 47.95
C LYS I 81 -51.43 -58.84 47.10
N ILE I 82 -51.41 -58.68 45.77
CA ILE I 82 -51.44 -59.83 44.88
C ILE I 82 -50.12 -60.58 44.94
N GLU I 83 -50.20 -61.91 44.95
CA GLU I 83 -48.98 -62.72 45.04
C GLU I 83 -48.16 -62.61 43.77
N ASP I 84 -48.81 -62.60 42.61
CA ASP I 84 -48.12 -62.58 41.32
C ASP I 84 -48.21 -61.19 40.74
N MET I 85 -47.07 -60.50 40.69
CA MET I 85 -47.04 -59.14 40.14
C MET I 85 -47.51 -59.13 38.70
N ALA I 86 -47.32 -60.23 37.98
CA ALA I 86 -47.73 -60.31 36.59
C ALA I 86 -49.25 -60.24 36.44
N MET I 87 -49.99 -60.62 37.45
CA MET I 87 -51.45 -60.61 37.41
C MET I 87 -52.03 -59.28 37.85
N LEU I 88 -51.20 -58.29 38.15
CA LEU I 88 -51.70 -56.98 38.54
C LEU I 88 -52.57 -56.40 37.44
N THR I 89 -53.62 -55.70 37.85
CA THR I 89 -54.53 -55.11 36.88
C THR I 89 -53.89 -53.95 36.13
N PHE I 90 -52.94 -53.26 36.76
CA PHE I 90 -52.24 -52.15 36.14
C PHE I 90 -50.75 -52.26 36.46
N LEU I 91 -49.95 -52.43 35.41
CA LEU I 91 -48.52 -52.70 35.56
C LEU I 91 -47.74 -51.40 35.36
N HIS I 92 -47.35 -50.78 36.46
CA HIS I 92 -46.56 -49.56 36.46
C HIS I 92 -45.25 -49.82 37.19
N GLU I 93 -44.34 -48.85 37.12
CA GLU I 93 -43.09 -48.98 37.86
C GLU I 93 -43.33 -48.84 39.36
N PRO I 94 -43.82 -47.70 39.87
CA PRO I 94 -43.98 -47.59 41.33
C PRO I 94 -45.11 -48.44 41.86
N ALA I 95 -45.98 -48.97 40.98
CA ALA I 95 -47.03 -49.87 41.42
C ALA I 95 -46.46 -51.08 42.13
N VAL I 96 -45.51 -51.77 41.49
CA VAL I 96 -44.91 -52.94 42.10
C VAL I 96 -44.07 -52.54 43.31
N LEU I 97 -43.47 -51.35 43.28
CA LEU I 97 -42.73 -50.87 44.45
C LEU I 97 -43.64 -50.80 45.66
N TYR I 98 -44.80 -50.18 45.52
CA TYR I 98 -45.70 -50.08 46.67
C TYR I 98 -46.31 -51.42 47.01
N ASN I 99 -46.51 -52.29 46.02
CA ASN I 99 -46.97 -53.65 46.30
C ASN I 99 -46.01 -54.35 47.26
N LEU I 100 -44.74 -54.43 46.88
CA LEU I 100 -43.75 -55.06 47.76
C LEU I 100 -43.58 -54.28 49.06
N LYS I 101 -43.80 -52.96 49.03
CA LYS I 101 -43.70 -52.16 50.24
C LYS I 101 -44.74 -52.60 51.26
N ASP I 102 -46.00 -52.65 50.86
CA ASP I 102 -47.04 -53.10 51.77
C ASP I 102 -46.87 -54.57 52.13
N ARG I 103 -46.27 -55.37 51.23
CA ARG I 103 -46.09 -56.78 51.54
C ARG I 103 -45.00 -56.99 52.58
N TYR I 104 -43.96 -56.16 52.57
CA TYR I 104 -42.93 -56.26 53.61
C TYR I 104 -43.33 -55.56 54.90
N GLY I 105 -44.18 -54.54 54.82
CA GLY I 105 -44.75 -53.99 56.04
C GLY I 105 -45.69 -54.98 56.73
N SER I 106 -46.53 -55.64 55.95
CA SER I 106 -47.33 -56.77 56.39
C SER I 106 -46.51 -58.03 56.59
N TRP I 107 -45.20 -57.96 56.34
CA TRP I 107 -44.27 -59.04 56.65
C TRP I 107 -44.57 -60.31 55.86
N MET I 108 -44.73 -60.16 54.54
CA MET I 108 -44.70 -61.27 53.61
C MET I 108 -43.45 -61.12 52.76
N ILE I 109 -42.50 -62.04 52.95
CA ILE I 109 -41.20 -61.91 52.30
C ILE I 109 -41.31 -62.22 50.81
N TYR I 110 -41.69 -63.45 50.49
CA TYR I 110 -41.59 -63.96 49.13
C TYR I 110 -42.78 -63.49 48.31
N THR I 111 -42.52 -63.21 47.02
CA THR I 111 -43.55 -62.73 46.12
C THR I 111 -43.25 -63.23 44.70
N TYR I 112 -44.26 -63.84 44.08
CA TYR I 112 -44.14 -64.26 42.69
C TYR I 112 -44.27 -63.05 41.76
N SER I 113 -43.48 -63.05 40.70
CA SER I 113 -43.50 -61.98 39.71
C SER I 113 -43.38 -62.57 38.31
N GLY I 114 -44.16 -63.59 38.03
CA GLY I 114 -44.13 -64.25 36.73
C GLY I 114 -43.17 -65.44 36.73
N LEU I 115 -42.07 -65.32 35.99
CA LEU I 115 -41.04 -66.35 35.97
C LEU I 115 -39.94 -66.12 37.00
N PHE I 116 -40.04 -65.05 37.78
CA PHE I 116 -39.08 -64.75 38.83
C PHE I 116 -39.55 -65.28 40.18
N CYS I 117 -38.68 -65.10 41.17
CA CYS I 117 -39.01 -65.29 42.58
C CYS I 117 -38.28 -64.21 43.36
N VAL I 118 -39.00 -63.22 43.85
CA VAL I 118 -38.41 -62.06 44.50
C VAL I 118 -38.44 -62.28 46.01
N THR I 119 -37.37 -61.88 46.67
CA THR I 119 -37.21 -62.14 48.10
C THR I 119 -36.51 -60.94 48.75
N VAL I 120 -37.25 -60.17 49.54
CA VAL I 120 -36.65 -59.16 50.39
C VAL I 120 -36.30 -59.81 51.72
N ASN I 121 -35.07 -59.62 52.16
CA ASN I 121 -34.60 -60.32 53.35
C ASN I 121 -35.26 -59.75 54.59
N PRO I 122 -35.87 -60.58 55.44
CA PRO I 122 -36.26 -60.13 56.78
C PRO I 122 -35.05 -60.08 57.70
N TYR I 123 -35.05 -59.09 58.57
CA TYR I 123 -33.91 -58.86 59.45
C TYR I 123 -34.03 -59.59 60.78
N LYS I 124 -35.16 -60.23 61.07
CA LYS I 124 -35.34 -60.98 62.30
C LYS I 124 -35.80 -62.39 61.98
N TRP I 125 -35.61 -63.28 62.94
CA TRP I 125 -35.93 -64.68 62.74
C TRP I 125 -37.43 -64.88 62.54
N LEU I 126 -37.79 -65.79 61.63
CA LEU I 126 -39.17 -66.18 61.41
C LEU I 126 -39.31 -67.69 61.47
N PRO I 127 -40.50 -68.19 61.83
CA PRO I 127 -40.76 -69.63 61.76
C PRO I 127 -40.89 -70.16 60.34
N VAL I 128 -40.70 -69.31 59.33
CA VAL I 128 -40.83 -69.75 57.94
C VAL I 128 -39.69 -70.66 57.52
N TYR I 129 -38.60 -70.71 58.30
CA TYR I 129 -37.46 -71.55 58.00
C TYR I 129 -37.41 -72.79 58.90
N THR I 130 -38.49 -73.08 59.61
CA THR I 130 -38.55 -74.28 60.42
C THR I 130 -38.73 -75.50 59.53
N PRO I 131 -38.17 -76.65 59.91
CA PRO I 131 -38.24 -77.84 59.03
C PRO I 131 -39.66 -78.35 58.79
N GLU I 132 -40.63 -77.87 59.56
CA GLU I 132 -41.99 -78.37 59.39
C GLU I 132 -42.58 -77.96 58.05
N VAL I 133 -42.41 -76.70 57.67
CA VAL I 133 -42.92 -76.27 56.36
C VAL I 133 -42.14 -76.94 55.26
N VAL I 134 -40.85 -77.19 55.47
CA VAL I 134 -40.03 -77.90 54.51
C VAL I 134 -40.63 -79.27 54.22
N ALA I 135 -40.85 -80.07 55.26
CA ALA I 135 -41.38 -81.41 55.07
C ALA I 135 -42.83 -81.38 54.58
N ALA I 136 -43.61 -80.39 55.03
CA ALA I 136 -45.03 -80.34 54.72
C ALA I 136 -45.31 -79.76 53.34
N TYR I 137 -44.34 -79.10 52.70
CA TYR I 137 -44.59 -78.65 51.35
C TYR I 137 -44.64 -79.81 50.37
N ARG I 138 -43.96 -80.91 50.68
CA ARG I 138 -43.89 -82.03 49.75
C ARG I 138 -45.29 -82.55 49.43
N GLY I 139 -45.72 -82.34 48.19
CA GLY I 139 -47.04 -82.72 47.75
C GLY I 139 -47.93 -81.57 47.32
N LYS I 140 -47.45 -80.32 47.40
CA LYS I 140 -48.21 -79.17 46.96
C LYS I 140 -47.57 -78.57 45.71
N LYS I 141 -48.40 -77.91 44.91
CA LYS I 141 -48.02 -77.46 43.58
C LYS I 141 -47.54 -76.01 43.59
N ARG I 142 -46.84 -75.63 42.52
CA ARG I 142 -46.34 -74.27 42.38
C ARG I 142 -47.45 -73.28 42.10
N SER I 143 -48.41 -73.66 41.26
CA SER I 143 -49.43 -72.71 40.81
C SER I 143 -50.30 -72.22 41.97
N GLU I 144 -50.47 -73.05 43.00
CA GLU I 144 -51.36 -72.72 44.12
C GLU I 144 -50.63 -72.29 45.37
N ALA I 145 -49.52 -72.93 45.72
CA ALA I 145 -48.84 -72.61 46.96
C ALA I 145 -48.31 -71.18 46.92
N PRO I 146 -48.31 -70.48 48.05
CA PRO I 146 -47.84 -69.10 48.06
C PRO I 146 -46.34 -69.04 47.80
N PRO I 147 -45.83 -67.89 47.36
CA PRO I 147 -44.42 -67.83 46.91
C PRO I 147 -43.44 -68.13 48.03
N HIS I 148 -42.38 -68.84 47.67
CA HIS I 148 -41.24 -69.17 48.53
C HIS I 148 -40.22 -69.89 47.66
N ILE I 149 -38.95 -69.80 48.06
CA ILE I 149 -37.90 -70.45 47.27
C ILE I 149 -37.95 -71.96 47.38
N PHE I 150 -38.54 -72.50 48.45
CA PHE I 150 -38.71 -73.95 48.51
C PHE I 150 -39.58 -74.43 47.35
N SER I 151 -40.56 -73.62 46.95
CA SER I 151 -41.41 -73.95 45.82
C SER I 151 -40.58 -74.15 44.56
N ILE I 152 -39.82 -73.12 44.17
CA ILE I 152 -39.04 -73.20 42.94
C ILE I 152 -37.95 -74.26 43.06
N SER I 153 -37.44 -74.50 44.27
CA SER I 153 -36.47 -75.58 44.44
C SER I 153 -37.10 -76.92 44.09
N ASP I 154 -38.28 -77.20 44.65
CA ASP I 154 -38.97 -78.45 44.35
C ASP I 154 -39.36 -78.52 42.88
N ASN I 155 -39.77 -77.39 42.30
CA ASN I 155 -40.15 -77.38 40.89
C ASN I 155 -38.96 -77.69 40.00
N ALA I 156 -37.79 -77.14 40.33
CA ALA I 156 -36.58 -77.49 39.62
C ALA I 156 -36.25 -78.96 39.78
N TYR I 157 -36.40 -79.48 41.00
CA TYR I 157 -36.11 -80.89 41.25
C TYR I 157 -36.98 -81.78 40.38
N GLN I 158 -38.30 -81.57 40.44
CA GLN I 158 -39.22 -82.42 39.69
C GLN I 158 -39.08 -82.20 38.19
N TYR I 159 -38.76 -80.98 37.76
CA TYR I 159 -38.45 -80.76 36.35
C TYR I 159 -37.25 -81.58 35.92
N MET I 160 -36.19 -81.58 36.73
CA MET I 160 -35.05 -82.44 36.46
C MET I 160 -35.49 -83.89 36.34
N LEU I 161 -36.32 -84.34 37.26
CA LEU I 161 -36.67 -85.76 37.30
C LEU I 161 -37.61 -86.16 36.17
N THR I 162 -38.37 -85.21 35.64
CA THR I 162 -39.28 -85.57 34.55
C THR I 162 -38.62 -85.40 33.18
N ASP I 163 -37.81 -84.37 33.00
CA ASP I 163 -37.22 -84.10 31.71
C ASP I 163 -35.84 -84.71 31.54
N ARG I 164 -35.24 -85.23 32.63
CA ARG I 164 -33.92 -85.83 32.59
C ARG I 164 -32.88 -84.84 32.07
N GLU I 165 -32.87 -83.66 32.68
CA GLU I 165 -31.99 -82.57 32.28
C GLU I 165 -31.54 -81.81 33.52
N ASN I 166 -30.57 -80.93 33.33
CA ASN I 166 -30.10 -80.09 34.41
C ASN I 166 -30.96 -78.84 34.52
N GLN I 167 -30.97 -78.24 35.70
CA GLN I 167 -31.66 -76.98 35.94
C GLN I 167 -30.66 -75.99 36.53
N SER I 168 -31.02 -74.71 36.48
CA SER I 168 -30.11 -73.67 36.92
C SER I 168 -30.84 -72.64 37.77
N ILE I 169 -30.30 -72.37 38.95
CA ILE I 169 -30.86 -71.38 39.87
C ILE I 169 -29.96 -70.16 39.83
N LEU I 170 -30.53 -69.02 39.50
CA LEU I 170 -29.78 -67.78 39.30
C LEU I 170 -30.15 -66.79 40.39
N ILE I 171 -29.49 -66.89 41.53
CA ILE I 171 -29.73 -65.99 42.65
C ILE I 171 -29.05 -64.66 42.37
N THR I 172 -29.82 -63.58 42.42
CA THR I 172 -29.38 -62.28 41.91
C THR I 172 -29.58 -61.23 42.98
N GLY I 173 -28.48 -60.71 43.51
CA GLY I 173 -28.55 -59.71 44.55
C GLY I 173 -27.15 -59.25 44.91
N GLU I 174 -27.10 -58.31 45.85
CA GLU I 174 -25.83 -57.77 46.30
C GLU I 174 -25.28 -58.59 47.45
N SER I 175 -23.96 -58.73 47.48
CA SER I 175 -23.31 -59.40 48.60
C SER I 175 -23.56 -58.62 49.88
N GLY I 176 -23.97 -59.34 50.93
CA GLY I 176 -24.40 -58.69 52.14
C GLY I 176 -25.87 -58.38 52.21
N ALA I 177 -26.65 -58.73 51.19
CA ALA I 177 -28.09 -58.62 51.22
C ALA I 177 -28.78 -59.95 51.47
N GLY I 178 -28.03 -60.98 51.87
CA GLY I 178 -28.60 -62.26 52.22
C GLY I 178 -28.37 -63.38 51.23
N LYS I 179 -27.51 -63.18 50.23
CA LYS I 179 -27.31 -64.19 49.21
C LYS I 179 -26.72 -65.47 49.78
N THR I 180 -25.69 -65.32 50.62
CA THR I 180 -25.06 -66.48 51.24
C THR I 180 -26.08 -67.35 51.96
N VAL I 181 -26.87 -66.74 52.84
CA VAL I 181 -27.79 -67.52 53.66
C VAL I 181 -28.96 -68.02 52.81
N ASN I 182 -29.31 -67.30 51.75
CA ASN I 182 -30.34 -67.81 50.84
C ASN I 182 -29.87 -69.09 50.18
N THR I 183 -28.65 -69.09 49.64
CA THR I 183 -28.10 -70.32 49.08
C THR I 183 -27.93 -71.40 50.13
N LYS I 184 -27.63 -71.01 51.38
CA LYS I 184 -27.51 -71.99 52.45
C LYS I 184 -28.82 -72.70 52.68
N ARG I 185 -29.92 -71.94 52.77
CA ARG I 185 -31.21 -72.59 52.97
C ARG I 185 -31.63 -73.37 51.74
N VAL I 186 -31.21 -72.95 50.55
CA VAL I 186 -31.43 -73.76 49.35
C VAL I 186 -30.77 -75.12 49.49
N ILE I 187 -29.48 -75.14 49.86
CA ILE I 187 -28.78 -76.41 49.93
C ILE I 187 -29.31 -77.25 51.09
N GLN I 188 -29.78 -76.61 52.16
CA GLN I 188 -30.45 -77.35 53.22
C GLN I 188 -31.70 -78.05 52.69
N TYR I 189 -32.55 -77.31 51.98
CA TYR I 189 -33.75 -77.92 51.44
C TYR I 189 -33.42 -79.06 50.48
N PHE I 190 -32.36 -78.91 49.70
CA PHE I 190 -31.97 -79.96 48.77
C PHE I 190 -31.49 -81.19 49.50
N ALA I 191 -30.71 -81.01 50.56
CA ALA I 191 -30.31 -82.15 51.40
C ALA I 191 -31.53 -82.79 52.04
N VAL I 192 -32.51 -81.99 52.43
CA VAL I 192 -33.71 -82.51 53.09
C VAL I 192 -34.48 -83.41 52.12
N ILE I 193 -34.74 -82.91 50.91
CA ILE I 193 -35.42 -83.71 49.92
C ILE I 193 -34.52 -84.80 49.36
N ALA I 194 -33.23 -84.78 49.70
CA ALA I 194 -32.30 -85.85 49.37
C ALA I 194 -32.23 -86.12 47.87
N LEU I 211 -23.58 -82.29 52.20
CA LEU I 211 -22.21 -81.78 52.14
C LEU I 211 -22.20 -80.26 52.31
N GLU I 212 -23.32 -79.74 52.79
CA GLU I 212 -23.45 -78.29 52.99
C GLU I 212 -22.41 -77.76 53.97
N ASP I 213 -22.15 -78.53 55.04
CA ASP I 213 -21.16 -78.10 56.03
C ASP I 213 -19.81 -77.85 55.37
N GLN I 214 -19.42 -78.72 54.44
CA GLN I 214 -18.17 -78.55 53.72
C GLN I 214 -18.18 -77.31 52.84
N ILE I 215 -19.32 -77.03 52.20
CA ILE I 215 -19.46 -75.82 51.40
C ILE I 215 -19.20 -74.59 52.26
N ILE I 216 -19.91 -74.48 53.38
CA ILE I 216 -19.75 -73.31 54.24
C ILE I 216 -18.34 -73.27 54.84
N GLN I 217 -17.74 -74.44 55.08
CA GLN I 217 -16.42 -74.49 55.68
C GLN I 217 -15.35 -73.99 54.73
N ALA I 218 -15.44 -74.36 53.47
CA ALA I 218 -14.47 -73.89 52.48
C ALA I 218 -14.83 -72.52 51.92
N ASN I 219 -16.01 -72.00 52.23
CA ASN I 219 -16.39 -70.67 51.74
C ASN I 219 -15.45 -69.55 52.12
N PRO I 220 -14.94 -69.44 53.36
CA PRO I 220 -14.05 -68.31 53.67
C PRO I 220 -12.85 -68.18 52.74
N ALA I 221 -12.38 -69.29 52.17
CA ALA I 221 -11.29 -69.22 51.20
C ALA I 221 -11.69 -68.39 49.99
N LEU I 222 -12.83 -68.71 49.39
CA LEU I 222 -13.31 -67.93 48.25
C LEU I 222 -13.63 -66.50 48.66
N GLU I 223 -14.21 -66.33 49.85
CA GLU I 223 -14.50 -64.99 50.34
C GLU I 223 -13.22 -64.15 50.42
N ALA I 224 -12.11 -64.78 50.78
CA ALA I 224 -10.85 -64.07 50.76
C ALA I 224 -10.40 -63.79 49.34
N PHE I 225 -10.25 -64.84 48.53
CA PHE I 225 -9.55 -64.75 47.26
C PHE I 225 -10.39 -64.18 46.13
N GLY I 226 -11.64 -63.81 46.39
CA GLY I 226 -12.46 -63.30 45.32
C GLY I 226 -13.41 -62.19 45.71
N ASN I 227 -13.15 -61.54 46.84
CA ASN I 227 -13.97 -60.44 47.30
C ASN I 227 -13.11 -59.22 47.56
N ALA I 228 -13.65 -58.05 47.24
CA ALA I 228 -12.94 -56.81 47.45
C ALA I 228 -13.95 -55.70 47.73
N LYS I 229 -13.47 -54.65 48.37
CA LYS I 229 -14.33 -53.54 48.76
C LYS I 229 -14.61 -52.65 47.55
N THR I 230 -15.87 -52.57 47.16
CA THR I 230 -16.35 -51.51 46.27
C THR I 230 -17.04 -50.44 47.10
N VAL I 231 -17.65 -49.47 46.42
CA VAL I 231 -18.29 -48.38 47.14
C VAL I 231 -19.66 -48.81 47.66
N ARG I 232 -20.42 -49.52 46.84
CA ARG I 232 -21.76 -49.95 47.26
C ARG I 232 -21.70 -51.08 48.28
N ASN I 233 -20.56 -51.77 48.39
CA ASN I 233 -20.45 -52.89 49.31
C ASN I 233 -19.01 -53.07 49.76
N ASP I 234 -18.82 -53.48 51.01
CA ASP I 234 -17.50 -53.74 51.55
C ASP I 234 -17.08 -55.20 51.45
N ASN I 235 -17.97 -56.09 51.00
CA ASN I 235 -17.62 -57.48 50.79
C ASN I 235 -18.17 -57.95 49.45
N SER I 236 -17.95 -57.15 48.42
CA SER I 236 -18.47 -57.47 47.09
C SER I 236 -17.71 -58.63 46.47
N SER I 237 -18.45 -59.50 45.79
CA SER I 237 -17.85 -60.60 45.06
C SER I 237 -17.50 -60.15 43.66
N ARG I 238 -16.30 -60.52 43.21
CA ARG I 238 -15.83 -60.19 41.88
C ARG I 238 -15.91 -61.35 40.91
N PHE I 239 -15.64 -62.56 41.37
CA PHE I 239 -15.72 -63.73 40.51
C PHE I 239 -17.13 -64.29 40.49
N GLY I 240 -17.44 -65.00 39.41
CA GLY I 240 -18.73 -65.63 39.25
C GLY I 240 -18.84 -67.01 39.87
N LYS I 241 -18.99 -67.09 41.19
CA LYS I 241 -19.16 -68.37 41.85
C LYS I 241 -20.40 -69.10 41.31
N PHE I 242 -20.31 -70.42 41.27
CA PHE I 242 -21.39 -71.22 40.68
C PHE I 242 -21.22 -72.65 41.18
N ILE I 243 -22.16 -73.11 42.01
CA ILE I 243 -22.08 -74.43 42.62
C ILE I 243 -23.00 -75.39 41.87
N ARG I 244 -22.42 -76.47 41.34
CA ARG I 244 -23.18 -77.53 40.70
C ARG I 244 -23.48 -78.61 41.73
N ILE I 245 -24.77 -78.86 41.96
CA ILE I 245 -25.22 -79.91 42.88
C ILE I 245 -25.67 -81.09 42.03
N HIS I 246 -24.81 -82.11 41.94
CA HIS I 246 -25.17 -83.28 41.16
C HIS I 246 -26.15 -84.16 41.92
N PHE I 247 -26.64 -85.18 41.23
CA PHE I 247 -27.51 -86.18 41.83
C PHE I 247 -27.22 -87.52 41.17
N GLY I 248 -27.98 -88.54 41.58
CA GLY I 248 -27.86 -89.86 41.01
C GLY I 248 -28.98 -90.16 40.03
N ALA I 249 -29.11 -91.46 39.73
CA ALA I 249 -30.25 -91.90 38.93
C ALA I 249 -31.53 -91.86 39.74
N THR I 250 -31.44 -92.23 41.01
CA THR I 250 -32.57 -92.19 41.94
C THR I 250 -32.84 -90.81 42.49
N GLY I 251 -32.29 -89.76 41.87
CA GLY I 251 -32.51 -88.41 42.33
C GLY I 251 -32.06 -88.15 43.75
N LYS I 252 -31.12 -88.94 44.25
CA LYS I 252 -30.61 -88.79 45.60
C LYS I 252 -29.26 -88.10 45.59
N LEU I 253 -28.94 -87.42 46.70
CA LEU I 253 -27.75 -86.59 46.79
C LEU I 253 -26.50 -87.40 46.49
N ALA I 254 -25.75 -86.99 45.47
CA ALA I 254 -24.57 -87.72 45.04
C ALA I 254 -23.28 -86.97 45.34
N SER I 255 -23.13 -85.74 44.85
CA SER I 255 -21.93 -84.95 45.07
C SER I 255 -22.20 -83.52 44.60
N ALA I 256 -21.24 -82.65 44.88
CA ALA I 256 -21.35 -81.23 44.54
C ALA I 256 -20.10 -80.78 43.78
N ASP I 257 -20.30 -79.94 42.77
CA ASP I 257 -19.23 -79.40 41.97
C ASP I 257 -19.30 -77.88 41.98
N ILE I 258 -18.17 -77.24 41.70
CA ILE I 258 -18.06 -75.79 41.77
C ILE I 258 -17.13 -75.31 40.64
N GLU I 259 -17.50 -74.19 40.04
CA GLU I 259 -16.69 -73.58 38.99
C GLU I 259 -16.64 -72.08 39.21
N THR I 260 -15.54 -71.47 38.80
CA THR I 260 -15.36 -70.03 38.89
C THR I 260 -15.30 -69.45 37.50
N TYR I 261 -15.93 -68.29 37.32
CA TYR I 261 -16.03 -67.63 36.03
C TYR I 261 -15.74 -66.15 36.21
N LEU I 262 -15.17 -65.56 35.16
CA LEU I 262 -15.15 -64.11 34.98
C LEU I 262 -14.48 -63.38 36.15
N LEU I 263 -13.53 -64.03 36.81
CA LEU I 263 -12.80 -63.37 37.88
C LEU I 263 -12.03 -62.19 37.32
N GLU I 264 -12.29 -60.99 37.84
CA GLU I 264 -11.66 -59.79 37.30
C GLU I 264 -10.20 -59.73 37.71
N LYS I 265 -9.32 -59.57 36.71
CA LYS I 265 -7.88 -59.49 36.97
C LYS I 265 -7.39 -58.07 37.18
N SER I 266 -8.08 -57.08 36.61
CA SER I 266 -7.63 -55.70 36.71
C SER I 266 -7.51 -55.23 38.17
N ARG I 267 -8.26 -55.85 39.08
CA ARG I 267 -8.20 -55.42 40.47
C ARG I 267 -6.83 -55.68 41.07
N VAL I 268 -6.15 -56.75 40.65
CA VAL I 268 -4.89 -57.12 41.25
C VAL I 268 -3.82 -56.05 41.00
N ILE I 269 -4.04 -55.16 40.05
CA ILE I 269 -3.06 -54.14 39.68
C ILE I 269 -3.61 -52.74 39.90
N PHE I 270 -4.71 -52.40 39.25
CA PHE I 270 -5.27 -51.06 39.31
C PHE I 270 -6.51 -51.05 40.20
N GLN I 271 -6.58 -50.08 41.11
CA GLN I 271 -7.73 -49.86 41.96
C GLN I 271 -8.18 -48.41 41.81
N LEU I 272 -9.49 -48.21 41.93
CA LEU I 272 -10.07 -46.88 41.75
C LEU I 272 -9.70 -45.97 42.92
N LYS I 273 -10.23 -44.75 42.88
CA LYS I 273 -9.96 -43.80 43.95
C LYS I 273 -10.66 -44.17 45.24
N ALA I 274 -11.80 -44.86 45.16
CA ALA I 274 -12.65 -45.10 46.33
C ALA I 274 -12.73 -46.56 46.75
N GLU I 275 -11.91 -47.44 46.17
CA GLU I 275 -12.06 -48.87 46.43
C GLU I 275 -10.70 -49.50 46.69
N ARG I 276 -10.73 -50.71 47.25
CA ARG I 276 -9.54 -51.43 47.63
C ARG I 276 -9.28 -52.59 46.68
N ASP I 277 -8.12 -53.22 46.87
CA ASP I 277 -7.79 -54.46 46.20
C ASP I 277 -8.53 -55.60 46.88
N TYR I 278 -8.16 -56.84 46.58
CA TYR I 278 -8.77 -57.98 47.24
C TYR I 278 -8.44 -57.99 48.72
N HIS I 279 -9.25 -58.72 49.49
CA HIS I 279 -9.11 -58.72 50.94
C HIS I 279 -7.80 -59.33 51.40
N ILE I 280 -7.23 -60.26 50.62
CA ILE I 280 -6.16 -61.11 51.12
C ILE I 280 -4.94 -60.28 51.45
N PHE I 281 -4.60 -59.32 50.61
CA PHE I 281 -3.41 -58.53 50.83
C PHE I 281 -3.49 -57.78 52.16
N TYR I 282 -4.68 -57.28 52.48
CA TYR I 282 -4.87 -56.58 53.75
C TYR I 282 -4.84 -57.56 54.93
N GLN I 283 -5.49 -58.71 54.77
CA GLN I 283 -5.48 -59.70 55.84
C GLN I 283 -4.05 -60.14 56.15
N ILE I 284 -3.23 -60.33 55.12
CA ILE I 284 -1.82 -60.61 55.35
C ILE I 284 -1.15 -59.40 55.99
N LEU I 285 -1.54 -58.20 55.57
CA LEU I 285 -1.00 -56.99 56.17
C LEU I 285 -1.42 -56.80 57.62
N SER I 286 -2.37 -57.58 58.11
CA SER I 286 -2.67 -57.62 59.54
C SER I 286 -1.49 -58.25 60.27
N ASN I 287 -0.89 -57.51 61.20
CA ASN I 287 0.33 -57.98 61.85
C ASN I 287 0.08 -59.11 62.84
N LYS I 288 -1.17 -59.58 62.99
CA LYS I 288 -1.44 -60.64 63.97
C LYS I 288 -0.67 -61.91 63.66
N LYS I 289 -0.18 -62.07 62.43
CA LYS I 289 0.77 -63.12 62.08
C LYS I 289 2.11 -62.47 61.75
N PRO I 290 2.93 -62.14 62.76
CA PRO I 290 4.25 -61.56 62.45
C PRO I 290 5.19 -62.53 61.79
N GLU I 291 4.94 -63.83 61.89
CA GLU I 291 5.79 -64.80 61.21
C GLU I 291 5.65 -64.67 59.69
N LEU I 292 4.44 -64.41 59.20
CA LEU I 292 4.27 -64.22 57.77
C LEU I 292 5.04 -62.99 57.29
N LEU I 293 4.95 -61.89 58.04
CA LEU I 293 5.64 -60.68 57.61
C LEU I 293 7.15 -60.85 57.66
N ASP I 294 7.68 -61.45 58.72
CA ASP I 294 9.13 -61.55 58.78
C ASP I 294 9.66 -62.68 57.90
N MET I 295 8.80 -63.57 57.39
CA MET I 295 9.25 -64.53 56.41
C MET I 295 9.02 -64.08 54.98
N LEU I 296 8.20 -63.04 54.77
CA LEU I 296 7.95 -62.50 53.44
C LEU I 296 8.55 -61.13 53.21
N LEU I 297 9.28 -60.59 54.19
CA LEU I 297 9.91 -59.27 54.05
C LEU I 297 8.87 -58.18 53.85
N ILE I 298 7.68 -58.39 54.39
CA ILE I 298 6.58 -57.44 54.24
C ILE I 298 6.64 -56.45 55.38
N THR I 299 6.98 -55.20 55.07
CA THR I 299 6.92 -54.14 56.06
C THR I 299 5.47 -53.81 56.37
N ASN I 300 5.21 -53.41 57.62
CA ASN I 300 3.83 -53.20 58.07
C ASN I 300 3.11 -52.11 57.28
N ASN I 301 3.85 -51.17 56.69
CA ASN I 301 3.24 -49.98 56.11
C ASN I 301 2.57 -50.33 54.79
N PRO I 302 1.24 -50.19 54.68
CA PRO I 302 0.56 -50.53 53.43
C PRO I 302 0.82 -49.56 52.29
N TYR I 303 1.18 -48.30 52.60
CA TYR I 303 1.56 -47.37 51.55
C TYR I 303 2.82 -47.80 50.82
N ASP I 304 3.53 -48.79 51.34
CA ASP I 304 4.83 -49.15 50.79
C ASP I 304 4.69 -49.79 49.42
N TYR I 305 3.59 -50.49 49.18
CA TYR I 305 3.46 -51.36 48.02
C TYR I 305 2.54 -50.75 46.97
N ALA I 306 3.08 -50.54 45.77
CA ALA I 306 2.44 -49.68 44.78
C ALA I 306 1.23 -50.32 44.13
N PHE I 307 1.22 -51.65 43.99
CA PHE I 307 0.06 -52.30 43.40
C PHE I 307 -1.19 -52.07 44.22
N ILE I 308 -1.05 -51.82 45.52
CA ILE I 308 -2.17 -51.74 46.44
C ILE I 308 -2.44 -50.31 46.89
N SER I 309 -1.38 -49.54 47.13
CA SER I 309 -1.52 -48.24 47.77
C SER I 309 -2.39 -47.26 46.98
N GLN I 310 -2.61 -47.50 45.69
CA GLN I 310 -3.45 -46.59 44.92
C GLN I 310 -4.92 -46.71 45.27
N GLY I 311 -5.35 -47.82 45.82
CA GLY I 311 -6.72 -47.96 46.29
C GLY I 311 -6.88 -47.48 47.72
N GLU I 312 -8.09 -47.70 48.25
CA GLU I 312 -8.35 -47.37 49.65
C GLU I 312 -7.50 -48.24 50.55
N THR I 313 -6.67 -47.61 51.36
CA THR I 313 -5.70 -48.34 52.16
C THR I 313 -6.38 -49.27 53.16
N THR I 314 -7.14 -48.69 54.09
CA THR I 314 -7.87 -49.47 55.07
C THR I 314 -9.23 -48.83 55.31
N VAL I 315 -10.23 -49.67 55.54
CA VAL I 315 -11.59 -49.22 55.83
C VAL I 315 -12.16 -50.06 56.95
N ALA I 316 -13.21 -49.53 57.58
CA ALA I 316 -13.90 -50.22 58.66
C ALA I 316 -14.82 -51.28 58.07
N SER I 317 -14.25 -52.17 57.27
CA SER I 317 -15.05 -53.20 56.63
C SER I 317 -15.37 -54.34 57.58
N ILE I 318 -14.32 -55.04 58.04
CA ILE I 318 -14.45 -56.19 58.93
C ILE I 318 -13.22 -56.22 59.81
N ASP I 319 -13.22 -57.14 60.77
CA ASP I 319 -12.02 -57.45 61.54
C ASP I 319 -11.09 -58.31 60.69
N ASP I 320 -10.20 -57.64 59.95
CA ASP I 320 -9.38 -58.31 58.96
C ASP I 320 -8.43 -59.32 59.59
N ALA I 321 -7.91 -59.02 60.78
CA ALA I 321 -7.05 -59.96 61.48
C ALA I 321 -7.81 -61.25 61.80
N GLU I 322 -9.00 -61.11 62.38
CA GLU I 322 -9.82 -62.28 62.65
C GLU I 322 -10.14 -63.02 61.37
N GLU I 323 -10.36 -62.30 60.26
CA GLU I 323 -10.68 -62.99 59.02
C GLU I 323 -9.49 -63.78 58.50
N LEU I 324 -8.28 -63.21 58.63
CA LEU I 324 -7.07 -63.95 58.37
C LEU I 324 -7.03 -65.23 59.18
N MET I 325 -7.39 -65.16 60.47
CA MET I 325 -7.39 -66.36 61.29
C MET I 325 -8.44 -67.36 60.84
N ALA I 326 -9.63 -66.89 60.50
CA ALA I 326 -10.69 -67.79 60.05
C ALA I 326 -10.28 -68.50 58.76
N THR I 327 -9.61 -67.78 57.86
CA THR I 327 -9.13 -68.40 56.63
C THR I 327 -8.04 -69.41 56.92
N ASP I 328 -7.10 -69.08 57.81
CA ASP I 328 -6.06 -70.05 58.14
C ASP I 328 -6.65 -71.30 58.77
N ASN I 329 -7.68 -71.13 59.60
CA ASN I 329 -8.36 -72.28 60.19
C ASN I 329 -9.03 -73.12 59.11
N ALA I 330 -9.78 -72.48 58.21
CA ALA I 330 -10.40 -73.20 57.11
C ALA I 330 -9.36 -73.92 56.26
N PHE I 331 -8.19 -73.32 56.10
CA PHE I 331 -7.11 -73.96 55.34
C PHE I 331 -6.64 -75.21 56.05
N ASP I 332 -6.25 -75.07 57.32
CA ASP I 332 -5.73 -76.22 58.07
C ASP I 332 -6.75 -77.33 58.17
N VAL I 333 -8.05 -77.00 58.17
CA VAL I 333 -9.06 -78.06 58.17
C VAL I 333 -9.45 -78.50 56.77
N LEU I 334 -8.87 -77.89 55.74
CA LEU I 334 -9.06 -78.42 54.40
C LEU I 334 -7.91 -79.36 54.03
N GLY I 335 -8.10 -80.10 52.94
CA GLY I 335 -7.25 -81.24 52.66
C GLY I 335 -5.78 -80.92 52.50
N PHE I 336 -5.43 -79.65 52.32
CA PHE I 336 -4.08 -79.33 51.91
C PHE I 336 -3.20 -78.94 53.10
N THR I 337 -1.91 -79.21 52.93
CA THR I 337 -0.95 -79.19 54.02
C THR I 337 -0.65 -77.76 54.46
N SER I 338 0.23 -77.65 55.45
CA SER I 338 0.66 -76.33 55.93
C SER I 338 1.69 -75.70 55.01
N GLU I 339 2.59 -76.51 54.43
CA GLU I 339 3.53 -76.01 53.43
C GLU I 339 2.79 -75.33 52.28
N GLU I 340 1.62 -75.87 51.92
CA GLU I 340 0.88 -75.34 50.79
C GLU I 340 0.27 -73.98 51.11
N LYS I 341 -0.26 -73.81 52.32
CA LYS I 341 -0.67 -72.48 52.75
C LYS I 341 0.52 -71.54 52.81
N ASN I 342 1.68 -72.04 53.24
CA ASN I 342 2.87 -71.22 53.29
C ASN I 342 3.25 -70.72 51.89
N SER I 343 3.19 -71.62 50.91
CA SER I 343 3.50 -71.25 49.53
C SER I 343 2.47 -70.26 48.99
N MET I 344 1.19 -70.46 49.32
CA MET I 344 0.16 -69.52 48.90
C MET I 344 0.47 -68.11 49.42
N TYR I 345 0.76 -68.01 50.71
CA TYR I 345 1.04 -66.71 51.30
C TYR I 345 2.28 -66.09 50.68
N LYS I 346 3.33 -66.88 50.48
CA LYS I 346 4.55 -66.31 49.93
C LYS I 346 4.35 -65.89 48.48
N LEU I 347 3.56 -66.65 47.71
CA LEU I 347 3.29 -66.27 46.33
C LEU I 347 2.55 -64.94 46.27
N THR I 348 1.56 -64.75 47.16
CA THR I 348 0.86 -63.47 47.21
C THR I 348 1.82 -62.35 47.57
N GLY I 349 2.75 -62.62 48.50
CA GLY I 349 3.76 -61.62 48.81
C GLY I 349 4.68 -61.30 47.64
N ALA I 350 4.95 -62.30 46.79
CA ALA I 350 5.75 -62.05 45.60
C ALA I 350 5.01 -61.16 44.61
N ILE I 351 3.72 -61.46 44.40
CA ILE I 351 2.87 -60.57 43.60
C ILE I 351 2.94 -59.16 44.15
N MET I 352 2.94 -59.03 45.47
CA MET I 352 3.03 -57.70 46.08
C MET I 352 4.39 -57.07 45.81
N HIS I 353 5.46 -57.87 45.81
CA HIS I 353 6.79 -57.35 45.54
C HIS I 353 7.01 -56.98 44.08
N PHE I 354 6.18 -57.47 43.16
CA PHE I 354 6.37 -57.09 41.76
C PHE I 354 6.19 -55.60 41.54
N GLY I 355 5.32 -54.94 42.31
CA GLY I 355 4.93 -53.58 41.98
C GLY I 355 6.02 -52.54 42.13
N ASN I 356 7.00 -52.77 42.99
CA ASN I 356 7.98 -51.74 43.31
C ASN I 356 9.20 -51.77 42.40
N MET I 357 9.22 -52.66 41.41
CA MET I 357 10.33 -52.71 40.46
C MET I 357 10.50 -51.36 39.76
N LYS I 358 11.73 -51.04 39.42
CA LYS I 358 12.06 -49.76 38.79
C LYS I 358 12.91 -50.00 37.56
N PHE I 359 12.52 -49.38 36.45
CA PHE I 359 13.25 -49.53 35.20
C PHE I 359 13.55 -48.16 34.62
N LYS I 360 14.69 -48.06 33.94
CA LYS I 360 15.12 -46.85 33.30
C LYS I 360 15.52 -47.14 31.86
N LEU I 361 15.43 -46.12 31.01
CA LEU I 361 15.95 -46.28 29.66
C LEU I 361 17.48 -46.32 29.71
N LYS I 362 18.07 -46.85 28.66
CA LYS I 362 19.51 -47.03 28.64
C LYS I 362 20.18 -45.70 28.30
N GLN I 363 21.48 -45.78 28.02
CA GLN I 363 22.33 -44.61 27.84
C GLN I 363 21.90 -43.79 26.62
N ARG I 364 22.08 -44.35 25.44
CA ARG I 364 21.76 -43.68 24.19
C ARG I 364 20.96 -44.63 23.30
N GLU I 365 19.98 -45.30 23.90
CA GLU I 365 19.16 -46.27 23.21
C GLU I 365 17.74 -46.21 23.75
N GLU I 366 16.89 -47.10 23.27
CA GLU I 366 15.51 -47.19 23.71
C GLU I 366 15.24 -48.44 24.54
N GLN I 367 16.28 -49.03 25.12
CA GLN I 367 16.13 -50.27 25.86
C GLN I 367 15.95 -50.01 27.34
N ALA I 368 15.14 -50.85 27.99
CA ALA I 368 14.91 -50.76 29.43
C ALA I 368 15.95 -51.57 30.18
N GLU I 369 16.45 -51.01 31.27
CA GLU I 369 17.38 -51.69 32.15
C GLU I 369 17.02 -51.37 33.59
N PRO I 370 17.19 -52.33 34.51
CA PRO I 370 16.81 -52.08 35.89
C PRO I 370 17.89 -51.29 36.62
N ASP I 371 17.45 -50.31 37.41
CA ASP I 371 18.35 -49.58 38.31
C ASP I 371 18.29 -50.13 39.72
N GLY I 372 17.08 -50.34 40.25
CA GLY I 372 16.91 -50.98 41.54
C GLY I 372 16.84 -52.49 41.38
N THR I 373 17.63 -53.19 42.19
CA THR I 373 17.75 -54.62 42.08
C THR I 373 17.35 -55.37 43.34
N GLU I 374 17.10 -54.67 44.44
CA GLU I 374 16.90 -55.32 45.73
C GLU I 374 15.58 -56.06 45.78
N GLU I 375 14.49 -55.39 45.42
CA GLU I 375 13.20 -56.06 45.32
C GLU I 375 13.21 -57.16 44.27
N ALA I 376 14.00 -56.99 43.21
CA ALA I 376 14.17 -58.06 42.24
C ALA I 376 14.79 -59.29 42.89
N ASP I 377 15.88 -59.08 43.63
CA ASP I 377 16.53 -60.19 44.32
C ASP I 377 15.58 -60.87 45.29
N LYS I 378 14.83 -60.10 46.07
CA LYS I 378 14.00 -60.73 47.08
C LYS I 378 12.80 -61.43 46.45
N SER I 379 12.24 -60.85 45.39
CA SER I 379 11.14 -61.51 44.70
C SER I 379 11.60 -62.81 44.04
N ALA I 380 12.84 -62.81 43.51
CA ALA I 380 13.35 -64.06 42.95
C ALA I 380 13.62 -65.09 44.03
N TYR I 381 14.19 -64.67 45.15
CA TYR I 381 14.44 -65.58 46.26
C TYR I 381 13.14 -66.17 46.78
N LEU I 382 12.05 -65.42 46.69
CA LEU I 382 10.76 -65.95 47.08
C LEU I 382 10.24 -66.92 46.01
N MET I 383 10.23 -66.48 44.76
CA MET I 383 9.59 -67.22 43.68
C MET I 383 10.31 -68.51 43.35
N GLY I 384 11.59 -68.62 43.70
CA GLY I 384 12.35 -69.80 43.32
C GLY I 384 13.01 -69.68 41.97
N LEU I 385 13.38 -68.48 41.56
CA LEU I 385 14.14 -68.23 40.35
C LEU I 385 15.41 -67.48 40.70
N ASN I 386 16.23 -67.25 39.68
CA ASN I 386 17.43 -66.43 39.83
C ASN I 386 17.08 -64.97 39.52
N SER I 387 17.68 -64.06 40.27
CA SER I 387 17.34 -62.65 40.11
C SER I 387 17.85 -62.10 38.79
N ALA I 388 19.13 -62.32 38.50
CA ALA I 388 19.68 -61.88 37.23
C ALA I 388 18.92 -62.50 36.07
N ASP I 389 18.54 -63.77 36.21
CA ASP I 389 17.83 -64.46 35.14
C ASP I 389 16.44 -63.88 34.92
N LEU I 390 15.73 -63.54 36.00
CA LEU I 390 14.41 -62.94 35.84
C LEU I 390 14.52 -61.54 35.26
N LEU I 391 15.53 -60.78 35.68
CA LEU I 391 15.71 -59.45 35.10
C LEU I 391 16.04 -59.54 33.63
N LYS I 392 16.84 -60.52 33.24
CA LYS I 392 17.15 -60.70 31.82
C LYS I 392 15.91 -61.14 31.04
N GLY I 393 15.08 -61.99 31.64
CA GLY I 393 13.87 -62.41 30.98
C GLY I 393 12.83 -61.32 30.85
N LEU I 394 12.90 -60.31 31.72
CA LEU I 394 11.99 -59.18 31.56
C LEU I 394 12.52 -58.15 30.58
N CYS I 395 13.82 -57.87 30.61
CA CYS I 395 14.33 -56.84 29.72
C CYS I 395 14.51 -57.35 28.28
N HIS I 396 14.76 -58.64 28.08
CA HIS I 396 15.11 -59.18 26.77
C HIS I 396 14.38 -60.48 26.49
N PRO I 397 13.10 -60.42 26.15
CA PRO I 397 12.39 -61.64 25.78
C PRO I 397 13.01 -62.25 24.54
N ARG I 398 12.89 -63.56 24.41
CA ARG I 398 13.31 -64.27 23.21
C ARG I 398 12.11 -64.91 22.56
N VAL I 399 11.96 -64.69 21.26
CA VAL I 399 10.81 -65.18 20.50
C VAL I 399 11.32 -66.12 19.42
N LYS I 400 10.43 -67.00 18.96
CA LYS I 400 10.78 -68.05 18.01
C LYS I 400 10.42 -67.62 16.59
N VAL I 401 11.43 -67.51 15.73
CA VAL I 401 11.25 -67.20 14.32
C VAL I 401 11.64 -68.43 13.51
N GLY I 402 10.65 -69.21 13.12
CA GLY I 402 10.93 -70.43 12.41
C GLY I 402 11.66 -71.45 13.27
N ASN I 403 12.95 -71.66 12.99
CA ASN I 403 13.75 -72.61 13.73
C ASN I 403 14.81 -71.94 14.60
N GLU I 404 14.72 -70.65 14.81
CA GLU I 404 15.70 -69.91 15.60
C GLU I 404 15.00 -69.06 16.63
N TYR I 405 15.79 -68.55 17.58
CA TYR I 405 15.31 -67.62 18.59
C TYR I 405 16.06 -66.30 18.45
N VAL I 406 15.32 -65.20 18.38
CA VAL I 406 15.92 -63.88 18.33
C VAL I 406 15.35 -63.06 19.49
N THR I 407 16.19 -62.20 20.05
CA THR I 407 15.82 -61.41 21.21
C THR I 407 15.00 -60.19 20.82
N LYS I 408 13.91 -59.97 21.53
CA LYS I 408 13.03 -58.84 21.30
C LYS I 408 13.41 -57.69 22.24
N GLY I 409 13.23 -56.46 21.76
CA GLY I 409 13.54 -55.30 22.56
C GLY I 409 12.31 -54.79 23.31
N GLN I 410 12.56 -54.16 24.47
CA GLN I 410 11.50 -53.62 25.29
C GLN I 410 11.91 -52.26 25.84
N ASN I 411 10.93 -51.39 26.02
CA ASN I 411 11.10 -50.14 26.73
C ASN I 411 10.34 -50.22 28.06
N VAL I 412 10.31 -49.10 28.78
CA VAL I 412 9.77 -49.11 30.14
C VAL I 412 8.28 -49.42 30.14
N GLN I 413 7.53 -48.79 29.25
CA GLN I 413 6.10 -49.06 29.20
C GLN I 413 5.83 -50.52 28.91
N GLN I 414 6.57 -51.11 27.96
CA GLN I 414 6.33 -52.49 27.59
C GLN I 414 6.68 -53.43 28.74
N VAL I 415 7.80 -53.20 29.42
CA VAL I 415 8.17 -54.09 30.50
C VAL I 415 7.20 -53.94 31.67
N ILE I 416 6.65 -52.75 31.88
CA ILE I 416 5.68 -52.56 32.96
C ILE I 416 4.38 -53.28 32.64
N TYR I 417 3.91 -53.18 31.40
CA TYR I 417 2.72 -53.92 31.01
C TYR I 417 2.94 -55.42 31.16
N ALA I 418 4.14 -55.89 30.82
CA ALA I 418 4.43 -57.31 30.96
C ALA I 418 4.42 -57.72 32.42
N THR I 419 4.99 -56.90 33.30
CA THR I 419 4.99 -57.22 34.73
C THR I 419 3.57 -57.31 35.26
N GLY I 420 2.74 -56.33 34.91
CA GLY I 420 1.36 -56.37 35.36
C GLY I 420 0.62 -57.58 34.87
N ALA I 421 0.83 -57.95 33.59
CA ALA I 421 0.14 -59.12 33.06
C ALA I 421 0.64 -60.39 33.72
N LEU I 422 1.93 -60.46 34.04
CA LEU I 422 2.47 -61.62 34.73
C LEU I 422 1.84 -61.77 36.11
N ALA I 423 1.75 -60.66 36.85
CA ALA I 423 1.14 -60.72 38.18
C ALA I 423 -0.32 -61.15 38.10
N LYS I 424 -1.09 -60.52 37.21
CA LYS I 424 -2.49 -60.92 37.06
C LYS I 424 -2.59 -62.40 36.71
N ALA I 425 -1.71 -62.87 35.83
CA ALA I 425 -1.76 -64.26 35.40
C ALA I 425 -1.48 -65.21 36.56
N VAL I 426 -0.41 -64.96 37.32
CA VAL I 426 -0.05 -65.88 38.40
C VAL I 426 -1.12 -65.88 39.47
N TYR I 427 -1.71 -64.71 39.76
CA TYR I 427 -2.78 -64.66 40.75
C TYR I 427 -3.97 -65.49 40.28
N GLU I 428 -4.45 -65.24 39.07
CA GLU I 428 -5.60 -65.97 38.57
C GLU I 428 -5.32 -67.47 38.48
N ARG I 429 -4.08 -67.84 38.16
CA ARG I 429 -3.71 -69.25 38.09
C ARG I 429 -3.79 -69.91 39.45
N MET I 430 -3.17 -69.29 40.46
CA MET I 430 -3.25 -69.79 41.82
C MET I 430 -4.70 -69.90 42.28
N PHE I 431 -5.53 -68.93 41.90
CA PHE I 431 -6.94 -68.96 42.28
C PHE I 431 -7.64 -70.16 41.68
N ASN I 432 -7.50 -70.37 40.37
CA ASN I 432 -8.18 -71.50 39.75
C ASN I 432 -7.71 -72.81 40.33
N TRP I 433 -6.42 -72.93 40.62
CA TRP I 433 -5.92 -74.17 41.18
C TRP I 433 -6.41 -74.38 42.60
N MET I 434 -6.55 -73.30 43.37
CA MET I 434 -7.13 -73.41 44.70
C MET I 434 -8.56 -73.92 44.61
N VAL I 435 -9.32 -73.44 43.63
CA VAL I 435 -10.68 -73.96 43.46
C VAL I 435 -10.66 -75.43 43.09
N THR I 436 -9.69 -75.85 42.27
CA THR I 436 -9.57 -77.27 41.96
C THR I 436 -9.28 -78.09 43.21
N ARG I 437 -8.41 -77.58 44.08
CA ARG I 437 -8.11 -78.27 45.33
C ARG I 437 -9.35 -78.37 46.21
N ILE I 438 -10.11 -77.28 46.29
CA ILE I 438 -11.35 -77.28 47.06
C ILE I 438 -12.29 -78.36 46.53
N ASN I 439 -12.46 -78.42 45.22
CA ASN I 439 -13.37 -79.40 44.65
C ASN I 439 -12.86 -80.81 44.88
N ALA I 440 -11.54 -81.00 44.88
CA ALA I 440 -11.00 -82.32 45.17
C ALA I 440 -11.28 -82.74 46.60
N THR I 441 -11.13 -81.81 47.55
CA THR I 441 -11.52 -82.10 48.92
C THR I 441 -12.99 -82.49 49.01
N LEU I 442 -13.86 -81.71 48.36
CA LEU I 442 -15.29 -81.99 48.41
C LEU I 442 -15.64 -83.30 47.73
N GLU I 443 -14.81 -83.76 46.79
CA GLU I 443 -15.21 -84.81 45.87
C GLU I 443 -15.57 -86.11 46.57
N THR I 444 -16.73 -86.65 46.24
CA THR I 444 -17.18 -87.96 46.70
C THR I 444 -17.30 -88.89 45.50
N LYS I 445 -16.98 -90.17 45.73
CA LYS I 445 -16.92 -91.14 44.66
C LYS I 445 -18.27 -91.62 44.17
N GLN I 446 -19.36 -91.18 44.80
CA GLN I 446 -20.68 -91.59 44.37
C GLN I 446 -20.91 -91.17 42.92
N PRO I 447 -21.57 -92.00 42.11
CA PRO I 447 -21.88 -91.59 40.73
C PRO I 447 -22.69 -90.31 40.71
N ARG I 448 -22.33 -89.42 39.79
CA ARG I 448 -22.94 -88.09 39.69
C ARG I 448 -23.72 -88.00 38.38
N GLN I 449 -25.04 -87.99 38.49
CA GLN I 449 -25.93 -87.79 37.35
C GLN I 449 -26.29 -86.31 37.27
N TYR I 450 -27.36 -86.00 36.52
CA TYR I 450 -27.81 -84.64 36.28
C TYR I 450 -27.73 -83.78 37.54
N PHE I 451 -27.33 -82.53 37.36
CA PHE I 451 -27.12 -81.59 38.45
C PHE I 451 -28.10 -80.43 38.35
N ILE I 452 -28.16 -79.64 39.41
CA ILE I 452 -28.92 -78.40 39.44
C ILE I 452 -27.99 -77.33 40.00
N GLY I 453 -27.52 -76.44 39.13
CA GLY I 453 -26.54 -75.45 39.53
C GLY I 453 -27.15 -74.18 40.08
N VAL I 454 -26.43 -73.55 40.99
CA VAL I 454 -26.79 -72.26 41.55
C VAL I 454 -25.66 -71.28 41.26
N LEU I 455 -26.02 -70.08 40.79
CA LEU I 455 -25.06 -69.14 40.22
C LEU I 455 -25.05 -67.85 41.03
N ASP I 456 -23.86 -67.39 41.37
CA ASP I 456 -23.67 -66.14 42.09
C ASP I 456 -22.79 -65.23 41.23
N ILE I 457 -23.33 -64.09 40.83
CA ILE I 457 -22.69 -63.22 39.85
C ILE I 457 -22.78 -61.78 40.32
N ALA I 458 -21.91 -60.94 39.78
CA ALA I 458 -21.96 -59.51 40.09
C ALA I 458 -23.23 -58.89 39.52
N GLY I 459 -23.55 -57.69 40.00
CA GLY I 459 -24.77 -57.02 39.63
C GLY I 459 -24.55 -55.92 38.60
N PHE I 460 -25.66 -55.44 38.05
CA PHE I 460 -25.61 -54.42 37.02
C PHE I 460 -25.25 -53.08 37.64
N GLU I 461 -24.02 -52.97 38.12
CA GLU I 461 -23.65 -51.83 38.95
C GLU I 461 -23.64 -50.55 38.15
N ILE I 462 -24.20 -49.50 38.72
CA ILE I 462 -24.16 -48.16 38.18
C ILE I 462 -23.51 -47.26 39.21
N PHE I 463 -22.76 -46.27 38.73
CA PHE I 463 -22.10 -45.30 39.58
C PHE I 463 -22.17 -43.95 38.88
N ASP I 464 -21.33 -43.02 39.32
CA ASP I 464 -21.12 -41.77 38.61
C ASP I 464 -19.77 -41.70 37.91
N PHE I 465 -18.90 -42.68 38.12
CA PHE I 465 -17.62 -42.81 37.45
C PHE I 465 -17.42 -44.23 36.95
N ASN I 466 -18.42 -44.74 36.24
CA ASN I 466 -18.30 -46.05 35.59
C ASN I 466 -17.03 -46.11 34.75
N SER I 467 -16.45 -47.29 34.65
CA SER I 467 -15.17 -47.45 33.97
C SER I 467 -15.19 -48.77 33.20
N PHE I 468 -14.00 -49.21 32.79
CA PHE I 468 -13.85 -50.39 31.97
C PHE I 468 -14.42 -51.63 32.67
N GLU I 469 -14.11 -51.78 33.95
CA GLU I 469 -14.57 -52.96 34.68
C GLU I 469 -16.08 -52.97 34.78
N GLN I 470 -16.68 -51.81 35.04
CA GLN I 470 -18.13 -51.74 35.11
C GLN I 470 -18.75 -52.01 33.75
N LEU I 471 -18.07 -51.60 32.68
CA LEU I 471 -18.56 -51.96 31.35
C LEU I 471 -18.54 -53.46 31.14
N CYS I 472 -17.48 -54.13 31.59
CA CYS I 472 -17.41 -55.58 31.46
C CYS I 472 -18.54 -56.24 32.26
N ILE I 473 -18.75 -55.77 33.49
CA ILE I 473 -19.81 -56.32 34.33
C ILE I 473 -21.16 -56.16 33.66
N ASN I 474 -21.44 -54.96 33.16
CA ASN I 474 -22.72 -54.69 32.52
C ASN I 474 -22.89 -55.51 31.25
N PHE I 475 -21.79 -55.76 30.53
CA PHE I 475 -21.87 -56.60 29.35
C PHE I 475 -22.28 -58.02 29.73
N THR I 476 -21.68 -58.54 30.79
CA THR I 476 -22.06 -59.86 31.28
C THR I 476 -23.54 -59.89 31.65
N ASN I 477 -23.99 -58.90 32.42
CA ASN I 477 -25.37 -58.87 32.85
C ASN I 477 -26.31 -58.67 31.68
N GLU I 478 -25.85 -58.01 30.62
CA GLU I 478 -26.63 -57.92 29.39
C GLU I 478 -26.83 -59.30 28.78
N LYS I 479 -25.75 -60.07 28.67
CA LYS I 479 -25.91 -61.43 28.14
C LYS I 479 -26.90 -62.22 28.98
N LEU I 480 -26.79 -62.12 30.31
CA LEU I 480 -27.70 -62.85 31.19
C LEU I 480 -29.15 -62.42 31.00
N GLN I 481 -29.39 -61.11 30.97
CA GLN I 481 -30.76 -60.61 30.86
C GLN I 481 -31.36 -60.98 29.51
N GLN I 482 -30.58 -60.92 28.44
CA GLN I 482 -31.08 -61.35 27.14
C GLN I 482 -31.38 -62.84 27.16
N PHE I 483 -30.56 -63.62 27.85
CA PHE I 483 -30.82 -65.05 27.96
C PHE I 483 -32.15 -65.32 28.67
N PHE I 484 -32.36 -64.67 29.82
CA PHE I 484 -33.63 -64.82 30.52
C PHE I 484 -34.80 -64.36 29.66
N ASN I 485 -34.62 -63.27 28.93
CA ASN I 485 -35.70 -62.73 28.13
C ASN I 485 -36.10 -63.71 27.05
N HIS I 486 -35.12 -64.31 26.37
CA HIS I 486 -35.44 -65.34 25.38
C HIS I 486 -36.09 -66.55 26.04
N HIS I 487 -35.62 -66.93 27.23
CA HIS I 487 -36.22 -68.03 27.97
C HIS I 487 -37.70 -67.78 28.22
N MET I 488 -38.01 -66.60 28.76
CA MET I 488 -39.40 -66.22 29.00
C MET I 488 -40.20 -66.14 27.71
N PHE I 489 -39.55 -65.75 26.61
CA PHE I 489 -40.24 -65.76 25.32
C PHE I 489 -40.69 -67.17 24.97
N VAL I 490 -39.78 -68.13 25.07
CA VAL I 490 -40.15 -69.50 24.73
C VAL I 490 -41.19 -70.03 25.71
N LEU I 491 -41.12 -69.60 26.97
CA LEU I 491 -42.13 -70.01 27.95
C LEU I 491 -43.50 -69.46 27.60
N GLU I 492 -43.57 -68.21 27.14
CA GLU I 492 -44.86 -67.65 26.74
C GLU I 492 -45.39 -68.31 25.48
N GLN I 493 -44.48 -68.66 24.56
CA GLN I 493 -44.90 -69.45 23.40
C GLN I 493 -45.43 -70.82 23.83
N GLU I 494 -44.85 -71.38 24.90
CA GLU I 494 -45.37 -72.64 25.43
C GLU I 494 -46.77 -72.46 26.01
N GLU I 495 -46.97 -71.40 26.80
CA GLU I 495 -48.30 -71.11 27.30
C GLU I 495 -49.31 -70.96 26.16
N TYR I 496 -48.91 -70.26 25.10
CA TYR I 496 -49.82 -70.02 23.98
C TYR I 496 -50.12 -71.30 23.20
N LYS I 497 -49.10 -72.12 22.96
CA LYS I 497 -49.33 -73.37 22.24
C LYS I 497 -50.12 -74.36 23.08
N LYS I 498 -50.07 -74.23 24.41
CA LYS I 498 -50.99 -75.00 25.26
C LYS I 498 -52.41 -74.49 25.12
N GLU I 499 -52.60 -73.18 25.26
CA GLU I 499 -53.93 -72.59 25.22
C GLU I 499 -54.53 -72.63 23.82
N GLY I 500 -53.76 -73.03 22.82
CA GLY I 500 -54.30 -73.06 21.47
C GLY I 500 -54.54 -71.70 20.87
N ILE I 501 -53.91 -70.66 21.43
CA ILE I 501 -54.09 -69.28 20.97
C ILE I 501 -52.69 -68.74 20.70
N GLU I 502 -52.34 -68.61 19.41
CA GLU I 502 -50.97 -68.35 19.00
C GLU I 502 -50.91 -67.09 18.14
N TRP I 503 -50.29 -66.04 18.68
CA TRP I 503 -50.18 -64.75 18.01
C TRP I 503 -48.86 -64.09 18.43
N THR I 504 -48.53 -62.99 17.75
CA THR I 504 -47.37 -62.15 18.10
C THR I 504 -46.08 -62.96 18.11
N PHE I 505 -45.70 -63.44 16.93
CA PHE I 505 -44.60 -64.39 16.78
C PHE I 505 -43.22 -63.73 16.76
N ILE I 506 -43.09 -62.49 17.26
CA ILE I 506 -41.79 -61.86 17.38
C ILE I 506 -41.14 -62.28 18.69
N ASP I 507 -39.84 -62.54 18.67
CA ASP I 507 -39.12 -62.90 19.87
C ASP I 507 -38.82 -61.66 20.71
N PHE I 508 -38.44 -61.90 21.96
CA PHE I 508 -38.20 -60.84 22.93
C PHE I 508 -36.72 -60.65 23.23
N GLY I 509 -35.82 -61.23 22.43
CA GLY I 509 -34.41 -61.14 22.73
C GLY I 509 -33.65 -60.11 21.91
N MET I 510 -34.02 -59.99 20.62
CA MET I 510 -33.26 -59.14 19.73
C MET I 510 -33.29 -57.68 20.15
N ASP I 511 -34.41 -57.24 20.74
CA ASP I 511 -34.51 -55.86 21.21
C ASP I 511 -33.43 -55.52 22.20
N LEU I 512 -32.88 -56.53 22.88
CA LEU I 512 -31.72 -56.34 23.74
C LEU I 512 -30.42 -56.69 23.07
N GLN I 513 -30.41 -57.68 22.17
CA GLN I 513 -29.20 -58.02 21.43
C GLN I 513 -28.65 -56.83 20.68
N ALA I 514 -29.53 -55.94 20.21
CA ALA I 514 -29.06 -54.75 19.51
C ALA I 514 -28.06 -53.96 20.36
N CYS I 515 -28.19 -54.00 21.68
CA CYS I 515 -27.20 -53.36 22.53
C CYS I 515 -25.95 -54.20 22.70
N ILE I 516 -26.07 -55.53 22.63
CA ILE I 516 -24.89 -56.37 22.71
C ILE I 516 -23.99 -56.13 21.51
N ASP I 517 -24.58 -56.01 20.32
CA ASP I 517 -23.82 -55.80 19.10
C ASP I 517 -22.95 -54.56 19.14
N LEU I 518 -23.11 -53.71 20.15
CA LEU I 518 -22.31 -52.51 20.32
C LEU I 518 -21.11 -52.73 21.22
N ILE I 519 -20.91 -53.96 21.70
CA ILE I 519 -19.77 -54.29 22.54
C ILE I 519 -18.91 -55.36 21.91
N GLU I 520 -19.51 -56.47 21.52
CA GLU I 520 -18.74 -57.62 21.06
C GLU I 520 -18.46 -57.59 19.56
N LYS I 521 -19.39 -57.09 18.76
CA LYS I 521 -19.27 -57.23 17.32
C LYS I 521 -18.08 -56.46 16.79
N PRO I 522 -17.54 -56.88 15.64
CA PRO I 522 -16.42 -56.13 15.04
C PRO I 522 -16.83 -54.69 14.76
N MET I 523 -15.89 -53.78 14.98
CA MET I 523 -16.10 -52.34 15.01
C MET I 523 -16.95 -51.89 16.19
N GLY I 524 -17.30 -52.80 17.09
CA GLY I 524 -17.90 -52.44 18.36
C GLY I 524 -16.86 -51.89 19.32
N ILE I 525 -17.31 -51.59 20.53
CA ILE I 525 -16.45 -50.88 21.47
C ILE I 525 -15.24 -51.72 21.84
N MET I 526 -15.45 -53.01 22.10
CA MET I 526 -14.33 -53.86 22.48
C MET I 526 -13.34 -54.03 21.33
N SER I 527 -13.83 -54.19 20.11
CA SER I 527 -12.93 -54.34 18.98
C SER I 527 -12.14 -53.06 18.73
N ILE I 528 -12.80 -51.91 18.86
CA ILE I 528 -12.09 -50.65 18.70
C ILE I 528 -11.04 -50.49 19.79
N LEU I 529 -11.35 -50.93 21.01
CA LEU I 529 -10.38 -50.82 22.08
C LEU I 529 -9.18 -51.71 21.84
N GLU I 530 -9.41 -52.95 21.37
CA GLU I 530 -8.31 -53.85 21.05
C GLU I 530 -7.44 -53.26 19.94
N GLU I 531 -8.08 -52.80 18.86
CA GLU I 531 -7.32 -52.18 17.79
C GLU I 531 -6.52 -50.98 18.29
N GLU I 532 -7.10 -50.20 19.20
CA GLU I 532 -6.41 -49.01 19.65
C GLU I 532 -5.22 -49.35 20.54
N CYS I 533 -5.34 -50.38 21.36
CA CYS I 533 -4.16 -50.74 22.14
C CYS I 533 -3.16 -51.53 21.31
N MET I 534 -3.52 -51.90 20.08
CA MET I 534 -2.54 -52.45 19.14
C MET I 534 -1.83 -51.38 18.31
N PHE I 535 -2.51 -50.29 17.99
CA PHE I 535 -1.96 -49.24 17.15
C PHE I 535 -0.74 -48.57 17.81
N PRO I 536 0.16 -47.99 17.01
CA PRO I 536 1.40 -47.43 17.57
C PRO I 536 1.27 -46.36 18.66
N LYS I 537 0.69 -45.21 18.36
CA LYS I 537 0.74 -44.08 19.30
C LYS I 537 -0.64 -43.69 19.76
N ALA I 538 -1.49 -44.67 20.07
CA ALA I 538 -2.88 -44.37 20.39
C ALA I 538 -2.99 -43.70 21.75
N THR I 539 -4.01 -42.86 21.88
CA THR I 539 -4.27 -42.12 23.11
C THR I 539 -5.77 -42.17 23.37
N ASP I 540 -6.17 -41.74 24.56
CA ASP I 540 -7.58 -41.79 24.94
C ASP I 540 -8.42 -40.88 24.06
N MET I 541 -7.89 -39.71 23.69
CA MET I 541 -8.66 -38.83 22.81
C MET I 541 -8.87 -39.46 21.46
N THR I 542 -7.86 -40.16 20.94
CA THR I 542 -8.01 -40.86 19.66
C THR I 542 -9.01 -42.00 19.77
N PHE I 543 -8.97 -42.73 20.89
CA PHE I 543 -9.96 -43.76 21.15
C PHE I 543 -11.37 -43.18 21.11
N LYS I 544 -11.58 -42.06 21.82
CA LYS I 544 -12.89 -41.42 21.81
C LYS I 544 -13.29 -40.99 20.41
N ALA I 545 -12.35 -40.40 19.67
CA ALA I 545 -12.64 -39.95 18.32
C ALA I 545 -13.06 -41.11 17.42
N LYS I 546 -12.40 -42.25 17.57
CA LYS I 546 -12.76 -43.41 16.75
C LYS I 546 -14.11 -43.96 17.13
N LEU I 547 -14.40 -44.04 18.43
CA LEU I 547 -15.72 -44.45 18.88
C LEU I 547 -16.79 -43.57 18.24
N PHE I 548 -16.62 -42.26 18.31
CA PHE I 548 -17.63 -41.35 17.77
C PHE I 548 -17.72 -41.47 16.26
N ASP I 549 -16.58 -41.40 15.56
CA ASP I 549 -16.58 -41.48 14.11
C ASP I 549 -17.24 -42.75 13.62
N ASN I 550 -17.17 -43.83 14.39
CA ASN I 550 -17.64 -45.11 13.89
C ASN I 550 -19.00 -45.50 14.44
N HIS I 551 -19.53 -44.79 15.43
CA HIS I 551 -20.84 -45.17 15.95
C HIS I 551 -21.87 -44.06 16.02
N LEU I 552 -21.41 -42.82 16.24
CA LEU I 552 -22.33 -41.72 16.55
C LEU I 552 -23.37 -41.53 15.46
N GLY I 553 -24.64 -41.70 15.82
CA GLY I 553 -25.72 -41.50 14.88
C GLY I 553 -25.95 -42.70 13.99
N LYS I 554 -24.87 -43.30 13.50
CA LYS I 554 -24.97 -44.49 12.68
C LYS I 554 -25.49 -45.69 13.47
N SER I 555 -25.40 -45.64 14.79
CA SER I 555 -25.92 -46.67 15.67
C SER I 555 -27.26 -46.21 16.23
N ALA I 556 -27.84 -47.04 17.09
CA ALA I 556 -29.11 -46.71 17.72
C ALA I 556 -29.02 -46.42 19.20
N ASN I 557 -28.16 -47.12 19.93
CA ASN I 557 -28.04 -46.96 21.38
C ASN I 557 -26.87 -46.10 21.79
N PHE I 558 -25.80 -46.06 21.01
CA PHE I 558 -24.67 -45.20 21.33
C PHE I 558 -25.06 -43.75 21.15
N GLN I 559 -24.70 -42.91 22.10
CA GLN I 559 -25.10 -41.51 22.03
C GLN I 559 -24.23 -40.68 22.98
N LYS I 560 -24.40 -39.36 22.89
CA LYS I 560 -23.60 -38.42 23.64
C LYS I 560 -23.69 -38.68 25.13
N PRO I 561 -22.76 -38.16 25.91
CA PRO I 561 -22.88 -38.19 27.37
C PRO I 561 -23.85 -37.11 27.85
N ARG I 562 -24.05 -37.07 29.15
CA ARG I 562 -24.86 -36.04 29.78
C ARG I 562 -24.14 -35.54 31.02
N ASN I 563 -24.19 -34.22 31.23
CA ASN I 563 -23.57 -33.58 32.38
C ASN I 563 -24.69 -33.07 33.27
N ILE I 564 -24.90 -33.73 34.40
CA ILE I 564 -25.99 -33.40 35.32
C ILE I 564 -25.40 -33.12 36.69
N LYS I 565 -25.96 -32.11 37.38
CA LYS I 565 -25.60 -31.75 38.75
C LYS I 565 -24.09 -31.67 38.96
N GLY I 566 -23.35 -31.33 37.90
CA GLY I 566 -21.90 -31.23 38.01
C GLY I 566 -21.23 -32.55 38.30
N LYS I 567 -21.66 -33.63 37.64
CA LYS I 567 -21.02 -34.92 37.78
C LYS I 567 -19.54 -34.81 37.38
N PRO I 568 -18.71 -35.77 37.79
CA PRO I 568 -17.28 -35.67 37.50
C PRO I 568 -16.94 -35.52 36.02
N GLU I 569 -17.33 -36.49 35.21
CA GLU I 569 -16.98 -36.50 33.79
C GLU I 569 -17.65 -37.70 33.13
N ALA I 570 -17.90 -37.57 31.84
CA ALA I 570 -18.38 -38.68 31.03
C ALA I 570 -18.03 -38.41 29.58
N HIS I 571 -17.53 -39.44 28.90
CA HIS I 571 -17.09 -39.29 27.52
C HIS I 571 -18.09 -39.84 26.51
N PHE I 572 -18.85 -40.87 26.86
CA PHE I 572 -19.93 -41.30 26.01
C PHE I 572 -20.94 -42.03 26.88
N SER I 573 -22.12 -42.29 26.32
CA SER I 573 -23.17 -42.96 27.04
C SER I 573 -23.78 -44.05 26.19
N LEU I 574 -23.88 -45.24 26.77
CA LEU I 574 -24.67 -46.32 26.22
C LEU I 574 -26.00 -46.40 26.97
N ILE I 575 -26.98 -47.04 26.35
CA ILE I 575 -28.21 -47.38 27.03
C ILE I 575 -28.28 -48.89 27.15
N HIS I 576 -28.65 -49.36 28.33
CA HIS I 576 -28.84 -50.77 28.59
C HIS I 576 -30.29 -51.01 28.97
N TYR I 577 -30.59 -52.25 29.38
CA TYR I 577 -31.92 -52.50 29.94
C TYR I 577 -32.10 -51.77 31.26
N ALA I 578 -31.02 -51.59 32.02
CA ALA I 578 -31.10 -50.98 33.34
C ALA I 578 -30.92 -49.47 33.32
N GLY I 579 -31.03 -48.84 32.17
CA GLY I 579 -30.99 -47.40 32.05
C GLY I 579 -29.82 -46.92 31.23
N ILE I 580 -29.76 -45.59 31.08
CA ILE I 580 -28.66 -44.94 30.39
C ILE I 580 -27.47 -44.88 31.32
N VAL I 581 -26.32 -45.39 30.86
CA VAL I 581 -25.10 -45.40 31.64
C VAL I 581 -24.05 -44.57 30.91
N ASP I 582 -23.41 -43.67 31.64
CA ASP I 582 -22.33 -42.86 31.08
C ASP I 582 -21.00 -43.44 31.54
N TYR I 583 -20.13 -43.72 30.57
CA TYR I 583 -18.85 -44.36 30.83
C TYR I 583 -17.72 -43.38 30.60
N ASN I 584 -16.61 -43.62 31.29
CA ASN I 584 -15.43 -42.79 31.18
C ASN I 584 -14.31 -43.53 30.46
N ILE I 585 -13.57 -42.81 29.63
CA ILE I 585 -12.57 -43.45 28.78
C ILE I 585 -11.23 -43.56 29.49
N ILE I 586 -10.85 -42.54 30.26
CA ILE I 586 -9.49 -42.37 30.74
C ILE I 586 -8.94 -43.64 31.39
N GLY I 587 -7.85 -44.18 30.82
CA GLY I 587 -7.16 -45.33 31.39
C GLY I 587 -7.44 -46.66 30.71
N TRP I 588 -8.40 -46.72 29.79
CA TRP I 588 -8.81 -48.01 29.24
C TRP I 588 -7.69 -48.65 28.43
N LEU I 589 -7.03 -47.89 27.56
CA LEU I 589 -5.92 -48.43 26.79
C LEU I 589 -4.87 -49.04 27.69
N GLN I 590 -4.42 -48.29 28.69
CA GLN I 590 -3.37 -48.79 29.57
C GLN I 590 -3.82 -49.98 30.38
N LYS I 591 -5.10 -50.05 30.73
CA LYS I 591 -5.53 -51.14 31.61
C LYS I 591 -5.98 -52.37 30.85
N ASN I 592 -6.19 -52.29 29.54
CA ASN I 592 -6.65 -53.45 28.80
C ASN I 592 -5.51 -54.33 28.30
N LYS I 593 -4.28 -53.82 28.30
CA LYS I 593 -3.15 -54.59 27.77
C LYS I 593 -2.83 -55.77 28.66
N ASP I 594 -2.60 -56.93 28.04
CA ASP I 594 -2.26 -58.15 28.77
C ASP I 594 -1.16 -58.91 28.04
N PRO I 595 0.01 -58.29 27.84
CA PRO I 595 1.11 -58.98 27.17
C PRO I 595 1.84 -59.92 28.13
N LEU I 596 1.62 -61.21 27.97
CA LEU I 596 2.28 -62.20 28.81
C LEU I 596 3.67 -62.51 28.28
N ASN I 597 4.63 -62.61 29.19
CA ASN I 597 6.05 -62.77 28.83
C ASN I 597 6.41 -64.25 28.85
N GLU I 598 6.68 -64.79 27.67
CA GLU I 598 6.84 -66.23 27.51
C GLU I 598 8.12 -66.74 28.15
N THR I 599 9.19 -65.95 28.10
CA THR I 599 10.43 -66.40 28.72
C THR I 599 10.28 -66.52 30.23
N VAL I 600 9.65 -65.52 30.85
CA VAL I 600 9.44 -65.60 32.29
C VAL I 600 8.44 -66.69 32.63
N VAL I 601 7.48 -66.97 31.75
CA VAL I 601 6.59 -68.09 32.00
C VAL I 601 7.37 -69.40 31.98
N GLY I 602 8.33 -69.53 31.07
CA GLY I 602 9.19 -70.71 31.08
C GLY I 602 10.01 -70.79 32.35
N LEU I 603 10.53 -69.64 32.81
CA LEU I 603 11.21 -69.60 34.10
C LEU I 603 10.31 -70.13 35.21
N TYR I 604 9.04 -69.74 35.22
CA TYR I 604 8.13 -70.26 36.22
C TYR I 604 7.95 -71.76 36.08
N GLN I 605 7.84 -72.25 34.85
CA GLN I 605 7.76 -73.69 34.63
C GLN I 605 8.98 -74.40 35.20
N LYS I 606 10.12 -73.72 35.24
CA LYS I 606 11.36 -74.29 35.77
C LYS I 606 11.64 -73.86 37.19
N SER I 607 10.61 -73.56 37.98
CA SER I 607 10.81 -73.08 39.34
C SER I 607 11.16 -74.23 40.28
N SER I 608 11.40 -73.87 41.54
CA SER I 608 11.66 -74.83 42.60
C SER I 608 10.55 -74.81 43.65
N LEU I 609 9.31 -74.63 43.22
CA LEU I 609 8.18 -74.42 44.11
C LEU I 609 6.95 -75.18 43.62
N LYS I 610 5.78 -74.83 44.17
CA LYS I 610 4.52 -75.24 43.58
C LYS I 610 4.16 -74.42 42.36
N LEU I 611 4.82 -73.27 42.17
CA LEU I 611 4.54 -72.38 41.04
C LEU I 611 4.60 -73.12 39.71
N LEU I 612 5.48 -74.11 39.59
CA LEU I 612 5.62 -74.85 38.36
C LEU I 612 4.36 -75.65 38.03
N SER I 613 3.51 -75.91 39.00
CA SER I 613 2.24 -76.54 38.69
C SER I 613 1.24 -75.53 38.15
N THR I 614 1.15 -74.35 38.78
CA THR I 614 0.22 -73.34 38.31
C THR I 614 0.55 -72.90 36.89
N LEU I 615 1.83 -72.71 36.60
CA LEU I 615 2.27 -72.31 35.27
C LEU I 615 2.73 -73.50 34.46
N PHE I 616 2.05 -74.65 34.61
CA PHE I 616 2.52 -75.91 34.04
C PHE I 616 2.91 -75.77 32.58
N ALA I 617 2.06 -75.16 31.78
CA ALA I 617 2.35 -74.89 30.37
C ALA I 617 1.39 -73.82 29.91
N ASN I 618 1.89 -72.63 29.63
CA ASN I 618 1.04 -71.59 29.11
C ASN I 618 1.83 -70.64 28.23
N TYR I 619 1.12 -69.96 27.36
CA TYR I 619 1.71 -69.05 26.39
C TYR I 619 1.34 -67.62 26.69
N GLY I 629 0.60 -73.44 11.74
CA GLY I 629 0.79 -74.85 11.43
C GLY I 629 -0.51 -75.62 11.47
N LYS I 630 -0.86 -76.24 10.35
CA LYS I 630 -2.09 -77.02 10.19
C LYS I 630 -3.34 -76.19 10.46
N GLY I 631 -3.19 -74.88 10.64
CA GLY I 631 -4.28 -74.03 11.02
C GLY I 631 -4.20 -73.73 12.50
N LYS I 632 -3.64 -72.58 12.84
CA LYS I 632 -3.39 -72.25 14.23
C LYS I 632 -3.99 -70.89 14.56
N ALA I 633 -4.83 -70.88 15.59
CA ALA I 633 -5.41 -69.66 16.12
C ALA I 633 -4.56 -69.07 17.24
N LYS I 634 -3.26 -69.38 17.26
CA LYS I 634 -2.39 -68.92 18.34
C LYS I 634 -2.22 -67.42 18.22
N LYS I 635 -3.01 -66.66 18.96
CA LYS I 635 -2.75 -65.22 19.04
C LYS I 635 -1.45 -65.00 19.81
N GLY I 636 -0.70 -64.00 19.39
CA GLY I 636 0.59 -63.77 19.98
C GLY I 636 0.51 -63.45 21.45
N SER I 637 1.67 -63.30 22.06
CA SER I 637 1.71 -62.89 23.44
C SER I 637 1.35 -61.41 23.58
N SER I 638 1.69 -60.61 22.58
CA SER I 638 1.40 -59.18 22.64
C SER I 638 -0.03 -58.86 22.24
N PHE I 639 -0.65 -59.67 21.39
CA PHE I 639 -2.01 -59.42 20.94
C PHE I 639 -3.03 -60.01 21.91
N GLN I 640 -2.86 -59.66 23.18
CA GLN I 640 -3.71 -60.18 24.24
C GLN I 640 -4.40 -59.01 24.92
N THR I 641 -5.71 -59.15 25.12
CA THR I 641 -6.48 -58.08 25.76
C THR I 641 -7.48 -58.67 26.75
N VAL I 642 -7.55 -58.02 27.90
CA VAL I 642 -8.49 -58.41 28.95
C VAL I 642 -9.90 -58.53 28.39
N SER I 643 -10.27 -57.61 27.49
CA SER I 643 -11.59 -57.64 26.91
C SER I 643 -11.80 -58.89 26.08
N ALA I 644 -10.77 -59.33 25.36
CA ALA I 644 -10.92 -60.51 24.51
C ALA I 644 -11.01 -61.78 25.36
N LEU I 645 -10.14 -61.91 26.36
CA LEU I 645 -10.24 -63.04 27.27
C LEU I 645 -11.60 -63.07 27.95
N HIS I 646 -12.12 -61.90 28.31
CA HIS I 646 -13.42 -61.82 28.95
C HIS I 646 -14.53 -62.24 28.01
N ARG I 647 -14.46 -61.83 26.75
CA ARG I 647 -15.48 -62.25 25.79
C ARG I 647 -15.46 -63.77 25.61
N GLU I 648 -14.27 -64.36 25.57
CA GLU I 648 -14.18 -65.81 25.45
C GLU I 648 -14.80 -66.50 26.66
N ASN I 649 -14.45 -66.04 27.87
CA ASN I 649 -15.00 -66.65 29.07
C ASN I 649 -16.51 -66.51 29.13
N LEU I 650 -17.03 -65.35 28.76
CA LEU I 650 -18.48 -65.16 28.74
C LEU I 650 -19.13 -66.09 27.73
N ASN I 651 -18.49 -66.30 26.59
CA ASN I 651 -19.02 -67.23 25.61
C ASN I 651 -19.15 -68.62 26.22
N LYS I 652 -18.10 -69.08 26.88
CA LYS I 652 -18.16 -70.45 27.41
C LYS I 652 -19.10 -70.57 28.60
N LEU I 653 -19.26 -69.52 29.40
CA LEU I 653 -20.26 -69.55 30.45
C LEU I 653 -21.67 -69.63 29.88
N MET I 654 -21.94 -68.88 28.82
CA MET I 654 -23.23 -69.00 28.15
C MET I 654 -23.41 -70.41 27.60
N THR I 655 -22.36 -71.00 27.04
CA THR I 655 -22.50 -72.37 26.55
C THR I 655 -22.75 -73.36 27.66
N ASN I 656 -22.28 -73.09 28.87
CA ASN I 656 -22.60 -74.00 29.98
C ASN I 656 -24.03 -73.80 30.49
N LEU I 657 -24.52 -72.55 30.49
CA LEU I 657 -25.86 -72.32 31.00
C LEU I 657 -26.95 -72.69 30.01
N ARG I 658 -26.74 -72.46 28.71
CA ARG I 658 -27.80 -72.61 27.73
C ARG I 658 -28.23 -74.06 27.52
N SER I 659 -27.57 -75.01 28.17
CA SER I 659 -27.97 -76.41 28.10
C SER I 659 -28.86 -76.83 29.25
N THR I 660 -29.16 -75.92 30.19
CA THR I 660 -29.95 -76.25 31.36
C THR I 660 -31.18 -75.34 31.44
N HIS I 661 -32.29 -75.91 31.87
CA HIS I 661 -33.52 -75.14 32.04
C HIS I 661 -33.36 -74.23 33.26
N PRO I 662 -33.45 -72.91 33.10
CA PRO I 662 -33.03 -72.00 34.17
C PRO I 662 -34.16 -71.57 35.09
N HIS I 663 -33.76 -71.12 36.28
CA HIS I 663 -34.67 -70.52 37.23
C HIS I 663 -33.98 -69.36 37.91
N PHE I 664 -34.77 -68.36 38.29
CA PHE I 664 -34.23 -67.05 38.66
C PHE I 664 -34.73 -66.62 40.03
N VAL I 665 -33.83 -66.09 40.84
CA VAL I 665 -34.11 -65.66 42.21
C VAL I 665 -33.61 -64.23 42.35
N ARG I 666 -34.48 -63.34 42.83
CA ARG I 666 -34.16 -61.92 42.94
C ARG I 666 -34.17 -61.51 44.40
N CYS I 667 -33.05 -60.98 44.88
CA CYS I 667 -32.90 -60.56 46.26
C CYS I 667 -32.79 -59.04 46.32
N ILE I 668 -33.63 -58.42 47.16
CA ILE I 668 -33.67 -56.97 47.31
C ILE I 668 -33.40 -56.62 48.77
N ILE I 669 -32.54 -55.63 48.98
CA ILE I 669 -32.39 -55.05 50.32
C ILE I 669 -33.53 -54.04 50.53
N PRO I 670 -34.22 -54.06 51.67
CA PRO I 670 -35.33 -53.12 51.86
C PRO I 670 -34.85 -51.73 52.22
N ASN I 671 -33.77 -51.66 52.99
CA ASN I 671 -33.21 -50.38 53.40
C ASN I 671 -31.74 -50.57 53.73
N GLU I 672 -30.97 -49.49 53.60
CA GLU I 672 -29.55 -49.56 53.89
C GLU I 672 -29.30 -49.74 55.38
N THR I 673 -30.20 -49.24 56.22
CA THR I 673 -30.06 -49.42 57.66
C THR I 673 -30.54 -50.81 58.04
N LYS I 674 -29.96 -51.35 59.11
CA LYS I 674 -30.36 -52.67 59.56
C LYS I 674 -31.72 -52.66 60.24
N SER I 675 -32.32 -51.49 60.42
CA SER I 675 -33.67 -51.39 60.97
C SER I 675 -34.68 -51.92 59.97
N PRO I 676 -35.48 -52.94 60.32
CA PRO I 676 -36.49 -53.45 59.39
C PRO I 676 -37.67 -52.50 59.24
N GLY I 677 -38.66 -52.93 58.45
CA GLY I 677 -39.89 -52.19 58.29
C GLY I 677 -39.75 -50.95 57.42
N VAL I 678 -38.97 -49.98 57.88
CA VAL I 678 -38.74 -48.77 57.11
C VAL I 678 -37.80 -49.09 55.96
N MET I 679 -38.11 -48.54 54.78
CA MET I 679 -37.40 -48.88 53.56
C MET I 679 -36.80 -47.62 52.95
N ASP I 680 -36.34 -47.75 51.71
CA ASP I 680 -35.85 -46.61 50.95
C ASP I 680 -36.31 -46.81 49.50
N ASN I 681 -37.32 -46.04 49.09
CA ASN I 681 -37.84 -46.13 47.74
C ASN I 681 -36.78 -45.96 46.65
N PRO I 682 -35.82 -45.04 46.75
CA PRO I 682 -34.78 -44.99 45.70
C PRO I 682 -33.99 -46.28 45.60
N LEU I 683 -33.65 -46.89 46.74
CA LEU I 683 -32.91 -48.14 46.69
C LEU I 683 -33.76 -49.25 46.10
N VAL I 684 -35.06 -49.24 46.40
CA VAL I 684 -35.94 -50.26 45.80
C VAL I 684 -35.99 -50.09 44.29
N MET I 685 -36.17 -48.85 43.81
CA MET I 685 -36.19 -48.63 42.36
C MET I 685 -34.89 -49.04 41.72
N HIS I 686 -33.78 -48.71 42.38
CA HIS I 686 -32.47 -49.05 41.84
C HIS I 686 -32.34 -50.56 41.68
N GLN I 687 -32.73 -51.32 42.71
CA GLN I 687 -32.66 -52.77 42.61
C GLN I 687 -33.57 -53.29 41.51
N LEU I 688 -34.77 -52.73 41.41
CA LEU I 688 -35.72 -53.22 40.40
C LEU I 688 -35.18 -53.00 38.99
N ARG I 689 -34.69 -51.80 38.71
CA ARG I 689 -34.14 -51.50 37.39
C ARG I 689 -32.92 -52.35 37.10
N CYS I 690 -31.92 -52.31 37.98
CA CYS I 690 -30.69 -53.05 37.75
C CYS I 690 -30.90 -54.55 37.75
N ASN I 691 -32.02 -55.02 38.26
CA ASN I 691 -32.29 -56.45 38.32
C ASN I 691 -33.06 -56.95 37.11
N GLY I 692 -33.94 -56.13 36.56
CA GLY I 692 -34.67 -56.53 35.38
C GLY I 692 -36.04 -57.11 35.65
N VAL I 693 -36.53 -57.03 36.88
CA VAL I 693 -37.94 -57.33 37.13
C VAL I 693 -38.83 -56.39 36.34
N LEU I 694 -38.43 -55.12 36.27
CA LEU I 694 -39.17 -54.16 35.47
C LEU I 694 -39.13 -54.52 33.99
N GLU I 695 -38.00 -55.06 33.53
CA GLU I 695 -37.93 -55.49 32.14
C GLU I 695 -38.82 -56.70 31.89
N GLY I 696 -38.90 -57.60 32.87
CA GLY I 696 -39.82 -58.72 32.75
C GLY I 696 -41.27 -58.27 32.64
N ILE I 697 -41.70 -57.39 33.55
CA ILE I 697 -43.07 -56.90 33.49
C ILE I 697 -43.29 -56.11 32.21
N ARG I 698 -42.23 -55.50 31.66
CA ARG I 698 -42.40 -54.75 30.43
C ARG I 698 -42.55 -55.68 29.24
N ILE I 699 -41.81 -56.78 29.20
CA ILE I 699 -42.04 -57.78 28.16
C ILE I 699 -43.47 -58.32 28.26
N CYS I 700 -43.96 -58.48 29.49
CA CYS I 700 -45.36 -58.89 29.66
C CYS I 700 -46.32 -57.83 29.12
N ARG I 701 -46.00 -56.55 29.34
CA ARG I 701 -46.93 -55.47 29.04
C ARG I 701 -47.26 -55.35 27.56
N LYS I 702 -46.57 -56.09 26.69
CA LYS I 702 -46.88 -56.03 25.27
C LYS I 702 -47.92 -57.05 24.85
N GLY I 703 -48.16 -58.09 25.65
CA GLY I 703 -49.19 -59.07 25.34
C GLY I 703 -50.45 -58.84 26.15
N PHE I 704 -50.99 -59.91 26.74
CA PHE I 704 -52.11 -59.81 27.67
C PHE I 704 -51.65 -60.36 29.01
N PRO I 705 -51.31 -59.52 29.96
CA PRO I 705 -50.77 -60.01 31.23
C PRO I 705 -51.85 -60.48 32.19
N ASN I 706 -53.03 -59.86 32.14
CA ASN I 706 -54.16 -60.27 32.96
C ASN I 706 -54.85 -61.43 32.27
N ARG I 707 -54.72 -62.63 32.85
CA ARG I 707 -55.16 -63.87 32.23
C ARG I 707 -55.98 -64.65 33.24
N ILE I 708 -57.30 -64.72 33.02
CA ILE I 708 -58.21 -65.33 33.97
C ILE I 708 -59.16 -66.26 33.23
N LEU I 709 -59.57 -67.33 33.91
CA LEU I 709 -60.48 -68.32 33.36
C LEU I 709 -61.88 -67.74 33.21
N TYR I 710 -62.79 -68.57 32.70
CA TYR I 710 -64.17 -68.14 32.46
C TYR I 710 -65.07 -68.28 33.67
N GLY I 711 -64.84 -69.28 34.52
CA GLY I 711 -65.75 -69.54 35.62
C GLY I 711 -65.75 -68.43 36.65
N ASP I 712 -64.57 -68.07 37.16
CA ASP I 712 -64.48 -67.00 38.12
C ASP I 712 -64.84 -65.66 37.46
N PHE I 713 -64.53 -65.52 36.18
CA PHE I 713 -64.98 -64.36 35.41
C PHE I 713 -66.49 -64.21 35.52
N ARG I 714 -67.23 -65.30 35.29
CA ARG I 714 -68.67 -65.26 35.44
C ARG I 714 -69.07 -64.93 36.87
N GLN I 715 -68.57 -65.71 37.83
CA GLN I 715 -68.95 -65.51 39.23
C GLN I 715 -68.67 -64.10 39.73
N ARG I 716 -67.78 -63.35 39.06
CA ARG I 716 -67.48 -61.99 39.49
C ARG I 716 -68.11 -60.91 38.62
N TYR I 717 -68.54 -61.23 37.40
CA TYR I 717 -69.05 -60.19 36.50
C TYR I 717 -70.40 -60.55 35.88
N ARG I 718 -71.10 -61.54 36.41
CA ARG I 718 -72.38 -61.92 35.83
C ARG I 718 -73.51 -60.99 36.23
N ILE I 719 -73.39 -60.30 37.36
CA ILE I 719 -74.46 -59.41 37.79
C ILE I 719 -74.57 -58.19 36.88
N LEU I 720 -73.54 -57.91 36.09
CA LEU I 720 -73.64 -56.84 35.09
C LEU I 720 -74.72 -57.16 34.06
N ASN I 721 -74.79 -58.41 33.62
CA ASN I 721 -75.82 -58.88 32.70
C ASN I 721 -76.26 -60.26 33.15
N PRO I 722 -77.08 -60.34 34.21
CA PRO I 722 -77.41 -61.65 34.78
C PRO I 722 -78.34 -62.45 33.87
N ALA I 723 -78.05 -63.73 33.76
CA ALA I 723 -78.85 -64.64 32.94
C ALA I 723 -79.61 -65.63 33.81
N SER I 733 -70.67 -71.72 27.24
CA SER I 733 -70.10 -70.68 28.09
C SER I 733 -69.55 -69.55 27.22
N ARG I 734 -69.38 -69.83 25.93
CA ARG I 734 -68.91 -68.80 25.02
C ARG I 734 -70.03 -67.86 24.62
N LYS I 735 -71.27 -68.36 24.54
CA LYS I 735 -72.37 -67.53 24.07
C LYS I 735 -72.78 -66.49 25.12
N GLY I 736 -72.90 -66.90 26.39
CA GLY I 736 -73.23 -65.95 27.43
C GLY I 736 -72.10 -64.97 27.70
N ALA I 737 -70.86 -65.47 27.74
CA ALA I 737 -69.71 -64.58 27.86
C ALA I 737 -69.68 -63.57 26.72
N GLU I 738 -69.93 -64.02 25.49
CA GLU I 738 -69.88 -63.12 24.35
C GLU I 738 -71.01 -62.10 24.41
N LYS I 739 -72.21 -62.53 24.84
CA LYS I 739 -73.32 -61.60 24.99
C LYS I 739 -72.98 -60.51 26.00
N LEU I 740 -72.42 -60.91 27.14
CA LEU I 740 -72.00 -59.95 28.16
C LEU I 740 -70.93 -59.02 27.61
N LEU I 741 -69.97 -59.55 26.85
CA LEU I 741 -68.88 -58.71 26.34
C LEU I 741 -69.39 -57.71 25.32
N SER I 742 -70.26 -58.15 24.40
CA SER I 742 -70.84 -57.20 23.46
C SER I 742 -71.70 -56.17 24.17
N SER I 743 -72.37 -56.55 25.25
CA SER I 743 -73.13 -55.62 26.06
C SER I 743 -72.30 -54.93 27.14
N LEU I 744 -70.96 -55.07 27.10
CA LEU I 744 -70.06 -54.28 27.93
C LEU I 744 -69.20 -53.33 27.12
N ASP I 745 -69.46 -53.19 25.82
CA ASP I 745 -68.75 -52.24 24.96
C ASP I 745 -67.24 -52.46 25.00
N ILE I 746 -66.84 -53.71 24.81
CA ILE I 746 -65.43 -54.07 24.74
C ILE I 746 -65.04 -54.26 23.28
N ASP I 747 -63.92 -53.66 22.88
CA ASP I 747 -63.46 -53.80 21.51
C ASP I 747 -62.82 -55.17 21.30
N HIS I 748 -62.70 -55.56 20.03
CA HIS I 748 -62.19 -56.89 19.71
C HIS I 748 -60.71 -57.01 20.08
N ASN I 749 -59.88 -56.09 19.59
CA ASN I 749 -58.45 -56.18 19.79
C ASN I 749 -58.04 -56.03 21.24
N GLN I 750 -58.94 -55.59 22.11
CA GLN I 750 -58.58 -55.37 23.50
C GLN I 750 -58.60 -56.64 24.34
N TYR I 751 -59.35 -57.65 23.92
CA TYR I 751 -59.39 -58.93 24.62
C TYR I 751 -59.11 -60.04 23.63
N LYS I 752 -58.53 -61.13 24.12
CA LYS I 752 -58.25 -62.30 23.29
C LYS I 752 -59.03 -63.47 23.87
N PHE I 753 -59.90 -64.05 23.05
CA PHE I 753 -60.82 -65.10 23.50
C PHE I 753 -60.11 -66.44 23.51
N GLY I 754 -59.93 -67.01 24.70
CA GLY I 754 -59.33 -68.31 24.85
C GLY I 754 -60.37 -69.38 25.18
N HIS I 755 -59.90 -70.63 25.19
CA HIS I 755 -60.82 -71.75 25.38
C HIS I 755 -60.88 -72.24 26.83
N THR I 756 -59.91 -71.87 27.67
CA THR I 756 -60.05 -72.06 29.11
C THR I 756 -59.99 -70.73 29.86
N LYS I 757 -59.20 -69.78 29.37
CA LYS I 757 -59.12 -68.44 29.93
C LYS I 757 -59.23 -67.42 28.83
N VAL I 758 -59.96 -66.34 29.08
CA VAL I 758 -60.11 -65.24 28.14
C VAL I 758 -59.26 -64.06 28.62
N PHE I 759 -58.42 -63.54 27.72
CA PHE I 759 -57.32 -62.66 28.10
C PHE I 759 -57.73 -61.19 27.99
N PHE I 760 -57.42 -60.42 29.04
CA PHE I 760 -57.79 -59.01 29.13
C PHE I 760 -56.59 -58.17 29.52
N LYS I 761 -56.67 -56.88 29.24
CA LYS I 761 -55.60 -55.94 29.53
C LYS I 761 -55.97 -55.03 30.71
N ALA I 762 -55.06 -54.11 31.00
CA ALA I 762 -55.23 -53.20 32.14
C ALA I 762 -56.49 -52.36 32.01
N GLY I 763 -56.70 -51.76 30.83
CA GLY I 763 -57.89 -50.93 30.63
C GLY I 763 -59.17 -51.73 30.75
N LEU I 764 -59.16 -52.97 30.24
CA LEU I 764 -60.34 -53.82 30.35
C LEU I 764 -60.65 -54.14 31.80
N LEU I 765 -59.62 -54.49 32.58
CA LEU I 765 -59.85 -54.73 34.01
C LEU I 765 -60.39 -53.49 34.70
N GLY I 766 -59.83 -52.31 34.39
CA GLY I 766 -60.32 -51.10 35.01
C GLY I 766 -61.77 -50.81 34.67
N LEU I 767 -62.13 -50.97 33.39
CA LEU I 767 -63.50 -50.69 32.98
C LEU I 767 -64.49 -51.69 33.58
N LEU I 768 -64.12 -52.97 33.62
CA LEU I 768 -65.00 -53.96 34.24
C LEU I 768 -65.15 -53.70 35.73
N GLU I 769 -64.06 -53.30 36.40
CA GLU I 769 -64.13 -52.90 37.80
C GLU I 769 -65.10 -51.74 37.98
N GLU I 770 -65.01 -50.73 37.12
CA GLU I 770 -65.85 -49.56 37.27
C GLU I 770 -67.32 -49.89 37.06
N MET I 771 -67.62 -50.71 36.05
CA MET I 771 -69.02 -51.04 35.81
C MET I 771 -69.58 -51.97 36.87
N ARG I 772 -68.74 -52.84 37.46
CA ARG I 772 -69.18 -53.56 38.66
C ARG I 772 -69.48 -52.59 39.80
N ASP I 773 -68.60 -51.61 40.02
CA ASP I 773 -68.80 -50.68 41.12
C ASP I 773 -70.10 -49.91 40.97
N GLU I 774 -70.42 -49.47 39.74
CA GLU I 774 -71.69 -48.79 39.53
C GLU I 774 -72.86 -49.77 39.57
N ARG I 775 -72.62 -51.04 39.23
CA ARG I 775 -73.64 -52.06 39.38
C ARG I 775 -74.03 -52.22 40.85
N LEU I 776 -73.06 -52.07 41.74
CA LEU I 776 -73.35 -52.12 43.18
C LEU I 776 -73.75 -50.73 43.68
N MET J 1 -34.50 56.85 108.73
CA MET J 1 -33.91 57.89 107.90
C MET J 1 -32.41 58.02 108.19
N ALA J 2 -31.92 57.23 109.14
CA ALA J 2 -30.50 57.18 109.45
C ALA J 2 -29.74 56.18 108.57
N VAL J 3 -30.45 55.28 107.88
CA VAL J 3 -29.81 54.28 107.04
C VAL J 3 -29.05 54.93 105.89
N PHE J 4 -29.35 56.20 105.60
CA PHE J 4 -28.75 56.93 104.48
C PHE J 4 -27.53 57.73 104.91
N GLY J 5 -26.81 57.28 105.93
CA GLY J 5 -25.56 57.90 106.33
C GLY J 5 -25.64 59.40 106.45
N ALA J 6 -24.61 60.07 105.94
CA ALA J 6 -24.55 61.53 105.94
C ALA J 6 -25.24 62.14 104.73
N ALA J 7 -25.52 61.37 103.68
CA ALA J 7 -26.16 61.90 102.49
C ALA J 7 -27.68 61.99 102.63
N ALA J 8 -28.23 61.47 103.72
CA ALA J 8 -29.67 61.43 103.91
C ALA J 8 -30.41 62.71 103.54
N PRO J 9 -29.97 63.92 103.91
CA PRO J 9 -30.71 65.11 103.48
C PRO J 9 -30.77 65.26 101.97
N TYR J 10 -29.61 65.23 101.29
CA TYR J 10 -29.59 65.40 99.84
C TYR J 10 -30.36 64.29 99.14
N LEU J 11 -30.29 63.07 99.67
CA LEU J 11 -30.99 61.96 99.03
C LEU J 11 -32.50 62.09 99.22
N ARG J 12 -32.95 62.52 100.40
CA ARG J 12 -34.36 62.73 100.68
C ARG J 12 -34.57 63.54 101.96
N LYS J 13 -35.38 64.60 101.87
CA LYS J 13 -35.64 65.42 103.04
C LYS J 13 -36.59 64.69 103.99
N SER J 14 -36.47 65.03 105.28
CA SER J 14 -37.23 64.36 106.32
C SER J 14 -38.72 64.67 106.22
N GLU J 15 -39.53 63.74 106.74
CA GLU J 15 -40.98 63.95 106.78
C GLU J 15 -41.33 65.18 107.60
N LYS J 16 -40.58 65.42 108.67
CA LYS J 16 -40.85 66.59 109.50
C LYS J 16 -40.69 67.86 108.70
N GLU J 17 -39.56 68.02 108.00
CA GLU J 17 -39.35 69.19 107.16
C GLU J 17 -40.37 69.25 106.03
N ARG J 18 -40.75 68.09 105.49
CA ARG J 18 -41.80 68.06 104.48
C ARG J 18 -43.06 68.73 105.00
N LEU J 19 -43.51 68.31 106.19
CA LEU J 19 -44.74 68.88 106.74
C LEU J 19 -44.56 70.35 107.11
N GLU J 20 -43.37 70.73 107.60
CA GLU J 20 -43.13 72.13 107.94
C GLU J 20 -43.13 73.00 106.69
N ALA J 21 -42.82 72.44 105.53
CA ALA J 21 -42.92 73.15 104.28
C ALA J 21 -44.31 73.07 103.66
N GLN J 22 -45.11 72.08 104.06
CA GLN J 22 -46.46 71.96 103.52
C GLN J 22 -47.29 73.19 103.84
N THR J 23 -47.12 73.75 105.03
CA THR J 23 -47.89 74.90 105.46
C THR J 23 -47.44 76.12 104.66
N ARG J 24 -48.19 76.47 103.62
CA ARG J 24 -47.87 77.64 102.82
C ARG J 24 -49.11 78.03 102.02
N PRO J 25 -49.47 79.31 101.98
CA PRO J 25 -50.66 79.71 101.21
C PRO J 25 -50.41 79.64 99.72
N PHE J 26 -51.41 79.14 99.00
CA PHE J 26 -51.36 79.07 97.55
C PHE J 26 -52.79 79.16 97.02
N ASP J 27 -53.06 80.16 96.19
CA ASP J 27 -54.39 80.34 95.62
C ASP J 27 -54.51 79.53 94.33
N LEU J 28 -55.44 78.59 94.32
CA LEU J 28 -55.64 77.71 93.19
C LEU J 28 -56.29 78.40 92.00
N LYS J 29 -56.73 79.65 92.16
CA LYS J 29 -57.47 80.31 91.08
C LYS J 29 -56.63 81.35 90.34
N LYS J 30 -55.83 82.13 91.06
CA LYS J 30 -55.16 83.27 90.47
C LYS J 30 -53.64 83.23 90.60
N ASP J 31 -53.06 82.07 90.90
CA ASP J 31 -51.62 81.88 90.90
C ASP J 31 -51.19 80.83 89.86
N VAL J 32 -51.98 80.69 88.80
CA VAL J 32 -51.80 79.65 87.79
C VAL J 32 -50.54 79.94 86.97
N PHE J 33 -50.09 78.97 86.19
CA PHE J 33 -48.93 79.20 85.33
C PHE J 33 -49.27 80.14 84.19
N VAL J 34 -48.33 81.03 83.88
CA VAL J 34 -48.55 82.12 82.95
C VAL J 34 -47.39 82.20 81.97
N PRO J 35 -47.65 82.33 80.67
CA PRO J 35 -46.56 82.52 79.71
C PRO J 35 -45.75 83.76 80.01
N ASP J 36 -44.49 83.76 79.58
CA ASP J 36 -43.54 84.81 79.89
C ASP J 36 -42.79 85.20 78.62
N ASP J 37 -42.08 86.33 78.69
CA ASP J 37 -41.22 86.82 77.63
C ASP J 37 -39.76 86.43 77.85
N LYS J 38 -39.19 86.85 78.99
CA LYS J 38 -37.78 86.54 79.26
C LYS J 38 -37.58 85.04 79.43
N GLN J 39 -38.56 84.36 80.01
CA GLN J 39 -38.62 82.90 80.09
C GLN J 39 -39.94 82.44 79.48
N GLU J 40 -40.26 81.16 79.67
CA GLU J 40 -41.48 80.61 79.09
C GLU J 40 -42.66 80.80 80.01
N PHE J 41 -42.46 80.54 81.31
CA PHE J 41 -43.51 80.56 82.32
C PHE J 41 -42.87 81.01 83.61
N VAL J 42 -43.50 81.98 84.28
CA VAL J 42 -42.95 82.54 85.49
C VAL J 42 -44.02 82.53 86.57
N LYS J 43 -43.56 82.51 87.81
CA LYS J 43 -44.44 82.51 88.96
C LYS J 43 -45.05 83.91 89.10
N ALA J 44 -46.37 83.99 89.12
CA ALA J 44 -47.04 85.28 89.18
C ALA J 44 -48.42 85.08 89.77
N LYS J 45 -49.11 86.20 90.02
CA LYS J 45 -50.47 86.20 90.51
C LYS J 45 -51.33 87.04 89.58
N ILE J 46 -52.59 86.67 89.44
CA ILE J 46 -53.55 87.42 88.64
C ILE J 46 -54.48 88.19 89.56
N VAL J 47 -54.77 89.44 89.22
CA VAL J 47 -55.66 90.24 90.04
C VAL J 47 -57.12 89.84 89.79
N SER J 48 -57.49 89.63 88.53
CA SER J 48 -58.86 89.28 88.18
C SER J 48 -58.91 88.80 86.74
N ARG J 49 -59.99 88.11 86.41
CA ARG J 49 -60.23 87.64 85.04
C ARG J 49 -61.20 88.61 84.37
N GLU J 50 -60.66 89.76 83.99
CA GLU J 50 -61.46 90.82 83.36
C GLU J 50 -61.58 90.51 81.87
N GLY J 51 -62.58 89.69 81.54
CA GLY J 51 -62.86 89.37 80.15
C GLY J 51 -61.67 88.72 79.49
N GLY J 52 -61.16 89.37 78.45
CA GLY J 52 -59.90 88.99 77.83
C GLY J 52 -58.68 89.63 78.43
N LYS J 53 -58.82 90.33 79.55
CA LYS J 53 -57.73 91.05 80.19
C LYS J 53 -57.46 90.45 81.57
N VAL J 54 -56.21 90.08 81.81
CA VAL J 54 -55.73 89.69 83.12
C VAL J 54 -54.42 90.44 83.36
N THR J 55 -53.95 90.41 84.60
CA THR J 55 -52.72 91.10 84.96
C THR J 55 -51.90 90.20 85.86
N ALA J 56 -50.73 89.78 85.38
CA ALA J 56 -49.86 88.88 86.13
C ALA J 56 -48.85 89.71 86.92
N GLU J 57 -48.89 89.61 88.24
CA GLU J 57 -47.92 90.24 89.11
C GLU J 57 -46.87 89.21 89.48
N THR J 58 -45.73 89.26 88.80
CA THR J 58 -44.64 88.32 89.04
C THR J 58 -43.76 88.81 90.18
N GLU J 59 -42.71 88.04 90.46
CA GLU J 59 -41.72 88.46 91.46
C GLU J 59 -40.90 89.64 90.98
N TYR J 60 -40.65 89.76 89.68
CA TYR J 60 -39.82 90.82 89.13
C TYR J 60 -40.50 92.18 89.12
N GLY J 61 -41.77 92.25 89.54
CA GLY J 61 -42.49 93.50 89.52
C GLY J 61 -43.23 93.80 88.23
N LYS J 62 -43.37 92.83 87.35
CA LYS J 62 -44.02 93.06 86.06
C LYS J 62 -45.51 92.75 86.16
N THR J 63 -46.28 93.40 85.30
CA THR J 63 -47.75 93.36 85.31
C THR J 63 -48.29 93.11 83.89
N VAL J 64 -47.74 92.11 83.21
CA VAL J 64 -48.14 91.85 81.83
C VAL J 64 -49.50 91.16 81.78
N THR J 65 -50.21 91.36 80.68
CA THR J 65 -51.46 90.67 80.39
C THR J 65 -51.21 89.53 79.42
N VAL J 66 -51.81 88.36 79.72
CA VAL J 66 -51.74 87.21 78.83
C VAL J 66 -53.16 86.76 78.52
N LYS J 67 -53.30 86.06 77.39
CA LYS J 67 -54.61 85.72 76.89
C LYS J 67 -55.19 84.54 77.67
N GLU J 68 -56.51 84.52 77.82
CA GLU J 68 -57.19 83.51 78.61
C GLU J 68 -57.07 82.11 78.01
N ASP J 69 -56.49 81.97 76.83
CA ASP J 69 -56.33 80.68 76.18
C ASP J 69 -54.97 80.04 76.42
N GLN J 70 -54.09 80.68 77.19
CA GLN J 70 -52.75 80.16 77.40
C GLN J 70 -52.39 80.10 78.89
N VAL J 71 -53.38 79.95 79.75
CA VAL J 71 -53.16 79.89 81.19
C VAL J 71 -53.55 78.52 81.70
N MET J 72 -52.81 78.04 82.70
CA MET J 72 -53.03 76.70 83.23
C MET J 72 -52.57 76.69 84.69
N GLN J 73 -53.20 75.83 85.48
CA GLN J 73 -53.01 75.85 86.93
C GLN J 73 -51.56 75.55 87.29
N GLN J 74 -51.20 75.91 88.52
CA GLN J 74 -49.92 75.56 89.09
C GLN J 74 -50.07 74.37 90.02
N ASN J 75 -49.01 73.60 90.17
CA ASN J 75 -49.05 72.41 91.00
C ASN J 75 -49.40 72.79 92.44
N PRO J 76 -50.29 72.05 93.09
CA PRO J 76 -50.63 72.37 94.48
C PRO J 76 -49.44 72.17 95.39
N PRO J 77 -49.43 72.85 96.54
CA PRO J 77 -48.29 72.69 97.46
C PRO J 77 -48.24 71.32 98.10
N LYS J 78 -49.38 70.72 98.40
CA LYS J 78 -49.41 69.39 99.00
C LYS J 78 -48.89 68.32 98.06
N PHE J 79 -48.52 68.69 96.83
CA PHE J 79 -48.01 67.72 95.86
C PHE J 79 -46.81 68.28 95.09
N ASP J 80 -46.33 69.47 95.46
CA ASP J 80 -45.01 69.92 95.02
C ASP J 80 -43.93 69.02 95.61
N LYS J 81 -42.71 69.18 95.07
CA LYS J 81 -41.54 68.42 95.50
C LYS J 81 -41.73 66.91 95.37
N ILE J 82 -42.64 66.50 94.48
CA ILE J 82 -42.97 65.09 94.35
C ILE J 82 -41.80 64.35 93.70
N GLU J 83 -41.50 63.16 94.20
CA GLU J 83 -40.38 62.39 93.65
C GLU J 83 -40.68 61.90 92.25
N ASP J 84 -41.91 61.46 92.00
CA ASP J 84 -42.30 60.89 90.72
C ASP J 84 -43.12 61.91 89.95
N MET J 85 -42.53 62.45 88.87
CA MET J 85 -43.24 63.43 88.07
C MET J 85 -44.54 62.88 87.51
N ALA J 86 -44.59 61.56 87.30
CA ALA J 86 -45.79 60.93 86.77
C ALA J 86 -46.97 61.02 87.73
N MET J 87 -46.70 61.14 89.03
CA MET J 87 -47.74 61.22 90.04
C MET J 87 -48.21 62.66 90.28
N LEU J 88 -47.70 63.61 89.53
CA LEU J 88 -48.12 65.00 89.68
C LEU J 88 -49.62 65.12 89.45
N THR J 89 -50.27 65.99 90.22
CA THR J 89 -51.71 66.17 90.07
C THR J 89 -52.05 66.86 88.77
N PHE J 90 -51.15 67.69 88.24
CA PHE J 90 -51.38 68.39 86.99
C PHE J 90 -50.12 68.33 86.16
N LEU J 91 -50.20 67.69 85.00
CA LEU J 91 -49.04 67.41 84.15
C LEU J 91 -48.97 68.46 83.04
N HIS J 92 -48.13 69.46 83.22
CA HIS J 92 -47.90 70.52 82.25
C HIS J 92 -46.43 70.51 81.85
N GLU J 93 -46.11 71.30 80.83
CA GLU J 93 -44.70 71.42 80.43
C GLU J 93 -43.91 72.19 81.47
N PRO J 94 -44.20 73.47 81.76
CA PRO J 94 -43.39 74.20 82.73
C PRO J 94 -43.59 73.72 84.16
N ALA J 95 -44.63 72.92 84.41
CA ALA J 95 -44.84 72.37 85.74
C ALA J 95 -43.64 71.54 86.17
N VAL J 96 -43.23 70.59 85.32
CA VAL J 96 -42.09 69.75 85.66
C VAL J 96 -40.80 70.57 85.67
N LEU J 97 -40.72 71.59 84.82
CA LEU J 97 -39.56 72.47 84.85
C LEU J 97 -39.39 73.10 86.22
N TYR J 98 -40.46 73.68 86.75
CA TYR J 98 -40.36 74.31 88.06
C TYR J 98 -40.20 73.28 89.17
N ASN J 99 -40.77 72.08 88.99
CA ASN J 99 -40.53 71.00 89.95
C ASN J 99 -39.05 70.72 90.08
N LEU J 100 -38.39 70.41 88.97
CA LEU J 100 -36.95 70.15 89.01
C LEU J 100 -36.17 71.40 89.42
N LYS J 101 -36.70 72.58 89.13
CA LYS J 101 -36.02 73.81 89.53
C LYS J 101 -35.94 73.91 91.04
N ASP J 102 -37.09 73.78 91.71
CA ASP J 102 -37.08 73.81 93.16
C ASP J 102 -36.33 72.62 93.75
N ARG J 103 -36.30 71.50 93.04
CA ARG J 103 -35.59 70.33 93.58
C ARG J 103 -34.08 70.51 93.51
N TYR J 104 -33.59 71.20 92.48
CA TYR J 104 -32.16 71.48 92.40
C TYR J 104 -31.76 72.69 93.24
N GLY J 105 -32.67 73.62 93.47
CA GLY J 105 -32.41 74.67 94.45
C GLY J 105 -32.33 74.13 95.86
N SER J 106 -33.27 73.25 96.21
CA SER J 106 -33.22 72.47 97.44
C SER J 106 -32.18 71.37 97.39
N TRP J 107 -31.46 71.23 96.28
CA TRP J 107 -30.32 70.33 96.16
C TRP J 107 -30.73 68.87 96.32
N MET J 108 -31.75 68.47 95.57
CA MET J 108 -32.06 67.06 95.36
C MET J 108 -31.79 66.77 93.89
N ILE J 109 -30.77 65.96 93.64
CA ILE J 109 -30.33 65.72 92.26
C ILE J 109 -31.31 64.80 91.54
N TYR J 110 -31.47 63.59 92.02
CA TYR J 110 -32.18 62.55 91.29
C TYR J 110 -33.68 62.70 91.47
N THR J 111 -34.43 62.39 90.41
CA THR J 111 -35.87 62.50 90.43
C THR J 111 -36.48 61.43 89.52
N TYR J 112 -37.44 60.69 90.06
CA TYR J 112 -38.17 59.71 89.26
C TYR J 112 -39.20 60.41 88.39
N SER J 113 -39.36 59.92 87.17
CA SER J 113 -40.32 60.48 86.23
C SER J 113 -41.01 59.35 85.46
N GLY J 114 -41.47 58.35 86.20
CA GLY J 114 -42.14 57.19 85.60
C GLY J 114 -41.15 56.06 85.31
N LEU J 115 -40.91 55.80 84.03
CA LEU J 115 -39.95 54.78 83.63
C LEU J 115 -38.56 55.36 83.39
N PHE J 116 -38.38 56.67 83.59
CA PHE J 116 -37.10 57.32 83.44
C PHE J 116 -36.39 57.45 84.78
N CYS J 117 -35.16 57.97 84.71
CA CYS J 117 -34.40 58.42 85.87
C CYS J 117 -33.65 59.68 85.46
N VAL J 118 -34.10 60.82 85.95
CA VAL J 118 -33.56 62.11 85.54
C VAL J 118 -32.51 62.55 86.55
N THR J 119 -31.42 63.12 86.07
CA THR J 119 -30.29 63.50 86.92
C THR J 119 -29.69 64.80 86.41
N VAL J 120 -29.88 65.87 87.16
CA VAL J 120 -29.17 67.11 86.91
C VAL J 120 -27.86 67.07 87.69
N ASN J 121 -26.76 67.36 87.02
CA ASN J 121 -25.46 67.19 87.65
C ASN J 121 -25.24 68.27 88.70
N PRO J 122 -24.88 67.91 89.93
CA PRO J 122 -24.38 68.91 90.87
C PRO J 122 -22.94 69.27 90.56
N TYR J 123 -22.61 70.54 90.76
CA TYR J 123 -21.29 71.04 90.41
C TYR J 123 -20.29 70.95 91.55
N LYS J 124 -20.72 70.57 92.76
CA LYS J 124 -19.82 70.43 93.89
C LYS J 124 -19.98 69.04 94.48
N TRP J 125 -18.97 68.63 95.25
CA TRP J 125 -18.96 67.29 95.82
C TRP J 125 -20.09 67.13 96.84
N LEU J 126 -20.70 65.94 96.85
CA LEU J 126 -21.71 65.58 97.83
C LEU J 126 -21.36 64.25 98.47
N PRO J 127 -21.82 64.03 99.71
CA PRO J 127 -21.67 62.71 100.33
C PRO J 127 -22.56 61.64 99.73
N VAL J 128 -23.33 61.96 98.70
CA VAL J 128 -24.23 60.98 98.08
C VAL J 128 -23.48 59.91 97.32
N TYR J 129 -22.19 60.14 97.02
CA TYR J 129 -21.37 59.17 96.31
C TYR J 129 -20.41 58.44 97.24
N THR J 130 -20.61 58.54 98.54
CA THR J 130 -19.79 57.79 99.49
C THR J 130 -20.19 56.32 99.48
N PRO J 131 -19.25 55.40 99.71
CA PRO J 131 -19.57 53.98 99.61
C PRO J 131 -20.58 53.49 100.65
N GLU J 132 -20.87 54.31 101.65
CA GLU J 132 -21.79 53.88 102.70
C GLU J 132 -23.20 53.71 102.15
N VAL J 133 -23.68 54.69 101.38
CA VAL J 133 -25.02 54.56 100.80
C VAL J 133 -25.04 53.43 99.78
N VAL J 134 -23.92 53.23 99.08
CA VAL J 134 -23.81 52.12 98.14
C VAL J 134 -24.06 50.79 98.85
N ALA J 135 -23.31 50.53 99.92
CA ALA J 135 -23.45 49.26 100.62
C ALA J 135 -24.79 49.18 101.35
N ALA J 136 -25.29 50.30 101.86
CA ALA J 136 -26.51 50.30 102.66
C ALA J 136 -27.77 50.26 101.82
N TYR J 137 -27.69 50.53 100.52
CA TYR J 137 -28.89 50.38 99.71
C TYR J 137 -29.27 48.93 99.54
N ARG J 138 -28.31 48.02 99.61
CA ARG J 138 -28.58 46.61 99.37
C ARG J 138 -29.62 46.10 100.35
N GLY J 139 -30.80 45.78 99.82
CA GLY J 139 -31.93 45.33 100.63
C GLY J 139 -33.13 46.24 100.61
N LYS J 140 -33.08 47.37 99.90
CA LYS J 140 -34.20 48.29 99.79
C LYS J 140 -34.75 48.26 98.37
N LYS J 141 -36.03 48.57 98.25
CA LYS J 141 -36.77 48.39 97.01
C LYS J 141 -36.82 49.68 96.19
N ARG J 142 -37.16 49.52 94.90
CA ARG J 142 -37.25 50.66 94.00
C ARG J 142 -38.48 51.51 94.29
N SER J 143 -39.61 50.87 94.59
CA SER J 143 -40.86 51.60 94.73
C SER J 143 -40.82 52.58 95.89
N GLU J 144 -40.04 52.28 96.93
CA GLU J 144 -40.00 53.10 98.14
C GLU J 144 -38.77 53.99 98.25
N ALA J 145 -37.60 53.48 97.88
CA ALA J 145 -36.37 54.25 98.05
C ALA J 145 -36.41 55.49 97.16
N PRO J 146 -35.85 56.61 97.62
CA PRO J 146 -35.87 57.84 96.82
C PRO J 146 -35.03 57.68 95.57
N PRO J 147 -35.26 58.50 94.55
CA PRO J 147 -34.60 58.29 93.26
C PRO J 147 -33.08 58.42 93.34
N HIS J 148 -32.40 57.56 92.59
CA HIS J 148 -30.96 57.55 92.41
C HIS J 148 -30.64 56.48 91.38
N ILE J 149 -29.50 56.64 90.69
CA ILE J 149 -29.12 55.68 89.68
C ILE J 149 -28.68 54.35 90.29
N PHE J 150 -28.24 54.34 91.55
CA PHE J 150 -27.95 53.07 92.20
C PHE J 150 -29.19 52.19 92.27
N SER J 151 -30.35 52.83 92.45
CA SER J 151 -31.61 52.10 92.47
C SER J 151 -31.82 51.34 91.18
N ILE J 152 -31.83 52.05 90.06
CA ILE J 152 -32.09 51.41 88.77
C ILE J 152 -30.97 50.44 88.41
N SER J 153 -29.75 50.70 88.86
CA SER J 153 -28.67 49.75 88.64
C SER J 153 -28.98 48.42 89.32
N ASP J 154 -29.35 48.48 90.60
CA ASP J 154 -29.70 47.26 91.33
C ASP J 154 -30.94 46.60 90.74
N ASN J 155 -31.91 47.40 90.29
CA ASN J 155 -33.12 46.84 89.70
C ASN J 155 -32.80 46.11 88.42
N ALA J 156 -31.92 46.68 87.59
CA ALA J 156 -31.46 45.98 86.40
C ALA J 156 -30.73 44.70 86.78
N TYR J 157 -29.87 44.76 87.79
CA TYR J 157 -29.14 43.57 88.20
C TYR J 157 -30.09 42.45 88.61
N GLN J 158 -31.03 42.75 89.50
CA GLN J 158 -31.94 41.72 89.99
C GLN J 158 -32.90 41.27 88.90
N TYR J 159 -33.29 42.17 88.00
CA TYR J 159 -34.07 41.76 86.83
C TYR J 159 -33.31 40.75 85.99
N MET J 160 -32.03 41.04 85.74
CA MET J 160 -31.19 40.08 85.03
C MET J 160 -31.19 38.74 85.76
N LEU J 161 -31.04 38.78 87.08
CA LEU J 161 -30.87 37.53 87.82
C LEU J 161 -32.17 36.76 87.92
N THR J 162 -33.32 37.42 87.84
CA THR J 162 -34.58 36.70 87.95
C THR J 162 -35.08 36.23 86.58
N ASP J 163 -34.91 37.05 85.54
CA ASP J 163 -35.43 36.70 84.23
C ASP J 163 -34.42 35.99 83.34
N ARG J 164 -33.15 35.94 83.76
CA ARG J 164 -32.09 35.30 82.99
C ARG J 164 -31.97 35.92 81.59
N GLU J 165 -31.88 37.25 81.57
CA GLU J 165 -31.82 38.00 80.33
C GLU J 165 -30.87 39.19 80.51
N ASN J 166 -30.57 39.85 79.41
CA ASN J 166 -29.74 41.04 79.45
C ASN J 166 -30.59 42.27 79.72
N GLN J 167 -29.97 43.30 80.24
CA GLN J 167 -30.62 44.58 80.46
C GLN J 167 -29.80 45.67 79.78
N SER J 168 -30.42 46.83 79.57
CA SER J 168 -29.76 47.90 78.84
C SER J 168 -29.98 49.23 79.54
N ILE J 169 -28.89 49.95 79.79
CA ILE J 169 -28.91 51.25 80.42
C ILE J 169 -28.65 52.29 79.34
N LEU J 170 -29.58 53.22 79.17
CA LEU J 170 -29.51 54.20 78.09
C LEU J 170 -29.30 55.59 78.68
N ILE J 171 -28.05 55.94 78.95
CA ILE J 171 -27.71 57.24 79.51
C ILE J 171 -27.77 58.29 78.41
N THR J 172 -28.56 59.33 78.62
CA THR J 172 -28.94 60.25 77.57
C THR J 172 -28.65 61.68 78.01
N GLY J 173 -27.66 62.30 77.37
CA GLY J 173 -27.28 63.65 77.72
C GLY J 173 -26.20 64.13 76.79
N GLU J 174 -25.78 65.37 77.01
CA GLU J 174 -24.73 65.98 76.20
C GLU J 174 -23.37 65.70 76.79
N SER J 175 -22.38 65.49 75.90
CA SER J 175 -21.01 65.31 76.35
C SER J 175 -20.54 66.58 77.06
N GLY J 176 -19.93 66.40 78.23
CA GLY J 176 -19.59 67.52 79.07
C GLY J 176 -20.66 67.93 80.06
N ALA J 177 -21.79 67.23 80.10
CA ALA J 177 -22.80 67.43 81.12
C ALA J 177 -22.76 66.36 82.21
N GLY J 178 -21.70 65.57 82.26
CA GLY J 178 -21.53 64.59 83.32
C GLY J 178 -21.73 63.15 82.92
N LYS J 179 -21.84 62.85 81.62
CA LYS J 179 -22.12 61.48 81.19
C LYS J 179 -20.98 60.55 81.55
N THR J 180 -19.75 60.96 81.28
CA THR J 180 -18.59 60.14 81.59
C THR J 180 -18.59 59.73 83.06
N VAL J 181 -18.71 60.70 83.96
CA VAL J 181 -18.61 60.39 85.38
C VAL J 181 -19.85 59.65 85.86
N ASN J 182 -21.00 59.87 85.23
CA ASN J 182 -22.19 59.10 85.57
C ASN J 182 -21.96 57.62 85.26
N THR J 183 -21.47 57.33 84.06
CA THR J 183 -21.14 55.94 83.73
C THR J 183 -20.03 55.40 84.62
N LYS J 184 -19.10 56.26 85.04
CA LYS J 184 -18.03 55.82 85.93
C LYS J 184 -18.60 55.36 87.26
N ARG J 185 -19.51 56.15 87.84
CA ARG J 185 -20.11 55.73 89.10
C ARG J 185 -21.01 54.51 88.92
N VAL J 186 -21.62 54.37 87.73
CA VAL J 186 -22.36 53.15 87.44
C VAL J 186 -21.44 51.93 87.50
N ILE J 187 -20.30 52.00 86.82
CA ILE J 187 -19.43 50.84 86.79
C ILE J 187 -18.80 50.60 88.15
N GLN J 188 -18.58 51.66 88.93
CA GLN J 188 -18.14 51.47 90.31
C GLN J 188 -19.18 50.70 91.11
N TYR J 189 -20.45 51.12 91.04
CA TYR J 189 -21.49 50.41 91.78
C TYR J 189 -21.59 48.96 91.34
N PHE J 190 -21.42 48.70 90.04
CA PHE J 190 -21.49 47.33 89.55
C PHE J 190 -20.34 46.50 90.06
N ALA J 191 -19.13 47.06 90.09
CA ALA J 191 -18.00 46.36 90.70
C ALA J 191 -18.25 46.12 92.18
N VAL J 192 -18.88 47.08 92.86
CA VAL J 192 -19.14 46.96 94.29
C VAL J 192 -20.07 45.79 94.55
N ILE J 193 -21.19 45.74 93.83
CA ILE J 193 -22.12 44.63 93.97
C ILE J 193 -21.59 43.36 93.35
N ALA J 194 -20.46 43.44 92.63
CA ALA J 194 -19.76 42.28 92.12
C ALA J 194 -20.63 41.40 91.24
N LEU J 211 -12.74 46.16 86.42
CA LEU J 211 -11.97 46.50 85.24
C LEU J 211 -12.24 47.95 84.82
N GLU J 212 -12.83 48.70 85.75
CA GLU J 212 -13.18 50.09 85.48
C GLU J 212 -11.94 50.93 85.16
N ASP J 213 -10.85 50.68 85.87
CA ASP J 213 -9.61 51.41 85.63
C ASP J 213 -9.17 51.28 84.18
N GLN J 214 -9.31 50.07 83.63
CA GLN J 214 -8.95 49.85 82.23
C GLN J 214 -9.88 50.60 81.29
N ILE J 215 -11.17 50.65 81.62
CA ILE J 215 -12.12 51.42 80.82
C ILE J 215 -11.69 52.88 80.74
N ILE J 216 -11.47 53.49 81.91
CA ILE J 216 -11.09 54.91 81.92
C ILE J 216 -9.72 55.11 81.27
N GLN J 217 -8.83 54.12 81.38
CA GLN J 217 -7.49 54.24 80.83
C GLN J 217 -7.52 54.23 79.30
N ALA J 218 -8.33 53.36 78.71
CA ALA J 218 -8.44 53.31 77.27
C ALA J 218 -9.42 54.34 76.71
N ASN J 219 -10.17 55.02 77.58
CA ASN J 219 -11.12 56.02 77.11
C ASN J 219 -10.51 57.15 76.29
N PRO J 220 -9.35 57.74 76.65
CA PRO J 220 -8.83 58.84 75.82
C PRO J 220 -8.64 58.49 74.35
N ALA J 221 -8.42 57.21 74.04
CA ALA J 221 -8.31 56.81 72.63
C ALA J 221 -9.62 57.06 71.90
N LEU J 222 -10.74 56.60 72.46
CA LEU J 222 -12.03 56.84 71.84
C LEU J 222 -12.35 58.33 71.85
N GLU J 223 -12.01 59.02 72.93
CA GLU J 223 -12.25 60.46 72.99
C GLU J 223 -11.52 61.17 71.85
N ALA J 224 -10.35 60.69 71.48
CA ALA J 224 -9.67 61.25 70.33
C ALA J 224 -10.37 60.87 69.04
N PHE J 225 -10.54 59.58 68.79
CA PHE J 225 -10.91 59.07 67.48
C PHE J 225 -12.40 59.16 67.20
N GLY J 226 -13.20 59.68 68.12
CA GLY J 226 -14.63 59.74 67.88
C GLY J 226 -15.31 60.97 68.43
N ASN J 227 -14.55 62.01 68.72
CA ASN J 227 -15.11 63.25 69.22
C ASN J 227 -14.66 64.42 68.36
N ALA J 228 -15.56 65.37 68.16
CA ALA J 228 -15.25 66.54 67.35
C ALA J 228 -16.06 67.72 67.88
N LYS J 229 -15.58 68.91 67.58
CA LYS J 229 -16.21 70.13 68.07
C LYS J 229 -17.45 70.44 67.23
N THR J 230 -18.61 70.43 67.87
CA THR J 230 -19.81 71.04 67.31
C THR J 230 -20.02 72.41 67.95
N VAL J 231 -21.16 73.02 67.64
CA VAL J 231 -21.42 74.36 68.18
C VAL J 231 -21.91 74.27 69.61
N ARG J 232 -22.80 73.32 69.91
CA ARG J 232 -23.33 73.20 71.25
C ARG J 232 -22.31 72.61 72.21
N ASN J 233 -21.26 71.97 71.71
CA ASN J 233 -20.27 71.33 72.57
C ASN J 233 -18.93 71.27 71.87
N ASP J 234 -17.85 71.41 72.65
CA ASP J 234 -16.50 71.32 72.10
C ASP J 234 -15.89 69.93 72.24
N ASN J 235 -16.57 69.01 72.89
CA ASN J 235 -16.11 67.63 72.98
C ASN J 235 -17.26 66.67 72.71
N SER J 236 -18.00 66.94 71.66
CA SER J 236 -19.16 66.13 71.32
C SER J 236 -18.74 64.77 70.79
N SER J 237 -19.49 63.74 71.19
CA SER J 237 -19.26 62.40 70.68
C SER J 237 -20.07 62.19 69.41
N ARG J 238 -19.44 61.60 68.42
CA ARG J 238 -20.09 61.31 67.14
C ARG J 238 -20.49 59.86 67.00
N PHE J 239 -19.67 58.93 67.49
CA PHE J 239 -19.98 57.52 67.42
C PHE J 239 -20.83 57.08 68.60
N GLY J 240 -21.60 56.01 68.40
CA GLY J 240 -22.43 55.45 69.44
C GLY J 240 -21.71 54.47 70.35
N LYS J 241 -20.92 54.97 71.29
CA LYS J 241 -20.26 54.10 72.26
C LYS J 241 -21.29 53.30 73.06
N PHE J 242 -20.91 52.07 73.42
CA PHE J 242 -21.83 51.17 74.10
C PHE J 242 -21.01 50.07 74.75
N ILE J 243 -20.97 50.06 76.08
CA ILE J 243 -20.17 49.12 76.85
C ILE J 243 -21.07 47.99 77.36
N ARG J 244 -20.73 46.76 77.00
CA ARG J 244 -21.40 45.57 77.49
C ARG J 244 -20.63 45.06 78.71
N ILE J 245 -21.31 45.00 79.85
CA ILE J 245 -20.73 44.47 81.09
C ILE J 245 -21.29 43.08 81.28
N HIS J 246 -20.50 42.05 80.96
CA HIS J 246 -20.96 40.70 81.12
C HIS J 246 -20.89 40.28 82.59
N PHE J 247 -21.44 39.10 82.86
CA PHE J 247 -21.37 38.50 84.19
C PHE J 247 -21.25 36.99 84.03
N GLY J 248 -21.24 36.29 85.16
CA GLY J 248 -21.18 34.85 85.16
C GLY J 248 -22.53 34.23 85.47
N ALA J 249 -22.49 32.94 85.81
CA ALA J 249 -23.69 32.27 86.28
C ALA J 249 -24.06 32.73 87.69
N THR J 250 -23.06 32.93 88.53
CA THR J 250 -23.22 33.42 89.89
C THR J 250 -23.41 34.92 89.95
N GLY J 251 -23.72 35.57 88.82
CA GLY J 251 -23.93 37.00 88.83
C GLY J 251 -22.73 37.80 89.28
N LYS J 252 -21.53 37.24 89.17
CA LYS J 252 -20.32 37.93 89.59
C LYS J 252 -19.57 38.46 88.38
N LEU J 253 -18.79 39.52 88.62
CA LEU J 253 -18.12 40.23 87.53
C LEU J 253 -17.23 39.30 86.73
N ALA J 254 -17.50 39.19 85.43
CA ALA J 254 -16.77 38.28 84.56
C ALA J 254 -15.87 39.02 83.58
N SER J 255 -16.42 39.91 82.76
CA SER J 255 -15.65 40.64 81.76
C SER J 255 -16.53 41.74 81.19
N ALA J 256 -15.91 42.60 80.38
CA ALA J 256 -16.58 43.74 79.77
C ALA J 256 -16.34 43.75 78.28
N ASP J 257 -17.38 44.10 77.52
CA ASP J 257 -17.31 44.18 76.07
C ASP J 257 -17.75 45.56 75.62
N ILE J 258 -17.32 45.96 74.42
CA ILE J 258 -17.58 47.29 73.90
C ILE J 258 -17.82 47.19 72.40
N GLU J 259 -18.78 47.98 71.90
CA GLU J 259 -19.07 48.03 70.48
C GLU J 259 -19.29 49.48 70.07
N THR J 260 -18.95 49.79 68.83
CA THR J 260 -19.15 51.12 68.28
C THR J 260 -20.20 51.05 67.17
N TYR J 261 -21.06 52.06 67.14
CA TYR J 261 -22.16 52.12 66.20
C TYR J 261 -22.23 53.51 65.60
N LEU J 262 -22.69 53.57 64.35
CA LEU J 262 -23.18 54.81 63.74
C LEU J 262 -22.13 55.91 63.74
N LEU J 263 -20.85 55.55 63.69
CA LEU J 263 -19.80 56.56 63.60
C LEU J 263 -19.95 57.33 62.29
N GLU J 264 -20.10 58.65 62.40
CA GLU J 264 -20.35 59.47 61.22
C GLU J 264 -19.07 59.61 60.41
N LYS J 265 -19.16 59.28 59.12
CA LYS J 265 -18.02 59.37 58.22
C LYS J 265 -17.91 60.71 57.52
N SER J 266 -19.04 61.41 57.33
CA SER J 266 -19.01 62.68 56.61
C SER J 266 -18.09 63.71 57.26
N ARG J 267 -17.83 63.58 58.56
CA ARG J 267 -16.97 64.55 59.23
C ARG J 267 -15.55 64.48 58.70
N VAL J 268 -15.08 63.30 58.32
CA VAL J 268 -13.70 63.14 57.89
C VAL J 268 -13.41 63.95 56.63
N ILE J 269 -14.44 64.35 55.90
CA ILE J 269 -14.27 65.06 54.64
C ILE J 269 -14.87 66.45 54.68
N PHE J 270 -16.16 66.55 54.98
CA PHE J 270 -16.88 67.83 54.96
C PHE J 270 -17.14 68.29 56.39
N GLN J 271 -16.83 69.55 56.66
CA GLN J 271 -17.14 70.18 57.94
C GLN J 271 -17.93 71.45 57.69
N LEU J 272 -18.82 71.77 58.62
CA LEU J 272 -19.69 72.93 58.48
C LEU J 272 -18.89 74.22 58.63
N LYS J 273 -19.61 75.34 58.59
CA LYS J 273 -18.96 76.65 58.72
C LYS J 273 -18.48 76.90 60.14
N ALA J 274 -19.14 76.31 61.14
CA ALA J 274 -18.89 76.63 62.54
C ALA J 274 -18.29 75.50 63.34
N GLU J 275 -17.87 74.41 62.71
CA GLU J 275 -17.42 73.24 63.45
C GLU J 275 -16.14 72.69 62.85
N ARG J 276 -15.47 71.83 63.61
CA ARG J 276 -14.18 71.27 63.23
C ARG J 276 -14.33 69.80 62.86
N ASP J 277 -13.23 69.25 62.36
CA ASP J 277 -13.13 67.81 62.12
C ASP J 277 -12.88 67.12 63.46
N TYR J 278 -12.50 65.85 63.42
CA TYR J 278 -12.18 65.13 64.64
C TYR J 278 -10.96 65.73 65.32
N HIS J 279 -10.82 65.45 66.62
CA HIS J 279 -9.74 66.05 67.40
C HIS J 279 -8.37 65.61 66.94
N ILE J 280 -8.25 64.41 66.37
CA ILE J 280 -6.94 63.78 66.21
C ILE J 280 -6.08 64.60 65.25
N PHE J 281 -6.68 65.08 64.17
CA PHE J 281 -5.90 65.83 63.19
C PHE J 281 -5.28 67.06 63.81
N TYR J 282 -6.01 67.73 64.69
CA TYR J 282 -5.48 68.90 65.37
C TYR J 282 -4.43 68.53 66.40
N GLN J 283 -4.68 67.45 67.16
CA GLN J 283 -3.70 67.00 68.13
C GLN J 283 -2.38 66.66 67.45
N ILE J 284 -2.43 65.99 66.29
CA ILE J 284 -1.23 65.76 65.52
C ILE J 284 -0.65 67.08 65.02
N LEU J 285 -1.53 68.01 64.65
CA LEU J 285 -1.07 69.33 64.22
C LEU J 285 -0.44 70.14 65.35
N SER J 286 -0.57 69.70 66.60
CA SER J 286 0.19 70.29 67.69
C SER J 286 1.66 69.94 67.51
N ASN J 287 2.50 70.97 67.39
CA ASN J 287 3.90 70.75 67.09
C ASN J 287 4.69 70.15 68.25
N LYS J 288 4.05 69.89 69.39
CA LYS J 288 4.79 69.35 70.54
C LYS J 288 5.46 68.02 70.22
N LYS J 289 5.02 67.32 69.17
CA LYS J 289 5.73 66.17 68.63
C LYS J 289 6.28 66.54 67.26
N PRO J 290 7.42 67.20 67.17
CA PRO J 290 7.97 67.53 65.84
C PRO J 290 8.45 66.30 65.09
N GLU J 291 8.69 65.18 65.78
CA GLU J 291 9.09 63.98 65.07
C GLU J 291 7.95 63.46 64.20
N LEU J 292 6.70 63.57 64.68
CA LEU J 292 5.57 63.14 63.85
C LEU J 292 5.47 64.00 62.60
N LEU J 293 5.61 65.32 62.75
CA LEU J 293 5.49 66.19 61.59
C LEU J 293 6.61 65.97 60.60
N ASP J 294 7.86 65.84 61.07
CA ASP J 294 8.92 65.68 60.10
C ASP J 294 9.00 64.26 59.56
N MET J 295 8.31 63.29 60.16
CA MET J 295 8.22 61.98 59.57
C MET J 295 6.98 61.79 58.70
N LEU J 296 6.00 62.70 58.82
CA LEU J 296 4.79 62.64 57.99
C LEU J 296 4.70 63.75 56.96
N LEU J 297 5.71 64.61 56.85
CA LEU J 297 5.71 65.71 55.88
C LEU J 297 4.56 66.67 56.13
N ILE J 298 4.14 66.77 57.39
CA ILE J 298 3.02 67.64 57.76
C ILE J 298 3.58 69.02 58.09
N THR J 299 3.28 69.99 57.24
CA THR J 299 3.61 71.37 57.53
C THR J 299 2.73 71.89 58.65
N ASN J 300 3.27 72.80 59.48
CA ASN J 300 2.56 73.26 60.66
C ASN J 300 1.24 73.95 60.32
N ASN J 301 1.11 74.50 59.12
CA ASN J 301 -0.01 75.38 58.80
C ASN J 301 -1.28 74.55 58.59
N PRO J 302 -2.31 74.71 59.43
CA PRO J 302 -3.53 73.90 59.25
C PRO J 302 -4.35 74.29 58.05
N TYR J 303 -4.24 75.53 57.55
CA TYR J 303 -4.92 75.92 56.33
C TYR J 303 -4.43 75.14 55.13
N ASP J 304 -3.31 74.42 55.28
CA ASP J 304 -2.69 73.78 54.12
C ASP J 304 -3.52 72.63 53.60
N TYR J 305 -4.26 71.96 54.48
CA TYR J 305 -4.89 70.70 54.14
C TYR J 305 -6.40 70.87 53.96
N ALA J 306 -6.88 70.52 52.76
CA ALA J 306 -8.22 70.92 52.34
C ALA J 306 -9.32 70.13 53.02
N PHE J 307 -9.07 68.87 53.37
CA PHE J 307 -10.10 68.10 54.06
C PHE J 307 -10.49 68.73 55.39
N ILE J 308 -9.59 69.50 56.00
CA ILE J 308 -9.78 70.03 57.34
C ILE J 308 -10.04 71.53 57.32
N SER J 309 -9.34 72.27 56.46
CA SER J 309 -9.36 73.73 56.51
C SER J 309 -10.75 74.33 56.32
N GLN J 310 -11.71 73.57 55.78
CA GLN J 310 -13.04 74.12 55.59
C GLN J 310 -13.81 74.26 56.90
N GLY J 311 -13.43 73.51 57.93
CA GLY J 311 -14.03 73.66 59.24
C GLY J 311 -13.33 74.71 60.07
N GLU J 312 -13.75 74.82 61.33
CA GLU J 312 -13.09 75.72 62.26
C GLU J 312 -11.67 75.25 62.50
N THR J 313 -10.71 76.12 62.19
CA THR J 313 -9.30 75.73 62.22
C THR J 313 -8.88 75.37 63.64
N THR J 314 -8.93 76.33 64.56
CA THR J 314 -8.58 76.08 65.94
C THR J 314 -9.54 76.85 66.85
N VAL J 315 -9.86 76.24 68.00
CA VAL J 315 -10.73 76.85 68.98
C VAL J 315 -10.15 76.61 70.37
N ALA J 316 -10.60 77.42 71.32
CA ALA J 316 -10.18 77.29 72.71
C ALA J 316 -10.93 76.14 73.36
N SER J 317 -10.84 74.96 72.77
CA SER J 317 -11.56 73.80 73.29
C SER J 317 -10.83 73.20 74.47
N ILE J 318 -9.61 72.69 74.25
CA ILE J 318 -8.80 72.06 75.26
C ILE J 318 -7.35 72.31 74.94
N ASP J 319 -6.47 71.88 75.83
CA ASP J 319 -5.03 71.86 75.56
C ASP J 319 -4.73 70.67 74.66
N ASP J 320 -4.78 70.91 73.34
CA ASP J 320 -4.69 69.82 72.37
C ASP J 320 -3.34 69.12 72.41
N ALA J 321 -2.26 69.87 72.68
CA ALA J 321 -0.95 69.25 72.80
C ALA J 321 -0.92 68.26 73.97
N GLU J 322 -1.41 68.71 75.13
CA GLU J 322 -1.48 67.82 76.28
C GLU J 322 -2.37 66.62 75.97
N GLU J 323 -3.44 66.82 75.21
CA GLU J 323 -4.32 65.70 74.90
C GLU J 323 -3.62 64.70 74.00
N LEU J 324 -2.86 65.19 73.03
CA LEU J 324 -1.98 64.33 72.24
C LEU J 324 -1.07 63.51 73.15
N MET J 325 -0.50 64.15 74.17
CA MET J 325 0.39 63.42 75.07
C MET J 325 -0.38 62.38 75.88
N ALA J 326 -1.57 62.74 76.37
CA ALA J 326 -2.36 61.80 77.15
C ALA J 326 -2.75 60.58 76.31
N THR J 327 -3.08 60.82 75.04
CA THR J 327 -3.41 59.71 74.15
C THR J 327 -2.19 58.85 73.88
N ASP J 328 -1.03 59.46 73.64
CA ASP J 328 0.18 58.66 73.43
C ASP J 328 0.52 57.83 74.66
N ASN J 329 0.31 58.40 75.85
CA ASN J 329 0.53 57.66 77.08
C ASN J 329 -0.42 56.48 77.18
N ALA J 330 -1.72 56.72 76.95
CA ALA J 330 -2.70 55.64 76.95
C ALA J 330 -2.35 54.57 75.94
N PHE J 331 -1.81 54.98 74.78
CA PHE J 331 -1.39 54.01 73.77
C PHE J 331 -0.25 53.14 74.29
N ASP J 332 0.83 53.78 74.75
CA ASP J 332 1.99 53.04 75.22
C ASP J 332 1.63 52.13 76.38
N VAL J 333 0.64 52.51 77.20
CA VAL J 333 0.22 51.61 78.27
C VAL J 333 -0.86 50.65 77.84
N LEU J 334 -1.31 50.72 76.59
CA LEU J 334 -2.19 49.70 76.08
C LEU J 334 -1.39 48.62 75.36
N GLY J 335 -2.05 47.49 75.08
CA GLY J 335 -1.35 46.29 74.67
C GLY J 335 -0.52 46.43 73.41
N PHE J 336 -0.73 47.48 72.63
CA PHE J 336 -0.15 47.51 71.30
C PHE J 336 1.15 48.31 71.27
N THR J 337 2.02 47.91 70.34
CA THR J 337 3.40 48.34 70.31
C THR J 337 3.52 49.80 69.89
N SER J 338 4.77 50.28 69.83
CA SER J 338 5.05 51.63 69.38
C SER J 338 4.98 51.75 67.85
N GLU J 339 5.43 50.71 67.13
CA GLU J 339 5.28 50.70 65.68
C GLU J 339 3.83 50.87 65.28
N GLU J 340 2.91 50.30 66.06
CA GLU J 340 1.50 50.34 65.73
C GLU J 340 0.94 51.75 65.91
N LYS J 341 1.33 52.45 66.97
CA LYS J 341 0.98 53.86 67.08
C LYS J 341 1.59 54.66 65.94
N ASN J 342 2.81 54.32 65.56
CA ASN J 342 3.46 55.01 64.45
C ASN J 342 2.66 54.84 63.17
N SER J 343 2.21 53.62 62.90
CA SER J 343 1.39 53.36 61.71
C SER J 343 0.06 54.08 61.79
N MET J 344 -0.55 54.11 62.97
CA MET J 344 -1.80 54.85 63.13
C MET J 344 -1.61 56.32 62.75
N TYR J 345 -0.58 56.94 63.31
CA TYR J 345 -0.32 58.35 63.04
C TYR J 345 -0.05 58.58 61.56
N LYS J 346 0.76 57.71 60.95
CA LYS J 346 1.09 57.92 59.55
C LYS J 346 -0.14 57.69 58.66
N LEU J 347 -0.98 56.74 59.01
CA LEU J 347 -2.20 56.52 58.24
C LEU J 347 -3.11 57.73 58.29
N THR J 348 -3.25 58.34 59.47
CA THR J 348 -4.04 59.56 59.57
C THR J 348 -3.42 60.67 58.72
N GLY J 349 -2.09 60.77 58.72
CA GLY J 349 -1.44 61.74 57.85
C GLY J 349 -1.67 61.47 56.38
N ALA J 350 -1.79 60.20 55.99
CA ALA J 350 -2.10 59.87 54.61
C ALA J 350 -3.51 60.30 54.24
N ILE J 351 -4.46 60.02 55.13
CA ILE J 351 -5.82 60.54 54.95
C ILE J 351 -5.79 62.04 54.77
N MET J 352 -4.93 62.72 55.53
CA MET J 352 -4.82 64.17 55.39
C MET J 352 -4.23 64.54 54.04
N HIS J 353 -3.26 63.76 53.55
CA HIS J 353 -2.66 64.03 52.25
C HIS J 353 -3.57 63.74 51.08
N PHE J 354 -4.63 62.94 51.27
CA PHE J 354 -5.54 62.69 50.15
C PHE J 354 -6.21 63.96 49.65
N GLY J 355 -6.47 64.93 50.52
CA GLY J 355 -7.32 66.04 50.13
C GLY J 355 -6.74 66.98 49.11
N ASN J 356 -5.42 67.07 49.01
CA ASN J 356 -4.80 68.09 48.16
C ASN J 356 -4.56 67.60 46.74
N MET J 357 -4.96 66.37 46.41
CA MET J 357 -4.81 65.86 45.06
C MET J 357 -5.52 66.77 44.06
N LYS J 358 -4.97 66.85 42.85
CA LYS J 358 -5.50 67.71 41.81
C LYS J 358 -5.67 66.93 40.53
N PHE J 359 -6.85 67.04 39.91
CA PHE J 359 -7.14 66.34 38.67
C PHE J 359 -7.67 67.31 37.65
N LYS J 360 -7.35 67.04 36.39
CA LYS J 360 -7.81 67.85 35.27
C LYS J 360 -8.42 66.94 34.21
N LEU J 361 -9.32 67.50 33.41
CA LEU J 361 -9.81 66.76 32.26
C LEU J 361 -8.71 66.66 31.21
N LYS J 362 -8.85 65.69 30.33
CA LYS J 362 -7.80 65.44 29.34
C LYS J 362 -7.93 66.45 28.19
N GLN J 363 -7.18 66.19 27.12
CA GLN J 363 -7.03 67.11 26.01
C GLN J 363 -8.35 67.37 25.30
N ARG J 364 -8.86 66.35 24.63
CA ARG J 364 -10.11 66.45 23.88
C ARG J 364 -11.01 65.27 24.23
N GLU J 365 -11.11 64.98 25.52
CA GLU J 365 -11.89 63.84 26.00
C GLU J 365 -12.52 64.23 27.33
N GLU J 366 -13.21 63.27 27.94
CA GLU J 366 -13.85 63.45 29.23
C GLU J 366 -13.16 62.69 30.35
N GLN J 367 -11.89 62.33 30.16
CA GLN J 367 -11.17 61.54 31.14
C GLN J 367 -10.37 62.41 32.08
N ALA J 368 -10.28 61.99 33.34
CA ALA J 368 -9.51 62.67 34.37
C ALA J 368 -8.06 62.19 34.34
N GLU J 369 -7.14 63.14 34.47
CA GLU J 369 -5.72 62.84 34.58
C GLU J 369 -5.09 63.76 35.60
N PRO J 370 -4.11 63.27 36.37
CA PRO J 370 -3.51 64.10 37.41
C PRO J 370 -2.49 65.06 36.81
N ASP J 371 -2.52 66.31 37.28
CA ASP J 371 -1.49 67.28 36.95
C ASP J 371 -0.45 67.39 38.05
N GLY J 372 -0.88 67.49 39.30
CA GLY J 372 0.03 67.47 40.43
C GLY J 372 0.28 66.05 40.88
N THR J 373 1.55 65.71 41.04
CA THR J 373 1.94 64.35 41.38
C THR J 373 2.70 64.25 42.69
N GLU J 374 3.07 65.36 43.31
CA GLU J 374 3.97 65.32 44.45
C GLU J 374 3.28 64.75 45.69
N GLU J 375 2.09 65.28 46.01
CA GLU J 375 1.32 64.71 47.10
C GLU J 375 0.92 63.27 46.81
N ALA J 376 0.71 62.93 45.54
CA ALA J 376 0.46 61.54 45.19
C ALA J 376 1.66 60.67 45.55
N ASP J 377 2.86 61.10 45.16
CA ASP J 377 4.07 60.35 45.49
C ASP J 377 4.23 60.20 46.99
N LYS J 378 4.03 61.28 47.75
CA LYS J 378 4.29 61.19 49.18
C LYS J 378 3.22 60.36 49.88
N SER J 379 1.96 60.46 49.43
CA SER J 379 0.92 59.64 50.03
C SER J 379 1.14 58.17 49.71
N ALA J 380 1.65 57.86 48.52
CA ALA J 380 1.96 56.47 48.21
C ALA J 380 3.14 55.97 49.04
N TYR J 381 4.18 56.79 49.17
CA TYR J 381 5.33 56.42 49.99
C TYR J 381 4.93 56.19 51.42
N LEU J 382 3.92 56.90 51.89
CA LEU J 382 3.42 56.66 53.24
C LEU J 382 2.59 55.37 53.29
N MET J 383 1.64 55.24 52.37
CA MET J 383 0.67 54.15 52.42
C MET J 383 1.29 52.79 52.13
N GLY J 384 2.44 52.76 51.48
CA GLY J 384 3.02 51.49 51.09
C GLY J 384 2.56 50.98 49.75
N LEU J 385 2.23 51.88 48.83
CA LEU J 385 1.87 51.54 47.47
C LEU J 385 2.78 52.30 46.51
N ASN J 386 2.63 52.02 45.22
CA ASN J 386 3.33 52.75 44.19
C ASN J 386 2.50 53.95 43.75
N SER J 387 3.17 55.07 43.48
CA SER J 387 2.46 56.30 43.16
C SER J 387 1.80 56.21 41.79
N ALA J 388 2.55 55.80 40.77
CA ALA J 388 1.97 55.63 39.45
C ALA J 388 0.83 54.63 39.49
N ASP J 389 0.99 53.56 40.29
CA ASP J 389 -0.03 52.52 40.36
C ASP J 389 -1.29 53.04 41.03
N LEU J 390 -1.16 53.85 42.09
CA LEU J 390 -2.34 54.41 42.73
C LEU J 390 -3.03 55.41 41.83
N LEU J 391 -2.25 56.22 41.11
CA LEU J 391 -2.85 57.17 40.18
C LEU J 391 -3.59 56.45 39.06
N LYS J 392 -3.03 55.35 38.58
CA LYS J 392 -3.71 54.56 37.56
C LYS J 392 -4.98 53.92 38.11
N GLY J 393 -4.93 53.45 39.36
CA GLY J 393 -6.11 52.87 39.96
C GLY J 393 -7.21 53.87 40.25
N LEU J 394 -6.85 55.14 40.40
CA LEU J 394 -7.89 56.14 40.58
C LEU J 394 -8.45 56.63 39.25
N CYS J 395 -7.60 56.82 38.25
CA CYS J 395 -8.11 57.33 36.99
C CYS J 395 -8.80 56.26 36.15
N HIS J 396 -8.42 55.00 36.28
CA HIS J 396 -8.91 53.93 35.41
C HIS J 396 -9.26 52.68 36.20
N PRO J 397 -10.40 52.67 36.89
CA PRO J 397 -10.81 51.45 37.57
C PRO J 397 -11.06 50.34 36.57
N ARG J 398 -10.87 49.11 37.02
CA ARG J 398 -11.19 47.94 36.22
C ARG J 398 -12.29 47.16 36.90
N VAL J 399 -13.32 46.82 36.14
CA VAL J 399 -14.50 46.12 36.65
C VAL J 399 -14.62 44.78 35.95
N LYS J 400 -15.31 43.85 36.58
CA LYS J 400 -15.43 42.48 36.11
C LYS J 400 -16.74 42.29 35.35
N VAL J 401 -16.64 41.95 34.07
CA VAL J 401 -17.79 41.65 33.23
C VAL J 401 -17.73 40.18 32.87
N GLY J 402 -18.47 39.37 33.60
CA GLY J 402 -18.43 37.94 33.36
C GLY J 402 -17.09 37.35 33.71
N ASN J 403 -16.32 36.96 32.69
CA ASN J 403 -15.01 36.35 32.89
C ASN J 403 -13.86 37.26 32.44
N GLU J 404 -14.13 38.54 32.20
CA GLU J 404 -13.12 39.46 31.74
C GLU J 404 -13.13 40.72 32.59
N TYR J 405 -12.09 41.53 32.44
CA TYR J 405 -12.00 42.84 33.08
C TYR J 405 -11.93 43.91 32.01
N VAL J 406 -12.78 44.92 32.13
CA VAL J 406 -12.74 46.07 31.24
C VAL J 406 -12.58 47.33 32.08
N THR J 407 -11.84 48.29 31.53
CA THR J 407 -11.54 49.52 32.24
C THR J 407 -12.69 50.51 32.18
N LYS J 408 -13.04 51.07 33.32
CA LYS J 408 -14.10 52.06 33.44
C LYS J 408 -13.51 53.46 33.35
N GLY J 409 -14.28 54.38 32.78
CA GLY J 409 -13.85 55.76 32.66
C GLY J 409 -14.33 56.62 33.81
N GLN J 410 -13.55 57.65 34.14
CA GLN J 410 -13.89 58.56 35.22
C GLN J 410 -13.59 59.99 34.82
N ASN J 411 -14.39 60.91 35.33
CA ASN J 411 -14.12 62.33 35.23
C ASN J 411 -13.75 62.88 36.61
N VAL J 412 -13.58 64.20 36.70
CA VAL J 412 -13.04 64.78 37.92
C VAL J 412 -13.99 64.60 39.09
N GLN J 413 -15.28 64.83 38.88
CA GLN J 413 -16.24 64.66 39.96
C GLN J 413 -16.23 63.23 40.47
N GLN J 414 -16.20 62.26 39.54
CA GLN J 414 -16.24 60.86 39.95
C GLN J 414 -14.98 60.48 40.73
N VAL J 415 -13.81 60.91 40.26
CA VAL J 415 -12.59 60.54 40.96
C VAL J 415 -12.53 61.22 42.32
N ILE J 416 -13.08 62.42 42.43
CA ILE J 416 -13.09 63.10 43.72
C ILE J 416 -14.01 62.40 44.71
N TYR J 417 -15.21 62.01 44.25
CA TYR J 417 -16.09 61.24 45.12
C TYR J 417 -15.44 59.93 45.55
N ALA J 418 -14.71 59.29 44.64
CA ALA J 418 -14.04 58.05 44.99
C ALA J 418 -12.96 58.29 46.03
N THR J 419 -12.19 59.37 45.89
CA THR J 419 -11.16 59.69 46.86
C THR J 419 -11.76 59.93 48.25
N GLY J 420 -12.83 60.71 48.30
CA GLY J 420 -13.49 60.95 49.57
C GLY J 420 -14.02 59.68 50.21
N ALA J 421 -14.61 58.81 49.40
CA ALA J 421 -15.14 57.56 49.96
C ALA J 421 -14.02 56.66 50.42
N LEU J 422 -12.89 56.66 49.72
CA LEU J 422 -11.74 55.87 50.14
C LEU J 422 -11.22 56.36 51.50
N ALA J 423 -11.09 57.67 51.65
CA ALA J 423 -10.61 58.22 52.92
C ALA J 423 -11.57 57.88 54.06
N LYS J 424 -12.86 58.12 53.85
CA LYS J 424 -13.83 57.79 54.90
C LYS J 424 -13.75 56.31 55.25
N ALA J 425 -13.58 55.46 54.24
CA ALA J 425 -13.54 54.02 54.48
C ALA J 425 -12.32 53.65 55.31
N VAL J 426 -11.14 54.12 54.92
CA VAL J 426 -9.93 53.73 55.63
C VAL J 426 -9.96 54.25 57.05
N TYR J 427 -10.48 55.46 57.25
CA TYR J 427 -10.57 55.98 58.61
C TYR J 427 -11.49 55.11 59.46
N GLU J 428 -12.71 54.85 58.98
CA GLU J 428 -13.65 54.04 59.74
C GLU J 428 -13.11 52.65 59.98
N ARG J 429 -12.36 52.09 59.02
CA ARG J 429 -11.78 50.77 59.18
C ARG J 429 -10.76 50.75 60.31
N MET J 430 -9.81 51.70 60.27
CA MET J 430 -8.84 51.82 61.34
C MET J 430 -9.50 52.02 62.68
N PHE J 431 -10.60 52.78 62.72
CA PHE J 431 -11.31 53.00 63.97
C PHE J 431 -11.88 51.70 64.52
N ASN J 432 -12.61 50.96 63.68
CA ASN J 432 -13.20 49.71 64.15
C ASN J 432 -12.13 48.73 64.62
N TRP J 433 -11.01 48.68 63.91
CA TRP J 433 -9.95 47.75 64.30
C TRP J 433 -9.29 48.20 65.60
N MET J 434 -9.17 49.51 65.81
CA MET J 434 -8.66 50.01 67.08
C MET J 434 -9.56 49.60 68.23
N VAL J 435 -10.88 49.66 68.00
CA VAL J 435 -11.80 49.21 69.04
C VAL J 435 -11.64 47.72 69.30
N THR J 436 -11.41 46.93 68.24
CA THR J 436 -11.16 45.50 68.44
C THR J 436 -9.91 45.28 69.28
N ARG J 437 -8.85 46.05 69.01
CA ARG J 437 -7.63 45.93 69.80
C ARG J 437 -7.87 46.30 71.25
N ILE J 438 -8.64 47.37 71.49
CA ILE J 438 -8.99 47.76 72.85
C ILE J 438 -9.70 46.63 73.56
N ASN J 439 -10.69 46.03 72.89
CA ASN J 439 -11.44 44.96 73.52
C ASN J 439 -10.56 43.74 73.78
N ALA J 440 -9.58 43.49 72.90
CA ALA J 440 -8.66 42.39 73.13
C ALA J 440 -7.79 42.63 74.34
N THR J 441 -7.31 43.86 74.51
CA THR J 441 -6.58 44.21 75.73
C THR J 441 -7.45 43.98 76.96
N LEU J 442 -8.69 44.46 76.92
CA LEU J 442 -9.58 44.32 78.07
C LEU J 442 -9.93 42.86 78.34
N GLU J 443 -9.85 42.01 77.33
CA GLU J 443 -10.49 40.70 77.40
C GLU J 443 -9.91 39.83 78.53
N THR J 444 -10.81 39.27 79.33
CA THR J 444 -10.46 38.32 80.37
C THR J 444 -11.10 36.98 80.04
N LYS J 445 -10.39 35.90 80.39
CA LYS J 445 -10.79 34.55 80.00
C LYS J 445 -11.94 34.01 80.83
N GLN J 446 -12.39 34.73 81.84
CA GLN J 446 -13.49 34.26 82.67
C GLN J 446 -14.73 34.05 81.80
N PRO J 447 -15.51 33.00 82.06
CA PRO J 447 -16.75 32.80 81.29
C PRO J 447 -17.67 34.00 81.43
N ARG J 448 -18.27 34.39 80.32
CA ARG J 448 -19.11 35.59 80.24
C ARG J 448 -20.54 35.17 79.97
N GLN J 449 -21.40 35.29 80.98
CA GLN J 449 -22.83 35.06 80.85
C GLN J 449 -23.54 36.38 80.55
N TYR J 450 -24.86 36.41 80.76
CA TYR J 450 -25.69 37.57 80.48
C TYR J 450 -25.03 38.88 80.90
N PHE J 451 -25.20 39.90 80.09
CA PHE J 451 -24.57 41.19 80.30
C PHE J 451 -25.63 42.26 80.54
N ILE J 452 -25.17 43.43 80.98
CA ILE J 452 -26.00 44.61 81.12
C ILE J 452 -25.27 45.76 80.44
N GLY J 453 -25.76 46.17 79.28
CA GLY J 453 -25.07 47.17 78.49
C GLY J 453 -25.47 48.59 78.84
N VAL J 454 -24.52 49.49 78.66
CA VAL J 454 -24.74 50.93 78.83
C VAL J 454 -24.40 51.62 77.52
N LEU J 455 -25.28 52.52 77.09
CA LEU J 455 -25.25 53.07 75.74
C LEU J 455 -25.06 54.58 75.79
N ASP J 456 -24.11 55.08 75.00
CA ASP J 456 -23.82 56.50 74.88
C ASP J 456 -24.03 56.89 73.42
N ILE J 457 -24.98 57.80 73.17
CA ILE J 457 -25.41 58.13 71.82
C ILE J 457 -25.55 59.64 71.70
N ALA J 458 -25.51 60.12 70.46
CA ALA J 458 -25.73 61.53 70.22
C ALA J 458 -27.16 61.94 70.57
N GLY J 459 -27.37 63.24 70.69
CA GLY J 459 -28.65 63.77 71.10
C GLY J 459 -29.47 64.33 69.95
N PHE J 460 -30.75 64.58 70.24
CA PHE J 460 -31.67 65.07 69.23
C PHE J 460 -31.35 66.52 68.91
N GLU J 461 -30.20 66.74 68.29
CA GLU J 461 -29.70 68.10 68.14
C GLU J 461 -30.56 68.92 67.21
N ILE J 462 -30.85 70.16 67.62
CA ILE J 462 -31.54 71.13 66.80
C ILE J 462 -30.63 72.35 66.66
N PHE J 463 -30.70 72.98 65.51
CA PHE J 463 -29.93 74.19 65.23
C PHE J 463 -30.80 75.11 64.41
N ASP J 464 -30.18 76.09 63.76
CA ASP J 464 -30.83 76.90 62.76
C ASP J 464 -30.37 76.59 61.34
N PHE J 465 -29.37 75.73 61.18
CA PHE J 465 -28.89 75.25 59.88
C PHE J 465 -28.71 73.75 59.91
N ASN J 466 -29.74 73.04 60.37
CA ASN J 466 -29.74 71.59 60.32
C ASN J 466 -29.41 71.10 58.91
N SER J 467 -28.76 69.95 58.84
CA SER J 467 -28.29 69.44 57.56
C SER J 467 -28.46 67.93 57.53
N PHE J 468 -27.78 67.29 56.59
CA PHE J 468 -27.92 65.85 56.37
C PHE J 468 -27.52 65.07 57.62
N GLU J 469 -26.41 65.44 58.23
CA GLU J 469 -25.93 64.73 59.41
C GLU J 469 -26.91 64.85 60.56
N GLN J 470 -27.46 66.05 60.76
CA GLN J 470 -28.45 66.23 61.81
C GLN J 470 -29.71 65.43 61.51
N LEU J 471 -30.07 65.31 60.23
CA LEU J 471 -31.20 64.47 59.88
C LEU J 471 -30.93 63.01 60.25
N CYS J 472 -29.71 62.53 59.98
CA CYS J 472 -29.37 61.17 60.36
C CYS J 472 -29.45 60.98 61.86
N ILE J 473 -28.89 61.93 62.61
CA ILE J 473 -28.92 61.86 64.08
C ILE J 473 -30.36 61.81 64.57
N ASN J 474 -31.19 62.70 64.05
CA ASN J 474 -32.58 62.74 64.50
C ASN J 474 -33.33 61.49 64.11
N PHE J 475 -32.99 60.89 62.97
CA PHE J 475 -33.60 59.62 62.59
C PHE J 475 -33.26 58.53 63.59
N THR J 476 -31.99 58.47 63.99
CA THR J 476 -31.59 57.51 65.00
C THR J 476 -32.36 57.72 66.30
N ASN J 477 -32.42 58.98 66.75
CA ASN J 477 -33.10 59.27 68.00
C ASN J 477 -34.60 59.01 67.88
N GLU J 478 -35.16 59.14 66.68
CA GLU J 478 -36.54 58.74 66.46
C GLU J 478 -36.73 57.25 66.68
N LYS J 479 -35.84 56.43 66.12
CA LYS J 479 -35.95 55.01 66.36
C LYS J 479 -35.86 54.70 67.84
N LEU J 480 -34.93 55.35 68.54
CA LEU J 480 -34.77 55.11 69.97
C LEU J 480 -36.03 55.51 70.75
N GLN J 481 -36.56 56.70 70.47
CA GLN J 481 -37.71 57.18 71.21
C GLN J 481 -38.94 56.32 70.95
N GLN J 482 -39.12 55.87 69.70
CA GLN J 482 -40.23 54.97 69.41
C GLN J 482 -40.04 53.64 70.13
N PHE J 483 -38.80 53.18 70.24
CA PHE J 483 -38.52 51.95 70.98
C PHE J 483 -38.92 52.09 72.44
N PHE J 484 -38.46 53.18 73.08
CA PHE J 484 -38.83 53.40 74.48
C PHE J 484 -40.34 53.54 74.63
N ASN J 485 -40.99 54.21 73.68
CA ASN J 485 -42.42 54.43 73.78
C ASN J 485 -43.17 53.09 73.74
N HIS J 486 -42.77 52.20 72.83
CA HIS J 486 -43.38 50.88 72.79
C HIS J 486 -43.07 50.10 74.07
N HIS J 487 -41.86 50.24 74.58
CA HIS J 487 -41.49 49.59 75.83
C HIS J 487 -42.41 50.01 76.96
N MET J 488 -42.59 51.33 77.13
CA MET J 488 -43.48 51.85 78.15
C MET J 488 -44.93 51.43 77.89
N PHE J 489 -45.32 51.28 76.63
CA PHE J 489 -46.65 50.77 76.34
C PHE J 489 -46.84 49.37 76.91
N VAL J 490 -45.88 48.49 76.65
CA VAL J 490 -46.00 47.13 77.16
C VAL J 490 -45.93 47.13 78.69
N LEU J 491 -45.15 48.06 79.26
CA LEU J 491 -45.09 48.16 80.72
C LEU J 491 -46.42 48.60 81.31
N GLU J 492 -47.11 49.53 80.65
CA GLU J 492 -48.42 49.96 81.14
C GLU J 492 -49.45 48.84 80.96
N GLN J 493 -49.35 48.09 79.86
CA GLN J 493 -50.20 46.91 79.73
C GLN J 493 -49.92 45.90 80.82
N GLU J 494 -48.67 45.79 81.25
CA GLU J 494 -48.32 44.91 82.37
C GLU J 494 -48.96 45.40 83.67
N GLU J 495 -48.86 46.71 83.94
CA GLU J 495 -49.53 47.28 85.11
C GLU J 495 -51.02 46.99 85.08
N TYR J 496 -51.65 47.14 83.90
CA TYR J 496 -53.09 46.95 83.79
C TYR J 496 -53.47 45.47 83.96
N LYS J 497 -52.71 44.56 83.36
CA LYS J 497 -53.02 43.14 83.50
C LYS J 497 -52.74 42.65 84.91
N LYS J 498 -51.86 43.34 85.65
CA LYS J 498 -51.72 43.05 87.07
C LYS J 498 -52.95 43.54 87.84
N GLU J 499 -53.33 44.80 87.62
CA GLU J 499 -54.44 45.39 88.36
C GLU J 499 -55.79 44.81 87.94
N GLY J 500 -55.81 43.98 86.90
CA GLY J 500 -57.07 43.42 86.47
C GLY J 500 -58.00 44.40 85.83
N ILE J 501 -57.47 45.54 85.37
CA ILE J 501 -58.26 46.60 84.75
C ILE J 501 -57.61 46.89 83.40
N GLU J 502 -58.26 46.44 82.33
CA GLU J 502 -57.65 46.42 80.99
C GLU J 502 -58.52 47.20 80.00
N TRP J 503 -58.01 48.34 79.54
CA TRP J 503 -58.72 49.21 78.62
C TRP J 503 -57.70 49.89 77.71
N THR J 504 -58.21 50.59 76.69
CA THR J 504 -57.40 51.42 75.80
C THR J 504 -56.28 50.62 75.14
N PHE J 505 -56.67 49.65 74.32
CA PHE J 505 -55.75 48.67 73.76
C PHE J 505 -54.98 49.18 72.53
N ILE J 506 -54.89 50.49 72.33
CA ILE J 506 -54.06 51.03 71.26
C ILE J 506 -52.63 51.18 71.75
N ASP J 507 -51.67 50.85 70.88
CA ASP J 507 -50.27 50.99 71.23
C ASP J 507 -49.83 52.44 71.11
N PHE J 508 -48.67 52.73 71.69
CA PHE J 508 -48.13 54.08 71.75
C PHE J 508 -46.95 54.30 70.81
N GLY J 509 -46.71 53.38 69.88
CA GLY J 509 -45.55 53.50 69.02
C GLY J 509 -45.85 54.03 67.63
N MET J 510 -46.98 53.62 67.06
CA MET J 510 -47.28 53.97 65.69
C MET J 510 -47.40 55.47 65.49
N ASP J 511 -47.90 56.17 66.49
CA ASP J 511 -48.04 57.63 66.40
C ASP J 511 -46.70 58.29 66.12
N LEU J 512 -45.60 57.63 66.48
CA LEU J 512 -44.27 58.10 66.11
C LEU J 512 -43.72 57.42 64.88
N GLN J 513 -44.06 56.14 64.66
CA GLN J 513 -43.61 55.45 63.46
C GLN J 513 -44.04 56.17 62.19
N ALA J 514 -45.20 56.83 62.24
CA ALA J 514 -45.65 57.59 61.09
C ALA J 514 -44.62 58.60 60.62
N CYS J 515 -43.81 59.13 61.54
CA CYS J 515 -42.72 60.01 61.13
C CYS J 515 -41.52 59.23 60.62
N ILE J 516 -41.30 58.02 61.12
CA ILE J 516 -40.19 57.21 60.60
C ILE J 516 -40.44 56.86 59.14
N ASP J 517 -41.68 56.52 58.79
CA ASP J 517 -42.01 56.14 57.42
C ASP J 517 -41.70 57.23 56.41
N LEU J 518 -41.37 58.43 56.87
CA LEU J 518 -41.02 59.53 55.99
C LEU J 518 -39.53 59.63 55.76
N ILE J 519 -38.74 58.73 56.33
CA ILE J 519 -37.30 58.72 56.14
C ILE J 519 -36.83 57.43 55.49
N GLU J 520 -37.23 56.29 56.06
CA GLU J 520 -36.70 55.01 55.60
C GLU J 520 -37.50 54.39 54.48
N LYS J 521 -38.82 54.55 54.48
CA LYS J 521 -39.66 53.82 53.57
C LYS J 521 -39.39 54.22 52.12
N PRO J 522 -39.67 53.32 51.18
CA PRO J 522 -39.50 53.67 49.76
C PRO J 522 -40.34 54.88 49.40
N MET J 523 -39.78 55.74 48.55
CA MET J 523 -40.29 57.07 48.24
C MET J 523 -40.21 58.03 49.43
N GLY J 524 -39.61 57.60 50.53
CA GLY J 524 -39.29 58.50 51.62
C GLY J 524 -38.06 59.33 51.27
N ILE J 525 -37.64 60.15 52.23
CA ILE J 525 -36.61 61.14 51.96
C ILE J 525 -35.30 60.46 51.60
N MET J 526 -34.93 59.41 52.33
CA MET J 526 -33.67 58.74 52.05
C MET J 526 -33.70 58.03 50.70
N SER J 527 -34.81 57.41 50.36
CA SER J 527 -34.90 56.73 49.07
C SER J 527 -34.86 57.74 47.93
N ILE J 528 -35.53 58.88 48.10
CA ILE J 528 -35.48 59.90 47.07
C ILE J 528 -34.07 60.44 46.93
N LEU J 529 -33.35 60.58 48.04
CA LEU J 529 -31.99 61.07 47.97
C LEU J 529 -31.08 60.08 47.26
N GLU J 530 -31.23 58.80 47.56
CA GLU J 530 -30.44 57.78 46.87
C GLU J 530 -30.73 57.78 45.38
N GLU J 531 -32.01 57.78 45.01
CA GLU J 531 -32.37 57.84 43.60
C GLU J 531 -31.80 59.08 42.94
N GLU J 532 -31.80 60.21 43.64
CA GLU J 532 -31.33 61.45 43.03
C GLU J 532 -29.83 61.44 42.84
N CYS J 533 -29.08 60.87 43.78
CA CYS J 533 -27.65 60.79 43.54
C CYS J 533 -27.30 59.65 42.57
N MET J 534 -28.26 58.82 42.20
CA MET J 534 -28.06 57.88 41.11
C MET J 534 -28.41 58.45 39.73
N PHE J 535 -29.39 59.35 39.65
CA PHE J 535 -29.84 59.90 38.39
C PHE J 535 -28.73 60.71 37.71
N PRO J 536 -28.79 60.84 36.37
CA PRO J 536 -27.70 61.52 35.65
C PRO J 536 -27.35 62.94 36.04
N LYS J 537 -28.25 63.90 35.89
CA LYS J 537 -27.90 65.30 36.05
C LYS J 537 -28.65 65.95 37.21
N ALA J 538 -28.77 65.24 38.31
CA ALA J 538 -29.60 65.73 39.40
C ALA J 538 -28.96 66.91 40.10
N THR J 539 -29.80 67.80 40.63
CA THR J 539 -29.36 69.01 41.31
C THR J 539 -30.21 69.16 42.57
N ASP J 540 -29.81 70.08 43.44
CA ASP J 540 -30.53 70.28 44.69
C ASP J 540 -31.94 70.78 44.45
N MET J 541 -32.13 71.65 43.46
CA MET J 541 -33.48 72.13 43.17
C MET J 541 -34.37 70.98 42.70
N THR J 542 -33.83 70.07 41.89
CA THR J 542 -34.59 68.92 41.46
C THR J 542 -34.91 67.99 42.62
N PHE J 543 -33.95 67.81 43.52
CA PHE J 543 -34.19 67.05 44.74
C PHE J 543 -35.35 67.64 45.53
N LYS J 544 -35.33 68.96 45.74
CA LYS J 544 -36.41 69.62 46.45
C LYS J 544 -37.73 69.44 45.74
N ALA J 545 -37.73 69.60 44.41
CA ALA J 545 -38.96 69.45 43.64
C ALA J 545 -39.53 68.05 43.78
N LYS J 546 -38.68 67.04 43.77
CA LYS J 546 -39.17 65.67 43.92
C LYS J 546 -39.72 65.42 45.32
N LEU J 547 -39.01 65.92 46.33
CA LEU J 547 -39.53 65.82 47.70
C LEU J 547 -40.93 66.40 47.79
N PHE J 548 -41.12 67.61 47.25
CA PHE J 548 -42.42 68.26 47.34
C PHE J 548 -43.47 67.52 46.52
N ASP J 549 -43.15 67.22 45.26
CA ASP J 549 -44.10 66.53 44.40
C ASP J 549 -44.55 65.21 44.99
N ASN J 550 -43.70 64.56 45.77
CA ASN J 550 -44.02 63.23 46.23
C ASN J 550 -44.50 63.19 47.67
N HIS J 551 -44.39 64.29 48.42
CA HIS J 551 -44.86 64.23 49.81
C HIS J 551 -45.83 65.34 50.21
N LEU J 552 -45.68 66.52 49.61
CA LEU J 552 -46.40 67.71 50.08
C LEU J 552 -47.90 67.48 50.09
N GLY J 553 -48.50 67.55 51.28
CA GLY J 553 -49.94 67.40 51.41
C GLY J 553 -50.37 65.96 51.43
N LYS J 554 -49.79 65.14 50.56
CA LYS J 554 -50.10 63.72 50.53
C LYS J 554 -49.62 63.01 51.78
N SER J 555 -48.68 63.60 52.51
CA SER J 555 -48.18 63.08 53.78
C SER J 555 -48.87 63.81 54.92
N ALA J 556 -48.46 63.46 56.15
CA ALA J 556 -49.03 64.09 57.32
C ALA J 556 -48.05 64.99 58.07
N ASN J 557 -46.78 64.61 58.14
CA ASN J 557 -45.77 65.36 58.88
C ASN J 557 -44.90 66.24 58.02
N PHE J 558 -44.69 65.88 56.76
CA PHE J 558 -43.92 66.71 55.85
C PHE J 558 -44.71 67.98 55.54
N GLN J 559 -44.03 69.11 55.57
CA GLN J 559 -44.72 70.38 55.35
C GLN J 559 -43.71 71.47 55.03
N LYS J 560 -44.25 72.64 54.66
CA LYS J 560 -43.43 73.75 54.22
C LYS J 560 -42.43 74.16 55.30
N PRO J 561 -41.39 74.90 54.93
CA PRO J 561 -40.50 75.50 55.92
C PRO J 561 -41.14 76.73 56.54
N ARG J 562 -40.42 77.33 57.48
CA ARG J 562 -40.84 78.58 58.10
C ARG J 562 -39.64 79.52 58.18
N ASN J 563 -39.89 80.79 57.89
CA ASN J 563 -38.85 81.82 57.95
C ASN J 563 -39.18 82.73 59.13
N ILE J 564 -38.39 82.63 60.19
CA ILE J 564 -38.62 83.38 61.42
C ILE J 564 -37.38 84.18 61.75
N LYS J 565 -37.56 85.41 62.22
CA LYS J 565 -36.50 86.30 62.68
C LYS J 565 -35.33 86.37 61.70
N GLY J 566 -35.62 86.18 60.42
CA GLY J 566 -34.56 86.23 59.42
C GLY J 566 -33.55 85.12 59.55
N LYS J 567 -34.00 83.89 59.83
CA LYS J 567 -33.13 82.74 59.88
C LYS J 567 -32.39 82.58 58.55
N PRO J 568 -31.28 81.83 58.52
CA PRO J 568 -30.50 81.72 57.28
C PRO J 568 -31.30 81.21 56.09
N GLU J 569 -31.86 80.00 56.19
CA GLU J 569 -32.56 79.38 55.07
C GLU J 569 -33.14 78.06 55.54
N ALA J 570 -34.22 77.64 54.89
CA ALA J 570 -34.80 76.32 55.11
C ALA J 570 -35.59 75.93 53.88
N HIS J 571 -35.43 74.68 53.45
CA HIS J 571 -36.08 74.21 52.25
C HIS J 571 -37.31 73.35 52.52
N PHE J 572 -37.33 72.62 53.62
CA PHE J 572 -38.54 71.93 54.02
C PHE J 572 -38.46 71.70 55.53
N SER J 573 -39.58 71.31 56.11
CA SER J 573 -39.66 71.07 57.54
C SER J 573 -40.36 69.76 57.81
N LEU J 574 -39.74 68.93 58.63
CA LEU J 574 -40.37 67.77 59.23
C LEU J 574 -40.77 68.11 60.65
N ILE J 575 -41.69 67.32 61.20
CA ILE J 575 -42.01 67.37 62.62
C ILE J 575 -41.57 66.07 63.24
N HIS J 576 -40.92 66.16 64.39
CA HIS J 576 -40.50 65.00 65.15
C HIS J 576 -41.19 65.03 66.50
N TYR J 577 -40.81 64.11 67.39
CA TYR J 577 -41.28 64.19 68.76
C TYR J 577 -40.73 65.43 69.45
N ALA J 578 -39.52 65.85 69.09
CA ALA J 578 -38.85 66.96 69.76
C ALA J 578 -39.14 68.31 69.11
N GLY J 579 -40.15 68.39 68.26
CA GLY J 579 -40.58 69.65 67.69
C GLY J 579 -40.45 69.67 66.18
N ILE J 580 -40.86 70.79 65.61
CA ILE J 580 -40.73 71.03 64.17
C ILE J 580 -39.29 71.40 63.87
N VAL J 581 -38.67 70.67 62.94
CA VAL J 581 -37.28 70.92 62.55
C VAL J 581 -37.26 71.30 61.08
N ASP J 582 -36.57 72.38 60.76
CA ASP J 582 -36.40 72.81 59.38
C ASP J 582 -35.03 72.40 58.89
N TYR J 583 -34.99 71.69 57.77
CA TYR J 583 -33.76 71.13 57.23
C TYR J 583 -33.37 71.85 55.95
N ASN J 584 -32.08 71.86 55.67
CA ASN J 584 -31.55 72.50 54.47
C ASN J 584 -31.07 71.45 53.49
N ILE J 585 -31.29 71.70 52.20
CA ILE J 585 -30.99 70.70 51.18
C ILE J 585 -29.55 70.83 50.69
N ILE J 586 -29.05 72.05 50.54
CA ILE J 586 -27.82 72.32 49.82
C ILE J 586 -26.67 71.41 50.24
N GLY J 587 -26.15 70.61 49.31
CA GLY J 587 -25.00 69.77 49.53
C GLY J 587 -25.29 68.30 49.76
N TRP J 588 -26.55 67.92 49.91
CA TRP J 588 -26.87 66.55 50.29
C TRP J 588 -26.46 65.55 49.22
N LEU J 589 -26.78 65.84 47.95
CA LEU J 589 -26.38 64.95 46.87
C LEU J 589 -24.88 64.71 46.88
N GLN J 590 -24.10 65.79 46.91
CA GLN J 590 -22.65 65.66 46.86
C GLN J 590 -22.11 64.93 48.08
N LYS J 591 -22.74 65.10 49.24
CA LYS J 591 -22.17 64.52 50.45
C LYS J 591 -22.66 63.11 50.73
N ASN J 592 -23.71 62.65 50.04
CA ASN J 592 -24.21 61.31 50.29
C ASN J 592 -23.51 60.23 49.47
N LYS J 593 -22.80 60.61 48.42
CA LYS J 593 -22.17 59.63 47.55
C LYS J 593 -21.03 58.92 48.26
N ASP J 594 -20.97 57.60 48.11
CA ASP J 594 -19.93 56.77 48.72
C ASP J 594 -19.46 55.72 47.73
N PRO J 595 -18.94 56.12 46.58
CA PRO J 595 -18.44 55.14 45.61
C PRO J 595 -17.04 54.65 45.98
N LEU J 596 -16.96 53.43 46.48
CA LEU J 596 -15.68 52.85 46.85
C LEU J 596 -14.97 52.26 45.64
N ASN J 597 -13.67 52.49 45.54
CA ASN J 597 -12.90 52.12 44.36
C ASN J 597 -12.24 50.77 44.61
N GLU J 598 -12.69 49.75 43.87
CA GLU J 598 -12.30 48.37 44.14
C GLU J 598 -10.86 48.10 43.78
N THR J 599 -10.35 48.73 42.72
CA THR J 599 -8.95 48.51 42.37
C THR J 599 -8.02 49.06 43.44
N VAL J 600 -8.31 50.25 43.95
CA VAL J 600 -7.47 50.81 45.00
C VAL J 600 -7.64 50.02 46.29
N VAL J 601 -8.83 49.46 46.53
CA VAL J 601 -8.99 48.61 47.70
C VAL J 601 -8.12 47.36 47.57
N GLY J 602 -8.03 46.80 46.36
CA GLY J 602 -7.10 45.69 46.15
C GLY J 602 -5.66 46.11 46.36
N LEU J 603 -5.30 47.29 45.89
CA LEU J 603 -3.97 47.85 46.20
C LEU J 603 -3.72 47.88 47.68
N TYR J 604 -4.70 48.32 48.47
CA TYR J 604 -4.53 48.34 49.92
C TYR J 604 -4.34 46.93 50.46
N GLN J 605 -5.12 45.98 49.94
CA GLN J 605 -4.94 44.59 50.34
C GLN J 605 -3.52 44.12 50.05
N LYS J 606 -2.87 44.68 49.04
CA LYS J 606 -1.52 44.30 48.66
C LYS J 606 -0.47 45.28 49.20
N SER J 607 -0.75 45.94 50.32
CA SER J 607 0.17 46.94 50.84
C SER J 607 1.35 46.28 51.55
N SER J 608 2.26 47.11 52.04
CA SER J 608 3.41 46.68 52.84
C SER J 608 3.33 47.21 54.26
N LEU J 609 2.12 47.26 54.82
CA LEU J 609 1.87 47.90 56.10
C LEU J 609 0.90 47.09 56.94
N LYS J 610 0.36 47.71 57.99
CA LYS J 610 -0.81 47.16 58.67
C LYS J 610 -2.09 47.42 57.90
N LEU J 611 -2.06 48.33 56.93
CA LEU J 611 -3.23 48.67 56.14
C LEU J 611 -3.90 47.44 55.53
N LEU J 612 -3.09 46.44 55.17
CA LEU J 612 -3.63 45.24 54.56
C LEU J 612 -4.52 44.46 55.52
N SER J 613 -4.39 44.68 56.82
CA SER J 613 -5.32 44.06 57.75
C SER J 613 -6.64 44.82 57.80
N THR J 614 -6.58 46.15 57.84
CA THR J 614 -7.83 46.92 57.89
C THR J 614 -8.65 46.69 56.63
N LEU J 615 -8.01 46.67 55.48
CA LEU J 615 -8.69 46.44 54.21
C LEU J 615 -8.60 44.99 53.78
N PHE J 616 -8.68 44.06 54.75
CA PHE J 616 -8.39 42.65 54.48
C PHE J 616 -9.13 42.13 53.26
N ALA J 617 -10.42 42.40 53.17
CA ALA J 617 -11.22 42.02 52.01
C ALA J 617 -12.49 42.86 52.06
N ASN J 618 -12.64 43.79 51.13
CA ASN J 618 -13.87 44.56 51.08
C ASN J 618 -14.14 45.00 49.66
N TYR J 619 -15.40 45.30 49.40
CA TYR J 619 -15.87 45.66 48.08
C TYR J 619 -16.31 47.12 48.04
N GLY J 629 -25.26 35.58 41.35
CA GLY J 629 -24.98 34.16 41.50
C GLY J 629 -25.64 33.56 42.71
N LYS J 630 -26.47 32.54 42.49
CA LYS J 630 -27.23 31.85 43.53
C LYS J 630 -28.13 32.79 44.31
N GLY J 631 -28.26 34.04 43.88
CA GLY J 631 -28.99 35.05 44.60
C GLY J 631 -28.03 35.93 45.36
N LYS J 632 -27.70 37.08 44.78
CA LYS J 632 -26.69 37.96 45.34
C LYS J 632 -27.25 39.35 45.52
N ALA J 633 -27.15 39.85 46.74
CA ALA J 633 -27.53 41.22 47.07
C ALA J 633 -26.34 42.16 46.97
N LYS J 634 -25.35 41.82 46.15
CA LYS J 634 -24.14 42.64 46.03
C LYS J 634 -24.50 43.93 45.32
N LYS J 635 -24.75 44.99 46.09
CA LYS J 635 -24.90 46.29 45.48
C LYS J 635 -23.55 46.74 44.95
N GLY J 636 -23.56 47.42 43.81
CA GLY J 636 -22.33 47.80 43.17
C GLY J 636 -21.49 48.72 44.03
N SER J 637 -20.31 49.04 43.52
CA SER J 637 -19.47 50.00 44.20
C SER J 637 -20.02 51.41 44.04
N SER J 638 -20.67 51.69 42.92
CA SER J 638 -21.21 53.03 42.69
C SER J 638 -22.55 53.23 43.36
N PHE J 639 -23.33 52.18 43.55
CA PHE J 639 -24.66 52.30 44.16
C PHE J 639 -24.55 52.24 45.69
N GLN J 640 -23.68 53.08 46.22
CA GLN J 640 -23.43 53.12 47.66
C GLN J 640 -23.77 54.50 48.19
N THR J 641 -24.50 54.55 49.29
CA THR J 641 -24.90 55.82 49.87
C THR J 641 -24.78 55.77 51.39
N VAL J 642 -24.23 56.86 51.93
CA VAL J 642 -24.08 57.00 53.37
C VAL J 642 -25.40 56.74 54.07
N SER J 643 -26.50 57.23 53.49
CA SER J 643 -27.80 57.03 54.09
C SER J 643 -28.17 55.55 54.14
N ALA J 644 -27.82 54.79 53.11
CA ALA J 644 -28.17 53.37 53.10
C ALA J 644 -27.34 52.59 54.10
N LEU J 645 -26.03 52.85 54.14
CA LEU J 645 -25.19 52.21 55.15
C LEU J 645 -25.68 52.55 56.55
N HIS J 646 -26.11 53.79 56.74
CA HIS J 646 -26.61 54.23 58.04
C HIS J 646 -27.90 53.51 58.40
N ARG J 647 -28.80 53.35 57.44
CA ARG J 647 -30.04 52.62 57.72
C ARG J 647 -29.74 51.17 58.10
N GLU J 648 -28.78 50.55 57.42
CA GLU J 648 -28.41 49.18 57.78
C GLU J 648 -27.85 49.10 59.20
N ASN J 649 -26.93 50.02 59.54
CA ASN J 649 -26.35 50.00 60.87
C ASN J 649 -27.40 50.24 61.93
N LEU J 650 -28.32 51.17 61.69
CA LEU J 650 -29.39 51.41 62.66
C LEU J 650 -30.26 50.19 62.82
N ASN J 651 -30.53 49.49 61.72
CA ASN J 651 -31.30 48.26 61.82
C ASN J 651 -30.62 47.27 62.74
N LYS J 652 -29.32 47.07 62.56
CA LYS J 652 -28.65 46.06 63.39
C LYS J 652 -28.47 46.50 64.83
N LEU J 653 -28.33 47.81 65.08
CA LEU J 653 -28.32 48.29 66.45
C LEU J 653 -29.66 48.05 67.13
N MET J 654 -30.76 48.31 66.42
CA MET J 654 -32.06 47.98 66.98
C MET J 654 -32.19 46.50 67.24
N THR J 655 -31.67 45.66 66.34
CA THR J 655 -31.73 44.22 66.60
C THR J 655 -30.91 43.81 67.80
N ASN J 656 -29.83 44.53 68.12
CA ASN J 656 -29.09 44.21 69.33
C ASN J 656 -29.79 44.69 70.58
N LEU J 657 -30.47 45.84 70.52
CA LEU J 657 -31.12 46.36 71.72
C LEU J 657 -32.44 45.67 72.02
N ARG J 658 -33.22 45.32 70.99
CA ARG J 658 -34.57 44.83 71.20
C ARG J 658 -34.63 43.47 71.86
N SER J 659 -33.49 42.83 72.11
CA SER J 659 -33.45 41.56 72.81
C SER J 659 -33.18 41.73 74.31
N THR J 660 -33.01 42.95 74.79
CA THR J 660 -32.68 43.21 76.19
C THR J 660 -33.73 44.13 76.81
N HIS J 661 -34.07 43.86 78.06
CA HIS J 661 -35.00 44.72 78.78
C HIS J 661 -34.32 46.05 79.11
N PRO J 662 -34.84 47.18 78.63
CA PRO J 662 -34.07 48.42 78.69
C PRO J 662 -34.36 49.27 79.91
N HIS J 663 -33.40 50.15 80.20
CA HIS J 663 -33.57 51.15 81.24
C HIS J 663 -32.93 52.45 80.78
N PHE J 664 -33.49 53.57 81.24
CA PHE J 664 -33.23 54.87 80.64
C PHE J 664 -32.78 55.87 81.70
N VAL J 665 -31.74 56.64 81.37
CA VAL J 665 -31.15 57.62 82.25
C VAL J 665 -31.07 58.95 81.51
N ARG J 666 -31.60 60.01 82.12
CA ARG J 666 -31.69 61.31 81.49
C ARG J 666 -30.83 62.30 82.26
N CYS J 667 -29.86 62.92 81.57
CA CYS J 667 -28.94 63.87 82.17
C CYS J 667 -29.23 65.27 81.62
N ILE J 668 -29.41 66.23 82.52
CA ILE J 668 -29.72 67.61 82.16
C ILE J 668 -28.66 68.53 82.75
N ILE J 669 -28.18 69.45 81.93
CA ILE J 669 -27.34 70.54 82.44
C ILE J 669 -28.25 71.60 83.05
N PRO J 670 -27.96 72.11 84.25
CA PRO J 670 -28.86 73.11 84.85
C PRO J 670 -28.66 74.49 84.26
N ASN J 671 -27.41 74.82 83.93
CA ASN J 671 -27.09 76.11 83.36
C ASN J 671 -25.79 75.99 82.58
N GLU J 672 -25.63 76.87 81.58
CA GLU J 672 -24.43 76.84 80.76
C GLU J 672 -23.21 77.29 81.56
N THR J 673 -23.40 78.14 82.55
CA THR J 673 -22.30 78.59 83.39
C THR J 673 -22.02 77.52 84.44
N LYS J 674 -20.76 77.45 84.85
CA LYS J 674 -20.38 76.47 85.86
C LYS J 674 -20.88 76.85 87.25
N SER J 675 -21.49 78.02 87.40
CA SER J 675 -22.09 78.42 88.66
C SER J 675 -23.31 77.58 88.96
N PRO J 676 -23.36 76.87 90.08
CA PRO J 676 -24.56 76.07 90.40
C PRO J 676 -25.73 76.93 90.85
N GLY J 677 -26.83 76.27 91.20
CA GLY J 677 -28.00 76.96 91.74
C GLY J 677 -28.80 77.70 90.70
N VAL J 678 -28.20 78.72 90.09
CA VAL J 678 -28.88 79.48 89.05
C VAL J 678 -28.92 78.65 87.78
N MET J 679 -30.06 78.66 87.09
CA MET J 679 -30.29 77.80 85.95
C MET J 679 -30.61 78.64 84.73
N ASP J 680 -31.09 77.98 83.68
CA ASP J 680 -31.55 78.65 82.47
C ASP J 680 -32.79 77.88 82.00
N ASN J 681 -33.97 78.47 82.21
CA ASN J 681 -35.21 77.84 81.77
C ASN J 681 -35.25 77.47 80.30
N PRO J 682 -34.75 78.29 79.36
CA PRO J 682 -34.74 77.83 77.96
C PRO J 682 -33.91 76.58 77.76
N LEU J 683 -32.76 76.48 78.42
CA LEU J 683 -31.94 75.28 78.28
C LEU J 683 -32.64 74.08 78.90
N VAL J 684 -33.35 74.28 80.01
CA VAL J 684 -34.09 73.18 80.61
C VAL J 684 -35.18 72.69 79.66
N MET J 685 -35.96 73.62 79.09
CA MET J 685 -37.00 73.21 78.15
C MET J 685 -36.40 72.49 76.94
N HIS J 686 -35.28 72.99 76.45
CA HIS J 686 -34.64 72.37 75.30
C HIS J 686 -34.27 70.94 75.62
N GLN J 687 -33.64 70.72 76.78
CA GLN J 687 -33.27 69.36 77.14
C GLN J 687 -34.49 68.48 77.30
N LEU J 688 -35.56 69.01 77.91
CA LEU J 688 -36.76 68.20 78.13
C LEU J 688 -37.38 67.77 76.82
N ARG J 689 -37.55 68.72 75.89
CA ARG J 689 -38.13 68.38 74.58
C ARG J 689 -37.24 67.42 73.81
N CYS J 690 -35.97 67.77 73.63
CA CYS J 690 -35.08 66.93 72.85
C CYS J 690 -34.82 65.58 73.50
N ASN J 691 -35.13 65.44 74.79
CA ASN J 691 -34.91 64.20 75.50
C ASN J 691 -36.12 63.28 75.47
N GLY J 692 -37.31 63.84 75.49
CA GLY J 692 -38.51 63.02 75.43
C GLY J 692 -39.13 62.70 76.76
N VAL J 693 -38.67 63.32 77.83
CA VAL J 693 -39.39 63.24 79.10
C VAL J 693 -40.80 63.81 78.93
N LEU J 694 -40.90 64.91 78.18
CA LEU J 694 -42.21 65.48 77.90
C LEU J 694 -43.06 64.53 77.08
N GLU J 695 -42.45 63.78 76.17
CA GLU J 695 -43.21 62.80 75.42
C GLU J 695 -43.67 61.65 76.31
N GLY J 696 -42.84 61.26 77.27
CA GLY J 696 -43.27 60.25 78.23
C GLY J 696 -44.47 60.70 79.04
N ILE J 697 -44.39 61.91 79.61
CA ILE J 697 -45.52 62.40 80.39
C ILE J 697 -46.74 62.59 79.50
N ARG J 698 -46.52 62.85 78.21
CA ARG J 698 -47.66 63.02 77.32
C ARG J 698 -48.32 61.69 77.00
N ILE J 699 -47.54 60.63 76.82
CA ILE J 699 -48.12 59.30 76.68
C ILE J 699 -48.90 58.94 77.95
N CYS J 700 -48.39 59.35 79.11
CA CYS J 700 -49.14 59.13 80.34
C CYS J 700 -50.45 59.93 80.35
N ARG J 701 -50.42 61.16 79.83
CA ARG J 701 -51.55 62.06 79.95
C ARG J 701 -52.79 61.56 79.23
N LYS J 702 -52.70 60.49 78.45
CA LYS J 702 -53.88 59.96 77.79
C LYS J 702 -54.62 58.92 78.62
N GLY J 703 -53.97 58.34 79.62
CA GLY J 703 -54.64 57.38 80.50
C GLY J 703 -55.03 58.01 81.82
N PHE J 704 -54.74 57.32 82.93
CA PHE J 704 -54.92 57.88 84.27
C PHE J 704 -53.56 57.92 84.95
N PRO J 705 -52.91 59.06 85.01
CA PRO J 705 -51.56 59.12 85.57
C PRO J 705 -51.54 59.16 87.08
N ASN J 706 -52.56 59.78 87.68
CA ASN J 706 -52.69 59.82 89.13
C ASN J 706 -53.33 58.53 89.60
N ARG J 707 -52.53 57.68 90.25
CA ARG J 707 -52.93 56.32 90.60
C ARG J 707 -52.62 56.09 92.08
N ILE J 708 -53.65 56.01 92.90
CA ILE J 708 -53.50 55.92 94.34
C ILE J 708 -54.41 54.84 94.88
N LEU J 709 -53.95 54.17 95.95
CA LEU J 709 -54.69 53.10 96.60
C LEU J 709 -55.93 53.64 97.31
N TYR J 710 -56.68 52.74 97.93
CA TYR J 710 -57.92 53.11 98.62
C TYR J 710 -57.70 53.55 100.06
N GLY J 711 -56.70 52.98 100.74
CA GLY J 711 -56.53 53.27 102.16
C GLY J 711 -56.14 54.71 102.43
N ASP J 712 -55.07 55.17 101.77
CA ASP J 712 -54.65 56.56 101.94
C ASP J 712 -55.69 57.50 101.35
N PHE J 713 -56.37 57.07 100.28
CA PHE J 713 -57.51 57.82 99.75
C PHE J 713 -58.53 58.09 100.84
N ARG J 714 -58.90 57.05 101.60
CA ARG J 714 -59.82 57.24 102.71
C ARG J 714 -59.23 58.17 103.76
N GLN J 715 -58.02 57.85 104.25
CA GLN J 715 -57.41 58.64 105.32
C GLN J 715 -57.26 60.11 104.95
N ARG J 716 -57.28 60.45 103.66
CA ARG J 716 -57.15 61.84 103.24
C ARG J 716 -58.45 62.49 102.80
N TYR J 717 -59.49 61.72 102.47
CA TYR J 717 -60.71 62.31 101.93
C TYR J 717 -61.97 61.80 102.63
N ARG J 718 -61.84 61.17 103.80
CA ARG J 718 -63.02 60.66 104.48
C ARG J 718 -63.79 61.73 105.22
N ILE J 719 -63.14 62.83 105.60
CA ILE J 719 -63.82 63.89 106.33
C ILE J 719 -64.82 64.62 105.45
N LEU J 720 -64.72 64.46 104.13
CA LEU J 720 -65.73 65.02 103.23
C LEU J 720 -67.09 64.37 103.48
N ASN J 721 -67.10 63.04 103.67
CA ASN J 721 -68.32 62.30 104.00
C ASN J 721 -67.94 61.27 105.07
N PRO J 722 -67.79 61.70 106.32
CA PRO J 722 -67.30 60.77 107.35
C PRO J 722 -68.34 59.73 107.72
N ALA J 723 -67.88 58.49 107.88
CA ALA J 723 -68.74 57.38 108.25
C ALA J 723 -68.42 56.90 109.66
N SER J 733 -64.97 48.07 101.29
CA SER J 733 -64.29 49.33 101.03
C SER J 733 -64.78 49.95 99.74
N ARG J 734 -65.45 49.14 98.93
CA ARG J 734 -66.00 49.66 97.68
C ARG J 734 -67.31 50.41 97.93
N LYS J 735 -68.09 49.99 98.92
CA LYS J 735 -69.38 50.63 99.15
C LYS J 735 -69.23 52.02 99.74
N GLY J 736 -68.36 52.19 100.74
CA GLY J 736 -68.15 53.52 101.30
C GLY J 736 -67.44 54.46 100.33
N ALA J 737 -66.44 53.94 99.62
CA ALA J 737 -65.78 54.72 98.58
C ALA J 737 -66.79 55.16 97.52
N GLU J 738 -67.65 54.24 97.09
CA GLU J 738 -68.63 54.57 96.06
C GLU J 738 -69.65 55.58 96.56
N LYS J 739 -70.08 55.46 97.82
CA LYS J 739 -71.00 56.44 98.40
C LYS J 739 -70.37 57.81 98.42
N LEU J 740 -69.11 57.90 98.84
CA LEU J 740 -68.40 59.18 98.85
C LEU J 740 -68.26 59.73 97.43
N LEU J 741 -67.96 58.86 96.46
CA LEU J 741 -67.77 59.33 95.09
C LEU J 741 -69.07 59.85 94.49
N SER J 742 -70.17 59.12 94.70
CA SER J 742 -71.46 59.60 94.22
C SER J 742 -71.86 60.89 94.91
N SER J 743 -71.49 61.04 96.19
CA SER J 743 -71.73 62.28 96.91
C SER J 743 -70.62 63.31 96.75
N LEU J 744 -69.68 63.08 95.82
CA LEU J 744 -68.70 64.08 95.42
C LEU J 744 -68.89 64.55 93.99
N ASP J 745 -69.98 64.15 93.33
CA ASP J 745 -70.32 64.61 91.98
C ASP J 745 -69.18 64.32 91.00
N ILE J 746 -68.70 63.09 91.01
CA ILE J 746 -67.66 62.65 90.08
C ILE J 746 -68.32 61.83 88.97
N ASP J 747 -67.96 62.14 87.72
CA ASP J 747 -68.52 61.40 86.60
C ASP J 747 -67.85 60.04 86.47
N HIS J 748 -68.51 59.14 85.74
CA HIS J 748 -68.02 57.78 85.63
C HIS J 748 -66.72 57.73 84.84
N ASN J 749 -66.71 58.30 83.63
CA ASN J 749 -65.56 58.22 82.75
C ASN J 749 -64.34 58.94 83.29
N GLN J 750 -64.49 59.77 84.33
CA GLN J 750 -63.38 60.54 84.86
C GLN J 750 -62.50 59.73 85.80
N TYR J 751 -63.03 58.68 86.43
CA TYR J 751 -62.25 57.83 87.31
C TYR J 751 -62.44 56.38 86.88
N LYS J 752 -61.41 55.58 87.12
CA LYS J 752 -61.46 54.15 86.82
C LYS J 752 -61.31 53.38 88.12
N PHE J 753 -62.31 52.57 88.44
CA PHE J 753 -62.36 51.87 89.72
C PHE J 753 -61.51 50.62 89.66
N GLY J 754 -60.44 50.58 90.46
CA GLY J 754 -59.57 49.44 90.56
C GLY J 754 -59.80 48.67 91.85
N HIS J 755 -59.14 47.52 91.96
CA HIS J 755 -59.34 46.65 93.10
C HIS J 755 -58.29 46.82 94.20
N THR J 756 -57.16 47.45 93.90
CA THR J 756 -56.25 47.90 94.95
C THR J 756 -56.06 49.41 94.92
N LYS J 757 -56.08 50.01 93.73
CA LYS J 757 -56.00 51.45 93.56
C LYS J 757 -57.09 51.93 92.62
N VAL J 758 -57.71 53.05 92.94
CA VAL J 758 -58.74 53.66 92.10
C VAL J 758 -58.14 54.86 91.39
N PHE J 759 -58.28 54.91 90.07
CA PHE J 759 -57.51 55.80 89.21
C PHE J 759 -58.25 57.11 88.95
N PHE J 760 -57.54 58.22 89.11
CA PHE J 760 -58.10 59.56 88.96
C PHE J 760 -57.23 60.41 88.06
N LYS J 761 -57.82 61.46 87.51
CA LYS J 761 -57.13 62.37 86.61
C LYS J 761 -56.84 63.72 87.30
N ALA J 762 -56.26 64.62 86.52
CA ALA J 762 -55.85 65.93 87.03
C ALA J 762 -57.06 66.71 87.57
N GLY J 763 -58.13 66.77 86.80
CA GLY J 763 -59.31 67.50 87.24
C GLY J 763 -59.92 66.91 88.50
N LEU J 764 -59.92 65.58 88.59
CA LEU J 764 -60.44 64.92 89.79
C LEU J 764 -59.60 65.26 91.01
N LEU J 765 -58.28 65.22 90.88
CA LEU J 765 -57.42 65.62 91.99
C LEU J 765 -57.66 67.07 92.38
N GLY J 766 -57.79 67.97 91.40
CA GLY J 766 -58.04 69.36 91.72
C GLY J 766 -59.35 69.57 92.45
N LEU J 767 -60.41 68.90 91.99
CA LEU J 767 -61.72 69.06 92.61
C LEU J 767 -61.74 68.48 94.02
N LEU J 768 -61.12 67.31 94.22
CA LEU J 768 -61.06 66.73 95.56
C LEU J 768 -60.22 67.61 96.49
N GLU J 769 -59.13 68.18 95.99
CA GLU J 769 -58.35 69.14 96.76
C GLU J 769 -59.21 70.33 97.18
N GLU J 770 -59.99 70.87 96.24
CA GLU J 770 -60.79 72.05 96.55
C GLU J 770 -61.86 71.74 97.58
N MET J 771 -62.53 70.59 97.45
CA MET J 771 -63.58 70.28 98.42
C MET J 771 -63.01 69.92 99.78
N ARG J 772 -61.81 69.34 99.84
CA ARG J 772 -61.12 69.23 101.12
C ARG J 772 -60.83 70.60 101.71
N ASP J 773 -60.32 71.53 100.89
CA ASP J 773 -59.97 72.84 101.40
C ASP J 773 -61.18 73.56 101.98
N GLU J 774 -62.34 73.45 101.30
CA GLU J 774 -63.54 74.06 101.86
C GLU J 774 -64.07 73.26 103.04
N ARG J 775 -63.79 71.95 103.09
CA ARG J 775 -64.14 71.16 104.25
C ARG J 775 -63.38 71.65 105.49
N LEU J 776 -62.14 72.10 105.30
CA LEU J 776 -61.38 72.69 106.39
C LEU J 776 -61.70 74.18 106.52
N MET K 1 -15.27 65.16 -93.86
CA MET K 1 -16.53 64.95 -93.15
C MET K 1 -17.41 63.94 -93.88
N ALA K 2 -16.91 63.46 -95.02
CA ALA K 2 -17.60 62.40 -95.76
C ALA K 2 -17.23 61.01 -95.29
N VAL K 3 -16.14 60.86 -94.52
CA VAL K 3 -15.70 59.55 -94.04
C VAL K 3 -16.74 58.93 -93.13
N PHE K 4 -17.68 59.72 -92.62
CA PHE K 4 -18.69 59.27 -91.68
C PHE K 4 -19.99 58.87 -92.37
N GLY K 5 -19.91 58.40 -93.62
CA GLY K 5 -21.06 57.86 -94.33
C GLY K 5 -22.27 58.75 -94.24
N ALA K 6 -23.43 58.12 -94.01
CA ALA K 6 -24.69 58.83 -93.87
C ALA K 6 -24.95 59.31 -92.45
N ALA K 7 -24.23 58.78 -91.46
CA ALA K 7 -24.42 59.17 -90.07
C ALA K 7 -23.70 60.46 -89.71
N ALA K 8 -22.88 60.98 -90.62
CA ALA K 8 -22.07 62.17 -90.35
C ALA K 8 -22.79 63.29 -89.62
N PRO K 9 -24.02 63.69 -89.98
CA PRO K 9 -24.68 64.75 -89.20
C PRO K 9 -24.89 64.38 -87.74
N TYR K 10 -25.51 63.23 -87.48
CA TYR K 10 -25.78 62.83 -86.10
C TYR K 10 -24.50 62.63 -85.32
N LEU K 11 -23.46 62.10 -85.97
CA LEU K 11 -22.20 61.88 -85.28
C LEU K 11 -21.50 63.20 -84.95
N ARG K 12 -21.54 64.15 -85.88
CA ARG K 12 -20.96 65.48 -85.67
C ARG K 12 -21.44 66.48 -86.71
N LYS K 13 -21.91 67.64 -86.26
CA LYS K 13 -22.36 68.66 -87.19
C LYS K 13 -21.17 69.33 -87.87
N SER K 14 -21.42 69.84 -89.08
CA SER K 14 -20.38 70.43 -89.90
C SER K 14 -19.87 71.74 -89.29
N GLU K 15 -18.62 72.06 -89.62
CA GLU K 15 -18.03 73.31 -89.17
C GLU K 15 -18.82 74.51 -89.70
N LYS K 16 -19.33 74.40 -90.92
CA LYS K 16 -20.11 75.48 -91.49
C LYS K 16 -21.34 75.76 -90.64
N GLU K 17 -22.11 74.72 -90.33
CA GLU K 17 -23.28 74.90 -89.48
C GLU K 17 -22.89 75.34 -88.08
N ARG K 18 -21.75 74.87 -87.58
CA ARG K 18 -21.24 75.36 -86.30
C ARG K 18 -21.10 76.87 -86.32
N LEU K 19 -20.42 77.40 -87.33
CA LEU K 19 -20.22 78.84 -87.41
C LEU K 19 -21.52 79.59 -87.65
N GLU K 20 -22.43 79.01 -88.44
CA GLU K 20 -23.71 79.67 -88.67
C GLU K 20 -24.56 79.71 -87.41
N ALA K 21 -24.33 78.78 -86.48
CA ALA K 21 -24.98 78.83 -85.18
C ALA K 21 -24.23 79.68 -84.17
N GLN K 22 -22.93 79.93 -84.40
CA GLN K 22 -22.16 80.75 -83.48
C GLN K 22 -22.74 82.16 -83.38
N THR K 23 -23.22 82.69 -84.50
CA THR K 23 -23.76 84.05 -84.52
C THR K 23 -25.09 84.06 -83.79
N ARG K 24 -25.07 84.50 -82.53
CA ARG K 24 -26.28 84.59 -81.74
C ARG K 24 -26.03 85.51 -80.56
N PRO K 25 -26.92 86.45 -80.26
CA PRO K 25 -26.70 87.35 -79.12
C PRO K 25 -26.88 86.63 -77.80
N PHE K 26 -25.98 86.92 -76.86
CA PHE K 26 -26.07 86.37 -75.51
C PHE K 26 -25.43 87.36 -74.55
N ASP K 27 -26.19 87.83 -73.58
CA ASP K 27 -25.69 88.79 -72.60
C ASP K 27 -25.06 88.04 -71.44
N LEU K 28 -23.77 88.28 -71.24
CA LEU K 28 -23.00 87.60 -70.20
C LEU K 28 -23.34 88.08 -68.79
N LYS K 29 -24.14 89.14 -68.66
CA LYS K 29 -24.41 89.71 -67.35
C LYS K 29 -25.78 89.36 -66.81
N LYS K 30 -26.80 89.37 -67.65
CA LYS K 30 -28.17 89.24 -67.17
C LYS K 30 -28.93 88.06 -67.79
N ASP K 31 -28.23 87.09 -68.38
CA ASP K 31 -28.83 85.85 -68.86
C ASP K 31 -28.25 84.64 -68.13
N VAL K 32 -27.80 84.84 -66.90
CA VAL K 32 -27.10 83.82 -66.12
C VAL K 32 -28.06 82.72 -65.72
N PHE K 33 -27.55 81.60 -65.23
CA PHE K 33 -28.41 80.52 -64.77
C PHE K 33 -29.12 80.90 -63.47
N VAL K 34 -30.39 80.53 -63.39
CA VAL K 34 -31.27 80.96 -62.31
C VAL K 34 -32.04 79.77 -61.76
N PRO K 35 -32.11 79.62 -60.43
CA PRO K 35 -32.91 78.53 -59.86
C PRO K 35 -34.38 78.65 -60.26
N ASP K 36 -35.05 77.51 -60.26
CA ASP K 36 -36.43 77.42 -60.73
C ASP K 36 -37.26 76.61 -59.73
N ASP K 37 -38.57 76.67 -59.90
CA ASP K 37 -39.52 75.89 -59.12
C ASP K 37 -39.95 74.61 -59.84
N LYS K 38 -40.52 74.74 -61.04
CA LYS K 38 -40.97 73.57 -61.78
C LYS K 38 -39.80 72.68 -62.17
N GLN K 39 -38.66 73.29 -62.47
CA GLN K 39 -37.40 72.60 -62.69
C GLN K 39 -36.35 73.21 -61.76
N GLU K 40 -35.09 72.85 -61.97
CA GLU K 40 -34.04 73.34 -61.10
C GLU K 40 -33.49 74.68 -61.58
N PHE K 41 -33.28 74.81 -62.88
CA PHE K 41 -32.65 75.97 -63.49
C PHE K 41 -33.28 76.13 -64.88
N VAL K 42 -33.70 77.34 -65.19
CA VAL K 42 -34.38 77.61 -66.45
C VAL K 42 -33.72 78.79 -67.13
N LYS K 43 -33.85 78.82 -68.45
CA LYS K 43 -33.30 79.90 -69.24
C LYS K 43 -34.16 81.15 -69.03
N ALA K 44 -33.52 82.24 -68.62
CA ALA K 44 -34.25 83.46 -68.32
C ALA K 44 -33.31 84.64 -68.46
N LYS K 45 -33.87 85.84 -68.34
CA LYS K 45 -33.12 87.08 -68.38
C LYS K 45 -33.46 87.90 -67.14
N ILE K 46 -32.49 88.65 -66.65
CA ILE K 46 -32.68 89.53 -65.50
C ILE K 46 -32.76 90.97 -65.99
N VAL K 47 -33.71 91.73 -65.45
CA VAL K 47 -33.84 93.13 -65.84
C VAL K 47 -32.76 93.98 -65.19
N SER K 48 -32.49 93.75 -63.90
CA SER K 48 -31.49 94.54 -63.19
C SER K 48 -31.18 93.85 -61.86
N ARG K 49 -30.04 94.23 -61.27
CA ARG K 49 -29.62 93.73 -59.97
C ARG K 49 -29.99 94.78 -58.93
N GLU K 50 -31.28 94.83 -58.60
CA GLU K 50 -31.80 95.81 -57.65
C GLU K 50 -31.59 95.26 -56.24
N GLY K 51 -30.40 95.51 -55.70
CA GLY K 51 -30.09 95.11 -54.34
C GLY K 51 -30.22 93.61 -54.16
N GLY K 52 -31.12 93.21 -53.28
CA GLY K 52 -31.50 91.82 -53.13
C GLY K 52 -32.65 91.39 -54.02
N LYS K 53 -33.08 92.24 -54.95
CA LYS K 53 -34.21 91.95 -55.82
C LYS K 53 -33.73 91.88 -57.26
N VAL K 54 -34.06 90.78 -57.93
CA VAL K 54 -33.89 90.62 -59.37
C VAL K 54 -35.19 90.06 -59.91
N THR K 55 -35.32 90.08 -61.24
CA THR K 55 -36.53 89.59 -61.90
C THR K 55 -36.12 88.77 -63.11
N ALA K 56 -36.41 87.47 -63.07
CA ALA K 56 -36.06 86.56 -64.15
C ALA K 56 -37.23 86.45 -65.12
N GLU K 57 -37.01 86.86 -66.37
CA GLU K 57 -38.00 86.72 -67.43
C GLU K 57 -37.64 85.47 -68.23
N THR K 58 -38.34 84.37 -67.94
CA THR K 58 -38.10 83.10 -68.61
C THR K 58 -38.89 83.05 -69.91
N GLU K 59 -38.78 81.89 -70.59
CA GLU K 59 -39.57 81.66 -71.79
C GLU K 59 -41.04 81.48 -71.48
N TYR K 60 -41.37 80.91 -70.32
CA TYR K 60 -42.75 80.63 -69.95
C TYR K 60 -43.54 81.88 -69.57
N GLY K 61 -42.91 83.05 -69.56
CA GLY K 61 -43.58 84.27 -69.17
C GLY K 61 -43.55 84.59 -67.70
N LYS K 62 -42.72 83.89 -66.92
CA LYS K 62 -42.68 84.12 -65.49
C LYS K 62 -41.62 85.16 -65.13
N THR K 63 -41.84 85.83 -64.00
CA THR K 63 -41.03 86.97 -63.55
C THR K 63 -40.63 86.80 -62.08
N VAL K 64 -40.13 85.61 -61.72
CA VAL K 64 -39.81 85.35 -60.32
C VAL K 64 -38.52 86.05 -59.92
N THR K 65 -38.40 86.34 -58.63
CA THR K 65 -37.18 86.88 -58.04
C THR K 65 -36.41 85.77 -57.34
N VAL K 66 -35.10 85.73 -57.55
CA VAL K 66 -34.23 84.79 -56.87
C VAL K 66 -33.12 85.57 -56.17
N LYS K 67 -32.54 84.95 -55.15
CA LYS K 67 -31.59 85.64 -54.29
C LYS K 67 -30.24 85.73 -54.97
N GLU K 68 -29.51 86.82 -54.69
CA GLU K 68 -28.23 87.08 -55.34
C GLU K 68 -27.16 86.06 -54.97
N ASP K 69 -27.44 85.14 -54.05
CA ASP K 69 -26.48 84.14 -53.63
C ASP K 69 -26.64 82.81 -54.37
N GLN K 70 -27.58 82.70 -55.30
CA GLN K 70 -27.84 81.44 -55.99
C GLN K 70 -27.86 81.61 -57.50
N VAL K 71 -27.15 82.60 -58.02
CA VAL K 71 -27.10 82.86 -59.45
C VAL K 71 -25.69 82.62 -59.95
N MET K 72 -25.59 82.12 -61.18
CA MET K 72 -24.31 81.77 -61.76
C MET K 72 -24.42 81.87 -63.28
N GLN K 73 -23.30 82.19 -63.92
CA GLN K 73 -23.31 82.51 -65.34
C GLN K 73 -23.78 81.33 -66.17
N GLN K 74 -24.18 81.64 -67.41
CA GLN K 74 -24.52 80.63 -68.39
C GLN K 74 -23.36 80.45 -69.35
N ASN K 75 -23.25 79.25 -69.92
CA ASN K 75 -22.16 78.94 -70.82
C ASN K 75 -22.19 79.88 -72.02
N PRO K 76 -21.04 80.41 -72.43
CA PRO K 76 -21.02 81.30 -73.59
C PRO K 76 -21.41 80.56 -74.85
N PRO K 77 -21.90 81.27 -75.87
CA PRO K 77 -22.30 80.60 -77.12
C PRO K 77 -21.11 80.05 -77.89
N LYS K 78 -19.98 80.74 -77.87
CA LYS K 78 -18.79 80.26 -78.57
C LYS K 78 -18.23 78.98 -77.96
N PHE K 79 -18.83 78.49 -76.89
CA PHE K 79 -18.37 77.26 -76.25
C PHE K 79 -19.53 76.35 -75.84
N ASP K 80 -20.76 76.71 -76.20
CA ASP K 80 -21.87 75.77 -76.17
C ASP K 80 -21.63 74.63 -77.16
N LYS K 81 -22.45 73.58 -77.02
CA LYS K 81 -22.40 72.40 -77.89
C LYS K 81 -21.02 71.73 -77.86
N ILE K 82 -20.27 71.94 -76.79
CA ILE K 82 -18.91 71.42 -76.71
C ILE K 82 -18.95 69.90 -76.55
N GLU K 83 -18.06 69.20 -77.25
CA GLU K 83 -18.05 67.74 -77.18
C GLU K 83 -17.59 67.26 -75.81
N ASP K 84 -16.58 67.93 -75.24
CA ASP K 84 -15.99 67.52 -73.97
C ASP K 84 -16.49 68.45 -72.87
N MET K 85 -17.33 67.91 -71.98
CA MET K 85 -17.86 68.72 -70.89
C MET K 85 -16.75 69.27 -70.02
N ALA K 86 -15.61 68.55 -69.95
CA ALA K 86 -14.49 69.00 -69.14
C ALA K 86 -13.88 70.29 -69.66
N MET K 87 -14.02 70.56 -70.96
CA MET K 87 -13.45 71.76 -71.56
C MET K 87 -14.40 72.96 -71.49
N LEU K 88 -15.55 72.81 -70.83
CA LEU K 88 -16.48 73.91 -70.70
C LEU K 88 -15.81 75.08 -69.98
N THR K 89 -16.15 76.29 -70.41
CA THR K 89 -15.55 77.47 -69.79
C THR K 89 -16.06 77.68 -68.38
N PHE K 90 -17.27 77.23 -68.08
CA PHE K 90 -17.85 77.36 -66.74
C PHE K 90 -18.53 76.07 -66.38
N LEU K 91 -18.03 75.41 -65.32
CA LEU K 91 -18.48 74.07 -64.92
C LEU K 91 -19.49 74.21 -63.78
N HIS K 92 -20.76 74.12 -64.12
CA HIS K 92 -21.85 74.18 -63.16
C HIS K 92 -22.65 72.88 -63.25
N GLU K 93 -23.56 72.71 -62.29
CA GLU K 93 -24.44 71.54 -62.36
C GLU K 93 -25.43 71.66 -63.51
N PRO K 94 -26.34 72.64 -63.53
CA PRO K 94 -27.31 72.69 -64.63
C PRO K 94 -26.69 73.07 -65.96
N ALA K 95 -25.44 73.56 -65.95
CA ALA K 95 -24.76 73.87 -67.21
C ALA K 95 -24.64 72.63 -68.09
N VAL K 96 -24.13 71.54 -67.52
CA VAL K 96 -23.99 70.31 -68.29
C VAL K 96 -25.36 69.73 -68.62
N LEU K 97 -26.34 69.92 -67.74
CA LEU K 97 -27.69 69.46 -68.03
C LEU K 97 -28.21 70.11 -69.31
N TYR K 98 -28.10 71.44 -69.40
CA TYR K 98 -28.58 72.11 -70.61
C TYR K 98 -27.71 71.80 -71.81
N ASN K 99 -26.41 71.58 -71.60
CA ASN K 99 -25.54 71.15 -72.69
C ASN K 99 -26.07 69.87 -73.32
N LEU K 100 -26.24 68.82 -72.51
CA LEU K 100 -26.78 67.57 -73.03
C LEU K 100 -28.21 67.73 -73.54
N LYS K 101 -28.97 68.67 -72.95
CA LYS K 101 -30.32 68.91 -73.42
C LYS K 101 -30.33 69.39 -74.85
N ASP K 102 -29.57 70.44 -75.14
CA ASP K 102 -29.49 70.94 -76.51
C ASP K 102 -28.82 69.92 -77.43
N ARG K 103 -27.94 69.07 -76.89
CA ARG K 103 -27.29 68.09 -77.75
C ARG K 103 -28.25 66.96 -78.14
N TYR K 104 -29.17 66.59 -77.26
CA TYR K 104 -30.16 65.59 -77.61
C TYR K 104 -31.33 66.18 -78.40
N GLY K 105 -31.63 67.47 -78.21
CA GLY K 105 -32.58 68.11 -79.10
C GLY K 105 -32.04 68.23 -80.51
N SER K 106 -30.78 68.63 -80.65
CA SER K 106 -30.05 68.59 -81.90
C SER K 106 -29.66 67.18 -82.31
N TRP K 107 -30.02 66.17 -81.50
CA TRP K 107 -29.87 64.77 -81.85
C TRP K 107 -28.40 64.38 -82.04
N MET K 108 -27.58 64.74 -81.06
CA MET K 108 -26.24 64.19 -80.91
C MET K 108 -26.25 63.33 -79.64
N ILE K 109 -26.13 62.02 -79.82
CA ILE K 109 -26.26 61.10 -78.70
C ILE K 109 -25.04 61.16 -77.80
N TYR K 110 -23.88 60.82 -78.34
CA TYR K 110 -22.68 60.60 -77.54
C TYR K 110 -22.00 61.91 -77.21
N THR K 111 -21.43 61.99 -76.02
CA THR K 111 -20.76 63.20 -75.56
C THR K 111 -19.62 62.82 -74.63
N TYR K 112 -18.44 63.36 -74.91
CA TYR K 112 -17.28 63.16 -74.04
C TYR K 112 -17.40 64.05 -72.81
N SER K 113 -16.99 63.54 -71.67
CA SER K 113 -17.03 64.27 -70.41
C SER K 113 -15.78 63.98 -69.61
N GLY K 114 -14.63 64.06 -70.26
CA GLY K 114 -13.35 63.79 -69.61
C GLY K 114 -12.93 62.33 -69.78
N LEU K 115 -12.93 61.58 -68.67
CA LEU K 115 -12.62 60.16 -68.72
C LEU K 115 -13.85 59.29 -68.87
N PHE K 116 -15.04 59.90 -68.96
CA PHE K 116 -16.29 59.18 -69.16
C PHE K 116 -16.67 59.12 -70.64
N CYS K 117 -17.75 58.39 -70.90
CA CYS K 117 -18.44 58.42 -72.19
C CYS K 117 -19.93 58.35 -71.90
N VAL K 118 -20.63 59.45 -72.10
CA VAL K 118 -22.04 59.57 -71.74
C VAL K 118 -22.88 59.30 -72.97
N THR K 119 -23.98 58.59 -72.80
CA THR K 119 -24.81 58.17 -73.92
C THR K 119 -26.27 58.20 -73.48
N VAL K 120 -27.03 59.16 -74.01
CA VAL K 120 -28.48 59.17 -73.87
C VAL K 120 -29.05 58.37 -75.02
N ASN K 121 -29.94 57.42 -74.71
CA ASN K 121 -30.44 56.52 -75.73
C ASN K 121 -31.38 57.25 -76.68
N PRO K 122 -31.17 57.18 -77.98
CA PRO K 122 -32.20 57.62 -78.93
C PRO K 122 -33.30 56.57 -79.05
N TYR K 123 -34.53 57.04 -79.19
CA TYR K 123 -35.67 56.15 -79.23
C TYR K 123 -36.04 55.68 -80.63
N LYS K 124 -35.40 56.22 -81.67
CA LYS K 124 -35.66 55.80 -83.04
C LYS K 124 -34.35 55.40 -83.71
N TRP K 125 -34.47 54.64 -84.79
CA TRP K 125 -33.30 54.12 -85.49
C TRP K 125 -32.49 55.26 -86.09
N LEU K 126 -31.17 55.12 -86.04
CA LEU K 126 -30.26 56.05 -86.69
C LEU K 126 -29.26 55.30 -87.55
N PRO K 127 -28.74 55.94 -88.60
CA PRO K 127 -27.64 55.35 -89.38
C PRO K 127 -26.31 55.30 -88.64
N VAL K 128 -26.26 55.72 -87.38
CA VAL K 128 -25.02 55.73 -86.63
C VAL K 128 -24.56 54.32 -86.27
N TYR K 129 -25.45 53.33 -86.38
CA TYR K 129 -25.12 51.95 -86.08
C TYR K 129 -24.94 51.11 -87.34
N THR K 130 -24.81 51.75 -88.49
CA THR K 130 -24.55 51.03 -89.72
C THR K 130 -23.09 50.58 -89.76
N PRO K 131 -22.80 49.43 -90.37
CA PRO K 131 -21.42 48.90 -90.33
C PRO K 131 -20.41 49.79 -91.04
N GLU K 132 -20.86 50.77 -91.80
CA GLU K 132 -19.92 51.61 -92.55
C GLU K 132 -19.09 52.46 -91.60
N VAL K 133 -19.72 53.09 -90.60
CA VAL K 133 -18.96 53.88 -89.65
C VAL K 133 -18.06 52.99 -88.82
N VAL K 134 -18.53 51.77 -88.53
CA VAL K 134 -17.72 50.79 -87.80
C VAL K 134 -16.42 50.53 -88.53
N ALA K 135 -16.51 50.15 -89.81
CA ALA K 135 -15.31 49.84 -90.58
C ALA K 135 -14.48 51.08 -90.84
N ALA K 136 -15.12 52.23 -91.03
CA ALA K 136 -14.41 53.45 -91.40
C ALA K 136 -13.78 54.16 -90.22
N TYR K 137 -14.15 53.80 -88.99
CA TYR K 137 -13.46 54.42 -87.86
C TYR K 137 -12.04 53.89 -87.73
N ARG K 138 -11.78 52.69 -88.21
CA ARG K 138 -10.46 52.09 -88.06
C ARG K 138 -9.40 52.97 -88.71
N GLY K 139 -8.54 53.55 -87.87
CA GLY K 139 -7.51 54.47 -88.31
C GLY K 139 -7.66 55.89 -87.82
N LYS K 140 -8.69 56.20 -87.04
CA LYS K 140 -8.88 57.53 -86.48
C LYS K 140 -8.68 57.49 -84.97
N LYS K 141 -8.28 58.62 -84.42
CA LYS K 141 -7.83 58.71 -83.03
C LYS K 141 -8.96 59.15 -82.10
N ARG K 142 -8.76 58.91 -80.80
CA ARG K 142 -9.74 59.28 -79.79
C ARG K 142 -9.78 60.79 -79.59
N SER K 143 -8.63 61.44 -79.58
CA SER K 143 -8.57 62.86 -79.23
C SER K 143 -9.33 63.71 -80.23
N GLU K 144 -9.41 63.28 -81.49
CA GLU K 144 -10.03 64.08 -82.56
C GLU K 144 -11.42 63.60 -82.94
N ALA K 145 -11.63 62.29 -83.03
CA ALA K 145 -12.92 61.78 -83.49
C ALA K 145 -14.02 62.18 -82.51
N PRO K 146 -15.23 62.46 -82.99
CA PRO K 146 -16.31 62.86 -82.09
C PRO K 146 -16.73 61.70 -81.20
N PRO K 147 -17.38 61.98 -80.08
CA PRO K 147 -17.64 60.91 -79.10
C PRO K 147 -18.56 59.83 -79.64
N HIS K 148 -18.24 58.60 -79.24
CA HIS K 148 -19.01 57.39 -79.54
C HIS K 148 -18.35 56.24 -78.79
N ILE K 149 -19.14 55.21 -78.49
CA ILE K 149 -18.60 54.07 -77.75
C ILE K 149 -17.67 53.23 -78.61
N PHE K 150 -17.80 53.29 -79.94
CA PHE K 150 -16.82 52.60 -80.79
C PHE K 150 -15.42 53.16 -80.55
N SER K 151 -15.33 54.47 -80.29
CA SER K 151 -14.05 55.08 -80.00
C SER K 151 -13.39 54.42 -78.79
N ILE K 152 -14.08 54.44 -77.64
CA ILE K 152 -13.51 53.89 -76.43
C ILE K 152 -13.30 52.39 -76.56
N SER K 153 -14.13 51.70 -77.33
CA SER K 153 -13.90 50.28 -77.57
C SER K 153 -12.57 50.05 -78.27
N ASP K 154 -12.32 50.81 -79.35
CA ASP K 154 -11.05 50.68 -80.05
C ASP K 154 -9.88 51.12 -79.18
N ASN K 155 -10.09 52.16 -78.36
CA ASN K 155 -9.02 52.63 -77.49
C ASN K 155 -8.67 51.56 -76.46
N ALA K 156 -9.68 50.91 -75.89
CA ALA K 156 -9.42 49.79 -75.00
C ALA K 156 -8.69 48.67 -75.72
N TYR K 157 -9.11 48.36 -76.94
CA TYR K 157 -8.46 47.30 -77.69
C TYR K 157 -6.98 47.60 -77.90
N GLN K 158 -6.67 48.78 -78.41
CA GLN K 158 -5.28 49.12 -78.70
C GLN K 158 -4.48 49.29 -77.41
N TYR K 159 -5.11 49.77 -76.34
CA TYR K 159 -4.44 49.79 -75.03
C TYR K 159 -4.05 48.39 -74.60
N MET K 160 -4.98 47.44 -74.74
CA MET K 160 -4.67 46.05 -74.44
C MET K 160 -3.49 45.59 -75.27
N LEU K 161 -3.50 45.93 -76.56
CA LEU K 161 -2.47 45.39 -77.46
C LEU K 161 -1.12 46.05 -77.22
N THR K 162 -1.09 47.26 -76.71
CA THR K 162 0.19 47.92 -76.48
C THR K 162 0.75 47.62 -75.09
N ASP K 163 -0.11 47.57 -74.08
CA ASP K 163 0.36 47.39 -72.72
C ASP K 163 0.34 45.93 -72.28
N ARG K 164 -0.24 45.03 -73.08
CA ARG K 164 -0.31 43.60 -72.76
C ARG K 164 -1.01 43.38 -71.42
N GLU K 165 -2.20 43.99 -71.28
CA GLU K 165 -2.96 43.93 -70.05
C GLU K 165 -4.44 43.86 -70.39
N ASN K 166 -5.25 43.59 -69.37
CA ASN K 166 -6.69 43.59 -69.54
C ASN K 166 -7.26 44.99 -69.38
N GLN K 167 -8.43 45.21 -69.97
CA GLN K 167 -9.15 46.46 -69.82
C GLN K 167 -10.55 46.15 -69.32
N SER K 168 -11.22 47.17 -68.80
CA SER K 168 -12.53 46.98 -68.20
C SER K 168 -13.49 48.07 -68.66
N ILE K 169 -14.65 47.66 -69.15
CA ILE K 169 -15.70 48.57 -69.59
C ILE K 169 -16.80 48.54 -68.54
N LEU K 170 -17.12 49.72 -67.98
CA LEU K 170 -18.07 49.82 -66.88
C LEU K 170 -19.30 50.57 -67.35
N ILE K 171 -20.22 49.85 -67.96
CA ILE K 171 -21.46 50.44 -68.46
C ILE K 171 -22.41 50.67 -67.28
N THR K 172 -22.85 51.93 -67.12
CA THR K 172 -23.52 52.35 -65.89
C THR K 172 -24.85 53.00 -66.24
N GLY K 173 -25.94 52.34 -65.90
CA GLY K 173 -27.26 52.87 -66.19
C GLY K 173 -28.31 51.95 -65.62
N GLU K 174 -29.57 52.35 -65.82
CA GLU K 174 -30.70 51.58 -65.32
C GLU K 174 -31.13 50.54 -66.33
N SER K 175 -31.54 49.38 -65.84
CA SER K 175 -32.07 48.35 -66.71
C SER K 175 -33.35 48.86 -67.38
N GLY K 176 -33.42 48.68 -68.70
CA GLY K 176 -34.48 49.26 -69.48
C GLY K 176 -34.19 50.64 -70.03
N ALA K 177 -32.99 51.17 -69.78
CA ALA K 177 -32.55 52.41 -70.40
C ALA K 177 -31.59 52.18 -71.56
N GLY K 178 -31.47 50.94 -72.03
CA GLY K 178 -30.64 50.64 -73.19
C GLY K 178 -29.35 49.92 -72.91
N LYS K 179 -29.14 49.44 -71.69
CA LYS K 179 -27.87 48.81 -71.34
C LYS K 179 -27.65 47.53 -72.14
N THR K 180 -28.67 46.69 -72.23
CA THR K 180 -28.57 45.45 -72.99
C THR K 180 -28.10 45.71 -74.41
N VAL K 181 -28.78 46.61 -75.12
CA VAL K 181 -28.46 46.83 -76.53
C VAL K 181 -27.15 47.58 -76.67
N ASN K 182 -26.79 48.39 -75.67
CA ASN K 182 -25.47 49.04 -75.71
C ASN K 182 -24.37 47.99 -75.65
N THR K 183 -24.47 47.06 -74.71
CA THR K 183 -23.50 45.97 -74.66
C THR K 183 -23.55 45.11 -75.91
N LYS K 184 -24.74 44.96 -76.50
CA LYS K 184 -24.86 44.18 -77.73
C LYS K 184 -24.06 44.82 -78.85
N ARG K 185 -24.20 46.14 -79.02
CA ARG K 185 -23.44 46.80 -80.07
C ARG K 185 -21.96 46.83 -79.74
N VAL K 186 -21.61 46.84 -78.45
CA VAL K 186 -20.20 46.69 -78.07
C VAL K 186 -19.66 45.36 -78.56
N ILE K 187 -20.37 44.27 -78.27
CA ILE K 187 -19.85 42.96 -78.64
C ILE K 187 -19.86 42.79 -80.16
N GLN K 188 -20.82 43.43 -80.84
CA GLN K 188 -20.78 43.43 -82.30
C GLN K 188 -19.52 44.11 -82.81
N TYR K 189 -19.21 45.30 -82.30
CA TYR K 189 -18.01 46.00 -82.74
C TYR K 189 -16.76 45.17 -82.45
N PHE K 190 -16.74 44.49 -81.31
CA PHE K 190 -15.57 43.67 -80.98
C PHE K 190 -15.43 42.49 -81.92
N ALA K 191 -16.55 41.85 -82.27
CA ALA K 191 -16.50 40.79 -83.28
C ALA K 191 -16.05 41.34 -84.62
N VAL K 192 -16.48 42.55 -84.95
CA VAL K 192 -16.12 43.16 -86.23
C VAL K 192 -14.61 43.38 -86.31
N ILE K 193 -14.05 44.01 -85.28
CA ILE K 193 -12.61 44.21 -85.24
C ILE K 193 -11.86 42.91 -84.97
N ALA K 194 -12.58 41.84 -84.64
CA ALA K 194 -12.01 40.51 -84.51
C ALA K 194 -10.87 40.45 -83.49
N LEU K 211 -19.43 35.13 -80.93
CA LEU K 211 -20.23 34.31 -80.04
C LEU K 211 -21.34 35.15 -79.40
N GLU K 212 -21.60 36.32 -79.99
CA GLU K 212 -22.61 37.23 -79.48
C GLU K 212 -23.99 36.58 -79.48
N ASP K 213 -24.29 35.82 -80.53
CA ASP K 213 -25.59 35.14 -80.61
C ASP K 213 -25.82 34.25 -79.40
N GLN K 214 -24.78 33.54 -78.97
CA GLN K 214 -24.88 32.69 -77.79
C GLN K 214 -25.11 33.51 -76.52
N ILE K 215 -24.45 34.66 -76.42
CA ILE K 215 -24.65 35.55 -75.29
C ILE K 215 -26.12 35.94 -75.18
N ILE K 216 -26.67 36.47 -76.29
CA ILE K 216 -28.06 36.92 -76.26
C ILE K 216 -29.00 35.73 -76.06
N GLN K 217 -28.62 34.55 -76.55
CA GLN K 217 -29.48 33.37 -76.44
C GLN K 217 -29.58 32.89 -75.00
N ALA K 218 -28.46 32.89 -74.29
CA ALA K 218 -28.47 32.47 -72.89
C ALA K 218 -28.86 33.60 -71.95
N ASN K 219 -28.98 34.83 -72.45
CA ASN K 219 -29.36 35.95 -71.59
C ASN K 219 -30.71 35.78 -70.89
N PRO K 220 -31.79 35.30 -71.53
CA PRO K 220 -33.06 35.19 -70.80
C PRO K 220 -32.97 34.38 -69.52
N ALA K 221 -32.04 33.43 -69.43
CA ALA K 221 -31.85 32.68 -68.19
C ALA K 221 -31.44 33.60 -67.05
N LEU K 222 -30.41 34.42 -67.27
CA LEU K 222 -29.99 35.37 -66.25
C LEU K 222 -31.07 36.41 -65.99
N GLU K 223 -31.76 36.85 -67.05
CA GLU K 223 -32.86 37.80 -66.86
C GLU K 223 -33.92 37.24 -65.94
N ALA K 224 -34.16 35.92 -66.02
CA ALA K 224 -35.09 35.30 -65.09
C ALA K 224 -34.49 35.25 -63.69
N PHE K 225 -33.33 34.61 -63.56
CA PHE K 225 -32.80 34.23 -62.26
C PHE K 225 -32.11 35.36 -61.51
N GLY K 226 -32.06 36.56 -62.08
CA GLY K 226 -31.39 37.63 -61.38
C GLY K 226 -32.02 39.00 -61.55
N ASN K 227 -33.28 39.03 -61.95
CA ASN K 227 -34.00 40.28 -62.10
C ASN K 227 -35.30 40.25 -61.29
N ALA K 228 -35.64 41.39 -60.72
CA ALA K 228 -36.85 41.50 -59.93
C ALA K 228 -37.39 42.92 -60.04
N LYS K 229 -38.67 43.07 -59.78
CA LYS K 229 -39.33 44.36 -59.90
C LYS K 229 -39.01 45.21 -58.69
N THR K 230 -38.34 46.34 -58.92
CA THR K 230 -38.26 47.42 -57.94
C THR K 230 -39.25 48.51 -58.33
N VAL K 231 -39.21 49.62 -57.60
CA VAL K 231 -40.15 50.70 -57.88
C VAL K 231 -39.71 51.51 -59.09
N ARG K 232 -38.42 51.81 -59.19
CA ARG K 232 -37.93 52.61 -60.30
C ARG K 232 -37.88 51.82 -61.60
N ASN K 233 -37.94 50.49 -61.52
CA ASN K 233 -37.85 49.65 -62.72
C ASN K 233 -38.57 48.33 -62.50
N ASP K 234 -39.19 47.81 -63.54
CA ASP K 234 -39.87 46.53 -63.48
C ASP K 234 -39.00 45.37 -63.95
N ASN K 235 -37.81 45.63 -64.45
CA ASN K 235 -36.89 44.57 -64.84
C ASN K 235 -35.49 44.90 -64.34
N SER K 236 -35.41 45.28 -63.07
CA SER K 236 -34.14 45.67 -62.46
C SER K 236 -33.25 44.45 -62.25
N SER K 237 -31.96 44.63 -62.50
CA SER K 237 -30.98 43.59 -62.25
C SER K 237 -30.48 43.71 -60.82
N ARG K 238 -30.38 42.57 -60.14
CA ARG K 238 -29.89 42.51 -58.78
C ARG K 238 -28.45 42.03 -58.68
N PHE K 239 -28.08 41.06 -59.50
CA PHE K 239 -26.72 40.55 -59.49
C PHE K 239 -25.81 41.38 -60.39
N GLY K 240 -24.52 41.35 -60.07
CA GLY K 240 -23.52 42.06 -60.85
C GLY K 240 -22.99 41.29 -62.04
N LYS K 241 -23.76 41.22 -63.12
CA LYS K 241 -23.30 40.56 -64.33
C LYS K 241 -22.02 41.21 -64.85
N PHE K 242 -21.15 40.40 -65.44
CA PHE K 242 -19.85 40.87 -65.89
C PHE K 242 -19.30 39.87 -66.89
N ILE K 243 -19.21 40.28 -68.16
CA ILE K 243 -18.78 39.40 -69.24
C ILE K 243 -17.32 39.69 -69.56
N ARG K 244 -16.48 38.66 -69.46
CA ARG K 244 -15.08 38.74 -69.85
C ARG K 244 -14.95 38.26 -71.29
N ILE K 245 -14.45 39.13 -72.17
CA ILE K 245 -14.22 38.81 -73.56
C ILE K 245 -12.72 38.59 -73.73
N HIS K 246 -12.31 37.32 -73.78
CA HIS K 246 -10.89 37.03 -73.95
C HIS K 246 -10.47 37.25 -75.39
N PHE K 247 -9.15 37.14 -75.60
CA PHE K 247 -8.58 37.21 -76.94
C PHE K 247 -7.38 36.28 -77.00
N GLY K 248 -6.71 36.28 -78.14
CA GLY K 248 -5.52 35.49 -78.32
C GLY K 248 -4.25 36.33 -78.25
N ALA K 249 -3.16 35.73 -78.74
CA ALA K 249 -1.91 36.48 -78.87
C ALA K 249 -2.00 37.46 -80.03
N THR K 250 -2.63 37.06 -81.12
CA THR K 250 -2.85 37.89 -82.28
C THR K 250 -4.03 38.84 -82.13
N GLY K 251 -4.49 39.05 -80.89
CA GLY K 251 -5.60 39.97 -80.66
C GLY K 251 -6.87 39.59 -81.38
N LYS K 252 -7.05 38.32 -81.72
CA LYS K 252 -8.22 37.86 -82.43
C LYS K 252 -9.17 37.14 -81.47
N LEU K 253 -10.46 37.16 -81.82
CA LEU K 253 -11.49 36.66 -80.93
C LEU K 253 -11.24 35.20 -80.57
N ALA K 254 -11.11 34.94 -79.27
CA ALA K 254 -10.80 33.60 -78.78
C ALA K 254 -11.96 32.95 -78.06
N SER K 255 -12.49 33.58 -77.01
CA SER K 255 -13.60 33.03 -76.24
C SER K 255 -14.11 34.10 -75.30
N ALA K 256 -15.23 33.80 -74.64
CA ALA K 256 -15.88 34.72 -73.73
C ALA K 256 -16.13 34.04 -72.39
N ASP K 257 -15.94 34.80 -71.31
CA ASP K 257 -16.17 34.31 -69.95
C ASP K 257 -17.14 35.24 -69.24
N ILE K 258 -17.79 34.71 -68.21
CA ILE K 258 -18.82 35.44 -67.48
C ILE K 258 -18.73 35.09 -66.01
N GLU K 259 -18.93 36.08 -65.16
CA GLU K 259 -18.93 35.89 -63.71
C GLU K 259 -20.06 36.68 -63.10
N THR K 260 -20.61 36.17 -62.01
CA THR K 260 -21.68 36.83 -61.27
C THR K 260 -21.15 37.26 -59.91
N TYR K 261 -21.55 38.46 -59.49
CA TYR K 261 -21.10 39.05 -58.25
C TYR K 261 -22.29 39.64 -57.50
N LEU K 262 -22.19 39.63 -56.17
CA LEU K 262 -23.04 40.45 -55.31
C LEU K 262 -24.52 40.19 -55.52
N LEU K 263 -24.89 38.98 -55.92
CA LEU K 263 -26.30 38.65 -56.05
C LEU K 263 -26.98 38.75 -54.70
N GLU K 264 -28.01 39.59 -54.60
CA GLU K 264 -28.67 39.82 -53.32
C GLU K 264 -29.52 38.62 -52.94
N LYS K 265 -29.30 38.10 -51.73
CA LYS K 265 -30.04 36.95 -51.24
C LYS K 265 -31.28 37.34 -50.47
N SER K 266 -31.30 38.53 -49.86
CA SER K 266 -32.44 38.94 -49.05
C SER K 266 -33.75 38.96 -49.84
N ARG K 267 -33.68 39.11 -51.16
CA ARG K 267 -34.89 39.16 -51.95
C ARG K 267 -35.64 37.83 -51.92
N VAL K 268 -34.90 36.72 -51.83
CA VAL K 268 -35.54 35.41 -51.89
C VAL K 268 -36.47 35.19 -50.71
N ILE K 269 -36.33 35.97 -49.65
CA ILE K 269 -37.11 35.79 -48.43
C ILE K 269 -37.97 37.01 -48.14
N PHE K 270 -37.35 38.18 -47.98
CA PHE K 270 -38.06 39.40 -47.61
C PHE K 270 -38.20 40.31 -48.81
N GLN K 271 -39.40 40.81 -49.03
CA GLN K 271 -39.68 41.80 -50.07
C GLN K 271 -40.36 43.01 -49.43
N LEU K 272 -40.08 44.18 -50.00
CA LEU K 272 -40.61 45.42 -49.46
C LEU K 272 -42.12 45.51 -49.71
N LYS K 273 -42.70 46.65 -49.32
CA LYS K 273 -44.13 46.86 -49.51
C LYS K 273 -44.48 47.08 -50.97
N ALA K 274 -43.55 47.62 -51.77
CA ALA K 274 -43.85 48.05 -53.12
C ALA K 274 -43.14 47.24 -54.21
N GLU K 275 -42.49 46.14 -53.85
CA GLU K 275 -41.69 45.41 -54.82
C GLU K 275 -41.94 43.91 -54.73
N ARG K 276 -41.52 43.19 -55.75
CA ARG K 276 -41.74 41.77 -55.87
C ARG K 276 -40.44 40.99 -55.63
N ASP K 277 -40.59 39.68 -55.57
CA ASP K 277 -39.45 38.78 -55.54
C ASP K 277 -38.90 38.65 -56.95
N TYR K 278 -38.03 37.68 -57.18
CA TYR K 278 -37.49 37.46 -58.51
C TYR K 278 -38.59 37.02 -59.47
N HIS K 279 -38.32 37.19 -60.76
CA HIS K 279 -39.34 36.92 -61.77
C HIS K 279 -39.73 35.45 -61.84
N ILE K 280 -38.81 34.55 -61.47
CA ILE K 280 -38.99 33.13 -61.79
C ILE K 280 -40.20 32.57 -61.08
N PHE K 281 -40.39 32.94 -59.81
CA PHE K 281 -41.51 32.39 -59.05
C PHE K 281 -42.83 32.75 -59.71
N TYR K 282 -42.93 33.97 -60.23
CA TYR K 282 -44.16 34.38 -60.90
C TYR K 282 -44.30 33.69 -62.25
N GLN K 283 -43.21 33.58 -63.00
CA GLN K 283 -43.27 32.88 -64.28
C GLN K 283 -43.72 31.43 -64.10
N ILE K 284 -43.23 30.76 -63.06
CA ILE K 284 -43.72 29.43 -62.74
C ILE K 284 -45.18 29.50 -62.31
N LEU K 285 -45.54 30.57 -61.58
CA LEU K 285 -46.93 30.73 -61.18
C LEU K 285 -47.86 31.04 -62.34
N SER K 286 -47.31 31.32 -63.53
CA SER K 286 -48.13 31.38 -64.74
C SER K 286 -48.64 29.98 -65.07
N ASN K 287 -49.95 29.82 -65.11
CA ASN K 287 -50.53 28.50 -65.31
C ASN K 287 -50.35 27.95 -66.71
N LYS K 288 -49.70 28.68 -67.61
CA LYS K 288 -49.54 28.20 -68.98
C LYS K 288 -48.79 26.87 -69.05
N LYS K 289 -48.06 26.52 -67.99
CA LYS K 289 -47.50 25.19 -67.84
C LYS K 289 -48.20 24.49 -66.68
N PRO K 290 -49.38 23.91 -66.88
CA PRO K 290 -50.04 23.21 -65.78
C PRO K 290 -49.32 21.94 -65.36
N GLU K 291 -48.44 21.40 -66.20
CA GLU K 291 -47.68 20.22 -65.79
C GLU K 291 -46.71 20.57 -64.67
N LEU K 292 -46.11 21.76 -64.71
CA LEU K 292 -45.23 22.17 -63.62
C LEU K 292 -45.99 22.28 -62.32
N LEU K 293 -47.17 22.91 -62.36
CA LEU K 293 -47.94 23.08 -61.14
C LEU K 293 -48.42 21.74 -60.57
N ASP K 294 -48.93 20.87 -61.43
CA ASP K 294 -49.43 19.62 -60.88
C ASP K 294 -48.31 18.64 -60.54
N MET K 295 -47.09 18.88 -61.00
CA MET K 295 -45.97 18.06 -60.56
C MET K 295 -45.23 18.67 -59.37
N LEU K 296 -45.46 19.95 -59.06
CA LEU K 296 -44.84 20.60 -57.92
C LEU K 296 -45.81 20.91 -56.79
N LEU K 297 -47.08 20.53 -56.91
CA LEU K 297 -48.09 20.78 -55.87
C LEU K 297 -48.27 22.28 -55.64
N ILE K 298 -48.04 23.07 -56.68
CA ILE K 298 -48.16 24.52 -56.58
C ILE K 298 -49.59 24.91 -56.91
N THR K 299 -50.32 25.38 -55.91
CA THR K 299 -51.65 25.93 -56.14
C THR K 299 -51.54 27.26 -56.86
N ASN K 300 -52.52 27.57 -57.70
CA ASN K 300 -52.45 28.77 -58.54
C ASN K 300 -52.36 30.06 -57.73
N ASN K 301 -52.86 30.06 -56.50
CA ASN K 301 -53.03 31.29 -55.74
C ASN K 301 -51.68 31.78 -55.23
N PRO K 302 -51.20 32.95 -55.67
CA PRO K 302 -49.90 33.45 -55.22
C PRO K 302 -49.89 33.91 -53.77
N TYR K 303 -51.03 34.29 -53.21
CA TYR K 303 -51.10 34.63 -51.80
C TYR K 303 -50.80 33.44 -50.91
N ASP K 304 -50.75 32.24 -51.47
CA ASP K 304 -50.64 31.04 -50.67
C ASP K 304 -49.26 30.92 -50.03
N TYR K 305 -48.24 31.44 -50.69
CA TYR K 305 -46.86 31.17 -50.32
C TYR K 305 -46.23 32.39 -49.65
N ALA K 306 -45.76 32.20 -48.42
CA ALA K 306 -45.43 33.31 -47.54
C ALA K 306 -44.15 34.00 -47.91
N PHE K 307 -43.17 33.27 -48.47
CA PHE K 307 -41.93 33.90 -48.89
C PHE K 307 -42.16 34.97 -49.93
N ILE K 308 -43.23 34.86 -50.72
CA ILE K 308 -43.47 35.72 -51.86
C ILE K 308 -44.60 36.71 -51.59
N SER K 309 -45.66 36.26 -50.92
CA SER K 309 -46.89 37.05 -50.79
C SER K 309 -46.67 38.39 -50.11
N GLN K 310 -45.58 38.57 -49.38
CA GLN K 310 -45.35 39.85 -48.72
C GLN K 310 -44.97 40.96 -49.69
N GLY K 311 -44.45 40.61 -50.86
CA GLY K 311 -44.15 41.59 -51.88
C GLY K 311 -45.35 41.85 -52.78
N GLU K 312 -45.12 42.66 -53.82
CA GLU K 312 -46.16 42.91 -54.80
C GLU K 312 -46.50 41.61 -55.53
N THR K 313 -47.77 41.22 -55.45
CA THR K 313 -48.17 39.92 -55.97
C THR K 313 -47.98 39.85 -57.48
N THR K 314 -48.68 40.70 -58.22
CA THR K 314 -48.56 40.75 -59.67
C THR K 314 -48.63 42.19 -60.14
N VAL K 315 -47.86 42.50 -61.17
CA VAL K 315 -47.84 43.83 -61.76
C VAL K 315 -47.82 43.70 -63.28
N ALA K 316 -48.20 44.80 -63.94
CA ALA K 316 -48.20 44.85 -65.40
C ALA K 316 -46.79 45.06 -65.90
N SER K 317 -45.88 44.17 -65.50
CA SER K 317 -44.48 44.30 -65.89
C SER K 317 -44.26 43.80 -67.31
N ILE K 318 -44.50 42.51 -67.53
CA ILE K 318 -44.29 41.87 -68.82
C ILE K 318 -45.31 40.75 -68.95
N ASP K 319 -45.34 40.12 -70.12
CA ASP K 319 -46.10 38.89 -70.31
C ASP K 319 -45.31 37.74 -69.69
N ASP K 320 -45.59 37.47 -68.42
CA ASP K 320 -44.80 36.51 -67.65
C ASP K 320 -44.92 35.10 -68.20
N ALA K 321 -46.09 34.73 -68.70
CA ALA K 321 -46.26 33.42 -69.31
C ALA K 321 -45.35 33.26 -70.52
N GLU K 322 -45.38 34.26 -71.42
CA GLU K 322 -44.50 34.23 -72.57
C GLU K 322 -43.03 34.20 -72.13
N GLU K 323 -42.70 34.90 -71.05
CA GLU K 323 -41.31 34.90 -70.61
C GLU K 323 -40.90 33.53 -70.09
N LEU K 324 -41.80 32.88 -69.36
CA LEU K 324 -41.59 31.48 -69.00
C LEU K 324 -41.31 30.63 -70.23
N MET K 325 -42.07 30.84 -71.30
CA MET K 325 -41.84 30.06 -72.51
C MET K 325 -40.50 30.39 -73.14
N ALA K 326 -40.13 31.67 -73.19
CA ALA K 326 -38.86 32.06 -73.78
C ALA K 326 -37.70 31.47 -72.99
N THR K 327 -37.82 31.43 -71.67
CA THR K 327 -36.78 30.82 -70.85
C THR K 327 -36.70 29.32 -71.07
N ASP K 328 -37.86 28.65 -71.16
CA ASP K 328 -37.84 27.21 -71.42
C ASP K 328 -37.22 26.92 -72.78
N ASN K 329 -37.49 27.77 -73.78
CA ASN K 329 -36.88 27.60 -75.09
C ASN K 329 -35.38 27.78 -75.01
N ALA K 330 -34.93 28.85 -74.34
CA ALA K 330 -33.49 29.07 -74.16
C ALA K 330 -32.85 27.89 -73.44
N PHE K 331 -33.56 27.30 -72.49
CA PHE K 331 -33.05 26.14 -71.77
C PHE K 331 -32.88 24.96 -72.71
N ASP K 332 -33.95 24.59 -73.41
CA ASP K 332 -33.89 23.43 -74.30
C ASP K 332 -32.84 23.63 -75.39
N VAL K 333 -32.59 24.87 -75.81
CA VAL K 333 -31.52 25.08 -76.79
C VAL K 333 -30.17 25.30 -76.14
N LEU K 334 -30.09 25.29 -74.82
CA LEU K 334 -28.80 25.28 -74.16
C LEU K 334 -28.37 23.85 -73.84
N GLY K 335 -27.09 23.69 -73.51
CA GLY K 335 -26.47 22.38 -73.48
C GLY K 335 -27.12 21.39 -72.55
N PHE K 336 -27.96 21.85 -71.62
CA PHE K 336 -28.40 20.97 -70.55
C PHE K 336 -29.76 20.34 -70.85
N THR K 337 -29.96 19.15 -70.28
CA THR K 337 -31.05 18.27 -70.66
C THR K 337 -32.38 18.80 -70.13
N SER K 338 -33.44 18.04 -70.43
CA SER K 338 -34.77 18.38 -69.93
C SER K 338 -34.95 18.00 -68.46
N GLU K 339 -34.37 16.88 -68.05
CA GLU K 339 -34.39 16.51 -66.63
C GLU K 339 -33.80 17.60 -65.77
N GLU K 340 -32.78 18.29 -66.28
CA GLU K 340 -32.10 19.31 -65.51
C GLU K 340 -32.97 20.56 -65.34
N LYS K 341 -33.69 20.96 -66.40
CA LYS K 341 -34.70 22.01 -66.24
C LYS K 341 -35.78 21.57 -65.26
N ASN K 342 -36.16 20.29 -65.33
CA ASN K 342 -37.17 19.78 -64.42
C ASN K 342 -36.72 19.90 -62.97
N SER K 343 -35.46 19.54 -62.71
CA SER K 343 -34.91 19.65 -61.37
C SER K 343 -34.81 21.11 -60.93
N MET K 344 -34.43 22.00 -61.85
CA MET K 344 -34.38 23.42 -61.52
C MET K 344 -35.75 23.91 -61.06
N TYR K 345 -36.78 23.61 -61.85
CA TYR K 345 -38.13 24.05 -61.51
C TYR K 345 -38.57 23.46 -60.18
N LYS K 346 -38.32 22.18 -59.96
CA LYS K 346 -38.78 21.58 -58.73
C LYS K 346 -38.01 22.13 -57.53
N LEU K 347 -36.72 22.42 -57.69
CA LEU K 347 -35.96 23.00 -56.61
C LEU K 347 -36.51 24.37 -56.22
N THR K 348 -36.84 25.18 -57.23
CA THR K 348 -37.47 26.48 -56.93
C THR K 348 -38.79 26.29 -56.22
N GLY K 349 -39.57 25.29 -56.62
CA GLY K 349 -40.81 25.00 -55.90
C GLY K 349 -40.58 24.56 -54.47
N ALA K 350 -39.47 23.86 -54.21
CA ALA K 350 -39.14 23.48 -52.84
C ALA K 350 -38.79 24.70 -52.00
N ILE K 351 -37.98 25.59 -52.57
CA ILE K 351 -37.71 26.87 -51.91
C ILE K 351 -39.02 27.57 -51.58
N MET K 352 -39.98 27.50 -52.49
CA MET K 352 -41.27 28.12 -52.24
C MET K 352 -42.02 27.41 -51.12
N HIS K 353 -41.89 26.09 -51.04
CA HIS K 353 -42.55 25.32 -49.99
C HIS K 353 -41.90 25.51 -48.62
N PHE K 354 -40.67 25.99 -48.56
CA PHE K 354 -40.06 26.21 -47.24
C PHE K 354 -40.82 27.23 -46.41
N GLY K 355 -41.43 28.23 -47.04
CA GLY K 355 -41.95 29.36 -46.29
C GLY K 355 -43.14 29.05 -45.40
N ASN K 356 -43.92 28.03 -45.72
CA ASN K 356 -45.17 27.78 -45.00
C ASN K 356 -44.99 26.87 -43.80
N MET K 357 -43.77 26.44 -43.50
CA MET K 357 -43.53 25.62 -42.32
C MET K 357 -43.99 26.33 -41.06
N LYS K 358 -44.45 25.53 -40.08
CA LYS K 358 -44.99 26.07 -38.84
C LYS K 358 -44.33 25.37 -37.66
N PHE K 359 -43.85 26.15 -36.71
CA PHE K 359 -43.20 25.61 -35.52
C PHE K 359 -43.83 26.21 -34.27
N LYS K 360 -43.86 25.40 -33.21
CA LYS K 360 -44.39 25.81 -31.93
C LYS K 360 -43.39 25.47 -30.84
N LEU K 361 -43.46 26.22 -29.73
CA LEU K 361 -42.66 25.84 -28.58
C LEU K 361 -43.24 24.57 -27.97
N LYS K 362 -42.41 23.90 -27.18
CA LYS K 362 -42.82 22.63 -26.61
C LYS K 362 -43.70 22.86 -25.39
N GLN K 363 -43.95 21.79 -24.66
CA GLN K 363 -44.91 21.79 -23.55
C GLN K 363 -44.48 22.74 -22.43
N ARG K 364 -43.40 22.39 -21.75
CA ARG K 364 -42.88 23.19 -20.63
C ARG K 364 -41.38 23.38 -20.80
N GLU K 365 -40.98 23.74 -22.02
CA GLU K 365 -39.58 23.91 -22.36
C GLU K 365 -39.47 25.05 -23.36
N GLU K 366 -38.25 25.28 -23.83
CA GLU K 366 -37.96 26.32 -24.82
C GLU K 366 -37.59 25.73 -26.17
N GLN K 367 -37.97 24.49 -26.43
CA GLN K 367 -37.60 23.82 -27.68
C GLN K 367 -38.70 23.96 -28.73
N ALA K 368 -38.28 24.07 -29.99
CA ALA K 368 -39.19 24.17 -31.12
C ALA K 368 -39.54 22.77 -31.61
N GLU K 369 -40.82 22.57 -31.92
CA GLU K 369 -41.30 21.33 -32.50
C GLU K 369 -42.34 21.65 -33.57
N PRO K 370 -42.38 20.87 -34.65
CA PRO K 370 -43.32 21.18 -35.72
C PRO K 370 -44.71 20.67 -35.39
N ASP K 371 -45.71 21.50 -35.67
CA ASP K 371 -47.11 21.09 -35.59
C ASP K 371 -47.67 20.68 -36.94
N GLY K 372 -47.43 21.48 -37.98
CA GLY K 372 -47.81 21.13 -39.32
C GLY K 372 -46.69 20.34 -39.99
N THR K 373 -47.06 19.22 -40.59
CA THR K 373 -46.09 18.30 -41.17
C THR K 373 -46.30 18.07 -42.66
N GLU K 374 -47.39 18.56 -43.24
CA GLU K 374 -47.74 18.21 -44.61
C GLU K 374 -46.80 18.87 -45.61
N GLU K 375 -46.59 20.18 -45.48
CA GLU K 375 -45.62 20.86 -46.32
C GLU K 375 -44.22 20.34 -46.08
N ALA K 376 -43.92 19.89 -44.86
CA ALA K 376 -42.64 19.25 -44.60
C ALA K 376 -42.50 17.97 -45.42
N ASP K 377 -43.52 17.13 -45.38
CA ASP K 377 -43.51 15.88 -46.15
C ASP K 377 -43.34 16.17 -47.65
N LYS K 378 -44.09 17.14 -48.17
CA LYS K 378 -44.04 17.35 -49.61
C LYS K 378 -42.71 18.00 -50.02
N SER K 379 -42.18 18.89 -49.19
CA SER K 379 -40.89 19.48 -49.51
C SER K 379 -39.79 18.45 -49.45
N ALA K 380 -39.88 17.49 -48.52
CA ALA K 380 -38.90 16.41 -48.49
C ALA K 380 -39.03 15.51 -49.69
N TYR K 381 -40.27 15.15 -50.06
CA TYR K 381 -40.49 14.31 -51.23
C TYR K 381 -39.97 14.98 -52.48
N LEU K 382 -40.00 16.31 -52.52
CA LEU K 382 -39.42 17.01 -53.66
C LEU K 382 -37.91 17.00 -53.58
N MET K 383 -37.36 17.38 -52.43
CA MET K 383 -35.92 17.60 -52.29
C MET K 383 -35.12 16.31 -52.37
N GLY K 384 -35.75 15.17 -52.12
CA GLY K 384 -35.02 13.92 -52.08
C GLY K 384 -34.45 13.59 -50.73
N LEU K 385 -35.10 14.02 -49.66
CA LEU K 385 -34.74 13.67 -48.30
C LEU K 385 -35.93 13.04 -47.60
N ASN K 386 -35.72 12.60 -46.37
CA ASN K 386 -36.79 12.08 -45.54
C ASN K 386 -37.40 13.22 -44.74
N SER K 387 -38.72 13.18 -44.56
CA SER K 387 -39.41 14.28 -43.90
C SER K 387 -39.09 14.31 -42.41
N ALA K 388 -39.23 13.17 -41.74
CA ALA K 388 -38.88 13.12 -40.33
C ALA K 388 -37.42 13.49 -40.12
N ASP K 389 -36.54 13.08 -41.03
CA ASP K 389 -35.12 13.37 -40.89
C ASP K 389 -34.84 14.85 -41.07
N LEU K 390 -35.52 15.51 -42.02
CA LEU K 390 -35.30 16.94 -42.18
C LEU K 390 -35.87 17.72 -41.00
N LEU K 391 -37.02 17.29 -40.49
CA LEU K 391 -37.58 17.95 -39.32
C LEU K 391 -36.67 17.80 -38.11
N LYS K 392 -36.07 16.62 -37.95
CA LYS K 392 -35.12 16.42 -36.86
C LYS K 392 -33.87 17.26 -37.06
N GLY K 393 -33.40 17.38 -38.29
CA GLY K 393 -32.24 18.20 -38.56
C GLY K 393 -32.48 19.69 -38.37
N LEU K 394 -33.74 20.11 -38.48
CA LEU K 394 -34.03 21.52 -38.20
C LEU K 394 -34.25 21.78 -36.73
N CYS K 395 -34.93 20.87 -36.03
CA CYS K 395 -35.20 21.14 -34.63
C CYS K 395 -34.00 20.85 -33.73
N HIS K 396 -33.12 19.93 -34.11
CA HIS K 396 -32.02 19.48 -33.25
C HIS K 396 -30.72 19.36 -34.02
N PRO K 397 -30.07 20.47 -34.31
CA PRO K 397 -28.75 20.39 -34.97
C PRO K 397 -27.77 19.67 -34.07
N ARG K 398 -26.78 19.04 -34.69
CA ARG K 398 -25.69 18.42 -33.96
C ARG K 398 -24.38 19.10 -34.34
N VAL K 399 -23.62 19.49 -33.33
CA VAL K 399 -22.38 20.22 -33.52
C VAL K 399 -21.23 19.38 -32.96
N LYS K 400 -20.02 19.66 -33.45
CA LYS K 400 -18.84 18.87 -33.11
C LYS K 400 -18.05 19.56 -32.01
N VAL K 401 -17.91 18.89 -30.87
CA VAL K 401 -17.13 19.37 -29.74
C VAL K 401 -15.94 18.44 -29.58
N GLY K 402 -14.80 18.83 -30.13
CA GLY K 402 -13.63 17.98 -30.07
C GLY K 402 -13.82 16.72 -30.89
N ASN K 403 -13.98 15.58 -30.22
CA ASN K 403 -14.14 14.30 -30.90
C ASN K 403 -15.54 13.74 -30.73
N GLU K 404 -16.49 14.52 -30.28
CA GLU K 404 -17.85 14.05 -30.06
C GLU K 404 -18.83 15.00 -30.72
N TYR K 405 -20.08 14.55 -30.82
CA TYR K 405 -21.19 15.37 -31.31
C TYR K 405 -22.22 15.52 -30.21
N VAL K 406 -22.62 16.76 -29.94
CA VAL K 406 -23.68 17.04 -28.98
C VAL K 406 -24.77 17.83 -29.69
N THR K 407 -26.01 17.58 -29.29
CA THR K 407 -27.15 18.22 -29.93
C THR K 407 -27.39 19.62 -29.38
N LYS K 408 -27.59 20.56 -30.30
CA LYS K 408 -27.86 21.95 -29.96
C LYS K 408 -29.36 22.19 -29.91
N GLY K 409 -29.78 23.08 -29.02
CA GLY K 409 -31.18 23.42 -28.90
C GLY K 409 -31.57 24.63 -29.74
N GLN K 410 -32.82 24.66 -30.17
CA GLN K 410 -33.32 25.76 -30.99
C GLN K 410 -34.73 26.13 -30.54
N ASN K 411 -35.06 27.40 -30.67
CA ASN K 411 -36.41 27.91 -30.50
C ASN K 411 -36.95 28.35 -31.86
N VAL K 412 -38.14 28.92 -31.85
CA VAL K 412 -38.84 29.21 -33.10
C VAL K 412 -38.09 30.25 -33.93
N GLN K 413 -37.62 31.32 -33.29
CA GLN K 413 -36.88 32.33 -34.03
C GLN K 413 -35.64 31.75 -34.66
N GLN K 414 -34.91 30.92 -33.92
CA GLN K 414 -33.67 30.36 -34.44
C GLN K 414 -33.96 29.42 -35.61
N VAL K 415 -34.97 28.56 -35.49
CA VAL K 415 -35.23 27.63 -36.59
C VAL K 415 -35.74 28.38 -37.80
N ILE K 416 -36.46 29.49 -37.61
CA ILE K 416 -36.93 30.27 -38.75
C ILE K 416 -35.77 30.95 -39.46
N TYR K 417 -34.85 31.54 -38.69
CA TYR K 417 -33.66 32.12 -39.31
C TYR K 417 -32.87 31.07 -40.07
N ALA K 418 -32.78 29.87 -39.51
CA ALA K 418 -32.06 28.80 -40.20
C ALA K 418 -32.75 28.41 -41.49
N THR K 419 -34.08 28.33 -41.48
CA THR K 419 -34.81 27.99 -42.70
C THR K 419 -34.58 29.04 -43.78
N GLY K 420 -34.68 30.31 -43.40
CA GLY K 420 -34.44 31.38 -44.36
C GLY K 420 -33.04 31.33 -44.94
N ALA K 421 -32.05 31.09 -44.09
CA ALA K 421 -30.68 31.04 -44.57
C ALA K 421 -30.46 29.84 -45.47
N LEU K 422 -31.12 28.72 -45.16
CA LEU K 422 -31.01 27.54 -46.02
C LEU K 422 -31.60 27.83 -47.41
N ALA K 423 -32.77 28.46 -47.44
CA ALA K 423 -33.38 28.78 -48.73
C ALA K 423 -32.51 29.73 -49.54
N LYS K 424 -32.05 30.81 -48.91
CA LYS K 424 -31.17 31.74 -49.62
C LYS K 424 -29.94 31.02 -50.14
N ALA K 425 -29.38 30.12 -49.33
CA ALA K 425 -28.17 29.41 -49.73
C ALA K 425 -28.42 28.53 -50.95
N VAL K 426 -29.48 27.71 -50.89
CA VAL K 426 -29.73 26.79 -51.99
C VAL K 426 -30.04 27.55 -53.27
N TYR K 427 -30.78 28.66 -53.17
CA TYR K 427 -31.05 29.45 -54.35
C TYR K 427 -29.78 30.00 -54.96
N GLU K 428 -28.95 30.66 -54.14
CA GLU K 428 -27.72 31.23 -54.66
C GLU K 428 -26.80 30.16 -55.21
N ARG K 429 -26.80 28.97 -54.60
CA ARG K 429 -25.97 27.87 -55.09
C ARG K 429 -26.41 27.42 -56.47
N MET K 430 -27.71 27.15 -56.63
CA MET K 430 -28.26 26.79 -57.93
C MET K 430 -27.95 27.87 -58.97
N PHE K 431 -28.03 29.14 -58.57
CA PHE K 431 -27.74 30.23 -59.50
C PHE K 431 -26.29 30.18 -59.97
N ASN K 432 -25.35 30.08 -59.04
CA ASN K 432 -23.94 30.06 -59.44
C ASN K 432 -23.65 28.87 -60.32
N TRP K 433 -24.24 27.72 -60.01
CA TRP K 433 -23.98 26.53 -60.83
C TRP K 433 -24.61 26.67 -62.21
N MET K 434 -25.77 27.32 -62.29
CA MET K 434 -26.36 27.59 -63.60
C MET K 434 -25.44 28.47 -64.43
N VAL K 435 -24.82 29.46 -63.80
CA VAL K 435 -23.87 30.29 -64.54
C VAL K 435 -22.67 29.48 -64.99
N THR K 436 -22.22 28.54 -64.15
CA THR K 436 -21.13 27.67 -64.58
C THR K 436 -21.53 26.83 -65.79
N ARG K 437 -22.75 26.31 -65.79
CA ARG K 437 -23.23 25.55 -66.94
C ARG K 437 -23.30 26.41 -68.19
N ILE K 438 -23.79 27.65 -68.05
CA ILE K 438 -23.83 28.57 -69.17
C ILE K 438 -22.44 28.78 -69.74
N ASN K 439 -21.47 29.02 -68.87
CA ASN K 439 -20.11 29.26 -69.34
C ASN K 439 -19.53 28.01 -69.99
N ALA K 440 -19.90 26.84 -69.50
CA ALA K 440 -19.43 25.60 -70.12
C ALA K 440 -19.99 25.44 -71.53
N THR K 441 -21.28 25.76 -71.70
CA THR K 441 -21.87 25.77 -73.05
C THR K 441 -21.12 26.73 -73.96
N LEU K 442 -20.87 27.95 -73.47
CA LEU K 442 -20.20 28.95 -74.28
C LEU K 442 -18.76 28.56 -74.59
N GLU K 443 -18.15 27.72 -73.75
CA GLU K 443 -16.70 27.56 -73.77
C GLU K 443 -16.19 27.03 -75.09
N THR K 444 -15.18 27.70 -75.64
CA THR K 444 -14.47 27.27 -76.83
C THR K 444 -13.03 26.96 -76.47
N LYS K 445 -12.47 25.95 -77.14
CA LYS K 445 -11.14 25.44 -76.79
C LYS K 445 -10.01 26.34 -77.27
N GLN K 446 -10.31 27.41 -78.01
CA GLN K 446 -9.27 28.30 -78.48
C GLN K 446 -8.50 28.88 -77.30
N PRO K 447 -7.18 29.03 -77.40
CA PRO K 447 -6.41 29.65 -76.31
C PRO K 447 -6.93 31.06 -76.02
N ARG K 448 -7.04 31.37 -74.73
CA ARG K 448 -7.62 32.63 -74.27
C ARG K 448 -6.52 33.45 -73.60
N GLN K 449 -6.10 34.51 -74.27
CA GLN K 449 -5.16 35.48 -73.73
C GLN K 449 -5.93 36.63 -73.07
N TYR K 450 -5.24 37.75 -72.85
CA TYR K 450 -5.81 38.93 -72.18
C TYR K 450 -7.23 39.21 -72.65
N PHE K 451 -8.07 39.62 -71.71
CA PHE K 451 -9.48 39.87 -71.97
C PHE K 451 -9.80 41.34 -71.75
N ILE K 452 -11.00 41.72 -72.17
CA ILE K 452 -11.55 43.05 -71.90
C ILE K 452 -12.96 42.84 -71.37
N GLY K 453 -13.15 43.06 -70.08
CA GLY K 453 -14.41 42.78 -69.45
C GLY K 453 -15.37 43.95 -69.49
N VAL K 454 -16.67 43.61 -69.52
CA VAL K 454 -17.74 44.59 -69.46
C VAL K 454 -18.61 44.26 -68.25
N LEU K 455 -18.94 45.29 -67.46
CA LEU K 455 -19.53 45.11 -66.15
C LEU K 455 -20.91 45.75 -66.09
N ASP K 456 -21.88 45.00 -65.59
CA ASP K 456 -23.25 45.48 -65.40
C ASP K 456 -23.60 45.37 -63.92
N ILE K 457 -23.87 46.51 -63.29
CA ILE K 457 -24.03 46.58 -61.84
C ILE K 457 -25.25 47.44 -61.53
N ALA K 458 -25.77 47.25 -60.31
CA ALA K 458 -26.88 48.08 -59.85
C ALA K 458 -26.43 49.54 -59.69
N GLY K 459 -27.41 50.42 -59.59
CA GLY K 459 -27.16 51.85 -59.51
C GLY K 459 -27.28 52.40 -58.11
N PHE K 460 -26.80 53.63 -57.95
CA PHE K 460 -26.81 54.29 -56.65
C PHE K 460 -28.23 54.68 -56.28
N GLU K 461 -29.08 53.70 -56.03
CA GLU K 461 -30.51 53.96 -55.93
C GLU K 461 -30.82 54.76 -54.67
N ILE K 462 -31.67 55.76 -54.84
CA ILE K 462 -32.20 56.55 -53.73
C ILE K 462 -33.71 56.42 -53.76
N PHE K 463 -34.31 56.44 -52.58
CA PHE K 463 -35.76 56.36 -52.44
C PHE K 463 -36.14 57.26 -51.27
N ASP K 464 -37.35 57.06 -50.75
CA ASP K 464 -37.78 57.67 -49.51
C ASP K 464 -37.86 56.68 -48.35
N PHE K 465 -37.68 55.39 -48.62
CA PHE K 465 -37.62 54.34 -47.60
C PHE K 465 -36.44 53.43 -47.86
N ASN K 466 -35.27 54.03 -48.03
CA ASN K 466 -34.04 53.25 -48.14
C ASN K 466 -33.91 52.27 -46.98
N SER K 467 -33.29 51.13 -47.24
CA SER K 467 -33.21 50.08 -46.24
C SER K 467 -31.84 49.43 -46.34
N PHE K 468 -31.73 48.24 -45.73
CA PHE K 468 -30.46 47.54 -45.65
C PHE K 468 -29.90 47.22 -47.03
N GLU K 469 -30.76 46.74 -47.92
CA GLU K 469 -30.32 46.37 -49.26
C GLU K 469 -29.82 47.59 -50.02
N GLN K 470 -30.53 48.71 -49.90
CA GLN K 470 -30.08 49.93 -50.56
C GLN K 470 -28.77 50.41 -49.96
N LEU K 471 -28.56 50.21 -48.66
CA LEU K 471 -27.28 50.54 -48.06
C LEU K 471 -26.17 49.69 -48.66
N CYS K 472 -26.42 48.40 -48.84
CA CYS K 472 -25.42 47.53 -49.45
C CYS K 472 -25.10 47.98 -50.87
N ILE K 473 -26.13 48.30 -51.65
CA ILE K 473 -25.94 48.76 -53.02
C ILE K 473 -25.11 50.03 -53.04
N ASN K 474 -25.45 50.98 -52.19
CA ASN K 474 -24.73 52.24 -52.16
C ASN K 474 -23.30 52.05 -51.69
N PHE K 475 -23.06 51.10 -50.79
CA PHE K 475 -21.70 50.80 -50.37
C PHE K 475 -20.88 50.29 -51.55
N THR K 476 -21.47 49.38 -52.33
CA THR K 476 -20.78 48.89 -53.53
C THR K 476 -20.46 50.05 -54.48
N ASN K 477 -21.46 50.89 -54.75
CA ASN K 477 -21.24 52.00 -55.67
C ASN K 477 -20.25 53.00 -55.12
N GLU K 478 -20.16 53.11 -53.79
CA GLU K 478 -19.10 53.92 -53.19
C GLU K 478 -17.73 53.36 -53.51
N LYS K 479 -17.55 52.06 -53.35
CA LYS K 479 -16.26 51.47 -53.69
C LYS K 479 -15.93 51.74 -55.16
N LEU K 480 -16.92 51.57 -56.04
CA LEU K 480 -16.69 51.79 -57.46
C LEU K 480 -16.31 53.23 -57.76
N GLN K 481 -17.06 54.19 -57.19
CA GLN K 481 -16.79 55.59 -57.46
C GLN K 481 -15.44 56.02 -56.92
N GLN K 482 -15.06 55.53 -55.75
CA GLN K 482 -13.74 55.83 -55.22
C GLN K 482 -12.66 55.22 -56.11
N PHE K 483 -12.92 54.04 -56.65
CA PHE K 483 -11.96 53.42 -57.57
C PHE K 483 -11.76 54.29 -58.81
N PHE K 484 -12.86 54.71 -59.44
CA PHE K 484 -12.76 55.57 -60.60
C PHE K 484 -12.07 56.88 -60.25
N ASN K 485 -12.37 57.43 -59.08
CA ASN K 485 -11.78 58.71 -58.70
C ASN K 485 -10.27 58.58 -58.57
N HIS K 486 -9.79 57.51 -57.94
CA HIS K 486 -8.35 57.30 -57.86
C HIS K 486 -7.76 57.06 -59.23
N HIS K 487 -8.48 56.33 -60.09
CA HIS K 487 -8.02 56.12 -61.46
C HIS K 487 -7.81 57.44 -62.18
N MET K 488 -8.81 58.32 -62.14
CA MET K 488 -8.70 59.63 -62.75
C MET K 488 -7.61 60.46 -62.11
N PHE K 489 -7.37 60.27 -60.80
CA PHE K 489 -6.26 60.97 -60.16
C PHE K 489 -4.94 60.58 -60.80
N VAL K 490 -4.71 59.28 -60.96
CA VAL K 490 -3.46 58.83 -61.55
C VAL K 490 -3.37 59.27 -63.01
N LEU K 491 -4.52 59.33 -63.70
CA LEU K 491 -4.53 59.81 -65.07
C LEU K 491 -4.15 61.28 -65.16
N GLU K 492 -4.63 62.10 -64.22
CA GLU K 492 -4.26 63.51 -64.22
C GLU K 492 -2.79 63.69 -63.84
N GLN K 493 -2.29 62.86 -62.93
CA GLN K 493 -0.86 62.86 -62.65
C GLN K 493 -0.06 62.47 -63.89
N GLU K 494 -0.60 61.57 -64.71
CA GLU K 494 0.05 61.21 -65.96
C GLU K 494 0.07 62.40 -66.92
N GLU K 495 -1.06 63.08 -67.08
CA GLU K 495 -1.09 64.29 -67.90
C GLU K 495 -0.07 65.31 -67.43
N TYR K 496 0.04 65.49 -66.11
CA TYR K 496 0.95 66.49 -65.57
C TYR K 496 2.41 66.08 -65.76
N LYS K 497 2.73 64.81 -65.53
CA LYS K 497 4.11 64.36 -65.74
C LYS K 497 4.50 64.34 -67.20
N LYS K 498 3.51 64.25 -68.11
CA LYS K 498 3.78 64.45 -69.52
C LYS K 498 4.08 65.93 -69.80
N GLU K 499 3.20 66.82 -69.34
CA GLU K 499 3.33 68.24 -69.60
C GLU K 499 4.51 68.85 -68.85
N GLY K 500 5.15 68.11 -67.96
CA GLY K 500 6.25 68.66 -67.21
C GLY K 500 5.85 69.70 -66.20
N ILE K 501 4.57 69.73 -65.82
CA ILE K 501 4.05 70.71 -64.87
C ILE K 501 3.35 69.90 -63.77
N GLU K 502 3.99 69.83 -62.60
CA GLU K 502 3.58 68.91 -61.54
C GLU K 502 3.30 69.67 -60.25
N TRP K 503 2.04 69.70 -59.84
CA TRP K 503 1.60 70.41 -58.65
C TRP K 503 0.41 69.67 -58.05
N THR K 504 0.01 70.10 -56.85
CA THR K 504 -1.19 69.61 -56.17
C THR K 504 -1.15 68.09 -56.01
N PHE K 505 -0.19 67.63 -55.21
CA PHE K 505 0.12 66.21 -55.07
C PHE K 505 -0.83 65.47 -54.11
N ILE K 506 -2.00 66.02 -53.81
CA ILE K 506 -2.98 65.29 -53.00
C ILE K 506 -3.82 64.39 -53.90
N ASP K 507 -4.11 63.18 -53.42
CA ASP K 507 -4.94 62.27 -54.18
C ASP K 507 -6.41 62.64 -54.05
N PHE K 508 -7.22 62.06 -54.94
CA PHE K 508 -8.64 62.36 -55.02
C PHE K 508 -9.52 61.24 -54.47
N GLY K 509 -8.94 60.26 -53.78
CA GLY K 509 -9.71 59.13 -53.32
C GLY K 509 -10.13 59.18 -51.86
N MET K 510 -9.23 59.69 -51.01
CA MET K 510 -9.46 59.65 -49.58
C MET K 510 -10.69 60.46 -49.18
N ASP K 511 -10.95 61.56 -49.90
CA ASP K 511 -12.11 62.39 -49.61
C ASP K 511 -13.40 61.58 -49.70
N LEU K 512 -13.39 60.49 -50.45
CA LEU K 512 -14.51 59.57 -50.48
C LEU K 512 -14.33 58.38 -49.57
N GLN K 513 -13.08 57.91 -49.40
CA GLN K 513 -12.83 56.80 -48.49
C GLN K 513 -13.31 57.11 -47.07
N ALA K 514 -13.25 58.37 -46.68
CA ALA K 514 -13.75 58.75 -45.36
C ALA K 514 -15.19 58.31 -45.15
N CYS K 515 -15.99 58.24 -46.21
CA CYS K 515 -17.33 57.72 -46.07
C CYS K 515 -17.35 56.20 -46.06
N ILE K 516 -16.41 55.55 -46.73
CA ILE K 516 -16.35 54.08 -46.68
C ILE K 516 -16.04 53.62 -45.27
N ASP K 517 -15.12 54.31 -44.58
CA ASP K 517 -14.73 53.92 -43.23
C ASP K 517 -15.89 53.92 -42.27
N LEU K 518 -17.05 54.43 -42.66
CA LEU K 518 -18.23 54.44 -41.82
C LEU K 518 -19.13 53.25 -42.07
N ILE K 519 -18.73 52.34 -42.94
CA ILE K 519 -19.49 51.14 -43.24
C ILE K 519 -18.69 49.87 -42.91
N GLU K 520 -17.48 49.77 -43.46
CA GLU K 520 -16.71 48.54 -43.33
C GLU K 520 -15.85 48.49 -42.09
N LYS K 521 -15.30 49.62 -41.65
CA LYS K 521 -14.30 49.60 -40.60
C LYS K 521 -14.89 49.12 -39.29
N PRO K 522 -14.07 48.57 -38.41
CA PRO K 522 -14.56 48.15 -37.09
C PRO K 522 -15.17 49.33 -36.34
N MET K 523 -16.26 49.05 -35.63
CA MET K 523 -17.14 50.05 -35.02
C MET K 523 -17.90 50.86 -36.06
N GLY K 524 -17.77 50.54 -37.35
CA GLY K 524 -18.61 51.10 -38.37
C GLY K 524 -19.99 50.47 -38.34
N ILE K 525 -20.83 50.88 -39.29
CA ILE K 525 -22.23 50.48 -39.26
C ILE K 525 -22.38 48.98 -39.41
N MET K 526 -21.63 48.38 -40.33
CA MET K 526 -21.74 46.95 -40.54
C MET K 526 -21.24 46.16 -39.33
N SER K 527 -20.14 46.60 -38.72
CA SER K 527 -19.64 45.89 -37.56
C SER K 527 -20.60 46.01 -36.39
N ILE K 528 -21.19 47.19 -36.21
CA ILE K 528 -22.16 47.35 -35.13
C ILE K 528 -23.38 46.47 -35.40
N LEU K 529 -23.78 46.35 -36.66
CA LEU K 529 -24.92 45.51 -36.97
C LEU K 529 -24.62 44.04 -36.69
N GLU K 530 -23.43 43.58 -37.07
CA GLU K 530 -23.04 42.20 -36.79
C GLU K 530 -23.01 41.95 -35.29
N GLU K 531 -22.36 42.84 -34.54
CA GLU K 531 -22.33 42.70 -33.09
C GLU K 531 -23.74 42.67 -32.52
N GLU K 532 -24.64 43.49 -33.05
CA GLU K 532 -25.97 43.56 -32.49
C GLU K 532 -26.77 42.31 -32.78
N CYS K 533 -26.62 41.74 -33.97
CA CYS K 533 -27.32 40.48 -34.20
C CYS K 533 -26.62 39.31 -33.53
N MET K 534 -25.43 39.51 -32.96
CA MET K 534 -24.83 38.50 -32.09
C MET K 534 -25.23 38.62 -30.64
N PHE K 535 -25.48 39.83 -30.15
CA PHE K 535 -25.81 40.07 -28.76
C PHE K 535 -27.13 39.39 -28.38
N PRO K 536 -27.33 39.06 -27.08
CA PRO K 536 -28.52 38.32 -26.67
C PRO K 536 -29.88 38.91 -27.00
N LYS K 537 -30.23 40.08 -26.46
CA LYS K 537 -31.60 40.59 -26.57
C LYS K 537 -31.65 41.89 -27.35
N ALA K 538 -30.90 41.98 -28.44
CA ALA K 538 -30.79 43.24 -29.13
C ALA K 538 -32.08 43.58 -29.87
N THR K 539 -32.34 44.87 -30.00
CA THR K 539 -33.54 45.38 -30.66
C THR K 539 -33.12 46.55 -31.54
N ASP K 540 -34.05 46.99 -32.39
CA ASP K 540 -33.74 48.07 -33.33
C ASP K 540 -33.44 49.38 -32.60
N MET K 541 -34.15 49.65 -31.51
CA MET K 541 -33.86 50.87 -30.76
C MET K 541 -32.47 50.82 -30.15
N THR K 542 -32.05 49.65 -29.66
CA THR K 542 -30.69 49.51 -29.13
C THR K 542 -29.66 49.66 -30.24
N PHE K 543 -29.94 49.10 -31.41
CA PHE K 543 -29.07 49.29 -32.56
C PHE K 543 -28.90 50.77 -32.87
N LYS K 544 -30.01 51.51 -32.92
CA LYS K 544 -29.94 52.94 -33.19
C LYS K 544 -29.15 53.66 -32.11
N ALA K 545 -29.39 53.31 -30.84
CA ALA K 545 -28.68 53.95 -29.75
C ALA K 545 -27.19 53.72 -29.85
N LYS K 546 -26.78 52.51 -30.23
CA LYS K 546 -25.34 52.24 -30.36
C LYS K 546 -24.75 52.99 -31.54
N LEU K 547 -25.45 53.03 -32.66
CA LEU K 547 -24.99 53.83 -33.79
C LEU K 547 -24.74 55.27 -33.37
N PHE K 548 -25.70 55.87 -32.66
CA PHE K 548 -25.56 57.26 -32.27
C PHE K 548 -24.45 57.43 -31.25
N ASP K 549 -24.46 56.61 -30.20
CA ASP K 549 -23.45 56.73 -29.15
C ASP K 549 -22.04 56.59 -29.71
N ASN K 550 -21.88 55.83 -30.79
CA ASN K 550 -20.54 55.54 -31.27
C ASN K 550 -20.15 56.37 -32.48
N HIS K 551 -21.07 57.11 -33.10
CA HIS K 551 -20.68 57.90 -34.26
C HIS K 551 -21.07 59.36 -34.21
N LEU K 552 -22.18 59.68 -33.56
CA LEU K 552 -22.78 61.01 -33.65
C LEU K 552 -21.79 62.08 -33.21
N GLY K 553 -21.45 62.98 -34.13
CA GLY K 553 -20.55 64.08 -33.80
C GLY K 553 -19.10 63.67 -33.86
N LYS K 554 -18.78 62.50 -33.30
CA LYS K 554 -17.42 62.00 -33.33
C LYS K 554 -16.97 61.66 -34.75
N SER K 555 -17.91 61.46 -35.66
CA SER K 555 -17.63 61.21 -37.07
C SER K 555 -17.80 62.51 -37.85
N ALA K 556 -17.62 62.42 -39.17
CA ALA K 556 -17.77 63.58 -40.04
C ALA K 556 -18.98 63.51 -40.95
N ASN K 557 -19.33 62.33 -41.46
CA ASN K 557 -20.43 62.17 -42.39
C ASN K 557 -21.71 61.66 -41.75
N PHE K 558 -21.61 60.90 -40.67
CA PHE K 558 -22.80 60.42 -39.98
C PHE K 558 -23.47 61.60 -39.30
N GLN K 559 -24.80 61.67 -39.42
CA GLN K 559 -25.51 62.81 -38.85
C GLN K 559 -26.99 62.48 -38.75
N LYS K 560 -27.73 63.38 -38.10
CA LYS K 560 -29.14 63.18 -37.81
C LYS K 560 -29.93 62.96 -39.10
N PRO K 561 -31.13 62.40 -39.00
CA PRO K 561 -32.02 62.32 -40.16
C PRO K 561 -32.68 63.68 -40.41
N ARG K 562 -33.50 63.73 -41.45
CA ARG K 562 -34.29 64.92 -41.76
C ARG K 562 -35.71 64.49 -42.11
N ASN K 563 -36.68 65.25 -41.62
CA ASN K 563 -38.09 65.00 -41.89
C ASN K 563 -38.59 66.11 -42.79
N ILE K 564 -38.84 65.78 -44.06
CA ILE K 564 -39.25 66.75 -45.06
C ILE K 564 -40.56 66.29 -45.67
N LYS K 565 -41.47 67.24 -45.92
CA LYS K 565 -42.75 67.02 -46.59
C LYS K 565 -43.50 65.81 -46.05
N GLY K 566 -43.30 65.51 -44.76
CA GLY K 566 -43.96 64.38 -44.15
C GLY K 566 -43.55 63.05 -44.72
N LYS K 567 -42.24 62.85 -44.97
CA LYS K 567 -41.74 61.58 -45.43
C LYS K 567 -42.10 60.49 -44.42
N PRO K 568 -42.04 59.21 -44.84
CA PRO K 568 -42.45 58.13 -43.92
C PRO K 568 -41.69 58.11 -42.60
N GLU K 569 -40.37 57.95 -42.65
CA GLU K 569 -39.57 57.82 -41.45
C GLU K 569 -38.10 57.74 -41.85
N ALA K 570 -37.22 58.16 -40.95
CA ALA K 570 -35.79 58.00 -41.11
C ALA K 570 -35.14 58.02 -39.75
N HIS K 571 -34.20 57.10 -39.54
CA HIS K 571 -33.55 56.97 -38.24
C HIS K 571 -32.16 57.58 -38.21
N PHE K 572 -31.44 57.58 -39.31
CA PHE K 572 -30.18 58.31 -39.39
C PHE K 572 -29.91 58.61 -40.84
N SER K 573 -28.95 59.49 -41.09
CA SER K 573 -28.59 59.89 -42.44
C SER K 573 -27.09 59.85 -42.62
N LEU K 574 -26.65 59.19 -43.68
CA LEU K 574 -25.30 59.28 -44.17
C LEU K 574 -25.26 60.23 -45.35
N ILE K 575 -24.07 60.73 -45.66
CA ILE K 575 -23.83 61.48 -46.88
C ILE K 575 -22.91 60.65 -47.76
N HIS K 576 -23.24 60.56 -49.03
CA HIS K 576 -22.42 59.88 -50.01
C HIS K 576 -21.98 60.88 -51.06
N TYR K 577 -21.33 60.39 -52.12
CA TYR K 577 -21.04 61.26 -53.25
C TYR K 577 -22.33 61.69 -53.94
N ALA K 578 -23.35 60.84 -53.94
CA ALA K 578 -24.59 61.11 -54.65
C ALA K 578 -25.63 61.82 -53.80
N GLY K 579 -25.24 62.38 -52.67
CA GLY K 579 -26.11 63.20 -51.86
C GLY K 579 -26.32 62.61 -50.48
N ILE K 580 -27.10 63.33 -49.68
CA ILE K 580 -27.47 62.88 -48.35
C ILE K 580 -28.58 61.84 -48.47
N VAL K 581 -28.36 60.67 -47.89
CA VAL K 581 -29.33 59.58 -47.92
C VAL K 581 -29.77 59.28 -46.50
N ASP K 582 -31.08 59.19 -46.30
CA ASP K 582 -31.64 58.83 -45.01
C ASP K 582 -32.05 57.37 -45.03
N TYR K 583 -31.56 56.60 -44.07
CA TYR K 583 -31.78 55.17 -44.02
C TYR K 583 -32.69 54.82 -42.85
N ASN K 584 -33.40 53.71 -42.99
CA ASN K 584 -34.32 53.23 -41.96
C ASN K 584 -33.76 51.98 -41.31
N ILE K 585 -33.95 51.87 -40.00
CA ILE K 585 -33.35 50.78 -39.24
C ILE K 585 -34.24 49.55 -39.22
N ILE K 586 -35.56 49.75 -39.10
CA ILE K 586 -36.49 48.68 -38.79
C ILE K 586 -36.29 47.44 -39.66
N GLY K 587 -35.97 46.31 -39.02
CA GLY K 587 -35.85 45.03 -39.70
C GLY K 587 -34.44 44.57 -39.99
N TRP K 588 -33.43 45.42 -39.76
CA TRP K 588 -32.07 45.08 -40.17
C TRP K 588 -31.53 43.88 -39.40
N LEU K 589 -31.70 43.87 -38.08
CA LEU K 589 -31.25 42.74 -37.28
C LEU K 589 -31.84 41.43 -37.79
N GLN K 590 -33.16 41.40 -37.95
CA GLN K 590 -33.81 40.17 -38.38
C GLN K 590 -33.39 39.76 -39.79
N LYS K 591 -33.11 40.72 -40.66
CA LYS K 591 -32.82 40.37 -42.04
C LYS K 591 -31.34 40.11 -42.30
N ASN K 592 -30.46 40.47 -41.37
CA ASN K 592 -29.04 40.26 -41.61
C ASN K 592 -28.56 38.88 -41.17
N LYS K 593 -29.34 38.16 -40.36
CA LYS K 593 -28.91 36.88 -39.85
C LYS K 593 -28.85 35.84 -40.96
N ASP K 594 -27.77 35.05 -40.98
CA ASP K 594 -27.57 34.00 -41.98
C ASP K 594 -27.01 32.75 -41.31
N PRO K 595 -27.72 32.17 -40.35
CA PRO K 595 -27.23 30.95 -39.70
C PRO K 595 -27.52 29.72 -40.55
N LEU K 596 -26.49 29.18 -41.19
CA LEU K 596 -26.65 28.00 -42.00
C LEU K 596 -26.61 26.74 -41.14
N ASN K 597 -27.50 25.80 -41.44
CA ASN K 597 -27.69 24.60 -40.63
C ASN K 597 -26.87 23.46 -41.21
N GLU K 598 -25.83 23.05 -40.49
CA GLU K 598 -24.84 22.12 -41.02
C GLU K 598 -25.41 20.71 -41.18
N THR K 599 -26.29 20.29 -40.27
CA THR K 599 -26.87 18.96 -40.40
C THR K 599 -27.73 18.87 -41.65
N VAL K 600 -28.56 19.88 -41.89
CA VAL K 600 -29.39 19.86 -43.10
C VAL K 600 -28.53 20.00 -44.33
N VAL K 601 -27.41 20.73 -44.25
CA VAL K 601 -26.52 20.79 -45.39
C VAL K 601 -25.93 19.40 -45.68
N GLY K 602 -25.60 18.65 -44.64
CA GLY K 602 -25.16 17.28 -44.86
C GLY K 602 -26.26 16.42 -45.48
N LEU K 603 -27.49 16.60 -45.01
CA LEU K 603 -28.63 15.94 -45.65
C LEU K 603 -28.67 16.24 -47.14
N TYR K 604 -28.47 17.51 -47.51
CA TYR K 604 -28.47 17.86 -48.93
C TYR K 604 -27.32 17.16 -49.65
N GLN K 605 -26.15 17.10 -49.02
CA GLN K 605 -25.04 16.36 -49.61
C GLN K 605 -25.40 14.90 -49.85
N LYS K 606 -26.30 14.36 -49.04
CA LYS K 606 -26.73 12.97 -49.15
C LYS K 606 -28.07 12.83 -49.88
N SER K 607 -28.40 13.75 -50.77
CA SER K 607 -29.68 13.72 -51.45
C SER K 607 -29.69 12.69 -52.57
N SER K 608 -30.84 12.56 -53.23
CA SER K 608 -31.01 11.69 -54.38
C SER K 608 -31.31 12.50 -55.64
N LEU K 609 -30.67 13.66 -55.78
CA LEU K 609 -30.98 14.61 -56.84
C LEU K 609 -29.72 15.22 -57.40
N LYS K 610 -29.87 16.32 -58.15
CA LYS K 610 -28.75 17.17 -58.48
C LYS K 610 -28.34 18.06 -57.33
N LEU K 611 -29.21 18.20 -56.32
CA LEU K 611 -28.94 19.04 -55.16
C LEU K 611 -27.60 18.73 -54.52
N LEU K 612 -27.20 17.45 -54.54
CA LEU K 612 -25.95 17.05 -53.93
C LEU K 612 -24.74 17.65 -54.64
N SER K 613 -24.90 18.10 -55.88
CA SER K 613 -23.82 18.81 -56.52
C SER K 613 -23.75 20.26 -56.07
N THR K 614 -24.90 20.93 -55.98
CA THR K 614 -24.91 22.32 -55.54
C THR K 614 -24.37 22.44 -54.13
N LEU K 615 -24.79 21.55 -53.24
CA LEU K 615 -24.32 21.55 -51.85
C LEU K 615 -23.18 20.58 -51.64
N PHE K 616 -22.28 20.47 -52.63
CA PHE K 616 -21.26 19.44 -52.64
C PHE K 616 -20.53 19.34 -51.31
N ALA K 617 -20.08 20.48 -50.78
CA ALA K 617 -19.43 20.52 -49.47
C ALA K 617 -19.46 21.98 -49.03
N ASN K 618 -20.25 22.27 -48.00
CA ASN K 618 -20.26 23.62 -47.47
C ASN K 618 -20.59 23.60 -45.99
N TYR K 619 -20.20 24.67 -45.32
CA TYR K 619 -20.36 24.80 -43.88
C TYR K 619 -21.37 25.89 -43.56
N GLY K 629 -7.40 24.74 -35.70
CA GLY K 629 -6.35 23.82 -36.07
C GLY K 629 -5.40 24.44 -37.07
N LYS K 630 -4.12 24.49 -36.72
CA LYS K 630 -3.05 25.07 -37.53
C LYS K 630 -3.31 26.53 -37.87
N GLY K 631 -4.33 27.13 -37.29
CA GLY K 631 -4.74 28.47 -37.63
C GLY K 631 -5.94 28.42 -38.54
N LYS K 632 -7.12 28.57 -37.97
CA LYS K 632 -8.35 28.42 -38.73
C LYS K 632 -9.23 29.64 -38.55
N ALA K 633 -9.61 30.24 -39.69
CA ALA K 633 -10.54 31.34 -39.73
C ALA K 633 -11.97 30.87 -39.90
N LYS K 634 -12.27 29.64 -39.49
CA LYS K 634 -13.61 29.08 -39.67
C LYS K 634 -14.57 29.80 -38.75
N LYS K 635 -15.27 30.80 -39.27
CA LYS K 635 -16.35 31.40 -38.50
C LYS K 635 -17.48 30.40 -38.39
N GLY K 636 -18.13 30.39 -37.25
CA GLY K 636 -19.15 29.40 -36.98
C GLY K 636 -20.31 29.51 -37.95
N SER K 637 -21.24 28.57 -37.81
CA SER K 637 -22.44 28.64 -38.62
C SER K 637 -23.35 29.75 -38.14
N SER K 638 -23.34 30.04 -36.85
CA SER K 638 -24.21 31.08 -36.30
C SER K 638 -23.62 32.47 -36.49
N PHE K 639 -22.30 32.60 -36.54
CA PHE K 639 -21.66 33.91 -36.68
C PHE K 639 -21.54 34.29 -38.16
N GLN K 640 -22.68 34.22 -38.84
CA GLN K 640 -22.72 34.51 -40.28
C GLN K 640 -23.67 35.66 -40.51
N THR K 641 -23.24 36.64 -41.31
CA THR K 641 -24.06 37.79 -41.59
C THR K 641 -23.96 38.18 -43.06
N VAL K 642 -25.13 38.49 -43.63
CA VAL K 642 -25.22 38.91 -45.02
C VAL K 642 -24.25 40.06 -45.28
N SER K 643 -24.13 40.97 -44.33
CA SER K 643 -23.22 42.10 -44.50
C SER K 643 -21.77 41.63 -44.61
N ALA K 644 -21.40 40.62 -43.82
CA ALA K 644 -20.02 40.16 -43.86
C ALA K 644 -19.72 39.42 -45.16
N LEU K 645 -20.62 38.54 -45.58
CA LEU K 645 -20.45 37.88 -46.87
C LEU K 645 -20.37 38.90 -47.99
N HIS K 646 -21.18 39.95 -47.90
CA HIS K 646 -21.17 40.98 -48.91
C HIS K 646 -19.86 41.75 -48.92
N ARG K 647 -19.33 42.06 -47.75
CA ARG K 647 -18.04 42.75 -47.71
C ARG K 647 -16.94 41.89 -48.32
N GLU K 648 -16.97 40.58 -48.05
CA GLU K 648 -15.97 39.70 -48.66
C GLU K 648 -16.09 39.68 -50.18
N ASN K 649 -17.32 39.54 -50.69
CA ASN K 649 -17.51 39.50 -52.13
C ASN K 649 -17.08 40.81 -52.78
N LEU K 650 -17.40 41.95 -52.15
CA LEU K 650 -16.98 43.22 -52.69
C LEU K 650 -15.46 43.33 -52.70
N ASN K 651 -14.81 42.81 -51.66
CA ASN K 651 -13.35 42.82 -51.64
C ASN K 651 -12.81 42.06 -52.84
N LYS K 652 -13.34 40.87 -53.10
CA LYS K 652 -12.77 40.09 -54.20
C LYS K 652 -13.13 40.66 -55.57
N LEU K 653 -14.28 41.31 -55.71
CA LEU K 653 -14.59 42.00 -56.95
C LEU K 653 -13.63 43.15 -57.20
N MET K 654 -13.33 43.92 -56.16
CA MET K 654 -12.32 44.96 -56.29
C MET K 654 -10.97 44.37 -56.66
N THR K 655 -10.61 43.23 -56.08
CA THR K 655 -9.35 42.61 -56.45
C THR K 655 -9.33 42.14 -57.90
N ASN K 656 -10.48 41.78 -58.45
CA ASN K 656 -10.51 41.41 -59.87
C ASN K 656 -10.45 42.63 -60.78
N LEU K 657 -11.06 43.74 -60.38
CA LEU K 657 -11.07 44.92 -61.23
C LEU K 657 -9.76 45.70 -61.18
N ARG K 658 -9.14 45.78 -60.00
CA ARG K 658 -8.00 46.68 -59.81
C ARG K 658 -6.76 46.22 -60.57
N SER K 659 -6.80 45.07 -61.24
CA SER K 659 -5.70 44.61 -62.07
C SER K 659 -5.86 44.98 -63.53
N THR K 660 -6.96 45.63 -63.91
CA THR K 660 -7.24 45.97 -65.29
C THR K 660 -7.41 47.48 -65.44
N HIS K 661 -6.91 48.02 -66.54
CA HIS K 661 -7.09 49.43 -66.83
C HIS K 661 -8.54 49.71 -67.21
N PRO K 662 -9.26 50.54 -66.48
CA PRO K 662 -10.71 50.60 -66.62
C PRO K 662 -11.18 51.67 -67.60
N HIS K 663 -12.41 51.47 -68.08
CA HIS K 663 -13.09 52.46 -68.90
C HIS K 663 -14.57 52.49 -68.52
N PHE K 664 -15.18 53.66 -68.65
CA PHE K 664 -16.47 53.94 -68.03
C PHE K 664 -17.47 54.44 -69.06
N VAL K 665 -18.69 53.91 -68.99
CA VAL K 665 -19.76 54.26 -69.90
C VAL K 665 -20.99 54.64 -69.08
N ARG K 666 -21.55 55.80 -69.37
CA ARG K 666 -22.66 56.35 -68.61
C ARG K 666 -23.90 56.44 -69.49
N CYS K 667 -24.98 55.78 -69.08
CA CYS K 667 -26.22 55.75 -69.83
C CYS K 667 -27.30 56.53 -69.07
N ILE K 668 -27.95 57.45 -69.76
CA ILE K 668 -28.98 58.31 -69.16
C ILE K 668 -30.26 58.13 -69.95
N ILE K 669 -31.37 57.97 -69.23
CA ILE K 669 -32.69 58.05 -69.87
C ILE K 669 -33.06 59.52 -70.03
N PRO K 670 -33.55 59.95 -71.20
CA PRO K 670 -33.87 61.36 -71.36
C PRO K 670 -35.20 61.73 -70.72
N ASN K 671 -36.15 60.82 -70.77
CA ASN K 671 -37.46 61.05 -70.18
C ASN K 671 -38.11 59.71 -69.87
N GLU K 672 -39.01 59.71 -68.89
CA GLU K 672 -39.69 58.48 -68.51
C GLU K 672 -40.65 58.01 -69.59
N THR K 673 -41.20 58.94 -70.37
CA THR K 673 -42.07 58.58 -71.46
C THR K 673 -41.24 58.14 -72.65
N LYS K 674 -41.81 57.24 -73.46
CA LYS K 674 -41.10 56.77 -74.64
C LYS K 674 -41.05 57.81 -75.75
N SER K 675 -41.71 58.95 -75.56
CA SER K 675 -41.64 60.05 -76.51
C SER K 675 -40.25 60.68 -76.50
N PRO K 676 -39.54 60.70 -77.61
CA PRO K 676 -38.21 61.34 -77.63
C PRO K 676 -38.28 62.85 -77.58
N GLY K 677 -37.12 63.50 -77.64
CA GLY K 677 -37.04 64.95 -77.70
C GLY K 677 -37.33 65.63 -76.38
N VAL K 678 -38.57 65.48 -75.89
CA VAL K 678 -38.92 66.08 -74.60
C VAL K 678 -38.30 65.26 -73.48
N MET K 679 -37.76 65.94 -72.48
CA MET K 679 -37.00 65.30 -71.43
C MET K 679 -37.63 65.59 -70.08
N ASP K 680 -36.91 65.28 -69.01
CA ASP K 680 -37.33 65.61 -67.66
C ASP K 680 -36.07 66.03 -66.89
N ASN K 681 -35.93 67.32 -66.65
CA ASN K 681 -34.78 67.83 -65.92
C ASN K 681 -34.56 67.19 -64.55
N PRO K 682 -35.59 66.92 -63.74
CA PRO K 682 -35.31 66.21 -62.48
C PRO K 682 -34.70 64.85 -62.70
N LEU K 683 -35.18 64.09 -63.69
CA LEU K 683 -34.60 62.78 -63.95
C LEU K 683 -33.17 62.91 -64.45
N VAL K 684 -32.89 63.94 -65.24
CA VAL K 684 -31.52 64.15 -65.69
C VAL K 684 -30.60 64.44 -64.51
N MET K 685 -31.02 65.34 -63.62
CA MET K 685 -30.20 65.64 -62.44
C MET K 685 -30.00 64.41 -61.60
N HIS K 686 -31.06 63.62 -61.42
CA HIS K 686 -30.96 62.42 -60.61
C HIS K 686 -29.92 61.47 -61.18
N GLN K 687 -29.96 61.26 -62.50
CA GLN K 687 -28.98 60.37 -63.12
C GLN K 687 -27.57 60.94 -62.97
N LEU K 688 -27.42 62.25 -63.16
CA LEU K 688 -26.09 62.85 -63.07
C LEU K 688 -25.50 62.68 -61.67
N ARG K 689 -26.28 62.99 -60.65
CA ARG K 689 -25.79 62.86 -59.27
C ARG K 689 -25.50 61.41 -58.93
N CYS K 690 -26.49 60.53 -59.13
CA CYS K 690 -26.31 59.13 -58.77
C CYS K 690 -25.25 58.44 -59.62
N ASN K 691 -24.87 59.04 -60.74
CA ASN K 691 -23.87 58.43 -61.61
C ASN K 691 -22.47 58.90 -61.31
N GLY K 692 -22.30 60.15 -60.88
CA GLY K 692 -20.99 60.63 -60.54
C GLY K 692 -20.28 61.40 -61.62
N VAL K 693 -20.97 61.71 -62.73
CA VAL K 693 -20.43 62.65 -63.69
C VAL K 693 -20.18 64.00 -63.02
N LEU K 694 -21.11 64.41 -62.16
CA LEU K 694 -20.93 65.65 -61.42
C LEU K 694 -19.73 65.56 -60.49
N GLU K 695 -19.50 64.38 -59.90
CA GLU K 695 -18.32 64.23 -59.06
C GLU K 695 -17.04 64.28 -59.88
N GLY K 696 -17.07 63.74 -61.10
CA GLY K 696 -15.91 63.87 -61.98
C GLY K 696 -15.60 65.31 -62.30
N ILE K 697 -16.62 66.06 -62.73
CA ILE K 697 -16.39 67.46 -63.06
C ILE K 697 -15.98 68.23 -61.81
N ARG K 698 -16.41 67.78 -60.63
CA ARG K 698 -16.02 68.47 -59.42
C ARG K 698 -14.56 68.20 -59.06
N ILE K 699 -14.10 66.96 -59.25
CA ILE K 699 -12.67 66.69 -59.09
C ILE K 699 -11.86 67.53 -60.06
N CYS K 700 -12.38 67.72 -61.28
CA CYS K 700 -11.71 68.60 -62.22
C CYS K 700 -11.69 70.04 -61.73
N ARG K 701 -12.79 70.49 -61.11
CA ARG K 701 -12.95 71.89 -60.76
C ARG K 701 -11.93 72.39 -59.74
N LYS K 702 -11.12 71.50 -59.17
CA LYS K 702 -10.11 71.93 -58.22
C LYS K 702 -8.78 72.24 -58.88
N GLY K 703 -8.55 71.76 -60.10
CA GLY K 703 -7.33 72.08 -60.81
C GLY K 703 -7.54 73.14 -61.88
N PHE K 704 -7.03 72.92 -63.07
CA PHE K 704 -7.30 73.79 -64.22
C PHE K 704 -7.99 72.96 -65.29
N PRO K 705 -9.30 73.05 -65.42
CA PRO K 705 -10.02 72.20 -66.37
C PRO K 705 -9.94 72.72 -67.80
N ASN K 706 -9.87 74.03 -67.97
CA ASN K 706 -9.74 74.63 -69.30
C ASN K 706 -8.26 74.61 -69.68
N ARG K 707 -7.92 73.77 -70.64
CA ARG K 707 -6.53 73.49 -70.99
C ARG K 707 -6.39 73.59 -72.51
N ILE K 708 -5.71 74.65 -72.96
CA ILE K 708 -5.60 74.94 -74.38
C ILE K 708 -4.15 75.27 -74.72
N LEU K 709 -3.75 74.92 -75.93
CA LEU K 709 -2.40 75.15 -76.43
C LEU K 709 -2.16 76.65 -76.66
N TYR K 710 -0.95 76.97 -77.10
CA TYR K 710 -0.56 78.36 -77.32
C TYR K 710 -0.93 78.88 -78.70
N GLY K 711 -0.93 78.03 -79.72
CA GLY K 711 -1.15 78.51 -81.07
C GLY K 711 -2.55 79.04 -81.28
N ASP K 712 -3.56 78.22 -80.96
CA ASP K 712 -4.94 78.66 -81.10
C ASP K 712 -5.24 79.79 -80.11
N PHE K 713 -4.60 79.75 -78.93
CA PHE K 713 -4.67 80.86 -77.99
C PHE K 713 -4.28 82.17 -78.67
N ARG K 714 -3.15 82.17 -79.37
CA ARG K 714 -2.74 83.35 -80.11
C ARG K 714 -3.75 83.71 -81.18
N GLN K 715 -4.08 82.75 -82.05
CA GLN K 715 -4.98 83.03 -83.17
C GLN K 715 -6.33 83.56 -82.71
N ARG K 716 -6.71 83.33 -81.44
CA ARG K 716 -7.99 83.82 -80.95
C ARG K 716 -7.89 85.04 -80.04
N TYR K 717 -6.71 85.34 -79.49
CA TYR K 717 -6.61 86.44 -78.53
C TYR K 717 -5.47 87.39 -78.84
N ARG K 718 -4.91 87.35 -80.05
CA ARG K 718 -3.80 88.23 -80.38
C ARG K 718 -4.25 89.65 -80.72
N ILE K 719 -5.49 89.82 -81.16
CA ILE K 719 -5.98 91.15 -81.51
C ILE K 719 -6.12 92.04 -80.27
N LEU K 720 -6.16 91.44 -79.08
CA LEU K 720 -6.15 92.23 -77.86
C LEU K 720 -4.88 93.05 -77.74
N ASN K 721 -3.73 92.43 -78.05
CA ASN K 721 -2.44 93.11 -78.07
C ASN K 721 -1.68 92.62 -79.30
N PRO K 722 -2.02 93.13 -80.48
CA PRO K 722 -1.42 92.60 -81.71
C PRO K 722 0.05 93.00 -81.84
N ALA K 723 0.85 92.04 -82.27
CA ALA K 723 2.29 92.26 -82.47
C ALA K 723 2.64 92.23 -83.96
N SER K 733 7.63 82.17 -78.15
CA SER K 733 6.19 82.20 -77.99
C SER K 733 5.82 82.49 -76.54
N ARG K 734 6.79 82.33 -75.64
CA ARG K 734 6.55 82.63 -74.25
C ARG K 734 6.62 84.13 -73.98
N LYS K 735 7.46 84.85 -74.72
CA LYS K 735 7.63 86.28 -74.45
C LYS K 735 6.41 87.08 -74.90
N GLY K 736 5.89 86.81 -76.09
CA GLY K 736 4.69 87.52 -76.53
C GLY K 736 3.45 87.13 -75.74
N ALA K 737 3.30 85.83 -75.46
CA ALA K 737 2.22 85.39 -74.60
C ALA K 737 2.30 86.05 -73.24
N GLU K 738 3.50 86.13 -72.66
CA GLU K 738 3.64 86.73 -71.34
C GLU K 738 3.37 88.22 -71.38
N LYS K 739 3.80 88.91 -72.45
CA LYS K 739 3.50 90.33 -72.58
C LYS K 739 2.00 90.56 -72.65
N LEU K 740 1.30 89.75 -73.44
CA LEU K 740 -0.15 89.87 -73.52
C LEU K 740 -0.80 89.58 -72.18
N LEU K 741 -0.30 88.57 -71.45
CA LEU K 741 -0.91 88.22 -70.17
C LEU K 741 -0.71 89.31 -69.14
N SER K 742 0.51 89.87 -69.07
CA SER K 742 0.73 90.98 -68.15
C SER K 742 -0.09 92.19 -68.54
N SER K 743 -0.31 92.40 -69.83
CA SER K 743 -1.18 93.48 -70.31
C SER K 743 -2.64 93.07 -70.39
N LEU K 744 -3.02 91.92 -69.84
CA LEU K 744 -4.41 91.53 -69.66
C LEU K 744 -4.83 91.46 -68.20
N ASP K 745 -3.96 91.89 -67.28
CA ASP K 745 -4.28 91.95 -65.85
C ASP K 745 -4.71 90.58 -65.31
N ILE K 746 -3.93 89.57 -65.62
CA ILE K 746 -4.17 88.22 -65.12
C ILE K 746 -3.22 87.95 -63.96
N ASP K 747 -3.76 87.42 -62.87
CA ASP K 747 -2.93 87.11 -61.71
C ASP K 747 -2.15 85.83 -61.95
N HIS K 748 -1.09 85.65 -61.15
CA HIS K 748 -0.21 84.50 -61.35
C HIS K 748 -0.91 83.20 -61.02
N ASN K 749 -1.49 83.10 -59.83
CA ASN K 749 -2.11 81.86 -59.38
C ASN K 749 -3.31 81.44 -60.20
N GLN K 750 -3.84 82.34 -61.03
CA GLN K 750 -5.04 82.03 -61.80
C GLN K 750 -4.75 81.24 -63.05
N TYR K 751 -3.54 81.31 -63.59
CA TYR K 751 -3.15 80.54 -64.77
C TYR K 751 -1.87 79.79 -64.46
N LYS K 752 -1.71 78.64 -65.11
CA LYS K 752 -0.50 77.84 -64.96
C LYS K 752 0.18 77.74 -66.32
N PHE K 753 1.41 78.21 -66.38
CA PHE K 753 2.13 78.31 -67.65
C PHE K 753 2.74 76.96 -68.01
N GLY K 754 2.26 76.36 -69.11
CA GLY K 754 2.78 75.11 -69.60
C GLY K 754 3.66 75.32 -70.84
N HIS K 755 4.29 74.22 -71.27
CA HIS K 755 5.23 74.31 -72.38
C HIS K 755 4.62 73.92 -73.72
N THR K 756 3.46 73.27 -73.73
CA THR K 756 2.68 73.13 -74.96
C THR K 756 1.30 73.76 -74.82
N LYS K 757 0.72 73.71 -73.64
CA LYS K 757 -0.57 74.33 -73.35
C LYS K 757 -0.46 75.12 -72.06
N VAL K 758 -1.06 76.31 -72.03
CA VAL K 758 -1.11 77.17 -70.85
C VAL K 758 -2.50 77.09 -70.24
N PHE K 759 -2.56 76.79 -68.94
CA PHE K 759 -3.79 76.37 -68.29
C PHE K 759 -4.52 77.54 -67.66
N PHE K 760 -5.84 77.62 -67.91
CA PHE K 760 -6.67 78.72 -67.44
C PHE K 760 -7.93 78.17 -66.78
N LYS K 761 -8.55 79.01 -65.96
CA LYS K 761 -9.75 78.65 -65.23
C LYS K 761 -10.98 79.34 -65.81
N ALA K 762 -12.12 79.09 -65.16
CA ALA K 762 -13.41 79.63 -65.62
C ALA K 762 -13.39 81.15 -65.67
N GLY K 763 -12.93 81.78 -64.59
CA GLY K 763 -12.90 83.24 -64.56
C GLY K 763 -11.98 83.82 -65.62
N LEU K 764 -10.84 83.17 -65.86
CA LEU K 764 -9.92 83.63 -66.88
C LEU K 764 -10.55 83.54 -68.26
N LEU K 765 -11.22 82.42 -68.57
CA LEU K 765 -11.93 82.32 -69.84
C LEU K 765 -13.00 83.39 -69.98
N GLY K 766 -13.76 83.64 -68.91
CA GLY K 766 -14.79 84.67 -68.98
C GLY K 766 -14.21 86.05 -69.23
N LEU K 767 -13.13 86.38 -68.54
CA LEU K 767 -12.52 87.70 -68.69
C LEU K 767 -11.91 87.89 -70.07
N LEU K 768 -11.24 86.85 -70.58
CA LEU K 768 -10.68 86.93 -71.93
C LEU K 768 -11.78 87.05 -72.97
N GLU K 769 -12.88 86.31 -72.78
CA GLU K 769 -14.05 86.45 -73.65
C GLU K 769 -14.57 87.88 -73.65
N GLU K 770 -14.69 88.47 -72.45
CA GLU K 770 -15.24 89.81 -72.35
C GLU K 770 -14.33 90.84 -73.02
N MET K 771 -13.02 90.73 -72.82
CA MET K 771 -12.12 91.70 -73.42
C MET K 771 -12.02 91.50 -74.93
N ARG K 772 -12.15 90.28 -75.43
CA ARG K 772 -12.32 90.09 -76.87
C ARG K 772 -13.58 90.77 -77.37
N ASP K 773 -14.69 90.59 -76.65
CA ASP K 773 -15.96 91.17 -77.09
C ASP K 773 -15.87 92.69 -77.18
N GLU K 774 -15.24 93.32 -76.18
CA GLU K 774 -15.07 94.76 -76.26
C GLU K 774 -14.02 95.15 -77.30
N ARG K 775 -13.06 94.27 -77.57
CA ARG K 775 -12.11 94.51 -78.65
C ARG K 775 -12.84 94.58 -79.99
N LEU K 776 -13.89 93.78 -80.16
CA LEU K 776 -14.70 93.83 -81.37
C LEU K 776 -15.78 94.91 -81.22
N MET L 1 48.96 34.62 -81.07
CA MET L 1 47.52 34.41 -80.95
C MET L 1 46.99 33.65 -82.16
N ALA L 2 47.88 33.36 -83.11
CA ALA L 2 47.53 32.54 -84.27
C ALA L 2 47.67 31.05 -84.01
N VAL L 3 48.37 30.66 -82.94
CA VAL L 3 48.56 29.25 -82.62
C VAL L 3 47.24 28.55 -82.34
N PHE L 4 46.19 29.33 -82.07
CA PHE L 4 44.88 28.79 -81.71
C PHE L 4 43.95 28.67 -82.91
N GLY L 5 44.51 28.45 -84.10
CA GLY L 5 43.73 28.18 -85.29
C GLY L 5 42.58 29.14 -85.48
N ALA L 6 41.42 28.60 -85.86
CA ALA L 6 40.22 29.40 -86.05
C ALA L 6 39.43 29.60 -84.77
N ALA L 7 39.70 28.82 -83.72
CA ALA L 7 38.98 28.94 -82.46
C ALA L 7 39.52 30.05 -81.59
N ALA L 8 40.64 30.66 -81.97
CA ALA L 8 41.29 31.68 -81.15
C ALA L 8 40.35 32.70 -80.52
N PRO L 9 39.37 33.28 -81.23
CA PRO L 9 38.48 34.23 -80.53
C PRO L 9 37.70 33.60 -79.40
N TYR L 10 37.00 32.49 -79.65
CA TYR L 10 36.21 31.85 -78.60
C TYR L 10 37.08 31.38 -77.46
N LEU L 11 38.29 30.90 -77.76
CA LEU L 11 39.17 30.41 -76.71
C LEU L 11 39.70 31.55 -75.87
N ARG L 12 40.05 32.68 -76.51
CA ARG L 12 40.53 33.86 -75.79
C ARG L 12 40.51 35.10 -76.69
N LYS L 13 39.91 36.18 -76.20
CA LYS L 13 39.87 37.41 -76.99
C LYS L 13 41.23 38.09 -76.99
N SER L 14 41.49 38.85 -78.06
CA SER L 14 42.78 39.48 -78.27
C SER L 14 43.02 40.58 -77.24
N GLU L 15 44.31 40.84 -76.99
CA GLU L 15 44.69 41.92 -76.08
C GLU L 15 44.20 43.26 -76.59
N LYS L 16 44.21 43.45 -77.91
CA LYS L 16 43.72 44.70 -78.48
C LYS L 16 42.25 44.93 -78.12
N GLU L 17 41.41 43.93 -78.37
CA GLU L 17 40.01 44.04 -78.00
C GLU L 17 39.82 44.16 -76.49
N ARG L 18 40.67 43.49 -75.72
CA ARG L 18 40.63 43.65 -74.28
C ARG L 18 40.79 45.12 -73.90
N LEU L 19 41.82 45.77 -74.43
CA LEU L 19 42.06 47.18 -74.10
C LEU L 19 40.96 48.08 -74.64
N GLU L 20 40.44 47.76 -75.84
CA GLU L 20 39.36 48.57 -76.39
C GLU L 20 38.08 48.45 -75.56
N ALA L 21 37.92 47.34 -74.85
CA ALA L 21 36.80 47.19 -73.92
C ALA L 21 37.11 47.73 -72.53
N GLN L 22 38.40 47.90 -72.20
CA GLN L 22 38.76 48.45 -70.90
C GLN L 22 38.20 49.85 -70.71
N THR L 23 38.21 50.65 -71.78
CA THR L 23 37.75 52.03 -71.70
C THR L 23 36.23 52.03 -71.55
N ARG L 24 35.77 52.19 -70.30
CA ARG L 24 34.34 52.25 -70.04
C ARG L 24 34.13 52.88 -68.68
N PRO L 25 33.19 53.83 -68.55
CA PRO L 25 32.96 54.46 -67.24
C PRO L 25 32.26 53.50 -66.28
N PHE L 26 32.72 53.52 -65.03
CA PHE L 26 32.11 52.72 -63.97
C PHE L 26 32.34 53.43 -62.65
N ASP L 27 31.25 53.77 -61.96
CA ASP L 27 31.34 54.46 -60.68
C ASP L 27 31.47 53.43 -59.57
N LEU L 28 32.57 53.50 -58.83
CA LEU L 28 32.86 52.55 -57.76
C LEU L 28 32.01 52.78 -56.53
N LYS L 29 31.22 53.86 -56.48
CA LYS L 29 30.49 54.19 -55.27
C LYS L 29 29.00 53.88 -55.38
N LYS L 30 28.39 54.16 -56.53
CA LYS L 30 26.93 54.07 -56.66
C LYS L 30 26.47 53.11 -57.74
N ASP L 31 27.33 52.22 -58.24
CA ASP L 31 26.96 51.16 -59.16
C ASP L 31 27.19 49.78 -58.57
N VAL L 32 27.12 49.69 -57.23
CA VAL L 32 27.45 48.47 -56.50
C VAL L 32 26.38 47.40 -56.75
N PHE L 33 26.65 46.16 -56.36
CA PHE L 33 25.66 45.12 -56.52
C PHE L 33 24.51 45.30 -55.54
N VAL L 34 23.30 45.04 -56.03
CA VAL L 34 22.07 45.34 -55.30
C VAL L 34 21.13 44.14 -55.36
N PRO L 35 20.55 43.73 -54.23
CA PRO L 35 19.57 42.64 -54.26
C PRO L 35 18.38 42.99 -55.16
N ASP L 36 17.74 41.94 -55.66
CA ASP L 36 16.66 42.08 -56.63
C ASP L 36 15.50 41.18 -56.22
N ASP L 37 14.35 41.40 -56.87
CA ASP L 37 13.16 40.57 -56.69
C ASP L 37 13.03 39.51 -57.78
N LYS L 38 12.99 39.94 -59.05
CA LYS L 38 12.84 38.99 -60.15
C LYS L 38 14.06 38.08 -60.25
N GLN L 39 15.24 38.62 -59.96
CA GLN L 39 16.48 37.87 -59.83
C GLN L 39 17.08 38.17 -58.46
N GLU L 40 18.32 37.74 -58.25
CA GLU L 40 18.96 37.94 -56.95
C GLU L 40 19.66 39.28 -56.88
N PHE L 41 20.37 39.65 -57.94
CA PHE L 41 21.20 40.84 -58.00
C PHE L 41 21.17 41.33 -59.43
N VAL L 42 20.92 42.62 -59.61
CA VAL L 42 20.80 43.19 -60.94
C VAL L 42 21.68 44.42 -61.04
N LYS L 43 22.08 44.72 -62.27
CA LYS L 43 22.91 45.88 -62.53
C LYS L 43 22.06 47.13 -62.38
N ALA L 44 22.49 48.06 -61.54
CA ALA L 44 21.72 49.27 -61.28
C ALA L 44 22.66 50.35 -60.78
N LYS L 45 22.11 51.55 -60.63
CA LYS L 45 22.84 52.69 -60.10
C LYS L 45 22.05 53.27 -58.93
N ILE L 46 22.76 53.81 -57.94
CA ILE L 46 22.14 54.46 -56.80
C ILE L 46 22.28 55.97 -56.95
N VAL L 47 21.21 56.70 -56.64
CA VAL L 47 21.26 58.15 -56.75
C VAL L 47 22.01 58.74 -55.55
N SER L 48 21.75 58.24 -54.36
CA SER L 48 22.40 58.77 -53.16
C SER L 48 22.16 57.81 -52.00
N ARG L 49 22.97 57.94 -50.96
CA ARG L 49 22.85 57.15 -49.74
C ARG L 49 22.11 58.00 -48.70
N GLU L 50 20.79 58.13 -48.89
CA GLU L 50 19.95 58.94 -48.01
C GLU L 50 19.58 58.10 -46.79
N GLY L 51 20.47 58.12 -45.81
CA GLY L 51 20.22 57.43 -44.54
C GLY L 51 20.01 55.95 -44.77
N GLY L 52 18.83 55.47 -44.42
CA GLY L 52 18.40 54.12 -44.73
C GLY L 52 17.69 53.98 -46.06
N LYS L 53 17.67 55.04 -46.87
CA LYS L 53 16.97 55.05 -48.15
C LYS L 53 17.97 55.22 -49.28
N VAL L 54 17.92 54.31 -50.25
CA VAL L 54 18.65 54.43 -51.51
C VAL L 54 17.66 54.12 -52.61
N THR L 55 18.05 54.41 -53.85
CA THR L 55 17.19 54.18 -55.01
C THR L 55 18.03 53.58 -56.13
N ALA L 56 17.74 52.34 -56.49
CA ALA L 56 18.47 51.63 -57.53
C ALA L 56 17.78 51.84 -58.87
N GLU L 57 18.47 52.47 -59.80
CA GLU L 57 17.97 52.64 -61.17
C GLU L 57 18.60 51.54 -62.03
N THR L 58 17.83 50.48 -62.28
CA THR L 58 18.30 49.36 -63.08
C THR L 58 18.08 49.63 -64.56
N GLU L 59 18.43 48.64 -65.38
CA GLU L 59 18.18 48.74 -66.82
C GLU L 59 16.69 48.64 -67.13
N TYR L 60 15.93 47.89 -66.34
CA TYR L 60 14.51 47.68 -66.59
C TYR L 60 13.65 48.89 -66.28
N GLY L 61 14.25 49.97 -65.77
CA GLY L 61 13.48 51.15 -65.41
C GLY L 61 12.94 51.16 -64.00
N LYS L 62 13.39 50.25 -63.14
CA LYS L 62 12.87 50.17 -61.78
C LYS L 62 13.72 51.01 -60.84
N THR L 63 13.08 51.47 -59.76
CA THR L 63 13.67 52.40 -58.79
C THR L 63 13.45 51.91 -57.36
N VAL L 64 13.75 50.63 -57.10
CA VAL L 64 13.49 50.07 -55.79
C VAL L 64 14.54 50.54 -54.78
N THR L 65 14.15 50.55 -53.51
CA THR L 65 15.04 50.84 -52.39
C THR L 65 15.46 49.54 -51.72
N VAL L 66 16.75 49.41 -51.42
CA VAL L 66 17.28 48.27 -50.69
C VAL L 66 18.02 48.78 -49.46
N LYS L 67 18.15 47.92 -48.47
CA LYS L 67 18.69 48.34 -47.18
C LYS L 67 20.21 48.42 -47.25
N GLU L 68 20.78 49.36 -46.49
CA GLU L 68 22.22 49.61 -46.52
C GLU L 68 23.04 48.44 -46.01
N ASP L 69 22.40 47.39 -45.50
CA ASP L 69 23.12 46.23 -44.98
C ASP L 69 23.24 45.09 -46.00
N GLN L 70 22.74 45.27 -47.22
CA GLN L 70 22.76 44.20 -48.21
C GLN L 70 23.33 44.67 -49.54
N VAL L 71 24.19 45.67 -49.51
CA VAL L 71 24.81 46.21 -50.72
C VAL L 71 26.31 45.93 -50.70
N MET L 72 26.87 45.67 -51.87
CA MET L 72 28.27 45.33 -51.98
C MET L 72 28.77 45.73 -53.36
N GLN L 73 30.05 46.07 -53.44
CA GLN L 73 30.60 46.67 -54.64
C GLN L 73 30.49 45.73 -55.84
N GLN L 74 30.61 46.31 -57.03
CA GLN L 74 30.66 45.56 -58.28
C GLN L 74 32.10 45.46 -58.73
N ASN L 75 32.40 44.38 -59.46
CA ASN L 75 33.77 44.15 -59.92
C ASN L 75 34.23 45.31 -60.80
N PRO L 76 35.46 45.80 -60.63
CA PRO L 76 35.93 46.89 -61.46
C PRO L 76 36.06 46.46 -62.91
N PRO L 77 36.01 47.41 -63.84
CA PRO L 77 36.13 47.04 -65.27
C PRO L 77 37.52 46.54 -65.63
N LYS L 78 38.57 47.10 -65.03
CA LYS L 78 39.92 46.65 -65.31
C LYS L 78 40.18 45.23 -64.85
N PHE L 79 39.20 44.59 -64.21
CA PHE L 79 39.36 43.22 -63.73
C PHE L 79 38.13 42.37 -64.01
N ASP L 80 37.14 42.92 -64.73
CA ASP L 80 36.09 42.10 -65.32
C ASP L 80 36.68 41.16 -66.38
N LYS L 81 35.86 40.19 -66.79
CA LYS L 81 36.24 39.21 -67.81
C LYS L 81 37.48 38.42 -67.42
N ILE L 82 37.76 38.33 -66.12
CA ILE L 82 38.97 37.66 -65.65
C ILE L 82 38.84 36.16 -65.86
N GLU L 83 39.93 35.54 -66.31
CA GLU L 83 39.90 34.10 -66.56
C GLU L 83 39.78 33.32 -65.27
N ASP L 84 40.49 33.75 -64.22
CA ASP L 84 40.53 33.04 -62.94
C ASP L 84 39.65 33.77 -61.95
N MET L 85 38.52 33.16 -61.59
CA MET L 85 37.62 33.78 -60.63
C MET L 85 38.30 34.03 -59.30
N ALA L 86 39.31 33.21 -58.97
CA ALA L 86 40.03 33.37 -57.71
C ALA L 86 40.81 34.67 -57.66
N MET L 87 41.20 35.22 -58.81
CA MET L 87 41.96 36.45 -58.88
C MET L 87 41.09 37.69 -58.91
N LEU L 88 39.77 37.52 -58.79
CA LEU L 88 38.88 38.66 -58.78
C LEU L 88 39.23 39.59 -57.62
N THR L 89 39.10 40.89 -57.87
CA THR L 89 39.43 41.86 -56.82
C THR L 89 38.41 41.83 -55.69
N PHE L 90 37.16 41.46 -55.98
CA PHE L 90 36.11 41.38 -54.98
C PHE L 90 35.32 40.10 -55.19
N LEU L 91 35.35 39.22 -54.20
CA LEU L 91 34.77 37.88 -54.32
C LEU L 91 33.41 37.88 -53.64
N HIS L 92 32.35 37.99 -54.44
CA HIS L 92 30.98 37.95 -53.98
C HIS L 92 30.26 36.80 -54.65
N GLU L 93 29.04 36.52 -54.19
CA GLU L 93 28.25 35.48 -54.84
C GLU L 93 27.79 35.92 -56.22
N PRO L 94 26.97 36.98 -56.37
CA PRO L 94 26.51 37.34 -57.71
C PRO L 94 27.62 37.92 -58.58
N ALA L 95 28.77 38.26 -58.00
CA ALA L 95 29.89 38.75 -58.80
C ALA L 95 30.32 37.70 -59.81
N VAL L 96 30.56 36.48 -59.36
CA VAL L 96 30.97 35.41 -60.26
C VAL L 96 29.84 35.05 -61.22
N LEU L 97 28.59 35.16 -60.75
CA LEU L 97 27.46 34.91 -61.63
C LEU L 97 27.49 35.85 -62.83
N TYR L 98 27.65 37.15 -62.57
CA TYR L 98 27.69 38.09 -63.69
C TYR L 98 28.96 37.94 -64.51
N ASN L 99 30.07 37.56 -63.87
CA ASN L 99 31.28 37.26 -64.62
C ASN L 99 31.03 36.19 -65.67
N LEU L 100 30.54 35.03 -65.24
CA LEU L 100 30.23 33.97 -66.19
C LEU L 100 29.12 34.37 -67.15
N LYS L 101 28.21 35.24 -66.71
CA LYS L 101 27.14 35.70 -67.58
C LYS L 101 27.70 36.47 -68.77
N ASP L 102 28.54 37.47 -68.50
CA ASP L 102 29.15 38.21 -69.60
C ASP L 102 30.11 37.33 -70.39
N ARG L 103 30.69 36.32 -69.77
CA ARG L 103 31.63 35.47 -70.51
C ARG L 103 30.88 34.55 -71.48
N TYR L 104 29.68 34.10 -71.10
CA TYR L 104 28.89 33.29 -72.03
C TYR L 104 28.13 34.12 -73.05
N GLY L 105 27.81 35.38 -72.71
CA GLY L 105 27.29 36.29 -73.72
C GLY L 105 28.34 36.62 -74.77
N SER L 106 29.56 36.92 -74.32
CA SER L 106 30.72 37.06 -75.18
C SER L 106 31.22 35.72 -75.71
N TRP L 107 30.56 34.63 -75.34
CA TRP L 107 30.82 33.30 -75.91
C TRP L 107 32.23 32.82 -75.61
N MET L 108 32.61 32.88 -74.33
CA MET L 108 33.77 32.18 -73.82
C MET L 108 33.26 31.11 -72.87
N ILE L 109 33.42 29.84 -73.27
CA ILE L 109 32.85 28.73 -72.52
C ILE L 109 33.63 28.50 -71.23
N TYR L 110 34.90 28.15 -71.35
CA TYR L 110 35.67 27.65 -70.24
C TYR L 110 36.19 28.81 -69.39
N THR L 111 36.24 28.59 -68.08
CA THR L 111 36.70 29.61 -67.15
C THR L 111 37.39 28.95 -65.96
N TYR L 112 38.59 29.41 -65.65
CA TYR L 112 39.31 28.93 -64.47
C TYR L 112 38.73 29.57 -63.21
N SER L 113 38.65 28.79 -62.15
CA SER L 113 38.13 29.27 -60.87
C SER L 113 38.96 28.69 -59.73
N GLY L 114 40.27 28.79 -59.87
CA GLY L 114 41.20 28.27 -58.86
C GLY L 114 41.62 26.84 -59.18
N LEU L 115 41.18 25.90 -58.34
CA LEU L 115 41.46 24.49 -58.58
C LEU L 115 40.38 23.79 -59.39
N PHE L 116 39.33 24.51 -59.79
CA PHE L 116 38.26 23.98 -60.59
C PHE L 116 38.49 24.25 -62.08
N CYS L 117 37.59 23.71 -62.89
CA CYS L 117 37.45 24.05 -64.30
C CYS L 117 35.96 24.07 -64.62
N VAL L 118 35.41 25.26 -64.82
CA VAL L 118 33.98 25.44 -65.00
C VAL L 118 33.69 25.51 -66.50
N THR L 119 32.60 24.88 -66.91
CA THR L 119 32.26 24.78 -68.33
C THR L 119 30.75 24.88 -68.50
N VAL L 120 30.28 25.99 -69.03
CA VAL L 120 28.90 26.11 -69.46
C VAL L 120 28.80 25.61 -70.90
N ASN L 121 27.85 24.73 -71.15
CA ASN L 121 27.78 24.10 -72.46
C ASN L 121 27.29 25.10 -73.51
N PRO L 122 28.00 25.26 -74.62
CA PRO L 122 27.42 25.98 -75.75
C PRO L 122 26.45 25.08 -76.51
N TYR L 123 25.38 25.70 -77.01
CA TYR L 123 24.33 24.95 -77.68
C TYR L 123 24.54 24.81 -79.18
N LYS L 124 25.54 25.47 -79.74
CA LYS L 124 25.84 25.37 -81.16
C LYS L 124 27.30 24.98 -81.36
N TRP L 125 27.60 24.47 -82.55
CA TRP L 125 28.94 23.98 -82.84
C TRP L 125 29.94 25.13 -82.82
N LEU L 126 31.14 24.86 -82.31
CA LEU L 126 32.24 25.80 -82.34
C LEU L 126 33.49 25.14 -82.90
N PRO L 127 34.38 25.93 -83.50
CA PRO L 127 35.69 25.39 -83.92
C PRO L 127 36.63 25.07 -82.76
N VAL L 128 36.18 25.23 -81.52
CA VAL L 128 37.03 24.96 -80.36
C VAL L 128 37.29 23.48 -80.18
N TYR L 129 36.50 22.61 -80.83
CA TYR L 129 36.67 21.17 -80.75
C TYR L 129 37.32 20.59 -81.99
N THR L 130 37.90 21.43 -82.84
CA THR L 130 38.62 20.95 -84.01
C THR L 130 39.96 20.37 -83.58
N PRO L 131 40.45 19.33 -84.27
CA PRO L 131 41.70 18.68 -83.84
C PRO L 131 42.92 19.58 -83.89
N GLU L 132 42.82 20.74 -84.53
CA GLU L 132 43.98 21.61 -84.66
C GLU L 132 44.39 22.17 -83.29
N VAL L 133 43.44 22.65 -82.51
CA VAL L 133 43.77 23.16 -81.18
C VAL L 133 44.26 22.03 -80.29
N VAL L 134 43.69 20.84 -80.48
CA VAL L 134 44.13 19.66 -79.73
C VAL L 134 45.63 19.42 -79.96
N ALA L 135 46.02 19.31 -81.22
CA ALA L 135 47.43 19.04 -81.53
C ALA L 135 48.32 20.23 -81.17
N ALA L 136 47.81 21.45 -81.33
CA ALA L 136 48.62 22.64 -81.13
C ALA L 136 48.75 23.03 -79.66
N TYR L 137 47.93 22.48 -78.77
CA TYR L 137 48.13 22.78 -77.37
C TYR L 137 49.38 22.10 -76.83
N ARG L 138 49.80 20.99 -77.43
CA ARG L 138 50.93 20.24 -76.93
C ARG L 138 52.18 21.13 -76.91
N GLY L 139 52.63 21.45 -75.70
CA GLY L 139 53.78 22.33 -75.50
C GLY L 139 53.47 23.64 -74.79
N LYS L 140 52.22 23.89 -74.42
CA LYS L 140 51.84 25.09 -73.70
C LYS L 140 51.43 24.73 -72.28
N LYS L 141 51.60 25.68 -71.37
CA LYS L 141 51.47 25.44 -69.94
C LYS L 141 50.07 25.80 -69.44
N ARG L 142 49.75 25.29 -68.25
CA ARG L 142 48.45 25.55 -67.63
C ARG L 142 48.34 26.98 -67.13
N SER L 143 49.42 27.50 -66.54
CA SER L 143 49.35 28.80 -65.89
C SER L 143 49.05 29.92 -66.88
N GLU L 144 49.47 29.75 -68.14
CA GLU L 144 49.33 30.80 -69.15
C GLU L 144 48.20 30.54 -70.14
N ALA L 145 48.01 29.31 -70.59
CA ALA L 145 47.01 29.04 -71.60
C ALA L 145 45.62 29.33 -71.05
N PRO L 146 44.70 29.82 -71.88
CA PRO L 146 43.35 30.14 -71.41
C PRO L 146 42.61 28.87 -71.02
N PRO L 147 41.58 28.99 -70.19
CA PRO L 147 40.93 27.78 -69.64
C PRO L 147 40.28 26.92 -70.72
N HIS L 148 40.40 25.60 -70.52
CA HIS L 148 39.80 24.57 -71.35
C HIS L 148 40.10 23.23 -70.67
N ILE L 149 39.24 22.25 -70.93
CA ILE L 149 39.43 20.94 -70.32
C ILE L 149 40.62 20.19 -70.92
N PHE L 150 41.02 20.53 -72.16
CA PHE L 150 42.24 19.94 -72.70
C PHE L 150 43.44 20.30 -71.83
N SER L 151 43.43 21.50 -71.27
CA SER L 151 44.51 21.92 -70.38
C SER L 151 44.63 20.97 -69.19
N ILE L 152 43.55 20.83 -68.43
CA ILE L 152 43.59 19.99 -67.24
C ILE L 152 43.81 18.53 -67.60
N SER L 153 43.35 18.10 -68.77
CA SER L 153 43.62 16.74 -69.21
C SER L 153 45.13 16.53 -69.39
N ASP L 154 45.79 17.45 -70.08
CA ASP L 154 47.23 17.35 -70.27
C ASP L 154 47.97 17.49 -68.94
N ASN L 155 47.47 18.35 -68.06
CA ASN L 155 48.12 18.53 -66.76
C ASN L 155 48.02 17.26 -65.94
N ALA L 156 46.86 16.60 -65.97
CA ALA L 156 46.73 15.31 -65.31
C ALA L 156 47.67 14.29 -65.93
N TYR L 157 47.76 14.27 -67.26
CA TYR L 157 48.64 13.32 -67.93
C TYR L 157 50.08 13.50 -67.48
N GLN L 158 50.59 14.73 -67.55
CA GLN L 158 51.98 14.98 -67.21
C GLN L 158 52.22 14.81 -65.71
N TYR L 159 51.23 15.12 -64.87
CA TYR L 159 51.33 14.82 -63.45
C TYR L 159 51.49 13.33 -63.23
N MET L 160 50.67 12.53 -63.91
CA MET L 160 50.83 11.08 -63.85
C MET L 160 52.24 10.68 -64.24
N LEU L 161 52.75 11.27 -65.33
CA LEU L 161 54.03 10.81 -65.85
C LEU L 161 55.20 11.28 -64.99
N THR L 162 55.03 12.36 -64.24
CA THR L 162 56.13 12.82 -63.40
C THR L 162 56.10 12.21 -62.01
N ASP L 163 54.90 12.03 -61.44
CA ASP L 163 54.79 11.53 -60.07
C ASP L 163 54.59 10.02 -60.02
N ARG L 164 54.36 9.37 -61.16
CA ARG L 164 54.15 7.92 -61.21
C ARG L 164 52.98 7.52 -60.32
N GLU L 165 51.84 8.19 -60.52
CA GLU L 165 50.66 7.97 -59.71
C GLU L 165 49.42 8.11 -60.59
N ASN L 166 48.27 7.73 -60.05
CA ASN L 166 47.02 7.90 -60.76
C ASN L 166 46.45 9.29 -60.52
N GLN L 167 45.61 9.74 -61.44
CA GLN L 167 44.91 11.00 -61.30
C GLN L 167 43.41 10.74 -61.45
N SER L 168 42.61 11.70 -61.02
CA SER L 168 41.17 11.52 -61.02
C SER L 168 40.47 12.77 -61.53
N ILE L 169 39.60 12.58 -62.51
CA ILE L 169 38.82 13.67 -63.11
C ILE L 169 37.40 13.54 -62.59
N LEU L 170 36.90 14.60 -61.95
CA LEU L 170 35.60 14.57 -61.29
C LEU L 170 34.66 15.52 -62.02
N ILE L 171 34.04 15.04 -63.09
CA ILE L 171 33.10 15.84 -63.87
C ILE L 171 31.78 15.92 -63.11
N THR L 172 31.32 17.14 -62.87
CA THR L 172 30.23 17.39 -61.92
C THR L 172 29.15 18.22 -62.60
N GLY L 173 28.00 17.62 -62.85
CA GLY L 173 26.91 18.32 -63.50
C GLY L 173 25.71 17.42 -63.58
N GLU L 174 24.64 17.96 -64.15
CA GLU L 174 23.40 17.22 -64.30
C GLU L 174 23.38 16.46 -65.61
N SER L 175 22.79 15.27 -65.57
CA SER L 175 22.63 14.49 -66.80
C SER L 175 21.73 15.25 -67.77
N GLY L 176 22.17 15.34 -69.02
CA GLY L 176 21.50 16.17 -69.99
C GLY L 176 22.02 17.59 -70.07
N ALA L 177 23.03 17.95 -69.28
CA ALA L 177 23.69 19.23 -69.39
C ALA L 177 25.03 19.15 -70.11
N GLY L 178 25.32 18.03 -70.77
CA GLY L 178 26.52 17.88 -71.56
C GLY L 178 27.58 17.00 -70.98
N LYS L 179 27.29 16.26 -69.91
CA LYS L 179 28.32 15.45 -69.25
C LYS L 179 28.82 14.34 -70.17
N THR L 180 27.90 13.64 -70.83
CA THR L 180 28.28 12.57 -71.75
C THR L 180 29.27 13.07 -72.78
N VAL L 181 28.93 14.16 -73.48
CA VAL L 181 29.78 14.62 -74.57
C VAL L 181 31.05 15.25 -74.04
N ASN L 182 31.01 15.81 -72.82
CA ASN L 182 32.24 16.31 -72.21
C ASN L 182 33.22 15.17 -71.98
N THR L 183 32.75 14.07 -71.37
CA THR L 183 33.60 12.91 -71.20
C THR L 183 34.02 12.32 -72.54
N LYS L 184 33.17 12.41 -73.55
CA LYS L 184 33.53 11.90 -74.87
C LYS L 184 34.72 12.68 -75.45
N ARG L 185 34.67 14.01 -75.35
CA ARG L 185 35.79 14.79 -75.85
C ARG L 185 37.03 14.60 -74.99
N VAL L 186 36.84 14.32 -73.70
CA VAL L 186 37.98 13.97 -72.85
C VAL L 186 38.67 12.71 -73.38
N ILE L 187 37.88 11.66 -73.64
CA ILE L 187 38.48 10.40 -74.06
C ILE L 187 39.06 10.54 -75.46
N GLN L 188 38.46 11.39 -76.29
CA GLN L 188 39.07 11.69 -77.59
C GLN L 188 40.44 12.33 -77.42
N TYR L 189 40.53 13.35 -76.58
CA TYR L 189 41.82 14.00 -76.37
C TYR L 189 42.84 13.02 -75.82
N PHE L 190 42.41 12.11 -74.93
CA PHE L 190 43.34 11.14 -74.37
C PHE L 190 43.82 10.16 -75.43
N ALA L 191 42.93 9.71 -76.32
CA ALA L 191 43.35 8.88 -77.44
C ALA L 191 44.30 9.64 -78.35
N VAL L 192 44.05 10.93 -78.54
CA VAL L 192 44.89 11.74 -79.41
C VAL L 192 46.31 11.83 -78.86
N ILE L 193 46.44 12.17 -77.59
CA ILE L 193 47.75 12.21 -76.96
C ILE L 193 48.31 10.83 -76.71
N ALA L 194 47.51 9.79 -76.93
CA ALA L 194 47.96 8.40 -76.90
C ALA L 194 48.62 8.03 -75.56
N LEU L 211 39.65 3.20 -77.70
CA LEU L 211 38.56 2.30 -77.38
C LEU L 211 37.30 3.09 -77.04
N GLU L 212 37.32 4.37 -77.42
CA GLU L 212 36.20 5.26 -77.13
C GLU L 212 34.92 4.76 -77.80
N ASP L 213 35.04 4.26 -79.03
CA ASP L 213 33.87 3.74 -79.74
C ASP L 213 33.17 2.66 -78.95
N GLN L 214 33.95 1.78 -78.32
CA GLN L 214 33.39 0.73 -77.49
C GLN L 214 32.69 1.29 -76.25
N ILE L 215 33.28 2.33 -75.65
CA ILE L 215 32.65 2.99 -74.51
C ILE L 215 31.26 3.50 -74.90
N ILE L 216 31.20 4.29 -75.97
CA ILE L 216 29.91 4.85 -76.38
C ILE L 216 28.96 3.75 -76.83
N GLN L 217 29.49 2.66 -77.39
CA GLN L 217 28.63 1.57 -77.87
C GLN L 217 27.98 0.83 -76.73
N ALA L 218 28.72 0.58 -75.66
CA ALA L 218 28.15 -0.11 -74.51
C ALA L 218 27.44 0.84 -73.56
N ASN L 219 27.55 2.15 -73.77
CA ASN L 219 26.87 3.10 -72.91
C ASN L 219 25.35 2.94 -72.82
N PRO L 220 24.61 2.70 -73.91
CA PRO L 220 23.15 2.57 -73.76
C PRO L 220 22.72 1.52 -72.75
N ALA L 221 23.52 0.48 -72.54
CA ALA L 221 23.20 -0.51 -71.52
C ALA L 221 23.15 0.12 -70.13
N LEU L 222 24.19 0.87 -69.76
CA LEU L 222 24.19 1.55 -68.48
C LEU L 222 23.11 2.61 -68.43
N GLU L 223 22.89 3.32 -69.53
CA GLU L 223 21.83 4.32 -69.58
C GLU L 223 20.48 3.68 -69.27
N ALA L 224 20.28 2.45 -69.72
CA ALA L 224 19.05 1.76 -69.38
C ALA L 224 19.05 1.36 -67.91
N PHE L 225 20.05 0.60 -67.49
CA PHE L 225 20.02 -0.08 -66.21
C PHE L 225 20.37 0.80 -65.03
N GLY L 226 20.66 2.08 -65.25
CA GLY L 226 21.03 2.92 -64.13
C GLY L 226 20.52 4.33 -64.21
N ASN L 227 19.52 4.59 -65.04
CA ASN L 227 18.93 5.91 -65.18
C ASN L 227 17.43 5.83 -64.95
N ALA L 228 16.90 6.88 -64.32
CA ALA L 228 15.48 6.94 -64.05
C ALA L 228 15.06 8.40 -64.03
N LYS L 229 13.77 8.62 -64.26
CA LYS L 229 13.23 9.96 -64.32
C LYS L 229 13.06 10.53 -62.92
N THR L 230 13.78 11.61 -62.62
CA THR L 230 13.49 12.46 -61.48
C THR L 230 12.74 13.69 -61.96
N VAL L 231 12.51 14.63 -61.05
CA VAL L 231 11.76 15.82 -61.42
C VAL L 231 12.65 16.81 -62.15
N ARG L 232 13.89 17.01 -61.68
CA ARG L 232 14.78 17.96 -62.32
C ARG L 232 15.33 17.43 -63.65
N ASN L 233 15.23 16.12 -63.89
CA ASN L 233 15.76 15.55 -65.11
C ASN L 233 15.00 14.28 -65.48
N ASP L 234 14.83 14.06 -66.78
CA ASP L 234 14.17 12.86 -67.27
C ASP L 234 15.13 11.73 -67.62
N ASN L 235 16.43 11.96 -67.55
CA ASN L 235 17.42 10.92 -67.79
C ASN L 235 18.51 10.99 -66.73
N SER L 236 18.09 11.12 -65.47
CA SER L 236 19.03 11.24 -64.37
C SER L 236 19.74 9.93 -64.10
N SER L 237 21.03 10.02 -63.81
CA SER L 237 21.82 8.86 -63.43
C SER L 237 21.73 8.64 -61.93
N ARG L 238 21.53 7.38 -61.54
CA ARG L 238 21.45 7.01 -60.14
C ARG L 238 22.72 6.37 -59.62
N PHE L 239 23.38 5.56 -60.42
CA PHE L 239 24.61 4.92 -60.00
C PHE L 239 25.81 5.81 -60.28
N GLY L 240 26.87 5.60 -59.51
CA GLY L 240 28.10 6.34 -59.68
C GLY L 240 29.05 5.78 -60.72
N LYS L 241 28.76 6.01 -62.00
CA LYS L 241 29.66 5.56 -63.06
C LYS L 241 31.05 6.17 -62.88
N PHE L 242 32.07 5.41 -63.27
CA PHE L 242 33.45 5.83 -63.07
C PHE L 242 34.33 5.00 -63.99
N ILE L 243 34.92 5.64 -65.00
CA ILE L 243 35.73 4.96 -66.00
C ILE L 243 37.20 5.16 -65.67
N ARG L 244 37.92 4.06 -65.49
CA ARG L 244 39.36 4.07 -65.29
C ARG L 244 40.04 3.88 -66.64
N ILE L 245 40.85 4.85 -67.04
CA ILE L 245 41.62 4.79 -68.29
C ILE L 245 43.05 4.46 -67.91
N HIS L 246 43.43 3.20 -68.08
CA HIS L 246 44.79 2.80 -67.76
C HIS L 246 45.76 3.26 -68.84
N PHE L 247 47.04 3.07 -68.56
CA PHE L 247 48.10 3.34 -69.53
C PHE L 247 49.21 2.33 -69.32
N GLY L 248 50.28 2.49 -70.10
CA GLY L 248 51.44 1.64 -69.99
C GLY L 248 52.58 2.31 -69.26
N ALA L 249 53.76 1.72 -69.41
CA ALA L 249 54.97 2.36 -68.89
C ALA L 249 55.36 3.55 -69.74
N THR L 250 55.21 3.44 -71.05
CA THR L 250 55.48 4.51 -72.00
C THR L 250 54.34 5.52 -72.09
N GLY L 251 53.43 5.52 -71.12
CA GLY L 251 52.34 6.48 -71.13
C GLY L 251 51.44 6.38 -72.35
N LYS L 252 51.40 5.23 -72.99
CA LYS L 252 50.58 5.04 -74.18
C LYS L 252 49.33 4.24 -73.84
N LEU L 253 48.29 4.45 -74.64
CA LEU L 253 46.97 3.89 -74.34
C LEU L 253 47.05 2.37 -74.25
N ALA L 254 46.66 1.83 -73.09
CA ALA L 254 46.74 0.41 -72.83
C ALA L 254 45.37 -0.25 -72.77
N SER L 255 44.49 0.21 -71.89
CA SER L 255 43.16 -0.38 -71.74
C SER L 255 42.33 0.54 -70.85
N ALA L 256 41.03 0.22 -70.75
CA ALA L 256 40.09 1.00 -69.97
C ALA L 256 39.33 0.10 -69.02
N ASP L 257 39.08 0.61 -67.81
CA ASP L 257 38.35 -0.11 -66.78
C ASP L 257 37.18 0.74 -66.31
N ILE L 258 36.17 0.08 -65.74
CA ILE L 258 34.95 0.76 -65.33
C ILE L 258 34.45 0.10 -64.04
N GLU L 259 33.94 0.93 -63.12
CA GLU L 259 33.37 0.44 -61.88
C GLU L 259 32.09 1.21 -61.59
N THR L 260 31.16 0.54 -60.92
CA THR L 260 29.90 1.15 -60.52
C THR L 260 29.85 1.25 -59.00
N TYR L 261 29.33 2.38 -58.52
CA TYR L 261 29.27 2.65 -57.09
C TYR L 261 27.90 3.21 -56.75
N LEU L 262 27.46 2.92 -55.52
CA LEU L 262 26.37 3.64 -54.89
C LEU L 262 25.08 3.57 -55.69
N LEU L 263 24.87 2.50 -56.46
CA LEU L 263 23.63 2.35 -57.19
C LEU L 263 22.47 2.24 -56.20
N GLU L 264 21.50 3.14 -56.32
CA GLU L 264 20.40 3.18 -55.37
C GLU L 264 19.44 2.01 -55.62
N LYS L 265 19.17 1.24 -54.57
CA LYS L 265 18.28 0.10 -54.66
C LYS L 265 16.84 0.45 -54.36
N SER L 266 16.59 1.49 -53.55
CA SER L 266 15.23 1.84 -53.17
C SER L 266 14.34 2.15 -54.36
N ARG L 267 14.93 2.55 -55.49
CA ARG L 267 14.12 2.88 -56.65
C ARG L 267 13.41 1.65 -57.20
N VAL L 268 14.03 0.47 -57.10
CA VAL L 268 13.46 -0.72 -57.68
C VAL L 268 12.13 -1.10 -57.02
N ILE L 269 11.85 -0.55 -55.84
CA ILE L 269 10.65 -0.89 -55.08
C ILE L 269 9.76 0.33 -54.88
N PHE L 270 10.28 1.37 -54.24
CA PHE L 270 9.50 2.55 -53.91
C PHE L 270 9.86 3.70 -54.83
N GLN L 271 8.85 4.36 -55.38
CA GLN L 271 9.01 5.55 -56.19
C GLN L 271 8.15 6.67 -55.62
N LEU L 272 8.65 7.89 -55.76
CA LEU L 272 7.96 9.05 -55.20
C LEU L 272 6.68 9.34 -55.98
N LYS L 273 6.02 10.43 -55.59
CA LYS L 273 4.78 10.81 -56.25
C LYS L 273 5.02 11.35 -57.66
N ALA L 274 6.20 11.94 -57.90
CA ALA L 274 6.46 12.67 -59.14
C ALA L 274 7.52 12.02 -60.02
N GLU L 275 7.97 10.81 -59.70
CA GLU L 275 9.09 10.22 -60.42
C GLU L 275 8.78 8.77 -60.77
N ARG L 276 9.57 8.23 -61.69
CA ARG L 276 9.40 6.88 -62.19
C ARG L 276 10.48 5.95 -61.67
N ASP L 277 10.30 4.67 -61.96
CA ASP L 277 11.33 3.66 -61.69
C ASP L 277 12.39 3.77 -62.78
N TYR L 278 13.27 2.78 -62.87
CA TYR L 278 14.28 2.78 -63.91
C TYR L 278 13.64 2.65 -65.29
N HIS L 279 14.40 3.05 -66.31
CA HIS L 279 13.86 3.08 -67.66
C HIS L 279 13.50 1.70 -68.19
N ILE L 280 14.19 0.66 -67.72
CA ILE L 280 14.13 -0.64 -68.39
C ILE L 280 12.73 -1.21 -68.33
N PHE L 281 12.07 -1.08 -67.18
CA PHE L 281 10.73 -1.66 -67.05
C PHE L 281 9.78 -1.04 -68.06
N TYR L 282 9.90 0.26 -68.30
CA TYR L 282 9.05 0.92 -69.27
C TYR L 282 9.44 0.52 -70.69
N GLN L 283 10.73 0.46 -70.97
CA GLN L 283 11.17 0.04 -72.31
C GLN L 283 10.66 -1.36 -72.63
N ILE L 284 10.71 -2.27 -71.67
CA ILE L 284 10.10 -3.58 -71.86
C ILE L 284 8.60 -3.45 -72.01
N LEU L 285 7.99 -2.53 -71.26
CA LEU L 285 6.56 -2.30 -71.38
C LEU L 285 6.17 -1.69 -72.72
N SER L 286 7.13 -1.23 -73.51
CA SER L 286 6.86 -0.85 -74.88
C SER L 286 6.51 -2.09 -75.69
N ASN L 287 5.31 -2.11 -76.28
CA ASN L 287 4.84 -3.30 -76.95
C ASN L 287 5.55 -3.58 -78.27
N LYS L 288 6.52 -2.74 -78.67
CA LYS L 288 7.18 -2.96 -79.94
C LYS L 288 7.88 -4.32 -80.01
N LYS L 289 8.15 -4.95 -78.87
CA LYS L 289 8.58 -6.34 -78.81
C LYS L 289 7.47 -7.17 -78.19
N PRO L 290 6.45 -7.58 -78.96
CA PRO L 290 5.40 -8.43 -78.38
C PRO L 290 5.89 -9.80 -77.99
N GLU L 291 7.01 -10.26 -78.54
CA GLU L 291 7.53 -11.56 -78.15
C GLU L 291 7.99 -11.54 -76.70
N LEU L 292 8.58 -10.43 -76.24
CA LEU L 292 8.98 -10.35 -74.84
C LEU L 292 7.75 -10.41 -73.93
N LEU L 293 6.70 -9.69 -74.28
CA LEU L 293 5.51 -9.68 -73.43
C LEU L 293 4.83 -11.04 -73.41
N ASP L 294 4.69 -11.68 -74.57
CA ASP L 294 3.99 -12.96 -74.53
C ASP L 294 4.88 -14.09 -74.03
N MET L 295 6.20 -13.88 -73.92
CA MET L 295 7.03 -14.88 -73.28
C MET L 295 7.26 -14.61 -71.79
N LEU L 296 6.93 -13.39 -71.33
CA LEU L 296 7.06 -13.05 -69.91
C LEU L 296 5.73 -12.87 -69.21
N LEU L 297 4.61 -13.09 -69.88
CA LEU L 297 3.28 -12.95 -69.28
C LEU L 297 3.03 -11.53 -68.80
N ILE L 298 3.66 -10.57 -69.47
CA ILE L 298 3.54 -9.16 -69.10
C ILE L 298 2.36 -8.57 -69.86
N THR L 299 1.30 -8.24 -69.13
CA THR L 299 0.17 -7.53 -69.72
C THR L 299 0.58 -6.09 -70.02
N ASN L 300 0.01 -5.53 -71.08
CA ASN L 300 0.43 -4.20 -71.55
C ASN L 300 0.20 -3.12 -70.50
N ASN L 301 -0.73 -3.31 -69.59
CA ASN L 301 -1.17 -2.24 -68.69
C ASN L 301 -0.13 -2.00 -67.61
N PRO L 302 0.50 -0.82 -67.57
CA PRO L 302 1.52 -0.56 -66.55
C PRO L 302 0.97 -0.40 -65.15
N TYR L 303 -0.29 -0.02 -65.00
CA TYR L 303 -0.91 0.04 -63.68
C TYR L 303 -0.99 -1.33 -63.03
N ASP L 304 -0.75 -2.39 -63.79
CA ASP L 304 -0.98 -3.74 -63.29
C ASP L 304 0.04 -4.12 -62.22
N TYR L 305 1.25 -3.57 -62.31
CA TYR L 305 2.37 -4.05 -61.52
C TYR L 305 2.70 -3.06 -60.40
N ALA L 306 2.64 -3.54 -59.16
CA ALA L 306 2.61 -2.65 -57.99
C ALA L 306 3.96 -2.04 -57.69
N PHE L 307 5.06 -2.74 -57.99
CA PHE L 307 6.37 -2.16 -57.74
C PHE L 307 6.60 -0.89 -58.54
N ILE L 308 5.90 -0.74 -59.66
CA ILE L 308 6.14 0.36 -60.59
C ILE L 308 5.01 1.38 -60.57
N SER L 309 3.76 0.91 -60.46
CA SER L 309 2.61 1.78 -60.64
C SER L 309 2.55 2.93 -59.65
N GLN L 310 3.28 2.86 -58.54
CA GLN L 310 3.23 3.94 -57.57
C GLN L 310 3.99 5.17 -58.05
N GLY L 311 4.93 5.02 -58.99
CA GLY L 311 5.60 6.15 -59.57
C GLY L 311 4.86 6.71 -60.78
N GLU L 312 5.50 7.67 -61.44
CA GLU L 312 4.93 8.21 -62.67
C GLU L 312 4.88 7.14 -63.74
N THR L 313 3.68 6.85 -64.23
CA THR L 313 3.50 5.74 -65.14
C THR L 313 4.27 5.96 -66.44
N THR L 314 3.92 6.99 -67.18
CA THR L 314 4.60 7.32 -68.42
C THR L 314 4.74 8.82 -68.55
N VAL L 315 5.86 9.25 -69.12
CA VAL L 315 6.13 10.67 -69.35
C VAL L 315 6.74 10.84 -70.73
N ALA L 316 6.66 12.08 -71.23
CA ALA L 316 7.23 12.42 -72.53
C ALA L 316 8.73 12.59 -72.39
N SER L 317 9.40 11.55 -71.89
CA SER L 317 10.84 11.61 -71.68
C SER L 317 11.59 11.39 -72.98
N ILE L 318 11.45 10.20 -73.55
CA ILE L 318 12.13 9.81 -74.78
C ILE L 318 11.23 8.84 -75.52
N ASP L 319 11.66 8.47 -76.72
CA ASP L 319 11.01 7.39 -77.46
C ASP L 319 11.48 6.06 -76.86
N ASP L 320 10.72 5.57 -75.88
CA ASP L 320 11.14 4.41 -75.10
C ASP L 320 11.22 3.15 -75.96
N ALA L 321 10.33 3.00 -76.93
CA ALA L 321 10.40 1.86 -77.84
C ALA L 321 11.71 1.86 -78.62
N GLU L 322 12.05 3.01 -79.20
CA GLU L 322 13.32 3.12 -79.91
C GLU L 322 14.48 2.87 -78.97
N GLU L 323 14.38 3.30 -77.71
CA GLU L 323 15.48 3.08 -76.79
C GLU L 323 15.64 1.60 -76.47
N LEU L 324 14.52 0.91 -76.31
CA LEU L 324 14.55 -0.55 -76.22
C LEU L 324 15.29 -1.16 -77.40
N MET L 325 15.00 -0.67 -78.61
CA MET L 325 15.67 -1.21 -79.78
C MET L 325 17.17 -0.90 -79.76
N ALA L 326 17.53 0.32 -79.38
CA ALA L 326 18.94 0.70 -79.34
C ALA L 326 19.70 -0.15 -78.32
N THR L 327 19.06 -0.44 -77.19
CA THR L 327 19.69 -1.30 -76.20
C THR L 327 19.82 -2.73 -76.70
N ASP L 328 18.79 -3.26 -77.36
CA ASP L 328 18.90 -4.60 -77.91
C ASP L 328 19.99 -4.68 -78.97
N ASN L 329 20.14 -3.63 -79.77
CA ASN L 329 21.21 -3.59 -80.76
C ASN L 329 22.57 -3.57 -80.07
N ALA L 330 22.74 -2.71 -79.06
CA ALA L 330 23.99 -2.69 -78.31
C ALA L 330 24.28 -4.04 -77.67
N PHE L 331 23.23 -4.73 -77.22
CA PHE L 331 23.42 -6.05 -76.64
C PHE L 331 23.94 -7.03 -77.68
N ASP L 332 23.22 -7.14 -78.80
CA ASP L 332 23.61 -8.10 -79.84
C ASP L 332 25.00 -7.80 -80.38
N VAL L 333 25.42 -6.54 -80.37
CA VAL L 333 26.79 -6.23 -80.80
C VAL L 333 27.78 -6.29 -79.66
N LEU L 334 27.33 -6.58 -78.45
CA LEU L 334 28.26 -6.84 -77.36
C LEU L 334 28.51 -8.34 -77.24
N GLY L 335 29.55 -8.68 -76.47
CA GLY L 335 30.09 -10.03 -76.51
C GLY L 335 29.11 -11.12 -76.14
N PHE L 336 27.99 -10.77 -75.53
CA PHE L 336 27.15 -11.80 -74.93
C PHE L 336 26.01 -12.22 -75.85
N THR L 337 25.59 -13.47 -75.69
CA THR L 337 24.71 -14.15 -76.63
C THR L 337 23.29 -13.60 -76.54
N SER L 338 22.42 -14.17 -77.38
CA SER L 338 21.01 -13.81 -77.36
C SER L 338 20.26 -14.46 -76.20
N GLU L 339 20.63 -15.70 -75.86
CA GLU L 339 20.04 -16.34 -74.68
C GLU L 339 20.26 -15.49 -73.43
N GLU L 340 21.41 -14.82 -73.36
CA GLU L 340 21.75 -14.04 -72.17
C GLU L 340 20.89 -12.79 -72.08
N LYS L 341 20.65 -12.11 -73.21
CA LYS L 341 19.68 -11.02 -73.21
C LYS L 341 18.30 -11.53 -72.85
N ASN L 342 17.95 -12.73 -73.34
CA ASN L 342 16.66 -13.31 -73.02
C ASN L 342 16.51 -13.53 -71.52
N SER L 343 17.57 -14.05 -70.89
CA SER L 343 17.54 -14.27 -69.44
C SER L 343 17.48 -12.94 -68.70
N MET L 344 18.21 -11.93 -69.17
CA MET L 344 18.13 -10.62 -68.55
C MET L 344 16.70 -10.09 -68.55
N TYR L 345 16.06 -10.13 -69.71
CA TYR L 345 14.70 -9.63 -69.82
C TYR L 345 13.75 -10.42 -68.94
N LYS L 346 13.89 -11.74 -68.92
CA LYS L 346 12.98 -12.53 -68.11
C LYS L 346 13.22 -12.31 -66.63
N LEU L 347 14.46 -12.13 -66.22
CA LEU L 347 14.75 -11.84 -64.82
C LEU L 347 14.11 -10.54 -64.39
N THR L 348 14.21 -9.50 -65.23
CA THR L 348 13.55 -8.24 -64.92
C THR L 348 12.04 -8.43 -64.81
N GLY L 349 11.46 -9.26 -65.70
CA GLY L 349 10.05 -9.55 -65.60
C GLY L 349 9.69 -10.29 -64.31
N ALA L 350 10.59 -11.13 -63.82
CA ALA L 350 10.36 -11.82 -62.55
C ALA L 350 10.37 -10.83 -61.39
N ILE L 351 11.34 -9.92 -61.39
CA ILE L 351 11.35 -8.83 -60.41
C ILE L 351 10.03 -8.08 -60.46
N MET L 352 9.50 -7.88 -61.66
CA MET L 352 8.22 -7.20 -61.79
C MET L 352 7.08 -8.04 -61.23
N HIS L 353 7.15 -9.36 -61.41
CA HIS L 353 6.13 -10.25 -60.87
C HIS L 353 6.19 -10.40 -59.36
N PHE L 354 7.31 -10.07 -58.72
CA PHE L 354 7.35 -10.18 -57.27
C PHE L 354 6.33 -9.27 -56.58
N GLY L 355 6.03 -8.11 -57.16
CA GLY L 355 5.28 -7.11 -56.44
C GLY L 355 3.83 -7.46 -56.15
N ASN L 356 3.22 -8.32 -56.97
CA ASN L 356 1.80 -8.58 -56.85
C ASN L 356 1.46 -9.72 -55.90
N MET L 357 2.46 -10.33 -55.26
CA MET L 357 2.22 -11.38 -54.30
C MET L 357 1.30 -10.90 -53.17
N LYS L 358 0.49 -11.82 -52.65
CA LYS L 358 -0.48 -11.50 -51.63
C LYS L 358 -0.35 -12.48 -50.47
N PHE L 359 -0.28 -11.96 -49.26
CA PHE L 359 -0.15 -12.78 -48.07
C PHE L 359 -1.21 -12.39 -47.05
N LYS L 360 -1.66 -13.38 -46.30
CA LYS L 360 -2.65 -13.18 -45.25
C LYS L 360 -2.16 -13.83 -43.96
N LEU L 361 -2.64 -13.31 -42.84
CA LEU L 361 -2.37 -13.99 -41.58
C LEU L 361 -3.16 -15.30 -41.52
N LYS L 362 -2.72 -16.19 -40.66
CA LYS L 362 -3.34 -17.51 -40.59
C LYS L 362 -4.62 -17.43 -39.77
N GLN L 363 -5.16 -18.59 -39.44
CA GLN L 363 -6.46 -18.72 -38.81
C GLN L 363 -6.51 -18.07 -37.43
N ARG L 364 -5.78 -18.65 -36.48
CA ARG L 364 -5.73 -18.15 -35.12
C ARG L 364 -4.29 -18.07 -34.66
N GLU L 365 -3.44 -17.52 -35.52
CA GLU L 365 -2.00 -17.42 -35.25
C GLU L 365 -1.50 -16.12 -35.86
N GLU L 366 -0.19 -15.92 -35.75
CA GLU L 366 0.48 -14.75 -36.31
C GLU L 366 1.34 -15.08 -37.51
N GLN L 367 1.08 -16.20 -38.18
CA GLN L 367 1.90 -16.64 -39.30
C GLN L 367 1.31 -16.19 -40.62
N ALA L 368 2.19 -15.87 -41.57
CA ALA L 368 1.79 -15.47 -42.91
C ALA L 368 1.64 -16.69 -43.80
N GLU L 369 0.58 -16.70 -44.60
CA GLU L 369 0.35 -17.75 -45.58
C GLU L 369 -0.17 -17.11 -46.87
N PRO L 370 0.20 -17.66 -48.03
CA PRO L 370 -0.24 -17.06 -49.28
C PRO L 370 -1.66 -17.47 -49.62
N ASP L 371 -2.45 -16.51 -50.07
CA ASP L 371 -3.78 -16.79 -50.61
C ASP L 371 -3.76 -16.86 -52.14
N GLY L 372 -3.13 -15.90 -52.79
CA GLY L 372 -2.95 -15.94 -54.23
C GLY L 372 -1.68 -16.69 -54.58
N THR L 373 -1.80 -17.63 -55.50
CA THR L 373 -0.69 -18.49 -55.86
C THR L 373 -0.29 -18.40 -57.33
N GLU L 374 -1.07 -17.69 -58.15
CA GLU L 374 -0.86 -17.74 -59.59
C GLU L 374 0.41 -16.99 -59.99
N GLU L 375 0.56 -15.75 -59.51
CA GLU L 375 1.80 -15.02 -59.74
C GLU L 375 2.99 -15.72 -59.11
N ALA L 376 2.78 -16.42 -57.99
CA ALA L 376 3.85 -17.23 -57.41
C ALA L 376 4.27 -18.32 -58.39
N ASP L 377 3.31 -19.06 -58.93
CA ASP L 377 3.62 -20.11 -59.89
C ASP L 377 4.35 -19.55 -61.10
N LYS L 378 3.88 -18.43 -61.65
CA LYS L 378 4.50 -17.93 -62.88
C LYS L 378 5.89 -17.36 -62.60
N SER L 379 6.07 -16.71 -61.45
CA SER L 379 7.39 -16.20 -61.11
C SER L 379 8.37 -17.33 -60.87
N ALA L 380 7.90 -18.44 -60.29
CA ALA L 380 8.78 -19.59 -60.12
C ALA L 380 9.12 -20.23 -61.46
N TYR L 381 8.11 -20.38 -62.33
CA TYR L 381 8.35 -20.93 -63.64
C TYR L 381 9.33 -20.09 -64.43
N LEU L 382 9.35 -18.78 -64.18
CA LEU L 382 10.33 -17.93 -64.83
C LEU L 382 11.70 -18.11 -64.18
N MET L 383 11.76 -18.01 -62.86
CA MET L 383 13.02 -17.97 -62.14
C MET L 383 13.77 -19.29 -62.18
N GLY L 384 13.08 -20.39 -62.46
CA GLY L 384 13.72 -21.68 -62.42
C GLY L 384 13.70 -22.34 -61.07
N LEU L 385 12.69 -22.07 -60.26
CA LEU L 385 12.49 -22.71 -58.97
C LEU L 385 11.11 -23.35 -58.95
N ASN L 386 10.81 -24.04 -57.86
CA ASN L 386 9.50 -24.61 -57.63
C ASN L 386 8.64 -23.60 -56.89
N SER L 387 7.36 -23.54 -57.25
CA SER L 387 6.47 -22.53 -56.67
C SER L 387 6.18 -22.82 -55.21
N ALA L 388 5.79 -24.06 -54.91
CA ALA L 388 5.55 -24.44 -53.52
C ALA L 388 6.81 -24.25 -52.69
N ASP L 389 7.97 -24.57 -53.28
CA ASP L 389 9.22 -24.45 -52.54
C ASP L 389 9.56 -23.00 -52.26
N LEU L 390 9.34 -22.10 -53.22
CA LEU L 390 9.61 -20.69 -52.98
C LEU L 390 8.64 -20.11 -51.96
N LEU L 391 7.37 -20.52 -52.03
CA LEU L 391 6.40 -20.05 -51.03
C LEU L 391 6.77 -20.52 -49.65
N LYS L 392 7.25 -21.76 -49.53
CA LYS L 392 7.68 -22.28 -48.25
C LYS L 392 8.92 -21.55 -47.76
N GLY L 393 9.84 -21.22 -48.66
CA GLY L 393 11.02 -20.48 -48.27
C GLY L 393 10.75 -19.05 -47.86
N LEU L 394 9.64 -18.49 -48.35
CA LEU L 394 9.29 -17.14 -47.90
C LEU L 394 8.50 -17.17 -46.60
N CYS L 395 7.59 -18.12 -46.43
CA CYS L 395 6.80 -18.12 -45.22
C CYS L 395 7.55 -18.69 -44.02
N HIS L 396 8.50 -19.59 -44.23
CA HIS L 396 9.16 -20.32 -43.15
C HIS L 396 10.66 -20.41 -43.36
N PRO L 397 11.39 -19.33 -43.13
CA PRO L 397 12.85 -19.42 -43.24
C PRO L 397 13.40 -20.39 -42.22
N ARG L 398 14.54 -20.99 -42.53
CA ARG L 398 15.26 -21.85 -41.61
C ARG L 398 16.60 -21.23 -41.30
N VAL L 399 16.92 -21.13 -40.02
CA VAL L 399 18.15 -20.50 -39.55
C VAL L 399 18.97 -21.53 -38.81
N LYS L 400 20.27 -21.30 -38.72
CA LYS L 400 21.22 -22.24 -38.14
C LYS L 400 21.52 -21.87 -36.70
N VAL L 401 21.18 -22.77 -35.78
CA VAL L 401 21.47 -22.60 -34.36
C VAL L 401 22.49 -23.66 -33.97
N GLY L 402 23.76 -23.28 -33.94
CA GLY L 402 24.81 -24.24 -33.64
C GLY L 402 24.94 -25.28 -34.72
N ASN L 403 24.51 -26.51 -34.43
CA ASN L 403 24.61 -27.61 -35.37
C ASN L 403 23.26 -28.06 -35.89
N GLU L 404 22.20 -27.28 -35.67
CA GLU L 404 20.86 -27.65 -36.10
C GLU L 404 20.23 -26.50 -36.85
N TYR L 405 19.12 -26.79 -37.52
CA TYR L 405 18.31 -25.78 -38.19
C TYR L 405 16.93 -25.75 -37.57
N VAL L 406 16.47 -24.56 -37.20
CA VAL L 406 15.13 -24.38 -36.68
C VAL L 406 14.41 -23.35 -37.55
N THR L 407 13.11 -23.55 -37.72
CA THR L 407 12.32 -22.69 -38.59
C THR L 407 11.90 -21.41 -37.88
N LYS L 408 12.09 -20.30 -38.56
CA LYS L 408 11.72 -18.99 -38.06
C LYS L 408 10.33 -18.60 -38.53
N GLY L 409 9.61 -17.87 -37.69
CA GLY L 409 8.27 -17.42 -38.03
C GLY L 409 8.27 -16.04 -38.66
N GLN L 410 7.28 -15.80 -39.54
CA GLN L 410 7.16 -14.52 -40.22
C GLN L 410 5.69 -14.11 -40.26
N ASN L 411 5.46 -12.81 -40.22
CA ASN L 411 4.16 -12.21 -40.46
C ASN L 411 4.20 -11.46 -41.80
N VAL L 412 3.10 -10.78 -42.12
CA VAL L 412 2.97 -10.19 -43.44
C VAL L 412 3.99 -9.09 -43.66
N GLN L 413 4.18 -8.22 -42.68
CA GLN L 413 5.16 -7.15 -42.84
C GLN L 413 6.55 -7.72 -43.07
N GLN L 414 6.91 -8.75 -42.30
CA GLN L 414 8.26 -9.32 -42.43
C GLN L 414 8.45 -9.97 -43.79
N VAL L 415 7.45 -10.73 -44.26
CA VAL L 415 7.62 -11.38 -45.55
C VAL L 415 7.64 -10.36 -46.67
N ILE L 416 6.92 -9.25 -46.52
CA ILE L 416 6.95 -8.21 -47.55
C ILE L 416 8.30 -7.52 -47.59
N TYR L 417 8.86 -7.20 -46.42
CA TYR L 417 10.20 -6.62 -46.40
C TYR L 417 11.21 -7.58 -47.01
N ALA L 418 11.06 -8.87 -46.74
CA ALA L 418 11.98 -9.85 -47.32
C ALA L 418 11.85 -9.90 -48.83
N THR L 419 10.62 -9.85 -49.35
CA THR L 419 10.41 -9.85 -50.79
C THR L 419 11.06 -8.65 -51.44
N GLY L 420 10.85 -7.47 -50.85
CA GLY L 420 11.45 -6.27 -51.39
C GLY L 420 12.96 -6.33 -51.39
N ALA L 421 13.54 -6.84 -50.30
CA ALA L 421 15.00 -6.92 -50.23
C ALA L 421 15.52 -7.94 -51.23
N LEU L 422 14.80 -9.03 -51.45
CA LEU L 422 15.20 -10.02 -52.44
C LEU L 422 15.22 -9.40 -53.84
N ALA L 423 14.16 -8.66 -54.18
CA ALA L 423 14.11 -8.03 -55.49
C ALA L 423 15.24 -7.03 -55.67
N LYS L 424 15.43 -6.15 -54.69
CA LYS L 424 16.54 -5.20 -54.80
C LYS L 424 17.86 -5.92 -54.95
N ALA L 425 18.04 -7.01 -54.21
CA ALA L 425 19.30 -7.74 -54.28
C ALA L 425 19.53 -8.33 -55.65
N VAL L 426 18.53 -9.04 -56.19
CA VAL L 426 18.73 -9.70 -57.48
C VAL L 426 18.94 -8.66 -58.57
N TYR L 427 18.24 -7.53 -58.51
CA TYR L 427 18.46 -6.49 -59.51
C TYR L 427 19.88 -5.96 -59.44
N GLU L 428 20.33 -5.56 -58.25
CA GLU L 428 21.67 -5.03 -58.12
C GLU L 428 22.72 -6.05 -58.50
N ARG L 429 22.47 -7.33 -58.22
CA ARG L 429 23.40 -8.39 -58.59
C ARG L 429 23.54 -8.51 -60.10
N MET L 430 22.40 -8.61 -60.79
CA MET L 430 22.41 -8.65 -62.25
C MET L 430 23.10 -7.42 -62.83
N PHE L 431 22.90 -6.25 -62.21
CA PHE L 431 23.55 -5.05 -62.70
C PHE L 431 25.06 -5.14 -62.58
N ASN L 432 25.55 -5.51 -61.40
CA ASN L 432 27.01 -5.59 -61.23
C ASN L 432 27.61 -6.61 -62.18
N TRP L 433 26.92 -7.73 -62.38
CA TRP L 433 27.46 -8.75 -63.27
C TRP L 433 27.43 -8.29 -64.73
N MET L 434 26.42 -7.51 -65.10
CA MET L 434 26.39 -6.92 -66.44
C MET L 434 27.56 -6.00 -66.65
N VAL L 435 27.91 -5.22 -65.61
CA VAL L 435 29.07 -4.35 -65.73
C VAL L 435 30.35 -5.17 -65.87
N THR L 436 30.43 -6.30 -65.16
CA THR L 436 31.59 -7.18 -65.32
C THR L 436 31.68 -7.71 -66.74
N ARG L 437 30.55 -8.09 -67.32
CA ARG L 437 30.54 -8.57 -68.71
C ARG L 437 30.98 -7.47 -69.66
N ILE L 438 30.49 -6.25 -69.44
CA ILE L 438 30.91 -5.11 -70.26
C ILE L 438 32.42 -4.94 -70.20
N ASN L 439 32.97 -4.97 -68.99
CA ASN L 439 34.41 -4.78 -68.85
C ASN L 439 35.18 -5.92 -69.49
N ALA L 440 34.63 -7.13 -69.45
CA ALA L 440 35.29 -8.25 -70.11
C ALA L 440 35.32 -8.07 -71.62
N THR L 441 34.21 -7.61 -72.19
CA THR L 441 34.19 -7.27 -73.62
C THR L 441 35.26 -6.23 -73.93
N LEU L 442 35.31 -5.16 -73.14
CA LEU L 442 36.26 -4.09 -73.39
C LEU L 442 37.70 -4.55 -73.21
N GLU L 443 37.92 -5.59 -72.41
CA GLU L 443 39.26 -5.90 -71.91
C GLU L 443 40.24 -6.20 -73.03
N THR L 444 41.39 -5.53 -72.98
CA THR L 444 42.51 -5.78 -73.88
C THR L 444 43.69 -6.31 -73.07
N LYS L 445 44.45 -7.20 -73.68
CA LYS L 445 45.53 -7.90 -72.98
C LYS L 445 46.77 -7.04 -72.78
N GLN L 446 46.80 -5.83 -73.32
CA GLN L 446 47.96 -4.97 -73.15
C GLN L 446 48.21 -4.72 -71.67
N PRO L 447 49.46 -4.68 -71.23
CA PRO L 447 49.74 -4.37 -69.83
C PRO L 447 49.18 -3.01 -69.45
N ARG L 448 48.56 -2.94 -68.26
CA ARG L 448 47.88 -1.76 -67.78
C ARG L 448 48.63 -1.19 -66.58
N GLN L 449 49.29 -0.06 -66.79
CA GLN L 449 49.97 0.68 -65.73
C GLN L 449 49.02 1.75 -65.17
N TYR L 450 49.57 2.73 -64.46
CA TYR L 450 48.81 3.80 -63.82
C TYR L 450 47.69 4.31 -64.72
N PHE L 451 46.54 4.60 -64.10
CA PHE L 451 45.36 5.04 -64.82
C PHE L 451 44.98 6.45 -64.41
N ILE L 452 44.06 7.03 -65.17
CA ILE L 452 43.47 8.33 -64.84
C ILE L 452 41.97 8.17 -64.94
N GLY L 453 41.29 8.13 -63.80
CA GLY L 453 39.87 7.86 -63.77
C GLY L 453 39.01 9.10 -63.92
N VAL L 454 37.84 8.92 -64.52
CA VAL L 454 36.83 9.96 -64.65
C VAL L 454 35.56 9.48 -63.98
N LEU L 455 34.96 10.36 -63.17
CA LEU L 455 33.90 9.98 -62.25
C LEU L 455 32.62 10.73 -62.57
N ASP L 456 31.51 10.00 -62.66
CA ASP L 456 30.19 10.57 -62.91
C ASP L 456 29.29 10.20 -61.74
N ILE L 457 28.81 11.21 -61.02
CA ILE L 457 28.09 11.00 -59.77
C ILE L 457 26.85 11.90 -59.75
N ALA L 458 25.90 11.53 -58.89
CA ALA L 458 24.71 12.35 -58.72
C ALA L 458 25.08 13.69 -58.08
N GLY L 459 24.15 14.63 -58.17
CA GLY L 459 24.37 15.98 -57.69
C GLY L 459 23.72 16.26 -56.35
N PHE L 460 24.11 17.38 -55.75
CA PHE L 460 23.60 17.76 -54.45
C PHE L 460 22.15 18.21 -54.56
N GLU L 461 21.26 17.29 -54.88
CA GLU L 461 19.91 17.66 -55.27
C GLU L 461 19.15 18.22 -54.08
N ILE L 462 18.43 19.32 -54.34
CA ILE L 462 17.53 19.92 -53.37
C ILE L 462 16.14 19.96 -53.99
N PHE L 463 15.13 19.78 -53.15
CA PHE L 463 13.74 19.83 -53.60
C PHE L 463 12.94 20.50 -52.50
N ASP L 464 11.63 20.33 -52.54
CA ASP L 464 10.76 20.72 -51.45
C ASP L 464 10.22 19.54 -50.66
N PHE L 465 10.47 18.32 -51.12
CA PHE L 465 10.11 17.09 -50.42
C PHE L 465 11.28 16.13 -50.40
N ASN L 466 12.44 16.63 -49.97
CA ASN L 466 13.59 15.77 -49.79
C ASN L 466 13.24 14.58 -48.91
N SER L 467 13.91 13.45 -49.15
CA SER L 467 13.58 12.22 -48.47
C SER L 467 14.87 11.46 -48.17
N PHE L 468 14.71 10.18 -47.85
CA PHE L 468 15.84 9.35 -47.45
C PHE L 468 16.88 9.27 -48.55
N GLU L 469 16.44 9.06 -49.78
CA GLU L 469 17.36 8.92 -50.90
C GLU L 469 18.14 10.20 -51.12
N GLN L 470 17.46 11.35 -51.03
CA GLN L 470 18.15 12.62 -51.18
C GLN L 470 19.13 12.84 -50.05
N LEU L 471 18.79 12.36 -48.84
CA LEU L 471 19.74 12.45 -47.74
C LEU L 471 20.99 11.62 -48.04
N CYS L 472 20.81 10.42 -48.59
CA CYS L 472 21.96 9.60 -48.95
C CYS L 472 22.82 10.30 -50.00
N ILE L 473 22.18 10.86 -51.02
CA ILE L 473 22.89 11.55 -52.08
C ILE L 473 23.69 12.72 -51.51
N ASN L 474 23.04 13.52 -50.65
CA ASN L 474 23.72 14.67 -50.08
C ASN L 474 24.85 14.25 -49.16
N PHE L 475 24.70 13.11 -48.47
CA PHE L 475 25.79 12.61 -47.64
C PHE L 475 27.00 12.25 -48.50
N THR L 476 26.76 11.59 -49.62
CA THR L 476 27.84 11.29 -50.55
C THR L 476 28.53 12.56 -51.02
N ASN L 477 27.74 13.55 -51.46
CA ASN L 477 28.31 14.78 -51.96
C ASN L 477 29.02 15.55 -50.86
N GLU L 478 28.59 15.38 -49.61
CA GLU L 478 29.33 15.95 -48.48
C GLU L 478 30.70 15.34 -48.38
N LYS L 479 30.78 14.01 -48.45
CA LYS L 479 32.11 13.38 -48.41
C LYS L 479 32.99 13.91 -49.54
N LEU L 480 32.42 14.00 -50.74
CA LEU L 480 33.20 14.48 -51.89
C LEU L 480 33.68 15.92 -51.67
N GLN L 481 32.79 16.80 -51.24
CA GLN L 481 33.15 18.21 -51.08
C GLN L 481 34.19 18.37 -49.99
N GLN L 482 34.06 17.63 -48.89
CA GLN L 482 35.08 17.69 -47.85
C GLN L 482 36.41 17.17 -48.37
N PHE L 483 36.38 16.14 -49.22
CA PHE L 483 37.61 15.63 -49.82
C PHE L 483 38.29 16.69 -50.67
N PHE L 484 37.52 17.33 -51.56
CA PHE L 484 38.09 18.41 -52.37
C PHE L 484 38.61 19.54 -51.50
N ASN L 485 37.88 19.87 -50.44
CA ASN L 485 38.29 20.98 -49.59
C ASN L 485 39.62 20.69 -48.93
N HIS L 486 39.79 19.47 -48.42
CA HIS L 486 41.09 19.11 -47.84
C HIS L 486 42.17 19.08 -48.91
N HIS L 487 41.84 18.63 -50.11
CA HIS L 487 42.79 18.64 -51.21
C HIS L 487 43.29 20.05 -51.49
N MET L 488 42.36 21.00 -51.64
CA MET L 488 42.72 22.39 -51.86
C MET L 488 43.48 22.96 -50.67
N PHE L 489 43.18 22.50 -49.46
CA PHE L 489 43.97 22.94 -48.30
C PHE L 489 45.43 22.56 -48.47
N VAL L 490 45.68 21.29 -48.81
CA VAL L 490 47.06 20.84 -48.96
C VAL L 490 47.71 21.56 -50.14
N LEU L 491 46.93 21.87 -51.18
CA LEU L 491 47.47 22.62 -52.32
C LEU L 491 47.87 24.03 -51.92
N GLU L 492 47.07 24.69 -51.07
CA GLU L 492 47.43 26.02 -50.62
C GLU L 492 48.64 25.97 -49.69
N GLN L 493 48.73 24.93 -48.87
CA GLN L 493 49.94 24.75 -48.07
C GLN L 493 51.15 24.53 -48.96
N GLU L 494 50.96 23.87 -50.10
CA GLU L 494 52.05 23.71 -51.06
C GLU L 494 52.47 25.05 -51.66
N GLU L 495 51.49 25.86 -52.07
CA GLU L 495 51.79 27.20 -52.56
C GLU L 495 52.57 28.00 -51.51
N TYR L 496 52.15 27.91 -50.25
CA TYR L 496 52.80 28.68 -49.19
C TYR L 496 54.20 28.18 -48.91
N LYS L 497 54.39 26.86 -48.86
CA LYS L 497 55.73 26.33 -48.61
C LYS L 497 56.67 26.56 -49.79
N LYS L 498 56.11 26.74 -51.00
CA LYS L 498 56.93 27.21 -52.12
C LYS L 498 57.31 28.67 -51.93
N GLU L 499 56.34 29.53 -51.66
CA GLU L 499 56.59 30.96 -51.53
C GLU L 499 57.38 31.30 -50.27
N GLY L 500 57.60 30.32 -49.39
CA GLY L 500 58.34 30.61 -48.17
C GLY L 500 57.58 31.45 -47.18
N ILE L 501 56.27 31.53 -47.32
CA ILE L 501 55.42 32.34 -46.45
C ILE L 501 54.34 31.41 -45.90
N GLU L 502 54.47 31.04 -44.63
CA GLU L 502 53.67 29.98 -44.04
C GLU L 502 52.92 30.49 -42.82
N TRP L 503 51.58 30.57 -42.93
CA TRP L 503 50.73 31.07 -41.87
C TRP L 503 49.39 30.34 -41.94
N THR L 504 48.56 30.56 -40.92
CA THR L 504 47.17 30.06 -40.88
C THR L 504 47.12 28.54 -41.05
N PHE L 505 47.69 27.84 -40.07
CA PHE L 505 47.90 26.40 -40.16
C PHE L 505 46.65 25.58 -39.81
N ILE L 506 45.46 26.17 -39.87
CA ILE L 506 44.23 25.40 -39.67
C ILE L 506 43.80 24.78 -41.00
N ASP L 507 43.33 23.54 -40.94
CA ASP L 507 42.85 22.88 -42.14
C ASP L 507 41.45 23.36 -42.50
N PHE L 508 41.04 23.05 -43.73
CA PHE L 508 39.77 23.51 -44.28
C PHE L 508 38.74 22.39 -44.37
N GLY L 509 38.98 21.25 -43.75
CA GLY L 509 38.08 20.12 -43.88
C GLY L 509 37.14 19.93 -42.72
N MET L 510 37.63 20.16 -41.50
CA MET L 510 36.85 19.86 -40.31
C MET L 510 35.58 20.70 -40.25
N ASP L 511 35.63 21.93 -40.74
CA ASP L 511 34.46 22.80 -40.74
C ASP L 511 33.30 22.16 -41.48
N LEU L 512 33.60 21.25 -42.40
CA LEU L 512 32.55 20.46 -43.06
C LEU L 512 32.36 19.09 -42.44
N GLN L 513 33.43 18.49 -41.92
CA GLN L 513 33.29 17.20 -41.24
C GLN L 513 32.29 17.27 -40.09
N ALA L 514 32.21 18.42 -39.44
CA ALA L 514 31.25 18.57 -38.35
C ALA L 514 29.83 18.24 -38.80
N CYS L 515 29.51 18.47 -40.07
CA CYS L 515 28.21 18.06 -40.59
C CYS L 515 28.16 16.58 -40.92
N ILE L 516 29.29 15.98 -41.31
CA ILE L 516 29.31 14.54 -41.56
C ILE L 516 29.03 13.78 -40.28
N ASP L 517 29.62 14.22 -39.16
CA ASP L 517 29.45 13.54 -37.89
C ASP L 517 27.99 13.46 -37.46
N LEU L 518 27.08 14.15 -38.14
CA LEU L 518 25.67 14.11 -37.84
C LEU L 518 24.93 13.08 -38.66
N ILE L 519 25.63 12.33 -39.50
CA ILE L 519 25.02 11.29 -40.32
C ILE L 519 25.62 9.92 -40.01
N GLU L 520 26.94 9.81 -40.05
CA GLU L 520 27.58 8.51 -39.92
C GLU L 520 27.89 8.12 -38.49
N LYS L 521 28.24 9.09 -37.64
CA LYS L 521 28.75 8.76 -36.32
C LYS L 521 27.67 8.09 -35.47
N PRO L 522 28.08 7.29 -34.49
CA PRO L 522 27.10 6.66 -33.58
C PRO L 522 26.27 7.73 -32.89
N MET L 523 24.98 7.42 -32.72
CA MET L 523 23.95 8.37 -32.29
C MET L 523 23.67 9.45 -33.32
N GLY L 524 24.29 9.36 -34.50
CA GLY L 524 23.92 10.20 -35.63
C GLY L 524 22.63 9.71 -36.26
N ILE L 525 22.24 10.38 -37.34
CA ILE L 525 20.93 10.13 -37.92
C ILE L 525 20.84 8.71 -38.45
N MET L 526 21.88 8.24 -39.13
CA MET L 526 21.84 6.90 -39.69
C MET L 526 21.82 5.84 -38.58
N SER L 527 22.59 6.04 -37.53
CA SER L 527 22.59 5.07 -36.44
C SER L 527 21.25 5.05 -35.72
N ILE L 528 20.65 6.22 -35.52
CA ILE L 528 19.34 6.26 -34.90
C ILE L 528 18.31 5.57 -35.79
N LEU L 529 18.44 5.74 -37.10
CA LEU L 529 17.50 5.10 -38.00
C LEU L 529 17.64 3.58 -37.97
N GLU L 530 18.88 3.08 -37.96
CA GLU L 530 19.11 1.65 -37.86
C GLU L 530 18.55 1.10 -36.55
N GLU L 531 18.86 1.75 -35.44
CA GLU L 531 18.32 1.33 -34.17
C GLU L 531 16.79 1.32 -34.18
N GLU L 532 16.19 2.32 -34.83
CA GLU L 532 14.74 2.41 -34.81
C GLU L 532 14.11 1.32 -35.66
N CYS L 533 14.72 0.99 -36.79
CA CYS L 533 14.13 -0.12 -37.54
C CYS L 533 14.49 -1.47 -36.94
N MET L 534 15.37 -1.50 -35.93
CA MET L 534 15.58 -2.71 -35.15
C MET L 534 14.63 -2.85 -33.97
N PHE L 535 14.22 -1.74 -33.36
CA PHE L 535 13.37 -1.76 -32.18
C PHE L 535 12.01 -2.37 -32.48
N PRO L 536 11.32 -2.91 -31.47
CA PRO L 536 10.05 -3.61 -31.72
C PRO L 536 8.93 -2.83 -32.40
N LYS L 537 8.42 -1.76 -31.80
CA LYS L 537 7.22 -1.12 -32.30
C LYS L 537 7.48 0.32 -32.72
N ALA L 538 8.60 0.55 -33.39
CA ALA L 538 9.00 1.91 -33.70
C ALA L 538 8.10 2.51 -34.78
N THR L 539 7.93 3.83 -34.70
CA THR L 539 7.08 4.57 -35.64
C THR L 539 7.83 5.84 -36.02
N ASP L 540 7.32 6.54 -37.03
CA ASP L 540 7.99 7.74 -37.51
C ASP L 540 8.00 8.83 -36.45
N MET L 541 6.92 8.95 -35.69
CA MET L 541 6.90 9.97 -34.64
C MET L 541 7.95 9.66 -33.57
N THR L 542 8.13 8.39 -33.23
CA THR L 542 9.16 8.01 -32.27
C THR L 542 10.56 8.27 -32.84
N PHE L 543 10.74 7.98 -34.12
CA PHE L 543 12.00 8.32 -34.78
C PHE L 543 12.30 9.81 -34.67
N LYS L 544 11.31 10.65 -34.97
CA LYS L 544 11.49 12.08 -34.87
C LYS L 544 11.81 12.50 -33.44
N ALA L 545 11.09 11.93 -32.47
CA ALA L 545 11.31 12.26 -31.07
C ALA L 545 12.73 11.90 -30.65
N LYS L 546 13.24 10.77 -31.10
CA LYS L 546 14.60 10.37 -30.74
C LYS L 546 15.63 11.29 -31.39
N LEU L 547 15.42 11.62 -32.67
CA LEU L 547 16.30 12.58 -33.32
C LEU L 547 16.38 13.87 -32.52
N PHE L 548 15.23 14.42 -32.14
CA PHE L 548 15.22 15.69 -31.42
C PHE L 548 15.84 15.54 -30.04
N ASP L 549 15.41 14.53 -29.28
CA ASP L 549 15.94 14.33 -27.93
C ASP L 549 17.44 14.17 -27.93
N ASN L 550 18.00 13.63 -29.00
CA ASN L 550 19.41 13.31 -28.99
C ASN L 550 20.27 14.33 -29.75
N HIS L 551 19.67 15.25 -30.50
CA HIS L 551 20.50 16.21 -31.20
C HIS L 551 20.13 17.67 -30.98
N LEU L 552 18.86 17.96 -30.75
CA LEU L 552 18.38 19.34 -30.77
C LEU L 552 19.12 20.19 -29.76
N GLY L 553 19.80 21.21 -30.25
CA GLY L 553 20.51 22.13 -29.38
C GLY L 553 21.87 21.60 -28.96
N LYS L 554 21.93 20.32 -28.61
CA LYS L 554 23.19 19.70 -28.23
C LYS L 554 24.15 19.61 -29.40
N SER L 555 23.64 19.69 -30.63
CA SER L 555 24.45 19.71 -31.84
C SER L 555 24.61 21.13 -32.32
N ALA L 556 25.29 21.29 -33.45
CA ALA L 556 25.51 22.61 -34.02
C ALA L 556 24.76 22.85 -35.32
N ASN L 557 24.62 21.83 -36.17
CA ASN L 557 23.98 21.98 -37.47
C ASN L 557 22.54 21.47 -37.49
N PHE L 558 22.20 20.51 -36.65
CA PHE L 558 20.83 20.03 -36.58
C PHE L 558 19.95 21.10 -35.97
N GLN L 559 18.79 21.33 -36.56
CA GLN L 559 17.92 22.39 -36.07
C GLN L 559 16.51 22.20 -36.62
N LYS L 560 15.59 23.02 -36.11
CA LYS L 560 14.18 22.91 -36.45
C LYS L 560 13.96 23.03 -37.95
N PRO L 561 12.80 22.58 -38.43
CA PRO L 561 12.44 22.83 -39.83
C PRO L 561 11.95 24.27 -40.00
N ARG L 562 11.60 24.60 -41.24
CA ARG L 562 11.02 25.89 -41.55
C ARG L 562 9.85 25.69 -42.50
N ASN L 563 8.77 26.43 -42.27
CA ASN L 563 7.57 26.37 -43.09
C ASN L 563 7.48 27.69 -43.86
N ILE L 564 7.75 27.65 -45.15
CA ILE L 564 7.77 28.84 -46.00
C ILE L 564 6.81 28.64 -47.15
N LYS L 565 6.08 29.71 -47.50
CA LYS L 565 5.16 29.75 -48.65
C LYS L 565 4.24 28.53 -48.70
N GLY L 566 3.92 27.97 -47.54
CA GLY L 566 3.06 26.81 -47.50
C GLY L 566 3.64 25.58 -48.15
N LYS L 567 4.93 25.32 -47.92
CA LYS L 567 5.56 24.11 -48.42
C LYS L 567 4.83 22.88 -47.89
N PRO L 568 5.02 21.71 -48.52
CA PRO L 568 4.28 20.52 -48.10
C PRO L 568 4.45 20.16 -46.63
N GLU L 569 5.68 19.89 -46.21
CA GLU L 569 5.95 19.44 -44.86
C GLU L 569 7.46 19.30 -44.68
N ALA L 570 7.91 19.44 -43.44
CA ALA L 570 9.29 19.17 -43.08
C ALA L 570 9.35 18.85 -41.61
N HIS L 571 10.12 17.82 -41.26
CA HIS L 571 10.21 17.38 -39.88
C HIS L 571 11.48 17.82 -39.18
N PHE L 572 12.58 17.98 -39.90
CA PHE L 572 13.77 18.57 -39.34
C PHE L 572 14.60 19.13 -40.48
N SER L 573 15.60 19.94 -40.12
CA SER L 573 16.45 20.57 -41.12
C SER L 573 17.91 20.41 -40.72
N LEU L 574 18.72 19.94 -41.65
CA LEU L 574 20.17 19.99 -41.56
C LEU L 574 20.67 21.16 -42.38
N ILE L 575 21.90 21.58 -42.10
CA ILE L 575 22.60 22.53 -42.95
C ILE L 575 23.79 21.80 -43.56
N HIS L 576 23.98 22.00 -44.85
CA HIS L 576 25.11 21.45 -45.57
C HIS L 576 25.93 22.60 -46.12
N TYR L 577 26.94 22.26 -46.94
CA TYR L 577 27.66 23.31 -47.65
C TYR L 577 26.75 24.00 -48.67
N ALA L 578 25.81 23.26 -49.23
CA ALA L 578 24.95 23.79 -50.30
C ALA L 578 23.67 24.42 -49.76
N GLY L 579 23.60 24.70 -48.48
CA GLY L 579 22.48 25.42 -47.90
C GLY L 579 21.74 24.59 -46.87
N ILE L 580 20.72 25.21 -46.29
CA ILE L 580 19.85 24.55 -45.34
C ILE L 580 18.86 23.66 -46.10
N VAL L 581 18.82 22.38 -45.75
CA VAL L 581 17.93 21.43 -46.39
C VAL L 581 16.96 20.90 -45.35
N ASP L 582 15.68 20.90 -45.69
CA ASP L 582 14.65 20.35 -44.82
C ASP L 582 14.26 18.98 -45.32
N TYR L 583 14.32 17.99 -44.44
CA TYR L 583 14.08 16.60 -44.79
C TYR L 583 12.79 16.12 -44.16
N ASN L 584 12.17 15.13 -44.81
CA ASN L 584 10.92 14.56 -44.35
C ASN L 584 11.15 13.14 -43.82
N ILE L 585 10.45 12.79 -42.73
CA ILE L 585 10.70 11.52 -42.07
C ILE L 585 9.85 10.41 -42.67
N ILE L 586 8.61 10.71 -43.02
CA ILE L 586 7.61 9.69 -43.32
C ILE L 586 8.11 8.64 -44.30
N GLY L 587 8.15 7.38 -43.87
CA GLY L 587 8.51 6.26 -44.71
C GLY L 587 9.92 5.73 -44.54
N TRP L 588 10.77 6.41 -43.76
CA TRP L 588 12.17 6.02 -43.70
C TRP L 588 12.35 4.64 -43.06
N LEU L 589 11.66 4.39 -41.94
CA LEU L 589 11.76 3.08 -41.30
C LEU L 589 11.40 1.98 -42.27
N GLN L 590 10.25 2.09 -42.93
CA GLN L 590 9.81 1.05 -43.83
C GLN L 590 10.74 0.89 -45.03
N LYS L 591 11.35 1.98 -45.49
CA LYS L 591 12.16 1.87 -46.69
C LYS L 591 13.61 1.53 -46.43
N ASN L 592 14.07 1.60 -45.18
CA ASN L 592 15.46 1.30 -44.89
C ASN L 592 15.71 -0.18 -44.62
N LYS L 593 14.66 -0.96 -44.36
CA LYS L 593 14.85 -2.36 -44.01
C LYS L 593 15.31 -3.15 -45.23
N ASP L 594 16.30 -4.02 -45.01
CA ASP L 594 16.87 -4.86 -46.07
C ASP L 594 17.11 -6.27 -45.53
N PRO L 595 16.06 -6.96 -45.06
CA PRO L 595 16.25 -8.33 -44.57
C PRO L 595 16.29 -9.33 -45.71
N LEU L 596 17.48 -9.83 -46.01
CA LEU L 596 17.65 -10.81 -47.07
C LEU L 596 17.33 -12.21 -46.56
N ASN L 597 16.62 -12.97 -47.38
CA ASN L 597 16.11 -14.29 -46.97
C ASN L 597 17.07 -15.37 -47.45
N GLU L 598 17.74 -16.02 -46.49
CA GLU L 598 18.84 -16.91 -46.80
C GLU L 598 18.37 -18.19 -47.47
N THR L 599 17.19 -18.70 -47.09
CA THR L 599 16.69 -19.91 -47.72
C THR L 599 16.39 -19.67 -49.18
N VAL L 600 15.74 -18.55 -49.50
CA VAL L 600 15.45 -18.26 -50.89
C VAL L 600 16.73 -17.95 -51.65
N VAL L 601 17.73 -17.38 -50.98
CA VAL L 601 19.01 -17.17 -51.65
C VAL L 601 19.64 -18.52 -52.01
N GLY L 602 19.53 -19.50 -51.12
CA GLY L 602 19.99 -20.84 -51.45
C GLY L 602 19.22 -21.43 -52.61
N LEU L 603 17.90 -21.24 -52.62
CA LEU L 603 17.10 -21.63 -53.77
C LEU L 603 17.65 -21.04 -55.06
N TYR L 604 17.99 -19.75 -55.04
CA TYR L 604 18.56 -19.14 -56.24
C TYR L 604 19.89 -19.78 -56.60
N GLN L 605 20.72 -20.09 -55.60
CA GLN L 605 21.97 -20.79 -55.88
C GLN L 605 21.70 -22.13 -56.55
N LYS L 606 20.55 -22.73 -56.28
CA LYS L 606 20.18 -24.02 -56.86
C LYS L 606 19.24 -23.89 -58.05
N SER L 607 19.30 -22.78 -58.77
CA SER L 607 18.38 -22.54 -59.87
C SER L 607 18.80 -23.33 -61.10
N SER L 608 17.99 -23.20 -62.16
CA SER L 608 18.28 -23.81 -63.46
C SER L 608 18.51 -22.74 -64.52
N LEU L 609 19.16 -21.65 -64.14
CA LEU L 609 19.31 -20.48 -65.01
C LEU L 609 20.70 -19.89 -64.90
N LYS L 610 20.87 -18.66 -65.39
CA LYS L 610 22.05 -17.87 -65.06
C LYS L 610 21.97 -17.27 -63.67
N LEU L 611 20.78 -17.26 -63.07
CA LEU L 611 20.59 -16.68 -61.74
C LEU L 611 21.57 -17.26 -60.73
N LEU L 612 21.92 -18.53 -60.87
CA LEU L 612 22.83 -19.17 -59.94
C LEU L 612 24.22 -18.56 -59.98
N SER L 613 24.57 -17.86 -61.06
CA SER L 613 25.83 -17.14 -61.07
C SER L 613 25.74 -15.84 -60.32
N THR L 614 24.65 -15.09 -60.53
CA THR L 614 24.49 -13.82 -59.83
C THR L 614 24.43 -14.03 -58.33
N LEU L 615 23.69 -15.05 -57.88
CA LEU L 615 23.56 -15.36 -56.46
C LEU L 615 24.53 -16.46 -56.05
N PHE L 616 25.74 -16.46 -56.62
CA PHE L 616 26.67 -17.58 -56.47
C PHE L 616 26.81 -18.00 -55.01
N ALA L 617 27.03 -17.04 -54.12
CA ALA L 617 27.12 -17.31 -52.69
C ALA L 617 26.93 -15.99 -51.99
N ASN L 618 25.81 -15.83 -51.28
CA ASN L 618 25.61 -14.61 -50.52
C ASN L 618 24.73 -14.89 -49.33
N TYR L 619 24.84 -14.02 -48.34
CA TYR L 619 24.12 -14.16 -47.08
C TYR L 619 23.09 -13.07 -46.93
N GLY L 629 32.82 -17.13 -34.82
CA GLY L 629 33.93 -18.06 -34.95
C GLY L 629 35.21 -17.36 -35.36
N LYS L 630 36.25 -17.51 -34.54
CA LYS L 630 37.56 -16.89 -34.73
C LYS L 630 37.48 -15.37 -34.82
N GLY L 631 36.31 -14.80 -34.54
CA GLY L 631 36.09 -13.38 -34.71
C GLY L 631 35.34 -13.14 -36.00
N LYS L 632 34.03 -12.97 -35.91
CA LYS L 632 33.20 -12.86 -37.08
C LYS L 632 32.34 -11.61 -36.99
N ALA L 633 32.45 -10.77 -38.02
CA ALA L 633 31.62 -9.59 -38.17
C ALA L 633 30.35 -9.88 -38.97
N LYS L 634 29.91 -11.13 -38.98
CA LYS L 634 28.74 -11.51 -39.77
C LYS L 634 27.50 -10.89 -39.15
N LYS L 635 27.08 -9.75 -39.67
CA LYS L 635 25.80 -9.20 -39.26
C LYS L 635 24.70 -10.10 -39.81
N GLY L 636 23.64 -10.26 -39.03
CA GLY L 636 22.59 -11.17 -39.40
C GLY L 636 21.91 -10.77 -40.69
N SER L 637 20.99 -11.61 -41.12
CA SER L 637 20.20 -11.28 -42.29
C SER L 637 19.18 -10.19 -41.97
N SER L 638 18.69 -10.17 -40.72
CA SER L 638 17.70 -9.18 -40.34
C SER L 638 18.33 -7.84 -39.98
N PHE L 639 19.56 -7.84 -39.49
CA PHE L 639 20.23 -6.59 -39.08
C PHE L 639 20.91 -5.94 -40.27
N GLN L 640 20.15 -5.76 -41.35
CA GLN L 640 20.66 -5.19 -42.58
C GLN L 640 19.90 -3.92 -42.89
N THR L 641 20.63 -2.86 -43.23
CA THR L 641 20.00 -1.59 -43.54
C THR L 641 20.67 -0.94 -44.74
N VAL L 642 19.83 -0.41 -45.63
CA VAL L 642 20.30 0.30 -46.81
C VAL L 642 21.30 1.37 -46.43
N SER L 643 21.05 2.06 -45.32
CA SER L 643 21.97 3.10 -44.88
C SER L 643 23.33 2.53 -44.53
N ALA L 644 23.36 1.35 -43.90
CA ALA L 644 24.64 0.76 -43.51
C ALA L 644 25.42 0.27 -44.73
N LEU L 645 24.74 -0.41 -45.65
CA LEU L 645 25.40 -0.82 -46.89
C LEU L 645 25.92 0.39 -47.64
N HIS L 646 25.16 1.48 -47.63
CA HIS L 646 25.56 2.69 -48.31
C HIS L 646 26.79 3.31 -47.65
N ARG L 647 26.83 3.32 -46.32
CA ARG L 647 28.00 3.86 -45.64
C ARG L 647 29.24 3.04 -45.96
N GLU L 648 29.09 1.71 -46.02
CA GLU L 648 30.23 0.87 -46.39
C GLU L 648 30.72 1.16 -47.81
N ASN L 649 29.79 1.26 -48.76
CA ASN L 649 30.17 1.53 -50.14
C ASN L 649 30.85 2.88 -50.27
N LEU L 650 30.32 3.89 -49.58
CA LEU L 650 30.94 5.20 -49.61
C LEU L 650 32.34 5.16 -49.02
N ASN L 651 32.52 4.39 -47.95
CA ASN L 651 33.86 4.25 -47.38
C ASN L 651 34.82 3.69 -48.41
N LYS L 652 34.42 2.63 -49.12
CA LYS L 652 35.37 2.04 -50.07
C LYS L 652 35.58 2.91 -51.31
N LEU L 653 34.58 3.67 -51.73
CA LEU L 653 34.79 4.62 -52.81
C LEU L 653 35.78 5.70 -52.40
N MET L 654 35.67 6.21 -51.17
CA MET L 654 36.66 7.16 -50.69
C MET L 654 38.04 6.52 -50.64
N THR L 655 38.13 5.26 -50.23
CA THR L 655 39.43 4.61 -50.23
C THR L 655 40.00 4.44 -51.62
N ASN L 656 39.15 4.30 -52.64
CA ASN L 656 39.69 4.24 -53.99
C ASN L 656 40.11 5.60 -54.52
N LEU L 657 39.40 6.66 -54.15
CA LEU L 657 39.76 7.98 -54.66
C LEU L 657 40.94 8.60 -53.93
N ARG L 658 41.06 8.39 -52.62
CA ARG L 658 42.04 9.10 -51.83
C ARG L 658 43.47 8.69 -52.13
N SER L 659 43.67 7.71 -53.01
CA SER L 659 45.01 7.32 -53.42
C SER L 659 45.45 7.98 -54.73
N THR L 660 44.59 8.80 -55.34
CA THR L 660 44.88 9.44 -56.61
C THR L 660 44.80 10.95 -56.48
N HIS L 661 45.70 11.64 -57.16
CA HIS L 661 45.67 13.11 -57.18
C HIS L 661 44.49 13.58 -58.01
N PRO L 662 43.55 14.32 -57.44
CA PRO L 662 42.27 14.56 -58.11
C PRO L 662 42.23 15.84 -58.92
N HIS L 663 41.29 15.86 -59.86
CA HIS L 663 40.99 17.06 -60.65
C HIS L 663 39.50 17.15 -60.84
N PHE L 664 39.00 18.39 -60.94
CA PHE L 664 37.57 18.66 -60.81
C PHE L 664 37.06 19.46 -62.00
N VAL L 665 35.90 19.04 -62.52
CA VAL L 665 35.28 19.68 -63.68
C VAL L 665 33.84 20.01 -63.32
N ARG L 666 33.45 21.25 -63.53
CA ARG L 666 32.13 21.74 -63.15
C ARG L 666 31.34 22.12 -64.39
N CYS L 667 30.19 21.50 -64.58
CA CYS L 667 29.33 21.76 -65.73
C CYS L 667 28.06 22.46 -65.28
N ILE L 668 27.74 23.57 -65.95
CA ILE L 668 26.57 24.38 -65.61
C ILE L 668 25.69 24.51 -66.85
N ILE L 669 24.40 24.31 -66.66
CA ILE L 669 23.43 24.64 -67.71
C ILE L 669 23.17 26.14 -67.66
N PRO L 670 23.19 26.85 -68.81
CA PRO L 670 22.98 28.30 -68.77
C PRO L 670 21.51 28.66 -68.60
N ASN L 671 20.63 27.86 -69.22
CA ASN L 671 19.20 28.10 -69.15
C ASN L 671 18.47 26.79 -69.41
N GLU L 672 17.26 26.69 -68.86
CA GLU L 672 16.47 25.49 -69.06
C GLU L 672 16.01 25.34 -70.50
N THR L 673 15.81 26.45 -71.20
CA THR L 673 15.44 26.41 -72.60
C THR L 673 16.66 26.13 -73.45
N LYS L 674 16.44 25.48 -74.58
CA LYS L 674 17.55 25.18 -75.47
C LYS L 674 18.04 26.40 -76.22
N SER L 675 17.38 27.55 -76.05
CA SER L 675 17.83 28.80 -76.64
C SER L 675 19.10 29.27 -75.96
N PRO L 676 20.21 29.45 -76.68
CA PRO L 676 21.44 29.94 -76.05
C PRO L 676 21.37 31.42 -75.69
N GLY L 677 22.47 31.94 -75.17
CA GLY L 677 22.59 33.36 -74.87
C GLY L 677 21.82 33.78 -73.64
N VAL L 678 20.49 33.67 -73.70
CA VAL L 678 19.67 34.03 -72.55
C VAL L 678 19.79 32.94 -71.49
N MET L 679 19.89 33.35 -70.24
CA MET L 679 20.18 32.44 -69.14
C MET L 679 19.06 32.53 -68.11
N ASP L 680 19.31 31.94 -66.94
CA ASP L 680 18.40 32.03 -65.81
C ASP L 680 19.26 32.15 -64.55
N ASN L 681 19.31 33.36 -64.00
CA ASN L 681 20.10 33.61 -62.79
C ASN L 681 19.75 32.68 -61.63
N PRO L 682 18.48 32.35 -61.34
CA PRO L 682 18.23 31.39 -60.27
C PRO L 682 18.86 30.04 -60.53
N LEU L 683 18.80 29.55 -61.76
CA LEU L 683 19.42 28.27 -62.08
C LEU L 683 20.93 28.34 -61.95
N VAL L 684 21.51 29.49 -62.33
CA VAL L 684 22.96 29.64 -62.17
C VAL L 684 23.33 29.60 -60.69
N MET L 685 22.62 30.35 -59.85
CA MET L 685 22.91 30.32 -58.42
C MET L 685 22.74 28.93 -57.84
N HIS L 686 21.69 28.23 -58.27
CA HIS L 686 21.45 26.89 -57.77
C HIS L 686 22.62 25.98 -58.10
N GLN L 687 23.10 26.03 -59.35
CA GLN L 687 24.22 25.20 -59.72
C GLN L 687 25.47 25.57 -58.94
N LEU L 688 25.71 26.88 -58.75
CA LEU L 688 26.90 27.31 -58.03
C LEU L 688 26.90 26.81 -56.59
N ARG L 689 25.78 26.99 -55.89
CA ARG L 689 25.68 26.54 -54.51
C ARG L 689 25.79 25.02 -54.42
N CYS L 690 24.95 24.31 -55.16
CA CYS L 690 24.96 22.85 -55.09
C CYS L 690 26.25 22.24 -55.60
N ASN L 691 27.06 23.01 -56.32
CA ASN L 691 28.30 22.49 -56.86
C ASN L 691 29.49 22.76 -55.96
N GLY L 692 29.47 23.87 -55.23
CA GLY L 692 30.56 24.15 -54.31
C GLY L 692 31.65 25.03 -54.86
N VAL L 693 31.45 25.62 -56.03
CA VAL L 693 32.35 26.68 -56.48
C VAL L 693 32.33 27.84 -55.49
N LEU L 694 31.14 28.16 -54.97
CA LEU L 694 31.03 29.20 -53.96
C LEU L 694 31.76 28.81 -52.70
N GLU L 695 31.74 27.53 -52.34
CA GLU L 695 32.49 27.09 -51.17
C GLU L 695 33.99 27.18 -51.41
N GLY L 696 34.43 26.89 -52.63
CA GLY L 696 35.84 27.07 -52.95
C GLY L 696 36.27 28.52 -52.81
N ILE L 697 35.52 29.44 -53.42
CA ILE L 697 35.88 30.86 -53.31
C ILE L 697 35.77 31.31 -51.87
N ARG L 698 34.91 30.67 -51.07
CA ARG L 698 34.80 31.07 -49.67
C ARG L 698 35.99 30.59 -48.87
N ILE L 699 36.47 29.38 -49.13
CA ILE L 699 37.72 28.93 -48.50
C ILE L 699 38.86 29.87 -48.89
N CYS L 700 38.86 30.35 -50.14
CA CYS L 700 39.86 31.32 -50.54
C CYS L 700 39.70 32.64 -49.76
N ARG L 701 38.46 33.05 -49.52
CA ARG L 701 38.20 34.37 -48.96
C ARG L 701 38.74 34.55 -47.55
N LYS L 702 39.24 33.48 -46.93
CA LYS L 702 39.81 33.62 -45.59
C LYS L 702 41.30 33.92 -45.61
N GLY L 703 41.98 33.67 -46.73
CA GLY L 703 43.39 34.00 -46.83
C GLY L 703 43.62 35.27 -47.62
N PHE L 704 44.56 35.24 -48.56
CA PHE L 704 44.78 36.35 -49.50
C PHE L 704 44.54 35.82 -50.90
N PRO L 705 43.40 36.07 -51.50
CA PRO L 705 43.10 35.49 -52.82
C PRO L 705 43.73 36.27 -53.96
N ASN L 706 43.88 37.59 -53.79
CA ASN L 706 44.53 38.43 -54.80
C ASN L 706 46.04 38.33 -54.58
N ARG L 707 46.73 37.66 -55.50
CA ARG L 707 48.13 37.33 -55.36
C ARG L 707 48.86 37.71 -56.63
N ILE L 708 49.68 38.76 -56.56
CA ILE L 708 50.34 39.33 -57.73
C ILE L 708 51.81 39.57 -57.40
N LEU L 709 52.65 39.43 -58.42
CA LEU L 709 54.09 39.62 -58.30
C LEU L 709 54.42 41.09 -58.08
N TYR L 710 55.71 41.38 -57.95
CA TYR L 710 56.18 42.74 -57.68
C TYR L 710 56.37 43.56 -58.95
N GLY L 711 56.77 42.93 -60.05
CA GLY L 711 57.11 43.69 -61.25
C GLY L 711 55.91 44.39 -61.85
N ASP L 712 54.84 43.63 -62.12
CA ASP L 712 53.63 44.23 -62.67
C ASP L 712 52.98 45.15 -61.64
N PHE L 713 53.11 44.81 -60.36
CA PHE L 713 52.68 45.72 -59.29
C PHE L 713 53.33 47.09 -59.45
N ARG L 714 54.65 47.12 -59.66
CA ARG L 714 55.34 48.38 -59.91
C ARG L 714 54.82 49.04 -61.17
N GLN L 715 54.86 48.32 -62.30
CA GLN L 715 54.47 48.91 -63.58
C GLN L 715 53.04 49.46 -63.56
N ARG L 716 52.20 49.03 -62.62
CA ARG L 716 50.84 49.52 -62.55
C ARG L 716 50.59 50.52 -61.44
N TYR L 717 51.46 50.60 -60.42
CA TYR L 717 51.19 51.46 -59.28
C TYR L 717 52.38 52.34 -58.90
N ARG L 718 53.37 52.49 -59.79
CA ARG L 718 54.52 53.30 -59.47
C ARG L 718 54.27 54.79 -59.63
N ILE L 719 53.29 55.18 -60.46
CA ILE L 719 53.01 56.59 -60.66
C ILE L 719 52.41 57.22 -59.42
N LEU L 720 51.89 56.41 -58.49
CA LEU L 720 51.42 56.93 -57.21
C LEU L 720 52.56 57.57 -56.44
N ASN L 721 53.73 56.93 -56.42
CA ASN L 721 54.94 57.45 -55.79
C ASN L 721 56.11 57.16 -56.72
N PRO L 722 56.27 57.92 -57.80
CA PRO L 722 57.29 57.59 -58.79
C PRO L 722 58.70 57.86 -58.26
N ALA L 723 59.60 56.93 -58.56
CA ALA L 723 60.99 57.04 -58.15
C ALA L 723 61.90 57.27 -59.35
N SER L 733 64.08 45.81 -54.47
CA SER L 733 62.69 45.95 -54.87
C SER L 733 61.79 45.99 -53.65
N ARG L 734 62.33 45.55 -52.51
CA ARG L 734 61.56 45.58 -51.27
C ARG L 734 61.54 46.99 -50.68
N LYS L 735 62.62 47.76 -50.86
CA LYS L 735 62.68 49.08 -50.23
C LYS L 735 61.75 50.07 -50.92
N GLY L 736 61.73 50.10 -52.25
CA GLY L 736 60.82 51.00 -52.96
C GLY L 736 59.37 50.58 -52.80
N ALA L 737 59.10 49.28 -52.89
CA ALA L 737 57.75 48.78 -52.63
C ALA L 737 57.30 49.16 -51.22
N GLU L 738 58.18 49.00 -50.23
CA GLU L 738 57.81 49.30 -48.86
C GLU L 738 57.59 50.79 -48.67
N LYS L 739 58.41 51.63 -49.31
CA LYS L 739 58.21 53.07 -49.23
C LYS L 739 56.86 53.45 -49.80
N LEU L 740 56.51 52.89 -50.97
CA LEU L 740 55.22 53.17 -51.57
C LEU L 740 54.08 52.68 -50.67
N LEU L 741 54.24 51.51 -50.05
CA LEU L 741 53.18 50.96 -49.22
C LEU L 741 52.98 51.81 -47.95
N SER L 742 54.06 52.21 -47.32
CA SER L 742 53.93 53.09 -46.15
C SER L 742 53.34 54.43 -46.55
N SER L 743 53.65 54.91 -47.75
CA SER L 743 53.06 56.15 -48.27
C SER L 743 51.73 55.92 -48.99
N LEU L 744 51.16 54.72 -48.89
CA LEU L 744 49.80 54.45 -49.35
C LEU L 744 48.84 54.12 -48.20
N ASP L 745 49.29 54.27 -46.95
CA ASP L 745 48.44 54.08 -45.78
C ASP L 745 47.81 52.68 -45.77
N ILE L 746 48.64 51.67 -45.98
CA ILE L 746 48.21 50.29 -45.91
C ILE L 746 48.61 49.69 -44.57
N ASP L 747 47.67 49.01 -43.91
CA ASP L 747 47.99 48.40 -42.63
C ASP L 747 48.79 47.13 -42.83
N HIS L 748 49.44 46.68 -41.75
CA HIS L 748 50.31 45.51 -41.84
C HIS L 748 49.53 44.25 -42.12
N ASN L 749 48.52 43.97 -41.28
CA ASN L 749 47.77 42.73 -41.38
C ASN L 749 46.96 42.62 -42.67
N GLN L 750 46.81 43.71 -43.43
CA GLN L 750 46.01 43.67 -44.63
C GLN L 750 46.76 43.12 -45.83
N TYR L 751 48.08 43.18 -45.83
CA TYR L 751 48.89 42.63 -46.91
C TYR L 751 49.94 41.70 -46.32
N LYS L 752 50.33 40.70 -47.09
CA LYS L 752 51.37 39.77 -46.67
C LYS L 752 52.53 39.88 -47.66
N PHE L 753 53.70 40.22 -47.14
CA PHE L 753 54.85 40.50 -47.99
C PHE L 753 55.54 39.19 -48.39
N GLY L 754 55.53 38.88 -49.68
CA GLY L 754 56.18 37.71 -50.21
C GLY L 754 57.47 38.07 -50.93
N HIS L 755 58.20 37.04 -51.33
CA HIS L 755 59.50 37.24 -51.95
C HIS L 755 59.47 37.19 -53.47
N THR L 756 58.40 36.67 -54.07
CA THR L 756 58.15 36.85 -55.49
C THR L 756 56.85 37.57 -55.76
N LYS L 757 55.83 37.35 -54.92
CA LYS L 757 54.56 38.03 -55.02
C LYS L 757 54.16 38.53 -53.63
N VAL L 758 53.61 39.74 -53.59
CA VAL L 758 53.12 40.33 -52.35
C VAL L 758 51.59 40.28 -52.35
N PHE L 759 51.03 39.75 -51.27
CA PHE L 759 49.63 39.31 -51.24
C PHE L 759 48.72 40.42 -50.69
N PHE L 760 47.62 40.68 -51.41
CA PHE L 760 46.68 41.73 -51.05
C PHE L 760 45.25 41.19 -51.06
N LYS L 761 44.37 41.91 -50.37
CA LYS L 761 42.97 41.53 -50.26
C LYS L 761 42.08 42.44 -51.10
N ALA L 762 40.77 42.18 -51.00
CA ALA L 762 39.79 42.92 -51.78
C ALA L 762 39.84 44.42 -51.49
N GLY L 763 39.84 44.77 -50.20
CA GLY L 763 39.89 46.18 -49.84
C GLY L 763 41.15 46.87 -50.31
N LEU L 764 42.28 46.16 -50.24
CA LEU L 764 43.54 46.73 -50.70
C LEU L 764 43.50 46.98 -52.21
N LEU L 765 42.98 46.02 -52.98
CA LEU L 765 42.84 46.24 -54.41
C LEU L 765 41.92 47.42 -54.70
N GLY L 766 40.80 47.52 -53.98
CA GLY L 766 39.90 48.64 -54.20
C GLY L 766 40.54 49.98 -53.91
N LEU L 767 41.28 50.07 -52.79
CA LEU L 767 41.90 51.32 -52.41
C LEU L 767 43.02 51.71 -53.37
N LEU L 768 43.82 50.73 -53.81
CA LEU L 768 44.87 51.03 -54.79
C LEU L 768 44.27 51.46 -56.12
N GLU L 769 43.16 50.81 -56.53
CA GLU L 769 42.45 51.24 -57.73
C GLU L 769 41.98 52.68 -57.60
N GLU L 770 41.41 53.04 -56.44
CA GLU L 770 40.88 54.38 -56.26
C GLU L 770 41.98 55.42 -56.29
N MET L 771 43.12 55.14 -55.63
CA MET L 771 44.18 56.12 -55.62
C MET L 771 44.87 56.22 -56.97
N ARG L 772 44.93 55.14 -57.74
CA ARG L 772 45.34 55.26 -59.14
C ARG L 772 44.38 56.15 -59.92
N ASP L 773 43.07 55.93 -59.75
CA ASP L 773 42.09 56.71 -60.49
C ASP L 773 42.22 58.20 -60.20
N GLU L 774 42.42 58.56 -58.92
CA GLU L 774 42.63 59.97 -58.61
C GLU L 774 44.00 60.45 -59.05
N ARG L 775 44.99 59.54 -59.12
CA ARG L 775 46.29 59.90 -59.68
C ARG L 775 46.15 60.30 -61.15
N LEU L 776 45.24 59.66 -61.87
CA LEU L 776 44.96 60.04 -63.26
C LEU L 776 43.93 61.16 -63.30
N MET M 1 102.61 -4.12 -51.92
CA MET M 1 101.23 -4.22 -52.42
C MET M 1 101.21 -4.66 -53.88
N ALA M 2 102.40 -4.84 -54.45
CA ALA M 2 102.52 -5.37 -55.81
C ALA M 2 102.52 -6.89 -55.86
N VAL M 3 102.74 -7.56 -54.72
CA VAL M 3 102.77 -9.02 -54.68
C VAL M 3 101.43 -9.62 -55.08
N PHE M 4 100.37 -8.81 -55.07
CA PHE M 4 99.02 -9.27 -55.35
C PHE M 4 98.64 -9.07 -56.81
N GLY M 5 99.62 -9.09 -57.72
CA GLY M 5 99.36 -9.04 -59.16
C GLY M 5 98.40 -7.94 -59.54
N ALA M 6 97.48 -8.29 -60.44
CA ALA M 6 96.45 -7.35 -60.90
C ALA M 6 95.23 -7.33 -60.00
N ALA M 7 95.05 -8.33 -59.14
CA ALA M 7 93.90 -8.39 -58.25
C ALA M 7 94.06 -7.54 -57.01
N ALA M 8 95.25 -6.98 -56.79
CA ALA M 8 95.54 -6.21 -55.58
C ALA M 8 94.45 -5.25 -55.15
N PRO M 9 93.83 -4.44 -56.01
CA PRO M 9 92.75 -3.57 -55.53
C PRO M 9 91.58 -4.33 -54.94
N TYR M 10 91.03 -5.29 -55.68
CA TYR M 10 89.88 -6.04 -55.18
C TYR M 10 90.22 -6.82 -53.93
N LEU M 11 91.45 -7.35 -53.86
CA LEU M 11 91.84 -8.13 -52.68
C LEU M 11 92.01 -7.22 -51.47
N ARG M 12 92.60 -6.03 -51.66
CA ARG M 12 92.77 -5.07 -50.58
C ARG M 12 93.12 -3.69 -51.12
N LYS M 13 92.40 -2.66 -50.66
CA LYS M 13 92.68 -1.30 -51.10
C LYS M 13 93.96 -0.78 -50.45
N SER M 14 94.62 0.14 -51.13
CA SER M 14 95.90 0.67 -50.69
C SER M 14 95.74 1.51 -49.42
N GLU M 15 96.82 1.59 -48.65
CA GLU M 15 96.83 2.42 -47.45
C GLU M 15 96.59 3.88 -47.81
N LYS M 16 97.12 4.32 -48.94
CA LYS M 16 96.91 5.71 -49.36
C LYS M 16 95.43 6.00 -49.54
N GLU M 17 94.74 5.16 -50.31
CA GLU M 17 93.30 5.33 -50.49
C GLU M 17 92.55 5.18 -49.18
N ARG M 18 93.01 4.28 -48.31
CA ARG M 18 92.41 4.16 -46.98
C ARG M 18 92.43 5.49 -46.26
N LEU M 19 93.59 6.13 -46.21
CA LEU M 19 93.71 7.41 -45.51
C LEU M 19 92.92 8.51 -46.22
N GLU M 20 92.90 8.49 -47.56
CA GLU M 20 92.14 9.50 -48.28
C GLU M 20 90.63 9.34 -48.05
N ALA M 21 90.19 8.13 -47.72
CA ALA M 21 88.80 7.92 -47.34
C ALA M 21 88.55 8.14 -45.86
N GLN M 22 89.61 8.11 -45.03
CA GLN M 22 89.42 8.34 -43.60
C GLN M 22 88.87 9.74 -43.34
N THR M 23 89.30 10.72 -44.11
CA THR M 23 88.87 12.10 -43.92
C THR M 23 87.41 12.21 -44.35
N ARG M 24 86.49 12.18 -43.38
CA ARG M 24 85.07 12.33 -43.67
C ARG M 24 84.36 12.69 -42.38
N PRO M 25 83.46 13.67 -42.41
CA PRO M 25 82.75 14.05 -41.19
C PRO M 25 81.71 13.00 -40.80
N PHE M 26 81.64 12.72 -39.51
CA PHE M 26 80.65 11.80 -38.96
C PHE M 26 80.35 12.21 -37.54
N ASP M 27 79.09 12.51 -37.25
CA ASP M 27 78.68 12.92 -35.92
C ASP M 27 78.34 11.68 -35.09
N LEU M 28 79.07 11.48 -34.00
CA LEU M 28 78.90 10.32 -33.15
C LEU M 28 77.63 10.38 -32.31
N LYS M 29 76.92 11.51 -32.32
CA LYS M 29 75.75 11.65 -31.44
C LYS M 29 74.43 11.52 -32.18
N LYS M 30 74.32 12.08 -33.38
CA LYS M 30 73.03 12.17 -34.06
C LYS M 30 73.03 11.50 -35.44
N ASP M 31 74.00 10.64 -35.73
CA ASP M 31 74.00 9.84 -36.95
C ASP M 31 73.96 8.35 -36.63
N VAL M 32 73.38 7.99 -35.49
CA VAL M 32 73.37 6.63 -34.98
C VAL M 32 72.47 5.75 -35.84
N PHE M 33 72.56 4.43 -35.66
CA PHE M 33 71.68 3.53 -36.41
C PHE M 33 70.25 3.63 -35.94
N VAL M 34 69.32 3.60 -36.89
CA VAL M 34 67.91 3.87 -36.64
C VAL M 34 67.06 2.82 -37.32
N PRO M 35 66.06 2.25 -36.62
CA PRO M 35 65.17 1.29 -37.26
C PRO M 35 64.43 1.92 -38.44
N ASP M 36 64.02 1.07 -39.37
CA ASP M 36 63.41 1.50 -40.61
C ASP M 36 62.17 0.66 -40.89
N ASP M 37 61.37 1.12 -41.86
CA ASP M 37 60.20 0.40 -42.34
C ASP M 37 60.49 -0.40 -43.61
N LYS M 38 60.95 0.27 -44.66
CA LYS M 38 61.24 -0.43 -45.91
C LYS M 38 62.39 -1.41 -45.74
N GLN M 39 63.36 -1.06 -44.91
CA GLN M 39 64.44 -1.94 -44.49
C GLN M 39 64.46 -1.98 -42.97
N GLU M 40 65.51 -2.57 -42.41
CA GLU M 40 65.59 -2.70 -40.96
C GLU M 40 66.24 -1.48 -40.31
N PHE M 41 67.30 -0.97 -40.93
CA PHE M 41 68.10 0.11 -40.40
C PHE M 41 68.65 0.89 -41.59
N VAL M 42 68.50 2.21 -41.56
CA VAL M 42 68.92 3.03 -42.67
C VAL M 42 69.79 4.17 -42.15
N LYS M 43 70.65 4.66 -43.03
CA LYS M 43 71.53 5.76 -42.69
C LYS M 43 70.71 7.05 -42.61
N ALA M 44 70.78 7.72 -41.47
CA ALA M 44 69.99 8.92 -41.26
C ALA M 44 70.68 9.79 -40.22
N LYS M 45 70.13 10.98 -40.03
CA LYS M 45 70.60 11.92 -39.02
C LYS M 45 69.43 12.34 -38.14
N ILE M 46 69.70 12.59 -36.87
CA ILE M 46 68.69 13.07 -35.93
C ILE M 46 68.90 14.54 -35.68
N VAL M 47 67.80 15.31 -35.64
CA VAL M 47 67.91 16.74 -35.39
C VAL M 47 68.14 17.01 -33.91
N SER M 48 67.42 16.30 -33.04
CA SER M 48 67.55 16.51 -31.60
C SER M 48 66.87 15.36 -30.87
N ARG M 49 67.21 15.21 -29.59
CA ARG M 49 66.60 14.21 -28.71
C ARG M 49 65.53 14.91 -27.88
N GLU M 50 64.40 15.19 -28.53
CA GLU M 50 63.29 15.89 -27.87
C GLU M 50 62.45 14.87 -27.11
N GLY M 51 62.89 14.59 -25.88
CA GLY M 51 62.15 13.71 -25.00
C GLY M 51 62.03 12.32 -25.61
N GLY M 52 60.79 11.90 -25.85
CA GLY M 52 60.51 10.70 -26.59
C GLY M 52 60.37 10.90 -28.09
N LYS M 53 60.69 12.10 -28.58
CA LYS M 53 60.55 12.42 -29.99
C LYS M 53 61.91 12.72 -30.59
N VAL M 54 62.23 12.03 -31.69
CA VAL M 54 63.40 12.33 -32.51
C VAL M 54 62.92 12.35 -33.96
N THR M 55 63.77 12.84 -34.85
CA THR M 55 63.44 12.93 -36.27
C THR M 55 64.64 12.48 -37.08
N ALA M 56 64.49 11.37 -37.80
CA ALA M 56 65.57 10.82 -38.61
C ALA M 56 65.45 11.35 -40.03
N GLU M 57 66.47 12.09 -40.47
CA GLU M 57 66.55 12.57 -41.85
C GLU M 57 67.45 11.61 -42.62
N THR M 58 66.82 10.71 -43.37
CA THR M 58 67.55 9.73 -44.16
C THR M 58 67.94 10.30 -45.51
N GLU M 59 68.57 9.47 -46.34
CA GLU M 59 68.90 9.87 -47.70
C GLU M 59 67.66 9.99 -48.57
N TYR M 60 66.64 9.18 -48.32
CA TYR M 60 65.43 9.16 -49.14
C TYR M 60 64.53 10.37 -48.91
N GLY M 61 64.89 11.26 -47.98
CA GLY M 61 64.07 12.41 -47.68
C GLY M 61 63.01 12.19 -46.62
N LYS M 62 63.08 11.09 -45.89
CA LYS M 62 62.07 10.80 -44.88
C LYS M 62 62.48 11.35 -43.52
N THR M 63 61.48 11.63 -42.69
CA THR M 63 61.65 12.29 -41.39
C THR M 63 60.88 11.55 -40.30
N VAL M 64 61.04 10.23 -40.25
CA VAL M 64 60.28 9.44 -39.28
C VAL M 64 60.85 9.59 -37.88
N THR M 65 59.99 9.39 -36.89
CA THR M 65 60.38 9.36 -35.48
C THR M 65 60.48 7.92 -35.01
N VAL M 66 61.55 7.61 -34.28
CA VAL M 66 61.72 6.29 -33.66
C VAL M 66 61.95 6.48 -32.18
N LYS M 67 61.65 5.42 -31.42
CA LYS M 67 61.65 5.52 -29.97
C LYS M 67 63.08 5.47 -29.44
N GLU M 68 63.32 6.17 -28.33
CA GLU M 68 64.66 6.27 -27.75
C GLU M 68 65.19 4.95 -27.24
N ASP M 69 64.40 3.89 -27.26
CA ASP M 69 64.83 2.58 -26.78
C ASP M 69 65.33 1.66 -27.90
N GLN M 70 65.34 2.13 -29.14
CA GLN M 70 65.74 1.28 -30.27
C GLN M 70 66.79 1.95 -31.14
N VAL M 71 67.60 2.82 -30.56
CA VAL M 71 68.64 3.53 -31.29
C VAL M 71 70.00 3.11 -30.76
N MET M 72 70.98 3.04 -31.66
CA MET M 72 72.32 2.58 -31.31
C MET M 72 73.31 3.20 -32.27
N GLN M 73 74.53 3.41 -31.78
CA GLN M 73 75.52 4.19 -32.51
C GLN M 73 75.87 3.53 -33.84
N GLN M 74 76.45 4.31 -34.73
CA GLN M 74 76.98 3.82 -35.99
C GLN M 74 78.49 3.67 -35.87
N ASN M 75 79.03 2.74 -36.66
CA ASN M 75 80.47 2.47 -36.61
C ASN M 75 81.25 3.73 -36.97
N PRO M 76 82.31 4.04 -36.23
CA PRO M 76 83.09 5.23 -36.55
C PRO M 76 83.78 5.09 -37.90
N PRO M 77 84.12 6.21 -38.55
CA PRO M 77 84.78 6.11 -39.86
C PRO M 77 86.19 5.55 -39.77
N LYS M 78 86.92 5.87 -38.71
CA LYS M 78 88.28 5.36 -38.55
C LYS M 78 88.31 3.85 -38.35
N PHE M 79 87.15 3.20 -38.30
CA PHE M 79 87.09 1.76 -38.10
C PHE M 79 86.05 1.12 -39.02
N ASP M 80 85.43 1.89 -39.91
CA ASP M 80 84.69 1.31 -41.02
C ASP M 80 85.63 0.55 -41.95
N LYS M 81 85.03 -0.23 -42.86
CA LYS M 81 85.76 -1.02 -43.85
C LYS M 81 86.74 -2.00 -43.21
N ILE M 82 86.48 -2.37 -41.94
CA ILE M 82 87.41 -3.23 -41.21
C ILE M 82 87.35 -4.64 -41.78
N GLU M 83 88.53 -5.27 -41.91
CA GLU M 83 88.57 -6.62 -42.48
C GLU M 83 87.93 -7.63 -41.53
N ASP M 84 88.18 -7.49 -40.22
CA ASP M 84 87.71 -8.44 -39.23
C ASP M 84 86.52 -7.84 -38.50
N MET M 85 85.33 -8.39 -38.75
CA MET M 85 84.13 -7.89 -38.09
C MET M 85 84.25 -7.98 -36.58
N ALA M 86 85.03 -8.95 -36.09
CA ALA M 86 85.20 -9.11 -34.65
C ALA M 86 85.92 -7.93 -34.01
N MET M 87 86.73 -7.21 -34.77
CA MET M 87 87.48 -6.08 -34.27
C MET M 87 86.70 -4.77 -34.35
N LEU M 88 85.44 -4.82 -34.79
CA LEU M 88 84.63 -3.62 -34.86
C LEU M 88 84.51 -2.98 -33.48
N THR M 89 84.51 -1.65 -33.46
CA THR M 89 84.41 -0.95 -32.18
C THR M 89 83.03 -1.10 -31.57
N PHE M 90 81.99 -1.28 -32.38
CA PHE M 90 80.63 -1.45 -31.89
C PHE M 90 79.98 -2.58 -32.68
N LEU M 91 79.60 -3.65 -31.97
CA LEU M 91 79.10 -4.86 -32.59
C LEU M 91 77.57 -4.86 -32.50
N HIS M 92 76.93 -4.49 -33.60
CA HIS M 92 75.48 -4.47 -33.72
C HIS M 92 75.07 -5.40 -34.85
N GLU M 93 73.76 -5.64 -34.95
CA GLU M 93 73.27 -6.45 -36.07
C GLU M 93 73.39 -5.70 -37.39
N PRO M 94 72.73 -4.56 -37.60
CA PRO M 94 72.83 -3.88 -38.90
C PRO M 94 74.20 -3.26 -39.14
N ALA M 95 75.02 -3.15 -38.10
CA ALA M 95 76.38 -2.63 -38.27
C ALA M 95 77.16 -3.49 -39.26
N VAL M 96 77.19 -4.80 -39.03
CA VAL M 96 77.91 -5.69 -39.92
C VAL M 96 77.23 -5.75 -41.29
N LEU M 97 75.90 -5.61 -41.32
CA LEU M 97 75.20 -5.56 -42.59
C LEU M 97 75.72 -4.42 -43.45
N TYR M 98 75.79 -3.22 -42.87
CA TYR M 98 76.27 -2.08 -43.66
C TYR M 98 77.76 -2.19 -43.93
N ASN M 99 78.52 -2.80 -43.03
CA ASN M 99 79.93 -3.06 -43.29
C ASN M 99 80.09 -3.87 -44.59
N LEU M 100 79.45 -5.04 -44.65
CA LEU M 100 79.54 -5.85 -45.85
C LEU M 100 78.89 -5.16 -47.04
N LYS M 101 77.89 -4.31 -46.80
CA LYS M 101 77.26 -3.58 -47.89
C LYS M 101 78.25 -2.65 -48.57
N ASP M 102 78.93 -1.81 -47.78
CA ASP M 102 79.93 -0.94 -48.37
C ASP M 102 81.12 -1.73 -48.92
N ARG M 103 81.40 -2.89 -48.35
CA ARG M 103 82.53 -3.67 -48.86
C ARG M 103 82.22 -4.30 -50.21
N TYR M 104 80.96 -4.69 -50.44
CA TYR M 104 80.58 -5.22 -51.74
C TYR M 104 80.31 -4.12 -52.76
N GLY M 105 79.88 -2.94 -52.31
CA GLY M 105 79.82 -1.80 -53.21
C GLY M 105 81.20 -1.37 -53.67
N SER M 106 82.15 -1.29 -52.74
CA SER M 106 83.56 -1.10 -53.03
C SER M 106 84.20 -2.35 -53.62
N TRP M 107 83.44 -3.42 -53.79
CA TRP M 107 83.89 -4.62 -54.49
C TRP M 107 85.06 -5.30 -53.79
N MET M 108 84.90 -5.52 -52.49
CA MET M 108 85.75 -6.43 -51.74
C MET M 108 84.90 -7.62 -51.33
N ILE M 109 85.19 -8.78 -51.91
CA ILE M 109 84.35 -9.96 -51.70
C ILE M 109 84.56 -10.53 -50.29
N TYR M 110 85.77 -10.96 -50.00
CA TYR M 110 86.04 -11.75 -48.81
C TYR M 110 86.20 -10.84 -47.61
N THR M 111 85.73 -11.32 -46.46
CA THR M 111 85.79 -10.56 -45.21
C THR M 111 85.95 -11.51 -44.04
N TYR M 112 86.94 -11.24 -43.19
CA TYR M 112 87.13 -12.01 -41.97
C TYR M 112 86.11 -11.59 -40.92
N SER M 113 85.60 -12.55 -40.17
CA SER M 113 84.64 -12.29 -39.12
C SER M 113 84.95 -13.16 -37.90
N GLY M 114 86.20 -13.17 -37.50
CA GLY M 114 86.65 -13.96 -36.36
C GLY M 114 87.15 -15.35 -36.81
N LEU M 115 86.40 -16.39 -36.44
CA LEU M 115 86.73 -17.74 -36.85
C LEU M 115 86.04 -18.15 -38.15
N PHE M 116 85.25 -17.26 -38.74
CA PHE M 116 84.57 -17.52 -40.00
C PHE M 116 85.37 -16.98 -41.18
N CYS M 117 84.84 -17.25 -42.37
CA CYS M 117 85.29 -16.62 -43.61
C CYS M 117 84.05 -16.38 -44.46
N VAL M 118 83.64 -15.13 -44.58
CA VAL M 118 82.40 -14.78 -45.25
C VAL M 118 82.71 -14.38 -46.69
N THR M 119 81.86 -14.81 -47.62
CA THR M 119 82.10 -14.59 -49.04
C THR M 119 80.79 -14.31 -49.74
N VAL M 120 80.58 -13.07 -50.15
CA VAL M 120 79.47 -12.72 -51.04
C VAL M 120 79.95 -12.91 -52.47
N ASN M 121 79.16 -13.64 -53.26
CA ASN M 121 79.60 -13.98 -54.61
C ASN M 121 79.58 -12.75 -55.51
N PRO M 122 80.67 -12.43 -56.20
CA PRO M 122 80.59 -11.45 -57.28
C PRO M 122 79.99 -12.08 -58.53
N TYR M 123 79.21 -11.28 -59.24
CA TYR M 123 78.50 -11.77 -60.41
C TYR M 123 79.27 -11.62 -61.71
N LYS M 124 80.43 -10.96 -61.69
CA LYS M 124 81.26 -10.81 -62.88
C LYS M 124 82.67 -11.30 -62.58
N TRP M 125 83.41 -11.59 -63.64
CA TRP M 125 84.75 -12.14 -63.51
C TRP M 125 85.68 -11.12 -62.86
N LEU M 126 86.57 -11.61 -61.99
CA LEU M 126 87.61 -10.79 -61.40
C LEU M 126 88.97 -11.45 -61.58
N PRO M 127 90.04 -10.66 -61.59
CA PRO M 127 91.39 -11.23 -61.59
C PRO M 127 91.80 -11.86 -60.27
N VAL M 128 90.90 -11.91 -59.28
CA VAL M 128 91.23 -12.49 -57.99
C VAL M 128 91.38 -14.00 -58.06
N TYR M 129 90.90 -14.63 -59.13
CA TYR M 129 90.98 -16.07 -59.31
C TYR M 129 92.07 -16.46 -60.32
N THR M 130 92.95 -15.53 -60.67
CA THR M 130 94.06 -15.84 -61.55
C THR M 130 95.13 -16.62 -60.78
N PRO M 131 95.83 -17.54 -61.45
CA PRO M 131 96.80 -18.39 -60.73
C PRO M 131 97.96 -17.62 -60.12
N GLU M 132 98.13 -16.35 -60.46
CA GLU M 132 99.26 -15.60 -59.94
C GLU M 132 99.11 -15.36 -58.44
N VAL M 133 97.92 -14.95 -57.99
CA VAL M 133 97.72 -14.75 -56.56
C VAL M 133 97.79 -16.09 -55.83
N VAL M 134 97.34 -17.16 -56.49
CA VAL M 134 97.43 -18.50 -55.91
C VAL M 134 98.88 -18.83 -55.59
N ALA M 135 99.75 -18.73 -56.60
CA ALA M 135 101.17 -19.08 -56.40
C ALA M 135 101.86 -18.07 -55.47
N ALA M 136 101.47 -16.80 -55.54
CA ALA M 136 102.16 -15.76 -54.78
C ALA M 136 101.70 -15.68 -53.34
N TYR M 137 100.59 -16.32 -52.97
CA TYR M 137 100.22 -16.34 -51.57
C TYR M 137 101.15 -17.21 -50.76
N ARG M 138 101.75 -18.23 -51.38
CA ARG M 138 102.59 -19.16 -50.67
C ARG M 138 103.73 -18.43 -49.98
N GLY M 139 103.69 -18.40 -48.65
CA GLY M 139 104.68 -17.70 -47.85
C GLY M 139 104.13 -16.54 -47.04
N LYS M 140 102.84 -16.24 -47.13
CA LYS M 140 102.22 -15.18 -46.35
C LYS M 140 101.28 -15.78 -45.31
N LYS M 141 101.10 -15.05 -44.22
CA LYS M 141 100.41 -15.55 -43.04
C LYS M 141 98.93 -15.16 -43.04
N ARG M 142 98.16 -15.87 -42.21
CA ARG M 142 96.73 -15.60 -42.08
C ARG M 142 96.45 -14.30 -41.36
N SER M 143 97.21 -14.01 -40.30
CA SER M 143 96.91 -12.86 -39.45
C SER M 143 97.06 -11.55 -40.22
N GLU M 144 97.92 -11.50 -41.22
CA GLU M 144 98.22 -10.27 -41.95
C GLU M 144 97.55 -10.20 -43.32
N ALA M 145 97.55 -11.30 -44.07
CA ALA M 145 97.01 -11.27 -45.43
C ALA M 145 95.52 -10.95 -45.39
N PRO M 146 95.01 -10.21 -46.37
CA PRO M 146 93.59 -9.86 -46.38
C PRO M 146 92.74 -11.10 -46.60
N PRO M 147 91.46 -11.05 -46.23
CA PRO M 147 90.64 -12.26 -46.26
C PRO M 147 90.46 -12.83 -47.66
N HIS M 148 90.47 -14.16 -47.73
CA HIS M 148 90.21 -14.95 -48.92
C HIS M 148 90.22 -16.41 -48.51
N ILE M 149 89.51 -17.24 -49.29
CA ILE M 149 89.44 -18.65 -48.95
C ILE M 149 90.75 -19.38 -49.22
N PHE M 150 91.61 -18.85 -50.09
CA PHE M 150 92.92 -19.44 -50.24
C PHE M 150 93.70 -19.38 -48.93
N SER M 151 93.49 -18.32 -48.16
CA SER M 151 94.14 -18.20 -46.85
C SER M 151 93.76 -19.37 -45.96
N ILE M 152 92.46 -19.55 -45.72
CA ILE M 152 92.03 -20.61 -44.81
C ILE M 152 92.35 -21.98 -45.38
N SER M 153 92.38 -22.13 -46.71
CA SER M 153 92.79 -23.39 -47.30
C SER M 153 94.24 -23.71 -46.93
N ASP M 154 95.13 -22.73 -47.11
CA ASP M 154 96.53 -22.94 -46.75
C ASP M 154 96.69 -23.14 -45.25
N ASN M 155 95.90 -22.43 -44.44
CA ASN M 155 95.99 -22.58 -42.99
C ASN M 155 95.55 -23.98 -42.58
N ALA M 156 94.49 -24.50 -43.19
CA ALA M 156 94.09 -25.88 -42.94
C ALA M 156 95.18 -26.84 -43.36
N TYR M 157 95.80 -26.60 -44.53
CA TYR M 157 96.86 -27.49 -45.00
C TYR M 157 98.00 -27.54 -44.01
N GLN M 158 98.51 -26.37 -43.62
CA GLN M 158 99.66 -26.34 -42.72
C GLN M 158 99.29 -26.82 -41.32
N TYR M 159 98.05 -26.59 -40.88
CA TYR M 159 97.58 -27.18 -39.63
C TYR M 159 97.63 -28.69 -39.70
N MET M 160 97.13 -29.25 -40.80
CA MET M 160 97.23 -30.70 -41.01
C MET M 160 98.68 -31.15 -40.91
N LEU M 161 99.57 -30.42 -41.56
CA LEU M 161 100.95 -30.88 -41.65
C LEU M 161 101.69 -30.71 -40.32
N THR M 162 101.26 -29.79 -39.47
CA THR M 162 101.96 -29.61 -38.21
C THR M 162 101.37 -30.49 -37.10
N ASP M 163 100.04 -30.65 -37.09
CA ASP M 163 99.40 -31.40 -36.01
C ASP M 163 99.17 -32.87 -36.37
N ARG M 164 99.39 -33.25 -37.64
CA ARG M 164 99.20 -34.63 -38.09
C ARG M 164 97.77 -35.09 -37.82
N GLU M 165 96.81 -34.28 -38.28
CA GLU M 165 95.40 -34.53 -38.06
C GLU M 165 94.62 -34.09 -39.29
N ASN M 166 93.34 -34.46 -39.31
CA ASN M 166 92.47 -34.03 -40.39
C ASN M 166 91.87 -32.67 -40.08
N GLN M 167 91.46 -31.96 -41.13
CA GLN M 167 90.78 -30.69 -40.98
C GLN M 167 89.47 -30.76 -41.75
N SER M 168 88.57 -29.83 -41.45
CA SER M 168 87.24 -29.86 -42.04
C SER M 168 86.83 -28.48 -42.50
N ILE M 169 86.40 -28.37 -43.75
CA ILE M 169 85.93 -27.12 -44.34
C ILE M 169 84.42 -27.20 -44.44
N LEU M 170 83.73 -26.25 -43.82
CA LEU M 170 82.28 -26.28 -43.73
C LEU M 170 81.71 -25.11 -44.53
N ILE M 171 81.55 -25.30 -45.83
CA ILE M 171 81.00 -24.28 -46.71
C ILE M 171 79.49 -24.21 -46.52
N THR M 172 78.99 -23.03 -46.20
CA THR M 172 77.62 -22.86 -45.71
C THR M 172 76.91 -21.81 -46.53
N GLY M 173 75.94 -22.23 -47.33
CA GLY M 173 75.20 -21.32 -48.18
C GLY M 173 74.11 -22.05 -48.91
N GLU M 174 73.37 -21.30 -49.71
CA GLU M 174 72.27 -21.87 -50.48
C GLU M 174 72.76 -22.35 -51.83
N SER M 175 72.19 -23.46 -52.29
CA SER M 175 72.51 -23.95 -53.62
C SER M 175 72.08 -22.93 -54.67
N GLY M 176 72.98 -22.64 -55.60
CA GLY M 176 72.76 -21.58 -56.54
C GLY M 176 73.28 -20.22 -56.10
N ALA M 177 73.90 -20.13 -54.93
CA ALA M 177 74.57 -18.92 -54.48
C ALA M 177 76.09 -19.00 -54.64
N GLY M 178 76.58 -19.99 -55.38
CA GLY M 178 78.00 -20.09 -55.66
C GLY M 178 78.74 -21.18 -54.93
N LYS M 179 78.04 -22.08 -54.24
CA LYS M 179 78.72 -23.10 -53.45
C LYS M 179 79.53 -24.05 -54.32
N THR M 180 78.93 -24.51 -55.42
CA THR M 180 79.62 -25.40 -56.34
C THR M 180 80.95 -24.82 -56.79
N VAL M 181 80.92 -23.59 -57.29
CA VAL M 181 82.14 -23.00 -57.86
C VAL M 181 83.10 -22.62 -56.74
N ASN M 182 82.60 -22.31 -55.55
CA ASN M 182 83.49 -22.07 -54.42
C ASN M 182 84.29 -23.33 -54.09
N THR M 183 83.60 -24.46 -53.98
CA THR M 183 84.30 -25.71 -53.76
C THR M 183 85.21 -26.07 -54.92
N LYS M 184 84.82 -25.69 -56.14
CA LYS M 184 85.67 -25.95 -57.30
C LYS M 184 86.99 -25.21 -57.19
N ARG M 185 86.93 -23.93 -56.83
CA ARG M 185 88.16 -23.18 -56.68
C ARG M 185 88.97 -23.66 -55.47
N VAL M 186 88.29 -24.17 -54.44
CA VAL M 186 88.99 -24.80 -53.33
C VAL M 186 89.81 -25.98 -53.83
N ILE M 187 89.17 -26.89 -54.58
CA ILE M 187 89.88 -28.08 -55.02
C ILE M 187 90.96 -27.73 -56.03
N GLN M 188 90.75 -26.67 -56.82
CA GLN M 188 91.82 -26.19 -57.69
C GLN M 188 93.02 -25.73 -56.87
N TYR M 189 92.79 -24.92 -55.84
CA TYR M 189 93.91 -24.45 -55.02
C TYR M 189 94.61 -25.62 -54.36
N PHE M 190 93.86 -26.63 -53.93
CA PHE M 190 94.48 -27.79 -53.29
C PHE M 190 95.32 -28.58 -54.28
N ALA M 191 94.84 -28.75 -55.51
CA ALA M 191 95.66 -29.39 -56.54
C ALA M 191 96.91 -28.56 -56.83
N VAL M 192 96.77 -27.23 -56.81
CA VAL M 192 97.89 -26.35 -57.09
C VAL M 192 98.98 -26.53 -56.04
N ILE M 193 98.60 -26.45 -54.77
CA ILE M 193 99.56 -26.67 -53.69
C ILE M 193 99.97 -28.13 -53.57
N ALA M 194 99.30 -29.02 -54.31
CA ALA M 194 99.68 -30.42 -54.40
C ALA M 194 99.75 -31.10 -53.05
N LEU M 211 92.29 -34.50 -59.45
CA LEU M 211 91.15 -35.33 -59.78
C LEU M 211 89.87 -34.50 -59.77
N GLU M 212 90.04 -33.18 -59.82
CA GLU M 212 88.91 -32.26 -59.79
C GLU M 212 87.99 -32.48 -60.99
N ASP M 213 88.58 -32.74 -62.16
CA ASP M 213 87.78 -32.97 -63.36
C ASP M 213 86.81 -34.12 -63.15
N GLN M 214 87.26 -35.18 -62.48
CA GLN M 214 86.40 -36.33 -62.20
C GLN M 214 85.29 -35.94 -61.22
N ILE M 215 85.60 -35.11 -60.24
CA ILE M 215 84.58 -34.63 -59.30
C ILE M 215 83.48 -33.92 -60.05
N ILE M 216 83.85 -32.93 -60.88
CA ILE M 216 82.84 -32.18 -61.60
C ILE M 216 82.12 -33.06 -62.60
N GLN M 217 82.80 -34.06 -63.15
CA GLN M 217 82.20 -34.94 -64.15
C GLN M 217 81.13 -35.83 -63.54
N ALA M 218 81.39 -36.37 -62.35
CA ALA M 218 80.41 -37.20 -61.69
C ALA M 218 79.39 -36.39 -60.90
N ASN M 219 79.59 -35.09 -60.76
CA ASN M 219 78.65 -34.27 -60.03
C ASN M 219 77.22 -34.29 -60.56
N PRO M 220 76.96 -34.23 -61.88
CA PRO M 220 75.55 -34.24 -62.33
C PRO M 220 74.75 -35.42 -61.82
N ALA M 221 75.39 -36.56 -61.55
CA ALA M 221 74.68 -37.70 -60.98
C ALA M 221 74.09 -37.34 -59.62
N LEU M 222 74.92 -36.80 -58.73
CA LEU M 222 74.41 -36.40 -57.42
C LEU M 222 73.41 -35.26 -57.54
N GLU M 223 73.67 -34.33 -58.46
CA GLU M 223 72.72 -33.24 -58.68
C GLU M 223 71.35 -33.78 -59.07
N ALA M 224 71.32 -34.87 -59.83
CA ALA M 224 70.05 -35.50 -60.14
C ALA M 224 69.46 -36.17 -58.91
N PHE M 225 70.21 -37.10 -58.31
CA PHE M 225 69.67 -38.02 -57.34
C PHE M 225 69.54 -37.44 -55.94
N GLY M 226 69.91 -36.18 -55.74
CA GLY M 226 69.82 -35.61 -54.42
C GLY M 226 69.41 -34.16 -54.36
N ASN M 227 68.82 -33.66 -55.44
CA ASN M 227 68.35 -32.28 -55.49
C ASN M 227 66.88 -32.24 -55.87
N ALA M 228 66.16 -31.31 -55.26
CA ALA M 228 64.75 -31.15 -55.55
C ALA M 228 64.36 -29.69 -55.38
N LYS M 229 63.27 -29.31 -56.01
CA LYS M 229 62.83 -27.92 -55.98
C LYS M 229 62.13 -27.64 -54.67
N THR M 230 62.68 -26.71 -53.89
CA THR M 230 61.98 -26.08 -52.77
C THR M 230 61.50 -24.71 -53.22
N VAL M 231 60.95 -23.96 -52.28
CA VAL M 231 60.42 -22.64 -52.62
C VAL M 231 61.55 -21.62 -52.73
N ARG M 232 62.49 -21.65 -51.79
CA ARG M 232 63.59 -20.69 -51.81
C ARG M 232 64.59 -20.99 -52.91
N ASN M 233 64.59 -22.21 -53.46
CA ASN M 233 65.55 -22.58 -54.49
C ASN M 233 64.97 -23.65 -55.38
N ASP M 234 65.32 -23.61 -56.67
CA ASP M 234 64.88 -24.62 -57.63
C ASP M 234 65.89 -25.74 -57.82
N ASN M 235 67.07 -25.65 -57.22
CA ASN M 235 68.05 -26.73 -57.28
C ASN M 235 68.64 -26.96 -55.90
N SER M 236 67.77 -27.06 -54.91
CA SER M 236 68.19 -27.26 -53.53
C SER M 236 68.73 -28.66 -53.32
N SER M 237 69.80 -28.75 -52.53
CA SER M 237 70.36 -30.04 -52.16
C SER M 237 69.68 -30.54 -50.89
N ARG M 238 69.33 -31.82 -50.90
CA ARG M 238 68.70 -32.46 -49.75
C ARG M 238 69.65 -33.31 -48.94
N PHE M 239 70.57 -34.01 -49.60
CA PHE M 239 71.53 -34.85 -48.90
C PHE M 239 72.75 -34.03 -48.49
N GLY M 240 73.42 -34.49 -47.45
CA GLY M 240 74.63 -33.87 -46.96
C GLY M 240 75.89 -34.31 -47.66
N LYS M 241 76.14 -33.80 -48.87
CA LYS M 241 77.38 -34.11 -49.57
C LYS M 241 78.59 -33.69 -48.75
N PHE M 242 79.67 -34.46 -48.89
CA PHE M 242 80.87 -34.22 -48.09
C PHE M 242 82.03 -34.94 -48.76
N ILE M 243 82.97 -34.17 -49.30
CA ILE M 243 84.10 -34.72 -50.04
C ILE M 243 85.33 -34.74 -49.15
N ARG M 244 85.90 -35.93 -48.96
CA ARG M 244 87.16 -36.10 -48.22
C ARG M 244 88.31 -36.08 -49.22
N ILE M 245 89.21 -35.13 -49.06
CA ILE M 245 90.41 -35.02 -49.90
C ILE M 245 91.58 -35.57 -49.09
N HIS M 246 91.98 -36.80 -49.38
CA HIS M 246 93.10 -37.37 -48.65
C HIS M 246 94.42 -36.82 -49.16
N PHE M 247 95.49 -37.18 -48.46
CA PHE M 247 96.84 -36.83 -48.87
C PHE M 247 97.77 -37.97 -48.48
N GLY M 248 99.06 -37.77 -48.74
CA GLY M 248 100.07 -38.74 -48.39
C GLY M 248 100.84 -38.34 -47.16
N ALA M 249 101.98 -39.00 -46.97
CA ALA M 249 102.90 -38.61 -45.90
C ALA M 249 103.61 -37.31 -46.25
N THR M 250 103.97 -37.15 -47.51
CA THR M 250 104.60 -35.95 -48.03
C THR M 250 103.61 -34.82 -48.31
N GLY M 251 102.40 -34.92 -47.79
CA GLY M 251 101.41 -33.88 -48.00
C GLY M 251 101.06 -33.64 -49.44
N LYS M 252 101.27 -34.63 -50.30
CA LYS M 252 100.98 -34.50 -51.72
C LYS M 252 99.68 -35.22 -52.07
N LEU M 253 99.04 -34.75 -53.14
CA LEU M 253 97.71 -35.23 -53.50
C LEU M 253 97.72 -36.74 -53.71
N ALA M 254 96.89 -37.44 -52.94
CA ALA M 254 96.84 -38.90 -53.00
C ALA M 254 95.56 -39.42 -53.61
N SER M 255 94.40 -39.05 -53.06
CA SER M 255 93.11 -39.52 -53.55
C SER M 255 92.01 -38.72 -52.88
N ALA M 256 90.78 -38.93 -53.35
CA ALA M 256 89.62 -38.21 -52.83
C ALA M 256 88.52 -39.21 -52.47
N ASP M 257 87.84 -38.94 -51.36
CA ASP M 257 86.75 -39.77 -50.88
C ASP M 257 85.51 -38.92 -50.71
N ILE M 258 84.34 -39.57 -50.73
CA ILE M 258 83.06 -38.88 -50.67
C ILE M 258 82.09 -39.72 -49.86
N GLU M 259 81.27 -39.05 -49.04
CA GLU M 259 80.25 -39.71 -48.24
C GLU M 259 78.97 -38.89 -48.30
N THR M 260 77.85 -39.58 -48.21
CA THR M 260 76.54 -38.94 -48.19
C THR M 260 75.90 -39.14 -46.82
N TYR M 261 75.25 -38.09 -46.33
CA TYR M 261 74.63 -38.10 -45.02
C TYR M 261 73.24 -37.50 -45.11
N LEU M 262 72.36 -37.98 -44.24
CA LEU M 262 71.10 -37.29 -43.92
C LEU M 262 70.23 -37.07 -45.15
N LEU M 263 70.33 -37.93 -46.15
CA LEU M 263 69.47 -37.81 -47.31
C LEU M 263 68.03 -37.99 -46.90
N GLU M 264 67.19 -37.00 -47.17
CA GLU M 264 65.80 -37.04 -46.73
C GLU M 264 65.01 -38.03 -47.58
N LYS M 265 64.33 -38.96 -46.91
CA LYS M 265 63.53 -39.97 -47.59
C LYS M 265 62.09 -39.55 -47.78
N SER M 266 61.57 -38.67 -46.93
CA SER M 266 60.17 -38.27 -47.02
C SER M 266 59.83 -37.64 -48.36
N ARG M 267 60.81 -37.08 -49.06
CA ARG M 267 60.54 -36.45 -50.35
C ARG M 267 60.07 -37.47 -51.37
N VAL M 268 60.59 -38.69 -51.30
CA VAL M 268 60.28 -39.69 -52.31
C VAL M 268 58.80 -40.05 -52.30
N ILE M 269 58.08 -39.73 -51.23
CA ILE M 269 56.68 -40.09 -51.08
C ILE M 269 55.79 -38.86 -50.96
N PHE M 270 56.04 -38.02 -49.97
CA PHE M 270 55.20 -36.85 -49.70
C PHE M 270 55.92 -35.59 -50.14
N GLN M 271 55.21 -34.73 -50.87
CA GLN M 271 55.69 -33.42 -51.27
C GLN M 271 54.70 -32.36 -50.83
N LEU M 272 55.22 -31.18 -50.50
CA LEU M 272 54.39 -30.10 -50.00
C LEU M 272 53.52 -29.54 -51.12
N LYS M 273 52.77 -28.48 -50.78
CA LYS M 273 51.89 -27.85 -51.77
C LYS M 273 52.69 -27.07 -52.81
N ALA M 274 53.87 -26.57 -52.45
CA ALA M 274 54.60 -25.64 -53.29
C ALA M 274 55.91 -26.20 -53.83
N GLU M 275 56.19 -27.49 -53.65
CA GLU M 275 57.49 -28.04 -54.00
C GLU M 275 57.33 -29.35 -54.74
N ARG M 276 58.41 -29.77 -55.39
CA ARG M 276 58.43 -30.97 -56.21
C ARG M 276 59.19 -32.09 -55.53
N ASP M 277 59.13 -33.26 -56.15
CA ASP M 277 59.96 -34.40 -55.74
C ASP M 277 61.37 -34.18 -56.30
N TYR M 278 62.19 -35.21 -56.26
CA TYR M 278 63.53 -35.11 -56.81
C TYR M 278 63.48 -34.90 -58.32
N HIS M 279 64.59 -34.39 -58.86
CA HIS M 279 64.63 -34.02 -60.27
C HIS M 279 64.49 -35.23 -61.18
N ILE M 280 64.91 -36.41 -60.74
CA ILE M 280 65.11 -37.53 -61.64
C ILE M 280 63.79 -37.96 -62.26
N PHE M 281 62.73 -38.00 -61.45
CA PHE M 281 61.44 -38.46 -61.96
C PHE M 281 60.96 -37.56 -63.10
N TYR M 282 61.19 -36.26 -62.97
CA TYR M 282 60.80 -35.33 -64.02
C TYR M 282 61.71 -35.47 -65.24
N GLN M 283 63.02 -35.62 -65.02
CA GLN M 283 63.93 -35.80 -66.14
C GLN M 283 63.57 -37.05 -66.94
N ILE M 284 63.22 -38.13 -66.26
CA ILE M 284 62.73 -39.31 -66.95
C ILE M 284 61.40 -39.00 -67.63
N LEU M 285 60.56 -38.19 -66.98
CA LEU M 285 59.30 -37.80 -67.59
C LEU M 285 59.47 -36.90 -68.80
N SER M 286 60.68 -36.39 -69.04
CA SER M 286 60.97 -35.71 -70.30
C SER M 286 60.94 -36.73 -71.42
N ASN M 287 60.07 -36.51 -72.41
CA ASN M 287 59.89 -37.50 -73.47
C ASN M 287 61.06 -37.57 -74.43
N LYS M 288 62.12 -36.77 -74.25
CA LYS M 288 63.23 -36.81 -75.18
C LYS M 288 63.87 -38.18 -75.28
N LYS M 289 63.66 -39.05 -74.29
CA LYS M 289 64.02 -40.46 -74.39
C LYS M 289 62.74 -41.28 -74.44
N PRO M 290 62.10 -41.43 -75.60
CA PRO M 290 60.89 -42.26 -75.67
C PRO M 290 61.17 -43.73 -75.45
N GLU M 291 62.42 -44.17 -75.62
CA GLU M 291 62.72 -45.57 -75.35
C GLU M 291 62.58 -45.89 -73.87
N LEU M 292 62.95 -44.96 -72.99
CA LEU M 292 62.76 -45.20 -71.56
C LEU M 292 61.28 -45.32 -71.22
N LEU M 293 60.45 -44.43 -71.77
CA LEU M 293 59.03 -44.48 -71.46
C LEU M 293 58.38 -45.75 -72.00
N ASP M 294 58.70 -46.12 -73.24
CA ASP M 294 58.03 -47.31 -73.76
C ASP M 294 58.62 -48.60 -73.23
N MET M 295 59.79 -48.55 -72.58
CA MET M 295 60.30 -49.74 -71.90
C MET M 295 59.92 -49.78 -70.43
N LEU M 296 59.46 -48.67 -69.86
CA LEU M 296 59.03 -48.62 -68.47
C LEU M 296 57.53 -48.46 -68.30
N LEU M 297 56.76 -48.43 -69.39
CA LEU M 297 55.31 -48.28 -69.32
C LEU M 297 54.92 -46.96 -68.66
N ILE M 298 55.77 -45.95 -68.81
CA ILE M 298 55.53 -44.64 -68.22
C ILE M 298 54.75 -43.80 -69.21
N THR M 299 53.49 -43.51 -68.89
CA THR M 299 52.70 -42.60 -69.69
C THR M 299 53.22 -41.17 -69.48
N ASN M 300 53.12 -40.35 -70.53
CA ASN M 300 53.69 -39.01 -70.49
C ASN M 300 53.09 -38.14 -69.39
N ASN M 301 51.86 -38.41 -68.97
CA ASN M 301 51.12 -37.51 -68.10
C ASN M 301 51.66 -37.58 -66.68
N PRO M 302 52.25 -36.50 -66.15
CA PRO M 302 52.80 -36.56 -64.78
C PRO M 302 51.74 -36.63 -63.69
N TYR M 303 50.52 -36.16 -63.95
CA TYR M 303 49.44 -36.31 -62.98
C TYR M 303 49.09 -37.76 -62.74
N ASP M 304 49.60 -38.67 -63.57
CA ASP M 304 49.16 -40.06 -63.51
C ASP M 304 49.68 -40.74 -62.25
N TYR M 305 50.84 -40.32 -61.75
CA TYR M 305 51.55 -41.05 -60.71
C TYR M 305 51.43 -40.34 -59.36
N ALA M 306 50.87 -41.06 -58.38
CA ALA M 306 50.41 -40.42 -57.15
C ALA M 306 51.53 -40.01 -56.23
N PHE M 307 52.65 -40.75 -56.23
CA PHE M 307 53.77 -40.37 -55.38
C PHE M 307 54.30 -38.99 -55.73
N ILE M 308 54.12 -38.55 -56.97
CA ILE M 308 54.71 -37.32 -57.47
C ILE M 308 53.68 -36.22 -57.65
N SER M 309 52.49 -36.57 -58.13
CA SER M 309 51.50 -35.58 -58.54
C SER M 309 51.07 -34.64 -57.41
N GLN M 310 51.30 -35.01 -56.15
CA GLN M 310 50.90 -34.14 -55.06
C GLN M 310 51.80 -32.91 -54.93
N GLY M 311 53.03 -32.98 -55.45
CA GLY M 311 53.90 -31.82 -55.46
C GLY M 311 53.70 -30.97 -56.71
N GLU M 312 54.56 -29.96 -56.84
CA GLU M 312 54.52 -29.13 -58.04
C GLU M 312 54.88 -29.96 -59.25
N THR M 313 53.97 -30.02 -60.22
CA THR M 313 54.14 -30.91 -61.36
C THR M 313 55.36 -30.51 -62.18
N THR M 314 55.35 -29.32 -62.75
CA THR M 314 56.47 -28.82 -63.54
C THR M 314 56.66 -27.34 -63.26
N VAL M 315 57.93 -26.92 -63.24
CA VAL M 315 58.28 -25.51 -63.04
C VAL M 315 59.39 -25.14 -64.00
N ALA M 316 59.53 -23.83 -64.21
CA ALA M 316 60.57 -23.29 -65.08
C ALA M 316 61.90 -23.31 -64.35
N SER M 317 62.30 -24.48 -63.88
CA SER M 317 63.54 -24.60 -63.12
C SER M 317 64.75 -24.64 -64.05
N ILE M 318 64.82 -25.68 -64.88
CA ILE M 318 65.93 -25.88 -65.81
C ILE M 318 65.37 -26.59 -67.04
N ASP M 319 66.24 -26.75 -68.04
CA ASP M 319 65.92 -27.60 -69.18
C ASP M 319 66.09 -29.06 -68.77
N ASP M 320 65.00 -29.66 -68.29
CA ASP M 320 65.06 -30.98 -67.69
C ASP M 320 65.46 -32.04 -68.70
N ALA M 321 65.02 -31.90 -69.95
CA ALA M 321 65.42 -32.84 -70.99
C ALA M 321 66.93 -32.82 -71.19
N GLU M 322 67.49 -31.62 -71.33
CA GLU M 322 68.93 -31.49 -71.46
C GLU M 322 69.64 -32.04 -70.24
N GLU M 323 69.05 -31.86 -69.05
CA GLU M 323 69.70 -32.38 -67.85
C GLU M 323 69.70 -33.89 -67.83
N LEU M 324 68.60 -34.49 -68.27
CA LEU M 324 68.56 -35.93 -68.49
C LEU M 324 69.70 -36.36 -69.41
N MET M 325 69.92 -35.62 -70.49
CA MET M 325 70.99 -35.98 -71.41
C MET M 325 72.36 -35.82 -70.76
N ALA M 326 72.57 -34.75 -70.00
CA ALA M 326 73.85 -34.53 -69.35
C ALA M 326 74.14 -35.64 -68.35
N THR M 327 73.11 -36.09 -67.63
CA THR M 327 73.28 -37.19 -66.70
C THR M 327 73.57 -38.48 -67.42
N ASP M 328 72.88 -38.76 -68.51
CA ASP M 328 73.17 -39.98 -69.27
C ASP M 328 74.60 -39.95 -69.81
N ASN M 329 75.06 -38.78 -70.25
CA ASN M 329 76.43 -38.66 -70.71
C ASN M 329 77.41 -38.92 -69.58
N ALA M 330 77.19 -38.29 -68.42
CA ALA M 330 78.04 -38.54 -67.27
C ALA M 330 78.04 -40.02 -66.88
N PHE M 331 76.90 -40.68 -67.03
CA PHE M 331 76.82 -42.10 -66.73
C PHE M 331 77.68 -42.90 -67.69
N ASP M 332 77.46 -42.71 -68.99
CA ASP M 332 78.22 -43.48 -69.98
C ASP M 332 79.71 -43.22 -69.88
N VAL M 333 80.11 -42.03 -69.43
CA VAL M 333 81.54 -41.78 -69.22
C VAL M 333 82.00 -42.17 -67.84
N LEU M 334 81.11 -42.65 -66.98
CA LEU M 334 81.54 -43.21 -65.71
C LEU M 334 81.69 -44.72 -65.84
N GLY M 335 82.35 -45.31 -64.84
CA GLY M 335 82.84 -46.67 -64.96
C GLY M 335 81.78 -47.72 -65.24
N PHE M 336 80.51 -47.38 -65.06
CA PHE M 336 79.49 -48.42 -65.06
C PHE M 336 78.79 -48.52 -66.41
N THR M 337 78.33 -49.74 -66.70
CA THR M 337 77.88 -50.12 -68.03
C THR M 337 76.56 -49.47 -68.38
N SER M 338 76.08 -49.77 -69.58
CA SER M 338 74.77 -49.27 -70.02
C SER M 338 73.62 -50.06 -69.41
N GLU M 339 73.79 -51.38 -69.23
CA GLU M 339 72.79 -52.18 -68.53
C GLU M 339 72.51 -51.63 -67.15
N GLU M 340 73.55 -51.11 -66.50
CA GLU M 340 73.41 -50.61 -65.14
C GLU M 340 72.60 -49.32 -65.10
N LYS M 341 72.83 -48.42 -66.06
CA LYS M 341 71.96 -47.26 -66.18
C LYS M 341 70.54 -47.69 -66.49
N ASN M 342 70.39 -48.72 -67.33
CA ASN M 342 69.06 -49.22 -67.67
C ASN M 342 68.35 -49.71 -66.42
N SER M 343 69.06 -50.46 -65.57
CA SER M 343 68.47 -50.95 -64.33
C SER M 343 68.14 -49.80 -63.39
N MET M 344 69.00 -48.80 -63.32
CA MET M 344 68.71 -47.63 -62.49
C MET M 344 67.40 -46.97 -62.92
N TYR M 345 67.27 -46.72 -64.22
CA TYR M 345 66.06 -46.08 -64.72
C TYR M 345 64.84 -46.92 -64.46
N LYS M 346 64.94 -48.23 -64.69
CA LYS M 346 63.77 -49.07 -64.50
C LYS M 346 63.41 -49.18 -63.02
N LEU M 347 64.40 -49.20 -62.13
CA LEU M 347 64.12 -49.23 -60.70
C LEU M 347 63.37 -47.98 -60.27
N THR M 348 63.81 -46.82 -60.77
CA THR M 348 63.10 -45.58 -60.46
C THR M 348 61.67 -45.64 -60.97
N GLY M 349 61.47 -46.20 -62.17
CA GLY M 349 60.13 -46.38 -62.68
C GLY M 349 59.28 -47.32 -61.84
N ALA M 350 59.91 -48.32 -61.23
CA ALA M 350 59.18 -49.22 -60.33
C ALA M 350 58.75 -48.49 -59.07
N ILE M 351 59.66 -47.70 -58.49
CA ILE M 351 59.30 -46.83 -57.37
C ILE M 351 58.11 -45.97 -57.75
N MET M 352 58.10 -45.47 -58.99
CA MET M 352 56.98 -44.65 -59.44
C MET M 352 55.70 -45.48 -59.54
N HIS M 353 55.82 -46.74 -59.98
CA HIS M 353 54.66 -47.60 -60.08
C HIS M 353 54.11 -48.06 -58.74
N PHE M 354 54.90 -47.97 -57.67
CA PHE M 354 54.36 -48.37 -56.37
C PHE M 354 53.17 -47.52 -55.93
N GLY M 355 53.13 -46.25 -56.32
CA GLY M 355 52.17 -45.34 -55.72
C GLY M 355 50.73 -45.60 -56.10
N ASN M 356 50.48 -46.21 -57.25
CA ASN M 356 49.12 -46.35 -57.75
C ASN M 356 48.43 -47.62 -57.28
N MET M 357 49.08 -48.43 -56.45
CA MET M 357 48.46 -49.63 -55.92
C MET M 357 47.18 -49.29 -55.16
N LYS M 358 46.22 -50.21 -55.21
CA LYS M 358 44.93 -50.00 -54.58
C LYS M 358 44.58 -51.20 -53.71
N PHE M 359 44.18 -50.95 -52.47
CA PHE M 359 43.82 -51.99 -51.54
C PHE M 359 42.45 -51.71 -50.94
N LYS M 360 41.72 -52.78 -50.66
CA LYS M 360 40.41 -52.69 -50.05
C LYS M 360 40.34 -53.63 -48.85
N LEU M 361 39.46 -53.31 -47.91
CA LEU M 361 39.21 -54.25 -46.84
C LEU M 361 38.44 -55.45 -47.37
N LYS M 362 38.49 -56.54 -46.63
CA LYS M 362 37.88 -57.77 -47.09
C LYS M 362 36.39 -57.73 -46.83
N GLN M 363 35.74 -58.88 -47.00
CA GLN M 363 34.29 -59.00 -46.95
C GLN M 363 33.72 -58.63 -45.59
N ARG M 364 34.01 -59.45 -44.59
CA ARG M 364 33.51 -59.25 -43.24
C ARG M 364 34.67 -59.41 -42.26
N GLU M 365 35.80 -58.79 -42.58
CA GLU M 365 37.01 -58.89 -41.78
C GLU M 365 37.73 -57.55 -41.84
N GLU M 366 38.90 -57.50 -41.20
CA GLU M 366 39.75 -56.32 -41.18
C GLU M 366 41.00 -56.49 -42.02
N GLN M 367 41.01 -57.42 -42.95
CA GLN M 367 42.20 -57.72 -43.75
C GLN M 367 42.18 -56.95 -45.06
N ALA M 368 43.36 -56.54 -45.50
CA ALA M 368 43.54 -55.84 -46.77
C ALA M 368 43.73 -56.84 -47.90
N GLU M 369 43.07 -56.58 -49.03
CA GLU M 369 43.23 -57.38 -50.23
C GLU M 369 43.26 -56.46 -51.44
N PRO M 370 44.05 -56.79 -52.45
CA PRO M 370 44.15 -55.91 -53.62
C PRO M 370 42.97 -56.11 -54.56
N ASP M 371 42.43 -54.99 -55.05
CA ASP M 371 41.42 -55.02 -56.10
C ASP M 371 42.03 -54.80 -57.47
N GLY M 372 42.89 -53.79 -57.61
CA GLY M 372 43.61 -53.56 -58.84
C GLY M 372 44.91 -54.35 -58.84
N THR M 373 45.16 -55.07 -59.92
CA THR M 373 46.31 -55.95 -60.02
C THR M 373 47.25 -55.61 -61.16
N GLU M 374 46.87 -54.68 -62.04
CA GLU M 374 47.63 -54.45 -63.26
C GLU M 374 48.96 -53.77 -62.97
N GLU M 375 48.93 -52.68 -62.20
CA GLU M 375 50.16 -52.05 -61.78
C GLU M 375 51.00 -52.98 -60.92
N ALA M 376 50.36 -53.86 -60.14
CA ALA M 376 51.10 -54.87 -59.41
C ALA M 376 51.86 -55.78 -60.35
N ASP M 377 51.18 -56.29 -61.38
CA ASP M 377 51.82 -57.16 -62.35
C ASP M 377 52.99 -56.45 -63.03
N LYS M 378 52.78 -55.21 -63.46
CA LYS M 378 53.85 -54.54 -64.21
C LYS M 378 55.02 -54.17 -63.31
N SER M 379 54.74 -53.78 -62.07
CA SER M 379 55.82 -53.48 -61.15
C SER M 379 56.61 -54.73 -60.82
N ALA M 380 55.94 -55.88 -60.71
CA ALA M 380 56.67 -57.13 -60.48
C ALA M 380 57.49 -57.51 -61.69
N TYR M 381 56.92 -57.39 -62.89
CA TYR M 381 57.65 -57.69 -64.11
C TYR M 381 58.87 -56.80 -64.26
N LEU M 382 58.79 -55.58 -63.74
CA LEU M 382 59.97 -54.72 -63.75
C LEU M 382 60.97 -55.16 -62.68
N MET M 383 60.50 -55.34 -61.46
CA MET M 383 61.39 -55.57 -60.32
C MET M 383 62.07 -56.93 -60.37
N GLY M 384 61.53 -57.87 -61.13
CA GLY M 384 62.09 -59.20 -61.14
C GLY M 384 61.53 -60.11 -60.07
N LEU M 385 60.29 -59.91 -59.68
CA LEU M 385 59.59 -60.77 -58.74
C LEU M 385 58.29 -61.26 -59.38
N ASN M 386 57.59 -62.13 -58.67
CA ASN M 386 56.28 -62.59 -59.09
C ASN M 386 55.21 -61.67 -58.53
N SER M 387 54.17 -61.41 -59.32
CA SER M 387 53.15 -60.45 -58.92
C SER M 387 52.30 -61.00 -57.78
N ALA M 388 51.80 -62.23 -57.93
CA ALA M 388 51.03 -62.85 -56.86
C ALA M 388 51.87 -62.96 -55.60
N ASP M 389 53.16 -63.25 -55.76
CA ASP M 389 54.03 -63.42 -54.60
C ASP M 389 54.25 -62.09 -53.88
N LEU M 390 54.44 -61.00 -54.64
CA LEU M 390 54.61 -59.71 -54.00
C LEU M 390 53.32 -59.24 -53.33
N LEU M 391 52.18 -59.50 -53.96
CA LEU M 391 50.91 -59.15 -53.34
C LEU M 391 50.69 -59.93 -52.05
N LYS M 392 51.07 -61.20 -52.05
CA LYS M 392 50.95 -62.00 -50.84
C LYS M 392 51.91 -61.51 -49.76
N GLY M 393 53.11 -61.11 -50.16
CA GLY M 393 54.06 -60.58 -49.19
C GLY M 393 53.67 -59.24 -48.61
N LEU M 394 52.85 -58.48 -49.34
CA LEU M 394 52.36 -57.23 -48.77
C LEU M 394 51.13 -57.43 -47.91
N CYS M 395 50.22 -58.30 -48.32
CA CYS M 395 49.00 -58.45 -47.53
C CYS M 395 49.22 -59.33 -46.30
N HIS M 396 50.16 -60.27 -46.33
CA HIS M 396 50.34 -61.25 -45.26
C HIS M 396 51.80 -61.45 -44.91
N PRO M 397 52.40 -60.52 -44.19
CA PRO M 397 53.77 -60.72 -43.74
C PRO M 397 53.87 -61.93 -42.83
N ARG M 398 55.03 -62.56 -42.82
CA ARG M 398 55.31 -63.66 -41.91
C ARG M 398 56.44 -63.26 -40.97
N VAL M 399 56.22 -63.45 -39.69
CA VAL M 399 57.18 -63.05 -38.66
C VAL M 399 57.63 -64.29 -37.91
N LYS M 400 58.80 -64.21 -37.28
CA LYS M 400 59.43 -65.34 -36.61
C LYS M 400 59.15 -65.30 -35.12
N VAL M 401 58.47 -66.32 -34.61
CA VAL M 401 58.17 -66.47 -33.20
C VAL M 401 58.94 -67.68 -32.70
N GLY M 402 60.10 -67.45 -32.11
CA GLY M 402 60.93 -68.53 -31.65
C GLY M 402 61.46 -69.36 -32.80
N ASN M 403 60.95 -70.57 -32.98
CA ASN M 403 61.39 -71.46 -34.03
C ASN M 403 60.33 -71.66 -35.12
N GLU M 404 59.30 -70.84 -35.14
CA GLU M 404 58.23 -70.98 -36.12
C GLU M 404 57.96 -69.65 -36.78
N TYR M 405 57.19 -69.69 -37.86
CA TYR M 405 56.72 -68.49 -38.56
C TYR M 405 55.21 -68.45 -38.51
N VAL M 406 54.67 -67.31 -38.09
CA VAL M 406 53.22 -67.10 -38.09
C VAL M 406 52.92 -65.86 -38.92
N THR M 407 51.79 -65.89 -39.62
CA THR M 407 51.42 -64.79 -40.50
C THR M 407 50.78 -63.65 -39.74
N LYS M 408 51.23 -62.44 -40.03
CA LYS M 408 50.71 -61.22 -39.42
C LYS M 408 49.62 -60.62 -40.29
N GLY M 409 48.64 -60.00 -39.66
CA GLY M 409 47.56 -59.36 -40.37
C GLY M 409 47.82 -57.89 -40.63
N GLN M 410 47.25 -57.39 -41.72
CA GLN M 410 47.42 -55.99 -42.10
C GLN M 410 46.10 -55.43 -42.60
N ASN M 411 45.89 -54.14 -42.36
CA ASN M 411 44.81 -53.39 -42.95
C ASN M 411 45.37 -52.40 -43.97
N VAL M 412 44.50 -51.56 -44.52
CA VAL M 412 44.90 -50.70 -45.63
C VAL M 412 45.94 -49.69 -45.19
N GLN M 413 45.74 -49.05 -44.04
CA GLN M 413 46.72 -48.08 -43.57
C GLN M 413 48.08 -48.73 -43.37
N GLN M 414 48.10 -49.92 -42.77
CA GLN M 414 49.38 -50.59 -42.51
C GLN M 414 50.08 -50.97 -43.80
N VAL M 415 49.34 -51.50 -44.77
CA VAL M 415 49.99 -51.91 -46.01
C VAL M 415 50.46 -50.70 -46.78
N ILE M 416 49.76 -49.57 -46.68
CA ILE M 416 50.20 -48.36 -47.37
C ILE M 416 51.47 -47.81 -46.74
N TYR M 417 51.53 -47.78 -45.40
CA TYR M 417 52.77 -47.36 -44.74
C TYR M 417 53.92 -48.27 -45.11
N ALA M 418 53.66 -49.57 -45.22
CA ALA M 418 54.72 -50.50 -45.61
C ALA M 418 55.19 -50.23 -47.02
N THR M 419 54.26 -49.96 -47.95
CA THR M 419 54.64 -49.66 -49.32
C THR M 419 55.51 -48.41 -49.39
N GLY M 420 55.10 -47.36 -48.69
CA GLY M 420 55.88 -46.14 -48.67
C GLY M 420 57.27 -46.36 -48.10
N ALA M 421 57.36 -47.12 -47.01
CA ALA M 421 58.68 -47.38 -46.42
C ALA M 421 59.54 -48.22 -47.34
N LEU M 422 58.94 -49.17 -48.06
CA LEU M 422 59.68 -49.96 -49.01
C LEU M 422 60.26 -49.10 -50.13
N ALA M 423 59.44 -48.20 -50.68
CA ALA M 423 59.91 -47.32 -51.73
C ALA M 423 61.03 -46.42 -51.24
N LYS M 424 60.85 -45.77 -50.09
CA LYS M 424 61.90 -44.93 -49.55
C LYS M 424 63.18 -45.73 -49.35
N ALA M 425 63.04 -46.97 -48.85
CA ALA M 425 64.21 -47.79 -48.59
C ALA M 425 64.95 -48.12 -49.87
N VAL M 426 64.24 -48.59 -50.89
CA VAL M 426 64.91 -49.00 -52.12
C VAL M 426 65.56 -47.80 -52.79
N TYR M 427 64.90 -46.64 -52.75
CA TYR M 427 65.51 -45.45 -53.34
C TYR M 427 66.81 -45.10 -52.62
N GLU M 428 66.74 -44.98 -51.29
CA GLU M 428 67.94 -44.62 -50.54
C GLU M 428 69.05 -45.65 -50.71
N ARG M 429 68.68 -46.93 -50.85
CA ARG M 429 69.67 -47.98 -51.05
C ARG M 429 70.38 -47.81 -52.38
N MET M 430 69.61 -47.65 -53.46
CA MET M 430 70.19 -47.40 -54.77
C MET M 430 71.07 -46.15 -54.76
N PHE M 431 70.66 -45.13 -54.03
CA PHE M 431 71.46 -43.91 -53.94
C PHE M 431 72.81 -44.18 -53.29
N ASN M 432 72.80 -44.82 -52.12
CA ASN M 432 74.06 -45.08 -51.42
C ASN M 432 74.98 -45.94 -52.28
N TRP M 433 74.41 -46.93 -52.97
CA TRP M 433 75.24 -47.79 -53.79
C TRP M 433 75.79 -47.05 -55.01
N MET M 434 75.01 -46.12 -55.56
CA MET M 434 75.52 -45.28 -56.64
C MET M 434 76.70 -44.46 -56.16
N VAL M 435 76.62 -43.93 -54.95
CA VAL M 435 77.76 -43.18 -54.41
C VAL M 435 78.96 -44.09 -54.23
N THR M 436 78.74 -45.34 -53.81
CA THR M 436 79.86 -46.27 -53.71
C THR M 436 80.50 -46.51 -55.07
N ARG M 437 79.68 -46.66 -56.11
CA ARG M 437 80.20 -46.84 -57.45
C ARG M 437 81.01 -45.63 -57.91
N ILE M 438 80.48 -44.44 -57.62
CA ILE M 438 81.21 -43.20 -57.95
C ILE M 438 82.57 -43.20 -57.27
N ASN M 439 82.61 -43.53 -55.99
CA ASN M 439 83.87 -43.51 -55.27
C ASN M 439 84.81 -44.58 -55.80
N ALA M 440 84.28 -45.71 -56.25
CA ALA M 440 85.13 -46.73 -56.84
C ALA M 440 85.75 -46.26 -58.15
N THR M 441 84.97 -45.58 -58.99
CA THR M 441 85.52 -44.97 -60.19
C THR M 441 86.64 -43.99 -59.84
N LEU M 442 86.37 -43.12 -58.86
CA LEU M 442 87.37 -42.12 -58.49
C LEU M 442 88.61 -42.75 -57.89
N GLU M 443 88.49 -43.94 -57.32
CA GLU M 443 89.52 -44.48 -56.43
C GLU M 443 90.86 -44.64 -57.12
N THR M 444 91.90 -44.12 -56.50
CA THR M 444 93.28 -44.30 -56.94
C THR M 444 94.04 -45.08 -55.87
N LYS M 445 94.97 -45.92 -56.33
CA LYS M 445 95.68 -46.85 -55.45
C LYS M 445 96.76 -46.18 -54.61
N GLN M 446 97.01 -44.89 -54.81
CA GLN M 446 98.02 -44.20 -54.03
C GLN M 446 97.67 -44.27 -52.54
N PRO M 447 98.65 -44.45 -51.67
CA PRO M 447 98.36 -44.45 -50.23
C PRO M 447 97.70 -43.14 -49.79
N ARG M 448 96.68 -43.26 -48.95
CA ARG M 448 95.88 -42.12 -48.52
C ARG M 448 96.11 -41.89 -47.03
N GLN M 449 96.81 -40.82 -46.71
CA GLN M 449 97.02 -40.37 -45.33
C GLN M 449 95.94 -39.35 -44.96
N TYR M 450 96.19 -38.58 -43.89
CA TYR M 450 95.25 -37.60 -43.37
C TYR M 450 94.59 -36.80 -44.49
N PHE M 451 93.30 -36.53 -44.31
CA PHE M 451 92.49 -35.85 -45.30
C PHE M 451 92.01 -34.50 -44.77
N ILE M 452 91.47 -33.69 -45.66
CA ILE M 452 90.81 -32.45 -45.31
C ILE M 452 89.46 -32.43 -46.01
N GLY M 453 88.39 -32.62 -45.24
CA GLY M 453 87.08 -32.75 -45.83
C GLY M 453 86.36 -31.42 -46.01
N VAL M 454 85.52 -31.38 -47.03
CA VAL M 454 84.66 -30.22 -47.30
C VAL M 454 83.21 -30.70 -47.28
N LEU M 455 82.36 -29.95 -46.59
CA LEU M 455 81.02 -30.39 -46.25
C LEU M 455 79.97 -29.47 -46.87
N ASP M 456 78.98 -30.05 -47.52
CA ASP M 456 77.87 -29.32 -48.12
C ASP M 456 76.58 -29.82 -47.50
N ILE M 457 75.87 -28.93 -46.81
CA ILE M 457 74.71 -29.30 -46.01
C ILE M 457 73.58 -28.32 -46.26
N ALA M 458 72.37 -28.74 -45.94
CA ALA M 458 71.22 -27.86 -46.05
C ALA M 458 71.32 -26.72 -45.04
N GLY M 459 70.51 -25.69 -45.27
CA GLY M 459 70.55 -24.49 -44.45
C GLY M 459 69.42 -24.43 -43.43
N PHE M 460 69.56 -23.49 -42.50
CA PHE M 460 68.60 -23.33 -41.44
C PHE M 460 67.31 -22.72 -41.99
N GLU M 461 66.61 -23.47 -42.83
CA GLU M 461 65.52 -22.90 -43.60
C GLU M 461 64.36 -22.51 -42.70
N ILE M 462 63.82 -21.32 -42.95
CA ILE M 462 62.61 -20.84 -42.30
C ILE M 462 61.59 -20.54 -43.38
N PHE M 463 60.32 -20.77 -43.05
CA PHE M 463 59.23 -20.50 -43.97
C PHE M 463 58.06 -19.98 -43.12
N ASP M 464 56.87 -20.00 -43.71
CA ASP M 464 55.65 -19.76 -42.97
C ASP M 464 54.83 -21.01 -42.73
N PHE M 465 55.21 -22.14 -43.31
CA PHE M 465 54.58 -23.44 -43.10
C PHE M 465 55.64 -24.50 -42.86
N ASN M 466 56.55 -24.21 -41.92
CA ASN M 466 57.54 -25.19 -41.49
C ASN M 466 56.84 -26.50 -41.11
N SER M 467 57.54 -27.61 -41.33
CA SER M 467 56.95 -28.92 -41.11
C SER M 467 58.00 -29.85 -40.53
N PHE M 468 57.72 -31.14 -40.58
CA PHE M 468 58.59 -32.15 -39.98
C PHE M 468 59.98 -32.11 -40.58
N GLU M 469 60.05 -32.03 -41.92
CA GLU M 469 61.34 -32.03 -42.59
C GLU M 469 62.16 -30.81 -42.21
N GLN M 470 61.52 -29.65 -42.13
CA GLN M 470 62.23 -28.45 -41.72
C GLN M 470 62.68 -28.55 -40.28
N LEU M 471 61.90 -29.22 -39.43
CA LEU M 471 62.34 -29.47 -38.07
C LEU M 471 63.59 -30.33 -38.05
N CYS M 472 63.63 -31.37 -38.87
CA CYS M 472 64.82 -32.21 -38.94
C CYS M 472 66.02 -31.42 -39.40
N ILE M 473 65.84 -30.60 -40.44
CA ILE M 473 66.93 -29.78 -40.97
C ILE M 473 67.45 -28.83 -39.89
N ASN M 474 66.53 -28.17 -39.19
CA ASN M 474 66.94 -27.23 -38.16
C ASN M 474 67.61 -27.94 -36.99
N PHE M 475 67.19 -29.16 -36.69
CA PHE M 475 67.86 -29.93 -35.64
C PHE M 475 69.30 -30.22 -36.02
N THR M 476 69.51 -30.63 -37.28
CA THR M 476 70.87 -30.85 -37.77
C THR M 476 71.70 -29.57 -37.64
N ASN M 477 71.15 -28.46 -38.12
CA ASN M 477 71.89 -27.20 -38.08
C ASN M 477 72.14 -26.75 -36.64
N GLU M 478 71.25 -27.10 -35.73
CA GLU M 478 71.49 -26.86 -34.32
C GLU M 478 72.70 -27.62 -33.83
N LYS M 479 72.80 -28.90 -34.15
CA LYS M 479 73.98 -29.65 -33.76
C LYS M 479 75.23 -29.01 -34.32
N LEU M 480 75.19 -28.62 -35.60
CA LEU M 480 76.36 -27.99 -36.22
C LEU M 480 76.74 -26.69 -35.53
N GLN M 481 75.76 -25.82 -35.27
CA GLN M 481 76.05 -24.52 -34.68
C GLN M 481 76.59 -24.68 -33.27
N GLN M 482 76.02 -25.62 -32.50
CA GLN M 482 76.55 -25.87 -31.17
C GLN M 482 77.98 -26.40 -31.24
N PHE M 483 78.26 -27.24 -32.24
CA PHE M 483 79.61 -27.73 -32.43
C PHE M 483 80.60 -26.60 -32.69
N PHE M 484 80.25 -25.72 -33.63
CA PHE M 484 81.11 -24.56 -33.91
C PHE M 484 81.26 -23.68 -32.68
N ASN M 485 80.18 -23.50 -31.94
CA ASN M 485 80.23 -22.63 -30.78
C ASN M 485 81.20 -23.17 -29.74
N HIS M 486 81.13 -24.49 -29.48
CA HIS M 486 82.09 -25.09 -28.56
C HIS M 486 83.51 -25.00 -29.11
N HIS M 487 83.67 -25.18 -30.42
CA HIS M 487 84.98 -25.04 -31.03
C HIS M 487 85.56 -23.66 -30.78
N MET M 488 84.79 -22.62 -31.05
CA MET M 488 85.23 -21.25 -30.81
C MET M 488 85.45 -21.00 -29.32
N PHE M 489 84.70 -21.66 -28.45
CA PHE M 489 84.98 -21.55 -27.02
C PHE M 489 86.38 -22.04 -26.70
N VAL M 490 86.72 -23.23 -27.19
CA VAL M 490 88.05 -23.76 -26.91
C VAL M 490 89.12 -22.90 -27.55
N LEU M 491 88.82 -22.32 -28.72
CA LEU M 491 89.77 -21.42 -29.36
C LEU M 491 90.00 -20.15 -28.54
N GLU M 492 88.94 -19.61 -27.93
CA GLU M 492 89.11 -18.43 -27.10
C GLU M 492 89.86 -18.78 -25.81
N GLN M 493 89.60 -19.97 -25.27
CA GLN M 493 90.40 -20.43 -24.14
C GLN M 493 91.86 -20.59 -24.52
N GLU M 494 92.13 -20.98 -25.77
CA GLU M 494 93.51 -21.06 -26.25
C GLU M 494 94.14 -19.68 -26.33
N GLU M 495 93.41 -18.71 -26.89
CA GLU M 495 93.91 -17.33 -26.91
C GLU M 495 94.21 -16.84 -25.51
N TYR M 496 93.34 -17.14 -24.55
CA TYR M 496 93.52 -16.66 -23.18
C TYR M 496 94.70 -17.35 -22.50
N LYS M 497 94.84 -18.66 -22.68
CA LYS M 497 95.96 -19.36 -22.07
C LYS M 497 97.28 -18.99 -22.72
N LYS M 498 97.26 -18.51 -23.97
CA LYS M 498 98.45 -17.92 -24.57
C LYS M 498 98.75 -16.58 -23.92
N GLU M 499 97.76 -15.70 -23.86
CA GLU M 499 97.96 -14.35 -23.33
C GLU M 499 98.20 -14.36 -21.83
N GLY M 500 98.05 -15.51 -21.17
CA GLY M 500 98.26 -15.55 -19.73
C GLY M 500 97.18 -14.83 -18.95
N ILE M 501 96.02 -14.60 -19.55
CA ILE M 501 94.91 -13.90 -18.91
C ILE M 501 93.69 -14.81 -19.04
N GLU M 502 93.30 -15.44 -17.93
CA GLU M 502 92.32 -16.51 -17.95
C GLU M 502 91.15 -16.18 -17.02
N TRP M 503 89.97 -15.95 -17.60
CA TRP M 503 88.77 -15.59 -16.86
C TRP M 503 87.56 -16.14 -17.60
N THR M 504 86.40 -16.05 -16.95
CA THR M 504 85.11 -16.41 -17.55
C THR M 504 85.11 -17.85 -18.06
N PHE M 505 85.24 -18.78 -17.13
CA PHE M 505 85.44 -20.20 -17.44
C PHE M 505 84.14 -20.94 -17.79
N ILE M 506 83.07 -20.23 -18.16
CA ILE M 506 81.86 -20.90 -18.62
C ILE M 506 81.97 -21.19 -20.12
N ASP M 507 81.50 -22.37 -20.52
CA ASP M 507 81.53 -22.72 -21.94
C ASP M 507 80.39 -22.04 -22.68
N PHE M 508 80.50 -22.05 -24.00
CA PHE M 508 79.55 -21.37 -24.88
C PHE M 508 78.63 -22.34 -25.61
N GLY M 509 78.59 -23.61 -25.21
CA GLY M 509 77.78 -24.59 -25.92
C GLY M 509 76.46 -24.91 -25.28
N MET M 510 76.44 -24.98 -23.95
CA MET M 510 75.24 -25.44 -23.24
C MET M 510 74.06 -24.51 -23.48
N ASP M 511 74.32 -23.21 -23.62
CA ASP M 511 73.26 -22.25 -23.88
C ASP M 511 72.48 -22.59 -25.12
N LEU M 512 73.09 -23.34 -26.05
CA LEU M 512 72.38 -23.86 -27.20
C LEU M 512 71.94 -25.30 -27.02
N GLN M 513 72.71 -26.11 -26.29
CA GLN M 513 72.30 -27.49 -26.02
C GLN M 513 70.94 -27.55 -25.35
N ALA M 514 70.61 -26.55 -24.54
CA ALA M 514 69.31 -26.52 -23.90
C ALA M 514 68.17 -26.61 -24.92
N CYS M 515 68.38 -26.10 -26.13
CA CYS M 515 67.38 -26.27 -27.18
C CYS M 515 67.45 -27.65 -27.82
N ILE M 516 68.63 -28.26 -27.87
CA ILE M 516 68.73 -29.61 -28.41
C ILE M 516 67.96 -30.58 -27.54
N ASP M 517 68.07 -30.44 -26.22
CA ASP M 517 67.40 -31.33 -25.29
C ASP M 517 65.89 -31.36 -25.48
N LEU M 518 65.33 -30.45 -26.27
CA LEU M 518 63.91 -30.41 -26.55
C LEU M 518 63.54 -31.18 -27.81
N ILE M 519 64.50 -31.81 -28.45
CA ILE M 519 64.26 -32.60 -29.65
C ILE M 519 64.66 -34.06 -29.45
N GLU M 520 65.89 -34.29 -29.01
CA GLU M 520 66.41 -35.64 -28.95
C GLU M 520 66.13 -36.34 -27.63
N LYS M 521 66.12 -35.60 -26.52
CA LYS M 521 66.08 -36.24 -25.21
C LYS M 521 64.74 -36.95 -25.01
N PRO M 522 64.72 -37.97 -24.15
CA PRO M 522 63.46 -38.66 -23.85
C PRO M 522 62.43 -37.68 -23.30
N MET M 523 61.17 -37.87 -23.71
CA MET M 523 60.07 -36.94 -23.51
C MET M 523 60.24 -35.65 -24.31
N GLY M 524 61.27 -35.55 -25.14
CA GLY M 524 61.37 -34.48 -26.10
C GLY M 524 60.43 -34.71 -27.27
N ILE M 525 60.51 -33.80 -28.24
CA ILE M 525 59.53 -33.80 -29.33
C ILE M 525 59.64 -35.07 -30.15
N MET M 526 60.86 -35.49 -30.46
CA MET M 526 61.01 -36.69 -31.27
C MET M 526 60.55 -37.94 -30.53
N SER M 527 60.85 -38.03 -29.24
CA SER M 527 60.42 -39.20 -28.48
C SER M 527 58.90 -39.23 -28.36
N ILE M 528 58.28 -38.07 -28.14
CA ILE M 528 56.82 -38.02 -28.07
C ILE M 528 56.22 -38.40 -29.42
N LEU M 529 56.86 -37.99 -30.50
CA LEU M 529 56.34 -38.35 -31.82
C LEU M 529 56.44 -39.84 -32.07
N GLU M 530 57.57 -40.45 -31.70
CA GLU M 530 57.71 -41.89 -31.84
C GLU M 530 56.68 -42.64 -31.01
N GLU M 531 56.54 -42.26 -29.74
CA GLU M 531 55.53 -42.86 -28.89
C GLU M 531 54.14 -42.72 -29.49
N GLU M 532 53.86 -41.56 -30.08
CA GLU M 532 52.51 -41.32 -30.59
C GLU M 532 52.25 -42.15 -31.84
N CYS M 533 53.24 -42.31 -32.70
CA CYS M 533 53.00 -43.19 -33.84
C CYS M 533 53.08 -44.66 -33.47
N MET M 534 53.47 -44.98 -32.23
CA MET M 534 53.34 -46.33 -31.73
C MET M 534 52.01 -46.61 -31.06
N PHE M 535 51.41 -45.61 -30.41
CA PHE M 535 50.17 -45.77 -29.67
C PHE M 535 49.02 -46.17 -30.62
N PRO M 536 47.98 -46.84 -30.08
CA PRO M 536 46.89 -47.34 -30.94
C PRO M 536 46.15 -46.33 -31.82
N LYS M 537 45.46 -45.36 -31.23
CA LYS M 537 44.55 -44.50 -31.98
C LYS M 537 44.99 -43.05 -31.95
N ALA M 538 46.29 -42.81 -32.08
CA ALA M 538 46.79 -41.45 -31.90
C ALA M 538 46.40 -40.57 -33.07
N THR M 539 46.23 -39.28 -32.78
CA THR M 539 45.83 -38.29 -33.77
C THR M 539 46.68 -37.04 -33.55
N ASP M 540 46.62 -36.11 -34.50
CA ASP M 540 47.44 -34.91 -34.40
C ASP M 540 47.05 -34.06 -33.21
N MET M 541 45.76 -33.98 -32.90
CA MET M 541 45.34 -33.20 -31.74
C MET M 541 45.89 -33.82 -30.46
N THR M 542 45.90 -35.15 -30.36
CA THR M 542 46.47 -35.81 -29.20
C THR M 542 47.97 -35.59 -29.11
N PHE M 543 48.65 -35.63 -30.26
CA PHE M 543 50.06 -35.30 -30.30
C PHE M 543 50.31 -33.89 -29.75
N LYS M 544 49.54 -32.91 -30.22
CA LYS M 544 49.68 -31.55 -29.73
C LYS M 544 49.42 -31.47 -28.23
N ALA M 545 48.36 -32.14 -27.77
CA ALA M 545 48.04 -32.13 -26.35
C ALA M 545 49.16 -32.70 -25.52
N LYS M 546 49.80 -33.77 -25.98
CA LYS M 546 50.89 -34.35 -25.22
C LYS M 546 52.11 -33.44 -25.22
N LEU M 547 52.42 -32.84 -26.37
CA LEU M 547 53.51 -31.86 -26.40
C LEU M 547 53.29 -30.77 -25.37
N PHE M 548 52.08 -30.20 -25.34
CA PHE M 548 51.81 -29.11 -24.42
C PHE M 548 51.84 -29.59 -22.97
N ASP M 549 51.12 -30.68 -22.67
CA ASP M 549 51.07 -31.20 -21.31
C ASP M 549 52.46 -31.51 -20.77
N ASN M 550 53.39 -31.87 -21.64
CA ASN M 550 54.68 -32.33 -21.17
C ASN M 550 55.77 -31.27 -21.30
N HIS M 551 55.52 -30.16 -21.98
CA HIS M 551 56.59 -29.17 -22.09
C HIS M 551 56.18 -27.75 -21.71
N LEU M 552 54.92 -27.39 -21.93
CA LEU M 552 54.50 -26.00 -21.82
C LEU M 552 54.79 -25.43 -20.43
N GLY M 553 55.65 -24.41 -20.39
CA GLY M 553 55.96 -23.76 -19.14
C GLY M 553 57.04 -24.49 -18.36
N LYS M 554 56.93 -25.83 -18.30
CA LYS M 554 57.94 -26.63 -17.63
C LYS M 554 59.28 -26.58 -18.33
N SER M 555 59.30 -26.20 -19.61
CA SER M 555 60.51 -26.03 -20.38
C SER M 555 60.88 -24.55 -20.43
N ALA M 556 61.95 -24.25 -21.16
CA ALA M 556 62.39 -22.87 -21.29
C ALA M 556 62.21 -22.31 -22.69
N ASN M 557 62.41 -23.12 -23.74
CA ASN M 557 62.32 -22.65 -25.11
C ASN M 557 61.01 -22.99 -25.79
N PHE M 558 60.36 -24.07 -25.39
CA PHE M 558 59.06 -24.41 -25.95
C PHE M 558 58.03 -23.40 -25.49
N GLN M 559 57.19 -22.94 -26.42
CA GLN M 559 56.21 -21.91 -26.07
C GLN M 559 55.13 -21.85 -27.13
N LYS M 560 54.09 -21.06 -26.85
CA LYS M 560 52.93 -20.96 -27.71
C LYS M 560 53.32 -20.52 -29.12
N PRO M 561 52.44 -20.74 -30.09
CA PRO M 561 52.66 -20.19 -31.43
C PRO M 561 52.29 -18.71 -31.45
N ARG M 562 52.46 -18.10 -32.62
CA ARG M 562 52.07 -16.71 -32.83
C ARG M 562 51.37 -16.60 -34.17
N ASN M 563 50.29 -15.82 -34.21
CA ASN M 563 49.52 -15.59 -35.43
C ASN M 563 49.75 -14.14 -35.84
N ILE M 564 50.50 -13.95 -36.91
CA ILE M 564 50.88 -12.63 -37.40
C ILE M 564 50.44 -12.50 -38.85
N LYS M 565 49.92 -11.32 -39.20
CA LYS M 565 49.53 -10.95 -40.57
C LYS M 565 48.69 -12.03 -41.24
N GLY M 566 47.93 -12.78 -40.45
CA GLY M 566 47.10 -13.83 -40.99
C GLY M 566 47.88 -14.96 -41.63
N LYS M 567 48.97 -15.39 -40.98
CA LYS M 567 49.72 -16.54 -41.46
C LYS M 567 48.82 -17.77 -41.55
N PRO M 568 49.24 -18.79 -42.31
CA PRO M 568 48.37 -19.97 -42.48
C PRO M 568 47.95 -20.63 -41.17
N GLU M 569 48.91 -21.11 -40.39
CA GLU M 569 48.62 -21.85 -39.16
C GLU M 569 49.93 -22.16 -38.47
N ALA M 570 49.86 -22.31 -37.15
CA ALA M 570 51.00 -22.79 -36.36
C ALA M 570 50.46 -23.40 -35.08
N HIS M 571 51.02 -24.54 -34.71
CA HIS M 571 50.55 -25.27 -33.54
C HIS M 571 51.46 -25.10 -32.32
N PHE M 572 52.75 -24.91 -32.53
CA PHE M 572 53.63 -24.57 -31.42
C PHE M 572 54.85 -23.88 -32.01
N SER M 573 55.63 -23.26 -31.14
CA SER M 573 56.82 -22.54 -31.56
C SER M 573 57.99 -22.92 -30.68
N LEU M 574 59.10 -23.26 -31.31
CA LEU M 574 60.39 -23.39 -30.67
C LEU M 574 61.20 -22.13 -30.97
N ILE M 575 62.22 -21.90 -30.15
CA ILE M 575 63.22 -20.88 -30.43
C ILE M 575 64.53 -21.58 -30.70
N HIS M 576 65.23 -21.14 -31.73
CA HIS M 576 66.54 -21.65 -32.08
C HIS M 576 67.54 -20.51 -32.00
N TYR M 577 68.78 -20.78 -32.42
CA TYR M 577 69.73 -19.69 -32.55
C TYR M 577 69.31 -18.72 -33.65
N ALA M 578 68.65 -19.22 -34.69
CA ALA M 578 68.29 -18.42 -35.84
C ALA M 578 66.90 -17.78 -35.73
N GLY M 579 66.33 -17.75 -34.53
CA GLY M 579 65.10 -17.06 -34.28
C GLY M 579 64.00 -17.99 -33.82
N ILE M 580 62.84 -17.40 -33.55
CA ILE M 580 61.65 -18.15 -33.17
C ILE M 580 61.04 -18.76 -34.42
N VAL M 581 60.85 -20.08 -34.42
CA VAL M 581 60.27 -20.79 -35.55
C VAL M 581 58.96 -21.42 -35.10
N ASP M 582 57.91 -21.22 -35.89
CA ASP M 582 56.62 -21.83 -35.62
C ASP M 582 56.42 -23.03 -36.52
N TYR M 583 56.13 -24.18 -35.93
CA TYR M 583 56.03 -25.44 -36.64
C TYR M 583 54.58 -25.90 -36.69
N ASN M 584 54.26 -26.67 -37.71
CA ASN M 584 52.92 -27.20 -37.90
C ASN M 584 52.90 -28.70 -37.66
N ILE M 585 51.84 -29.19 -37.02
CA ILE M 585 51.79 -30.59 -36.62
C ILE M 585 51.22 -31.47 -37.73
N ILE M 586 50.22 -30.98 -38.45
CA ILE M 586 49.40 -31.81 -39.33
C ILE M 586 50.24 -32.70 -40.25
N GLY M 587 50.08 -34.02 -40.12
CA GLY M 587 50.73 -34.97 -40.99
C GLY M 587 51.94 -35.67 -40.42
N TRP M 588 52.43 -35.24 -39.25
CA TRP M 588 53.69 -35.77 -38.75
C TRP M 588 53.59 -37.25 -38.41
N LEU M 589 52.53 -37.66 -37.73
CA LEU M 589 52.34 -39.08 -37.41
C LEU M 589 52.37 -39.93 -38.66
N GLN M 590 51.57 -39.56 -39.66
CA GLN M 590 51.50 -40.36 -40.88
C GLN M 590 52.82 -40.36 -41.63
N LYS M 591 53.58 -39.28 -41.57
CA LYS M 591 54.80 -39.22 -42.37
C LYS M 591 56.02 -39.75 -41.65
N ASN M 592 55.96 -39.97 -40.34
CA ASN M 592 57.11 -40.46 -39.62
C ASN M 592 57.22 -41.98 -39.61
N LYS M 593 56.15 -42.69 -39.94
CA LYS M 593 56.16 -44.14 -39.89
C LYS M 593 57.06 -44.73 -40.97
N ASP M 594 57.87 -45.71 -40.58
CA ASP M 594 58.78 -46.38 -41.52
C ASP M 594 58.79 -47.88 -41.25
N PRO M 595 57.63 -48.54 -41.38
CA PRO M 595 57.58 -50.00 -41.17
C PRO M 595 58.06 -50.75 -42.40
N LEU M 596 59.27 -51.29 -42.32
CA LEU M 596 59.82 -52.05 -43.44
C LEU M 596 59.31 -53.49 -43.42
N ASN M 597 58.96 -54.01 -44.59
CA ASN M 597 58.32 -55.30 -44.72
C ASN M 597 59.37 -56.36 -45.02
N GLU M 598 59.60 -57.25 -44.04
CA GLU M 598 60.73 -58.18 -44.10
C GLU M 598 60.53 -59.24 -45.17
N THR M 599 59.29 -59.70 -45.39
CA THR M 599 59.06 -60.70 -46.41
C THR M 599 59.36 -60.15 -47.79
N VAL M 600 58.91 -58.93 -48.07
CA VAL M 600 59.20 -58.33 -49.36
C VAL M 600 60.67 -58.01 -49.49
N VAL M 601 61.33 -57.68 -48.39
CA VAL M 601 62.78 -57.49 -48.46
C VAL M 601 63.48 -58.78 -48.84
N GLY M 602 63.01 -59.90 -48.29
CA GLY M 602 63.55 -61.19 -48.71
C GLY M 602 63.29 -61.47 -50.18
N LEU M 603 62.09 -61.13 -50.65
CA LEU M 603 61.80 -61.22 -52.07
C LEU M 603 62.80 -60.43 -52.89
N TYR M 604 63.14 -59.22 -52.45
CA TYR M 604 64.14 -58.43 -53.17
C TYR M 604 65.49 -59.12 -53.14
N GLN M 605 65.86 -59.70 -51.99
CA GLN M 605 67.10 -60.47 -51.92
C GLN M 605 67.11 -61.60 -52.93
N LYS M 606 65.93 -62.13 -53.26
CA LYS M 606 65.81 -63.23 -54.20
C LYS M 606 65.41 -62.77 -55.60
N SER M 607 65.76 -61.55 -55.98
CA SER M 607 65.35 -61.01 -57.26
C SER M 607 66.21 -61.57 -58.39
N SER M 608 65.90 -61.16 -59.61
CA SER M 608 66.65 -61.51 -60.81
C SER M 608 67.30 -60.30 -61.44
N LEU M 609 67.77 -59.36 -60.61
CA LEU M 609 68.25 -58.07 -61.07
C LEU M 609 69.50 -57.65 -60.31
N LYS M 610 69.86 -56.37 -60.40
CA LYS M 610 70.84 -55.79 -59.50
C LYS M 610 70.23 -55.48 -58.14
N LEU M 611 68.89 -55.46 -58.05
CA LEU M 611 68.20 -55.15 -56.79
C LEU M 611 68.70 -56.02 -55.65
N LEU M 612 69.06 -57.26 -55.93
CA LEU M 612 69.53 -58.16 -54.89
C LEU M 612 70.82 -57.70 -54.26
N SER M 613 71.58 -56.83 -54.93
CA SER M 613 72.76 -56.27 -54.31
C SER M 613 72.38 -55.12 -53.37
N THR M 614 71.48 -54.25 -53.81
CA THR M 614 71.08 -53.13 -52.96
C THR M 614 70.43 -53.63 -51.68
N LEU M 615 69.56 -54.64 -51.79
CA LEU M 615 68.88 -55.20 -50.63
C LEU M 615 69.60 -56.46 -50.15
N PHE M 616 70.94 -56.46 -50.20
CA PHE M 616 71.71 -57.67 -49.95
C PHE M 616 71.27 -58.40 -48.69
N ALA M 617 71.13 -57.66 -47.59
CA ALA M 617 70.65 -58.22 -46.33
C ALA M 617 70.21 -57.06 -45.47
N ASN M 618 68.91 -56.93 -45.24
CA ASN M 618 68.44 -55.87 -44.36
C ASN M 618 67.15 -56.29 -43.69
N TYR M 619 66.87 -55.65 -42.56
CA TYR M 619 65.73 -55.98 -41.73
C TYR M 619 64.73 -54.83 -41.75
N GLY M 629 68.87 -62.19 -28.07
CA GLY M 629 69.93 -63.17 -27.99
C GLY M 629 71.27 -62.53 -27.70
N LYS M 630 71.90 -62.94 -26.61
CA LYS M 630 73.19 -62.43 -26.14
C LYS M 630 73.17 -60.93 -25.92
N GLY M 631 72.00 -60.31 -25.99
CA GLY M 631 71.88 -58.87 -25.90
C GLY M 631 71.70 -58.30 -27.29
N LYS M 632 70.46 -58.03 -27.67
CA LYS M 632 70.16 -57.60 -29.02
C LYS M 632 69.35 -56.32 -28.99
N ALA M 633 69.87 -55.31 -29.68
CA ALA M 633 69.18 -54.03 -29.87
C ALA M 633 68.33 -54.04 -31.13
N LYS M 634 67.90 -55.21 -31.59
CA LYS M 634 67.14 -55.30 -32.83
C LYS M 634 65.77 -54.70 -32.61
N LYS M 635 65.59 -53.44 -32.97
CA LYS M 635 64.26 -52.87 -32.97
C LYS M 635 63.45 -53.51 -34.08
N GLY M 636 62.18 -53.73 -33.82
CA GLY M 636 61.34 -54.43 -34.76
C GLY M 636 61.23 -53.71 -36.08
N SER M 637 60.54 -54.37 -37.01
CA SER M 637 60.27 -53.72 -38.29
C SER M 637 59.22 -52.62 -38.14
N SER M 638 58.29 -52.80 -37.21
CA SER M 638 57.24 -51.81 -37.02
C SER M 638 57.70 -50.65 -36.15
N PHE M 639 58.64 -50.86 -35.24
CA PHE M 639 59.10 -49.80 -34.35
C PHE M 639 60.22 -49.00 -35.01
N GLN M 640 59.94 -48.53 -36.22
CA GLN M 640 60.90 -47.78 -37.01
C GLN M 640 60.34 -46.39 -37.29
N THR M 641 61.16 -45.37 -37.09
CA THR M 641 60.71 -44.01 -37.32
C THR M 641 61.82 -43.21 -38.00
N VAL M 642 61.39 -42.42 -39.00
CA VAL M 642 62.31 -41.55 -39.72
C VAL M 642 63.09 -40.68 -38.76
N SER M 643 62.44 -40.20 -37.71
CA SER M 643 63.13 -39.37 -36.73
C SER M 643 64.23 -40.13 -36.03
N ALA M 644 64.00 -41.40 -35.72
CA ALA M 644 65.01 -42.18 -35.02
C ALA M 644 66.20 -42.50 -35.92
N LEU M 645 65.92 -42.91 -37.15
CA LEU M 645 67.01 -43.13 -38.11
C LEU M 645 67.81 -41.85 -38.31
N HIS M 646 67.12 -40.72 -38.35
CA HIS M 646 67.78 -39.44 -38.54
C HIS M 646 68.65 -39.09 -37.34
N ARG M 647 68.17 -39.34 -36.13
CA ARG M 647 68.99 -39.08 -34.95
C ARG M 647 70.23 -39.94 -34.95
N GLU M 648 70.11 -41.21 -35.36
CA GLU M 648 71.29 -42.07 -35.45
C GLU M 648 72.29 -41.55 -36.46
N ASN M 649 71.81 -41.17 -37.66
CA ASN M 649 72.72 -40.68 -38.69
C ASN M 649 73.40 -39.39 -38.24
N LEU M 650 72.66 -38.49 -37.59
CA LEU M 650 73.27 -37.26 -37.09
C LEU M 650 74.32 -37.57 -36.04
N ASN M 651 74.05 -38.55 -35.19
CA ASN M 651 75.05 -38.94 -34.20
C ASN M 651 76.34 -39.37 -34.88
N LYS M 652 76.24 -40.22 -35.90
CA LYS M 652 77.46 -40.71 -36.53
C LYS M 652 78.16 -39.64 -37.37
N LEU M 653 77.42 -38.71 -37.95
CA LEU M 653 78.04 -37.58 -38.63
C LEU M 653 78.82 -36.71 -37.64
N MET M 654 78.23 -36.44 -36.48
CA MET M 654 78.97 -35.72 -35.45
C MET M 654 80.21 -36.48 -35.02
N THR M 655 80.11 -37.81 -34.91
CA THR M 655 81.30 -38.58 -34.55
C THR M 655 82.37 -38.52 -35.63
N ASN M 656 81.99 -38.37 -36.89
CA ASN M 656 83.01 -38.22 -37.93
C ASN M 656 83.63 -36.82 -37.93
N LEU M 657 82.84 -35.79 -37.64
CA LEU M 657 83.39 -34.44 -37.66
C LEU M 657 84.20 -34.10 -36.43
N ARG M 658 83.79 -34.58 -35.24
CA ARG M 658 84.39 -34.14 -34.00
C ARG M 658 85.82 -34.63 -33.83
N SER M 659 86.34 -35.43 -34.75
CA SER M 659 87.73 -35.87 -34.70
C SER M 659 88.65 -35.00 -35.56
N THR M 660 88.11 -33.99 -36.24
CA THR M 660 88.90 -33.15 -37.14
C THR M 660 88.78 -31.69 -36.72
N HIS M 661 89.89 -30.96 -36.83
CA HIS M 661 89.89 -29.54 -36.52
C HIS M 661 89.14 -28.79 -37.62
N PRO M 662 88.05 -28.08 -37.30
CA PRO M 662 87.14 -27.59 -38.33
C PRO M 662 87.45 -26.17 -38.79
N HIS M 663 86.95 -25.87 -39.99
CA HIS M 663 87.01 -24.52 -40.54
C HIS M 663 85.71 -24.23 -41.27
N PHE M 664 85.31 -22.97 -41.27
CA PHE M 664 83.96 -22.59 -41.64
C PHE M 664 83.96 -21.52 -42.72
N VAL M 665 83.10 -21.70 -43.71
CA VAL M 665 82.98 -20.80 -44.86
C VAL M 665 81.52 -20.40 -45.00
N ARG M 666 81.26 -19.10 -45.07
CA ARG M 666 79.91 -18.58 -45.12
C ARG M 666 79.68 -17.87 -46.45
N CYS M 667 78.68 -18.31 -47.19
CA CYS M 667 78.35 -17.76 -48.50
C CYS M 667 77.02 -17.03 -48.42
N ILE M 668 77.00 -15.78 -48.88
CA ILE M 668 75.80 -14.95 -48.86
C ILE M 668 75.48 -14.50 -50.26
N ILE M 669 74.22 -14.59 -50.63
CA ILE M 669 73.74 -13.97 -51.87
C ILE M 669 73.51 -12.48 -51.59
N PRO M 670 73.98 -11.57 -52.46
CA PRO M 670 73.79 -10.14 -52.18
C PRO M 670 72.38 -9.69 -52.51
N ASN M 671 71.82 -10.24 -53.58
CA ASN M 671 70.47 -9.88 -54.00
C ASN M 671 69.88 -11.03 -54.80
N GLU M 672 68.56 -11.11 -54.80
CA GLU M 672 67.89 -12.17 -55.55
C GLU M 672 68.02 -11.98 -57.04
N THR M 673 68.14 -10.75 -57.49
CA THR M 673 68.33 -10.47 -58.91
C THR M 673 69.80 -10.69 -59.26
N LYS M 674 70.03 -11.07 -60.52
CA LYS M 674 71.40 -11.31 -60.97
C LYS M 674 72.16 -10.00 -61.17
N SER M 675 71.50 -8.86 -61.01
CA SER M 675 72.17 -7.57 -61.09
C SER M 675 73.07 -7.37 -59.88
N PRO M 676 74.38 -7.16 -60.08
CA PRO M 676 75.26 -6.93 -58.93
C PRO M 676 75.08 -5.56 -58.31
N GLY M 677 75.90 -5.26 -57.30
CA GLY M 677 75.91 -3.96 -56.68
C GLY M 677 74.72 -3.70 -55.77
N VAL M 678 73.53 -3.66 -56.36
CA VAL M 678 72.32 -3.46 -55.55
C VAL M 678 72.00 -4.75 -54.81
N MET M 679 71.61 -4.60 -53.54
CA MET M 679 71.43 -5.74 -52.65
C MET M 679 70.00 -5.76 -52.14
N ASP M 680 69.76 -6.59 -51.13
CA ASP M 680 68.47 -6.63 -50.44
C ASP M 680 68.77 -6.85 -48.95
N ASN M 681 68.62 -5.78 -48.16
CA ASN M 681 68.87 -5.87 -46.73
C ASN M 681 68.08 -6.97 -46.02
N PRO M 682 66.81 -7.22 -46.32
CA PRO M 682 66.13 -8.35 -45.66
C PRO M 682 66.80 -9.68 -45.96
N LEU M 683 67.22 -9.89 -47.20
CA LEU M 683 67.89 -11.15 -47.54
C LEU M 683 69.23 -11.25 -46.83
N VAL M 684 69.94 -10.12 -46.70
CA VAL M 684 71.20 -10.15 -45.97
C VAL M 684 70.97 -10.52 -44.51
N MET M 685 69.98 -9.88 -43.86
CA MET M 685 69.69 -10.23 -42.46
C MET M 685 69.29 -11.68 -42.32
N HIS M 686 68.49 -12.17 -43.26
CA HIS M 686 68.05 -13.56 -43.20
C HIS M 686 69.24 -14.49 -43.26
N GLN M 687 70.17 -14.24 -44.19
CA GLN M 687 71.35 -15.09 -44.28
C GLN M 687 72.19 -15.01 -43.02
N LEU M 688 72.34 -13.80 -42.47
CA LEU M 688 73.17 -13.64 -41.28
C LEU M 688 72.59 -14.41 -40.09
N ARG M 689 71.29 -14.26 -39.85
CA ARG M 689 70.65 -14.97 -38.74
C ARG M 689 70.70 -16.47 -38.96
N CYS M 690 70.21 -16.94 -40.11
CA CYS M 690 70.16 -18.38 -40.36
C CYS M 690 71.54 -19.00 -40.46
N ASN M 691 72.58 -18.19 -40.63
CA ASN M 691 73.94 -18.70 -40.77
C ASN M 691 74.67 -18.75 -39.44
N GLY M 692 74.39 -17.82 -38.55
CA GLY M 692 75.03 -17.83 -37.24
C GLY M 692 76.26 -16.97 -37.12
N VAL M 693 76.55 -16.13 -38.12
CA VAL M 693 77.56 -15.10 -37.95
C VAL M 693 77.17 -14.17 -36.81
N LEU M 694 75.88 -13.84 -36.72
CA LEU M 694 75.39 -13.02 -35.63
C LEU M 694 75.56 -13.73 -34.30
N GLU M 695 75.38 -15.05 -34.28
CA GLU M 695 75.61 -15.78 -33.04
C GLU M 695 77.09 -15.80 -32.67
N GLY M 696 77.96 -15.88 -33.65
CA GLY M 696 79.39 -15.77 -33.37
C GLY M 696 79.75 -14.43 -32.76
N ILE M 697 79.31 -13.34 -33.39
CA ILE M 697 79.61 -12.03 -32.83
C ILE M 697 78.96 -11.86 -31.47
N ARG M 698 77.85 -12.55 -31.23
CA ARG M 698 77.20 -12.43 -29.93
C ARG M 698 77.97 -13.19 -28.85
N ILE M 699 78.51 -14.36 -29.18
CA ILE M 699 79.40 -15.03 -28.24
C ILE M 699 80.61 -14.16 -27.94
N CYS M 700 81.11 -13.45 -28.96
CA CYS M 700 82.20 -12.52 -28.72
C CYS M 700 81.76 -11.38 -27.80
N ARG M 701 80.54 -10.89 -27.96
CA ARG M 701 80.09 -9.69 -27.26
C ARG M 701 80.03 -9.86 -25.75
N LYS M 702 80.23 -11.07 -25.23
CA LYS M 702 80.24 -11.26 -23.78
C LYS M 702 81.62 -11.10 -23.17
N GLY M 703 82.68 -11.21 -23.97
CA GLY M 703 84.03 -11.00 -23.46
C GLY M 703 84.57 -9.63 -23.79
N PHE M 704 85.80 -9.56 -24.29
CA PHE M 704 86.37 -8.32 -24.80
C PHE M 704 86.71 -8.53 -26.26
N PRO M 705 85.89 -8.06 -27.19
CA PRO M 705 86.13 -8.32 -28.61
C PRO M 705 87.17 -7.40 -29.21
N ASN M 706 87.26 -6.16 -28.71
CA ASN M 706 88.26 -5.22 -29.19
C ASN M 706 89.56 -5.50 -28.44
N ARG M 707 90.55 -6.04 -29.15
CA ARG M 707 91.78 -6.54 -28.57
C ARG M 707 92.96 -5.98 -29.35
N ILE M 708 93.69 -5.05 -28.73
CA ILE M 708 94.77 -4.33 -29.41
C ILE M 708 95.99 -4.31 -28.50
N LEU M 709 97.17 -4.32 -29.13
CA LEU M 709 98.44 -4.31 -28.44
C LEU M 709 98.67 -2.95 -27.78
N TYR M 710 99.82 -2.82 -27.11
CA TYR M 710 100.16 -1.60 -26.39
C TYR M 710 100.85 -0.57 -27.26
N GLY M 711 101.65 -1.00 -28.24
CA GLY M 711 102.43 -0.06 -29.02
C GLY M 711 101.58 0.87 -29.87
N ASP M 712 100.70 0.28 -30.68
CA ASP M 712 99.80 1.10 -31.50
C ASP M 712 98.83 1.86 -30.63
N PHE M 713 98.42 1.27 -29.49
CA PHE M 713 97.64 1.98 -28.49
C PHE M 713 98.31 3.29 -28.10
N ARG M 714 99.60 3.22 -27.77
CA ARG M 714 100.35 4.42 -27.45
C ARG M 714 100.38 5.37 -28.64
N GLN M 715 100.85 4.89 -29.79
CA GLN M 715 100.99 5.76 -30.96
C GLN M 715 99.70 6.43 -31.36
N ARG M 716 98.54 5.91 -30.94
CA ARG M 716 97.27 6.52 -31.28
C ARG M 716 96.62 7.29 -30.15
N TYR M 717 97.01 7.07 -28.89
CA TYR M 717 96.33 7.72 -27.77
C TYR M 717 97.29 8.39 -26.79
N ARG M 718 98.54 8.60 -27.18
CA ARG M 718 99.51 9.21 -26.27
C ARG M 718 99.35 10.72 -26.18
N ILE M 719 98.78 11.36 -27.21
CA ILE M 719 98.63 12.81 -27.18
C ILE M 719 97.59 13.24 -26.16
N LEU M 720 96.73 12.31 -25.69
CA LEU M 720 95.81 12.62 -24.62
C LEU M 720 96.57 12.97 -23.34
N ASN M 721 97.62 12.22 -23.03
CA ASN M 721 98.50 12.49 -21.88
C ASN M 721 99.93 12.26 -22.34
N PRO M 722 100.51 13.21 -23.08
CA PRO M 722 101.84 12.98 -23.65
C PRO M 722 102.92 13.00 -22.59
N ALA M 723 103.87 12.06 -22.72
CA ALA M 723 104.98 11.95 -21.79
C ALA M 723 106.29 12.33 -22.47
N SER M 733 106.21 -0.04 -19.81
CA SER M 733 105.09 0.31 -20.67
C SER M 733 103.78 0.20 -19.91
N ARG M 734 103.83 -0.50 -18.78
CA ARG M 734 102.64 -0.63 -17.95
C ARG M 734 102.40 0.61 -17.11
N LYS M 735 103.47 1.28 -16.70
CA LYS M 735 103.31 2.44 -15.82
C LYS M 735 102.74 3.64 -16.57
N GLY M 736 103.24 3.93 -17.77
CA GLY M 736 102.70 5.04 -18.54
C GLY M 736 101.29 4.76 -19.04
N ALA M 737 101.06 3.53 -19.52
CA ALA M 737 99.71 3.12 -19.91
C ALA M 737 98.75 3.25 -18.73
N GLU M 738 99.17 2.81 -17.55
CA GLU M 738 98.29 2.87 -16.39
C GLU M 738 98.03 4.31 -15.96
N LYS M 739 99.06 5.17 -16.04
CA LYS M 739 98.86 6.58 -15.74
C LYS M 739 97.85 7.20 -16.67
N LEU M 740 97.98 6.92 -17.97
CA LEU M 740 97.02 7.44 -18.94
C LEU M 740 95.62 6.90 -18.68
N LEU M 741 95.51 5.62 -18.32
CA LEU M 741 94.20 5.03 -18.09
C LEU M 741 93.53 5.62 -16.86
N SER M 742 94.29 5.78 -15.77
CA SER M 742 93.72 6.41 -14.59
C SER M 742 93.36 7.86 -14.87
N SER M 743 94.11 8.54 -15.72
CA SER M 743 93.79 9.90 -16.14
C SER M 743 92.85 9.95 -17.34
N LEU M 744 92.26 8.82 -17.74
CA LEU M 744 91.19 8.78 -18.73
C LEU M 744 89.86 8.34 -18.14
N ASP M 745 89.78 8.19 -16.81
CA ASP M 745 88.53 7.85 -16.12
C ASP M 745 87.93 6.56 -16.66
N ILE M 746 88.76 5.53 -16.75
CA ILE M 746 88.32 4.21 -17.18
C ILE M 746 88.16 3.32 -15.94
N ASP M 747 87.03 2.62 -15.86
CA ASP M 747 86.80 1.74 -14.73
C ASP M 747 87.60 0.46 -14.89
N HIS M 748 87.77 -0.26 -13.78
CA HIS M 748 88.59 -1.47 -13.78
C HIS M 748 87.95 -2.57 -14.61
N ASN M 749 86.70 -2.91 -14.31
CA ASN M 749 86.03 -4.01 -14.96
C ASN M 749 85.79 -3.79 -16.45
N GLN M 750 85.97 -2.56 -16.93
CA GLN M 750 85.70 -2.27 -18.34
C GLN M 750 86.85 -2.65 -19.25
N TYR M 751 88.08 -2.72 -18.73
CA TYR M 751 89.23 -3.12 -19.52
C TYR M 751 89.95 -4.25 -18.79
N LYS M 752 90.60 -5.12 -19.56
CA LYS M 752 91.37 -6.21 -19.00
C LYS M 752 92.83 -6.02 -19.42
N PHE M 753 93.71 -5.90 -18.43
CA PHE M 753 95.11 -5.58 -18.69
C PHE M 753 95.88 -6.84 -19.07
N GLY M 754 96.37 -6.89 -20.32
CA GLY M 754 97.16 -7.99 -20.80
C GLY M 754 98.63 -7.62 -20.88
N HIS M 755 99.46 -8.63 -21.19
CA HIS M 755 100.89 -8.43 -21.20
C HIS M 755 101.45 -8.17 -22.59
N THR M 756 100.71 -8.46 -23.66
CA THR M 756 101.04 -7.98 -24.98
C THR M 756 99.96 -7.09 -25.55
N LYS M 757 98.70 -7.37 -25.24
CA LYS M 757 97.56 -6.56 -25.66
C LYS M 757 96.66 -6.30 -24.47
N VAL M 758 96.16 -5.08 -24.36
CA VAL M 758 95.23 -4.69 -23.30
C VAL M 758 93.83 -4.60 -23.89
N PHE M 759 92.87 -5.29 -23.26
CA PHE M 759 91.57 -5.56 -23.85
C PHE M 759 90.54 -4.51 -23.47
N PHE M 760 89.81 -4.01 -24.47
CA PHE M 760 88.82 -2.96 -24.28
C PHE M 760 87.50 -3.34 -24.95
N LYS M 761 86.44 -2.69 -24.50
CA LYS M 761 85.09 -2.94 -25.02
C LYS M 761 84.62 -1.79 -25.90
N ALA M 762 83.38 -1.93 -26.37
CA ALA M 762 82.78 -0.96 -27.28
C ALA M 762 82.73 0.44 -26.67
N GLY M 763 82.24 0.53 -25.43
CA GLY M 763 82.16 1.82 -24.78
C GLY M 763 83.51 2.46 -24.56
N LEU M 764 84.51 1.64 -24.22
CA LEU M 764 85.86 2.17 -24.04
C LEU M 764 86.42 2.71 -25.35
N LEU M 765 86.23 1.98 -26.45
CA LEU M 765 86.67 2.49 -27.74
C LEU M 765 85.95 3.80 -28.09
N GLY M 766 84.65 3.86 -27.85
CA GLY M 766 83.92 5.09 -28.15
C GLY M 766 84.41 6.28 -27.33
N LEU M 767 84.64 6.07 -26.03
CA LEU M 767 85.09 7.15 -25.17
C LEU M 767 86.50 7.60 -25.53
N LEU M 768 87.40 6.66 -25.83
CA LEU M 768 88.75 7.04 -26.24
C LEU M 768 88.72 7.78 -27.57
N GLU M 769 87.87 7.34 -28.51
CA GLU M 769 87.67 8.07 -29.76
C GLU M 769 87.22 9.49 -29.49
N GLU M 770 86.25 9.66 -28.60
CA GLU M 770 85.71 10.99 -28.34
C GLU M 770 86.75 11.91 -27.72
N MET M 771 87.52 11.38 -26.75
CA MET M 771 88.53 12.23 -26.11
C MET M 771 89.69 12.53 -27.05
N ARG M 772 90.03 11.62 -27.96
CA ARG M 772 90.95 11.99 -29.03
C ARG M 772 90.39 13.10 -29.90
N ASP M 773 89.12 12.99 -30.28
CA ASP M 773 88.52 13.99 -31.16
C ASP M 773 88.54 15.37 -30.51
N GLU M 774 88.23 15.44 -29.21
CA GLU M 774 88.31 16.73 -28.54
C GLU M 774 89.76 17.16 -28.30
N ARG M 775 90.68 16.19 -28.19
CA ARG M 775 92.10 16.51 -28.13
C ARG M 775 92.56 17.21 -29.40
N LEU M 776 92.00 16.82 -30.54
CA LEU M 776 92.29 17.50 -31.80
C LEU M 776 91.37 18.70 -31.99
N THR N 1 69.12 -48.21 -22.45
CA THR N 1 68.99 -49.64 -22.13
C THR N 1 67.69 -50.22 -22.67
N THR N 2 67.59 -51.54 -22.65
CA THR N 2 66.41 -52.22 -23.17
C THR N 2 65.73 -53.00 -22.06
N ALA N 3 64.43 -53.14 -22.17
CA ALA N 3 63.64 -53.91 -21.23
C ALA N 3 63.29 -55.26 -21.81
N LEU N 4 63.20 -56.26 -20.95
CA LEU N 4 62.75 -57.58 -21.34
C LEU N 4 61.25 -57.68 -21.14
N VAL N 5 60.61 -58.53 -21.94
CA VAL N 5 59.17 -58.75 -21.85
C VAL N 5 58.96 -60.24 -21.74
N CYS N 6 58.68 -60.71 -20.53
CA CYS N 6 58.50 -62.13 -20.25
C CYS N 6 57.02 -62.39 -19.99
N ASP N 7 56.34 -62.99 -20.96
CA ASP N 7 54.94 -63.33 -20.82
C ASP N 7 54.83 -64.76 -20.31
N ASN N 8 54.81 -64.91 -18.99
CA ASN N 8 54.87 -66.23 -18.40
C ASN N 8 53.71 -67.10 -18.83
N GLY N 9 52.51 -66.56 -18.80
CA GLY N 9 51.40 -67.40 -19.18
C GLY N 9 51.28 -68.58 -18.24
N SER N 10 50.67 -69.65 -18.73
CA SER N 10 50.53 -70.86 -17.93
C SER N 10 50.57 -72.04 -18.90
N GLY N 11 51.77 -72.52 -19.18
CA GLY N 11 51.93 -73.57 -20.17
C GLY N 11 52.74 -73.19 -21.39
N LEU N 12 53.21 -71.96 -21.49
CA LEU N 12 54.08 -71.57 -22.60
C LEU N 12 54.76 -70.27 -22.22
N VAL N 13 56.08 -70.28 -22.09
CA VAL N 13 56.83 -69.09 -21.76
C VAL N 13 57.19 -68.37 -23.04
N LYS N 14 57.01 -67.05 -23.06
CA LYS N 14 57.30 -66.22 -24.21
C LYS N 14 58.10 -65.03 -23.74
N ALA N 15 59.34 -64.93 -24.18
CA ALA N 15 60.23 -63.87 -23.74
C ALA N 15 60.90 -63.23 -24.95
N GLY N 16 61.50 -62.07 -24.72
CA GLY N 16 62.09 -61.32 -25.80
C GLY N 16 62.57 -59.97 -25.30
N PHE N 17 62.78 -59.06 -26.23
CA PHE N 17 63.19 -57.70 -25.89
C PHE N 17 62.09 -56.73 -26.24
N ALA N 18 62.04 -55.63 -25.51
CA ALA N 18 61.05 -54.60 -25.78
C ALA N 18 61.46 -53.83 -27.01
N GLY N 19 60.61 -53.85 -28.02
CA GLY N 19 60.90 -53.22 -29.28
C GLY N 19 61.02 -54.16 -30.43
N ASP N 20 60.69 -55.43 -30.27
CA ASP N 20 60.70 -56.41 -31.33
C ASP N 20 59.28 -56.71 -31.77
N ASP N 21 59.16 -57.38 -32.90
CA ASP N 21 57.84 -57.70 -33.43
C ASP N 21 57.30 -59.00 -32.91
N ALA N 22 58.13 -59.82 -32.26
CA ALA N 22 57.73 -61.15 -31.82
C ALA N 22 58.67 -61.60 -30.73
N PRO N 23 58.28 -62.58 -29.92
CA PRO N 23 59.21 -63.12 -28.94
C PRO N 23 60.25 -64.00 -29.63
N ARG N 24 61.43 -64.03 -29.05
CA ARG N 24 62.50 -64.83 -29.62
C ARG N 24 62.73 -66.13 -28.85
N ALA N 25 61.92 -66.41 -27.84
CA ALA N 25 62.10 -67.60 -27.04
C ALA N 25 60.70 -68.06 -26.63
N VAL N 26 60.17 -69.04 -27.33
CA VAL N 26 58.88 -69.64 -27.01
C VAL N 26 59.13 -71.11 -26.74
N PHE N 27 58.90 -71.54 -25.51
CA PHE N 27 59.11 -72.92 -25.14
C PHE N 27 58.11 -73.29 -24.06
N PRO N 28 57.84 -74.57 -23.86
CA PRO N 28 56.86 -74.96 -22.84
C PRO N 28 57.33 -74.62 -21.44
N SER N 29 56.37 -74.37 -20.57
CA SER N 29 56.64 -74.02 -19.18
C SER N 29 56.54 -75.27 -18.32
N ILE N 30 57.46 -76.19 -18.54
CA ILE N 30 57.48 -77.48 -17.85
C ILE N 30 58.84 -77.69 -17.24
N VAL N 31 58.88 -78.47 -16.17
CA VAL N 31 60.11 -78.90 -15.54
C VAL N 31 60.01 -80.40 -15.32
N GLY N 32 60.95 -81.15 -15.90
CA GLY N 32 60.91 -82.59 -15.85
C GLY N 32 62.02 -83.12 -14.95
N ARG N 33 61.73 -84.23 -14.27
CA ARG N 33 62.71 -84.92 -13.46
C ARG N 33 62.68 -86.39 -13.82
N PRO N 34 63.84 -87.06 -13.82
CA PRO N 34 63.86 -88.48 -14.22
C PRO N 34 63.16 -89.34 -13.19
N ARG N 35 62.46 -90.36 -13.66
CA ARG N 35 61.72 -91.23 -12.78
C ARG N 35 62.27 -92.65 -12.72
N HIS N 36 63.22 -92.99 -13.58
CA HIS N 36 63.88 -94.30 -13.56
C HIS N 36 65.23 -94.17 -12.89
N GLN N 37 65.96 -95.27 -12.81
CA GLN N 37 67.12 -95.32 -11.91
C GLN N 37 68.37 -94.75 -12.56
N GLY N 38 68.73 -95.23 -13.75
CA GLY N 38 69.93 -94.71 -14.39
C GLY N 38 71.13 -95.58 -14.10
N VAL N 39 71.60 -96.29 -15.11
CA VAL N 39 72.55 -97.37 -14.92
C VAL N 39 73.93 -97.02 -15.47
N MET N 40 74.00 -96.33 -16.59
CA MET N 40 75.29 -96.04 -17.20
C MET N 40 76.06 -95.05 -16.34
N VAL N 41 77.10 -95.53 -15.70
CA VAL N 41 78.01 -94.66 -14.96
C VAL N 41 78.79 -93.82 -15.95
N GLY N 42 79.10 -92.59 -15.56
CA GLY N 42 79.75 -91.67 -16.45
C GLY N 42 78.80 -90.89 -17.34
N MET N 43 77.52 -91.25 -17.34
CA MET N 43 76.53 -90.46 -18.07
C MET N 43 76.46 -89.05 -17.52
N GLY N 44 76.67 -88.90 -16.22
CA GLY N 44 76.69 -87.58 -15.59
C GLY N 44 75.42 -86.79 -15.81
N GLN N 45 74.28 -87.45 -15.85
CA GLN N 45 73.05 -86.78 -16.23
C GLN N 45 72.58 -85.82 -15.14
N LYS N 46 71.82 -84.82 -15.57
CA LYS N 46 71.30 -83.79 -14.69
C LYS N 46 70.13 -84.33 -13.88
N ASP N 47 69.62 -83.50 -12.97
CA ASP N 47 68.52 -83.90 -12.11
C ASP N 47 67.19 -83.29 -12.50
N SER N 48 67.19 -82.25 -13.32
CA SER N 48 65.94 -81.63 -13.74
C SER N 48 66.16 -80.89 -15.04
N TYR N 49 65.31 -81.16 -16.01
CA TYR N 49 65.36 -80.52 -17.31
C TYR N 49 64.24 -79.51 -17.42
N VAL N 50 64.52 -78.38 -18.05
CA VAL N 50 63.58 -77.28 -18.13
C VAL N 50 63.29 -76.97 -19.58
N GLY N 51 62.04 -76.63 -19.87
CA GLY N 51 61.74 -76.08 -21.17
C GLY N 51 61.67 -77.12 -22.27
N ASP N 52 62.32 -76.80 -23.38
CA ASP N 52 62.19 -77.59 -24.59
C ASP N 52 63.01 -78.87 -24.54
N GLU N 53 63.95 -78.96 -23.61
CA GLU N 53 64.74 -80.17 -23.46
C GLU N 53 63.91 -81.28 -22.81
N ALA N 54 63.04 -80.92 -21.88
CA ALA N 54 62.17 -81.89 -21.25
C ALA N 54 61.24 -82.55 -22.27
N GLN N 55 60.80 -81.79 -23.27
CA GLN N 55 59.96 -82.37 -24.30
C GLN N 55 60.72 -83.36 -25.18
N SER N 56 62.04 -83.24 -25.25
CA SER N 56 62.81 -84.28 -25.93
C SER N 56 62.96 -85.51 -25.06
N LYS N 57 63.24 -85.31 -23.78
CA LYS N 57 63.40 -86.43 -22.86
C LYS N 57 62.07 -86.85 -22.22
N ARG N 58 60.93 -86.56 -22.85
CA ARG N 58 59.64 -86.94 -22.28
C ARG N 58 59.59 -88.35 -21.74
N GLY N 59 60.01 -89.33 -22.55
CA GLY N 59 59.80 -90.71 -22.17
C GLY N 59 60.51 -91.13 -20.90
N ILE N 60 61.38 -90.29 -20.38
CA ILE N 60 62.16 -90.62 -19.20
C ILE N 60 61.78 -89.79 -17.98
N LEU N 61 61.11 -88.67 -18.17
CA LEU N 61 60.86 -87.70 -17.11
C LEU N 61 59.39 -87.72 -16.69
N THR N 62 59.14 -87.09 -15.55
CA THR N 62 57.80 -86.68 -15.12
C THR N 62 57.69 -85.18 -15.32
N LEU N 63 56.77 -84.76 -16.16
CA LEU N 63 56.64 -83.34 -16.50
C LEU N 63 55.66 -82.67 -15.55
N LYS N 64 56.10 -81.60 -14.91
CA LYS N 64 55.25 -80.83 -14.03
C LYS N 64 55.18 -79.39 -14.50
N TYR N 65 54.01 -78.82 -14.43
CA TYR N 65 53.80 -77.42 -14.71
C TYR N 65 53.83 -76.64 -13.42
N PRO N 66 54.63 -75.58 -13.31
CA PRO N 66 54.65 -74.79 -12.08
C PRO N 66 53.55 -73.74 -11.96
N ILE N 67 52.64 -73.64 -12.92
CA ILE N 67 51.55 -72.68 -12.89
C ILE N 67 50.25 -73.41 -13.17
N GLU N 68 49.32 -73.39 -12.22
CA GLU N 68 48.09 -74.15 -12.40
C GLU N 68 47.03 -73.40 -13.19
N HIS N 69 46.49 -72.33 -12.62
CA HIS N 69 45.53 -71.46 -13.31
C HIS N 69 46.03 -70.05 -13.08
N GLY N 70 46.98 -69.60 -13.87
CA GLY N 70 47.53 -68.29 -13.61
C GLY N 70 48.41 -68.30 -12.38
N ILE N 71 47.95 -68.96 -11.33
CA ILE N 71 48.63 -68.97 -10.04
C ILE N 71 49.85 -69.87 -10.09
N ILE N 72 50.94 -69.42 -9.51
CA ILE N 72 52.16 -70.22 -9.40
C ILE N 72 52.08 -71.06 -8.13
N THR N 73 52.31 -72.35 -8.28
CA THR N 73 52.22 -73.27 -7.15
C THR N 73 53.57 -73.82 -6.70
N ASN N 74 54.57 -73.83 -7.57
CA ASN N 74 55.89 -74.36 -7.24
C ASN N 74 56.89 -73.25 -7.49
N TRP N 75 57.34 -72.60 -6.42
CA TRP N 75 58.19 -71.43 -6.62
C TRP N 75 59.61 -71.82 -7.00
N ASP N 76 60.10 -72.96 -6.54
CA ASP N 76 61.42 -73.41 -6.97
C ASP N 76 61.42 -73.75 -8.45
N ASP N 77 60.39 -74.45 -8.92
CA ASP N 77 60.28 -74.74 -10.33
C ASP N 77 60.17 -73.46 -11.15
N MET N 78 59.36 -72.50 -10.70
CA MET N 78 59.22 -71.28 -11.47
C MET N 78 60.53 -70.50 -11.51
N GLU N 79 61.29 -70.55 -10.42
CA GLU N 79 62.60 -69.90 -10.43
C GLU N 79 63.54 -70.57 -11.41
N LYS N 80 63.47 -71.90 -11.52
CA LYS N 80 64.25 -72.58 -12.55
C LYS N 80 63.83 -72.16 -13.94
N ILE N 81 62.52 -72.02 -14.16
CA ILE N 81 62.04 -71.58 -15.47
C ILE N 81 62.61 -70.22 -15.80
N TRP N 82 62.58 -69.30 -14.84
CA TRP N 82 63.08 -67.95 -15.13
C TRP N 82 64.57 -67.96 -15.37
N HIS N 83 65.31 -68.74 -14.59
CA HIS N 83 66.75 -68.83 -14.81
C HIS N 83 67.06 -69.35 -16.20
N HIS N 84 66.37 -70.39 -16.61
CA HIS N 84 66.55 -70.91 -17.97
C HIS N 84 66.24 -69.84 -19.00
N THR N 85 65.14 -69.11 -18.81
CA THR N 85 64.74 -68.10 -19.78
C THR N 85 65.80 -67.00 -19.90
N PHE N 86 66.33 -66.56 -18.78
CA PHE N 86 67.28 -65.46 -18.82
C PHE N 86 68.61 -65.90 -19.39
N TYR N 87 69.12 -67.06 -18.98
CA TYR N 87 70.50 -67.37 -19.29
C TYR N 87 70.68 -68.29 -20.48
N ASN N 88 69.73 -69.15 -20.78
CA ASN N 88 69.94 -70.12 -21.85
C ASN N 88 69.19 -69.80 -23.13
N GLU N 89 68.00 -69.23 -23.06
CA GLU N 89 67.28 -68.90 -24.28
C GLU N 89 67.60 -67.49 -24.76
N LEU N 90 67.67 -66.52 -23.85
CA LEU N 90 67.95 -65.14 -24.22
C LEU N 90 69.41 -64.77 -24.11
N ARG N 91 70.13 -65.34 -23.15
CA ARG N 91 71.56 -65.09 -22.97
C ARG N 91 71.81 -63.63 -22.63
N VAL N 92 71.19 -63.19 -21.54
CA VAL N 92 71.30 -61.81 -21.07
C VAL N 92 71.54 -61.86 -19.57
N ALA N 93 72.09 -60.77 -19.05
CA ALA N 93 72.29 -60.66 -17.62
C ALA N 93 71.15 -59.86 -17.02
N PRO N 94 70.31 -60.47 -16.18
CA PRO N 94 69.10 -59.77 -15.73
C PRO N 94 69.37 -58.59 -14.81
N GLU N 95 70.60 -58.36 -14.38
CA GLU N 95 70.90 -57.20 -13.56
C GLU N 95 71.16 -55.95 -14.37
N GLU N 96 70.92 -55.98 -15.67
CA GLU N 96 71.10 -54.82 -16.52
C GLU N 96 69.84 -54.46 -17.28
N HIS N 97 68.75 -55.21 -17.10
CA HIS N 97 67.58 -55.04 -17.90
C HIS N 97 66.34 -54.93 -17.02
N PRO N 98 65.51 -53.92 -17.22
CA PRO N 98 64.19 -53.94 -16.61
C PRO N 98 63.40 -55.10 -17.18
N THR N 99 62.44 -55.59 -16.40
CA THR N 99 61.66 -56.75 -16.80
C THR N 99 60.18 -56.44 -16.61
N LEU N 100 59.40 -56.63 -17.67
CA LEU N 100 57.95 -56.47 -17.60
C LEU N 100 57.32 -57.86 -17.56
N LEU N 101 56.57 -58.13 -16.50
CA LEU N 101 55.91 -59.41 -16.32
C LEU N 101 54.42 -59.22 -16.54
N THR N 102 53.73 -60.30 -16.84
CA THR N 102 52.29 -60.24 -17.06
C THR N 102 51.58 -61.14 -16.08
N GLU N 103 50.31 -60.82 -15.82
CA GLU N 103 49.50 -61.61 -14.90
C GLU N 103 48.04 -61.49 -15.32
N ALA N 104 47.24 -62.46 -14.92
CA ALA N 104 45.83 -62.44 -15.22
C ALA N 104 45.07 -61.65 -14.15
N PRO N 105 43.89 -61.13 -14.48
CA PRO N 105 43.10 -60.43 -13.47
C PRO N 105 42.63 -61.37 -12.38
N LEU N 106 42.46 -60.80 -11.19
CA LEU N 106 41.82 -61.49 -10.08
C LEU N 106 42.60 -62.71 -9.62
N ASN N 107 43.91 -62.58 -9.53
CA ASN N 107 44.75 -63.59 -8.90
C ASN N 107 45.01 -63.22 -7.46
N PRO N 108 45.52 -64.15 -6.65
CA PRO N 108 45.95 -63.79 -5.31
C PRO N 108 46.99 -62.68 -5.35
N LYS N 109 47.11 -61.98 -4.23
CA LYS N 109 48.08 -60.90 -4.16
C LYS N 109 49.47 -61.42 -3.83
N ALA N 110 49.55 -62.52 -3.11
CA ALA N 110 50.85 -63.06 -2.78
C ALA N 110 51.57 -63.57 -4.01
N ASN N 111 50.84 -63.98 -5.03
CA ASN N 111 51.45 -64.33 -6.30
C ASN N 111 52.31 -63.19 -6.82
N ARG N 112 51.69 -62.02 -6.93
CA ARG N 112 52.37 -60.86 -7.48
C ARG N 112 53.48 -60.37 -6.56
N GLU N 113 53.24 -60.40 -5.25
CA GLU N 113 54.25 -59.93 -4.32
C GLU N 113 55.48 -60.83 -4.32
N LYS N 114 55.28 -62.14 -4.31
CA LYS N 114 56.40 -63.07 -4.34
C LYS N 114 57.13 -63.01 -5.67
N MET N 115 56.41 -62.79 -6.76
CA MET N 115 57.07 -62.61 -8.05
C MET N 115 58.00 -61.41 -8.02
N THR N 116 57.53 -60.29 -7.49
CA THR N 116 58.38 -59.10 -7.36
C THR N 116 59.58 -59.38 -6.46
N GLN N 117 59.35 -60.02 -5.33
CA GLN N 117 60.44 -60.32 -4.42
C GLN N 117 61.50 -61.18 -5.09
N ILE N 118 61.09 -62.18 -5.87
CA ILE N 118 62.04 -63.01 -6.58
C ILE N 118 62.83 -62.18 -7.57
N MET N 119 62.14 -61.37 -8.37
CA MET N 119 62.81 -60.64 -9.43
C MET N 119 63.80 -59.61 -8.88
N PHE N 120 63.58 -59.14 -7.65
CA PHE N 120 64.54 -58.19 -7.10
C PHE N 120 65.64 -58.84 -6.27
N GLU N 121 65.33 -59.88 -5.51
CA GLU N 121 66.34 -60.49 -4.67
C GLU N 121 67.18 -61.52 -5.41
N THR N 122 66.53 -62.47 -6.08
CA THR N 122 67.26 -63.55 -6.73
C THR N 122 67.93 -63.07 -8.02
N PHE N 123 67.15 -62.50 -8.94
CA PHE N 123 67.70 -62.14 -10.24
C PHE N 123 68.24 -60.73 -10.30
N ASN N 124 67.86 -59.88 -9.35
CA ASN N 124 68.56 -58.62 -9.10
C ASN N 124 68.34 -57.59 -10.21
N VAL N 125 67.18 -57.63 -10.86
CA VAL N 125 66.87 -56.73 -11.97
C VAL N 125 66.85 -55.30 -11.44
N PRO N 126 67.03 -54.29 -12.30
CA PRO N 126 66.99 -52.91 -11.79
C PRO N 126 65.59 -52.40 -11.56
N ALA N 127 64.64 -52.80 -12.41
CA ALA N 127 63.26 -52.37 -12.28
C ALA N 127 62.37 -53.52 -12.72
N MET N 128 61.09 -53.41 -12.40
CA MET N 128 60.15 -54.43 -12.87
C MET N 128 58.75 -53.87 -12.80
N TYR N 129 57.84 -54.55 -13.49
CA TYR N 129 56.47 -54.09 -13.59
C TYR N 129 55.61 -55.28 -13.94
N VAL N 130 54.43 -55.37 -13.34
CA VAL N 130 53.50 -56.46 -13.60
C VAL N 130 52.28 -55.89 -14.29
N ALA N 131 51.96 -56.41 -15.46
CA ALA N 131 50.90 -55.87 -16.28
C ALA N 131 49.79 -56.88 -16.46
N ILE N 132 48.61 -56.40 -16.81
CA ILE N 132 47.46 -57.28 -17.02
C ILE N 132 47.46 -57.74 -18.47
N GLN N 133 47.13 -59.01 -18.69
CA GLN N 133 47.29 -59.57 -20.02
C GLN N 133 46.31 -58.96 -21.02
N ALA N 134 45.09 -58.66 -20.59
CA ALA N 134 44.08 -58.16 -21.51
C ALA N 134 44.40 -56.75 -21.97
N VAL N 135 44.92 -55.91 -21.09
CA VAL N 135 45.30 -54.56 -21.49
C VAL N 135 46.37 -54.61 -22.56
N LEU N 136 47.37 -55.46 -22.37
CA LEU N 136 48.44 -55.57 -23.34
C LEU N 136 47.93 -56.13 -24.66
N SER N 137 46.97 -57.04 -24.59
CA SER N 137 46.35 -57.52 -25.80
C SER N 137 45.70 -56.39 -26.56
N LEU N 138 45.05 -55.47 -25.85
CA LEU N 138 44.39 -54.35 -26.52
C LEU N 138 45.39 -53.38 -27.10
N TYR N 139 46.53 -53.15 -26.42
CA TYR N 139 47.62 -52.42 -27.05
C TYR N 139 48.01 -53.02 -28.39
N ALA N 140 48.28 -54.33 -28.41
CA ALA N 140 48.73 -54.96 -29.64
C ALA N 140 47.65 -54.96 -30.72
N SER N 141 46.39 -54.93 -30.33
CA SER N 141 45.33 -54.96 -31.34
C SER N 141 45.12 -53.63 -32.04
N GLY N 142 45.69 -52.54 -31.53
CA GLY N 142 45.51 -51.24 -32.15
C GLY N 142 44.27 -50.50 -31.72
N ARG N 143 43.46 -51.07 -30.83
CA ARG N 143 42.26 -50.43 -30.34
C ARG N 143 42.58 -49.57 -29.13
N THR N 144 41.56 -48.87 -28.66
CA THR N 144 41.60 -48.25 -27.35
C THR N 144 40.33 -48.50 -26.57
N THR N 145 39.27 -49.00 -27.19
CA THR N 145 38.11 -49.55 -26.53
C THR N 145 37.99 -51.02 -26.90
N GLY N 146 36.96 -51.66 -26.41
CA GLY N 146 36.74 -53.04 -26.80
C GLY N 146 36.80 -53.98 -25.62
N ILE N 147 36.06 -55.07 -25.72
CA ILE N 147 36.04 -56.11 -24.69
C ILE N 147 36.90 -57.26 -25.16
N VAL N 148 37.94 -57.54 -24.43
CA VAL N 148 38.93 -58.53 -24.83
C VAL N 148 38.71 -59.84 -24.09
N LEU N 149 38.78 -60.95 -24.81
CA LEU N 149 38.59 -62.30 -24.29
C LEU N 149 39.91 -63.05 -24.44
N ASP N 150 40.67 -63.15 -23.37
CA ASP N 150 42.02 -63.70 -23.41
C ASP N 150 41.99 -65.12 -22.86
N SER N 151 41.82 -66.09 -23.74
CA SER N 151 41.77 -67.49 -23.36
C SER N 151 43.16 -68.09 -23.53
N GLY N 152 43.89 -68.22 -22.43
CA GLY N 152 45.21 -68.81 -22.49
C GLY N 152 45.16 -70.31 -22.31
N ASP N 153 46.02 -70.83 -21.43
CA ASP N 153 46.02 -72.24 -21.10
C ASP N 153 45.60 -72.52 -19.67
N GLY N 154 45.72 -71.55 -18.77
CA GLY N 154 45.19 -71.71 -17.44
C GLY N 154 43.83 -71.09 -17.27
N VAL N 155 43.67 -69.81 -17.63
CA VAL N 155 42.47 -69.06 -17.33
C VAL N 155 41.90 -68.44 -18.60
N THR N 156 40.63 -68.07 -18.51
CA THR N 156 39.95 -67.29 -19.51
C THR N 156 39.37 -66.06 -18.83
N HIS N 157 39.49 -64.89 -19.45
CA HIS N 157 38.92 -63.72 -18.81
C HIS N 157 38.49 -62.69 -19.84
N ASN N 158 37.43 -61.95 -19.50
CA ASN N 158 36.97 -60.80 -20.27
C ASN N 158 37.32 -59.55 -19.49
N VAL N 159 37.82 -58.54 -20.19
CA VAL N 159 38.14 -57.26 -19.55
C VAL N 159 37.64 -56.14 -20.43
N PRO N 160 36.49 -55.54 -20.14
CA PRO N 160 35.99 -54.45 -20.98
C PRO N 160 36.72 -53.16 -20.70
N ILE N 161 37.18 -52.50 -21.76
CA ILE N 161 37.89 -51.24 -21.69
C ILE N 161 37.21 -50.25 -22.62
N TYR N 162 37.06 -49.01 -22.17
CA TYR N 162 36.48 -47.96 -22.98
C TYR N 162 37.32 -46.71 -22.86
N GLU N 163 37.81 -46.21 -23.99
CA GLU N 163 38.64 -45.01 -24.04
C GLU N 163 39.84 -45.12 -23.11
N GLY N 164 40.35 -46.31 -22.91
CA GLY N 164 41.47 -46.46 -22.02
C GLY N 164 41.13 -46.57 -20.56
N TYR N 165 39.85 -46.63 -20.21
CA TYR N 165 39.43 -46.85 -18.84
C TYR N 165 38.86 -48.26 -18.73
N ALA N 166 39.36 -49.01 -17.76
CA ALA N 166 38.87 -50.35 -17.54
C ALA N 166 37.80 -50.35 -16.47
N LEU N 167 36.81 -51.20 -16.64
CA LEU N 167 35.66 -51.24 -15.76
C LEU N 167 35.78 -52.47 -14.87
N PRO N 168 36.40 -52.35 -13.69
CA PRO N 168 36.78 -53.55 -12.95
C PRO N 168 35.61 -54.35 -12.45
N HIS N 169 34.47 -53.72 -12.19
CA HIS N 169 33.33 -54.48 -11.72
C HIS N 169 32.77 -55.40 -12.78
N ALA N 170 33.15 -55.22 -14.05
CA ALA N 170 32.66 -56.05 -15.13
C ALA N 170 33.67 -57.06 -15.60
N ILE N 171 34.81 -57.17 -14.92
CA ILE N 171 35.81 -58.18 -15.27
C ILE N 171 35.29 -59.55 -14.88
N MET N 172 35.39 -60.50 -15.79
CA MET N 172 34.99 -61.87 -15.53
C MET N 172 36.19 -62.77 -15.70
N ARG N 173 36.27 -63.81 -14.89
CA ARG N 173 37.35 -64.76 -14.97
C ARG N 173 36.79 -66.17 -14.84
N LEU N 174 37.17 -67.03 -15.76
CA LEU N 174 36.71 -68.41 -15.79
C LEU N 174 37.92 -69.31 -15.78
N ASP N 175 37.85 -70.42 -15.05
CA ASP N 175 38.98 -71.32 -14.94
C ASP N 175 38.88 -72.50 -15.89
N LEU N 176 38.37 -72.29 -17.09
CA LEU N 176 38.32 -73.29 -18.13
C LEU N 176 39.23 -72.82 -19.25
N ALA N 177 40.12 -73.69 -19.70
CA ALA N 177 41.09 -73.27 -20.69
C ALA N 177 41.62 -74.49 -21.43
N GLY N 178 42.77 -74.31 -22.08
CA GLY N 178 43.33 -75.38 -22.90
C GLY N 178 43.71 -76.61 -22.11
N ARG N 179 44.13 -76.44 -20.86
CA ARG N 179 44.48 -77.60 -20.05
C ARG N 179 43.26 -78.46 -19.77
N ASP N 180 42.13 -77.83 -19.47
CA ASP N 180 40.91 -78.59 -19.27
C ASP N 180 40.40 -79.19 -20.55
N LEU N 181 40.61 -78.52 -21.68
CA LEU N 181 40.25 -79.14 -22.94
C LEU N 181 41.10 -80.37 -23.23
N THR N 182 42.39 -80.31 -22.91
CA THR N 182 43.26 -81.47 -23.08
C THR N 182 42.79 -82.62 -22.20
N ASP N 183 42.42 -82.34 -20.96
CA ASP N 183 41.97 -83.41 -20.09
C ASP N 183 40.68 -84.01 -20.58
N TYR N 184 39.77 -83.18 -21.09
CA TYR N 184 38.52 -83.71 -21.63
C TYR N 184 38.78 -84.55 -22.87
N LEU N 185 39.75 -84.17 -23.69
CA LEU N 185 40.04 -84.97 -24.87
C LEU N 185 40.68 -86.30 -24.49
N MET N 186 41.62 -86.28 -23.53
CA MET N 186 42.15 -87.53 -23.00
C MET N 186 41.02 -88.44 -22.54
N LYS N 187 40.02 -87.86 -21.87
CA LYS N 187 38.95 -88.68 -21.34
C LYS N 187 38.06 -89.24 -22.44
N ILE N 188 37.65 -88.42 -23.41
CA ILE N 188 36.72 -88.94 -24.41
C ILE N 188 37.41 -89.71 -25.52
N LEU N 189 38.73 -89.70 -25.58
CA LEU N 189 39.41 -90.53 -26.54
C LEU N 189 39.41 -91.99 -26.14
N THR N 190 39.01 -92.31 -24.92
CA THR N 190 38.92 -93.69 -24.49
C THR N 190 37.70 -94.40 -25.05
N GLU N 191 36.76 -93.68 -25.64
CA GLU N 191 35.62 -94.33 -26.27
C GLU N 191 36.02 -95.12 -27.50
N ARG N 192 37.19 -94.87 -28.05
CA ARG N 192 37.65 -95.62 -29.21
C ARG N 192 38.83 -96.51 -28.90
N GLY N 193 39.21 -96.62 -27.63
CA GLY N 193 40.22 -97.57 -27.21
C GLY N 193 41.55 -96.96 -26.91
N TYR N 194 41.85 -95.78 -27.45
CA TYR N 194 43.13 -95.16 -27.18
C TYR N 194 43.17 -94.71 -25.73
N SER N 195 44.27 -95.02 -25.05
CA SER N 195 44.47 -94.67 -23.65
C SER N 195 45.74 -93.87 -23.52
N PHE N 196 45.63 -92.66 -22.97
CA PHE N 196 46.77 -91.82 -22.69
C PHE N 196 46.67 -91.42 -21.22
N VAL N 197 47.56 -91.96 -20.39
CA VAL N 197 47.50 -91.76 -18.95
C VAL N 197 48.73 -91.07 -18.41
N THR N 198 49.90 -91.35 -18.97
CA THR N 198 51.15 -90.79 -18.47
C THR N 198 51.14 -89.27 -18.57
N THR N 199 51.95 -88.63 -17.75
CA THR N 199 52.12 -87.18 -17.84
C THR N 199 52.81 -86.75 -19.13
N ALA N 200 53.37 -87.69 -19.88
CA ALA N 200 54.00 -87.39 -21.15
C ALA N 200 53.15 -87.76 -22.34
N GLU N 201 52.07 -88.50 -22.13
CA GLU N 201 51.07 -88.65 -23.18
C GLU N 201 50.11 -87.48 -23.21
N ARG N 202 50.07 -86.66 -22.17
CA ARG N 202 49.29 -85.44 -22.25
C ARG N 202 49.84 -84.51 -23.32
N GLU N 203 51.15 -84.53 -23.56
CA GLU N 203 51.71 -83.70 -24.61
C GLU N 203 51.30 -84.21 -25.98
N ILE N 204 51.21 -85.52 -26.15
CA ILE N 204 50.73 -86.06 -27.42
C ILE N 204 49.27 -85.68 -27.62
N VAL N 205 48.47 -85.73 -26.57
CA VAL N 205 47.07 -85.35 -26.71
C VAL N 205 46.93 -83.87 -27.01
N ARG N 206 47.80 -83.04 -26.43
CA ARG N 206 47.76 -81.63 -26.74
C ARG N 206 48.09 -81.38 -28.20
N ASP N 207 49.04 -82.14 -28.74
CA ASP N 207 49.36 -82.01 -30.16
C ASP N 207 48.17 -82.43 -31.02
N ILE N 208 47.52 -83.54 -30.68
CA ILE N 208 46.34 -83.97 -31.40
C ILE N 208 45.29 -82.86 -31.40
N LYS N 209 45.06 -82.26 -30.24
CA LYS N 209 44.07 -81.20 -30.11
C LYS N 209 44.39 -80.05 -31.04
N GLU N 210 45.62 -79.53 -30.94
CA GLU N 210 46.03 -78.40 -31.77
C GLU N 210 45.87 -78.71 -33.25
N LYS N 211 46.21 -79.92 -33.68
CA LYS N 211 46.24 -80.18 -35.11
C LYS N 211 44.92 -80.62 -35.70
N LEU N 212 44.01 -81.16 -34.91
CA LEU N 212 42.80 -81.72 -35.49
C LEU N 212 41.50 -81.11 -35.00
N CYS N 213 41.49 -80.44 -33.86
CA CYS N 213 40.22 -80.00 -33.30
C CYS N 213 39.77 -78.70 -33.97
N TYR N 214 38.46 -78.49 -33.96
CA TYR N 214 37.86 -77.29 -34.54
C TYR N 214 36.49 -77.09 -33.90
N VAL N 215 35.97 -75.88 -34.04
CA VAL N 215 34.70 -75.52 -33.43
C VAL N 215 33.60 -75.68 -34.47
N ALA N 216 32.53 -76.34 -34.10
CA ALA N 216 31.42 -76.53 -35.00
C ALA N 216 30.54 -75.30 -35.00
N LEU N 217 30.08 -74.87 -36.17
CA LEU N 217 29.18 -73.74 -36.21
C LEU N 217 27.82 -74.09 -35.66
N ASP N 218 27.42 -75.35 -35.75
CA ASP N 218 26.20 -75.83 -35.15
C ASP N 218 26.46 -77.22 -34.61
N PHE N 219 26.15 -77.44 -33.34
CA PHE N 219 26.62 -78.65 -32.69
C PHE N 219 25.75 -79.86 -33.00
N GLU N 220 24.43 -79.69 -33.02
CA GLU N 220 23.57 -80.83 -33.32
C GLU N 220 23.71 -81.27 -34.78
N ASN N 221 23.88 -80.32 -35.69
CA ASN N 221 24.03 -80.69 -37.08
C ASN N 221 25.33 -81.41 -37.32
N GLU N 222 26.41 -80.99 -36.66
CA GLU N 222 27.66 -81.72 -36.78
C GLU N 222 27.59 -83.08 -36.09
N MET N 223 26.85 -83.17 -34.99
CA MET N 223 26.64 -84.47 -34.37
C MET N 223 25.96 -85.43 -35.36
N ALA N 224 24.91 -84.97 -36.02
CA ALA N 224 24.22 -85.81 -36.98
C ALA N 224 25.10 -86.12 -38.19
N THR N 225 25.87 -85.14 -38.66
CA THR N 225 26.76 -85.37 -39.79
C THR N 225 27.80 -86.44 -39.47
N ALA N 226 28.34 -86.41 -38.25
CA ALA N 226 29.31 -87.43 -37.88
C ALA N 226 28.64 -88.78 -37.68
N ALA N 227 27.41 -88.79 -37.17
CA ALA N 227 26.70 -90.05 -37.00
C ALA N 227 26.39 -90.70 -38.33
N SER N 228 26.15 -89.91 -39.37
CA SER N 228 25.79 -90.49 -40.66
C SER N 228 27.01 -90.74 -41.54
N SER N 229 27.74 -89.68 -41.87
CA SER N 229 28.82 -89.75 -42.84
C SER N 229 30.09 -90.31 -42.19
N SER N 230 31.20 -90.19 -42.91
CA SER N 230 32.53 -90.31 -42.31
C SER N 230 33.47 -89.27 -42.90
N SER N 231 32.92 -88.21 -43.49
CA SER N 231 33.71 -87.21 -44.19
C SER N 231 34.48 -86.30 -43.25
N LEU N 232 34.13 -86.28 -41.97
CA LEU N 232 34.82 -85.44 -41.01
C LEU N 232 35.81 -86.20 -40.14
N GLU N 233 36.05 -87.47 -40.45
CA GLU N 233 36.93 -88.31 -39.65
C GLU N 233 38.34 -88.26 -40.19
N LYS N 234 39.31 -88.00 -39.32
CA LYS N 234 40.68 -87.73 -39.73
C LYS N 234 41.62 -88.59 -38.89
N SER N 235 42.85 -88.75 -39.37
CA SER N 235 43.81 -89.65 -38.76
C SER N 235 45.03 -88.90 -38.27
N TYR N 236 45.76 -89.52 -37.36
CA TYR N 236 46.94 -88.95 -36.73
C TYR N 236 47.92 -90.06 -36.43
N GLU N 237 49.20 -89.77 -36.49
CA GLU N 237 50.25 -90.78 -36.37
C GLU N 237 51.07 -90.51 -35.12
N LEU N 238 51.00 -91.43 -34.16
CA LEU N 238 51.64 -91.28 -32.88
C LEU N 238 53.16 -91.33 -33.03
N PRO N 239 53.91 -90.98 -31.98
CA PRO N 239 55.37 -91.10 -32.06
C PRO N 239 55.84 -92.52 -32.23
N ASP N 240 54.95 -93.47 -32.07
CA ASP N 240 55.27 -94.90 -32.09
C ASP N 240 54.90 -95.56 -33.42
N GLY N 241 54.10 -94.89 -34.24
CA GLY N 241 53.40 -95.53 -35.32
C GLY N 241 51.92 -95.61 -34.99
N GLN N 242 51.29 -96.71 -35.42
CA GLN N 242 49.92 -97.05 -35.03
C GLN N 242 48.99 -95.85 -35.06
N VAL N 243 48.68 -95.36 -36.26
CA VAL N 243 47.80 -94.22 -36.44
C VAL N 243 46.49 -94.39 -35.68
N ILE N 244 45.95 -93.27 -35.19
CA ILE N 244 44.66 -93.25 -34.53
C ILE N 244 43.72 -92.42 -35.38
N THR N 245 42.43 -92.77 -35.34
CA THR N 245 41.41 -92.09 -36.12
C THR N 245 40.46 -91.35 -35.19
N ILE N 246 40.26 -90.07 -35.45
CA ILE N 246 39.46 -89.20 -34.61
C ILE N 246 38.17 -88.90 -35.34
N GLY N 247 37.05 -89.17 -34.69
CA GLY N 247 35.77 -88.97 -35.34
C GLY N 247 35.11 -87.68 -34.92
N ASN N 248 33.92 -87.77 -34.31
CA ASN N 248 33.21 -86.58 -33.91
C ASN N 248 33.83 -85.87 -32.73
N GLU N 249 34.80 -86.46 -32.05
CA GLU N 249 35.44 -85.74 -30.98
C GLU N 249 36.46 -84.76 -31.47
N ARG N 250 36.50 -84.49 -32.77
CA ARG N 250 37.26 -83.36 -33.25
C ARG N 250 36.64 -82.05 -32.81
N PHE N 251 35.32 -82.00 -32.73
CA PHE N 251 34.62 -80.80 -32.35
C PHE N 251 33.89 -80.92 -31.03
N ARG N 252 33.89 -82.09 -30.40
CA ARG N 252 33.38 -82.18 -29.04
C ARG N 252 34.36 -81.64 -28.03
N CYS N 253 35.65 -81.61 -28.36
CA CYS N 253 36.63 -81.08 -27.41
C CYS N 253 36.46 -79.58 -27.21
N PRO N 254 36.56 -78.73 -28.24
CA PRO N 254 36.45 -77.29 -27.99
C PRO N 254 35.04 -76.82 -27.71
N GLU N 255 34.04 -77.66 -27.95
CA GLU N 255 32.67 -77.32 -27.56
C GLU N 255 32.51 -77.21 -26.05
N THR N 256 33.46 -77.72 -25.28
CA THR N 256 33.44 -77.51 -23.85
C THR N 256 33.53 -76.04 -23.49
N LEU N 257 34.11 -75.21 -24.37
CA LEU N 257 34.18 -73.79 -24.10
C LEU N 257 32.81 -73.14 -24.14
N PHE N 258 31.91 -73.65 -24.95
CA PHE N 258 30.57 -73.11 -25.04
C PHE N 258 29.57 -73.87 -24.20
N GLN N 259 29.93 -75.05 -23.71
CA GLN N 259 29.07 -75.82 -22.81
C GLN N 259 29.89 -76.39 -21.67
N PRO N 260 30.30 -75.56 -20.71
CA PRO N 260 31.16 -76.04 -19.63
C PRO N 260 30.54 -77.13 -18.79
N SER N 261 29.28 -77.48 -19.00
CA SER N 261 28.70 -78.63 -18.32
C SER N 261 29.29 -79.94 -18.79
N PHE N 262 29.99 -79.94 -19.93
CA PHE N 262 30.62 -81.17 -20.40
C PHE N 262 31.64 -81.68 -19.41
N ILE N 263 32.41 -80.78 -18.82
CA ILE N 263 33.36 -81.16 -17.79
C ILE N 263 32.80 -80.91 -16.40
N GLY N 264 31.48 -80.88 -16.27
CA GLY N 264 30.89 -80.76 -14.96
C GLY N 264 31.01 -79.43 -14.29
N MET N 265 31.34 -78.38 -15.03
CA MET N 265 31.36 -77.05 -14.44
C MET N 265 29.97 -76.46 -14.45
N GLU N 266 29.76 -75.52 -13.54
CA GLU N 266 28.46 -74.88 -13.38
C GLU N 266 28.28 -73.68 -14.30
N SER N 267 29.38 -73.03 -14.68
CA SER N 267 29.34 -71.71 -15.29
C SER N 267 28.79 -71.77 -16.71
N ALA N 268 28.83 -70.63 -17.39
CA ALA N 268 28.31 -70.49 -18.73
C ALA N 268 29.46 -70.31 -19.72
N GLY N 269 29.14 -70.52 -20.99
CA GLY N 269 30.15 -70.51 -22.02
C GLY N 269 30.82 -69.17 -22.16
N ILE N 270 31.85 -69.14 -23.00
CA ILE N 270 32.57 -67.90 -23.21
C ILE N 270 31.70 -66.90 -23.93
N HIS N 271 30.84 -67.37 -24.84
CA HIS N 271 29.91 -66.49 -25.54
C HIS N 271 28.95 -65.82 -24.60
N GLU N 272 28.67 -66.43 -23.45
CA GLU N 272 27.72 -65.89 -22.51
C GLU N 272 28.38 -65.08 -21.41
N THR N 273 29.58 -65.43 -21.00
CA THR N 273 30.27 -64.52 -20.09
C THR N 273 30.68 -63.23 -20.80
N THR N 274 30.99 -63.28 -22.09
CA THR N 274 31.26 -62.05 -22.82
C THR N 274 30.04 -61.14 -22.83
N TYR N 275 28.87 -61.71 -23.15
CA TYR N 275 27.65 -60.92 -23.17
C TYR N 275 27.27 -60.43 -21.79
N ASN N 276 27.53 -61.22 -20.75
CA ASN N 276 27.22 -60.76 -19.40
C ASN N 276 28.14 -59.64 -18.97
N SER N 277 29.39 -59.67 -19.40
CA SER N 277 30.27 -58.55 -19.12
C SER N 277 29.77 -57.29 -19.82
N ILE N 278 29.38 -57.41 -21.09
CA ILE N 278 28.76 -56.28 -21.79
C ILE N 278 27.61 -55.73 -20.97
N MET N 279 26.61 -56.57 -20.70
CA MET N 279 25.42 -56.10 -20.01
C MET N 279 25.70 -55.64 -18.59
N LYS N 280 26.86 -55.95 -18.04
CA LYS N 280 27.24 -55.39 -16.76
C LYS N 280 27.92 -54.04 -16.90
N CYS N 281 28.40 -53.71 -18.08
CA CYS N 281 28.95 -52.38 -18.32
C CYS N 281 27.81 -51.38 -18.41
N ASP N 282 28.12 -50.13 -18.76
CA ASP N 282 27.13 -49.07 -18.82
C ASP N 282 26.20 -49.32 -20.00
N ILE N 283 25.35 -48.35 -20.32
CA ILE N 283 24.40 -48.57 -21.40
C ILE N 283 24.87 -47.87 -22.66
N ASP N 284 25.66 -46.83 -22.50
CA ASP N 284 26.07 -46.00 -23.63
C ASP N 284 27.48 -46.29 -24.10
N ILE N 285 28.09 -47.39 -23.66
CA ILE N 285 29.30 -47.91 -24.28
C ILE N 285 29.10 -49.31 -24.84
N ARG N 286 27.90 -49.86 -24.68
CA ARG N 286 27.66 -51.23 -25.12
C ARG N 286 27.74 -51.36 -26.64
N LYS N 287 27.39 -50.33 -27.39
CA LYS N 287 27.47 -50.45 -28.84
C LYS N 287 28.91 -50.58 -29.29
N ASP N 288 29.79 -49.75 -28.74
CA ASP N 288 31.21 -49.86 -29.06
C ASP N 288 31.77 -51.20 -28.63
N LEU N 289 31.39 -51.66 -27.44
CA LEU N 289 31.89 -52.96 -26.98
C LEU N 289 31.43 -54.08 -27.91
N TYR N 290 30.17 -54.05 -28.32
CA TYR N 290 29.70 -55.05 -29.28
C TYR N 290 30.50 -55.00 -30.56
N ALA N 291 30.89 -53.80 -30.99
CA ALA N 291 31.61 -53.71 -32.25
C ALA N 291 33.09 -54.00 -32.14
N ASN N 292 33.66 -54.10 -30.94
CA ASN N 292 35.11 -54.25 -30.79
C ASN N 292 35.48 -55.44 -29.93
N ASN N 293 34.92 -56.60 -30.23
CA ASN N 293 35.10 -57.78 -29.39
C ASN N 293 36.38 -58.52 -29.79
N VAL N 294 37.43 -58.39 -29.00
CA VAL N 294 38.79 -58.78 -29.38
C VAL N 294 39.15 -60.12 -28.76
N LEU N 295 39.68 -61.03 -29.57
CA LEU N 295 40.13 -62.35 -29.11
C LEU N 295 41.65 -62.41 -29.05
N SER N 296 42.17 -63.10 -28.05
CA SER N 296 43.61 -63.33 -27.99
C SER N 296 43.86 -64.60 -27.19
N GLY N 297 45.10 -65.05 -27.22
CA GLY N 297 45.48 -66.25 -26.50
C GLY N 297 45.31 -67.52 -27.33
N GLY N 298 46.06 -68.55 -26.92
CA GLY N 298 46.16 -69.76 -27.72
C GLY N 298 44.87 -70.53 -27.86
N THR N 299 44.02 -70.51 -26.85
CA THR N 299 42.79 -71.29 -26.92
C THR N 299 41.75 -70.69 -27.85
N THR N 300 42.02 -69.52 -28.40
CA THR N 300 41.14 -68.92 -29.40
C THR N 300 41.58 -69.24 -30.81
N MET N 301 42.53 -70.16 -30.97
CA MET N 301 43.10 -70.45 -32.28
C MET N 301 42.37 -71.55 -33.02
N TYR N 302 41.27 -72.05 -32.50
CA TYR N 302 40.55 -73.10 -33.20
C TYR N 302 39.94 -72.56 -34.48
N PRO N 303 39.84 -73.38 -35.51
CA PRO N 303 39.09 -72.98 -36.70
C PRO N 303 37.61 -72.89 -36.39
N GLY N 304 37.01 -71.77 -36.76
CA GLY N 304 35.59 -71.58 -36.62
C GLY N 304 35.15 -70.96 -35.32
N ILE N 305 36.09 -70.66 -34.41
CA ILE N 305 35.68 -70.14 -33.12
C ILE N 305 35.17 -68.72 -33.23
N ALA N 306 35.74 -67.93 -34.14
CA ALA N 306 35.24 -66.56 -34.33
C ALA N 306 33.83 -66.58 -34.92
N ASP N 307 33.60 -67.42 -35.91
CA ASP N 307 32.27 -67.49 -36.49
C ASP N 307 31.25 -67.99 -35.48
N ARG N 308 31.63 -68.96 -34.66
CA ARG N 308 30.71 -69.44 -33.63
C ARG N 308 30.42 -68.36 -32.60
N MET N 309 31.47 -67.69 -32.13
CA MET N 309 31.27 -66.62 -31.15
C MET N 309 30.36 -65.55 -31.71
N GLN N 310 30.52 -65.21 -32.97
CA GLN N 310 29.67 -64.17 -33.56
C GLN N 310 28.23 -64.65 -33.65
N LYS N 311 28.02 -65.88 -34.10
CA LYS N 311 26.66 -66.39 -34.16
C LYS N 311 25.98 -66.34 -32.79
N GLU N 312 26.71 -66.73 -31.75
CA GLU N 312 26.11 -66.77 -30.42
C GLU N 312 25.83 -65.39 -29.88
N ILE N 313 26.83 -64.51 -29.89
CA ILE N 313 26.63 -63.16 -29.36
C ILE N 313 25.58 -62.42 -30.18
N THR N 314 25.47 -62.71 -31.47
CA THR N 314 24.45 -62.08 -32.29
C THR N 314 23.06 -62.56 -31.90
N ALA N 315 22.92 -63.85 -31.61
CA ALA N 315 21.63 -64.32 -31.14
C ALA N 315 21.30 -63.81 -29.75
N LEU N 316 22.30 -63.40 -28.98
CA LEU N 316 22.03 -62.89 -27.64
C LEU N 316 21.67 -61.41 -27.66
N ALA N 317 22.47 -60.58 -28.31
CA ALA N 317 22.29 -59.15 -28.24
C ALA N 317 21.06 -58.71 -29.05
N PRO N 318 20.60 -57.48 -28.85
CA PRO N 318 19.48 -56.97 -29.65
C PRO N 318 19.78 -56.99 -31.14
N SER N 319 18.71 -57.05 -31.91
CA SER N 319 18.81 -57.29 -33.35
C SER N 319 19.25 -56.08 -34.14
N THR N 320 19.55 -54.96 -33.50
CA THR N 320 19.83 -53.73 -34.24
C THR N 320 21.28 -53.29 -34.13
N MET N 321 22.19 -54.14 -33.67
CA MET N 321 23.57 -53.75 -33.47
C MET N 321 24.51 -54.64 -34.27
N LYS N 322 25.56 -54.03 -34.81
CA LYS N 322 26.57 -54.76 -35.55
C LYS N 322 27.57 -55.37 -34.58
N ILE N 323 27.58 -56.69 -34.51
CA ILE N 323 28.47 -57.43 -33.63
C ILE N 323 29.63 -57.93 -34.47
N LYS N 324 30.83 -57.59 -34.04
CA LYS N 324 32.01 -57.86 -34.84
C LYS N 324 33.08 -58.45 -33.94
N ILE N 325 33.79 -59.45 -34.43
CA ILE N 325 34.77 -60.17 -33.63
C ILE N 325 36.12 -60.08 -34.30
N ILE N 326 37.07 -59.49 -33.60
CA ILE N 326 38.41 -59.24 -34.12
C ILE N 326 39.30 -60.39 -33.71
N ALA N 327 39.82 -61.13 -34.68
CA ALA N 327 40.61 -62.32 -34.42
C ALA N 327 41.81 -62.33 -35.36
N PRO N 328 42.90 -61.68 -34.97
CA PRO N 328 44.08 -61.62 -35.82
C PRO N 328 44.71 -62.98 -35.97
N PRO N 329 45.53 -63.19 -37.01
CA PRO N 329 46.24 -64.46 -37.12
C PRO N 329 47.33 -64.64 -36.08
N GLU N 330 47.96 -63.56 -35.62
CA GLU N 330 48.94 -63.66 -34.55
C GLU N 330 48.30 -63.44 -33.19
N ARG N 331 47.20 -64.16 -32.97
CA ARG N 331 46.49 -64.08 -31.69
C ARG N 331 47.36 -64.57 -30.55
N LYS N 332 47.96 -65.75 -30.72
CA LYS N 332 48.64 -66.41 -29.62
C LYS N 332 49.69 -65.53 -28.98
N TYR N 333 50.25 -64.58 -29.72
CA TYR N 333 51.34 -63.76 -29.20
C TYR N 333 50.91 -62.33 -28.91
N SER N 334 49.60 -62.07 -28.85
CA SER N 334 49.12 -60.70 -28.71
C SER N 334 49.57 -60.08 -27.40
N VAL N 335 49.51 -60.86 -26.32
CA VAL N 335 49.91 -60.31 -25.03
C VAL N 335 51.37 -59.89 -25.06
N TRP N 336 52.23 -60.71 -25.67
CA TRP N 336 53.63 -60.35 -25.73
C TRP N 336 53.85 -59.13 -26.61
N ILE N 337 53.19 -59.07 -27.75
CA ILE N 337 53.36 -57.94 -28.66
C ILE N 337 52.97 -56.65 -27.96
N GLY N 338 51.81 -56.65 -27.31
CA GLY N 338 51.38 -55.48 -26.57
C GLY N 338 52.33 -55.13 -25.44
N GLY N 339 52.90 -56.14 -24.79
CA GLY N 339 53.86 -55.86 -23.75
C GLY N 339 55.10 -55.16 -24.27
N SER N 340 55.55 -55.57 -25.45
CA SER N 340 56.71 -54.90 -26.06
C SER N 340 56.39 -53.47 -26.41
N ILE N 341 55.23 -53.24 -27.02
CA ILE N 341 54.79 -51.87 -27.31
C ILE N 341 54.81 -51.03 -26.06
N LEU N 342 54.16 -51.51 -25.00
CA LEU N 342 54.06 -50.75 -23.76
C LEU N 342 55.42 -50.45 -23.17
N ALA N 343 56.29 -51.45 -23.08
CA ALA N 343 57.58 -51.20 -22.47
C ALA N 343 58.46 -50.30 -23.32
N SER N 344 58.18 -50.20 -24.63
CA SER N 344 58.96 -49.27 -25.44
C SER N 344 58.42 -47.85 -25.38
N LEU N 345 57.14 -47.68 -25.04
CA LEU N 345 56.59 -46.33 -24.89
C LEU N 345 57.46 -45.49 -23.96
N SER N 346 57.85 -44.32 -24.43
CA SER N 346 58.68 -43.43 -23.62
C SER N 346 57.93 -42.90 -22.41
N THR N 347 56.60 -42.78 -22.51
CA THR N 347 55.81 -42.36 -21.37
C THR N 347 55.87 -43.36 -20.23
N PHE N 348 56.13 -44.62 -20.55
CA PHE N 348 56.10 -45.69 -19.55
C PHE N 348 57.32 -45.71 -18.67
N GLN N 349 58.42 -45.09 -19.08
CA GLN N 349 59.67 -45.19 -18.34
C GLN N 349 59.58 -44.57 -16.95
N GLN N 350 58.45 -44.00 -16.58
CA GLN N 350 58.23 -43.49 -15.25
C GLN N 350 57.28 -44.37 -14.44
N MET N 351 56.79 -45.46 -15.01
CA MET N 351 55.90 -46.37 -14.31
C MET N 351 56.61 -47.59 -13.76
N TRP N 352 57.90 -47.76 -14.06
CA TRP N 352 58.63 -48.89 -13.50
C TRP N 352 58.67 -48.80 -11.98
N ILE N 353 58.84 -49.95 -11.35
CA ILE N 353 59.12 -50.03 -9.92
C ILE N 353 60.63 -50.15 -9.80
N SER N 354 61.29 -49.04 -9.44
CA SER N 354 62.74 -49.10 -9.33
C SER N 354 63.15 -49.92 -8.13
N LYS N 355 64.44 -50.24 -8.06
CA LYS N 355 64.92 -51.10 -6.98
C LYS N 355 64.96 -50.37 -5.66
N GLN N 356 65.25 -49.07 -5.68
CA GLN N 356 65.30 -48.32 -4.44
C GLN N 356 63.91 -48.17 -3.83
N GLU N 357 62.90 -47.92 -4.67
CA GLU N 357 61.53 -47.90 -4.17
C GLU N 357 61.19 -49.19 -3.46
N TYR N 358 61.57 -50.32 -4.03
CA TYR N 358 61.31 -51.61 -3.40
C TYR N 358 62.08 -51.72 -2.09
N ASP N 359 63.38 -51.44 -2.11
CA ASP N 359 64.19 -51.56 -0.90
C ASP N 359 63.63 -50.71 0.23
N GLU N 360 62.95 -49.62 -0.09
CA GLU N 360 62.45 -48.78 0.98
C GLU N 360 61.01 -49.10 1.38
N ALA N 361 60.20 -49.69 0.49
CA ALA N 361 58.80 -49.90 0.80
C ALA N 361 58.36 -51.37 0.84
N GLY N 362 59.28 -52.31 0.70
CA GLY N 362 58.91 -53.71 0.75
C GLY N 362 58.21 -54.17 -0.51
N PRO N 363 57.87 -55.46 -0.59
CA PRO N 363 57.15 -55.95 -1.77
C PRO N 363 55.72 -55.46 -1.87
N SER N 364 55.21 -54.75 -0.87
CA SER N 364 53.85 -54.24 -0.94
C SER N 364 53.70 -53.14 -1.97
N ILE N 365 54.80 -52.63 -2.52
CA ILE N 365 54.77 -51.50 -3.42
C ILE N 365 54.22 -51.91 -4.77
N VAL N 366 53.90 -53.20 -4.91
CA VAL N 366 53.43 -53.66 -6.22
C VAL N 366 51.97 -53.34 -6.43
N HIS N 367 51.19 -53.27 -5.36
CA HIS N 367 49.75 -53.06 -5.47
C HIS N 367 49.39 -51.58 -5.52
N ARG N 368 50.36 -50.68 -5.52
CA ARG N 368 50.09 -49.25 -5.57
C ARG N 368 49.63 -48.87 -6.96
N LYS N 369 49.55 -47.58 -7.25
CA LYS N 369 49.01 -47.11 -8.53
C LYS N 369 49.71 -47.75 -9.72
N CYS N 370 50.79 -48.49 -9.49
CA CYS N 370 51.39 -49.40 -10.46
C CYS N 370 50.72 -50.77 -10.43
N PHE N 371 49.39 -50.75 -10.53
CA PHE N 371 48.55 -51.95 -10.42
C PHE N 371 47.65 -52.10 -11.64
N SER O 1 43.90 -78.91 -45.48
CA SER O 1 44.60 -77.99 -46.37
C SER O 1 43.64 -76.97 -46.98
N LEU O 2 43.71 -76.86 -48.30
CA LEU O 2 42.84 -75.94 -49.03
C LEU O 2 41.37 -76.31 -48.88
N GLN O 3 41.08 -77.54 -48.47
CA GLN O 3 39.70 -77.98 -48.35
C GLN O 3 38.98 -77.27 -47.20
N LYS O 4 39.62 -77.17 -46.04
CA LYS O 4 38.95 -76.53 -44.91
C LYS O 4 38.60 -75.09 -45.23
N LYS O 5 39.58 -74.33 -45.72
CA LYS O 5 39.31 -72.93 -46.05
C LYS O 5 38.33 -72.82 -47.20
N LEU O 6 38.38 -73.74 -48.17
CA LEU O 6 37.45 -73.70 -49.28
C LEU O 6 36.02 -73.87 -48.80
N LYS O 7 35.76 -74.92 -48.01
CA LYS O 7 34.40 -75.15 -47.54
C LYS O 7 33.96 -74.13 -46.52
N GLY O 8 34.89 -73.56 -45.75
CA GLY O 8 34.52 -72.47 -44.86
C GLY O 8 34.09 -71.23 -45.62
N THR O 9 34.84 -70.86 -46.65
CA THR O 9 34.42 -69.79 -47.54
C THR O 9 33.08 -70.12 -48.16
N GLU O 10 32.86 -71.39 -48.53
CA GLU O 10 31.58 -71.79 -49.09
C GLU O 10 30.44 -71.56 -48.10
N ASP O 11 30.64 -71.98 -46.85
CA ASP O 11 29.58 -71.83 -45.84
C ASP O 11 29.28 -70.37 -45.55
N GLU O 12 30.32 -69.55 -45.41
CA GLU O 12 30.07 -68.14 -45.17
C GLU O 12 29.50 -67.44 -46.40
N LEU O 13 29.81 -67.95 -47.60
CA LEU O 13 29.20 -67.39 -48.80
C LEU O 13 27.71 -67.72 -48.87
N ASP O 14 27.36 -68.96 -48.54
CA ASP O 14 25.94 -69.30 -48.46
C ASP O 14 25.23 -68.47 -47.40
N LYS O 15 25.88 -68.27 -46.26
CA LYS O 15 25.24 -67.50 -45.19
C LYS O 15 25.10 -66.02 -45.58
N TYR O 16 26.07 -65.49 -46.32
CA TYR O 16 25.93 -64.13 -46.84
C TYR O 16 24.85 -64.05 -47.91
N SER O 17 24.66 -65.12 -48.68
CA SER O 17 23.53 -65.18 -49.59
C SER O 17 22.22 -65.18 -48.81
N GLU O 18 22.20 -65.87 -47.67
CA GLU O 18 21.02 -65.80 -46.79
C GLU O 18 20.80 -64.37 -46.30
N ALA O 19 21.90 -63.69 -45.96
CA ALA O 19 21.79 -62.28 -45.57
C ALA O 19 21.23 -61.45 -46.71
N LEU O 20 21.63 -61.75 -47.93
CA LEU O 20 21.06 -61.08 -49.10
C LEU O 20 19.57 -61.34 -49.21
N LYS O 21 19.15 -62.59 -49.03
CA LYS O 21 17.74 -62.94 -49.10
C LYS O 21 16.93 -62.15 -48.07
N ASP O 22 17.36 -62.19 -46.81
CA ASP O 22 16.60 -61.52 -45.78
C ASP O 22 16.62 -60.00 -45.98
N ALA O 23 17.76 -59.46 -46.42
CA ALA O 23 17.85 -58.03 -46.68
C ALA O 23 16.91 -57.61 -47.79
N GLN O 24 16.77 -58.44 -48.82
CA GLN O 24 15.83 -58.12 -49.89
C GLN O 24 14.39 -58.22 -49.40
N GLU O 25 14.08 -59.19 -48.54
CA GLU O 25 12.75 -59.25 -47.96
C GLU O 25 12.45 -57.99 -47.16
N LYS O 26 13.43 -57.50 -46.40
CA LYS O 26 13.28 -56.24 -45.69
C LYS O 26 13.09 -55.09 -46.66
N LEU O 27 13.75 -55.16 -47.82
CA LEU O 27 13.56 -54.13 -48.84
C LEU O 27 12.12 -54.11 -49.34
N GLU O 28 11.56 -55.29 -49.61
CA GLU O 28 10.18 -55.36 -50.07
C GLU O 28 9.22 -54.80 -49.02
N LEU O 29 9.36 -55.23 -47.77
CA LEU O 29 8.48 -54.73 -46.72
C LEU O 29 8.66 -53.23 -46.51
N ALA O 30 9.89 -52.74 -46.67
CA ALA O 30 10.14 -51.30 -46.53
C ALA O 30 9.45 -50.52 -47.64
N GLU O 31 9.54 -51.01 -48.87
CA GLU O 31 8.82 -50.38 -49.97
C GLU O 31 7.32 -50.35 -49.68
N LYS O 32 6.77 -51.45 -49.20
CA LYS O 32 5.34 -51.50 -48.90
C LYS O 32 4.97 -50.44 -47.86
N LYS O 33 5.66 -50.43 -46.72
CA LYS O 33 5.30 -49.50 -45.66
C LYS O 33 5.47 -48.06 -46.11
N ALA O 34 6.52 -47.77 -46.88
CA ALA O 34 6.72 -46.41 -47.38
C ALA O 34 5.58 -45.99 -48.29
N THR O 35 5.18 -46.85 -49.23
CA THR O 35 4.13 -46.47 -50.17
C THR O 35 2.77 -46.32 -49.49
N ASP O 36 2.46 -47.21 -48.54
CA ASP O 36 1.20 -47.08 -47.82
C ASP O 36 1.17 -45.82 -46.98
N ALA O 37 2.26 -45.53 -46.27
CA ALA O 37 2.34 -44.28 -45.53
C ALA O 37 2.21 -43.09 -46.47
N GLU O 38 2.78 -43.17 -47.68
CA GLU O 38 2.67 -42.07 -48.62
C GLU O 38 1.22 -41.84 -49.04
N ALA O 39 0.48 -42.90 -49.33
CA ALA O 39 -0.93 -42.72 -49.68
C ALA O 39 -1.70 -42.08 -48.53
N ASP O 40 -1.47 -42.58 -47.31
CA ASP O 40 -2.17 -42.02 -46.15
C ASP O 40 -1.85 -40.53 -45.99
N VAL O 41 -0.56 -40.18 -46.04
CA VAL O 41 -0.18 -38.79 -45.86
C VAL O 41 -0.69 -37.94 -47.01
N ALA O 42 -0.90 -38.51 -48.18
CA ALA O 42 -1.53 -37.76 -49.25
C ALA O 42 -2.96 -37.38 -48.87
N SER O 43 -3.74 -38.37 -48.45
CA SER O 43 -5.10 -38.09 -47.98
C SER O 43 -5.09 -37.01 -46.91
N LEU O 44 -4.16 -37.14 -45.96
CA LEU O 44 -4.18 -36.26 -44.81
C LEU O 44 -3.74 -34.85 -45.18
N ASN O 45 -2.69 -34.72 -46.00
CA ASN O 45 -2.21 -33.42 -46.43
C ASN O 45 -3.14 -32.75 -47.42
N ARG O 46 -4.09 -33.48 -48.01
CA ARG O 46 -5.09 -32.77 -48.79
C ARG O 46 -6.31 -32.40 -47.98
N ARG O 47 -6.62 -33.12 -46.89
CA ARG O 47 -7.80 -32.75 -46.12
C ARG O 47 -7.51 -31.78 -44.97
N ILE O 48 -6.24 -31.62 -44.58
CA ILE O 48 -5.91 -30.64 -43.54
C ILE O 48 -6.35 -29.23 -43.94
N GLN O 49 -6.23 -28.90 -45.22
CA GLN O 49 -6.64 -27.57 -45.66
C GLN O 49 -8.14 -27.38 -45.50
N LEU O 50 -8.92 -28.41 -45.82
CA LEU O 50 -10.37 -28.34 -45.62
C LEU O 50 -10.69 -28.15 -44.14
N VAL O 51 -9.99 -28.87 -43.27
CA VAL O 51 -10.21 -28.71 -41.82
C VAL O 51 -9.90 -27.28 -41.39
N GLU O 52 -8.80 -26.72 -41.87
CA GLU O 52 -8.42 -25.37 -41.48
C GLU O 52 -9.41 -24.33 -42.00
N GLU O 53 -9.95 -24.54 -43.19
CA GLU O 53 -10.96 -23.61 -43.69
C GLU O 53 -12.28 -23.75 -42.93
N GLU O 54 -12.62 -24.97 -42.51
CA GLU O 54 -13.78 -25.16 -41.66
C GLU O 54 -13.66 -24.31 -40.40
N LEU O 55 -12.51 -24.43 -39.71
CA LEU O 55 -12.35 -23.66 -38.49
C LEU O 55 -12.30 -22.16 -38.76
N ASP O 56 -11.71 -21.76 -39.89
CA ASP O 56 -11.72 -20.36 -40.31
C ASP O 56 -13.15 -19.81 -40.39
N ARG O 57 -14.01 -20.49 -41.15
CA ARG O 57 -15.39 -20.04 -41.30
C ARG O 57 -16.13 -20.05 -39.96
N ALA O 58 -15.93 -21.09 -39.16
CA ALA O 58 -16.59 -21.17 -37.86
C ALA O 58 -16.22 -20.00 -36.97
N GLN O 59 -14.93 -19.65 -36.94
CA GLN O 59 -14.48 -18.52 -36.13
C GLN O 59 -15.04 -17.20 -36.66
N GLU O 60 -15.07 -17.05 -37.99
CA GLU O 60 -15.63 -15.84 -38.58
C GLU O 60 -17.08 -15.64 -38.16
N ARG O 61 -17.91 -16.69 -38.32
CA ARG O 61 -19.32 -16.54 -37.98
C ARG O 61 -19.52 -16.37 -36.48
N LEU O 62 -18.67 -17.00 -35.66
CA LEU O 62 -18.69 -16.74 -34.23
C LEU O 62 -18.53 -15.26 -33.94
N ALA O 63 -17.48 -14.65 -34.50
CA ALA O 63 -17.21 -13.24 -34.23
C ALA O 63 -18.34 -12.35 -34.73
N THR O 64 -18.89 -12.67 -35.89
CA THR O 64 -19.97 -11.83 -36.44
C THR O 64 -21.22 -11.92 -35.56
N ALA O 65 -21.58 -13.13 -35.12
CA ALA O 65 -22.70 -13.27 -34.21
C ALA O 65 -22.45 -12.51 -32.91
N LEU O 66 -21.21 -12.51 -32.44
CA LEU O 66 -20.87 -11.78 -31.23
C LEU O 66 -21.12 -10.28 -31.40
N GLN O 67 -20.60 -9.71 -32.50
CA GLN O 67 -20.78 -8.26 -32.68
C GLN O 67 -22.25 -7.91 -32.88
N LYS O 68 -23.02 -8.80 -33.52
CA LYS O 68 -24.45 -8.54 -33.64
C LYS O 68 -25.13 -8.56 -32.28
N LEU O 69 -24.75 -9.51 -31.41
CA LEU O 69 -25.25 -9.53 -30.05
C LEU O 69 -24.95 -8.21 -29.35
N GLU O 70 -23.72 -7.72 -29.52
CA GLU O 70 -23.35 -6.45 -28.91
C GLU O 70 -24.27 -5.34 -29.36
N GLU O 71 -24.53 -5.25 -30.67
CA GLU O 71 -25.37 -4.18 -31.19
C GLU O 71 -26.78 -4.29 -30.64
N ALA O 72 -27.34 -5.50 -30.65
CA ALA O 72 -28.69 -5.71 -30.15
C ALA O 72 -28.80 -5.34 -28.68
N GLU O 73 -27.78 -5.70 -27.89
CA GLU O 73 -27.81 -5.38 -26.46
C GLU O 73 -27.73 -3.88 -26.25
N LYS O 74 -26.92 -3.19 -27.05
CA LYS O 74 -26.88 -1.74 -26.98
C LYS O 74 -28.27 -1.15 -27.20
N ALA O 75 -28.92 -1.57 -28.29
CA ALA O 75 -30.25 -1.04 -28.59
C ALA O 75 -31.24 -1.34 -27.47
N ALA O 76 -31.21 -2.58 -26.95
CA ALA O 76 -32.19 -2.99 -25.96
C ALA O 76 -32.00 -2.25 -24.64
N ASP O 77 -30.75 -2.09 -24.19
CA ASP O 77 -30.55 -1.39 -22.93
C ASP O 77 -30.81 0.11 -23.07
N GLU O 78 -30.50 0.70 -24.23
CA GLU O 78 -30.89 2.08 -24.44
C GLU O 78 -32.41 2.22 -24.38
N SER O 79 -33.14 1.27 -24.98
CA SER O 79 -34.60 1.29 -24.89
C SER O 79 -35.07 1.16 -23.45
N GLU O 80 -34.39 0.32 -22.66
CA GLU O 80 -34.72 0.20 -21.25
C GLU O 80 -34.56 1.52 -20.53
N ARG O 81 -33.41 2.18 -20.73
CA ARG O 81 -33.20 3.49 -20.12
C ARG O 81 -34.28 4.47 -20.55
N GLY O 82 -34.65 4.45 -21.83
CA GLY O 82 -35.69 5.34 -22.31
C GLY O 82 -37.02 5.08 -21.67
N MET O 83 -37.40 3.80 -21.53
CA MET O 83 -38.68 3.50 -20.92
C MET O 83 -38.69 3.84 -19.44
N LYS O 84 -37.53 3.73 -18.77
CA LYS O 84 -37.48 4.11 -17.37
C LYS O 84 -37.60 5.61 -17.19
N VAL O 85 -36.90 6.38 -18.01
CA VAL O 85 -37.05 7.82 -17.93
C VAL O 85 -38.47 8.22 -18.34
N ILE O 86 -39.11 7.46 -19.23
CA ILE O 86 -40.48 7.77 -19.62
C ILE O 86 -41.46 7.50 -18.50
N GLU O 87 -41.33 6.34 -17.83
CA GLU O 87 -42.27 6.06 -16.75
C GLU O 87 -42.08 7.01 -15.58
N SER O 88 -40.83 7.42 -15.31
CA SER O 88 -40.62 8.46 -14.31
C SER O 88 -41.27 9.77 -14.74
N ARG O 89 -41.10 10.14 -16.01
CA ARG O 89 -41.81 11.30 -16.53
C ARG O 89 -43.31 11.17 -16.32
N ALA O 90 -43.83 9.94 -16.43
CA ALA O 90 -45.27 9.74 -16.33
C ALA O 90 -45.74 9.88 -14.88
N GLN O 91 -44.99 9.34 -13.91
CA GLN O 91 -45.36 9.56 -12.51
C GLN O 91 -45.25 11.03 -12.13
N LYS O 92 -44.20 11.72 -12.58
CA LYS O 92 -44.12 13.15 -12.33
C LYS O 92 -45.29 13.89 -12.97
N ASP O 93 -45.65 13.49 -14.19
CA ASP O 93 -46.85 14.01 -14.84
C ASP O 93 -48.06 13.82 -13.95
N GLU O 94 -48.23 12.60 -13.42
CA GLU O 94 -49.43 12.28 -12.64
C GLU O 94 -49.49 13.09 -11.36
N GLU O 95 -48.35 13.30 -10.71
CA GLU O 95 -48.37 14.06 -9.46
C GLU O 95 -48.63 15.54 -9.73
N LYS O 96 -47.99 16.10 -10.76
CA LYS O 96 -48.37 17.43 -11.22
C LYS O 96 -49.85 17.48 -11.54
N MET O 97 -50.39 16.41 -12.13
CA MET O 97 -51.80 16.36 -12.48
C MET O 97 -52.68 16.46 -11.25
N GLU O 98 -52.38 15.65 -10.23
CA GLU O 98 -53.20 15.70 -9.03
C GLU O 98 -53.14 17.07 -8.37
N ILE O 99 -51.93 17.66 -8.30
CA ILE O 99 -51.79 18.99 -7.73
C ILE O 99 -52.59 20.02 -8.51
N GLN O 100 -52.53 19.98 -9.84
CA GLN O 100 -53.22 20.99 -10.64
C GLN O 100 -54.72 20.76 -10.66
N GLU O 101 -55.16 19.51 -10.59
CA GLU O 101 -56.59 19.26 -10.43
C GLU O 101 -57.09 19.78 -9.11
N ILE O 102 -56.27 19.67 -8.05
CA ILE O 102 -56.69 20.16 -6.74
C ILE O 102 -56.77 21.68 -6.74
N GLN O 103 -55.77 22.35 -7.31
CA GLN O 103 -55.86 23.81 -7.40
C GLN O 103 -56.99 24.23 -8.35
N LEU O 104 -57.33 23.37 -9.32
CA LEU O 104 -58.48 23.62 -10.17
C LEU O 104 -59.78 23.59 -9.38
N LYS O 105 -59.95 22.57 -8.54
CA LYS O 105 -61.16 22.51 -7.72
C LYS O 105 -61.21 23.69 -6.75
N GLU O 106 -60.06 24.07 -6.20
CA GLU O 106 -60.01 25.25 -5.33
C GLU O 106 -60.45 26.49 -6.08
N ALA O 107 -59.85 26.74 -7.25
CA ALA O 107 -60.19 27.92 -8.03
C ALA O 107 -61.67 27.92 -8.42
N LYS O 108 -62.21 26.76 -8.79
CA LYS O 108 -63.60 26.70 -9.21
C LYS O 108 -64.55 26.95 -8.05
N HIS O 109 -64.28 26.34 -6.88
CA HIS O 109 -65.11 26.57 -5.71
C HIS O 109 -65.05 28.04 -5.30
N ILE O 110 -63.85 28.62 -5.27
CA ILE O 110 -63.73 30.02 -4.84
C ILE O 110 -64.37 30.94 -5.86
N ALA O 111 -64.32 30.59 -7.14
CA ALA O 111 -64.94 31.43 -8.16
C ALA O 111 -66.45 31.37 -8.08
N GLU O 112 -67.00 30.19 -7.79
CA GLU O 112 -68.45 30.08 -7.69
C GLU O 112 -68.96 30.74 -6.41
N ASP O 113 -68.22 30.58 -5.32
CA ASP O 113 -68.57 31.31 -4.11
C ASP O 113 -68.46 32.81 -4.34
N ALA O 114 -67.49 33.24 -5.15
CA ALA O 114 -67.36 34.65 -5.49
C ALA O 114 -68.54 35.13 -6.35
N ASP O 115 -69.01 34.29 -7.26
CA ASP O 115 -70.23 34.62 -7.99
C ASP O 115 -71.40 34.83 -7.02
N ARG O 116 -71.54 33.92 -6.06
CA ARG O 116 -72.60 34.05 -5.05
C ARG O 116 -72.48 35.38 -4.29
N LYS O 117 -71.30 35.65 -3.74
CA LYS O 117 -71.17 36.84 -2.90
C LYS O 117 -71.19 38.11 -3.73
N TYR O 118 -70.78 38.06 -5.00
CA TYR O 118 -70.93 39.22 -5.86
C TYR O 118 -72.40 39.51 -6.12
N GLU O 119 -73.20 38.47 -6.36
CA GLU O 119 -74.64 38.68 -6.52
C GLU O 119 -75.24 39.27 -5.26
N GLU O 120 -74.87 38.73 -4.10
CA GLU O 120 -75.45 39.23 -2.85
C GLU O 120 -75.04 40.67 -2.57
N VAL O 121 -73.79 41.03 -2.89
CA VAL O 121 -73.36 42.40 -2.69
C VAL O 121 -73.97 43.32 -3.74
N ALA O 122 -74.29 42.82 -4.94
CA ALA O 122 -75.02 43.65 -5.88
C ALA O 122 -76.42 43.95 -5.38
N ARG O 123 -77.07 42.95 -4.80
CA ARG O 123 -78.39 43.17 -4.20
C ARG O 123 -78.30 44.18 -3.07
N LYS O 124 -77.39 43.93 -2.11
CA LYS O 124 -77.17 44.87 -1.02
C LYS O 124 -76.84 46.26 -1.54
N LEU O 125 -76.10 46.33 -2.65
CA LEU O 125 -75.72 47.59 -3.26
C LEU O 125 -76.97 48.35 -3.70
N VAL O 126 -77.87 47.67 -4.41
CA VAL O 126 -79.10 48.32 -4.85
C VAL O 126 -79.94 48.76 -3.66
N ILE O 127 -80.02 47.91 -2.63
CA ILE O 127 -80.86 48.26 -1.48
C ILE O 127 -80.32 49.50 -0.77
N ILE O 128 -79.00 49.53 -0.53
CA ILE O 128 -78.39 50.67 0.12
C ILE O 128 -78.52 51.92 -0.74
N GLU O 129 -78.43 51.75 -2.06
CA GLU O 129 -78.67 52.88 -2.95
C GLU O 129 -80.06 53.45 -2.76
N SER O 130 -81.08 52.58 -2.68
CA SER O 130 -82.44 53.06 -2.46
C SER O 130 -82.56 53.78 -1.13
N ASP O 131 -81.98 53.21 -0.07
CA ASP O 131 -82.04 53.85 1.25
C ASP O 131 -81.41 55.23 1.23
N LEU O 132 -80.22 55.35 0.63
CA LEU O 132 -79.54 56.64 0.59
C LEU O 132 -80.31 57.63 -0.29
N GLU O 133 -80.87 57.17 -1.40
CA GLU O 133 -81.61 58.07 -2.28
C GLU O 133 -82.80 58.68 -1.56
N ARG O 134 -83.61 57.85 -0.90
CA ARG O 134 -84.73 58.40 -0.16
C ARG O 134 -84.26 59.25 1.02
N ALA O 135 -83.14 58.90 1.66
CA ALA O 135 -82.63 59.75 2.72
C ALA O 135 -82.23 61.12 2.20
N GLU O 136 -81.71 61.17 0.96
CA GLU O 136 -81.33 62.45 0.39
C GLU O 136 -82.54 63.29 0.03
N GLU O 137 -83.59 62.66 -0.51
CA GLU O 137 -84.84 63.39 -0.74
C GLU O 137 -85.40 63.93 0.59
N ARG O 138 -85.36 63.10 1.63
CA ARG O 138 -85.80 63.53 2.95
C ARG O 138 -84.98 64.71 3.45
N ALA O 139 -83.67 64.68 3.21
CA ALA O 139 -82.80 65.79 3.62
C ALA O 139 -83.17 67.06 2.87
N GLU O 140 -83.47 66.93 1.57
CA GLU O 140 -83.90 68.10 0.81
C GLU O 140 -85.19 68.69 1.36
N LEU O 141 -86.17 67.84 1.66
CA LEU O 141 -87.44 68.38 2.14
C LEU O 141 -87.27 69.01 3.52
N SER O 142 -86.46 68.39 4.38
CA SER O 142 -86.25 68.93 5.72
C SER O 142 -85.49 70.25 5.67
N GLU O 143 -84.52 70.37 4.77
CA GLU O 143 -83.81 71.65 4.67
C GLU O 143 -84.69 72.73 4.05
N GLY O 144 -85.56 72.38 3.11
CA GLY O 144 -86.48 73.36 2.58
C GLY O 144 -87.43 73.89 3.63
N LYS O 145 -87.98 72.97 4.44
CA LYS O 145 -88.82 73.39 5.56
C LYS O 145 -88.02 74.23 6.55
N CYS O 146 -86.76 73.86 6.81
CA CYS O 146 -85.92 74.65 7.69
C CYS O 146 -85.74 76.07 7.18
N ALA O 147 -85.46 76.22 5.89
CA ALA O 147 -85.26 77.54 5.30
C ALA O 147 -86.52 78.39 5.43
N GLU O 148 -87.66 77.82 5.02
CA GLU O 148 -88.90 78.60 5.09
C GLU O 148 -89.23 78.96 6.54
N LEU O 149 -88.97 78.05 7.48
CA LEU O 149 -89.32 78.30 8.87
C LEU O 149 -88.41 79.36 9.49
N GLU O 150 -87.12 79.32 9.18
CA GLU O 150 -86.21 80.36 9.67
C GLU O 150 -86.60 81.72 9.12
N GLU O 151 -86.90 81.78 7.81
CA GLU O 151 -87.35 83.04 7.23
C GLU O 151 -88.61 83.54 7.91
N GLU O 152 -89.56 82.64 8.18
CA GLU O 152 -90.81 83.06 8.81
C GLU O 152 -90.59 83.54 10.23
N LEU O 153 -89.69 82.88 10.96
CA LEU O 153 -89.31 83.36 12.29
C LEU O 153 -88.75 84.78 12.23
N LYS O 154 -87.82 85.01 11.30
CA LYS O 154 -87.25 86.34 11.15
C LYS O 154 -88.33 87.37 10.86
N THR O 155 -89.27 87.04 9.98
CA THR O 155 -90.30 88.01 9.63
C THR O 155 -91.22 88.29 10.82
N VAL O 156 -91.64 87.25 11.55
CA VAL O 156 -92.58 87.48 12.64
C VAL O 156 -91.89 88.19 13.80
N THR O 157 -90.57 87.96 13.98
CA THR O 157 -89.89 88.71 15.03
C THR O 157 -89.69 90.16 14.61
N ASN O 158 -89.54 90.42 13.32
CA ASN O 158 -89.59 91.80 12.83
C ASN O 158 -90.92 92.45 13.16
N ASN O 159 -92.02 91.76 12.88
CA ASN O 159 -93.34 92.30 13.16
C ASN O 159 -93.53 92.56 14.65
N LEU O 160 -93.10 91.63 15.51
CA LEU O 160 -93.34 91.81 16.94
C LEU O 160 -92.44 92.90 17.52
N LYS O 161 -91.20 93.02 17.06
CA LYS O 161 -90.38 94.12 17.56
C LYS O 161 -90.93 95.46 17.12
N SER O 162 -91.45 95.56 15.88
CA SER O 162 -92.08 96.80 15.47
C SER O 162 -93.30 97.12 16.32
N LEU O 163 -94.14 96.11 16.57
CA LEU O 163 -95.36 96.36 17.33
C LEU O 163 -95.05 96.75 18.76
N GLU O 164 -94.04 96.13 19.37
CA GLU O 164 -93.68 96.50 20.74
C GLU O 164 -93.00 97.86 20.79
N ALA O 165 -92.27 98.24 19.72
CA ALA O 165 -91.76 99.60 19.63
C ALA O 165 -92.91 100.60 19.59
N GLN O 166 -94.01 100.24 18.93
CA GLN O 166 -95.28 100.99 18.94
C GLN O 166 -95.11 102.51 18.80
N SER P 1 45.91 -78.71 -59.99
CA SER P 1 44.85 -78.56 -60.98
C SER P 1 43.63 -77.88 -60.38
N LEU P 2 43.53 -77.90 -59.06
CA LEU P 2 42.40 -77.31 -58.35
C LEU P 2 42.48 -75.79 -58.27
N GLN P 3 43.55 -75.19 -58.80
CA GLN P 3 43.72 -73.75 -58.69
C GLN P 3 42.64 -73.00 -59.47
N LYS P 4 42.17 -73.58 -60.58
CA LYS P 4 41.06 -72.97 -61.30
C LYS P 4 39.79 -72.98 -60.45
N LYS P 5 39.56 -74.08 -59.73
CA LYS P 5 38.46 -74.13 -58.79
C LYS P 5 38.59 -73.02 -57.74
N LEU P 6 39.80 -72.87 -57.18
CA LEU P 6 40.02 -71.84 -56.18
C LEU P 6 39.73 -70.46 -56.74
N LYS P 7 40.21 -70.18 -57.96
CA LYS P 7 40.02 -68.87 -58.54
C LYS P 7 38.55 -68.59 -58.82
N GLY P 8 37.83 -69.57 -59.36
CA GLY P 8 36.42 -69.39 -59.61
C GLY P 8 35.65 -69.12 -58.33
N THR P 9 36.02 -69.82 -57.26
CA THR P 9 35.39 -69.54 -55.96
C THR P 9 35.68 -68.12 -55.51
N GLU P 10 36.92 -67.65 -55.71
CA GLU P 10 37.24 -66.27 -55.36
C GLU P 10 36.39 -65.28 -56.14
N ASP P 11 36.17 -65.56 -57.43
CA ASP P 11 35.37 -64.64 -58.26
C ASP P 11 33.92 -64.60 -57.80
N GLU P 12 33.30 -65.77 -57.60
CA GLU P 12 31.92 -65.77 -57.13
C GLU P 12 31.81 -65.16 -55.74
N LEU P 13 32.83 -65.33 -54.90
CA LEU P 13 32.85 -64.68 -53.60
C LEU P 13 32.86 -63.17 -53.73
N ASP P 14 33.72 -62.64 -54.60
CA ASP P 14 33.77 -61.20 -54.79
C ASP P 14 32.42 -60.67 -55.28
N LYS P 15 31.81 -61.39 -56.23
CA LYS P 15 30.49 -60.97 -56.72
C LYS P 15 29.48 -60.94 -55.58
N TYR P 16 29.47 -61.98 -54.74
CA TYR P 16 28.52 -62.03 -53.64
C TYR P 16 28.77 -60.94 -52.62
N SER P 17 30.04 -60.57 -52.41
CA SER P 17 30.34 -59.48 -51.48
C SER P 17 29.83 -58.16 -52.02
N GLU P 18 30.03 -57.89 -53.31
CA GLU P 18 29.47 -56.68 -53.89
C GLU P 18 27.95 -56.67 -53.80
N ALA P 19 27.32 -57.81 -54.07
CA ALA P 19 25.87 -57.91 -53.95
C ALA P 19 25.40 -57.59 -52.54
N LEU P 20 26.07 -58.18 -51.55
CA LEU P 20 25.71 -57.92 -50.15
C LEU P 20 25.87 -56.45 -49.81
N LYS P 21 26.94 -55.81 -50.28
CA LYS P 21 27.16 -54.41 -50.00
C LYS P 21 26.04 -53.56 -50.58
N ASP P 22 25.66 -53.82 -51.83
CA ASP P 22 24.59 -53.06 -52.46
C ASP P 22 23.27 -53.27 -51.75
N ALA P 23 23.00 -54.50 -51.31
CA ALA P 23 21.74 -54.78 -50.62
C ALA P 23 21.70 -54.08 -49.26
N GLN P 24 22.82 -54.06 -48.54
CA GLN P 24 22.86 -53.30 -47.30
C GLN P 24 22.62 -51.82 -47.55
N GLU P 25 23.21 -51.29 -48.62
CA GLU P 25 23.02 -49.87 -48.93
C GLU P 25 21.55 -49.55 -49.18
N LYS P 26 20.91 -50.34 -50.04
CA LYS P 26 19.51 -50.10 -50.33
C LYS P 26 18.66 -50.29 -49.08
N LEU P 27 19.03 -51.26 -48.23
CA LEU P 27 18.25 -51.52 -47.02
C LEU P 27 18.30 -50.32 -46.08
N GLU P 28 19.49 -49.84 -45.77
CA GLU P 28 19.59 -48.70 -44.86
C GLU P 28 18.90 -47.47 -45.46
N LEU P 29 19.00 -47.28 -46.78
CA LEU P 29 18.32 -46.16 -47.41
C LEU P 29 16.82 -46.22 -47.17
N ALA P 30 16.20 -47.31 -47.64
CA ALA P 30 14.75 -47.46 -47.49
C ALA P 30 14.32 -47.38 -46.03
N GLU P 31 15.16 -47.86 -45.11
CA GLU P 31 14.77 -47.84 -43.71
C GLU P 31 14.76 -46.42 -43.15
N LYS P 32 15.81 -45.65 -43.42
CA LYS P 32 15.77 -44.23 -43.07
C LYS P 32 14.52 -43.56 -43.65
N LYS P 33 14.19 -43.87 -44.90
CA LYS P 33 13.06 -43.18 -45.54
C LYS P 33 11.75 -43.56 -44.87
N ALA P 34 11.56 -44.85 -44.58
CA ALA P 34 10.34 -45.30 -43.93
C ALA P 34 10.19 -44.70 -42.54
N THR P 35 11.29 -44.66 -41.76
CA THR P 35 11.22 -44.06 -40.44
C THR P 35 10.86 -42.58 -40.52
N ASP P 36 11.50 -41.85 -41.44
CA ASP P 36 11.19 -40.42 -41.55
C ASP P 36 9.74 -40.21 -41.96
N ALA P 37 9.24 -41.00 -42.91
CA ALA P 37 7.85 -40.88 -43.33
C ALA P 37 6.89 -41.19 -42.19
N GLU P 38 7.22 -42.20 -41.37
CA GLU P 38 6.36 -42.52 -40.23
C GLU P 38 6.37 -41.40 -39.21
N ALA P 39 7.53 -40.80 -38.97
CA ALA P 39 7.59 -39.65 -38.08
C ALA P 39 6.67 -38.54 -38.57
N ASP P 40 6.74 -38.23 -39.86
CA ASP P 40 5.91 -37.17 -40.42
C ASP P 40 4.43 -37.49 -40.28
N VAL P 41 4.05 -38.73 -40.61
CA VAL P 41 2.62 -39.08 -40.60
C VAL P 41 2.09 -39.07 -39.17
N ALA P 42 2.87 -39.54 -38.20
CA ALA P 42 2.42 -39.52 -36.81
C ALA P 42 2.25 -38.10 -36.31
N SER P 43 3.26 -37.26 -36.57
CA SER P 43 3.16 -35.86 -36.19
C SER P 43 1.90 -35.22 -36.76
N LEU P 44 1.74 -35.30 -38.08
CA LEU P 44 0.61 -34.63 -38.71
C LEU P 44 -0.71 -35.25 -38.33
N ASN P 45 -0.73 -36.54 -37.99
CA ASN P 45 -1.97 -37.18 -37.53
C ASN P 45 -2.39 -36.63 -36.18
N ARG P 46 -1.44 -36.53 -35.24
CA ARG P 46 -1.73 -35.89 -33.97
C ARG P 46 -2.24 -34.48 -34.19
N ARG P 47 -1.63 -33.77 -35.14
CA ARG P 47 -2.11 -32.43 -35.48
C ARG P 47 -3.54 -32.47 -36.02
N ILE P 48 -3.88 -33.52 -36.78
CA ILE P 48 -5.24 -33.64 -37.30
C ILE P 48 -6.23 -33.84 -36.17
N GLN P 49 -5.88 -34.66 -35.18
CA GLN P 49 -6.79 -34.84 -34.06
C GLN P 49 -6.92 -33.54 -33.28
N LEU P 50 -5.84 -32.77 -33.18
CA LEU P 50 -5.92 -31.49 -32.48
C LEU P 50 -6.83 -30.52 -33.22
N VAL P 51 -6.69 -30.43 -34.54
CA VAL P 51 -7.59 -29.53 -35.27
C VAL P 51 -9.01 -30.09 -35.29
N GLU P 52 -9.18 -31.39 -35.08
CA GLU P 52 -10.51 -31.95 -35.00
C GLU P 52 -11.21 -31.55 -33.71
N GLU P 53 -10.52 -31.68 -32.57
CA GLU P 53 -11.09 -31.17 -31.34
C GLU P 53 -11.25 -29.66 -31.39
N GLU P 54 -10.39 -28.98 -32.14
CA GLU P 54 -10.57 -27.55 -32.37
C GLU P 54 -11.88 -27.27 -33.07
N LEU P 55 -12.14 -27.99 -34.17
CA LEU P 55 -13.42 -27.86 -34.86
C LEU P 55 -14.59 -28.19 -33.95
N ASP P 56 -14.42 -29.16 -33.05
CA ASP P 56 -15.52 -29.54 -32.19
C ASP P 56 -15.84 -28.44 -31.17
N ARG P 57 -14.83 -27.95 -30.46
CA ARG P 57 -15.07 -26.83 -29.55
C ARG P 57 -15.53 -25.60 -30.30
N ALA P 58 -15.08 -25.45 -31.56
CA ALA P 58 -15.54 -24.36 -32.40
C ALA P 58 -17.03 -24.47 -32.68
N GLN P 59 -17.50 -25.65 -33.03
CA GLN P 59 -18.93 -25.84 -33.23
C GLN P 59 -19.70 -25.69 -31.92
N GLU P 60 -19.05 -25.98 -30.78
CA GLU P 60 -19.72 -25.83 -29.49
C GLU P 60 -19.99 -24.37 -29.18
N ARG P 61 -18.93 -23.57 -29.07
CA ARG P 61 -19.17 -22.14 -28.84
C ARG P 61 -19.86 -21.50 -30.03
N LEU P 62 -19.85 -22.15 -31.19
CA LEU P 62 -20.62 -21.68 -32.33
C LEU P 62 -22.11 -21.83 -32.08
N ALA P 63 -22.52 -23.01 -31.62
CA ALA P 63 -23.94 -23.23 -31.32
C ALA P 63 -24.38 -22.32 -30.19
N THR P 64 -23.53 -22.10 -29.20
CA THR P 64 -23.90 -21.16 -28.15
C THR P 64 -24.00 -19.74 -28.69
N ALA P 65 -23.12 -19.36 -29.62
CA ALA P 65 -23.22 -18.05 -30.25
C ALA P 65 -24.50 -17.93 -31.05
N LEU P 66 -24.94 -19.00 -31.70
CA LEU P 66 -26.16 -18.94 -32.49
C LEU P 66 -27.40 -18.87 -31.59
N GLN P 67 -27.41 -19.63 -30.50
CA GLN P 67 -28.56 -19.55 -29.59
C GLN P 67 -28.59 -18.20 -28.88
N LYS P 68 -27.41 -17.65 -28.59
CA LYS P 68 -27.34 -16.28 -28.09
C LYS P 68 -27.86 -15.30 -29.12
N LEU P 69 -27.59 -15.56 -30.41
CA LEU P 69 -28.11 -14.70 -31.47
C LEU P 69 -29.63 -14.77 -31.54
N GLU P 70 -30.19 -15.97 -31.39
CA GLU P 70 -31.64 -16.12 -31.37
C GLU P 70 -32.26 -15.33 -30.22
N GLU P 71 -31.83 -15.61 -28.99
CA GLU P 71 -32.39 -14.89 -27.85
C GLU P 71 -32.04 -13.41 -27.88
N ALA P 72 -30.97 -13.04 -28.57
CA ALA P 72 -30.57 -11.65 -28.66
C ALA P 72 -31.46 -10.89 -29.63
N GLU P 73 -31.80 -11.51 -30.76
CA GLU P 73 -32.81 -10.92 -31.63
C GLU P 73 -34.17 -10.90 -30.94
N LYS P 74 -34.41 -11.86 -30.05
CA LYS P 74 -35.62 -11.79 -29.22
C LYS P 74 -35.61 -10.53 -28.37
N ALA P 75 -34.51 -10.29 -27.65
CA ALA P 75 -34.38 -9.08 -26.85
C ALA P 75 -34.49 -7.83 -27.72
N ALA P 76 -33.97 -7.88 -28.95
CA ALA P 76 -33.99 -6.72 -29.82
C ALA P 76 -35.40 -6.41 -30.32
N ASP P 77 -36.15 -7.42 -30.73
CA ASP P 77 -37.52 -7.17 -31.18
C ASP P 77 -38.38 -6.73 -30.01
N GLU P 78 -38.10 -7.23 -28.80
CA GLU P 78 -38.78 -6.72 -27.63
C GLU P 78 -38.43 -5.26 -27.39
N SER P 79 -37.16 -4.90 -27.57
CA SER P 79 -36.76 -3.50 -27.43
C SER P 79 -37.52 -2.62 -28.41
N GLU P 80 -37.61 -3.02 -29.67
CA GLU P 80 -38.25 -2.17 -30.68
C GLU P 80 -39.76 -2.08 -30.45
N ARG P 81 -40.43 -3.20 -30.17
CA ARG P 81 -41.86 -3.12 -29.92
C ARG P 81 -42.16 -2.32 -28.67
N GLY P 82 -41.36 -2.53 -27.61
CA GLY P 82 -41.55 -1.75 -26.40
C GLY P 82 -41.35 -0.27 -26.62
N MET P 83 -40.32 0.09 -27.39
CA MET P 83 -40.10 1.52 -27.61
C MET P 83 -41.24 2.11 -28.45
N LYS P 84 -41.81 1.34 -29.37
CA LYS P 84 -42.97 1.84 -30.10
C LYS P 84 -44.15 2.10 -29.16
N VAL P 85 -44.49 1.11 -28.33
CA VAL P 85 -45.64 1.31 -27.46
C VAL P 85 -45.38 2.43 -26.47
N ILE P 86 -44.12 2.59 -26.05
CA ILE P 86 -43.81 3.60 -25.05
C ILE P 86 -43.72 4.99 -25.67
N GLU P 87 -43.34 5.10 -26.94
CA GLU P 87 -43.40 6.41 -27.59
C GLU P 87 -44.84 6.81 -27.87
N SER P 88 -45.71 5.86 -28.17
CA SER P 88 -47.13 6.19 -28.28
C SER P 88 -47.67 6.67 -26.94
N ARG P 89 -47.41 5.91 -25.87
CA ARG P 89 -47.82 6.34 -24.55
C ARG P 89 -47.27 7.72 -24.21
N ALA P 90 -46.01 7.97 -24.57
CA ALA P 90 -45.40 9.26 -24.32
C ALA P 90 -46.19 10.37 -25.00
N GLN P 91 -46.33 10.29 -26.32
CA GLN P 91 -47.05 11.33 -27.05
C GLN P 91 -48.43 11.57 -26.46
N LYS P 92 -49.12 10.50 -26.06
CA LYS P 92 -50.39 10.66 -25.35
C LYS P 92 -50.20 11.49 -24.08
N ASP P 93 -49.15 11.18 -23.30
CA ASP P 93 -48.92 11.89 -22.04
C ASP P 93 -48.66 13.38 -22.27
N GLU P 94 -47.93 13.72 -23.32
CA GLU P 94 -47.65 15.14 -23.56
C GLU P 94 -48.88 15.86 -24.07
N GLU P 95 -49.69 15.19 -24.89
CA GLU P 95 -50.98 15.78 -25.25
C GLU P 95 -51.77 16.12 -23.98
N LYS P 96 -51.83 15.16 -23.05
CA LYS P 96 -52.59 15.37 -21.83
C LYS P 96 -52.00 16.48 -20.98
N MET P 97 -50.68 16.50 -20.85
CA MET P 97 -50.06 17.50 -19.98
C MET P 97 -50.15 18.91 -20.57
N GLU P 98 -50.09 19.05 -21.89
CA GLU P 98 -50.26 20.38 -22.47
C GLU P 98 -51.71 20.85 -22.34
N ILE P 99 -52.67 19.96 -22.59
CA ILE P 99 -54.06 20.40 -22.46
C ILE P 99 -54.35 20.79 -21.00
N GLN P 100 -53.76 20.07 -20.05
CA GLN P 100 -53.97 20.43 -18.65
C GLN P 100 -53.16 21.65 -18.21
N GLU P 101 -52.02 21.93 -18.84
CA GLU P 101 -51.33 23.18 -18.54
C GLU P 101 -52.15 24.37 -19.00
N ILE P 102 -52.70 24.30 -20.21
CA ILE P 102 -53.57 25.36 -20.69
C ILE P 102 -54.79 25.49 -19.78
N GLN P 103 -55.33 24.36 -19.31
CA GLN P 103 -56.50 24.44 -18.43
C GLN P 103 -56.13 25.04 -17.08
N LEU P 104 -54.91 24.80 -16.59
CA LEU P 104 -54.46 25.43 -15.36
C LEU P 104 -54.38 26.94 -15.53
N LYS P 105 -53.85 27.39 -16.67
CA LYS P 105 -53.80 28.83 -16.93
C LYS P 105 -55.21 29.43 -16.98
N GLU P 106 -56.13 28.75 -17.68
CA GLU P 106 -57.52 29.19 -17.70
C GLU P 106 -58.08 29.32 -16.28
N ALA P 107 -57.80 28.32 -15.44
CA ALA P 107 -58.35 28.31 -14.09
C ALA P 107 -57.80 29.47 -13.27
N LYS P 108 -56.48 29.70 -13.33
CA LYS P 108 -55.91 30.81 -12.57
C LYS P 108 -56.43 32.15 -13.08
N HIS P 109 -56.68 32.25 -14.39
CA HIS P 109 -57.21 33.48 -14.96
C HIS P 109 -58.62 33.74 -14.44
N ILE P 110 -59.46 32.70 -14.41
CA ILE P 110 -60.81 32.86 -13.88
C ILE P 110 -60.75 33.19 -12.40
N ALA P 111 -59.78 32.62 -11.69
CA ALA P 111 -59.64 32.89 -10.26
C ALA P 111 -59.34 34.37 -10.02
N GLU P 112 -58.34 34.91 -10.71
CA GLU P 112 -58.05 36.33 -10.56
C GLU P 112 -59.23 37.18 -11.00
N ASP P 113 -59.96 36.75 -12.03
CA ASP P 113 -61.14 37.47 -12.47
C ASP P 113 -62.13 37.64 -11.32
N ALA P 114 -62.59 36.51 -10.80
CA ALA P 114 -63.59 36.54 -9.73
C ALA P 114 -63.07 37.28 -8.51
N ASP P 115 -61.80 37.07 -8.17
CA ASP P 115 -61.26 37.70 -6.97
C ASP P 115 -61.24 39.21 -7.10
N ARG P 116 -60.74 39.71 -8.24
CA ARG P 116 -60.73 41.15 -8.45
C ARG P 116 -62.15 41.71 -8.43
N LYS P 117 -63.09 41.02 -9.08
CA LYS P 117 -64.46 41.49 -9.12
C LYS P 117 -65.03 41.62 -7.71
N TYR P 118 -64.88 40.58 -6.90
CA TYR P 118 -65.47 40.62 -5.56
C TYR P 118 -64.75 41.60 -4.65
N GLU P 119 -63.43 41.76 -4.78
CA GLU P 119 -62.78 42.74 -3.92
C GLU P 119 -63.21 44.15 -4.28
N GLU P 120 -63.35 44.44 -5.58
CA GLU P 120 -63.87 45.73 -5.98
C GLU P 120 -65.26 45.96 -5.40
N VAL P 121 -66.13 44.96 -5.50
CA VAL P 121 -67.51 45.16 -5.02
C VAL P 121 -67.53 45.28 -3.50
N ALA P 122 -66.58 44.64 -2.82
CA ALA P 122 -66.51 44.77 -1.36
C ALA P 122 -66.05 46.17 -0.97
N ARG P 123 -65.08 46.72 -1.69
CA ARG P 123 -64.73 48.12 -1.51
C ARG P 123 -65.96 49.00 -1.66
N LYS P 124 -66.73 48.77 -2.73
CA LYS P 124 -67.95 49.55 -2.94
C LYS P 124 -68.91 49.38 -1.78
N LEU P 125 -69.02 48.16 -1.25
CA LEU P 125 -69.95 47.94 -0.14
C LEU P 125 -69.54 48.73 1.09
N VAL P 126 -68.25 48.70 1.42
CA VAL P 126 -67.79 49.45 2.59
C VAL P 126 -68.04 50.93 2.40
N ILE P 127 -67.76 51.47 1.20
CA ILE P 127 -67.92 52.91 1.04
C ILE P 127 -69.40 53.29 1.02
N ILE P 128 -70.26 52.45 0.46
CA ILE P 128 -71.67 52.81 0.40
C ILE P 128 -72.32 52.71 1.78
N GLU P 129 -71.94 51.71 2.57
CA GLU P 129 -72.47 51.65 3.94
C GLU P 129 -71.94 52.81 4.76
N SER P 130 -70.68 53.21 4.52
CA SER P 130 -70.18 54.42 5.14
C SER P 130 -71.06 55.61 4.79
N ASP P 131 -71.40 55.76 3.51
CA ASP P 131 -72.30 56.84 3.11
C ASP P 131 -73.62 56.76 3.87
N LEU P 132 -74.19 55.56 3.96
CA LEU P 132 -75.50 55.42 4.57
C LEU P 132 -75.49 55.80 6.04
N GLU P 133 -74.45 55.41 6.78
CA GLU P 133 -74.42 55.70 8.21
C GLU P 133 -74.56 57.20 8.46
N ARG P 134 -73.62 58.00 7.92
CA ARG P 134 -73.70 59.43 8.21
C ARG P 134 -74.86 60.10 7.48
N ALA P 135 -75.35 59.53 6.38
CA ALA P 135 -76.60 60.04 5.80
C ALA P 135 -77.73 59.94 6.81
N GLU P 136 -77.91 58.77 7.42
CA GLU P 136 -78.93 58.59 8.43
C GLU P 136 -78.70 59.53 9.61
N GLU P 137 -77.45 59.64 10.06
CA GLU P 137 -77.14 60.51 11.18
C GLU P 137 -77.56 61.95 10.90
N ARG P 138 -77.06 62.52 9.81
CA ARG P 138 -77.39 63.90 9.49
C ARG P 138 -78.88 64.06 9.21
N ALA P 139 -79.55 63.01 8.74
CA ALA P 139 -81.00 63.07 8.58
C ALA P 139 -81.68 63.24 9.92
N GLU P 140 -81.26 62.46 10.93
CA GLU P 140 -81.85 62.60 12.25
C GLU P 140 -81.52 63.96 12.88
N LEU P 141 -80.32 64.48 12.59
CA LEU P 141 -79.98 65.80 13.10
C LEU P 141 -80.85 66.87 12.46
N SER P 142 -81.08 66.78 11.15
CA SER P 142 -81.98 67.72 10.48
C SER P 142 -83.39 67.59 11.02
N GLU P 143 -83.83 66.37 11.34
CA GLU P 143 -85.15 66.19 11.95
C GLU P 143 -85.23 66.89 13.30
N GLY P 144 -84.22 66.72 14.14
CA GLY P 144 -84.21 67.40 15.42
C GLY P 144 -84.23 68.91 15.29
N LYS P 145 -83.39 69.44 14.40
CA LYS P 145 -83.39 70.89 14.17
C LYS P 145 -84.74 71.37 13.65
N CYS P 146 -85.39 70.56 12.81
CA CYS P 146 -86.72 70.91 12.31
C CYS P 146 -87.73 70.93 13.46
N ALA P 147 -87.58 70.02 14.41
CA ALA P 147 -88.46 70.03 15.58
C ALA P 147 -88.24 71.29 16.41
N GLU P 148 -86.99 71.72 16.53
CA GLU P 148 -86.72 72.98 17.24
C GLU P 148 -87.35 74.16 16.52
N LEU P 149 -87.23 74.20 15.20
CA LEU P 149 -87.90 75.25 14.43
C LEU P 149 -89.40 75.21 14.66
N GLU P 150 -89.97 74.00 14.70
CA GLU P 150 -91.41 73.88 14.92
C GLU P 150 -91.81 74.48 16.26
N GLU P 151 -91.15 74.07 17.35
CA GLU P 151 -91.56 74.57 18.66
C GLU P 151 -91.32 76.07 18.78
N GLU P 152 -90.21 76.55 18.22
CA GLU P 152 -89.94 77.99 18.23
C GLU P 152 -91.03 78.75 17.46
N LEU P 153 -91.47 78.20 16.33
CA LEU P 153 -92.52 78.83 15.55
C LEU P 153 -93.82 78.89 16.34
N LYS P 154 -94.20 77.78 16.98
CA LYS P 154 -95.43 77.81 17.76
C LYS P 154 -95.35 78.86 18.87
N THR P 155 -94.21 78.93 19.56
CA THR P 155 -94.08 79.88 20.66
C THR P 155 -94.13 81.32 20.15
N VAL P 156 -93.43 81.61 19.05
CA VAL P 156 -93.41 82.99 18.57
C VAL P 156 -94.79 83.39 18.06
N THR P 157 -95.50 82.48 17.41
CA THR P 157 -96.86 82.79 16.98
C THR P 157 -97.78 82.99 18.17
N ASN P 158 -97.59 82.23 19.24
CA ASN P 158 -98.39 82.44 20.44
C ASN P 158 -98.14 83.84 21.01
N ASN P 159 -96.87 84.23 21.12
CA ASN P 159 -96.55 85.57 21.59
C ASN P 159 -97.16 86.63 20.68
N LEU P 160 -97.10 86.42 19.36
CA LEU P 160 -97.61 87.39 18.42
C LEU P 160 -99.12 87.52 18.50
N LYS P 161 -99.83 86.40 18.68
CA LYS P 161 -101.28 86.46 18.78
C LYS P 161 -101.71 87.09 20.09
N SER P 162 -101.02 86.77 21.20
CA SER P 162 -101.35 87.37 22.48
C SER P 162 -101.10 88.88 22.45
N LEU P 163 -100.01 89.30 21.80
CA LEU P 163 -99.76 90.72 21.64
C LEU P 163 -100.72 91.35 20.63
N GLU P 164 -101.27 90.53 19.73
CA GLU P 164 -102.14 91.00 18.65
C GLU P 164 -103.51 91.45 19.14
N ALA P 165 -103.84 91.21 20.40
CA ALA P 165 -105.12 91.68 20.93
C ALA P 165 -105.24 93.18 20.81
N GLN P 166 -104.18 93.91 21.16
CA GLN P 166 -104.16 95.35 21.00
C GLN P 166 -102.82 95.79 20.41
PB ADP Q . -25.64 42.34 21.19
O1B ADP Q . -25.66 42.46 22.69
O2B ADP Q . -25.08 41.05 20.67
O3B ADP Q . -26.89 42.79 20.52
PA ADP Q . -23.10 43.44 21.44
O1A ADP Q . -22.91 44.75 22.15
O2A ADP Q . -22.94 42.14 22.16
O3A ADP Q . -24.55 43.42 20.75
O5' ADP Q . -22.14 43.39 20.16
C5' ADP Q . -21.44 42.19 19.85
C4' ADP Q . -20.76 42.38 18.51
O4' ADP Q . -19.74 43.35 18.64
C3' ADP Q . -20.11 41.11 18.03
O3' ADP Q . -20.69 40.73 16.78
C2' ADP Q . -18.66 41.45 17.80
O2' ADP Q . -18.30 41.08 16.46
C1' ADP Q . -18.56 42.95 17.96
N9 ADP Q . -17.38 43.32 18.76
C8 ADP Q . -17.20 43.04 20.06
N7 ADP Q . -16.00 43.52 20.50
C5 ADP Q . -15.42 44.13 19.46
C6 ADP Q . -14.16 44.84 19.23
N6 ADP Q . -13.25 45.02 20.22
N1 ADP Q . -13.91 45.31 18.00
C2 ADP Q . -14.80 45.14 17.01
N3 ADP Q . -15.97 44.51 17.14
C4 ADP Q . -16.33 43.98 18.33
PB ADP R . 14.43 -60.48 2.13
O1B ADP R . 13.35 -60.85 3.11
O2B ADP R . 14.00 -59.54 1.06
O3B ADP R . 15.27 -61.63 1.64
PA ADP R . 15.95 -60.21 4.42
O1A ADP R . 15.47 -59.32 5.53
O2A ADP R . 15.66 -61.68 4.42
O3A ADP R . 15.44 -59.63 3.02
O5' ADP R . 17.53 -60.06 4.26
C5' ADP R . 18.27 -61.18 3.78
C4' ADP R . 19.70 -60.74 3.57
O4' ADP R . 20.19 -60.24 4.79
C3' ADP R . 20.56 -61.93 3.20
O3' ADP R . 21.07 -61.76 1.87
C2' ADP R . 21.73 -61.89 4.16
O2' ADP R . 22.93 -61.80 3.40
C1' ADP R . 21.54 -60.64 4.98
N9 ADP R . 21.77 -60.94 6.41
C8 ADP R . 21.06 -61.76 7.18
N7 ADP R . 21.57 -61.81 8.44
C5 ADP R . 22.64 -61.01 8.47
C6 ADP R . 23.64 -60.60 9.47
N6 ADP R . 23.60 -61.07 10.73
N1 ADP R . 24.60 -59.74 9.08
C2 ADP R . 24.66 -59.26 7.84
N3 ADP R . 23.79 -59.59 6.88
C4 ADP R . 22.78 -60.44 7.13
PB ADP S . -14.69 22.01 -15.74
O1B ADP S . -14.55 22.41 -17.18
O2B ADP S . -13.83 20.86 -15.32
O3B ADP S . -14.70 23.16 -14.78
PA ADP S . -16.77 20.49 -16.77
O1A ADP S . -17.88 21.20 -17.49
O2A ADP S . -15.62 19.91 -17.50
O3A ADP S . -16.18 21.45 -15.63
O5' ADP S . -17.38 19.31 -15.88
C5' ADP S . -16.72 18.06 -15.84
C4' ADP S . -17.38 17.19 -14.79
O4' ADP S . -18.72 16.98 -15.19
C3' ADP S . -16.73 15.83 -14.71
O3' ADP S . -16.18 15.66 -13.40
C2' ADP S . -17.84 14.83 -14.88
O2' ADP S . -17.85 13.96 -13.75
C1' ADP S . -19.11 15.64 -14.94
N9 ADP S . -19.97 15.17 -16.04
C8 ADP S . -19.70 15.29 -17.35
N7 ADP S . -20.68 14.75 -18.10
C5 ADP S . -21.60 14.27 -17.26
C6 ADP S . -22.89 13.57 -17.39
N6 ADP S . -23.42 13.27 -18.59
N1 ADP S . -23.55 13.25 -16.26
C2 ADP S . -23.03 13.54 -15.05
N3 ADP S . -21.87 14.16 -14.86
C4 ADP S . -21.13 14.55 -15.91
PB ADP T . 18.31 -23.17 -20.39
O1B ADP T . 18.98 -22.48 -21.55
O2B ADP T . 18.83 -24.53 -20.06
O3B ADP T . 18.08 -22.29 -19.20
PA ADP T . 16.58 -24.05 -22.39
O1A ADP T . 15.75 -23.09 -23.18
O2A ADP T . 17.88 -24.56 -22.90
O3A ADP T . 16.83 -23.46 -20.93
O5' ADP T . 15.70 -25.34 -22.03
C5' ADP T . 16.34 -26.61 -21.94
C4' ADP T . 15.33 -27.63 -21.49
O4' ADP T . 14.28 -27.66 -22.44
C3' ADP T . 15.92 -29.03 -21.47
O3' ADP T . 15.93 -29.52 -20.13
C2' ADP T . 14.98 -29.88 -22.28
O2' ADP T . 14.52 -30.95 -21.45
C1' ADP T . 13.83 -28.98 -22.64
N9 ADP T . 13.43 -29.14 -24.07
C8 ADP T . 14.15 -28.78 -25.14
N7 ADP T . 13.49 -29.08 -26.28
C5 ADP T . 12.32 -29.63 -25.93
C6 ADP T . 11.15 -30.16 -26.65
N6 ADP T . 11.08 -30.17 -27.99
N1 ADP T . 10.14 -30.65 -25.90
C2 ADP T . 10.19 -30.66 -24.57
N3 ADP T . 11.21 -30.19 -23.86
C4 ADP T . 12.29 -29.67 -24.47
PB ADP U . -6.03 -9.49 13.36
O1B ADP U . -6.51 -9.72 14.76
O2B ADP U . -5.39 -10.68 12.69
O3B ADP U . -7.01 -8.76 12.48
PA ADP U . -3.70 -8.77 14.66
O1A ADP U . -3.75 -7.69 15.70
O2A ADP U . -3.82 -10.22 15.03
O3A ADP U . -4.81 -8.48 13.53
O5' ADP U . -2.35 -8.64 13.82
C5' ADP U . -1.64 -9.82 13.46
C4' ADP U . -0.44 -9.43 12.64
O4' ADP U . 0.42 -8.67 13.47
C3' ADP U . 0.35 -10.64 12.19
O3' ADP U . 0.31 -10.74 10.78
C2' ADP U . 1.77 -10.39 12.63
O2' ADP U . 2.62 -10.46 11.47
C1' ADP U . 1.78 -8.99 13.19
N9 ADP U . 2.56 -8.92 14.43
C8 ADP U . 2.27 -9.50 15.60
N7 ADP U . 3.21 -9.23 16.54
C5 ADP U . 4.14 -8.45 15.96
C6 ADP U . 5.39 -7.80 16.37
N6 ADP U . 5.86 -7.94 17.62
N1 ADP U . 6.06 -7.09 15.45
C2 ADP U . 5.60 -6.95 14.20
N3 ADP U . 4.47 -7.50 13.76
C4 ADP U . 3.70 -8.26 14.57
PB ADP V . 49.80 -69.47 -21.99
O1B ADP V . 50.88 -68.64 -22.62
O2B ADP V . 50.13 -70.91 -21.79
O3B ADP V . 49.14 -68.83 -20.81
PA ADP V . 48.97 -69.77 -24.63
O1A ADP V . 48.53 -68.59 -25.45
O2A ADP V . 50.37 -70.30 -24.71
O3A ADP V . 48.64 -69.50 -23.09
O5' ADP V . 48.01 -71.01 -24.94
C5' ADP V . 48.56 -72.32 -24.90
C4' ADP V . 47.43 -73.31 -25.10
O4' ADP V . 46.84 -73.03 -26.35
C3' ADP V . 47.94 -74.73 -25.17
O3' ADP V . 47.42 -75.47 -24.07
C2' ADP V . 47.39 -75.31 -26.45
O2' ADP V . 46.63 -76.47 -26.11
C1' ADP V . 46.48 -74.24 -27.02
N9 ADP V . 46.68 -74.08 -28.46
C8 ADP V . 47.76 -73.59 -29.08
N7 ADP V . 47.60 -73.57 -30.42
C5 ADP V . 46.38 -74.06 -30.68
C6 ADP V . 45.57 -74.33 -31.88
N6 ADP V . 46.04 -74.06 -33.11
N1 ADP V . 44.35 -74.86 -31.70
C2 ADP V . 43.87 -75.13 -30.49
N3 ADP V . 44.54 -74.92 -29.36
C4 ADP V . 45.78 -74.40 -29.39
#